data_4HXG
#
_entry.id   4HXG
#
_cell.length_a   183.310
_cell.length_b   183.800
_cell.length_c   275.740
_cell.angle_alpha   90.00
_cell.angle_beta   90.00
_cell.angle_gamma   90.00
#
_symmetry.space_group_name_H-M   'P 21 21 21'
#
loop_
_entity.id
_entity.type
_entity.pdbx_description
1 polymer 'Putative uncharacterized protein PH0594'
2 non-polymer HEXANE-1,6-DIOL
3 non-polymer 'MAGNESIUM ION'
4 non-polymer 'CHLORIDE ION'
5 water water
#
_entity_poly.entity_id   1
_entity_poly.type   'polypeptide(L)'
_entity_poly.pdbx_seq_one_letter_code
;MTSIEWDEKTFTKFAYLSDPRTRKNLVAYVLTKANLESNKYENTIVIENLEDGSRKFIEDASMPRISPDGKKIAFMRFNE
EKKTAQIWVADLKTLSAKKVLEAKNIRSIEWNQDSRRLLAVGFKRREDEDFIFEDDVPAWFDNMGFFDGEKTTFWVIDTE
GEEVIEQFEKPRFSSGIWHGDSIVVSVPHRDVIPRYFKYWDIYLWKDGEEEKLFEKVSFYAIDSDGERILLYGKPEKKYV
SEHDKIYIYDGEVKGILDDIDREVAQAKIRNGKVYFTLFEEGSVNLYLWDGEVREIAKGKHWIMGFDADERLIYLKETAT
RPAELYLWDGEERQLTDYNGLIFKKLKTFEPRHFRFKSIDLELDGWYIKPEIKEGEKAPVIVFVHGGPKGMYGYYFKYEM
QLMASKGYYIVYVNPRGSNGYSEDFALRVLERTGLEDFQDILNGIEEFLRLEPQADRERIGITGIAYGGYMTNWALTQSD
LFKAGISENGISYWLTSYAFSDIGLWFDKEVIGDNPLENENYRKLSPLFYAKNVKAPLLLIHSLEDYRCPLDQSLMFYHV
LKDLGKEVYIAIFKKGAHGHSIRGSPRHRMKRYKLFMEFFERKLKKYEEGFDVEKILKEEKK
;
_entity_poly.pdbx_strand_id   A,B,C,D,E,F,G,H,I,J,K,L
#
loop_
_chem_comp.id
_chem_comp.type
_chem_comp.name
_chem_comp.formula
CL non-polymer 'CHLORIDE ION' 'Cl -1'
HEZ non-polymer HEXANE-1,6-DIOL 'C6 H14 O2'
MG non-polymer 'MAGNESIUM ION' 'Mg 2'
#
# COMPACT_ATOMS: atom_id res chain seq x y z
N ILE A 4 94.44 2.00 14.78
CA ILE A 4 93.11 2.58 14.93
C ILE A 4 93.18 3.73 15.93
N GLU A 5 92.38 4.77 15.70
CA GLU A 5 92.37 5.92 16.58
C GLU A 5 91.01 6.11 17.22
N TRP A 6 91.00 6.79 18.35
CA TRP A 6 89.77 7.07 19.07
C TRP A 6 89.19 8.37 18.57
N ASP A 7 87.97 8.29 18.02
CA ASP A 7 87.25 9.48 17.59
C ASP A 7 85.77 9.26 17.85
N GLU A 8 84.95 10.17 17.33
CA GLU A 8 83.51 10.09 17.53
C GLU A 8 82.87 8.83 16.93
N LYS A 9 83.53 8.20 15.96
CA LYS A 9 82.91 7.06 15.27
C LYS A 9 83.27 5.69 15.84
N THR A 10 84.23 5.63 16.74
CA THR A 10 84.84 4.35 17.07
C THR A 10 83.87 3.37 17.74
N PHE A 11 82.82 3.90 18.37
CA PHE A 11 81.93 3.07 19.16
C PHE A 11 81.17 2.10 18.27
N THR A 12 81.15 2.39 16.97
CA THR A 12 80.44 1.56 16.02
C THR A 12 81.21 0.29 15.65
N LYS A 13 82.51 0.26 15.92
CA LYS A 13 83.34 -0.90 15.58
C LYS A 13 83.26 -2.03 16.61
N PHE A 14 82.51 -1.82 17.69
CA PHE A 14 82.40 -2.81 18.75
C PHE A 14 81.21 -3.72 18.59
N ALA A 15 81.38 -4.97 19.00
CA ALA A 15 80.27 -5.91 19.08
C ALA A 15 79.61 -5.80 20.46
N TYR A 16 78.30 -5.62 20.46
CA TYR A 16 77.55 -5.46 21.70
C TYR A 16 76.65 -6.66 21.97
N LEU A 17 76.99 -7.45 22.97
CA LEU A 17 76.21 -8.63 23.31
C LEU A 17 75.20 -8.32 24.40
N SER A 18 74.02 -8.96 24.31
CA SER A 18 72.97 -8.77 25.29
C SER A 18 72.04 -9.98 25.41
N ASP A 19 71.31 -10.04 26.52
CA ASP A 19 70.22 -11.00 26.71
C ASP A 19 70.62 -12.48 26.61
N PRO A 20 71.56 -12.93 27.44
CA PRO A 20 72.01 -14.33 27.42
C PRO A 20 70.93 -15.28 27.90
N ARG A 21 70.92 -16.47 27.33
CA ARG A 21 69.90 -17.47 27.61
C ARG A 21 70.49 -18.88 27.45
N THR A 22 70.07 -19.81 28.29
CA THR A 22 70.64 -21.16 28.19
C THR A 22 69.64 -22.26 28.57
N ARG A 23 69.74 -23.37 27.85
CA ARG A 23 69.07 -24.62 28.22
C ARG A 23 69.97 -25.75 27.74
N LYS A 24 70.03 -26.83 28.51
CA LYS A 24 70.84 -27.99 28.14
C LYS A 24 72.29 -27.61 27.80
N ASN A 25 72.71 -28.00 26.60
CA ASN A 25 74.04 -27.66 26.08
C ASN A 25 74.07 -26.43 25.15
N LEU A 26 72.93 -25.76 25.03
CA LEU A 26 72.79 -24.59 24.15
C LEU A 26 72.87 -23.26 24.89
N VAL A 27 73.48 -22.28 24.23
CA VAL A 27 73.44 -20.90 24.72
C VAL A 27 73.10 -19.97 23.56
N ALA A 28 72.16 -19.06 23.77
CA ALA A 28 71.82 -18.07 22.76
C ALA A 28 71.92 -16.68 23.35
N TYR A 29 72.36 -15.71 22.55
CA TYR A 29 72.43 -14.32 22.99
C TYR A 29 72.23 -13.41 21.78
N VAL A 30 72.23 -12.10 22.02
CA VAL A 30 72.05 -11.15 20.93
C VAL A 30 73.31 -10.37 20.62
N LEU A 31 73.77 -10.49 19.38
CA LEU A 31 74.86 -9.66 18.87
C LEU A 31 74.28 -8.43 18.22
N THR A 32 74.71 -7.26 18.67
CA THR A 32 74.20 -6.00 18.14
C THR A 32 75.31 -5.12 17.58
N LYS A 33 75.10 -4.58 16.38
CA LYS A 33 76.08 -3.68 15.77
C LYS A 33 75.47 -2.34 15.44
N ALA A 34 76.28 -1.28 15.48
CA ALA A 34 75.78 0.05 15.13
C ALA A 34 76.25 0.42 13.74
N ASN A 35 75.31 0.43 12.81
CA ASN A 35 75.61 0.72 11.41
C ASN A 35 75.40 2.20 11.16
N LEU A 36 76.51 2.90 10.92
CA LEU A 36 76.47 4.35 10.80
C LEU A 36 75.92 4.81 9.44
N GLU A 37 76.16 4.03 8.40
CA GLU A 37 75.77 4.45 7.06
C GLU A 37 74.28 4.27 6.83
N SER A 38 73.70 3.23 7.43
CA SER A 38 72.27 2.99 7.36
C SER A 38 71.58 3.69 8.51
N ASN A 39 72.40 4.19 9.44
CA ASN A 39 71.89 4.79 10.67
C ASN A 39 70.89 3.90 11.40
N LYS A 40 71.17 2.62 11.44
CA LYS A 40 70.29 1.66 12.10
C LYS A 40 71.11 0.71 12.98
N TYR A 41 70.48 0.17 14.01
CA TYR A 41 71.11 -0.88 14.79
C TYR A 41 70.74 -2.20 14.14
N GLU A 42 71.71 -3.11 14.05
CA GLU A 42 71.46 -4.42 13.49
C GLU A 42 71.50 -5.43 14.63
N ASN A 43 70.55 -6.37 14.61
CA ASN A 43 70.52 -7.42 15.60
C ASN A 43 70.59 -8.78 14.95
N THR A 44 71.39 -9.67 15.54
CA THR A 44 71.49 -11.04 15.09
C THR A 44 71.49 -11.95 16.29
N ILE A 45 70.56 -12.91 16.32
CA ILE A 45 70.62 -13.89 17.38
C ILE A 45 71.67 -14.92 17.01
N VAL A 46 72.48 -15.29 17.99
CA VAL A 46 73.51 -16.30 17.80
C VAL A 46 73.27 -17.44 18.78
N ILE A 47 72.98 -18.62 18.25
CA ILE A 47 72.85 -19.80 19.10
C ILE A 47 74.15 -20.56 19.06
N GLU A 48 74.75 -20.75 20.22
CA GLU A 48 76.07 -21.34 20.31
C GLU A 48 76.02 -22.66 21.05
N ASN A 49 76.84 -23.59 20.60
CA ASN A 49 76.88 -24.92 21.16
C ASN A 49 78.10 -25.10 22.07
N LEU A 50 77.84 -25.24 23.36
CA LEU A 50 78.89 -25.51 24.34
C LEU A 50 79.58 -26.80 23.93
N GLU A 51 80.87 -26.91 24.21
CA GLU A 51 81.76 -27.75 23.41
C GLU A 51 81.80 -27.17 21.99
N ASP A 52 81.46 -27.97 20.98
CA ASP A 52 81.36 -27.43 19.62
C ASP A 52 80.59 -28.36 18.70
N SER A 54 79.65 -24.99 16.30
CA SER A 54 79.67 -24.05 17.42
C SER A 54 78.56 -22.99 17.34
N ARG A 55 78.47 -22.25 16.23
CA ARG A 55 77.44 -21.20 16.10
C ARG A 55 76.44 -21.36 14.96
N LYS A 56 75.17 -21.07 15.23
CA LYS A 56 74.19 -20.85 14.18
C LYS A 56 73.65 -19.42 14.31
N PHE A 57 72.78 -19.01 13.41
CA PHE A 57 72.31 -17.63 13.41
C PHE A 57 70.83 -17.49 13.06
N ILE A 58 70.16 -16.56 13.75
CA ILE A 58 68.85 -16.11 13.32
C ILE A 58 68.98 -14.64 13.05
N GLU A 59 68.88 -14.26 11.79
CA GLU A 59 69.21 -12.91 11.35
C GLU A 59 68.09 -11.90 11.58
N ASP A 60 68.46 -10.65 11.88
CA ASP A 60 67.50 -9.57 12.08
C ASP A 60 66.40 -9.97 13.06
N ALA A 61 66.81 -10.43 14.23
CA ALA A 61 65.87 -10.84 15.27
C ALA A 61 66.46 -10.56 16.64
N SER A 62 65.62 -10.59 17.66
CA SER A 62 66.10 -10.48 19.03
C SER A 62 65.11 -11.10 19.99
N MET A 63 65.35 -10.90 21.29
CA MET A 63 64.59 -11.52 22.36
C MET A 63 64.50 -13.03 22.19
N PRO A 64 65.65 -13.70 22.16
CA PRO A 64 65.65 -15.16 22.04
C PRO A 64 65.08 -15.81 23.28
N ARG A 65 64.16 -16.75 23.09
CA ARG A 65 63.63 -17.54 24.19
C ARG A 65 63.66 -19.00 23.83
N ILE A 66 64.44 -19.79 24.56
CA ILE A 66 64.56 -21.22 24.27
C ILE A 66 63.52 -22.01 25.06
N SER A 67 62.83 -22.90 24.37
CA SER A 67 61.81 -23.73 24.99
C SER A 67 62.41 -24.64 26.06
N PRO A 68 61.68 -24.84 27.17
CA PRO A 68 62.19 -25.64 28.27
C PRO A 68 62.75 -26.97 27.78
N ASP A 69 62.07 -27.61 26.84
CA ASP A 69 62.52 -28.92 26.36
C ASP A 69 63.73 -28.82 25.43
N GLY A 70 64.12 -27.59 25.11
CA GLY A 70 65.33 -27.34 24.35
C GLY A 70 65.22 -27.64 22.87
N LYS A 71 64.04 -28.06 22.45
CA LYS A 71 63.83 -28.46 21.06
C LYS A 71 63.58 -27.29 20.11
N LYS A 72 63.24 -26.12 20.65
CA LYS A 72 62.89 -24.97 19.81
C LYS A 72 63.06 -23.59 20.47
N ILE A 73 63.13 -22.56 19.63
CA ILE A 73 63.43 -21.20 20.06
C ILE A 73 62.42 -20.17 19.53
N ALA A 74 61.90 -19.33 20.42
CA ALA A 74 60.99 -18.27 20.05
C ALA A 74 61.77 -16.96 19.95
N PHE A 75 61.47 -16.15 18.95
CA PHE A 75 62.14 -14.86 18.81
C PHE A 75 61.24 -13.78 18.23
N MET A 76 61.77 -12.57 18.13
CA MET A 76 61.02 -11.44 17.62
C MET A 76 61.68 -10.84 16.40
N ARG A 77 60.87 -10.21 15.56
CA ARG A 77 61.34 -9.34 14.49
C ARG A 77 60.46 -8.10 14.46
N PHE A 78 61.07 -6.93 14.50
CA PHE A 78 60.33 -5.68 14.64
C PHE A 78 60.21 -4.92 13.32
N ASN A 79 59.58 -3.74 13.37
CA ASN A 79 59.31 -2.93 12.18
C ASN A 79 59.23 -3.73 10.88
N THR A 84 55.69 -3.27 12.30
CA THR A 84 55.10 -3.90 13.48
C THR A 84 55.85 -5.19 13.87
N ALA A 85 55.83 -5.51 15.15
CA ALA A 85 56.56 -6.66 15.69
C ALA A 85 55.83 -7.99 15.52
N GLN A 86 56.57 -9.04 15.21
CA GLN A 86 55.98 -10.36 14.99
C GLN A 86 56.73 -11.43 15.77
N ILE A 87 56.00 -12.36 16.37
CA ILE A 87 56.61 -13.46 17.11
C ILE A 87 56.83 -14.69 16.24
N TRP A 88 58.06 -15.19 16.25
CA TRP A 88 58.40 -16.39 15.50
C TRP A 88 58.78 -17.54 16.43
N VAL A 89 58.61 -18.75 15.92
CA VAL A 89 59.16 -19.94 16.58
C VAL A 89 59.97 -20.74 15.58
N ALA A 90 61.22 -21.02 15.94
CA ALA A 90 62.05 -21.87 15.09
C ALA A 90 62.41 -23.15 15.82
N ASP A 91 62.56 -24.23 15.06
CA ASP A 91 63.07 -25.48 15.59
C ASP A 91 64.60 -25.40 15.63
N LEU A 92 65.18 -25.76 16.77
CA LEU A 92 66.61 -25.55 17.01
C LEU A 92 67.55 -26.40 16.15
N LYS A 93 67.12 -27.59 15.75
CA LYS A 93 67.98 -28.42 14.91
C LYS A 93 68.25 -27.78 13.54
N THR A 94 67.19 -27.56 12.76
CA THR A 94 67.31 -26.89 11.45
C THR A 94 67.33 -25.37 11.48
N LEU A 95 66.61 -24.78 12.44
CA LEU A 95 66.41 -23.34 12.49
C LEU A 95 65.31 -22.85 11.54
N SER A 96 64.72 -23.77 10.79
CA SER A 96 63.51 -23.46 10.03
C SER A 96 62.49 -22.88 10.99
N ALA A 97 61.77 -21.85 10.54
CA ALA A 97 60.87 -21.13 11.43
C ALA A 97 59.52 -20.79 10.81
N LYS A 98 58.51 -20.60 11.65
CA LYS A 98 57.21 -20.14 11.20
C LYS A 98 56.77 -18.94 12.02
N LYS A 99 56.11 -17.99 11.36
CA LYS A 99 55.56 -16.82 12.01
C LYS A 99 54.34 -17.23 12.85
N VAL A 100 54.31 -16.83 14.12
CA VAL A 100 53.25 -17.28 15.02
C VAL A 100 52.18 -16.22 15.28
N LEU A 101 52.57 -15.12 15.90
CA LEU A 101 51.63 -14.03 16.13
C LEU A 101 52.21 -12.65 15.79
N GLU A 102 51.40 -11.82 15.17
CA GLU A 102 51.84 -10.47 14.82
C GLU A 102 51.22 -9.51 15.80
N ALA A 103 52.04 -8.91 16.66
CA ALA A 103 51.52 -8.03 17.70
C ALA A 103 52.34 -6.77 17.98
N LYS A 104 51.66 -5.63 17.93
CA LYS A 104 52.25 -4.38 18.40
C LYS A 104 52.25 -4.38 19.92
N ASN A 105 53.17 -3.63 20.51
CA ASN A 105 53.17 -3.41 21.95
C ASN A 105 53.32 -4.65 22.82
N ILE A 106 54.30 -5.49 22.50
CA ILE A 106 54.62 -6.63 23.34
C ILE A 106 55.97 -6.37 23.99
N ARG A 107 55.99 -6.14 25.29
CA ARG A 107 57.25 -5.90 25.98
C ARG A 107 58.02 -7.15 26.41
N SER A 108 57.34 -8.28 26.56
CA SER A 108 58.00 -9.50 27.03
C SER A 108 57.34 -10.80 26.55
N ILE A 109 58.15 -11.83 26.33
CA ILE A 109 57.63 -13.18 26.06
C ILE A 109 58.41 -14.24 26.82
N GLU A 110 57.69 -15.17 27.42
CA GLU A 110 58.26 -16.21 28.26
C GLU A 110 57.54 -17.55 28.05
N TRP A 111 58.31 -18.62 27.88
CA TRP A 111 57.75 -19.97 27.71
C TRP A 111 57.06 -20.52 28.97
N ASN A 112 56.08 -21.39 28.77
CA ASN A 112 55.52 -22.18 29.85
C ASN A 112 56.30 -23.49 29.94
N GLN A 113 55.94 -24.34 30.90
CA GLN A 113 56.64 -25.61 31.10
C GLN A 113 56.40 -26.56 29.94
N ASP A 114 55.22 -26.49 29.36
CA ASP A 114 54.81 -27.44 28.32
C ASP A 114 55.59 -27.30 27.01
N SER A 115 56.37 -26.24 26.89
CA SER A 115 57.09 -25.94 25.65
C SER A 115 56.09 -25.73 24.52
N ARG A 116 54.87 -25.32 24.88
CA ARG A 116 53.85 -25.05 23.90
C ARG A 116 53.39 -23.60 23.99
N ARG A 117 52.82 -23.24 25.14
CA ARG A 117 52.30 -21.89 25.34
C ARG A 117 53.37 -20.84 25.64
N LEU A 118 53.06 -19.60 25.27
CA LEU A 118 53.89 -18.45 25.62
C LEU A 118 53.10 -17.52 26.52
N LEU A 119 53.81 -16.79 27.37
CA LEU A 119 53.21 -15.68 28.08
C LEU A 119 53.75 -14.40 27.50
N ALA A 120 52.87 -13.57 26.96
CA ALA A 120 53.30 -12.28 26.46
C ALA A 120 52.65 -11.14 27.24
N VAL A 121 53.48 -10.24 27.74
CA VAL A 121 52.98 -9.04 28.41
C VAL A 121 53.21 -7.86 27.49
N GLY A 122 52.30 -6.89 27.55
CA GLY A 122 52.21 -5.84 26.55
C GLY A 122 51.38 -4.69 27.08
N PHE A 123 50.95 -3.79 26.19
CA PHE A 123 50.10 -2.69 26.61
C PHE A 123 49.04 -2.31 25.57
N LYS A 124 48.06 -1.52 26.01
CA LYS A 124 47.05 -0.97 25.11
C LYS A 124 46.75 0.46 25.52
N ARG A 125 46.72 1.37 24.55
CA ARG A 125 46.43 2.77 24.82
C ARG A 125 45.21 3.24 24.07
N ARG A 126 44.83 4.50 24.29
CA ARG A 126 43.68 5.06 23.60
C ARG A 126 43.93 5.24 22.09
N GLU A 127 45.14 5.66 21.73
CA GLU A 127 45.61 5.71 20.33
C GLU A 127 44.90 6.68 19.37
N ASP A 128 44.33 7.77 19.88
CA ASP A 128 43.75 8.77 18.97
C ASP A 128 44.86 9.52 18.23
N GLU A 129 44.66 9.69 16.92
CA GLU A 129 45.70 10.28 16.08
C GLU A 129 46.07 11.70 16.50
N ASP A 130 45.07 12.51 16.83
CA ASP A 130 45.28 13.92 17.16
C ASP A 130 45.72 14.28 18.59
N PHE A 131 45.20 13.57 19.58
CA PHE A 131 45.47 13.96 20.94
C PHE A 131 45.53 12.80 21.91
N ILE A 132 46.24 13.05 23.00
CA ILE A 132 46.44 12.13 24.10
C ILE A 132 45.53 12.59 25.21
N PHE A 133 44.93 11.66 25.93
CA PHE A 133 44.04 12.02 27.01
C PHE A 133 44.39 11.25 28.27
N GLU A 134 44.63 11.96 29.37
CA GLU A 134 45.12 11.30 30.57
C GLU A 134 44.28 11.60 31.79
N ASP A 135 43.68 10.56 32.37
CA ASP A 135 43.01 10.67 33.65
C ASP A 135 43.79 10.18 34.89
N ASP A 136 44.99 9.66 34.68
CA ASP A 136 45.78 9.05 35.75
C ASP A 136 47.17 9.72 35.82
N VAL A 137 48.08 9.17 36.63
CA VAL A 137 49.45 9.70 36.69
C VAL A 137 50.50 8.60 36.62
N PRO A 138 51.66 8.91 36.02
CA PRO A 138 51.95 10.19 35.36
C PRO A 138 51.43 10.21 33.93
N ALA A 139 51.64 11.32 33.22
CA ALA A 139 51.14 11.44 31.86
C ALA A 139 52.07 10.79 30.84
N TRP A 140 53.33 10.60 31.24
CA TRP A 140 54.34 10.02 30.36
C TRP A 140 55.42 9.37 31.19
N PHE A 141 56.14 8.43 30.57
CA PHE A 141 57.26 7.79 31.26
C PHE A 141 58.44 7.69 30.30
N ASP A 142 59.64 7.84 30.81
CA ASP A 142 60.80 7.87 29.93
C ASP A 142 60.96 6.59 29.14
N ASN A 143 61.16 6.74 27.83
CA ASN A 143 61.38 5.62 26.94
C ASN A 143 60.10 4.85 26.57
N MET A 144 59.02 5.08 27.30
CA MET A 144 57.70 4.60 26.90
C MET A 144 56.77 5.62 26.23
N GLY A 145 57.19 6.88 26.15
CA GLY A 145 56.34 7.93 25.61
C GLY A 145 55.10 8.25 26.46
N PHE A 146 54.15 8.97 25.88
CA PHE A 146 52.91 9.33 26.56
C PHE A 146 52.05 8.09 26.83
N PHE A 147 51.58 7.93 28.06
CA PHE A 147 50.81 6.75 28.44
C PHE A 147 49.47 6.69 27.70
N ASP A 148 48.84 7.84 27.50
CA ASP A 148 47.55 7.90 26.81
C ASP A 148 46.60 6.83 27.35
N GLY A 149 46.48 6.77 28.67
CA GLY A 149 45.57 5.84 29.32
C GLY A 149 45.97 4.39 29.28
N GLU A 150 47.27 4.13 29.18
CA GLU A 150 47.80 2.79 29.05
C GLU A 150 47.31 1.82 30.14
N LYS A 151 47.01 0.60 29.72
CA LYS A 151 46.71 -0.49 30.63
C LYS A 151 47.65 -1.63 30.25
N THR A 152 47.97 -2.48 31.20
CA THR A 152 48.85 -3.61 30.93
C THR A 152 48.01 -4.78 30.43
N THR A 153 48.48 -5.44 29.36
CA THR A 153 47.76 -6.58 28.80
C THR A 153 48.55 -7.86 28.99
N PHE A 154 47.85 -8.97 29.19
CA PHE A 154 48.49 -10.27 29.31
C PHE A 154 47.92 -11.27 28.32
N TRP A 155 48.79 -11.89 27.55
CA TRP A 155 48.35 -12.88 26.57
CA TRP A 155 48.37 -12.86 26.55
C TRP A 155 48.99 -14.23 26.82
N VAL A 156 48.20 -15.27 26.61
CA VAL A 156 48.70 -16.64 26.64
C VAL A 156 48.51 -17.20 25.22
N ILE A 157 49.61 -17.48 24.55
CA ILE A 157 49.54 -17.91 23.16
C ILE A 157 49.94 -19.37 22.99
N ASP A 158 49.11 -20.12 22.26
CA ASP A 158 49.48 -21.47 21.87
C ASP A 158 50.28 -21.36 20.60
N THR A 159 51.53 -21.82 20.62
CA THR A 159 52.41 -21.68 19.47
C THR A 159 52.16 -22.75 18.41
N GLU A 160 51.37 -23.75 18.77
CA GLU A 160 51.03 -24.80 17.81
C GLU A 160 49.93 -24.32 16.88
N GLY A 161 48.77 -24.04 17.45
CA GLY A 161 47.65 -23.51 16.68
C GLY A 161 47.76 -22.01 16.38
N GLU A 162 48.74 -21.35 17.00
CA GLU A 162 49.02 -19.95 16.75
C GLU A 162 47.81 -19.05 17.03
N GLU A 163 47.23 -19.23 18.21
CA GLU A 163 46.12 -18.40 18.66
C GLU A 163 46.35 -17.95 20.09
N VAL A 164 45.67 -16.88 20.50
CA VAL A 164 45.71 -16.40 21.88
C VAL A 164 44.56 -17.06 22.61
N ILE A 165 44.86 -17.96 23.52
CA ILE A 165 43.80 -18.69 24.21
C ILE A 165 43.33 -18.03 25.50
N GLU A 166 44.11 -17.08 26.00
CA GLU A 166 43.79 -16.38 27.23
C GLU A 166 44.24 -14.91 27.19
N GLN A 167 43.37 -14.01 27.63
CA GLN A 167 43.82 -12.64 27.79
C GLN A 167 43.05 -11.86 28.85
N PHE A 168 43.76 -10.94 29.50
CA PHE A 168 43.18 -10.06 30.49
C PHE A 168 44.08 -8.84 30.60
N GLU A 169 43.55 -7.78 31.20
CA GLU A 169 44.34 -6.57 31.39
C GLU A 169 44.42 -6.14 32.85
N LYS A 170 45.57 -5.59 33.25
CA LYS A 170 45.74 -5.04 34.59
C LYS A 170 46.09 -3.57 34.47
N PRO A 171 46.22 -2.88 35.60
CA PRO A 171 46.58 -1.46 35.54
C PRO A 171 47.96 -1.23 34.96
N ARG A 172 48.22 0.02 34.63
CA ARG A 172 49.49 0.47 34.08
C ARG A 172 50.66 0.02 34.93
N PHE A 173 51.73 -0.44 34.27
CA PHE A 173 52.94 -0.90 34.97
C PHE A 173 52.76 -2.16 35.79
N SER A 174 51.79 -2.98 35.40
CA SER A 174 51.69 -4.34 35.95
C SER A 174 52.68 -5.26 35.28
N SER A 175 53.02 -6.34 35.97
CA SER A 175 53.97 -7.32 35.46
CA SER A 175 53.95 -7.32 35.42
C SER A 175 53.39 -8.73 35.64
N GLY A 176 53.98 -9.72 34.97
CA GLY A 176 53.58 -11.09 35.21
C GLY A 176 54.54 -12.16 34.71
N ILE A 177 54.51 -13.31 35.38
CA ILE A 177 55.42 -14.41 35.06
C ILE A 177 54.74 -15.74 35.26
N TRP A 178 55.22 -16.74 34.56
CA TRP A 178 54.72 -18.10 34.73
C TRP A 178 55.09 -18.62 36.11
N HIS A 179 54.11 -19.19 36.80
CA HIS A 179 54.36 -20.08 37.93
C HIS A 179 53.56 -21.35 37.67
N GLY A 180 54.25 -22.44 37.36
CA GLY A 180 53.58 -23.66 36.95
C GLY A 180 52.64 -23.41 35.78
N ASP A 181 51.38 -23.82 35.96
CA ASP A 181 50.34 -23.51 34.98
C ASP A 181 49.54 -22.25 35.35
N SER A 182 49.95 -21.59 36.42
CA SER A 182 49.32 -20.31 36.78
C SER A 182 50.24 -19.16 36.44
N ILE A 183 49.77 -17.94 36.69
CA ILE A 183 50.55 -16.73 36.37
C ILE A 183 50.56 -15.81 37.56
N VAL A 184 51.75 -15.43 37.99
CA VAL A 184 51.88 -14.49 39.10
C VAL A 184 51.79 -13.08 38.55
N VAL A 185 50.91 -12.26 39.10
CA VAL A 185 50.70 -10.91 38.59
C VAL A 185 51.03 -9.86 39.64
N SER A 186 52.08 -9.08 39.40
CA SER A 186 52.45 -7.99 40.30
C SER A 186 51.83 -6.68 39.82
N VAL A 187 51.04 -6.04 40.66
CA VAL A 187 50.39 -4.79 40.29
C VAL A 187 50.74 -3.66 41.27
N PRO A 188 50.95 -2.45 40.74
CA PRO A 188 51.17 -1.29 41.61
C PRO A 188 49.99 -1.06 42.54
N HIS A 189 50.26 -0.60 43.76
CA HIS A 189 49.19 -0.38 44.73
C HIS A 189 48.67 1.06 44.64
N ARG A 190 47.36 1.21 44.77
CA ARG A 190 46.75 2.53 44.62
C ARG A 190 46.21 3.05 45.95
N ASP A 191 46.72 4.21 46.37
CA ASP A 191 46.13 4.90 47.51
C ASP A 191 45.38 6.12 47.00
N VAL A 192 46.14 7.15 46.64
CA VAL A 192 45.57 8.32 45.98
C VAL A 192 45.95 8.17 44.52
N ILE A 193 47.26 8.17 44.29
CA ILE A 193 47.83 7.86 43.01
C ILE A 193 48.57 6.56 43.22
N PRO A 194 48.79 5.80 42.13
CA PRO A 194 49.53 4.54 42.29
C PRO A 194 50.90 4.79 42.89
N ARG A 195 51.36 3.90 43.78
CA ARG A 195 52.66 4.11 44.38
C ARG A 195 53.61 3.23 43.61
N TYR A 196 54.43 3.86 42.79
CA TYR A 196 55.30 3.12 41.89
C TYR A 196 56.65 2.92 42.53
N PHE A 197 57.18 1.71 42.39
CA PHE A 197 58.47 1.34 42.97
C PHE A 197 58.46 1.41 44.49
N LYS A 198 57.27 1.34 45.07
CA LYS A 198 57.13 1.35 46.53
C LYS A 198 56.26 0.20 47.02
N TYR A 199 54.99 0.18 46.63
CA TYR A 199 54.09 -0.89 47.07
C TYR A 199 53.38 -1.63 45.92
N TRP A 200 53.21 -2.94 46.09
CA TRP A 200 52.57 -3.78 45.08
C TRP A 200 51.51 -4.67 45.71
N ASP A 201 50.51 -5.06 44.93
CA ASP A 201 49.62 -6.15 45.29
C ASP A 201 49.99 -7.29 44.34
N ILE A 202 50.05 -8.51 44.88
CA ILE A 202 50.50 -9.65 44.09
C ILE A 202 49.40 -10.70 43.99
N TYR A 203 49.07 -11.14 42.78
CA TYR A 203 47.96 -12.07 42.60
C TYR A 203 48.42 -13.36 41.94
N LEU A 204 47.62 -14.41 42.10
CA LEU A 204 47.87 -15.67 41.45
C LEU A 204 46.74 -15.92 40.48
N TRP A 205 47.05 -15.94 39.19
CA TRP A 205 46.02 -15.97 38.16
C TRP A 205 45.98 -17.33 37.47
N LYS A 206 44.79 -17.92 37.40
CA LYS A 206 44.58 -19.11 36.55
C LYS A 206 43.17 -19.18 36.00
N ASP A 207 43.05 -19.58 34.74
CA ASP A 207 41.74 -19.84 34.14
C ASP A 207 40.73 -18.73 34.41
N GLY A 208 41.19 -17.49 34.42
CA GLY A 208 40.28 -16.36 34.51
C GLY A 208 39.90 -15.96 35.93
N GLU A 209 40.45 -16.66 36.92
CA GLU A 209 40.20 -16.31 38.32
C GLU A 209 41.51 -16.13 39.08
N GLU A 210 41.47 -15.36 40.16
CA GLU A 210 42.69 -15.04 40.90
C GLU A 210 42.48 -14.91 42.40
N GLU A 211 43.52 -15.28 43.15
CA GLU A 211 43.54 -15.10 44.60
C GLU A 211 44.69 -14.16 44.96
N LYS A 212 44.48 -13.28 45.95
CA LYS A 212 45.52 -12.32 46.31
C LYS A 212 46.58 -12.94 47.24
N LEU A 213 47.83 -12.92 46.80
CA LEU A 213 48.96 -13.40 47.58
C LEU A 213 49.48 -12.39 48.59
N PHE A 214 49.51 -11.12 48.20
CA PHE A 214 50.11 -10.10 49.06
C PHE A 214 49.40 -8.77 48.92
N GLU A 215 49.37 -8.01 50.00
CA GLU A 215 48.78 -6.67 50.00
C GLU A 215 49.80 -5.62 50.45
N LYS A 216 49.91 -4.55 49.66
CA LYS A 216 50.75 -3.41 50.01
C LYS A 216 52.15 -3.79 50.48
N VAL A 217 52.86 -4.57 49.68
CA VAL A 217 54.22 -4.98 50.02
C VAL A 217 55.20 -4.35 49.06
N SER A 218 56.43 -4.21 49.53
CA SER A 218 57.49 -3.51 48.80
C SER A 218 58.33 -4.38 47.86
N PHE A 219 57.95 -5.64 47.67
CA PHE A 219 58.60 -6.48 46.66
C PHE A 219 57.61 -7.01 45.62
N TYR A 220 58.16 -7.46 44.49
CA TYR A 220 57.35 -8.07 43.43
C TYR A 220 58.07 -9.29 42.85
N ALA A 221 57.34 -10.08 42.06
CA ALA A 221 57.84 -11.39 41.63
C ALA A 221 58.66 -11.30 40.36
N ILE A 222 59.94 -11.61 40.47
CA ILE A 222 60.82 -11.68 39.31
C ILE A 222 61.15 -13.06 38.70
N ASP A 223 60.73 -14.16 39.34
CA ASP A 223 60.99 -15.46 38.74
C ASP A 223 60.25 -16.60 39.43
N SER A 224 60.35 -17.79 38.87
CA SER A 224 59.75 -19.00 39.45
C SER A 224 60.51 -20.27 39.03
N ASP A 225 60.66 -21.22 39.94
CA ASP A 225 61.01 -22.59 39.55
C ASP A 225 59.75 -23.47 39.51
N GLY A 226 58.62 -22.84 39.78
CA GLY A 226 57.31 -23.48 39.70
C GLY A 226 56.91 -24.08 41.03
N GLU A 227 57.90 -24.42 41.84
CA GLU A 227 57.67 -24.71 43.25
C GLU A 227 57.65 -23.44 44.10
N ARG A 228 58.58 -22.53 43.78
CA ARG A 228 58.87 -21.37 44.60
C ARG A 228 58.89 -20.10 43.77
N ILE A 229 58.38 -19.02 44.33
CA ILE A 229 58.39 -17.73 43.65
C ILE A 229 59.50 -16.86 44.22
N LEU A 230 60.23 -16.16 43.35
CA LEU A 230 61.34 -15.32 43.80
C LEU A 230 60.89 -13.87 43.88
N LEU A 231 60.95 -13.29 45.07
CA LEU A 231 60.53 -11.91 45.26
C LEU A 231 61.73 -10.96 45.31
N TYR A 232 61.58 -9.80 44.67
CA TYR A 232 62.64 -8.80 44.60
C TYR A 232 62.18 -7.50 45.23
N GLY A 233 62.78 -7.14 46.35
CA GLY A 233 62.32 -5.96 47.08
C GLY A 233 62.60 -6.13 48.55
N LYS A 234 61.79 -5.43 49.36
CA LYS A 234 61.68 -5.76 50.77
C LYS A 234 60.21 -6.07 51.10
N PRO A 235 59.99 -6.82 52.19
CA PRO A 235 58.62 -6.96 52.68
C PRO A 235 57.98 -5.58 52.85
N GLU A 236 58.82 -4.58 53.11
CA GLU A 236 58.38 -3.19 53.09
C GLU A 236 59.52 -2.21 53.35
N LYS A 237 59.31 -0.97 52.91
CA LYS A 237 60.37 0.03 52.90
C LYS A 237 59.86 1.39 53.31
N LYS A 238 60.66 2.10 54.10
CA LYS A 238 60.32 3.48 54.40
C LYS A 238 60.73 4.32 53.19
N TYR A 239 61.80 3.90 52.54
CA TYR A 239 62.39 4.64 51.41
C TYR A 239 62.65 3.71 50.24
N VAL A 240 62.33 4.16 49.03
CA VAL A 240 62.59 3.33 47.86
C VAL A 240 64.10 3.18 47.68
N SER A 241 64.86 4.16 48.15
CA SER A 241 66.32 4.16 48.02
C SER A 241 66.96 3.02 48.80
N GLU A 242 66.18 2.32 49.61
CA GLU A 242 66.73 1.21 50.39
C GLU A 242 67.21 0.11 49.44
N HIS A 243 68.12 -0.73 49.91
CA HIS A 243 68.62 -1.84 49.11
C HIS A 243 67.52 -2.84 48.80
N ASP A 244 67.43 -3.24 47.53
CA ASP A 244 66.53 -4.30 47.13
C ASP A 244 67.18 -5.66 47.40
N LYS A 245 66.44 -6.54 48.07
CA LYS A 245 66.93 -7.88 48.39
C LYS A 245 66.06 -8.93 47.73
N ILE A 246 66.38 -10.21 47.89
CA ILE A 246 65.58 -11.27 47.29
C ILE A 246 64.97 -12.23 48.31
N TYR A 247 63.83 -12.82 47.95
CA TYR A 247 63.11 -13.70 48.87
C TYR A 247 62.53 -14.92 48.18
N ILE A 248 62.66 -16.08 48.81
CA ILE A 248 62.03 -17.28 48.30
C ILE A 248 60.67 -17.49 48.97
N TYR A 249 59.61 -17.66 48.18
CA TYR A 249 58.28 -17.87 48.73
C TYR A 249 57.69 -19.21 48.33
N ASP A 250 57.60 -20.11 49.29
CA ASP A 250 56.90 -21.40 49.15
C ASP A 250 55.49 -21.36 49.74
N GLY A 251 55.08 -20.18 50.18
CA GLY A 251 53.96 -20.03 51.10
C GLY A 251 54.49 -19.57 52.44
N GLU A 252 55.80 -19.57 52.56
CA GLU A 252 56.50 -18.89 53.64
C GLU A 252 57.65 -18.10 53.02
N VAL A 253 57.85 -16.87 53.48
CA VAL A 253 58.85 -15.97 52.90
C VAL A 253 60.20 -16.10 53.57
N LYS A 254 61.21 -16.55 52.84
CA LYS A 254 62.56 -16.65 53.40
C LYS A 254 63.56 -15.77 52.65
N GLY A 255 64.05 -14.72 53.32
CA GLY A 255 65.15 -13.93 52.80
C GLY A 255 66.47 -14.68 52.81
N ILE A 256 67.13 -14.82 51.66
CA ILE A 256 68.44 -15.44 51.65
C ILE A 256 69.58 -14.44 51.80
N LEU A 257 69.26 -13.15 51.64
CA LEU A 257 70.26 -12.09 51.70
C LEU A 257 70.40 -11.34 53.05
N ASP A 258 69.66 -11.77 54.06
CA ASP A 258 69.52 -11.00 55.29
C ASP A 258 70.82 -10.50 55.95
N ASP A 259 71.91 -11.23 55.77
CA ASP A 259 73.17 -10.86 56.44
C ASP A 259 74.09 -9.94 55.65
N ILE A 260 73.70 -9.58 54.44
CA ILE A 260 74.55 -8.76 53.57
C ILE A 260 73.87 -7.43 53.27
N ASP A 261 74.55 -6.31 53.53
CA ASP A 261 73.90 -5.06 53.23
C ASP A 261 74.50 -4.56 51.91
N ARG A 262 73.78 -4.86 50.83
CA ARG A 262 74.18 -4.58 49.46
C ARG A 262 72.91 -4.67 48.61
N GLU A 263 72.90 -4.08 47.41
CA GLU A 263 71.70 -4.21 46.58
C GLU A 263 71.80 -5.29 45.51
N VAL A 264 70.73 -6.06 45.35
CA VAL A 264 70.69 -7.02 44.26
C VAL A 264 70.37 -6.32 42.95
N ALA A 265 71.26 -6.52 41.99
CA ALA A 265 71.09 -6.00 40.64
C ALA A 265 70.15 -6.88 39.83
N GLN A 266 70.36 -8.19 39.91
CA GLN A 266 69.63 -9.14 39.08
C GLN A 266 69.54 -10.50 39.79
N ALA A 267 68.45 -11.22 39.59
CA ALA A 267 68.29 -12.52 40.26
C ALA A 267 67.45 -13.51 39.45
N LYS A 268 67.82 -14.79 39.54
CA LYS A 268 67.08 -15.85 38.88
C LYS A 268 67.09 -17.13 39.73
N ILE A 269 66.01 -17.90 39.68
CA ILE A 269 65.92 -19.13 40.46
C ILE A 269 65.68 -20.35 39.55
N ARG A 270 66.61 -21.30 39.62
CA ARG A 270 66.52 -22.51 38.81
C ARG A 270 66.67 -23.74 39.69
N ASN A 271 65.61 -24.54 39.76
CA ASN A 271 65.58 -25.74 40.61
C ASN A 271 66.14 -25.48 42.00
N GLY A 272 65.46 -24.61 42.75
CA GLY A 272 65.74 -24.40 44.17
C GLY A 272 66.99 -23.57 44.48
N LYS A 273 67.85 -23.37 43.48
CA LYS A 273 69.04 -22.57 43.65
C LYS A 273 68.82 -21.16 43.08
N VAL A 274 69.40 -20.16 43.73
CA VAL A 274 69.21 -18.79 43.27
C VAL A 274 70.52 -18.14 42.82
N TYR A 275 70.56 -17.74 41.57
CA TYR A 275 71.70 -17.01 41.03
C TYR A 275 71.38 -15.54 41.06
N PHE A 276 72.35 -14.72 41.47
CA PHE A 276 72.10 -13.29 41.59
C PHE A 276 73.38 -12.46 41.49
N THR A 277 73.22 -11.17 41.26
CA THR A 277 74.36 -10.24 41.26
C THR A 277 74.15 -9.15 42.29
N LEU A 278 75.24 -8.62 42.82
CA LEU A 278 75.18 -7.56 43.82
C LEU A 278 76.01 -6.36 43.41
N PHE A 279 75.61 -5.18 43.86
CA PHE A 279 76.43 -3.99 43.66
C PHE A 279 77.43 -3.93 44.79
N GLU A 280 78.71 -4.03 44.46
CA GLU A 280 79.76 -3.88 45.46
C GLU A 280 80.90 -2.99 44.99
N GLU A 281 81.07 -1.86 45.66
CA GLU A 281 82.27 -1.03 45.53
C GLU A 281 82.73 -0.81 44.08
N GLY A 282 81.79 -0.47 43.21
CA GLY A 282 82.10 -0.17 41.82
C GLY A 282 82.10 -1.40 40.93
N SER A 283 81.66 -2.53 41.48
CA SER A 283 81.64 -3.78 40.74
C SER A 283 80.24 -4.36 40.82
N VAL A 284 79.91 -5.23 39.88
CA VAL A 284 78.68 -5.99 39.99
C VAL A 284 79.03 -7.47 39.90
N ASN A 285 78.82 -8.19 40.99
CA ASN A 285 79.35 -9.54 41.10
C ASN A 285 78.28 -10.63 41.05
N LEU A 286 78.66 -11.79 40.52
CA LEU A 286 77.75 -12.93 40.40
C LEU A 286 77.93 -13.86 41.61
N TYR A 287 76.82 -14.29 42.20
CA TYR A 287 76.85 -15.20 43.34
C TYR A 287 75.83 -16.32 43.17
N LEU A 288 76.01 -17.40 43.91
CA LEU A 288 75.06 -18.50 43.94
C LEU A 288 74.57 -18.76 45.36
N TRP A 289 73.26 -18.97 45.51
CA TRP A 289 72.73 -19.48 46.76
C TRP A 289 72.15 -20.87 46.61
N ASP A 290 72.87 -21.85 47.17
CA ASP A 290 72.42 -23.23 47.37
C ASP A 290 71.84 -23.51 48.76
N GLY A 291 71.64 -22.47 49.54
CA GLY A 291 71.40 -22.58 50.97
C GLY A 291 72.53 -22.01 51.78
N GLU A 292 73.60 -21.66 51.09
CA GLU A 292 74.59 -20.72 51.61
C GLU A 292 74.97 -19.83 50.43
N VAL A 293 75.64 -18.71 50.69
CA VAL A 293 76.07 -17.84 49.60
C VAL A 293 77.51 -18.16 49.16
N ARG A 294 77.66 -18.68 47.95
CA ARG A 294 78.96 -18.97 47.40
C ARG A 294 79.27 -18.00 46.26
N GLU A 295 80.53 -17.61 46.12
CA GLU A 295 80.91 -16.62 45.12
C GLU A 295 81.28 -17.26 43.80
N ILE A 296 80.64 -16.79 42.73
CA ILE A 296 80.88 -17.31 41.39
C ILE A 296 81.85 -16.41 40.61
N ALA A 297 81.39 -15.23 40.21
CA ALA A 297 82.25 -14.29 39.49
C ALA A 297 82.33 -12.96 40.23
N LYS A 298 83.51 -12.67 40.77
CA LYS A 298 83.73 -11.46 41.55
C LYS A 298 85.06 -10.88 41.13
N GLY A 299 85.10 -9.57 40.95
CA GLY A 299 86.33 -8.94 40.53
C GLY A 299 86.08 -7.51 40.12
N LYS A 300 86.99 -6.91 39.36
CA LYS A 300 86.71 -5.57 38.91
C LYS A 300 86.07 -5.74 37.56
N HIS A 301 84.76 -5.53 37.53
CA HIS A 301 83.96 -5.82 36.36
C HIS A 301 82.48 -5.63 36.71
N TRP A 302 81.63 -5.62 35.68
CA TRP A 302 80.20 -5.74 35.91
C TRP A 302 79.69 -6.98 35.20
N ILE A 303 78.84 -7.73 35.88
CA ILE A 303 78.18 -8.85 35.24
C ILE A 303 76.88 -8.27 34.71
N MET A 304 76.79 -8.15 33.39
CA MET A 304 75.71 -7.42 32.77
C MET A 304 74.46 -8.28 32.62
N GLY A 305 74.63 -9.59 32.72
CA GLY A 305 73.50 -10.51 32.60
C GLY A 305 73.97 -11.95 32.71
N PHE A 306 73.03 -12.84 33.03
CA PHE A 306 73.37 -14.24 33.18
C PHE A 306 72.14 -15.15 33.03
N ASP A 307 72.40 -16.42 32.77
CA ASP A 307 71.33 -17.42 32.80
C ASP A 307 71.90 -18.77 33.17
N ALA A 308 71.09 -19.60 33.80
CA ALA A 308 71.52 -20.95 34.12
C ALA A 308 70.41 -21.98 33.98
N ASP A 309 70.70 -23.08 33.29
CA ASP A 309 69.81 -24.22 33.31
C ASP A 309 70.55 -25.46 33.77
N GLU A 310 71.31 -26.07 32.85
CA GLU A 310 72.31 -27.05 33.22
C GLU A 310 73.70 -26.41 33.32
N ARG A 311 73.80 -25.18 32.84
CA ARG A 311 75.09 -24.50 32.73
C ARG A 311 74.90 -23.09 33.25
N LEU A 312 75.99 -22.45 33.62
CA LEU A 312 75.91 -21.07 34.09
C LEU A 312 76.72 -20.19 33.17
N ILE A 313 76.04 -19.31 32.44
CA ILE A 313 76.71 -18.40 31.55
C ILE A 313 76.38 -16.99 31.99
N TYR A 314 77.26 -16.06 31.66
CA TYR A 314 77.01 -14.66 31.96
C TYR A 314 77.82 -13.77 31.03
N LEU A 315 77.38 -12.53 30.89
CA LEU A 315 78.17 -11.54 30.18
C LEU A 315 79.00 -10.76 31.19
N LYS A 316 80.30 -10.68 30.95
CA LYS A 316 81.16 -9.85 31.79
C LYS A 316 81.71 -8.66 31.01
N GLU A 317 81.54 -7.48 31.58
CA GLU A 317 82.05 -6.25 31.01
C GLU A 317 83.09 -5.69 31.99
N THR A 318 84.13 -5.07 31.47
CA THR A 318 85.14 -4.44 32.31
C THR A 318 85.33 -2.99 31.86
N ALA A 319 86.18 -2.25 32.56
CA ALA A 319 86.38 -0.83 32.26
C ALA A 319 87.01 -0.68 30.89
N THR A 320 87.84 -1.66 30.54
CA THR A 320 88.59 -1.61 29.31
C THR A 320 87.93 -2.33 28.11
N ARG A 321 86.88 -3.09 28.38
CA ARG A 321 86.25 -3.91 27.34
CA ARG A 321 86.25 -3.91 27.34
C ARG A 321 84.73 -3.96 27.44
N PRO A 322 84.05 -3.96 26.28
CA PRO A 322 82.60 -4.22 26.21
C PRO A 322 82.33 -5.69 26.51
N ALA A 323 81.12 -6.02 26.91
CA ALA A 323 80.81 -7.35 27.43
C ALA A 323 81.20 -8.49 26.50
N GLU A 324 81.71 -9.57 27.09
CA GLU A 324 81.94 -10.82 26.39
C GLU A 324 81.22 -11.92 27.17
N LEU A 325 81.01 -13.07 26.53
CA LEU A 325 80.29 -14.15 27.19
C LEU A 325 81.24 -15.09 27.94
N TYR A 326 80.86 -15.44 29.16
CA TYR A 326 81.67 -16.35 29.97
C TYR A 326 80.84 -17.51 30.51
N LEU A 327 81.54 -18.58 30.85
CA LEU A 327 80.92 -19.80 31.34
C LEU A 327 81.67 -20.28 32.57
N TRP A 328 80.95 -20.87 33.52
CA TRP A 328 81.56 -21.37 34.74
C TRP A 328 81.33 -22.89 34.89
N ASP A 329 82.43 -23.64 34.79
CA ASP A 329 82.45 -25.09 34.99
C ASP A 329 82.85 -25.45 36.42
N GLY A 330 83.00 -24.43 37.27
CA GLY A 330 83.72 -24.54 38.53
C GLY A 330 85.00 -23.76 38.43
N GLU A 331 85.33 -23.36 37.20
CA GLU A 331 86.32 -22.32 36.94
C GLU A 331 85.72 -21.47 35.81
N GLU A 332 86.24 -20.26 35.62
CA GLU A 332 85.69 -19.37 34.60
C GLU A 332 86.39 -19.51 33.25
N ARG A 333 85.64 -19.92 32.23
CA ARG A 333 86.18 -20.00 30.88
C ARG A 333 85.49 -19.00 29.96
N GLN A 334 86.27 -18.15 29.30
CA GLN A 334 85.73 -17.12 28.42
C GLN A 334 85.27 -17.72 27.09
N LEU A 335 83.99 -17.57 26.77
CA LEU A 335 83.44 -18.11 25.52
C LEU A 335 83.66 -17.26 24.27
N THR A 336 83.59 -15.93 24.40
CA THR A 336 83.58 -15.05 23.23
C THR A 336 84.63 -13.94 23.22
N ASP A 337 85.38 -13.90 22.12
CA ASP A 337 86.40 -12.89 21.85
C ASP A 337 86.04 -11.67 20.96
N TYR A 338 84.77 -11.47 20.62
CA TYR A 338 84.36 -10.67 19.44
C TYR A 338 85.16 -9.39 19.23
N ASN A 339 85.48 -8.68 20.30
CA ASN A 339 86.19 -7.41 20.20
C ASN A 339 87.73 -7.52 20.31
N GLY A 340 88.23 -8.76 20.38
CA GLY A 340 89.65 -9.03 20.54
C GLY A 340 90.56 -8.46 19.47
N LEU A 341 90.18 -8.63 18.20
CA LEU A 341 90.97 -8.13 17.09
C LEU A 341 90.92 -6.61 17.00
N ILE A 342 89.79 -6.01 17.37
CA ILE A 342 89.70 -4.55 17.39
C ILE A 342 90.62 -4.01 18.48
N PHE A 343 90.64 -4.69 19.62
CA PHE A 343 91.42 -4.22 20.76
C PHE A 343 92.90 -4.59 20.73
N LYS A 344 93.31 -5.40 19.76
CA LYS A 344 94.72 -5.64 19.56
C LYS A 344 95.31 -4.39 18.95
N LYS A 345 94.51 -3.70 18.15
CA LYS A 345 94.94 -2.47 17.48
C LYS A 345 94.51 -1.17 18.20
N LEU A 346 93.86 -1.28 19.35
CA LEU A 346 93.26 -0.10 19.99
C LEU A 346 93.72 0.17 21.43
N LYS A 347 94.41 1.28 21.65
CA LYS A 347 94.93 1.58 22.98
C LYS A 347 93.83 1.67 24.05
N THR A 348 94.05 1.07 25.22
CA THR A 348 93.08 1.14 26.32
C THR A 348 93.70 1.78 27.54
N PHE A 349 92.86 2.24 28.45
CA PHE A 349 93.34 2.83 29.69
C PHE A 349 92.69 2.17 30.90
N GLU A 350 93.50 1.66 31.81
CA GLU A 350 92.97 1.10 33.04
C GLU A 350 92.93 2.20 34.10
N PRO A 351 91.76 2.35 34.76
CA PRO A 351 91.61 3.36 35.81
C PRO A 351 92.34 2.95 37.09
N ARG A 352 92.96 3.93 37.73
CA ARG A 352 93.70 3.70 38.96
C ARG A 352 92.84 4.07 40.17
N HIS A 353 92.61 3.10 41.03
CA HIS A 353 91.74 3.29 42.19
C HIS A 353 92.47 3.93 43.36
N PHE A 354 91.78 4.80 44.09
CA PHE A 354 92.33 5.43 45.30
C PHE A 354 91.26 5.71 46.34
N ARG A 355 91.61 5.56 47.62
CA ARG A 355 90.70 5.89 48.73
C ARG A 355 90.98 7.31 49.15
N PHE A 356 89.95 8.02 49.58
CA PHE A 356 90.12 9.42 50.00
C PHE A 356 89.13 9.82 51.08
N LYS A 357 89.57 10.72 51.95
CA LYS A 357 88.82 11.11 53.14
C LYS A 357 87.92 12.30 52.84
N SER A 358 86.63 12.17 53.14
CA SER A 358 85.71 13.29 52.98
C SER A 358 84.85 13.45 54.22
N ILE A 359 85.02 14.56 54.94
CA ILE A 359 84.29 14.75 56.17
C ILE A 359 84.48 13.53 57.08
N ASP A 360 83.38 12.84 57.36
CA ASP A 360 83.36 11.75 58.33
C ASP A 360 83.61 10.36 57.72
N LEU A 361 83.74 10.28 56.40
CA LEU A 361 83.83 8.97 55.76
C LEU A 361 85.03 8.81 54.86
N GLU A 362 85.16 7.60 54.32
CA GLU A 362 86.25 7.22 53.42
C GLU A 362 85.63 6.67 52.14
N LEU A 363 86.01 7.22 50.98
CA LEU A 363 85.32 6.92 49.73
C LEU A 363 86.22 6.38 48.63
N ASP A 364 85.63 5.64 47.71
CA ASP A 364 86.34 5.15 46.54
C ASP A 364 86.46 6.22 45.47
N GLY A 365 87.55 6.18 44.73
CA GLY A 365 87.76 7.07 43.61
C GLY A 365 88.58 6.38 42.56
N TRP A 366 88.56 6.90 41.35
CA TRP A 366 89.35 6.36 40.28
C TRP A 366 89.80 7.49 39.39
N TYR A 367 90.90 7.27 38.69
CA TYR A 367 91.30 8.21 37.68
C TYR A 367 92.07 7.50 36.60
N ILE A 368 92.04 8.08 35.41
CA ILE A 368 92.79 7.57 34.29
C ILE A 368 93.80 8.62 33.88
N LYS A 369 95.03 8.16 33.66
CA LYS A 369 96.13 9.05 33.33
C LYS A 369 96.45 8.89 31.84
N PRO A 370 96.41 10.00 31.09
CA PRO A 370 96.66 9.97 29.66
C PRO A 370 98.16 9.86 29.42
N GLU A 371 98.63 9.94 28.19
CA GLU A 371 100.07 9.98 28.01
C GLU A 371 100.42 11.46 28.02
N ILE A 372 101.06 11.86 29.11
CA ILE A 372 101.65 13.20 29.24
C ILE A 372 103.04 13.26 28.62
N LYS A 373 103.45 14.45 28.19
CA LYS A 373 104.81 14.71 27.74
C LYS A 373 105.88 14.33 28.78
N GLU A 376 105.28 18.04 31.22
CA GLU A 376 104.19 18.99 30.99
C GLU A 376 102.99 18.63 31.85
N LYS A 377 101.90 19.38 31.73
CA LYS A 377 100.69 19.10 32.51
C LYS A 377 99.48 18.83 31.61
N ALA A 378 98.49 18.11 32.12
CA ALA A 378 97.33 17.74 31.32
C ALA A 378 96.01 18.12 31.97
N PRO A 379 95.04 18.55 31.16
CA PRO A 379 93.70 18.99 31.60
C PRO A 379 92.96 17.84 32.27
N VAL A 380 91.92 18.16 33.02
CA VAL A 380 91.21 17.16 33.82
C VAL A 380 89.70 17.23 33.63
N ILE A 381 89.09 16.09 33.34
CA ILE A 381 87.64 16.04 33.26
C ILE A 381 87.09 15.21 34.42
N VAL A 382 86.24 15.81 35.24
CA VAL A 382 85.58 15.08 36.29
C VAL A 382 84.23 14.58 35.80
N PHE A 383 84.01 13.28 35.92
CA PHE A 383 82.71 12.69 35.60
C PHE A 383 81.89 12.43 36.85
N VAL A 384 80.61 12.78 36.82
CA VAL A 384 79.73 12.51 37.93
C VAL A 384 78.60 11.60 37.48
N HIS A 385 78.45 10.47 38.16
CA HIS A 385 77.47 9.48 37.76
C HIS A 385 76.04 9.90 38.08
N GLY A 386 75.09 9.30 37.34
CA GLY A 386 73.68 9.60 37.51
C GLY A 386 73.28 9.04 38.85
N GLY A 387 72.00 9.09 39.21
CA GLY A 387 71.74 8.89 40.61
C GLY A 387 70.48 9.40 41.25
N PRO A 388 70.60 9.72 42.55
CA PRO A 388 71.92 9.68 43.20
C PRO A 388 72.51 8.28 43.41
N LYS A 389 71.65 7.28 43.31
CA LYS A 389 71.99 5.89 43.65
C LYS A 389 72.58 5.10 42.47
N GLY A 390 72.95 5.80 41.41
CA GLY A 390 73.87 5.24 40.42
C GLY A 390 75.26 4.93 40.97
N MET A 391 76.04 4.16 40.23
CA MET A 391 77.39 3.78 40.67
C MET A 391 78.46 3.77 39.57
N TYR A 392 79.56 4.48 39.78
CA TYR A 392 80.74 4.35 38.93
C TYR A 392 81.53 3.14 39.37
N GLY A 393 82.63 2.83 38.69
CA GLY A 393 83.09 1.46 38.76
C GLY A 393 84.01 0.92 37.68
N TYR A 394 83.87 -0.38 37.49
CA TYR A 394 84.54 -1.13 36.45
C TYR A 394 83.81 -1.39 35.12
N TYR A 395 82.63 -0.81 34.89
CA TYR A 395 81.99 -0.97 33.58
C TYR A 395 82.66 -0.15 32.46
N PHE A 396 82.12 -0.23 31.24
CA PHE A 396 82.81 0.39 30.10
C PHE A 396 82.22 1.72 29.65
N LYS A 397 82.95 2.79 29.92
CA LYS A 397 82.47 4.13 29.62
C LYS A 397 83.26 4.72 28.45
N TYR A 398 82.59 4.81 27.32
CA TYR A 398 83.20 5.22 26.06
C TYR A 398 83.88 6.58 26.18
N GLU A 399 83.18 7.55 26.77
CA GLU A 399 83.67 8.93 26.84
C GLU A 399 85.00 9.02 27.61
N MET A 400 85.17 8.17 28.61
CA MET A 400 86.39 8.21 29.41
C MET A 400 87.59 7.69 28.63
N GLN A 401 87.42 6.60 27.90
CA GLN A 401 88.51 6.10 27.07
C GLN A 401 88.82 7.13 25.99
N LEU A 402 87.78 7.65 25.37
CA LEU A 402 87.94 8.64 24.32
C LEU A 402 88.71 9.86 24.81
N MET A 403 88.26 10.48 25.90
CA MET A 403 88.96 11.68 26.35
C MET A 403 90.40 11.38 26.86
N ALA A 404 90.64 10.16 27.32
CA ALA A 404 92.00 9.78 27.75
C ALA A 404 92.97 9.71 26.56
N SER A 405 92.52 9.08 25.48
CA SER A 405 93.35 8.93 24.29
C SER A 405 93.65 10.30 23.71
N LYS A 406 92.85 11.28 24.09
CA LYS A 406 93.03 12.66 23.64
C LYS A 406 93.85 13.55 24.58
N GLY A 407 94.38 12.96 25.65
CA GLY A 407 95.26 13.71 26.53
C GLY A 407 94.64 14.27 27.80
N TYR A 408 93.49 13.72 28.20
CA TYR A 408 92.80 14.20 29.40
C TYR A 408 92.96 13.26 30.59
N TYR A 409 93.25 13.84 31.74
CA TYR A 409 93.03 13.14 32.99
C TYR A 409 91.54 12.93 33.16
N ILE A 410 91.16 11.70 33.50
CA ILE A 410 89.77 11.37 33.81
C ILE A 410 89.67 11.06 35.31
N VAL A 411 88.76 11.73 36.02
CA VAL A 411 88.56 11.42 37.43
C VAL A 411 87.07 11.33 37.78
N TYR A 412 86.74 10.30 38.56
CA TYR A 412 85.37 10.08 39.02
C TYR A 412 85.34 9.31 40.36
N VAL A 413 84.30 9.55 41.16
CA VAL A 413 84.19 8.90 42.47
C VAL A 413 82.75 8.48 42.79
N ASN A 414 82.58 7.88 43.97
CA ASN A 414 81.26 7.50 44.45
C ASN A 414 80.92 8.21 45.73
N PRO A 415 80.33 9.41 45.61
CA PRO A 415 79.98 10.20 46.79
C PRO A 415 78.89 9.49 47.54
N ARG A 416 78.68 9.87 48.79
CA ARG A 416 77.61 9.29 49.59
C ARG A 416 76.28 9.39 48.83
N GLY A 417 75.49 8.31 48.91
CA GLY A 417 74.27 8.14 48.14
C GLY A 417 74.40 7.13 47.01
N SER A 418 75.65 6.86 46.60
CA SER A 418 75.92 5.91 45.53
C SER A 418 75.53 4.48 45.92
N ASN A 419 75.17 3.69 44.92
CA ASN A 419 74.90 2.27 45.10
C ASN A 419 76.19 1.48 45.29
N GLY A 420 76.08 0.26 45.83
CA GLY A 420 77.24 -0.60 45.95
C GLY A 420 78.00 -0.45 47.25
N TYR A 421 77.29 0.02 48.28
CA TYR A 421 77.84 0.16 49.62
C TYR A 421 76.72 -0.10 50.61
N SER A 422 76.96 0.23 51.88
CA SER A 422 75.93 0.11 52.91
C SER A 422 74.66 0.91 52.57
N GLU A 423 73.51 0.32 52.84
CA GLU A 423 72.24 1.00 52.63
C GLU A 423 72.29 2.39 53.26
N ASP A 424 72.88 2.50 54.44
CA ASP A 424 73.00 3.80 55.13
C ASP A 424 73.79 4.80 54.29
N PHE A 425 74.88 4.35 53.70
CA PHE A 425 75.70 5.19 52.82
C PHE A 425 74.86 5.77 51.67
N ALA A 426 73.90 4.98 51.20
CA ALA A 426 73.02 5.40 50.12
C ALA A 426 71.98 6.41 50.58
N LEU A 427 71.46 6.23 51.79
CA LEU A 427 70.36 7.07 52.29
C LEU A 427 70.83 8.43 52.79
N ARG A 428 72.14 8.56 52.99
CA ARG A 428 72.72 9.78 53.55
C ARG A 428 72.47 10.97 52.63
N VAL A 429 72.18 10.68 51.37
CA VAL A 429 71.99 11.70 50.36
C VAL A 429 70.60 12.33 50.47
N LEU A 430 69.66 11.61 51.06
CA LEU A 430 68.26 12.08 51.08
C LEU A 430 68.12 13.46 51.71
N GLU A 431 67.46 14.35 50.97
CA GLU A 431 67.18 15.73 51.39
C GLU A 431 68.44 16.57 51.53
N ARG A 432 69.58 15.89 51.38
CA ARG A 432 70.92 16.48 51.43
C ARG A 432 71.52 16.82 50.07
N THR A 433 70.72 16.71 49.00
CA THR A 433 71.22 16.83 47.64
C THR A 433 72.05 18.09 47.43
N GLY A 434 73.25 17.91 46.91
CA GLY A 434 74.13 19.03 46.61
C GLY A 434 74.98 19.50 47.77
N LEU A 435 74.83 18.87 48.94
CA LEU A 435 75.60 19.33 50.08
C LEU A 435 76.83 18.45 50.39
N GLU A 436 76.62 17.31 51.03
CA GLU A 436 77.76 16.48 51.42
C GLU A 436 78.32 15.78 50.21
N ASP A 437 77.43 15.23 49.38
CA ASP A 437 77.85 14.49 48.21
C ASP A 437 78.63 15.39 47.28
N PHE A 438 78.27 16.66 47.24
CA PHE A 438 79.08 17.59 46.46
C PHE A 438 80.47 17.69 47.10
N GLN A 439 80.52 17.85 48.43
CA GLN A 439 81.80 17.90 49.14
C GLN A 439 82.65 16.66 48.88
N ASP A 440 82.00 15.49 48.87
CA ASP A 440 82.67 14.24 48.55
C ASP A 440 83.44 14.34 47.24
N ILE A 441 82.77 14.83 46.20
CA ILE A 441 83.40 15.00 44.89
C ILE A 441 84.53 16.05 44.90
N LEU A 442 84.37 17.14 45.65
CA LEU A 442 85.45 18.13 45.77
C LEU A 442 86.66 17.51 46.44
N ASN A 443 86.43 16.83 47.56
CA ASN A 443 87.48 16.20 48.34
C ASN A 443 88.16 15.08 47.59
N GLY A 444 87.39 14.33 46.81
CA GLY A 444 87.94 13.31 45.94
C GLY A 444 88.88 13.90 44.91
N ILE A 445 88.51 15.07 44.37
CA ILE A 445 89.30 15.75 43.36
C ILE A 445 90.58 16.29 43.97
N GLU A 446 90.47 16.76 45.21
CA GLU A 446 91.62 17.30 45.90
C GLU A 446 92.67 16.20 46.07
N GLU A 447 92.23 15.06 46.56
CA GLU A 447 93.13 13.96 46.80
C GLU A 447 93.77 13.55 45.47
N PHE A 448 92.98 13.61 44.40
CA PHE A 448 93.47 13.23 43.10
C PHE A 448 94.60 14.15 42.64
N LEU A 449 94.45 15.45 42.88
CA LEU A 449 95.46 16.42 42.47
C LEU A 449 96.78 16.25 43.23
N ARG A 450 96.69 15.84 44.48
CA ARG A 450 97.87 15.60 45.29
C ARG A 450 98.58 14.35 44.77
N LEU A 451 97.79 13.37 44.32
CA LEU A 451 98.32 12.12 43.80
C LEU A 451 98.98 12.29 42.42
N GLU A 452 98.59 13.34 41.71
CA GLU A 452 99.05 13.55 40.34
C GLU A 452 99.40 15.00 40.10
N PRO A 453 100.62 15.41 40.47
CA PRO A 453 101.06 16.79 40.25
C PRO A 453 101.08 17.16 38.77
N GLN A 454 100.99 16.16 37.88
CA GLN A 454 100.91 16.45 36.44
C GLN A 454 99.52 16.86 35.93
N ALA A 455 98.48 16.63 36.72
CA ALA A 455 97.17 17.20 36.42
C ALA A 455 97.26 18.71 36.57
N ASP A 456 96.73 19.46 35.61
CA ASP A 456 96.83 20.92 35.68
C ASP A 456 95.62 21.45 36.39
N ARG A 457 95.80 21.95 37.60
CA ARG A 457 94.66 22.33 38.41
C ARG A 457 93.98 23.54 37.81
N GLU A 458 94.68 24.21 36.91
CA GLU A 458 94.13 25.36 36.20
C GLU A 458 93.16 25.02 35.04
N ARG A 459 93.29 23.83 34.44
CA ARG A 459 92.19 23.37 33.59
C ARG A 459 91.51 22.11 34.12
N ILE A 460 90.34 22.31 34.74
CA ILE A 460 89.57 21.21 35.27
C ILE A 460 88.11 21.41 34.88
N GLY A 461 87.58 20.49 34.09
CA GLY A 461 86.18 20.51 33.73
C GLY A 461 85.37 19.45 34.45
N ILE A 462 84.06 19.56 34.31
CA ILE A 462 83.18 18.60 34.94
C ILE A 462 81.99 18.33 34.02
N THR A 463 81.55 17.09 34.01
CA THR A 463 80.45 16.69 33.16
C THR A 463 79.63 15.61 33.83
N GLY A 464 78.35 15.52 33.47
CA GLY A 464 77.51 14.47 33.97
C GLY A 464 76.18 14.41 33.25
N ILE A 465 75.54 13.25 33.28
CA ILE A 465 74.20 13.11 32.75
C ILE A 465 73.24 12.90 33.91
N ALA A 466 72.01 13.38 33.78
CA ALA A 466 71.01 13.20 34.83
C ALA A 466 71.43 13.87 36.13
N TYR A 467 71.52 13.10 37.21
CA TYR A 467 72.01 13.67 38.47
C TYR A 467 73.41 14.24 38.26
N GLY A 468 74.19 13.62 37.38
CA GLY A 468 75.49 14.13 37.02
C GLY A 468 75.39 15.48 36.35
N GLY A 469 74.30 15.70 35.60
CA GLY A 469 74.04 16.98 34.99
C GLY A 469 73.64 18.02 36.02
N TYR A 470 72.77 17.60 36.92
CA TYR A 470 72.47 18.40 38.09
C TYR A 470 73.75 18.84 38.79
N MET A 471 74.63 17.87 39.04
CA MET A 471 75.83 18.15 39.81
C MET A 471 76.78 19.07 39.06
N THR A 472 76.76 18.98 37.74
CA THR A 472 77.58 19.87 36.93
C THR A 472 77.07 21.30 37.05
N ASN A 473 75.76 21.48 36.93
CA ASN A 473 75.15 22.81 37.11
C ASN A 473 75.49 23.34 38.50
N TRP A 474 75.22 22.53 39.51
CA TRP A 474 75.48 22.88 40.89
C TRP A 474 76.93 23.30 41.00
N ALA A 475 77.82 22.47 40.45
CA ALA A 475 79.26 22.67 40.54
C ALA A 475 79.68 24.06 40.06
N LEU A 476 79.18 24.48 38.89
CA LEU A 476 79.54 25.79 38.32
C LEU A 476 78.93 26.97 39.07
N THR A 477 77.81 26.73 39.78
CA THR A 477 77.20 27.75 40.61
C THR A 477 77.82 27.88 41.99
N GLN A 478 78.30 26.76 42.53
CA GLN A 478 78.87 26.73 43.89
C GLN A 478 80.40 26.78 43.98
N SER A 479 81.11 26.82 42.85
CA SER A 479 82.57 26.65 42.91
C SER A 479 83.33 27.38 41.80
N ASP A 480 84.49 27.93 42.15
CA ASP A 480 85.32 28.65 41.19
C ASP A 480 86.40 27.72 40.60
N LEU A 481 86.35 26.45 40.99
CA LEU A 481 87.38 25.51 40.59
C LEU A 481 87.38 25.11 39.10
N PHE A 482 86.21 25.10 38.47
CA PHE A 482 86.10 24.53 37.11
C PHE A 482 86.13 25.56 36.00
N LYS A 483 86.90 25.27 34.96
CA LYS A 483 86.96 26.16 33.80
C LYS A 483 85.96 25.84 32.71
N ALA A 484 85.34 24.67 32.78
CA ALA A 484 84.30 24.32 31.81
C ALA A 484 83.42 23.20 32.32
N GLY A 485 82.22 23.08 31.75
CA GLY A 485 81.36 21.95 32.09
C GLY A 485 80.39 21.58 30.99
N ILE A 486 79.98 20.31 30.98
CA ILE A 486 78.99 19.82 30.04
C ILE A 486 77.90 19.09 30.82
N SER A 487 76.70 19.67 30.79
CA SER A 487 75.60 19.15 31.57
C SER A 487 74.59 18.50 30.64
N GLU A 488 74.07 17.32 31.03
CA GLU A 488 73.22 16.56 30.14
C GLU A 488 71.99 16.01 30.84
N ASN A 489 70.82 16.36 30.31
CA ASN A 489 69.60 15.79 30.79
C ASN A 489 69.52 15.89 32.31
N GLY A 490 69.99 17.03 32.82
CA GLY A 490 70.11 17.25 34.26
C GLY A 490 68.89 17.83 34.94
N ILE A 491 69.12 18.40 36.13
CA ILE A 491 68.10 19.11 36.88
C ILE A 491 68.68 20.46 37.28
N SER A 492 68.12 21.56 36.76
CA SER A 492 68.38 22.87 37.36
C SER A 492 67.31 23.37 38.34
N TYR A 493 66.14 22.76 38.36
CA TYR A 493 65.11 23.16 39.32
C TYR A 493 64.30 21.97 39.83
N TRP A 494 64.25 21.78 41.14
CA TRP A 494 63.63 20.58 41.68
C TRP A 494 62.11 20.60 41.66
N LEU A 495 61.52 21.79 41.74
CA LEU A 495 60.07 21.88 41.82
C LEU A 495 59.40 21.34 40.55
N THR A 496 59.98 21.70 39.39
CA THR A 496 59.44 21.25 38.12
C THR A 496 59.84 19.81 37.87
N SER A 497 60.97 19.39 38.44
CA SER A 497 61.29 17.97 38.37
C SER A 497 60.16 17.21 39.05
N TYR A 498 59.74 17.69 40.21
CA TYR A 498 58.63 17.08 40.92
C TYR A 498 57.33 17.10 40.11
N ALA A 499 56.96 18.27 39.59
CA ALA A 499 55.67 18.45 38.95
C ALA A 499 55.56 17.89 37.52
N PHE A 500 56.67 17.92 36.79
CA PHE A 500 56.75 17.63 35.36
C PHE A 500 57.14 16.17 35.09
N SER A 501 58.29 15.75 35.59
CA SER A 501 58.94 14.51 35.18
C SER A 501 58.10 13.27 35.45
N ASP A 502 58.42 12.20 34.74
CA ASP A 502 57.70 10.95 34.90
C ASP A 502 57.62 10.45 36.36
N ILE A 503 58.76 10.41 37.06
CA ILE A 503 58.79 9.89 38.41
C ILE A 503 58.69 10.96 39.49
N GLY A 504 58.61 12.22 39.09
CA GLY A 504 58.69 13.31 40.05
C GLY A 504 57.84 13.20 41.30
N LEU A 505 56.55 12.85 41.13
CA LEU A 505 55.59 12.89 42.24
C LEU A 505 56.01 12.13 43.50
N TRP A 506 56.64 10.98 43.32
CA TRP A 506 57.18 10.20 44.45
C TRP A 506 58.67 10.49 44.67
N PHE A 507 59.48 10.21 43.65
CA PHE A 507 60.92 10.37 43.76
C PHE A 507 61.36 11.69 44.39
N ASP A 508 60.83 12.81 43.92
CA ASP A 508 61.26 14.09 44.48
C ASP A 508 60.93 14.21 45.97
N LYS A 509 59.87 13.57 46.41
CA LYS A 509 59.47 13.72 47.81
C LYS A 509 60.49 13.10 48.76
N GLU A 510 61.06 11.98 48.34
CA GLU A 510 62.07 11.29 49.14
C GLU A 510 63.48 11.89 49.04
N VAL A 511 63.93 12.19 47.83
CA VAL A 511 65.29 12.68 47.59
C VAL A 511 65.44 14.18 47.89
N ILE A 512 64.38 14.94 47.65
CA ILE A 512 64.39 16.37 47.90
C ILE A 512 63.69 16.73 49.22
N GLY A 513 62.38 16.44 49.30
CA GLY A 513 61.65 16.64 50.55
C GLY A 513 60.15 16.52 50.42
N ASP A 514 59.41 16.61 51.53
CA ASP A 514 57.95 16.62 51.46
C ASP A 514 57.42 18.02 51.16
N ASN A 515 56.10 18.11 51.02
CA ASN A 515 55.42 19.39 50.82
C ASN A 515 56.11 20.35 49.84
N PRO A 516 56.34 19.87 48.61
CA PRO A 516 57.16 20.57 47.63
C PRO A 516 56.68 21.99 47.38
N LEU A 517 55.38 22.22 47.49
CA LEU A 517 54.85 23.54 47.23
C LEU A 517 55.30 24.50 48.32
N GLU A 518 55.94 23.94 49.33
CA GLU A 518 56.25 24.63 50.58
C GLU A 518 57.71 24.53 50.91
N ASN A 519 58.19 23.30 51.01
CA ASN A 519 59.52 23.04 51.50
C ASN A 519 60.53 23.86 50.71
N GLU A 520 61.30 24.68 51.42
CA GLU A 520 62.17 25.67 50.80
C GLU A 520 63.39 24.99 50.21
N ASN A 521 63.50 23.70 50.47
CA ASN A 521 64.64 22.93 50.02
C ASN A 521 64.68 22.85 48.50
N TYR A 522 63.51 22.98 47.88
CA TYR A 522 63.40 22.92 46.44
C TYR A 522 64.04 24.13 45.76
N ARG A 523 64.01 25.28 46.41
CA ARG A 523 64.76 26.42 45.90
C ARG A 523 66.25 26.40 46.29
N LYS A 524 66.56 26.06 47.54
CA LYS A 524 67.92 26.20 48.03
C LYS A 524 68.93 25.26 47.37
N LEU A 525 68.45 24.06 46.99
CA LEU A 525 69.28 23.05 46.34
C LEU A 525 69.17 23.03 44.81
N SER A 526 68.42 23.98 44.24
CA SER A 526 68.28 24.06 42.79
C SER A 526 69.28 25.04 42.18
N PRO A 527 70.10 24.56 41.24
CA PRO A 527 71.12 25.39 40.61
C PRO A 527 70.56 26.66 39.95
N LEU A 528 69.35 26.59 39.42
CA LEU A 528 68.75 27.70 38.69
C LEU A 528 68.86 29.02 39.44
N PHE A 529 68.62 28.99 40.75
CA PHE A 529 68.58 30.23 41.52
C PHE A 529 69.95 30.84 41.76
N TYR A 530 70.98 30.05 41.53
CA TYR A 530 72.36 30.49 41.71
C TYR A 530 73.03 30.96 40.42
N ALA A 531 72.25 31.00 39.33
CA ALA A 531 72.80 31.27 37.99
C ALA A 531 73.74 32.46 37.95
N LYS A 532 73.45 33.47 38.76
CA LYS A 532 74.30 34.67 38.83
C LYS A 532 75.76 34.31 39.05
N ASN A 533 76.01 33.20 39.73
CA ASN A 533 77.38 32.82 40.10
C ASN A 533 78.26 32.30 38.98
N VAL A 534 77.67 31.61 38.00
CA VAL A 534 78.47 30.90 37.02
C VAL A 534 79.46 31.83 36.29
N LYS A 535 80.76 31.52 36.41
CA LYS A 535 81.78 32.17 35.58
C LYS A 535 82.35 31.33 34.42
N ALA A 536 81.99 30.04 34.36
CA ALA A 536 82.58 29.07 33.43
C ALA A 536 81.69 28.70 32.23
N PRO A 537 82.24 28.74 31.00
CA PRO A 537 81.45 28.36 29.82
C PRO A 537 80.82 26.99 29.94
N LEU A 538 79.53 26.93 29.64
CA LEU A 538 78.75 25.73 29.85
C LEU A 538 78.05 25.29 28.57
N LEU A 539 78.18 24.00 28.27
CA LEU A 539 77.40 23.41 27.20
C LEU A 539 76.30 22.57 27.82
N LEU A 540 75.07 22.91 27.49
CA LEU A 540 73.91 22.13 27.90
C LEU A 540 73.51 21.22 26.75
N ILE A 541 73.17 19.98 27.09
CA ILE A 541 72.75 18.98 26.10
C ILE A 541 71.43 18.38 26.56
N HIS A 542 70.52 18.14 25.63
CA HIS A 542 69.23 17.56 25.99
C HIS A 542 68.58 16.82 24.82
N SER A 543 67.61 15.97 25.14
CA SER A 543 66.85 15.28 24.12
C SER A 543 65.35 15.49 24.34
N LEU A 544 64.58 15.56 23.25
CA LEU A 544 63.18 15.97 23.29
C LEU A 544 62.23 14.92 23.85
N GLU A 545 62.67 13.68 23.86
CA GLU A 545 61.88 12.56 24.37
C GLU A 545 62.16 12.15 25.82
N ASP A 546 62.99 12.92 26.52
CA ASP A 546 63.40 12.51 27.86
C ASP A 546 62.35 13.03 28.84
N TYR A 547 61.64 12.08 29.45
CA TYR A 547 60.63 12.40 30.45
C TYR A 547 61.11 12.22 31.90
N ARG A 548 62.32 11.70 32.05
CA ARG A 548 62.93 11.58 33.36
C ARG A 548 63.33 12.97 33.83
N CYS A 549 64.04 13.69 32.96
CA CYS A 549 64.40 15.07 33.21
C CYS A 549 63.99 15.90 32.00
N PRO A 550 62.77 16.44 32.04
CA PRO A 550 62.15 17.13 30.92
C PRO A 550 63.00 18.29 30.42
N LEU A 551 62.75 18.68 29.18
CA LEU A 551 63.57 19.66 28.49
C LEU A 551 63.76 20.97 29.26
N ASP A 552 62.77 21.32 30.10
CA ASP A 552 62.83 22.58 30.85
C ASP A 552 64.10 22.71 31.72
N GLN A 553 64.55 21.58 32.26
CA GLN A 553 65.69 21.56 33.17
C GLN A 553 66.94 22.16 32.54
N SER A 554 67.17 21.85 31.27
CA SER A 554 68.30 22.41 30.55
C SER A 554 67.99 23.80 30.04
N LEU A 555 66.80 23.96 29.47
CA LEU A 555 66.48 25.17 28.73
C LEU A 555 66.24 26.36 29.65
N MET A 556 65.59 26.12 30.79
CA MET A 556 65.38 27.21 31.73
C MET A 556 66.73 27.75 32.16
N PHE A 557 67.65 26.84 32.44
CA PHE A 557 68.98 27.22 32.88
C PHE A 557 69.65 28.00 31.74
N TYR A 558 69.54 27.48 30.51
CA TYR A 558 70.13 28.16 29.36
C TYR A 558 69.60 29.58 29.19
N HIS A 559 68.28 29.78 29.25
CA HIS A 559 67.71 31.12 29.06
C HIS A 559 68.16 32.07 30.17
N VAL A 560 67.98 31.62 31.41
CA VAL A 560 68.34 32.46 32.56
C VAL A 560 69.81 32.87 32.52
N LEU A 561 70.68 31.95 32.11
CA LEU A 561 72.11 32.24 32.02
C LEU A 561 72.38 33.32 30.98
N LYS A 562 71.75 33.20 29.80
CA LYS A 562 71.90 34.22 28.76
C LYS A 562 71.36 35.56 29.26
N ASP A 563 70.30 35.51 30.06
CA ASP A 563 69.70 36.73 30.58
C ASP A 563 70.72 37.44 31.46
N LEU A 564 71.59 36.64 32.08
CA LEU A 564 72.63 37.16 32.96
C LEU A 564 73.95 37.39 32.24
N GLY A 565 73.97 37.19 30.93
CA GLY A 565 75.15 37.49 30.13
C GLY A 565 76.24 36.43 30.13
N LYS A 566 75.97 35.27 30.73
CA LYS A 566 76.95 34.19 30.78
C LYS A 566 77.25 33.58 29.41
N GLU A 567 78.39 32.91 29.27
CA GLU A 567 78.65 32.19 28.02
C GLU A 567 78.18 30.75 28.15
N VAL A 568 77.10 30.44 27.44
CA VAL A 568 76.46 29.13 27.52
C VAL A 568 75.92 28.75 26.14
N TYR A 569 75.67 27.45 25.96
CA TYR A 569 75.27 26.93 24.68
C TYR A 569 74.35 25.74 24.91
N ILE A 570 73.36 25.56 24.05
CA ILE A 570 72.49 24.42 24.20
C ILE A 570 72.31 23.63 22.91
N ALA A 571 72.36 22.31 23.04
CA ALA A 571 72.15 21.41 21.92
C ALA A 571 70.97 20.52 22.26
N ILE A 572 69.91 20.63 21.48
CA ILE A 572 68.70 19.88 21.73
C ILE A 572 68.52 18.83 20.63
N PHE A 573 68.67 17.57 21.02
CA PHE A 573 68.59 16.46 20.07
C PHE A 573 67.13 16.12 19.77
N LYS A 574 66.79 16.16 18.48
CA LYS A 574 65.38 16.10 18.06
C LYS A 574 64.68 14.81 18.47
N LYS A 575 65.42 13.72 18.57
CA LYS A 575 64.86 12.46 19.01
C LYS A 575 65.66 11.90 20.18
N GLY A 576 65.08 10.93 20.87
CA GLY A 576 65.77 10.21 21.93
C GLY A 576 65.38 10.55 23.35
N ALA A 577 65.49 9.53 24.19
CA ALA A 577 65.08 9.61 25.58
C ALA A 577 66.24 9.90 26.53
N HIS A 578 65.98 9.77 27.83
CA HIS A 578 66.93 10.15 28.86
C HIS A 578 68.31 9.55 28.58
N GLY A 579 68.36 8.31 28.13
CA GLY A 579 69.62 7.61 27.91
C GLY A 579 70.16 7.68 26.49
N HIS A 580 69.75 8.68 25.73
CA HIS A 580 70.06 8.77 24.31
C HIS A 580 71.56 8.79 23.96
N SER A 581 72.42 9.02 24.94
CA SER A 581 73.84 9.05 24.67
C SER A 581 74.34 7.66 24.25
N ILE A 582 73.93 6.62 24.98
CA ILE A 582 74.11 5.25 24.50
C ILE A 582 72.96 4.60 23.68
N ARG A 583 71.74 5.13 23.79
CA ARG A 583 70.59 4.52 23.11
C ARG A 583 70.08 5.17 21.81
N GLY A 584 70.65 6.30 21.41
CA GLY A 584 70.13 7.02 20.27
C GLY A 584 70.60 6.38 18.97
N SER A 585 70.18 6.94 17.83
CA SER A 585 70.60 6.38 16.56
C SER A 585 72.11 6.53 16.45
N PRO A 586 72.76 5.69 15.63
CA PRO A 586 74.21 5.78 15.48
C PRO A 586 74.65 7.17 15.08
N ARG A 587 73.99 7.77 14.10
CA ARG A 587 74.40 9.07 13.60
C ARG A 587 74.25 10.13 14.69
N HIS A 588 73.15 10.02 15.43
CA HIS A 588 72.87 10.86 16.59
C HIS A 588 74.01 10.73 17.62
N ARG A 589 74.24 9.50 18.08
CA ARG A 589 75.28 9.26 19.07
C ARG A 589 76.65 9.80 18.63
N MET A 590 76.98 9.65 17.37
CA MET A 590 78.26 10.13 16.90
C MET A 590 78.37 11.64 17.06
N LYS A 591 77.35 12.36 16.60
CA LYS A 591 77.40 13.81 16.66
C LYS A 591 77.51 14.27 18.11
N ARG A 592 76.85 13.56 19.01
CA ARG A 592 77.01 13.87 20.42
C ARG A 592 78.47 13.68 20.87
N TYR A 593 79.05 12.53 20.59
CA TYR A 593 80.44 12.28 20.97
C TYR A 593 81.35 13.38 20.43
N LYS A 594 81.21 13.67 19.14
CA LYS A 594 82.02 14.69 18.49
C LYS A 594 81.79 16.06 19.15
N LEU A 595 80.54 16.34 19.50
CA LEU A 595 80.20 17.60 20.15
C LEU A 595 80.83 17.66 21.52
N PHE A 596 80.59 16.61 22.31
CA PHE A 596 81.17 16.46 23.64
C PHE A 596 82.67 16.67 23.59
N MET A 597 83.28 16.06 22.57
CA MET A 597 84.72 16.08 22.34
C MET A 597 85.28 17.48 22.08
N GLU A 598 84.73 18.16 21.07
CA GLU A 598 85.25 19.45 20.64
C GLU A 598 85.00 20.58 21.62
N PHE A 599 83.94 20.48 22.41
CA PHE A 599 83.68 21.52 23.40
C PHE A 599 84.80 21.50 24.43
N PHE A 600 85.09 20.33 24.99
CA PHE A 600 86.19 20.21 25.94
C PHE A 600 87.51 20.62 25.29
N GLU A 601 87.69 20.23 24.05
CA GLU A 601 88.89 20.60 23.30
C GLU A 601 89.04 22.11 23.28
N ARG A 602 87.97 22.80 22.91
CA ARG A 602 88.03 24.25 22.79
C ARG A 602 87.67 25.11 24.01
N LYS A 603 87.00 24.54 25.02
CA LYS A 603 86.79 25.31 26.26
C LYS A 603 87.67 24.97 27.50
N LEU A 604 88.46 23.92 27.41
CA LEU A 604 89.12 23.37 28.60
C LEU A 604 90.61 23.21 28.37
N LYS A 605 90.96 22.34 27.42
CA LYS A 605 92.35 22.17 27.01
C LYS A 605 92.98 23.51 26.64
N LYS A 606 92.51 24.11 25.54
CA LYS A 606 92.91 25.48 25.18
C LYS A 606 91.67 26.29 24.85
N TYR A 607 91.39 27.33 25.63
CA TYR A 607 90.16 28.11 25.43
C TYR A 607 90.22 29.05 24.25
N GLU A 608 89.13 29.10 23.50
CA GLU A 608 88.99 30.07 22.40
C GLU A 608 87.60 30.69 22.45
N GLU A 609 87.43 31.83 21.81
CA GLU A 609 86.14 32.50 21.81
C GLU A 609 85.16 31.80 20.90
N GLY A 610 83.91 31.73 21.35
CA GLY A 610 82.83 31.26 20.50
C GLY A 610 82.84 29.77 20.31
N PHE A 611 81.70 29.22 19.90
CA PHE A 611 81.61 27.85 19.47
C PHE A 611 80.81 27.81 18.17
N ASP A 612 81.44 27.45 17.07
CA ASP A 612 80.71 27.46 15.82
C ASP A 612 80.55 26.02 15.35
N VAL A 613 79.34 25.51 15.50
CA VAL A 613 79.08 24.10 15.29
C VAL A 613 79.03 23.71 13.82
N GLU A 614 78.63 24.64 12.96
CA GLU A 614 78.58 24.36 11.54
C GLU A 614 79.98 24.02 11.05
N LYS A 615 80.93 24.89 11.39
CA LYS A 615 82.33 24.73 11.01
C LYS A 615 82.98 23.57 11.77
N ILE A 616 82.74 23.52 13.07
CA ILE A 616 83.38 22.53 13.94
C ILE A 616 83.00 21.08 13.62
N LEU A 617 81.77 20.87 13.15
CA LEU A 617 81.28 19.50 12.91
C LEU A 617 81.43 18.98 11.47
N LYS A 618 82.09 19.77 10.61
CA LYS A 618 82.50 19.36 9.25
C LYS A 618 81.84 20.22 8.16
N ILE B 4 63.83 -32.07 -28.99
CA ILE B 4 64.19 -30.67 -29.15
C ILE B 4 65.01 -30.45 -30.42
N GLU B 5 65.02 -29.21 -30.90
CA GLU B 5 65.89 -28.81 -32.00
C GLU B 5 66.67 -27.57 -31.60
N TRP B 6 67.74 -27.26 -32.33
CA TRP B 6 68.63 -26.16 -31.98
C TRP B 6 68.15 -24.81 -32.52
N ASP B 7 68.04 -23.83 -31.63
CA ASP B 7 67.67 -22.47 -32.02
C ASP B 7 68.43 -21.42 -31.19
N GLU B 8 68.04 -20.16 -31.35
CA GLU B 8 68.63 -19.06 -30.57
C GLU B 8 68.53 -19.29 -29.06
N LYS B 9 67.48 -19.98 -28.63
CA LYS B 9 67.19 -20.08 -27.21
C LYS B 9 67.69 -21.34 -26.54
N THR B 10 68.31 -22.24 -27.30
CA THR B 10 68.68 -23.53 -26.74
C THR B 10 69.68 -23.39 -25.59
N PHE B 11 70.56 -22.39 -25.70
CA PHE B 11 71.59 -22.18 -24.67
C PHE B 11 70.98 -21.92 -23.29
N THR B 12 69.70 -21.56 -23.25
CA THR B 12 69.05 -21.26 -21.98
C THR B 12 68.54 -22.52 -21.29
N LYS B 13 68.68 -23.67 -21.93
CA LYS B 13 68.23 -24.91 -21.30
C LYS B 13 69.36 -25.64 -20.58
N PHE B 14 70.56 -25.08 -20.64
CA PHE B 14 71.72 -25.71 -20.03
C PHE B 14 71.98 -25.18 -18.63
N ALA B 15 72.45 -26.06 -17.75
CA ALA B 15 72.91 -25.66 -16.42
C ALA B 15 74.41 -25.40 -16.47
N TYR B 16 74.82 -24.19 -16.13
CA TYR B 16 76.24 -23.84 -16.15
C TYR B 16 76.85 -23.89 -14.75
N LEU B 17 77.92 -24.67 -14.59
CA LEU B 17 78.59 -24.80 -13.30
C LEU B 17 79.94 -24.07 -13.25
N SER B 18 80.20 -23.40 -12.14
CA SER B 18 81.41 -22.58 -12.00
C SER B 18 82.00 -22.55 -10.60
N ASP B 19 83.26 -22.13 -10.53
CA ASP B 19 83.94 -21.84 -9.26
C ASP B 19 83.86 -22.97 -8.22
N PRO B 20 84.43 -24.14 -8.55
CA PRO B 20 84.37 -25.29 -7.65
C PRO B 20 85.29 -25.12 -6.45
N ARG B 21 84.86 -25.62 -5.29
CA ARG B 21 85.62 -25.47 -4.07
C ARG B 21 85.41 -26.71 -3.21
N THR B 22 86.41 -27.02 -2.39
CA THR B 22 86.30 -28.18 -1.52
C THR B 22 87.06 -28.06 -0.20
N ARG B 23 86.47 -28.59 0.86
CA ARG B 23 87.16 -28.83 2.12
C ARG B 23 86.63 -30.13 2.70
N LYS B 24 87.55 -30.97 3.17
CA LYS B 24 87.17 -32.26 3.75
C LYS B 24 86.24 -33.05 2.83
N ASN B 25 85.10 -33.48 3.37
CA ASN B 25 84.16 -34.28 2.61
C ASN B 25 83.10 -33.45 1.85
N LEU B 26 83.26 -32.13 1.87
CA LEU B 26 82.34 -31.22 1.20
C LEU B 26 82.84 -30.70 -0.15
N VAL B 27 81.92 -30.50 -1.08
CA VAL B 27 82.20 -29.80 -2.32
C VAL B 27 81.17 -28.71 -2.55
N ALA B 28 81.63 -27.54 -2.99
CA ALA B 28 80.72 -26.44 -3.27
C ALA B 28 80.99 -25.84 -4.65
N TYR B 29 79.93 -25.42 -5.32
CA TYR B 29 80.06 -24.81 -6.63
C TYR B 29 78.86 -23.93 -6.92
N VAL B 30 78.86 -23.32 -8.10
CA VAL B 30 77.81 -22.37 -8.46
C VAL B 30 77.01 -22.90 -9.65
N LEU B 31 75.72 -23.15 -9.45
CA LEU B 31 74.81 -23.53 -10.52
C LEU B 31 74.15 -22.29 -11.10
N THR B 32 74.37 -22.03 -12.39
CA THR B 32 73.84 -20.83 -13.03
C THR B 32 72.89 -21.16 -14.20
N LYS B 33 71.74 -20.50 -14.22
CA LYS B 33 70.80 -20.66 -15.32
C LYS B 33 70.60 -19.32 -16.01
N ALA B 34 70.37 -19.33 -17.32
CA ALA B 34 70.04 -18.10 -18.02
C ALA B 34 68.52 -18.04 -18.17
N ASN B 35 67.91 -17.07 -17.50
CA ASN B 35 66.47 -16.92 -17.52
C ASN B 35 66.08 -15.92 -18.59
N LEU B 36 65.41 -16.39 -19.63
CA LEU B 36 65.08 -15.54 -20.76
C LEU B 36 63.89 -14.63 -20.43
N GLU B 37 63.01 -15.11 -19.55
CA GLU B 37 61.79 -14.38 -19.22
C GLU B 37 62.08 -13.13 -18.41
N SER B 38 62.93 -13.28 -17.40
CA SER B 38 63.33 -12.17 -16.56
C SER B 38 64.53 -11.44 -17.13
N ASN B 39 65.15 -12.05 -18.14
CA ASN B 39 66.40 -11.55 -18.72
C ASN B 39 67.48 -11.34 -17.67
N LYS B 40 67.54 -12.24 -16.70
CA LYS B 40 68.58 -12.20 -15.69
C LYS B 40 69.29 -13.56 -15.59
N TYR B 41 70.50 -13.55 -15.04
CA TYR B 41 71.19 -14.80 -14.74
C TYR B 41 70.89 -15.16 -13.30
N GLU B 42 70.53 -16.42 -13.08
CA GLU B 42 70.22 -16.91 -11.75
C GLU B 42 71.37 -17.74 -11.20
N ASN B 43 71.82 -17.42 -10.00
CA ASN B 43 72.94 -18.12 -9.38
C ASN B 43 72.55 -18.84 -8.10
N THR B 44 72.90 -20.11 -8.01
CA THR B 44 72.57 -20.91 -6.86
C THR B 44 73.79 -21.71 -6.42
N ILE B 45 74.20 -21.52 -5.16
CA ILE B 45 75.31 -22.28 -4.62
C ILE B 45 74.82 -23.67 -4.24
N VAL B 46 75.49 -24.69 -4.74
CA VAL B 46 75.20 -26.07 -4.37
C VAL B 46 76.34 -26.65 -3.54
N ILE B 47 75.97 -27.28 -2.43
CA ILE B 47 76.95 -27.92 -1.55
C ILE B 47 76.62 -29.41 -1.44
N GLU B 48 77.53 -30.25 -1.91
CA GLU B 48 77.32 -31.70 -1.88
C GLU B 48 78.21 -32.39 -0.86
N ASN B 49 77.64 -33.35 -0.15
CA ASN B 49 78.40 -34.19 0.76
C ASN B 49 78.84 -35.43 0.02
N LEU B 50 80.14 -35.62 -0.11
CA LEU B 50 80.67 -36.69 -0.96
C LEU B 50 80.30 -38.11 -0.49
N GLU B 51 79.92 -38.91 -1.47
CA GLU B 51 79.56 -40.32 -1.30
C GLU B 51 78.12 -40.65 -0.83
N ASP B 52 77.37 -39.68 -0.33
CA ASP B 52 75.91 -39.83 -0.30
C ASP B 52 75.18 -39.09 -1.41
N GLY B 53 75.92 -38.33 -2.21
CA GLY B 53 75.34 -37.54 -3.28
C GLY B 53 74.26 -36.57 -2.83
N SER B 54 74.27 -36.19 -1.55
CA SER B 54 73.28 -35.24 -1.03
C SER B 54 73.67 -33.78 -1.32
N ARG B 55 72.66 -32.94 -1.53
CA ARG B 55 72.88 -31.52 -1.83
C ARG B 55 72.13 -30.60 -0.87
N LYS B 56 72.75 -29.49 -0.49
CA LYS B 56 72.03 -28.38 0.13
C LYS B 56 72.26 -27.09 -0.69
N PHE B 57 71.45 -26.06 -0.46
CA PHE B 57 71.53 -24.87 -1.33
C PHE B 57 71.68 -23.53 -0.60
N ILE B 58 72.39 -22.61 -1.24
CA ILE B 58 72.30 -21.20 -0.86
C ILE B 58 71.83 -20.40 -2.07
N GLU B 59 70.61 -19.86 -1.99
CA GLU B 59 69.95 -19.29 -3.15
C GLU B 59 70.37 -17.85 -3.45
N ASP B 60 70.50 -17.54 -4.75
CA ASP B 60 70.78 -16.19 -5.21
C ASP B 60 72.12 -15.64 -4.75
N ALA B 61 73.15 -16.48 -4.80
CA ALA B 61 74.45 -16.11 -4.28
C ALA B 61 75.56 -16.70 -5.13
N SER B 62 76.77 -16.21 -4.94
CA SER B 62 77.94 -16.79 -5.61
C SER B 62 79.22 -16.59 -4.79
N MET B 63 80.35 -16.92 -5.40
CA MET B 63 81.64 -16.84 -4.73
C MET B 63 81.67 -17.61 -3.40
N PRO B 64 81.27 -18.89 -3.44
CA PRO B 64 81.30 -19.71 -2.24
C PRO B 64 82.72 -19.95 -1.73
N ARG B 65 82.89 -19.72 -0.44
CA ARG B 65 84.18 -19.93 0.19
C ARG B 65 84.00 -20.75 1.46
N ILE B 66 84.60 -21.93 1.49
CA ILE B 66 84.52 -22.78 2.66
C ILE B 66 85.68 -22.47 3.58
N SER B 67 85.34 -22.13 4.82
CA SER B 67 86.36 -21.82 5.80
C SER B 67 87.30 -23.02 5.94
N PRO B 68 88.56 -22.76 6.29
CA PRO B 68 89.57 -23.80 6.45
C PRO B 68 89.12 -24.95 7.33
N ASP B 69 88.40 -24.65 8.41
CA ASP B 69 88.03 -25.69 9.36
C ASP B 69 86.80 -26.44 8.91
N GLY B 70 86.21 -26.02 7.79
CA GLY B 70 85.05 -26.69 7.23
C GLY B 70 83.78 -26.49 8.05
N LYS B 71 83.84 -25.62 9.05
CA LYS B 71 82.67 -25.34 9.88
C LYS B 71 81.67 -24.39 9.20
N LYS B 72 82.18 -23.32 8.61
CA LYS B 72 81.32 -22.30 8.02
C LYS B 72 81.66 -21.98 6.55
N ILE B 73 80.73 -21.32 5.86
CA ILE B 73 80.92 -20.94 4.47
C ILE B 73 80.58 -19.48 4.24
N ALA B 74 81.46 -18.75 3.56
CA ALA B 74 81.23 -17.36 3.21
C ALA B 74 80.79 -17.22 1.75
N PHE B 75 79.94 -16.24 1.46
CA PHE B 75 79.49 -16.00 0.09
C PHE B 75 78.98 -14.57 -0.14
N MET B 76 78.61 -14.27 -1.38
CA MET B 76 78.17 -12.92 -1.74
C MET B 76 76.82 -12.91 -2.42
N ARG B 77 75.93 -12.04 -1.98
CA ARG B 77 74.71 -11.77 -2.70
C ARG B 77 74.83 -10.40 -3.37
N PHE B 78 74.65 -10.37 -4.68
CA PHE B 78 74.81 -9.14 -5.44
C PHE B 78 73.48 -8.41 -5.64
N ASN B 79 72.42 -8.95 -5.02
CA ASN B 79 71.08 -8.36 -5.03
C ASN B 79 71.04 -6.85 -4.78
N LYS B 83 72.90 -1.35 -6.81
CA LYS B 83 74.14 -2.09 -6.97
C LYS B 83 74.91 -2.24 -5.67
N THR B 84 74.45 -3.14 -4.82
CA THR B 84 75.05 -3.37 -3.50
C THR B 84 75.33 -4.85 -3.27
N ALA B 85 76.59 -5.20 -3.08
CA ALA B 85 76.96 -6.58 -2.81
C ALA B 85 77.27 -6.80 -1.32
N GLN B 86 76.69 -7.83 -0.73
CA GLN B 86 76.90 -8.09 0.68
C GLN B 86 77.62 -9.41 0.92
N ILE B 87 78.60 -9.40 1.81
CA ILE B 87 79.24 -10.64 2.22
C ILE B 87 78.43 -11.29 3.34
N TRP B 88 78.17 -12.59 3.19
CA TRP B 88 77.49 -13.35 4.22
C TRP B 88 78.43 -14.42 4.76
N VAL B 89 78.13 -14.89 5.96
CA VAL B 89 78.74 -16.10 6.49
C VAL B 89 77.63 -16.99 7.02
N ALA B 90 77.58 -18.23 6.54
CA ALA B 90 76.60 -19.19 7.06
C ALA B 90 77.35 -20.39 7.65
N ASP B 91 76.74 -21.02 8.64
CA ASP B 91 77.31 -22.24 9.20
C ASP B 91 76.89 -23.41 8.32
N LEU B 92 77.85 -24.27 8.01
CA LEU B 92 77.64 -25.39 7.09
C LEU B 92 76.64 -26.45 7.56
N LYS B 93 76.52 -26.67 8.87
CA LYS B 93 75.61 -27.70 9.35
C LYS B 93 74.13 -27.37 9.08
N THR B 94 73.66 -26.22 9.55
CA THR B 94 72.26 -25.82 9.31
C THR B 94 72.06 -24.86 8.14
N LEU B 95 73.15 -24.38 7.55
CA LEU B 95 73.11 -23.33 6.53
C LEU B 95 72.41 -22.03 6.97
N SER B 96 72.39 -21.75 8.27
CA SER B 96 71.83 -20.48 8.76
C SER B 96 72.92 -19.40 8.64
N ALA B 97 72.52 -18.17 8.32
CA ALA B 97 73.49 -17.16 7.88
C ALA B 97 73.34 -15.77 8.51
N LYS B 98 74.44 -15.02 8.55
CA LYS B 98 74.40 -13.61 8.94
C LYS B 98 75.19 -12.73 7.97
N LYS B 99 74.71 -11.51 7.77
CA LYS B 99 75.38 -10.59 6.85
C LYS B 99 76.54 -9.96 7.59
N VAL B 100 77.75 -10.21 7.10
CA VAL B 100 78.95 -9.66 7.73
C VAL B 100 79.30 -8.23 7.34
N LEU B 101 79.22 -7.94 6.04
CA LEU B 101 79.63 -6.65 5.51
C LEU B 101 78.89 -6.30 4.23
N GLU B 102 78.55 -5.01 4.07
CA GLU B 102 77.96 -4.54 2.81
C GLU B 102 79.07 -4.00 1.93
N ALA B 103 79.33 -4.66 0.81
CA ALA B 103 80.51 -4.34 0.03
C ALA B 103 80.26 -3.97 -1.44
N LYS B 104 80.54 -2.72 -1.78
CA LYS B 104 80.62 -2.32 -3.18
C LYS B 104 82.09 -2.38 -3.61
N ASN B 105 82.31 -2.78 -4.85
CA ASN B 105 83.65 -2.83 -5.43
C ASN B 105 84.56 -3.88 -4.77
N ILE B 106 83.99 -5.02 -4.42
CA ILE B 106 84.78 -6.14 -3.92
C ILE B 106 84.84 -7.21 -4.99
N ARG B 107 86.02 -7.41 -5.55
CA ARG B 107 86.20 -8.45 -6.57
C ARG B 107 86.66 -9.80 -6.03
N SER B 108 87.07 -9.84 -4.77
CA SER B 108 87.64 -11.07 -4.20
C SER B 108 87.45 -11.22 -2.69
N ILE B 109 87.24 -12.46 -2.23
CA ILE B 109 87.32 -12.79 -0.80
C ILE B 109 87.98 -14.16 -0.56
N GLU B 110 88.92 -14.20 0.37
CA GLU B 110 89.66 -15.41 0.70
C GLU B 110 89.78 -15.58 2.21
N TRP B 111 89.56 -16.79 2.71
CA TRP B 111 89.70 -17.09 4.14
C TRP B 111 91.15 -17.09 4.61
N ASN B 112 91.40 -16.48 5.76
CA ASN B 112 92.65 -16.66 6.48
C ASN B 112 92.67 -18.05 7.10
N GLN B 113 93.85 -18.54 7.48
CA GLN B 113 93.97 -19.84 8.14
C GLN B 113 93.06 -19.98 9.37
N ASP B 114 92.89 -18.90 10.14
CA ASP B 114 92.10 -18.96 11.37
C ASP B 114 90.61 -19.23 11.18
N SER B 115 90.15 -19.22 9.93
CA SER B 115 88.74 -19.42 9.63
C SER B 115 87.92 -18.34 10.32
N ARG B 116 88.58 -17.22 10.62
CA ARG B 116 87.95 -16.08 11.26
C ARG B 116 88.03 -14.85 10.36
N ARG B 117 89.23 -14.41 10.05
CA ARG B 117 89.40 -13.25 9.16
C ARG B 117 89.19 -13.57 7.68
N LEU B 118 88.83 -12.53 6.93
CA LEU B 118 88.73 -12.61 5.48
C LEU B 118 89.57 -11.52 4.87
N LEU B 119 90.19 -11.83 3.74
CA LEU B 119 90.92 -10.85 2.97
C LEU B 119 90.09 -10.45 1.77
N ALA B 120 89.71 -9.18 1.71
CA ALA B 120 88.88 -8.69 0.62
C ALA B 120 89.68 -7.75 -0.26
N VAL B 121 89.80 -8.10 -1.54
CA VAL B 121 90.43 -7.23 -2.51
C VAL B 121 89.37 -6.54 -3.37
N GLY B 122 89.57 -5.26 -3.67
CA GLY B 122 88.59 -4.46 -4.35
C GLY B 122 89.21 -3.19 -4.93
N PHE B 123 88.39 -2.23 -5.33
CA PHE B 123 88.92 -1.00 -5.89
C PHE B 123 88.20 0.23 -5.37
N LYS B 124 88.84 1.39 -5.54
CA LYS B 124 88.16 2.66 -5.28
C LYS B 124 88.46 3.70 -6.38
N ARG B 125 87.41 4.40 -6.81
CA ARG B 125 87.58 5.41 -7.84
C ARG B 125 87.03 6.76 -7.38
N ARG B 126 87.19 7.77 -8.23
CA ARG B 126 86.80 9.14 -7.91
C ARG B 126 85.28 9.29 -7.85
N GLU B 127 84.59 8.64 -8.78
CA GLU B 127 83.14 8.50 -8.73
C GLU B 127 82.32 9.79 -8.86
N ASP B 128 82.86 10.81 -9.52
CA ASP B 128 82.04 11.99 -9.81
C ASP B 128 80.87 11.60 -10.70
N GLU B 129 79.72 12.19 -10.45
CA GLU B 129 78.50 11.81 -11.16
C GLU B 129 78.55 12.15 -12.66
N ASP B 130 79.01 13.36 -12.95
CA ASP B 130 79.07 13.89 -14.31
C ASP B 130 80.27 13.52 -15.20
N PHE B 131 81.44 13.37 -14.59
CA PHE B 131 82.64 13.10 -15.38
C PHE B 131 83.64 12.15 -14.76
N ILE B 132 84.43 11.53 -15.64
CA ILE B 132 85.50 10.64 -15.28
C ILE B 132 86.79 11.43 -15.42
N PHE B 133 87.76 11.20 -14.55
CA PHE B 133 89.05 11.89 -14.67
C PHE B 133 90.19 10.89 -14.58
N GLU B 134 91.09 10.93 -15.54
CA GLU B 134 92.20 9.97 -15.57
C GLU B 134 93.57 10.63 -15.65
N ASP B 135 94.42 10.41 -14.63
CA ASP B 135 95.83 10.81 -14.73
C ASP B 135 96.86 9.71 -15.10
N ASP B 136 96.39 8.47 -15.27
CA ASP B 136 97.27 7.32 -15.49
C ASP B 136 96.81 6.59 -16.74
N VAL B 137 97.37 5.42 -17.02
CA VAL B 137 96.90 4.61 -18.15
C VAL B 137 96.61 3.18 -17.72
N PRO B 138 95.71 2.49 -18.45
CA PRO B 138 94.92 3.07 -19.54
C PRO B 138 93.71 3.76 -18.94
N ALA B 139 92.86 4.36 -19.76
CA ALA B 139 91.70 5.07 -19.23
C ALA B 139 90.56 4.11 -18.90
N TRP B 140 90.61 2.92 -19.46
CA TRP B 140 89.55 1.94 -19.24
C TRP B 140 90.08 0.52 -19.45
N PHE B 141 89.33 -0.46 -18.97
CA PHE B 141 89.69 -1.85 -19.18
C PHE B 141 88.44 -2.68 -19.40
N ASP B 142 88.48 -3.57 -20.38
CA ASP B 142 87.31 -4.35 -20.77
C ASP B 142 86.67 -5.09 -19.60
N ASN B 143 85.36 -4.89 -19.47
CA ASN B 143 84.58 -5.52 -18.41
C ASN B 143 84.75 -4.85 -17.04
N MET B 144 85.77 -3.99 -16.90
CA MET B 144 85.88 -3.22 -15.66
C MET B 144 85.33 -1.77 -15.72
N GLY B 145 84.90 -1.32 -16.90
CA GLY B 145 84.49 0.06 -17.08
C GLY B 145 85.65 1.04 -17.22
N PHE B 146 85.36 2.33 -17.09
CA PHE B 146 86.41 3.35 -17.07
C PHE B 146 87.13 3.26 -15.73
N PHE B 147 88.44 3.45 -15.72
CA PHE B 147 89.20 3.33 -14.47
C PHE B 147 88.90 4.46 -13.49
N ASP B 148 88.83 5.69 -14.00
CA ASP B 148 88.42 6.81 -13.18
C ASP B 148 89.32 6.95 -11.95
N GLY B 149 90.62 6.74 -12.16
CA GLY B 149 91.62 6.93 -11.13
C GLY B 149 91.70 5.79 -10.13
N GLU B 150 91.27 4.62 -10.58
CA GLU B 150 91.11 3.46 -9.71
C GLU B 150 92.37 3.13 -8.93
N LYS B 151 92.18 2.72 -7.67
CA LYS B 151 93.25 2.18 -6.84
C LYS B 151 92.77 0.86 -6.28
N THR B 152 93.69 -0.09 -6.12
CA THR B 152 93.31 -1.37 -5.51
C THR B 152 93.18 -1.17 -4.00
N THR B 153 92.12 -1.71 -3.41
CA THR B 153 91.95 -1.65 -1.96
C THR B 153 92.04 -3.03 -1.35
N PHE B 154 92.58 -3.10 -0.14
CA PHE B 154 92.68 -4.34 0.60
C PHE B 154 92.01 -4.21 1.96
N TRP B 155 91.14 -5.15 2.30
CA TRP B 155 90.45 -5.14 3.58
CA TRP B 155 90.44 -5.13 3.57
C TRP B 155 90.66 -6.46 4.29
N VAL B 156 90.87 -6.38 5.60
CA VAL B 156 90.93 -7.57 6.43
C VAL B 156 89.67 -7.55 7.28
N ILE B 157 88.83 -8.58 7.12
CA ILE B 157 87.51 -8.57 7.72
C ILE B 157 87.39 -9.61 8.82
N ASP B 158 86.91 -9.19 9.99
CA ASP B 158 86.58 -10.14 11.06
C ASP B 158 85.13 -10.58 10.91
N THR B 159 84.92 -11.87 10.68
CA THR B 159 83.55 -12.35 10.45
C THR B 159 82.74 -12.46 11.74
N GLU B 160 83.42 -12.37 12.89
CA GLU B 160 82.74 -12.41 14.18
C GLU B 160 82.24 -11.03 14.60
N GLY B 161 83.17 -10.11 14.79
CA GLY B 161 82.82 -8.72 15.01
C GLY B 161 82.25 -8.05 13.77
N GLU B 162 82.49 -8.62 12.59
CA GLU B 162 82.03 -8.02 11.34
C GLU B 162 82.54 -6.58 11.17
N GLU B 163 83.86 -6.42 11.26
CA GLU B 163 84.46 -5.10 11.10
C GLU B 163 85.72 -5.20 10.26
N VAL B 164 86.13 -4.08 9.67
CA VAL B 164 87.35 -4.07 8.89
C VAL B 164 88.43 -3.65 9.86
N ILE B 165 89.28 -4.61 10.19
CA ILE B 165 90.37 -4.42 11.13
C ILE B 165 91.62 -3.81 10.52
N GLU B 166 91.87 -4.13 9.25
CA GLU B 166 93.03 -3.63 8.53
C GLU B 166 92.62 -3.26 7.12
N GLN B 167 93.10 -2.11 6.65
CA GLN B 167 92.91 -1.73 5.26
C GLN B 167 94.08 -0.90 4.76
N PHE B 168 94.40 -1.07 3.48
CA PHE B 168 95.38 -0.22 2.82
C PHE B 168 95.11 -0.25 1.33
N GLU B 169 95.87 0.54 0.57
CA GLU B 169 95.68 0.56 -0.88
C GLU B 169 96.98 0.48 -1.66
N LYS B 170 96.86 0.02 -2.91
CA LYS B 170 98.01 -0.07 -3.80
C LYS B 170 97.61 0.44 -5.17
N PRO B 171 98.56 0.47 -6.11
CA PRO B 171 98.22 0.95 -7.45
C PRO B 171 97.23 0.04 -8.14
N ARG B 172 96.64 0.57 -9.20
CA ARG B 172 95.67 -0.11 -10.04
C ARG B 172 96.17 -1.47 -10.54
N PHE B 173 95.30 -2.47 -10.51
CA PHE B 173 95.65 -3.84 -10.89
C PHE B 173 96.63 -4.54 -9.96
N SER B 174 96.65 -4.13 -8.70
CA SER B 174 97.37 -4.89 -7.69
C SER B 174 96.54 -6.06 -7.24
N SER B 175 97.19 -7.10 -6.73
CA SER B 175 96.49 -8.25 -6.18
C SER B 175 97.13 -8.69 -4.88
N GLY B 176 96.42 -9.51 -4.12
CA GLY B 176 96.94 -9.99 -2.85
C GLY B 176 96.37 -11.34 -2.43
N ILE B 177 97.12 -12.06 -1.60
CA ILE B 177 96.71 -13.37 -1.14
C ILE B 177 97.24 -13.64 0.26
N TRP B 178 96.51 -14.48 1.00
CA TRP B 178 96.93 -14.85 2.34
C TRP B 178 98.18 -15.69 2.26
N HIS B 179 99.22 -15.26 2.96
CA HIS B 179 100.32 -16.16 3.27
C HIS B 179 100.45 -16.21 4.78
N GLY B 180 100.07 -17.34 5.38
CA GLY B 180 100.06 -17.42 6.83
C GLY B 180 99.26 -16.26 7.40
N ASP B 181 99.88 -15.52 8.31
CA ASP B 181 99.27 -14.32 8.86
C ASP B 181 99.70 -13.08 8.09
N SER B 182 100.46 -13.28 7.02
CA SER B 182 100.91 -12.18 6.20
C SER B 182 100.07 -12.03 4.93
N ILE B 183 100.39 -11.02 4.13
CA ILE B 183 99.74 -10.86 2.82
C ILE B 183 100.77 -10.68 1.72
N VAL B 184 100.68 -11.50 0.69
CA VAL B 184 101.56 -11.35 -0.46
C VAL B 184 100.91 -10.40 -1.46
N VAL B 185 101.56 -9.26 -1.71
CA VAL B 185 100.99 -8.24 -2.59
C VAL B 185 101.78 -8.05 -3.88
N SER B 186 101.14 -8.38 -4.99
CA SER B 186 101.76 -8.27 -6.30
C SER B 186 101.30 -6.98 -6.98
N VAL B 187 102.24 -6.10 -7.29
CA VAL B 187 101.91 -4.81 -7.85
C VAL B 187 102.58 -4.64 -9.20
N PRO B 188 101.88 -4.04 -10.16
CA PRO B 188 102.50 -3.79 -11.46
C PRO B 188 103.70 -2.89 -11.27
N HIS B 189 104.80 -3.20 -11.93
CA HIS B 189 105.99 -2.38 -11.82
C HIS B 189 105.88 -1.18 -12.74
N ARG B 190 106.26 -0.01 -12.25
CA ARG B 190 106.16 1.20 -13.06
C ARG B 190 107.50 1.70 -13.59
N ASP B 191 107.59 1.89 -14.91
CA ASP B 191 108.73 2.63 -15.47
C ASP B 191 108.26 4.03 -15.87
N VAL B 192 107.58 4.08 -17.01
CA VAL B 192 107.03 5.30 -17.57
C VAL B 192 105.54 5.20 -17.34
N ILE B 193 104.97 4.16 -17.96
CA ILE B 193 103.63 3.74 -17.64
C ILE B 193 103.78 2.36 -17.02
N PRO B 194 102.82 1.94 -16.18
CA PRO B 194 102.89 0.62 -15.55
C PRO B 194 103.13 -0.47 -16.58
N ARG B 195 103.91 -1.49 -16.24
CA ARG B 195 104.08 -2.59 -17.18
C ARG B 195 103.18 -3.70 -16.73
N TYR B 196 102.07 -3.89 -17.46
CA TYR B 196 101.05 -4.82 -17.03
C TYR B 196 101.31 -6.15 -17.73
N PHE B 197 101.22 -7.23 -16.98
CA PHE B 197 101.41 -8.58 -17.51
C PHE B 197 102.87 -8.85 -17.87
N LYS B 198 103.70 -7.82 -17.74
CA LYS B 198 105.13 -7.92 -18.04
C LYS B 198 105.95 -8.01 -16.76
N TYR B 199 105.91 -6.95 -15.95
CA TYR B 199 106.69 -6.91 -14.71
C TYR B 199 105.86 -6.60 -13.46
N TRP B 200 106.30 -7.14 -12.34
CA TRP B 200 105.67 -6.90 -11.05
C TRP B 200 106.72 -6.63 -9.99
N ASP B 201 106.33 -5.93 -8.93
CA ASP B 201 107.08 -5.95 -7.71
C ASP B 201 106.20 -6.72 -6.73
N ILE B 202 106.81 -7.55 -5.89
CA ILE B 202 106.05 -8.35 -4.94
C ILE B 202 106.46 -8.05 -3.51
N TYR B 203 105.47 -7.74 -2.67
CA TYR B 203 105.72 -7.38 -1.27
C TYR B 203 105.07 -8.35 -0.31
N LEU B 204 105.67 -8.49 0.86
CA LEU B 204 105.07 -9.23 1.97
C LEU B 204 104.56 -8.20 2.98
N TRP B 205 103.27 -8.27 3.32
CA TRP B 205 102.63 -7.24 4.10
C TRP B 205 102.12 -7.77 5.43
N LYS B 206 102.48 -7.12 6.54
CA LYS B 206 101.92 -7.45 7.85
C LYS B 206 101.74 -6.21 8.74
N ASP B 207 100.59 -6.10 9.38
CA ASP B 207 100.37 -5.11 10.43
C ASP B 207 100.88 -3.72 10.08
N GLY B 208 100.60 -3.26 8.87
CA GLY B 208 100.97 -1.92 8.48
C GLY B 208 102.37 -1.77 7.91
N GLU B 209 103.13 -2.86 7.86
CA GLU B 209 104.48 -2.81 7.30
C GLU B 209 104.67 -3.83 6.17
N GLU B 210 105.67 -3.61 5.32
CA GLU B 210 105.92 -4.51 4.20
C GLU B 210 107.41 -4.70 3.90
N GLU B 211 107.77 -5.92 3.51
CA GLU B 211 109.11 -6.20 3.00
C GLU B 211 108.99 -6.58 1.52
N LYS B 212 109.89 -6.05 0.70
CA LYS B 212 109.87 -6.33 -0.74
C LYS B 212 110.53 -7.69 -1.00
N LEU B 213 109.76 -8.63 -1.57
CA LEU B 213 110.28 -9.94 -1.93
C LEU B 213 110.99 -9.97 -3.27
N PHE B 214 110.43 -9.25 -4.24
CA PHE B 214 110.93 -9.26 -5.61
C PHE B 214 110.74 -7.90 -6.27
N GLU B 215 111.72 -7.50 -7.08
CA GLU B 215 111.59 -6.30 -7.88
C GLU B 215 111.65 -6.62 -9.36
N LYS B 216 110.75 -6.01 -10.13
CA LYS B 216 110.75 -6.12 -11.58
C LYS B 216 110.80 -7.55 -12.10
N VAL B 217 109.87 -8.39 -11.66
CA VAL B 217 109.84 -9.78 -12.11
C VAL B 217 108.62 -10.08 -12.94
N SER B 218 108.74 -11.09 -13.80
CA SER B 218 107.71 -11.47 -14.75
C SER B 218 106.70 -12.48 -14.20
N PHE B 219 106.76 -12.75 -12.90
CA PHE B 219 105.69 -13.51 -12.26
C PHE B 219 105.05 -12.76 -11.07
N TYR B 220 103.87 -13.23 -10.68
CA TYR B 220 103.18 -12.71 -9.50
C TYR B 220 102.64 -13.87 -8.66
N ALA B 221 102.17 -13.59 -7.44
CA ALA B 221 101.86 -14.67 -6.51
C ALA B 221 100.40 -15.08 -6.57
N ILE B 222 100.14 -16.27 -7.09
CA ILE B 222 98.76 -16.77 -7.17
C ILE B 222 98.23 -17.65 -6.04
N ASP B 223 99.10 -18.19 -5.19
CA ASP B 223 98.64 -19.10 -4.13
C ASP B 223 99.61 -19.32 -2.98
N SER B 224 99.11 -19.84 -1.86
CA SER B 224 99.97 -20.21 -0.74
C SER B 224 99.40 -21.39 0.05
N ASP B 225 100.30 -22.27 0.52
CA ASP B 225 99.97 -23.25 1.55
C ASP B 225 100.46 -22.76 2.93
N GLY B 226 101.02 -21.55 2.91
CA GLY B 226 101.48 -20.86 4.11
C GLY B 226 102.93 -21.13 4.47
N GLU B 227 103.46 -22.27 4.03
CA GLU B 227 104.90 -22.51 4.01
C GLU B 227 105.56 -21.92 2.76
N ARG B 228 104.91 -22.11 1.62
CA ARG B 228 105.45 -21.72 0.33
C ARG B 228 104.50 -20.80 -0.47
N ILE B 229 105.07 -20.04 -1.40
CA ILE B 229 104.30 -19.14 -2.24
C ILE B 229 104.42 -19.57 -3.70
N LEU B 230 103.27 -19.76 -4.36
CA LEU B 230 103.27 -20.22 -5.73
C LEU B 230 103.31 -19.04 -6.71
N LEU B 231 104.34 -19.00 -7.56
CA LEU B 231 104.51 -17.88 -8.48
C LEU B 231 104.09 -18.27 -9.89
N TYR B 232 103.40 -17.37 -10.58
CA TYR B 232 102.89 -17.65 -11.92
C TYR B 232 103.45 -16.68 -12.93
N GLY B 233 104.25 -17.21 -13.85
CA GLY B 233 104.96 -16.35 -14.77
C GLY B 233 106.28 -16.98 -15.13
N LYS B 234 107.21 -16.12 -15.54
CA LYS B 234 108.62 -16.44 -15.58
C LYS B 234 109.35 -15.43 -14.72
N PRO B 235 110.59 -15.74 -14.28
CA PRO B 235 111.39 -14.75 -13.56
C PRO B 235 111.67 -13.50 -14.40
N GLU B 236 111.82 -13.67 -15.72
CA GLU B 236 111.86 -12.56 -16.64
C GLU B 236 111.33 -12.95 -18.02
N LYS B 237 110.61 -12.03 -18.65
CA LYS B 237 110.03 -12.30 -19.96
C LYS B 237 110.49 -11.26 -20.99
N LYS B 238 110.98 -11.73 -22.13
CA LYS B 238 111.28 -10.82 -23.25
C LYS B 238 109.96 -10.46 -23.91
N TYR B 239 109.08 -11.44 -23.99
CA TYR B 239 107.78 -11.27 -24.62
C TYR B 239 106.68 -11.79 -23.69
N VAL B 240 105.69 -10.96 -23.40
CA VAL B 240 104.57 -11.40 -22.56
C VAL B 240 103.90 -12.61 -23.19
N SER B 241 104.12 -12.79 -24.49
CA SER B 241 103.53 -13.90 -25.23
C SER B 241 104.13 -15.24 -24.83
N GLU B 242 105.25 -15.21 -24.11
CA GLU B 242 105.91 -16.45 -23.70
C GLU B 242 105.00 -17.29 -22.79
N HIS B 243 105.17 -18.61 -22.85
CA HIS B 243 104.42 -19.52 -22.00
C HIS B 243 104.60 -19.17 -20.53
N ASP B 244 103.50 -19.09 -19.80
CA ASP B 244 103.58 -18.84 -18.37
C ASP B 244 103.86 -20.15 -17.64
N LYS B 245 104.72 -20.08 -16.63
CA LYS B 245 105.03 -21.24 -15.82
C LYS B 245 104.68 -21.00 -14.36
N ILE B 246 104.91 -21.99 -13.51
CA ILE B 246 104.65 -21.88 -12.09
C ILE B 246 105.90 -22.22 -11.29
N TYR B 247 106.13 -21.52 -10.20
CA TYR B 247 107.31 -21.74 -9.36
C TYR B 247 106.94 -21.87 -7.90
N ILE B 248 107.75 -22.58 -7.13
CA ILE B 248 107.58 -22.68 -5.68
C ILE B 248 108.61 -21.81 -4.99
N TYR B 249 108.16 -20.87 -4.16
CA TYR B 249 109.09 -20.02 -3.42
C TYR B 249 109.04 -20.26 -1.92
N ASP B 250 110.06 -20.91 -1.39
CA ASP B 250 110.28 -21.02 0.05
C ASP B 250 111.28 -19.98 0.56
N GLY B 251 111.67 -19.06 -0.31
CA GLY B 251 112.82 -18.20 -0.09
C GLY B 251 113.93 -18.58 -1.04
N GLU B 252 113.71 -19.69 -1.74
CA GLU B 252 114.48 -20.03 -2.93
C GLU B 252 113.48 -20.35 -4.03
N VAL B 253 113.60 -19.70 -5.18
CA VAL B 253 112.66 -19.91 -6.28
C VAL B 253 113.04 -21.16 -7.07
N LYS B 254 112.13 -22.13 -7.13
CA LYS B 254 112.40 -23.36 -7.87
C LYS B 254 111.29 -23.66 -8.87
N GLY B 255 111.62 -23.58 -10.15
CA GLY B 255 110.68 -23.94 -11.20
C GLY B 255 110.41 -25.43 -11.19
N ILE B 256 109.14 -25.82 -11.08
CA ILE B 256 108.83 -27.24 -11.15
C ILE B 256 108.52 -27.68 -12.58
N LEU B 257 108.31 -26.70 -13.45
CA LEU B 257 107.94 -26.98 -14.85
C LEU B 257 109.05 -26.91 -15.90
N ASP B 258 110.29 -26.68 -15.49
CA ASP B 258 111.38 -26.37 -16.42
C ASP B 258 111.54 -27.35 -17.59
N ASP B 259 111.17 -28.60 -17.39
CA ASP B 259 111.38 -29.62 -18.40
C ASP B 259 110.26 -29.70 -19.44
N ILE B 260 109.23 -28.86 -19.29
CA ILE B 260 108.05 -28.90 -20.15
C ILE B 260 107.80 -27.58 -20.89
N ASP B 261 107.62 -27.61 -22.21
CA ASP B 261 107.24 -26.38 -22.88
C ASP B 261 105.75 -26.43 -23.16
N ARG B 262 104.98 -25.75 -22.32
CA ARG B 262 103.53 -25.56 -22.43
C ARG B 262 103.17 -24.40 -21.52
N GLU B 263 102.02 -23.77 -21.73
CA GLU B 263 101.59 -22.74 -20.79
C GLU B 263 100.69 -23.33 -19.70
N VAL B 264 100.87 -22.84 -18.48
CA VAL B 264 100.03 -23.24 -17.35
C VAL B 264 98.74 -22.41 -17.37
N ALA B 265 97.61 -23.10 -17.43
CA ALA B 265 96.32 -22.43 -17.44
C ALA B 265 95.92 -21.90 -16.07
N GLN B 266 95.97 -22.77 -15.06
CA GLN B 266 95.53 -22.45 -13.71
C GLN B 266 96.31 -23.31 -12.74
N ALA B 267 96.61 -22.79 -11.55
CA ALA B 267 97.40 -23.55 -10.59
C ALA B 267 97.07 -23.27 -9.12
N LYS B 268 97.07 -24.33 -8.30
CA LYS B 268 96.84 -24.20 -6.86
C LYS B 268 97.87 -25.03 -6.09
N ILE B 269 98.05 -24.72 -4.82
CA ILE B 269 99.00 -25.47 -3.99
C ILE B 269 98.43 -25.80 -2.62
N ARG B 270 98.40 -27.09 -2.30
CA ARG B 270 97.89 -27.53 -1.01
C ARG B 270 98.83 -28.54 -0.36
N ASN B 271 99.35 -28.18 0.80
CA ASN B 271 100.28 -29.03 1.54
C ASN B 271 101.40 -29.59 0.65
N GLY B 272 102.23 -28.70 0.13
CA GLY B 272 103.46 -29.06 -0.55
C GLY B 272 103.29 -29.55 -1.98
N LYS B 273 102.06 -29.90 -2.35
CA LYS B 273 101.77 -30.43 -3.68
C LYS B 273 101.07 -29.36 -4.50
N VAL B 274 101.32 -29.35 -5.81
CA VAL B 274 100.71 -28.36 -6.67
C VAL B 274 99.84 -28.98 -7.76
N TYR B 275 98.59 -28.57 -7.81
CA TYR B 275 97.67 -29.00 -8.85
C TYR B 275 97.61 -27.95 -9.94
N PHE B 276 97.78 -28.36 -11.20
CA PHE B 276 97.80 -27.39 -12.29
C PHE B 276 97.18 -27.91 -13.60
N THR B 277 96.87 -26.99 -14.52
CA THR B 277 96.38 -27.34 -15.83
C THR B 277 97.31 -26.82 -16.92
N LEU B 278 97.25 -27.44 -18.10
CA LEU B 278 98.10 -27.06 -19.20
C LEU B 278 97.33 -26.95 -20.52
N PHE B 279 97.80 -26.11 -21.41
CA PHE B 279 97.21 -26.04 -22.73
C PHE B 279 97.97 -26.99 -23.64
N GLU B 280 97.32 -28.08 -24.02
CA GLU B 280 97.96 -29.06 -24.90
C GLU B 280 97.10 -29.45 -26.08
N GLU B 281 97.53 -29.05 -27.27
CA GLU B 281 96.96 -29.55 -28.52
C GLU B 281 95.43 -29.57 -28.55
N GLY B 282 94.80 -28.52 -28.05
CA GLY B 282 93.34 -28.40 -28.08
C GLY B 282 92.67 -28.86 -26.80
N SER B 283 93.48 -29.29 -25.84
CA SER B 283 92.95 -29.73 -24.56
C SER B 283 93.49 -28.85 -23.46
N VAL B 284 92.77 -28.82 -22.33
CA VAL B 284 93.29 -28.28 -21.10
C VAL B 284 93.34 -29.43 -20.09
N ASN B 285 94.54 -29.81 -19.68
CA ASN B 285 94.72 -31.05 -18.94
C ASN B 285 95.19 -30.84 -17.51
N LEU B 286 94.65 -31.65 -16.59
CA LEU B 286 94.98 -31.53 -15.18
C LEU B 286 96.13 -32.44 -14.76
N TYR B 287 97.08 -31.87 -14.02
CA TYR B 287 98.27 -32.57 -13.58
C TYR B 287 98.53 -32.29 -12.12
N LEU B 288 99.35 -33.13 -11.50
CA LEU B 288 99.68 -32.97 -10.08
C LEU B 288 101.19 -33.04 -9.90
N TRP B 289 101.73 -32.17 -9.03
CA TRP B 289 103.15 -32.24 -8.71
C TRP B 289 103.37 -32.59 -7.23
N ASP B 290 103.85 -33.81 -6.99
CA ASP B 290 104.33 -34.27 -5.68
C ASP B 290 105.86 -34.17 -5.52
N GLY B 291 106.50 -33.54 -6.50
CA GLY B 291 107.94 -33.60 -6.70
C GLY B 291 108.29 -34.33 -7.98
N GLU B 292 107.31 -35.02 -8.55
CA GLU B 292 107.39 -35.48 -9.94
C GLU B 292 106.04 -35.14 -10.58
N VAL B 293 106.05 -34.81 -11.87
CA VAL B 293 104.81 -34.44 -12.54
C VAL B 293 104.01 -35.67 -12.96
N ARG B 294 102.77 -35.75 -12.48
CA ARG B 294 101.90 -36.87 -12.79
C ARG B 294 100.62 -36.36 -13.41
N GLU B 295 100.09 -37.14 -14.34
CA GLU B 295 98.88 -36.79 -15.07
C GLU B 295 97.64 -37.22 -14.29
N ILE B 296 96.73 -36.29 -14.07
CA ILE B 296 95.49 -36.61 -13.37
C ILE B 296 94.37 -36.83 -14.38
N ALA B 297 93.99 -35.77 -15.10
CA ALA B 297 92.98 -35.88 -16.15
C ALA B 297 93.50 -35.38 -17.49
N LYS B 298 93.62 -36.31 -18.44
CA LYS B 298 94.11 -36.04 -19.78
C LYS B 298 93.16 -36.66 -20.79
N GLY B 299 92.84 -35.91 -21.83
CA GLY B 299 91.90 -36.38 -22.85
C GLY B 299 91.52 -35.26 -23.77
N LYS B 300 90.44 -35.45 -24.56
CA LYS B 300 89.98 -34.33 -25.36
C LYS B 300 88.88 -33.66 -24.56
N HIS B 301 89.24 -32.50 -24.01
CA HIS B 301 88.39 -31.81 -23.05
C HIS B 301 89.13 -30.61 -22.47
N TRP B 302 88.39 -29.74 -21.77
CA TRP B 302 89.00 -28.67 -21.01
C TRP B 302 88.64 -28.80 -19.54
N ILE B 303 89.64 -28.64 -18.68
CA ILE B 303 89.38 -28.58 -17.26
C ILE B 303 89.22 -27.10 -16.91
N MET B 304 88.00 -26.70 -16.58
CA MET B 304 87.67 -25.29 -16.44
C MET B 304 87.95 -24.73 -15.04
N GLY B 305 88.18 -25.64 -14.10
CA GLY B 305 88.53 -25.26 -12.74
C GLY B 305 88.60 -26.49 -11.87
N PHE B 306 89.26 -26.36 -10.72
CA PHE B 306 89.49 -27.49 -9.82
C PHE B 306 89.78 -26.97 -8.41
N ASP B 307 89.64 -27.84 -7.42
CA ASP B 307 90.09 -27.54 -6.05
C ASP B 307 90.44 -28.87 -5.39
N ALA B 308 91.38 -28.83 -4.46
CA ALA B 308 91.73 -30.02 -3.70
C ALA B 308 92.02 -29.66 -2.25
N ASP B 309 91.43 -30.39 -1.30
CA ASP B 309 91.93 -30.31 0.07
C ASP B 309 92.29 -31.70 0.60
N GLU B 310 91.27 -32.47 0.98
CA GLU B 310 91.43 -33.89 1.22
C GLU B 310 91.03 -34.68 -0.02
N ARG B 311 90.42 -33.97 -0.97
CA ARG B 311 89.87 -34.60 -2.17
C ARG B 311 90.19 -33.68 -3.32
N LEU B 312 90.09 -34.19 -4.53
CA LEU B 312 90.36 -33.38 -5.70
C LEU B 312 89.14 -33.36 -6.61
N ILE B 313 88.55 -32.19 -6.79
CA ILE B 313 87.39 -32.07 -7.65
C ILE B 313 87.59 -31.01 -8.74
N TYR B 314 87.05 -31.27 -9.92
CA TYR B 314 87.25 -30.36 -11.04
C TYR B 314 86.10 -30.37 -12.02
N LEU B 315 85.93 -29.25 -12.72
CA LEU B 315 84.92 -29.18 -13.76
C LEU B 315 85.52 -29.57 -15.10
N LYS B 316 84.88 -30.54 -15.75
CA LYS B 316 85.33 -30.99 -17.06
C LYS B 316 84.27 -30.69 -18.13
N GLU B 317 84.69 -29.98 -19.16
CA GLU B 317 83.82 -29.62 -20.27
C GLU B 317 84.35 -30.26 -21.55
N THR B 318 83.44 -30.65 -22.46
CA THR B 318 83.86 -31.24 -23.73
C THR B 318 83.32 -30.46 -24.92
N ALA B 319 83.57 -30.96 -26.13
CA ALA B 319 83.08 -30.31 -27.33
C ALA B 319 81.58 -30.46 -27.43
N THR B 320 81.07 -31.61 -26.99
CA THR B 320 79.63 -31.86 -27.01
C THR B 320 78.88 -31.62 -25.70
N ARG B 321 79.58 -31.29 -24.62
CA ARG B 321 78.91 -31.09 -23.34
C ARG B 321 79.44 -29.91 -22.53
N PRO B 322 78.53 -29.19 -21.86
CA PRO B 322 78.89 -28.16 -20.89
C PRO B 322 79.46 -28.80 -19.64
N ALA B 323 80.34 -28.06 -18.96
CA ALA B 323 81.10 -28.59 -17.83
C ALA B 323 80.21 -29.25 -16.78
N GLU B 324 80.69 -30.40 -16.29
CA GLU B 324 80.08 -31.11 -15.19
C GLU B 324 81.16 -31.34 -14.16
N LEU B 325 80.77 -31.69 -12.95
CA LEU B 325 81.74 -31.84 -11.86
C LEU B 325 82.26 -33.27 -11.78
N TYR B 326 83.57 -33.40 -11.59
CA TYR B 326 84.18 -34.71 -11.43
C TYR B 326 85.01 -34.78 -10.15
N LEU B 327 85.17 -36.00 -9.65
CA LEU B 327 86.00 -36.27 -8.47
C LEU B 327 87.07 -37.29 -8.82
N TRP B 328 88.30 -37.06 -8.39
CA TRP B 328 89.39 -38.01 -8.64
C TRP B 328 89.91 -38.67 -7.38
N ASP B 329 89.61 -39.96 -7.23
CA ASP B 329 90.12 -40.79 -6.13
C ASP B 329 91.35 -41.63 -6.50
N GLY B 330 91.87 -41.42 -7.70
CA GLY B 330 92.85 -42.31 -8.31
C GLY B 330 92.21 -43.02 -9.49
N GLU B 331 90.89 -42.93 -9.56
CA GLU B 331 90.13 -43.24 -10.76
C GLU B 331 89.06 -42.16 -10.86
N GLU B 332 88.96 -41.52 -12.03
CA GLU B 332 88.01 -40.41 -12.19
C GLU B 332 86.56 -40.87 -12.06
N ARG B 333 85.80 -40.22 -11.18
CA ARG B 333 84.38 -40.51 -11.04
C ARG B 333 83.54 -39.27 -11.34
N GLN B 334 82.57 -39.39 -12.24
CA GLN B 334 81.73 -38.26 -12.59
C GLN B 334 80.72 -38.03 -11.49
N LEU B 335 80.75 -36.82 -10.91
CA LEU B 335 79.89 -36.46 -9.78
C LEU B 335 78.47 -36.04 -10.15
N THR B 336 78.34 -35.24 -11.19
CA THR B 336 77.05 -34.65 -11.52
C THR B 336 76.75 -34.78 -12.99
N ASP B 337 75.53 -35.22 -13.31
CA ASP B 337 75.06 -35.04 -14.66
C ASP B 337 73.88 -34.08 -14.57
N TYR B 338 74.09 -32.81 -14.92
CA TYR B 338 73.00 -31.84 -14.91
C TYR B 338 72.18 -31.84 -16.19
N ASN B 339 72.90 -31.90 -17.30
CA ASN B 339 72.32 -31.75 -18.61
C ASN B 339 72.02 -33.09 -19.28
N GLY B 340 72.30 -34.17 -18.56
CA GLY B 340 72.12 -35.50 -19.09
C GLY B 340 70.73 -35.73 -19.67
N LEU B 341 69.71 -35.27 -18.95
CA LEU B 341 68.34 -35.42 -19.42
C LEU B 341 68.09 -34.63 -20.69
N ILE B 342 68.66 -33.44 -20.79
CA ILE B 342 68.44 -32.59 -21.95
C ILE B 342 69.12 -33.15 -23.20
N PHE B 343 70.40 -33.48 -23.07
CA PHE B 343 71.20 -33.95 -24.20
C PHE B 343 70.82 -35.37 -24.63
N LYS B 344 69.94 -36.00 -23.87
CA LYS B 344 69.34 -37.27 -24.26
C LYS B 344 68.43 -37.04 -25.47
N LYS B 345 67.73 -35.91 -25.47
CA LYS B 345 66.83 -35.57 -26.58
C LYS B 345 67.48 -34.65 -27.62
N LEU B 346 68.73 -34.26 -27.40
CA LEU B 346 69.35 -33.27 -28.27
C LEU B 346 70.60 -33.79 -29.00
N LYS B 347 70.53 -33.81 -30.33
CA LYS B 347 71.62 -34.31 -31.15
C LYS B 347 72.86 -33.41 -31.06
N THR B 348 74.02 -34.03 -30.86
CA THR B 348 75.29 -33.32 -30.77
C THR B 348 76.24 -33.86 -31.83
N PHE B 349 77.27 -33.08 -32.13
CA PHE B 349 78.21 -33.44 -33.18
C PHE B 349 79.65 -33.44 -32.67
N GLU B 350 80.27 -34.61 -32.64
CA GLU B 350 81.67 -34.72 -32.22
C GLU B 350 82.60 -34.28 -33.34
N PRO B 351 83.55 -33.40 -33.03
CA PRO B 351 84.51 -32.92 -34.03
C PRO B 351 85.50 -34.00 -34.47
N ARG B 352 85.83 -34.03 -35.76
CA ARG B 352 86.83 -34.94 -36.29
C ARG B 352 88.18 -34.24 -36.43
N HIS B 353 89.17 -34.73 -35.69
CA HIS B 353 90.51 -34.16 -35.71
C HIS B 353 91.29 -34.57 -36.96
N PHE B 354 92.08 -33.65 -37.50
CA PHE B 354 92.91 -33.93 -38.67
C PHE B 354 94.19 -33.09 -38.70
N ARG B 355 95.25 -33.65 -39.29
CA ARG B 355 96.52 -32.96 -39.36
C ARG B 355 96.72 -32.46 -40.79
N PHE B 356 97.39 -31.32 -40.93
CA PHE B 356 97.67 -30.78 -42.26
C PHE B 356 99.01 -30.05 -42.27
N LYS B 357 99.62 -29.94 -43.44
CA LYS B 357 100.91 -29.28 -43.55
C LYS B 357 100.75 -27.85 -44.04
N SER B 358 101.32 -26.90 -43.31
CA SER B 358 101.31 -25.51 -43.74
C SER B 358 102.73 -24.99 -43.74
N ILE B 359 103.25 -24.71 -44.93
CA ILE B 359 104.63 -24.26 -45.08
C ILE B 359 105.59 -25.21 -44.35
N ASP B 360 106.29 -24.71 -43.34
CA ASP B 360 107.31 -25.50 -42.64
C ASP B 360 106.80 -26.29 -41.43
N LEU B 361 105.50 -26.23 -41.16
CA LEU B 361 104.95 -26.83 -39.94
C LEU B 361 103.82 -27.83 -40.20
N GLU B 362 103.53 -28.64 -39.19
CA GLU B 362 102.38 -29.54 -39.21
C GLU B 362 101.39 -29.14 -38.11
N LEU B 363 100.14 -28.90 -38.48
CA LEU B 363 99.18 -28.23 -37.59
C LEU B 363 97.94 -29.06 -37.28
N ASP B 364 97.25 -28.69 -36.20
CA ASP B 364 95.98 -29.33 -35.82
C ASP B 364 94.78 -28.65 -36.46
N GLY B 365 93.78 -29.45 -36.84
CA GLY B 365 92.54 -28.94 -37.37
C GLY B 365 91.38 -29.85 -37.00
N TRP B 366 90.17 -29.32 -37.10
CA TRP B 366 88.98 -30.08 -36.72
C TRP B 366 87.86 -29.72 -37.65
N TYR B 367 86.92 -30.64 -37.80
CA TYR B 367 85.70 -30.33 -38.53
C TYR B 367 84.51 -31.15 -38.05
N ILE B 368 83.32 -30.63 -38.32
CA ILE B 368 82.09 -31.29 -37.95
C ILE B 368 81.27 -31.53 -39.20
N LYS B 369 80.70 -32.72 -39.31
CA LYS B 369 79.91 -33.06 -40.49
C LYS B 369 78.43 -32.98 -40.15
N PRO B 370 77.67 -32.19 -40.91
CA PRO B 370 76.21 -32.15 -40.75
C PRO B 370 75.58 -33.45 -41.25
N GLU B 371 74.26 -33.59 -41.16
CA GLU B 371 73.62 -34.74 -41.78
C GLU B 371 73.26 -34.24 -43.18
N ILE B 372 73.92 -34.80 -44.18
CA ILE B 372 73.85 -34.28 -45.56
C ILE B 372 73.03 -35.19 -46.45
N LYS B 373 72.32 -34.62 -47.41
CA LYS B 373 71.40 -35.41 -48.22
C LYS B 373 72.18 -36.33 -49.15
N GLU B 374 71.45 -37.11 -49.96
CA GLU B 374 72.10 -38.13 -50.77
C GLU B 374 72.81 -37.52 -51.96
N GLY B 375 74.11 -37.74 -52.05
CA GLY B 375 74.93 -37.15 -53.09
C GLY B 375 74.74 -35.65 -53.21
N GLU B 376 74.48 -34.99 -52.09
CA GLU B 376 74.33 -33.53 -52.10
C GLU B 376 75.58 -32.86 -51.50
N LYS B 377 75.59 -31.52 -51.52
CA LYS B 377 76.72 -30.74 -51.03
C LYS B 377 76.27 -29.83 -49.88
N ALA B 378 77.16 -29.56 -48.93
CA ALA B 378 76.82 -28.69 -47.82
C ALA B 378 77.75 -27.48 -47.73
N PRO B 379 77.19 -26.32 -47.33
CA PRO B 379 78.00 -25.10 -47.18
C PRO B 379 79.00 -25.26 -46.05
N VAL B 380 80.00 -24.40 -46.00
CA VAL B 380 81.05 -24.52 -45.00
C VAL B 380 81.28 -23.24 -44.22
N ILE B 381 81.43 -23.36 -42.90
CA ILE B 381 81.75 -22.21 -42.06
C ILE B 381 83.10 -22.37 -41.39
N VAL B 382 83.98 -21.40 -41.60
CA VAL B 382 85.28 -21.40 -40.95
C VAL B 382 85.32 -20.51 -39.73
N PHE B 383 85.62 -21.11 -38.59
CA PHE B 383 85.80 -20.38 -37.36
C PHE B 383 87.26 -20.08 -37.09
N VAL B 384 87.53 -18.88 -36.61
CA VAL B 384 88.88 -18.47 -36.24
C VAL B 384 88.90 -17.98 -34.80
N HIS B 385 89.67 -18.65 -33.95
CA HIS B 385 89.70 -18.33 -32.52
C HIS B 385 90.28 -16.95 -32.23
N GLY B 386 89.97 -16.41 -31.05
CA GLY B 386 90.56 -15.16 -30.62
C GLY B 386 92.05 -15.39 -30.41
N GLY B 387 92.80 -14.37 -30.07
CA GLY B 387 94.24 -14.51 -30.10
C GLY B 387 95.12 -13.29 -29.92
N PRO B 388 96.32 -13.37 -30.50
CA PRO B 388 96.66 -14.55 -31.32
C PRO B 388 96.79 -15.82 -30.48
N LYS B 389 96.97 -15.68 -29.18
CA LYS B 389 97.33 -16.83 -28.36
C LYS B 389 96.14 -17.64 -27.83
N GLY B 390 94.94 -17.31 -28.28
CA GLY B 390 93.79 -18.16 -28.02
C GLY B 390 93.95 -19.53 -28.68
N MET B 391 93.16 -20.50 -28.23
CA MET B 391 93.28 -21.88 -28.71
C MET B 391 91.93 -22.51 -29.03
N TYR B 392 91.81 -23.19 -30.16
CA TYR B 392 90.62 -24.00 -30.41
C TYR B 392 90.89 -25.41 -29.91
N GLY B 393 89.88 -26.27 -29.97
CA GLY B 393 89.98 -27.50 -29.23
C GLY B 393 88.67 -28.16 -28.85
N TYR B 394 88.73 -28.90 -27.75
CA TYR B 394 87.62 -29.73 -27.30
C TYR B 394 86.65 -29.06 -26.32
N TYR B 395 86.79 -27.75 -26.08
CA TYR B 395 85.79 -27.09 -25.24
C TYR B 395 84.47 -26.92 -26.01
N PHE B 396 83.46 -26.39 -25.33
CA PHE B 396 82.12 -26.38 -25.89
C PHE B 396 81.81 -25.04 -26.54
N LYS B 397 81.69 -25.03 -27.86
CA LYS B 397 81.38 -23.81 -28.60
C LYS B 397 79.97 -23.89 -29.21
N TYR B 398 79.07 -23.09 -28.65
CA TYR B 398 77.65 -23.16 -28.98
C TYR B 398 77.37 -22.99 -30.47
N GLU B 399 78.00 -22.01 -31.09
CA GLU B 399 77.73 -21.71 -32.49
C GLU B 399 78.04 -22.87 -33.42
N MET B 400 79.03 -23.67 -33.09
CA MET B 400 79.38 -24.79 -33.96
C MET B 400 78.31 -25.89 -33.91
N GLN B 401 77.82 -26.20 -32.71
CA GLN B 401 76.77 -27.20 -32.58
C GLN B 401 75.50 -26.72 -33.26
N LEU B 402 75.20 -25.44 -33.11
CA LEU B 402 74.01 -24.85 -33.69
C LEU B 402 74.03 -24.94 -35.22
N MET B 403 75.11 -24.43 -35.82
CA MET B 403 75.17 -24.38 -37.27
C MET B 403 75.35 -25.78 -37.88
N ALA B 404 76.03 -26.68 -37.15
CA ALA B 404 76.14 -28.08 -37.56
C ALA B 404 74.77 -28.73 -37.70
N SER B 405 73.91 -28.53 -36.71
CA SER B 405 72.55 -29.07 -36.75
C SER B 405 71.73 -28.41 -37.87
N LYS B 406 72.22 -27.29 -38.38
CA LYS B 406 71.54 -26.56 -39.45
C LYS B 406 72.03 -26.90 -40.86
N GLY B 407 72.92 -27.88 -40.94
CA GLY B 407 73.41 -28.37 -42.23
C GLY B 407 74.64 -27.67 -42.79
N TYR B 408 75.46 -27.11 -41.92
CA TYR B 408 76.72 -26.51 -42.34
C TYR B 408 77.89 -27.37 -41.91
N TYR B 409 78.95 -27.37 -42.70
CA TYR B 409 80.22 -27.91 -42.24
C TYR B 409 80.84 -26.92 -41.27
N ILE B 410 81.54 -27.43 -40.27
CA ILE B 410 82.24 -26.58 -39.33
C ILE B 410 83.73 -26.90 -39.37
N VAL B 411 84.55 -25.93 -39.76
CA VAL B 411 86.00 -26.15 -39.79
C VAL B 411 86.80 -25.04 -39.10
N TYR B 412 87.76 -25.44 -38.26
CA TYR B 412 88.60 -24.51 -37.52
C TYR B 412 89.98 -25.12 -37.22
N VAL B 413 90.97 -24.26 -37.03
CA VAL B 413 92.35 -24.71 -36.80
C VAL B 413 93.08 -23.91 -35.73
N ASN B 414 94.26 -24.40 -35.36
CA ASN B 414 95.12 -23.70 -34.42
C ASN B 414 96.39 -23.29 -35.14
N PRO B 415 96.33 -22.16 -35.85
CA PRO B 415 97.42 -21.58 -36.64
C PRO B 415 98.55 -21.15 -35.73
N ARG B 416 99.72 -20.91 -36.31
CA ARG B 416 100.86 -20.50 -35.49
C ARG B 416 100.48 -19.25 -34.71
N GLY B 417 101.00 -19.17 -33.49
CA GLY B 417 100.63 -18.15 -32.53
C GLY B 417 99.65 -18.70 -31.50
N SER B 418 98.94 -19.76 -31.87
CA SER B 418 97.96 -20.38 -30.99
C SER B 418 98.62 -20.98 -29.77
N ASN B 419 97.90 -20.96 -28.65
CA ASN B 419 98.31 -21.62 -27.42
C ASN B 419 98.13 -23.13 -27.53
N GLY B 420 98.82 -23.87 -26.67
CA GLY B 420 98.67 -25.31 -26.62
C GLY B 420 99.79 -26.05 -27.33
N TYR B 421 100.86 -25.32 -27.62
CA TYR B 421 101.99 -25.87 -28.33
C TYR B 421 103.28 -25.31 -27.76
N SER B 422 104.40 -25.58 -28.43
CA SER B 422 105.68 -25.04 -28.02
C SER B 422 105.62 -23.51 -27.98
N GLU B 423 106.37 -22.93 -27.04
CA GLU B 423 106.50 -21.50 -26.96
C GLU B 423 106.84 -20.86 -28.32
N ASP B 424 107.80 -21.45 -29.03
CA ASP B 424 108.22 -20.88 -30.31
C ASP B 424 107.08 -20.88 -31.31
N PHE B 425 106.20 -21.86 -31.19
CA PHE B 425 105.03 -21.91 -32.05
C PHE B 425 104.21 -20.65 -31.85
N ALA B 426 104.02 -20.27 -30.60
CA ALA B 426 103.25 -19.08 -30.28
C ALA B 426 103.98 -17.81 -30.70
N LEU B 427 105.27 -17.76 -30.40
CA LEU B 427 106.04 -16.55 -30.68
C LEU B 427 106.09 -16.22 -32.16
N ARG B 428 105.91 -17.24 -33.01
CA ARG B 428 106.07 -17.05 -34.44
C ARG B 428 105.16 -15.96 -35.03
N VAL B 429 104.03 -15.69 -34.39
CA VAL B 429 103.06 -14.76 -34.95
C VAL B 429 103.45 -13.30 -34.74
N LEU B 430 104.40 -13.05 -33.84
CA LEU B 430 104.76 -11.67 -33.52
C LEU B 430 105.21 -10.88 -34.75
N GLU B 431 104.52 -9.78 -34.97
CA GLU B 431 104.67 -8.90 -36.13
C GLU B 431 104.44 -9.69 -37.41
N ARG B 432 103.81 -10.86 -37.29
CA ARG B 432 103.42 -11.65 -38.45
C ARG B 432 101.94 -11.57 -38.80
N THR B 433 101.19 -10.79 -38.05
CA THR B 433 99.73 -10.93 -38.11
C THR B 433 99.21 -10.83 -39.53
N GLY B 434 98.45 -11.85 -39.92
CA GLY B 434 97.83 -11.89 -41.23
C GLY B 434 98.70 -12.45 -42.34
N LEU B 435 99.85 -13.05 -41.99
CA LEU B 435 100.74 -13.58 -43.02
C LEU B 435 100.83 -15.10 -43.04
N GLU B 436 101.59 -15.67 -42.12
CA GLU B 436 101.74 -17.10 -42.11
C GLU B 436 100.49 -17.71 -41.52
N ASP B 437 100.06 -17.18 -40.37
CA ASP B 437 98.87 -17.70 -39.69
C ASP B 437 97.64 -17.68 -40.59
N PHE B 438 97.55 -16.69 -41.46
CA PHE B 438 96.48 -16.66 -42.44
C PHE B 438 96.68 -17.80 -43.43
N GLN B 439 97.93 -18.00 -43.85
CA GLN B 439 98.25 -19.10 -44.73
C GLN B 439 97.92 -20.45 -44.09
N ASP B 440 98.19 -20.57 -42.79
CA ASP B 440 97.85 -21.77 -42.04
C ASP B 440 96.36 -22.03 -42.16
N ILE B 441 95.58 -20.99 -41.96
CA ILE B 441 94.14 -21.09 -42.04
C ILE B 441 93.69 -21.58 -43.43
N LEU B 442 94.23 -20.98 -44.48
CA LEU B 442 93.92 -21.39 -45.85
C LEU B 442 94.26 -22.86 -46.10
N ASN B 443 95.49 -23.24 -45.74
CA ASN B 443 95.96 -24.62 -45.95
C ASN B 443 95.12 -25.65 -45.21
N GLY B 444 94.67 -25.30 -44.01
CA GLY B 444 93.81 -26.17 -43.24
C GLY B 444 92.51 -26.39 -43.97
N ILE B 445 92.07 -25.39 -44.72
CA ILE B 445 90.84 -25.50 -45.48
C ILE B 445 91.02 -26.44 -46.66
N GLU B 446 92.08 -26.23 -47.45
CA GLU B 446 92.40 -27.11 -48.57
C GLU B 446 92.46 -28.57 -48.12
N GLU B 447 93.16 -28.84 -47.02
CA GLU B 447 93.27 -30.21 -46.53
C GLU B 447 91.90 -30.74 -46.10
N PHE B 448 91.11 -29.88 -45.46
CA PHE B 448 89.75 -30.28 -45.09
C PHE B 448 88.89 -30.58 -46.33
N LEU B 449 88.97 -29.72 -47.34
CA LEU B 449 88.20 -29.89 -48.56
C LEU B 449 88.56 -31.17 -49.29
N ARG B 450 89.83 -31.56 -49.18
CA ARG B 450 90.28 -32.83 -49.72
C ARG B 450 89.56 -33.98 -49.01
N LEU B 451 89.67 -34.02 -47.68
CA LEU B 451 89.13 -35.11 -46.88
C LEU B 451 87.62 -35.30 -47.02
N GLU B 452 86.94 -34.21 -47.38
CA GLU B 452 85.49 -34.22 -47.45
C GLU B 452 85.03 -33.59 -48.75
N PRO B 453 84.92 -34.40 -49.80
CA PRO B 453 84.49 -33.95 -51.13
C PRO B 453 83.04 -33.46 -51.08
N GLN B 454 82.31 -33.83 -50.03
CA GLN B 454 80.92 -33.41 -49.88
C GLN B 454 80.79 -31.95 -49.44
N ALA B 455 81.92 -31.34 -49.08
CA ALA B 455 81.94 -29.91 -48.74
C ALA B 455 81.89 -29.09 -50.03
N ASP B 456 81.03 -28.08 -50.06
CA ASP B 456 80.83 -27.34 -51.29
C ASP B 456 81.81 -26.17 -51.32
N ARG B 457 82.79 -26.25 -52.21
CA ARG B 457 83.84 -25.25 -52.27
C ARG B 457 83.27 -23.94 -52.76
N GLU B 458 82.07 -24.00 -53.31
CA GLU B 458 81.43 -22.81 -53.84
C GLU B 458 80.84 -21.93 -52.73
N ARG B 459 80.33 -22.56 -51.67
CA ARG B 459 79.88 -21.77 -50.52
C ARG B 459 80.72 -22.02 -49.28
N ILE B 460 81.57 -21.06 -48.95
CA ILE B 460 82.37 -21.13 -47.73
C ILE B 460 82.37 -19.76 -47.08
N GLY B 461 81.85 -19.69 -45.86
CA GLY B 461 81.92 -18.47 -45.08
C GLY B 461 82.98 -18.59 -44.01
N ILE B 462 83.30 -17.46 -43.38
CA ILE B 462 84.28 -17.44 -42.31
C ILE B 462 83.85 -16.46 -41.23
N THR B 463 84.02 -16.87 -39.97
CA THR B 463 83.56 -16.07 -38.85
C THR B 463 84.57 -16.10 -37.71
N GLY B 464 84.53 -15.09 -36.86
CA GLY B 464 85.37 -15.05 -35.68
C GLY B 464 85.14 -13.82 -34.82
N ILE B 465 85.59 -13.90 -33.56
CA ILE B 465 85.50 -12.78 -32.63
C ILE B 465 86.90 -12.30 -32.27
N ALA B 466 87.04 -11.01 -31.98
CA ALA B 466 88.33 -10.46 -31.59
C ALA B 466 89.35 -10.68 -32.71
N TYR B 467 90.47 -11.33 -32.40
CA TYR B 467 91.46 -11.62 -33.43
C TYR B 467 90.83 -12.43 -34.54
N GLY B 468 89.81 -13.20 -34.20
CA GLY B 468 89.07 -13.98 -35.18
C GLY B 468 88.31 -13.07 -36.11
N GLY B 469 87.94 -11.90 -35.61
CA GLY B 469 87.25 -10.90 -36.41
C GLY B 469 88.22 -10.11 -37.27
N TYR B 470 89.43 -9.94 -36.76
CA TYR B 470 90.51 -9.36 -37.54
C TYR B 470 90.82 -10.25 -38.74
N MET B 471 91.03 -11.53 -38.46
CA MET B 471 91.29 -12.53 -39.51
C MET B 471 90.17 -12.55 -40.54
N THR B 472 88.93 -12.51 -40.06
CA THR B 472 87.78 -12.45 -40.94
C THR B 472 87.84 -11.24 -41.86
N ASN B 473 88.00 -10.05 -41.28
CA ASN B 473 88.16 -8.84 -42.08
C ASN B 473 89.28 -9.05 -43.09
N TRP B 474 90.41 -9.55 -42.59
CA TRP B 474 91.58 -9.81 -43.40
C TRP B 474 91.26 -10.75 -44.55
N ALA B 475 90.67 -11.89 -44.22
CA ALA B 475 90.37 -12.90 -45.22
C ALA B 475 89.61 -12.28 -46.38
N LEU B 476 88.57 -11.51 -46.08
CA LEU B 476 87.76 -10.90 -47.13
C LEU B 476 88.53 -9.88 -47.98
N THR B 477 89.57 -9.27 -47.43
CA THR B 477 90.44 -8.41 -48.24
C THR B 477 91.48 -9.17 -49.06
N GLN B 478 92.03 -10.24 -48.51
CA GLN B 478 93.15 -10.95 -49.16
C GLN B 478 92.76 -12.17 -50.00
N SER B 479 91.48 -12.51 -50.06
CA SER B 479 91.07 -13.73 -50.76
C SER B 479 89.66 -13.69 -51.35
N ASP B 480 89.49 -14.40 -52.47
CA ASP B 480 88.18 -14.54 -53.11
C ASP B 480 87.47 -15.82 -52.69
N LEU B 481 88.13 -16.63 -51.86
CA LEU B 481 87.63 -17.96 -51.53
C LEU B 481 86.29 -17.94 -50.80
N PHE B 482 86.07 -16.94 -49.96
CA PHE B 482 84.90 -16.90 -49.09
C PHE B 482 83.74 -16.10 -49.67
N LYS B 483 82.55 -16.70 -49.64
CA LYS B 483 81.32 -16.06 -50.13
C LYS B 483 80.63 -15.13 -49.13
N ALA B 484 80.94 -15.28 -47.85
CA ALA B 484 80.35 -14.45 -46.81
C ALA B 484 81.20 -14.44 -45.54
N GLY B 485 81.00 -13.43 -44.70
CA GLY B 485 81.67 -13.42 -43.41
C GLY B 485 80.95 -12.65 -42.34
N ILE B 486 81.21 -13.04 -41.10
CA ILE B 486 80.66 -12.34 -39.94
C ILE B 486 81.81 -12.02 -39.02
N SER B 487 82.08 -10.73 -38.87
CA SER B 487 83.21 -10.25 -38.08
C SER B 487 82.73 -9.58 -36.80
N GLU B 488 83.24 -10.03 -35.67
CA GLU B 488 82.78 -9.52 -34.38
C GLU B 488 83.89 -8.99 -33.49
N ASN B 489 83.71 -7.77 -33.01
CA ASN B 489 84.61 -7.19 -32.02
C ASN B 489 86.06 -7.39 -32.43
N GLY B 490 86.36 -7.02 -33.67
CA GLY B 490 87.66 -7.31 -34.25
C GLY B 490 88.57 -6.11 -34.41
N ILE B 491 89.53 -6.22 -35.32
CA ILE B 491 90.43 -5.12 -35.63
C ILE B 491 90.46 -4.87 -37.12
N SER B 492 89.96 -3.72 -37.56
CA SER B 492 90.26 -3.28 -38.91
C SER B 492 91.51 -2.38 -39.05
N TYR B 493 91.97 -1.78 -37.96
CA TYR B 493 93.14 -0.91 -38.03
C TYR B 493 93.99 -1.07 -36.79
N TRP B 494 95.27 -1.37 -36.95
CA TRP B 494 96.10 -1.67 -35.79
C TRP B 494 96.55 -0.44 -35.01
N LEU B 495 96.75 0.68 -35.71
CA LEU B 495 97.24 1.86 -35.01
C LEU B 495 96.26 2.28 -33.91
N THR B 496 94.98 2.43 -34.25
CA THR B 496 93.96 2.80 -33.26
C THR B 496 93.80 1.72 -32.21
N SER B 497 94.17 0.48 -32.51
CA SER B 497 94.16 -0.55 -31.48
C SER B 497 95.22 -0.26 -30.42
N TYR B 498 96.35 0.28 -30.84
CA TYR B 498 97.43 0.58 -29.92
C TYR B 498 97.06 1.79 -29.07
N ALA B 499 96.50 2.82 -29.71
CA ALA B 499 96.26 4.08 -29.04
C ALA B 499 94.94 4.16 -28.27
N PHE B 500 94.02 3.24 -28.54
CA PHE B 500 92.64 3.35 -28.09
C PHE B 500 92.29 2.32 -27.01
N SER B 501 92.43 1.04 -27.37
CA SER B 501 92.07 -0.06 -26.48
C SER B 501 92.86 -0.11 -25.18
N ASP B 502 92.25 -0.78 -24.20
CA ASP B 502 92.83 -0.97 -22.87
C ASP B 502 94.27 -1.48 -22.85
N ILE B 503 94.55 -2.55 -23.59
CA ILE B 503 95.88 -3.15 -23.55
C ILE B 503 96.82 -2.68 -24.65
N GLY B 504 96.31 -1.84 -25.55
CA GLY B 504 97.04 -1.46 -26.75
C GLY B 504 98.44 -0.90 -26.57
N LEU B 505 98.70 -0.24 -25.45
CA LEU B 505 99.99 0.43 -25.29
C LEU B 505 101.15 -0.55 -25.21
N TRP B 506 100.90 -1.76 -24.72
CA TRP B 506 101.92 -2.79 -24.68
C TRP B 506 101.71 -3.85 -25.76
N PHE B 507 100.58 -4.54 -25.68
CA PHE B 507 100.25 -5.65 -26.58
C PHE B 507 100.47 -5.36 -28.06
N ASP B 508 100.16 -4.15 -28.51
CA ASP B 508 100.38 -3.81 -29.92
C ASP B 508 101.87 -3.73 -30.25
N LYS B 509 102.65 -3.10 -29.38
CA LYS B 509 104.09 -3.01 -29.58
C LYS B 509 104.76 -4.38 -29.76
N GLU B 510 104.32 -5.36 -28.98
CA GLU B 510 104.85 -6.70 -29.07
C GLU B 510 104.31 -7.51 -30.25
N VAL B 511 102.99 -7.50 -30.42
CA VAL B 511 102.35 -8.31 -31.47
C VAL B 511 102.36 -7.67 -32.86
N ILE B 512 102.45 -6.35 -32.92
CA ILE B 512 102.51 -5.63 -34.19
C ILE B 512 103.90 -5.04 -34.46
N GLY B 513 104.34 -4.14 -33.59
CA GLY B 513 105.71 -3.65 -33.64
C GLY B 513 106.00 -2.44 -32.77
N ASP B 514 107.29 -2.17 -32.57
CA ASP B 514 107.74 -0.99 -31.83
CA ASP B 514 107.73 -0.99 -31.82
C ASP B 514 107.57 0.29 -32.65
N ASN B 515 107.55 1.42 -31.97
CA ASN B 515 107.40 2.72 -32.63
C ASN B 515 106.21 2.73 -33.56
N PRO B 516 105.00 2.54 -33.00
CA PRO B 516 103.78 2.40 -33.80
C PRO B 516 103.54 3.59 -34.74
N LEU B 517 103.85 4.80 -34.27
CA LEU B 517 103.63 6.01 -35.04
C LEU B 517 104.46 6.03 -36.32
N GLU B 518 105.73 5.65 -36.20
CA GLU B 518 106.62 5.61 -37.35
C GLU B 518 106.62 4.29 -38.11
N ASN B 519 106.08 3.23 -37.50
CA ASN B 519 106.15 1.88 -38.10
C ASN B 519 105.09 1.65 -39.18
N GLU B 520 105.53 1.33 -40.40
CA GLU B 520 104.61 1.14 -41.54
C GLU B 520 103.91 -0.22 -41.51
N ASN B 521 104.33 -1.09 -40.60
CA ASN B 521 103.69 -2.39 -40.47
C ASN B 521 102.25 -2.23 -40.03
N TYR B 522 101.96 -1.13 -39.32
CA TYR B 522 100.61 -0.89 -38.81
C TYR B 522 99.58 -0.64 -39.92
N ARG B 523 100.01 -0.03 -41.02
CA ARG B 523 99.12 0.10 -42.16
C ARG B 523 99.05 -1.19 -42.98
N LYS B 524 100.19 -1.85 -43.14
CA LYS B 524 100.26 -2.99 -44.06
C LYS B 524 99.41 -4.18 -43.61
N LEU B 525 99.37 -4.42 -42.30
CA LEU B 525 98.68 -5.57 -41.73
C LEU B 525 97.23 -5.30 -41.29
N SER B 526 96.72 -4.11 -41.59
CA SER B 526 95.35 -3.73 -41.23
C SER B 526 94.36 -3.83 -42.38
N PRO B 527 93.33 -4.68 -42.23
CA PRO B 527 92.29 -4.88 -43.24
C PRO B 527 91.66 -3.59 -43.75
N LEU B 528 91.63 -2.53 -42.94
CA LEU B 528 91.00 -1.26 -43.32
C LEU B 528 91.51 -0.66 -44.64
N PHE B 529 92.80 -0.81 -44.92
CA PHE B 529 93.40 -0.19 -46.10
C PHE B 529 93.23 -1.01 -47.37
N TYR B 530 92.79 -2.25 -47.20
CA TYR B 530 92.50 -3.17 -48.30
C TYR B 530 91.03 -3.25 -48.69
N ALA B 531 90.20 -2.41 -48.06
CA ALA B 531 88.74 -2.53 -48.19
C ALA B 531 88.21 -2.58 -49.63
N LYS B 532 88.93 -1.98 -50.56
CA LYS B 532 88.51 -2.00 -51.96
C LYS B 532 88.40 -3.43 -52.47
N ASN B 533 89.11 -4.34 -51.82
CA ASN B 533 89.17 -5.75 -52.26
C ASN B 533 87.97 -6.62 -51.89
N VAL B 534 87.11 -6.18 -50.98
CA VAL B 534 86.10 -7.12 -50.46
C VAL B 534 84.95 -7.28 -51.46
N LYS B 535 84.78 -8.48 -51.97
CA LYS B 535 83.60 -8.75 -52.79
C LYS B 535 82.46 -9.47 -52.06
N ALA B 536 82.71 -9.90 -50.83
CA ALA B 536 81.70 -10.66 -50.09
C ALA B 536 80.79 -9.80 -49.24
N PRO B 537 79.53 -10.22 -49.06
CA PRO B 537 78.68 -9.54 -48.08
C PRO B 537 79.22 -9.80 -46.68
N LEU B 538 79.23 -8.78 -45.84
CA LEU B 538 79.83 -8.86 -44.53
C LEU B 538 78.88 -8.31 -43.46
N LEU B 539 78.73 -9.04 -42.37
CA LEU B 539 77.99 -8.53 -41.21
C LEU B 539 78.96 -8.26 -40.07
N LEU B 540 78.97 -7.02 -39.60
CA LEU B 540 79.83 -6.60 -38.51
C LEU B 540 79.06 -6.48 -37.22
N ILE B 541 79.50 -7.23 -36.21
CA ILE B 541 78.87 -7.22 -34.90
C ILE B 541 79.77 -6.52 -33.90
N HIS B 542 79.18 -5.74 -32.99
CA HIS B 542 79.96 -5.06 -31.96
C HIS B 542 79.13 -4.73 -30.72
N SER B 543 79.82 -4.40 -29.64
CA SER B 543 79.19 -4.05 -28.37
C SER B 543 79.83 -2.80 -27.76
N LEU B 544 79.00 -1.86 -27.32
CA LEU B 544 79.45 -0.54 -26.88
C LEU B 544 80.38 -0.54 -25.67
N GLU B 545 80.36 -1.61 -24.89
CA GLU B 545 81.15 -1.69 -23.67
C GLU B 545 82.49 -2.40 -23.80
N ASP B 546 82.85 -2.76 -25.03
CA ASP B 546 84.03 -3.57 -25.28
C ASP B 546 85.22 -2.64 -25.49
N TYR B 547 86.12 -2.64 -24.51
CA TYR B 547 87.33 -1.81 -24.56
C TYR B 547 88.59 -2.57 -25.00
N ARG B 548 88.43 -3.87 -25.23
CA ARG B 548 89.51 -4.67 -25.84
C ARG B 548 89.67 -4.31 -27.32
N CYS B 549 88.56 -4.37 -28.05
CA CYS B 549 88.53 -3.94 -29.44
C CYS B 549 87.44 -2.90 -29.56
N PRO B 550 87.79 -1.63 -29.31
CA PRO B 550 86.82 -0.54 -29.26
C PRO B 550 85.99 -0.40 -30.53
N LEU B 551 84.84 0.25 -30.39
CA LEU B 551 83.83 0.34 -31.43
C LEU B 551 84.40 0.73 -32.81
N ASP B 552 85.37 1.64 -32.81
CA ASP B 552 85.90 2.17 -34.06
C ASP B 552 86.29 1.05 -35.03
N GLN B 553 86.93 0.01 -34.50
CA GLN B 553 87.39 -1.11 -35.29
C GLN B 553 86.32 -1.66 -36.22
N SER B 554 85.10 -1.79 -35.71
CA SER B 554 83.98 -2.22 -36.54
C SER B 554 83.40 -1.09 -37.37
N LEU B 555 83.14 0.05 -36.73
CA LEU B 555 82.37 1.10 -37.39
C LEU B 555 83.19 1.75 -38.50
N MET B 556 84.50 1.92 -38.26
CA MET B 556 85.37 2.50 -39.28
C MET B 556 85.35 1.63 -40.53
N PHE B 557 85.55 0.34 -40.33
CA PHE B 557 85.48 -0.62 -41.43
C PHE B 557 84.15 -0.49 -42.16
N TYR B 558 83.05 -0.50 -41.39
CA TYR B 558 81.70 -0.44 -41.97
C TYR B 558 81.47 0.79 -42.85
N HIS B 559 81.78 1.96 -42.31
CA HIS B 559 81.69 3.22 -43.04
C HIS B 559 82.54 3.19 -44.31
N VAL B 560 83.80 2.81 -44.18
CA VAL B 560 84.69 2.76 -45.32
C VAL B 560 84.12 1.84 -46.41
N LEU B 561 83.70 0.64 -46.02
CA LEU B 561 83.11 -0.29 -46.98
C LEU B 561 81.93 0.33 -47.70
N LYS B 562 81.07 1.03 -46.96
CA LYS B 562 79.89 1.65 -47.54
C LYS B 562 80.28 2.75 -48.52
N ASP B 563 81.31 3.51 -48.16
CA ASP B 563 81.81 4.60 -49.02
C ASP B 563 82.31 4.00 -50.33
N LEU B 564 82.70 2.73 -50.28
CA LEU B 564 83.18 1.99 -51.43
C LEU B 564 82.07 1.16 -52.09
N GLY B 565 80.86 1.27 -51.55
CA GLY B 565 79.70 0.63 -52.16
C GLY B 565 79.60 -0.87 -52.04
N LYS B 566 80.39 -1.46 -51.14
CA LYS B 566 80.31 -2.89 -50.87
C LYS B 566 79.03 -3.22 -50.08
N GLU B 567 78.62 -4.49 -50.11
CA GLU B 567 77.48 -4.90 -49.31
C GLU B 567 77.94 -5.35 -47.93
N VAL B 568 77.54 -4.59 -46.91
CA VAL B 568 77.97 -4.84 -45.55
C VAL B 568 76.88 -4.36 -44.59
N TYR B 569 76.95 -4.82 -43.35
CA TYR B 569 75.98 -4.45 -42.34
C TYR B 569 76.64 -4.43 -40.99
N ILE B 570 76.09 -3.64 -40.07
CA ILE B 570 76.63 -3.59 -38.73
C ILE B 570 75.53 -3.64 -37.69
N ALA B 571 75.74 -4.46 -36.67
CA ALA B 571 74.84 -4.51 -35.54
C ALA B 571 75.62 -4.17 -34.29
N ILE B 572 75.25 -3.05 -33.67
CA ILE B 572 75.92 -2.55 -32.47
C ILE B 572 75.06 -2.79 -31.23
N PHE B 573 75.53 -3.66 -30.36
CA PHE B 573 74.78 -4.01 -29.17
C PHE B 573 74.92 -2.98 -28.08
N LYS B 574 73.78 -2.44 -27.67
CA LYS B 574 73.74 -1.31 -26.75
C LYS B 574 74.48 -1.59 -25.46
N LYS B 575 74.60 -2.87 -25.11
CA LYS B 575 75.31 -3.27 -23.90
C LYS B 575 76.21 -4.47 -24.14
N GLY B 576 77.12 -4.70 -23.20
CA GLY B 576 78.05 -5.82 -23.24
C GLY B 576 79.49 -5.46 -23.58
N ALA B 577 80.39 -6.25 -23.02
CA ALA B 577 81.82 -6.06 -23.15
C ALA B 577 82.36 -6.96 -24.25
N HIS B 578 83.67 -7.08 -24.33
CA HIS B 578 84.35 -7.87 -25.36
C HIS B 578 83.73 -9.26 -25.55
N GLY B 579 83.37 -9.89 -24.43
CA GLY B 579 82.82 -11.25 -24.44
C GLY B 579 81.30 -11.35 -24.39
N HIS B 580 80.62 -10.30 -24.83
CA HIS B 580 79.16 -10.27 -24.74
C HIS B 580 78.47 -11.50 -25.35
N SER B 581 79.09 -12.13 -26.34
CA SER B 581 78.44 -13.26 -27.00
C SER B 581 78.09 -14.35 -26.00
N ILE B 582 79.08 -14.74 -25.20
CA ILE B 582 78.86 -15.64 -24.06
C ILE B 582 78.37 -14.97 -22.75
N ARG B 583 78.81 -13.72 -22.50
CA ARG B 583 78.54 -13.01 -21.24
C ARG B 583 77.39 -12.00 -21.22
N GLY B 584 76.73 -11.80 -22.36
CA GLY B 584 75.70 -10.78 -22.46
C GLY B 584 74.46 -11.23 -21.74
N SER B 585 73.41 -10.42 -21.74
CA SER B 585 72.18 -10.85 -21.09
C SER B 585 71.51 -11.92 -21.93
N PRO B 586 70.64 -12.73 -21.30
CA PRO B 586 70.05 -13.84 -22.05
C PRO B 586 69.35 -13.37 -23.32
N ARG B 587 68.54 -12.31 -23.22
CA ARG B 587 67.80 -11.83 -24.38
C ARG B 587 68.74 -11.29 -25.45
N HIS B 588 69.73 -10.52 -25.01
CA HIS B 588 70.80 -10.02 -25.87
C HIS B 588 71.53 -11.18 -26.55
N ARG B 589 72.07 -12.11 -25.76
CA ARG B 589 72.75 -13.23 -26.37
C ARG B 589 71.86 -13.91 -27.39
N MET B 590 70.57 -14.02 -27.07
CA MET B 590 69.66 -14.73 -27.96
C MET B 590 69.58 -14.07 -29.31
N LYS B 591 69.25 -12.78 -29.32
CA LYS B 591 69.15 -12.03 -30.56
C LYS B 591 70.44 -12.20 -31.38
N ARG B 592 71.59 -12.04 -30.74
CA ARG B 592 72.81 -12.22 -31.50
C ARG B 592 72.78 -13.57 -32.20
N TYR B 593 72.57 -14.64 -31.44
CA TYR B 593 72.48 -15.98 -32.02
C TYR B 593 71.53 -16.02 -33.21
N LYS B 594 70.31 -15.50 -33.04
CA LYS B 594 69.33 -15.53 -34.13
C LYS B 594 69.88 -14.80 -35.35
N LEU B 595 70.55 -13.69 -35.09
CA LEU B 595 71.14 -12.84 -36.11
C LEU B 595 72.30 -13.54 -36.81
N PHE B 596 73.12 -14.22 -36.03
CA PHE B 596 74.24 -15.02 -36.53
C PHE B 596 73.68 -16.05 -37.51
N MET B 597 72.76 -16.85 -37.01
CA MET B 597 72.15 -17.94 -37.75
C MET B 597 71.63 -17.47 -39.09
N GLU B 598 70.76 -16.47 -39.05
CA GLU B 598 70.03 -16.01 -40.23
C GLU B 598 70.92 -15.45 -41.34
N PHE B 599 71.96 -14.71 -40.96
CA PHE B 599 72.83 -14.10 -41.95
C PHE B 599 73.45 -15.18 -42.83
N PHE B 600 73.93 -16.25 -42.18
CA PHE B 600 74.55 -17.36 -42.91
C PHE B 600 73.56 -18.11 -43.78
N GLU B 601 72.35 -18.29 -43.29
CA GLU B 601 71.31 -18.89 -44.11
C GLU B 601 71.08 -18.05 -45.35
N ARG B 602 70.91 -16.75 -45.15
CA ARG B 602 70.56 -15.84 -46.24
C ARG B 602 71.71 -15.36 -47.11
N LYS B 603 72.91 -15.21 -46.55
CA LYS B 603 74.05 -14.87 -47.39
C LYS B 603 75.00 -16.03 -47.78
N LEU B 604 74.78 -17.22 -47.24
CA LEU B 604 75.76 -18.29 -47.45
C LEU B 604 75.14 -19.57 -48.00
N LYS B 605 74.25 -20.20 -47.24
CA LYS B 605 73.54 -21.36 -47.72
C LYS B 605 72.88 -21.03 -49.06
N LYS B 606 71.90 -20.14 -49.05
CA LYS B 606 71.32 -19.63 -50.28
C LYS B 606 71.30 -18.11 -50.25
N TYR B 607 72.08 -17.47 -51.13
CA TYR B 607 72.16 -16.02 -51.13
C TYR B 607 70.85 -15.33 -51.53
N GLU B 608 70.56 -14.20 -50.88
CA GLU B 608 69.41 -13.39 -51.26
C GLU B 608 69.69 -11.91 -50.99
N GLU B 609 69.18 -11.05 -51.86
CA GLU B 609 69.45 -9.61 -51.73
C GLU B 609 68.95 -9.04 -50.41
N GLY B 610 69.81 -8.27 -49.75
CA GLY B 610 69.39 -7.48 -48.60
C GLY B 610 69.22 -8.27 -47.33
N PHE B 611 69.21 -7.55 -46.21
CA PHE B 611 68.92 -8.14 -44.92
C PHE B 611 67.93 -7.24 -44.20
N ASP B 612 66.73 -7.75 -43.96
CA ASP B 612 65.73 -6.98 -43.26
C ASP B 612 65.61 -7.55 -41.86
N VAL B 613 66.12 -6.81 -40.88
CA VAL B 613 66.16 -7.30 -39.51
C VAL B 613 64.76 -7.47 -38.93
N GLU B 614 63.91 -6.47 -39.14
CA GLU B 614 62.58 -6.46 -38.55
C GLU B 614 61.81 -7.75 -38.84
N LYS B 615 61.80 -8.18 -40.09
CA LYS B 615 61.08 -9.38 -40.47
C LYS B 615 61.83 -10.66 -40.07
N ILE B 616 63.14 -10.67 -40.30
CA ILE B 616 63.94 -11.88 -40.08
C ILE B 616 64.03 -12.28 -38.61
N LEU B 617 64.24 -11.31 -37.74
CA LEU B 617 64.38 -11.58 -36.31
C LEU B 617 63.07 -12.05 -35.67
N LYS B 618 61.96 -11.43 -36.09
CA LYS B 618 60.63 -11.82 -35.63
C LYS B 618 59.59 -10.78 -36.01
N ILE C 4 36.53 -17.97 25.62
CA ILE C 4 36.10 -17.93 24.23
C ILE C 4 34.60 -18.19 24.11
N GLU C 5 33.93 -17.38 23.30
CA GLU C 5 32.50 -17.55 23.03
C GLU C 5 32.26 -17.72 21.52
N TRP C 6 31.12 -18.30 21.15
CA TRP C 6 30.80 -18.60 19.76
C TRP C 6 30.21 -17.40 19.02
N ASP C 7 30.84 -17.02 17.91
CA ASP C 7 30.32 -15.93 17.07
C ASP C 7 30.80 -16.03 15.62
N GLU C 8 30.56 -14.98 14.87
CA GLU C 8 30.95 -14.94 13.46
C GLU C 8 32.46 -15.02 13.27
N LYS C 9 33.23 -14.64 14.29
CA LYS C 9 34.68 -14.63 14.20
C LYS C 9 35.35 -15.91 14.67
N THR C 10 34.59 -16.81 15.28
CA THR C 10 35.21 -17.92 15.98
C THR C 10 35.99 -18.89 15.07
N PHE C 11 35.60 -18.98 13.80
CA PHE C 11 36.24 -19.95 12.91
C PHE C 11 37.72 -19.61 12.65
N THR C 12 38.08 -18.35 12.86
CA THR C 12 39.44 -17.90 12.62
C THR C 12 40.43 -18.49 13.63
N LYS C 13 39.92 -18.92 14.77
CA LYS C 13 40.74 -19.42 15.86
C LYS C 13 41.12 -20.89 15.69
N PHE C 14 40.63 -21.52 14.64
CA PHE C 14 40.90 -22.94 14.39
C PHE C 14 42.09 -23.17 13.46
N ALA C 15 42.88 -24.18 13.76
CA ALA C 15 43.96 -24.61 12.87
C ALA C 15 43.44 -25.65 11.89
N TYR C 16 43.49 -25.32 10.60
CA TYR C 16 43.01 -26.22 9.56
C TYR C 16 44.16 -26.99 8.91
N LEU C 17 44.13 -28.32 9.04
CA LEU C 17 45.16 -29.18 8.47
C LEU C 17 44.69 -29.80 7.16
N SER C 18 45.63 -29.97 6.22
CA SER C 18 45.30 -30.53 4.90
C SER C 18 46.47 -31.21 4.19
N ASP C 19 46.14 -32.01 3.17
CA ASP C 19 47.10 -32.56 2.22
C ASP C 19 48.27 -33.32 2.88
N PRO C 20 47.95 -34.38 3.63
CA PRO C 20 48.94 -35.18 4.36
C PRO C 20 49.81 -36.02 3.42
N ARG C 21 51.08 -36.18 3.75
CA ARG C 21 52.01 -36.92 2.91
C ARG C 21 53.02 -37.68 3.78
N THR C 22 53.44 -38.84 3.32
CA THR C 22 54.45 -39.59 4.06
C THR C 22 55.41 -40.38 3.16
N ARG C 23 56.69 -40.35 3.52
CA ARG C 23 57.69 -41.21 2.92
C ARG C 23 58.65 -41.62 4.04
N LYS C 24 58.96 -42.91 4.11
CA LYS C 24 59.74 -43.43 5.22
C LYS C 24 59.03 -43.08 6.53
N ASN C 25 59.79 -42.52 7.48
CA ASN C 25 59.25 -42.13 8.76
C ASN C 25 58.83 -40.64 8.84
N LEU C 26 58.96 -39.93 7.73
CA LEU C 26 58.63 -38.51 7.68
C LEU C 26 57.18 -38.24 7.29
N VAL C 27 56.56 -37.28 7.98
CA VAL C 27 55.21 -36.85 7.66
C VAL C 27 55.17 -35.36 7.31
N ALA C 28 54.39 -35.01 6.30
CA ALA C 28 54.25 -33.63 5.87
C ALA C 28 52.77 -33.28 5.73
N TYR C 29 52.40 -32.08 6.15
CA TYR C 29 51.02 -31.62 6.00
C TYR C 29 50.93 -30.10 6.02
N VAL C 30 49.80 -29.57 5.60
CA VAL C 30 49.64 -28.11 5.55
C VAL C 30 48.86 -27.55 6.73
N LEU C 31 49.48 -26.58 7.41
CA LEU C 31 48.80 -25.85 8.49
C LEU C 31 48.28 -24.54 7.94
N THR C 32 46.96 -24.34 8.03
CA THR C 32 46.32 -23.16 7.46
C THR C 32 45.55 -22.34 8.49
N LYS C 33 45.92 -21.08 8.66
CA LYS C 33 45.19 -20.21 9.57
C LYS C 33 44.47 -19.11 8.79
N ALA C 34 43.29 -18.74 9.25
CA ALA C 34 42.56 -17.65 8.62
C ALA C 34 42.81 -16.36 9.40
N ASN C 35 43.53 -15.43 8.79
CA ASN C 35 43.86 -14.16 9.42
C ASN C 35 42.82 -13.11 9.06
N LEU C 36 42.07 -12.67 10.06
CA LEU C 36 40.96 -11.76 9.81
C LEU C 36 41.43 -10.33 9.59
N GLU C 37 42.55 -9.97 10.19
CA GLU C 37 43.10 -8.62 10.05
C GLU C 37 43.65 -8.41 8.65
N SER C 38 44.50 -9.34 8.21
CA SER C 38 45.12 -9.25 6.90
C SER C 38 44.19 -9.79 5.82
N ASN C 39 43.03 -10.28 6.26
CA ASN C 39 42.05 -10.87 5.36
C ASN C 39 42.65 -11.84 4.34
N LYS C 40 43.59 -12.67 4.80
CA LYS C 40 44.23 -13.67 3.93
C LYS C 40 44.32 -15.01 4.64
N TYR C 41 44.46 -16.08 3.88
CA TYR C 41 44.78 -17.38 4.45
C TYR C 41 46.30 -17.56 4.52
N GLU C 42 46.79 -18.11 5.63
CA GLU C 42 48.23 -18.33 5.79
C GLU C 42 48.54 -19.82 5.76
N ASN C 43 49.50 -20.20 4.92
CA ASN C 43 49.91 -21.61 4.77
C ASN C 43 51.33 -21.85 5.24
N THR C 44 51.49 -22.83 6.12
CA THR C 44 52.80 -23.20 6.62
C THR C 44 52.94 -24.70 6.55
N ILE C 45 53.94 -25.18 5.81
CA ILE C 45 54.17 -26.62 5.74
C ILE C 45 54.87 -27.09 6.99
N VAL C 46 54.27 -28.06 7.66
CA VAL C 46 54.87 -28.66 8.84
C VAL C 46 55.42 -30.03 8.47
N ILE C 47 56.67 -30.28 8.83
CA ILE C 47 57.27 -31.58 8.61
C ILE C 47 57.56 -32.24 9.95
N GLU C 48 56.97 -33.41 10.19
CA GLU C 48 57.16 -34.11 11.45
C GLU C 48 57.97 -35.38 11.31
N ASN C 49 58.82 -35.64 12.30
CA ASN C 49 59.45 -36.94 12.41
C ASN C 49 58.48 -37.88 13.11
N LEU C 50 58.20 -39.03 12.50
CA LEU C 50 57.20 -39.95 13.02
C LEU C 50 57.44 -40.23 14.50
N GLU C 51 58.71 -40.30 14.89
CA GLU C 51 59.02 -40.31 16.30
C GLU C 51 59.54 -38.94 16.71
N ASP C 52 59.78 -38.74 17.99
CA ASP C 52 60.32 -37.48 18.50
C ASP C 52 59.32 -36.31 18.36
N GLY C 53 58.27 -36.50 17.57
CA GLY C 53 57.22 -35.51 17.45
C GLY C 53 57.74 -34.20 16.90
N SER C 54 59.02 -34.18 16.53
CA SER C 54 59.70 -32.94 16.16
C SER C 54 59.10 -32.31 14.90
N ARG C 55 58.93 -31.00 14.91
CA ARG C 55 58.37 -30.29 13.75
C ARG C 55 59.33 -29.23 13.19
N LYS C 56 59.66 -29.35 11.91
CA LYS C 56 60.30 -28.24 11.21
C LYS C 56 59.28 -27.60 10.26
N PHE C 57 59.65 -26.52 9.60
CA PHE C 57 58.65 -25.76 8.85
C PHE C 57 59.12 -25.23 7.50
N ILE C 58 58.15 -25.03 6.62
CA ILE C 58 58.36 -24.29 5.39
C ILE C 58 57.28 -23.23 5.35
N GLU C 59 57.72 -21.98 5.43
CA GLU C 59 56.83 -20.86 5.67
C GLU C 59 56.17 -20.36 4.37
N ASP C 60 54.91 -19.95 4.48
CA ASP C 60 54.13 -19.45 3.33
C ASP C 60 54.28 -20.32 2.08
N ALA C 61 53.83 -21.56 2.17
CA ALA C 61 53.97 -22.51 1.08
C ALA C 61 52.90 -23.57 1.26
N SER C 62 52.64 -24.33 0.20
CA SER C 62 51.72 -25.47 0.26
C SER C 62 52.13 -26.52 -0.75
N MET C 63 51.26 -27.51 -0.95
CA MET C 63 51.47 -28.63 -1.87
C MET C 63 52.78 -29.37 -1.63
N PRO C 64 53.01 -29.81 -0.39
CA PRO C 64 54.26 -30.55 -0.12
C PRO C 64 54.32 -31.87 -0.88
N ARG C 65 55.45 -32.15 -1.51
CA ARG C 65 55.69 -33.45 -2.10
C ARG C 65 57.06 -33.97 -1.72
N ILE C 66 57.09 -35.08 -0.99
CA ILE C 66 58.34 -35.65 -0.52
C ILE C 66 58.88 -36.62 -1.55
N SER C 67 60.16 -36.48 -1.87
CA SER C 67 60.79 -37.37 -2.84
C SER C 67 60.64 -38.82 -2.43
N PRO C 68 60.67 -39.72 -3.43
CA PRO C 68 60.61 -41.17 -3.20
C PRO C 68 61.74 -41.63 -2.29
N ASP C 69 62.89 -40.94 -2.35
CA ASP C 69 64.05 -41.32 -1.54
C ASP C 69 64.09 -40.51 -0.25
N GLY C 70 63.09 -39.66 -0.06
CA GLY C 70 62.94 -38.92 1.17
C GLY C 70 64.16 -38.06 1.50
N LYS C 71 64.98 -37.79 0.51
CA LYS C 71 66.10 -36.87 0.68
C LYS C 71 65.63 -35.43 0.60
N LYS C 72 64.64 -35.18 -0.25
CA LYS C 72 64.20 -33.81 -0.53
C LYS C 72 62.68 -33.66 -0.70
N ILE C 73 62.20 -32.42 -0.62
CA ILE C 73 60.76 -32.12 -0.68
C ILE C 73 60.46 -30.96 -1.63
N ALA C 74 59.43 -31.13 -2.46
CA ALA C 74 58.99 -30.08 -3.38
C ALA C 74 57.75 -29.39 -2.83
N PHE C 75 57.63 -28.10 -3.09
CA PHE C 75 56.51 -27.32 -2.60
C PHE C 75 56.23 -26.11 -3.48
N MET C 76 55.05 -25.51 -3.31
CA MET C 76 54.63 -24.36 -4.11
C MET C 76 54.53 -23.09 -3.28
N ARG C 77 54.97 -21.97 -3.83
CA ARG C 77 54.72 -20.66 -3.25
C ARG C 77 54.01 -19.76 -4.25
N PHE C 78 52.81 -19.32 -3.89
CA PHE C 78 52.00 -18.49 -4.77
C PHE C 78 52.14 -17.01 -4.39
N ASN C 79 52.26 -16.14 -5.40
CA ASN C 79 52.38 -14.70 -5.15
C ASN C 79 51.01 -14.04 -5.07
N LYS C 83 51.57 -11.84 -9.49
CA LYS C 83 50.69 -13.01 -9.51
C LYS C 83 51.27 -14.20 -10.29
N THR C 84 52.17 -14.95 -9.66
CA THR C 84 52.69 -16.18 -10.25
C THR C 84 53.06 -17.21 -9.18
N ALA C 85 52.93 -18.49 -9.50
CA ALA C 85 53.31 -19.56 -8.59
C ALA C 85 54.71 -20.07 -8.93
N GLN C 86 55.46 -20.44 -7.90
CA GLN C 86 56.79 -21.01 -8.10
C GLN C 86 56.98 -22.35 -7.42
N ILE C 87 57.55 -23.31 -8.16
CA ILE C 87 57.93 -24.61 -7.62
C ILE C 87 59.31 -24.52 -6.98
N TRP C 88 59.40 -24.98 -5.74
CA TRP C 88 60.66 -24.98 -5.00
C TRP C 88 61.09 -26.40 -4.65
N VAL C 89 62.38 -26.57 -4.42
CA VAL C 89 62.89 -27.83 -3.90
C VAL C 89 63.86 -27.61 -2.74
N ALA C 90 63.60 -28.28 -1.63
CA ALA C 90 64.47 -28.18 -0.46
C ALA C 90 64.97 -29.54 -0.03
N ASP C 91 66.24 -29.62 0.34
CA ASP C 91 66.75 -30.83 0.98
C ASP C 91 66.09 -30.91 2.35
N LEU C 92 65.54 -32.08 2.68
CA LEU C 92 64.80 -32.25 3.93
C LEU C 92 65.69 -32.10 5.15
N LYS C 93 66.96 -32.47 5.03
CA LYS C 93 67.83 -32.40 6.19
C LYS C 93 67.94 -30.99 6.75
N THR C 94 68.43 -30.03 5.95
CA THR C 94 68.57 -28.65 6.42
C THR C 94 67.44 -27.70 6.03
N LEU C 95 66.50 -28.19 5.22
CA LEU C 95 65.41 -27.38 4.71
C LEU C 95 65.84 -26.16 3.93
N SER C 96 67.06 -26.19 3.38
CA SER C 96 67.49 -25.11 2.51
C SER C 96 66.88 -25.40 1.15
N ALA C 97 66.43 -24.37 0.45
CA ALA C 97 65.63 -24.57 -0.75
C ALA C 97 66.12 -23.75 -1.95
N LYS C 98 65.73 -24.17 -3.15
CA LYS C 98 66.01 -23.40 -4.35
C LYS C 98 64.78 -23.27 -5.25
N LYS C 99 64.61 -22.09 -5.82
CA LYS C 99 63.55 -21.85 -6.79
C LYS C 99 63.93 -22.65 -8.04
N VAL C 100 63.00 -23.52 -8.46
CA VAL C 100 63.24 -24.45 -9.57
C VAL C 100 62.59 -23.95 -10.85
N LEU C 101 61.27 -23.79 -10.83
CA LEU C 101 60.54 -23.34 -12.00
C LEU C 101 59.45 -22.33 -11.61
N GLU C 102 59.38 -21.22 -12.34
CA GLU C 102 58.33 -20.24 -12.07
C GLU C 102 57.16 -20.50 -12.99
N ALA C 103 56.05 -20.95 -12.44
CA ALA C 103 54.93 -21.40 -13.26
C ALA C 103 53.56 -20.93 -12.77
N LYS C 104 52.86 -20.19 -13.63
CA LYS C 104 51.47 -19.83 -13.38
C LYS C 104 50.59 -20.89 -14.06
N ASN C 105 49.45 -21.17 -13.45
CA ASN C 105 48.52 -22.21 -13.95
C ASN C 105 49.07 -23.64 -13.90
N ILE C 106 49.65 -24.01 -12.76
CA ILE C 106 50.01 -25.40 -12.50
C ILE C 106 49.06 -25.96 -11.45
N ARG C 107 48.20 -26.89 -11.84
CA ARG C 107 47.22 -27.43 -10.91
C ARG C 107 47.75 -28.54 -10.01
N SER C 108 48.85 -29.17 -10.41
CA SER C 108 49.40 -30.26 -9.62
C SER C 108 50.88 -30.55 -9.89
N ILE C 109 51.53 -31.24 -8.96
CA ILE C 109 52.90 -31.70 -9.11
C ILE C 109 53.08 -33.06 -8.43
N GLU C 110 53.83 -33.94 -9.08
CA GLU C 110 54.06 -35.29 -8.58
C GLU C 110 55.50 -35.73 -8.88
N TRP C 111 56.11 -36.47 -7.97
CA TRP C 111 57.47 -36.94 -8.14
C TRP C 111 57.55 -38.20 -9.00
N ASN C 112 58.50 -38.23 -9.92
CA ASN C 112 58.82 -39.48 -10.61
C ASN C 112 59.53 -40.41 -9.64
N GLN C 113 59.54 -41.70 -9.94
CA GLN C 113 60.17 -42.68 -9.06
C GLN C 113 61.64 -42.36 -8.77
N ASP C 114 62.29 -41.62 -9.65
CA ASP C 114 63.73 -41.40 -9.58
C ASP C 114 64.19 -40.30 -8.61
N SER C 115 63.23 -39.58 -8.03
CA SER C 115 63.55 -38.46 -7.15
C SER C 115 64.28 -37.35 -7.92
N ARG C 116 64.04 -37.30 -9.22
CA ARG C 116 64.60 -36.24 -10.06
C ARG C 116 63.51 -35.47 -10.79
N ARG C 117 62.77 -36.15 -11.65
CA ARG C 117 61.74 -35.50 -12.44
C ARG C 117 60.41 -35.29 -11.71
N LEU C 118 59.72 -34.20 -12.04
CA LEU C 118 58.40 -33.93 -11.51
C LEU C 118 57.37 -33.95 -12.64
N LEU C 119 56.13 -34.30 -12.30
CA LEU C 119 55.05 -34.20 -13.27
C LEU C 119 54.09 -33.09 -12.86
N ALA C 120 54.07 -32.01 -13.65
CA ALA C 120 53.24 -30.87 -13.33
C ALA C 120 52.10 -30.71 -14.35
N VAL C 121 50.87 -30.66 -13.86
CA VAL C 121 49.74 -30.58 -14.76
C VAL C 121 49.02 -29.24 -14.65
N GLY C 122 49.18 -28.42 -15.69
CA GLY C 122 48.57 -27.11 -15.78
C GLY C 122 47.46 -26.95 -16.80
N PHE C 123 47.28 -25.71 -17.25
CA PHE C 123 46.36 -25.38 -18.34
C PHE C 123 46.80 -24.12 -19.09
N LYS C 124 46.41 -24.02 -20.35
CA LYS C 124 46.70 -22.84 -21.18
C LYS C 124 45.40 -22.29 -21.76
N ARG C 125 45.28 -20.97 -21.77
CA ARG C 125 44.04 -20.33 -22.23
C ARG C 125 44.34 -19.21 -23.20
N ARG C 126 43.32 -18.74 -23.89
CA ARG C 126 43.53 -17.70 -24.88
C ARG C 126 44.09 -16.43 -24.23
N GLU C 127 43.52 -16.04 -23.10
CA GLU C 127 44.06 -14.94 -22.29
C GLU C 127 44.09 -13.57 -22.99
N ASP C 128 43.04 -13.24 -23.75
CA ASP C 128 42.90 -11.87 -24.24
C ASP C 128 42.37 -11.02 -23.11
N GLU C 129 42.84 -9.78 -23.02
CA GLU C 129 42.51 -8.92 -21.89
C GLU C 129 41.08 -8.38 -21.92
N ASP C 130 40.61 -8.03 -23.11
CA ASP C 130 39.25 -7.51 -23.27
C ASP C 130 38.12 -8.52 -23.34
N PHE C 131 38.36 -9.68 -23.95
CA PHE C 131 37.26 -10.64 -24.10
C PHE C 131 37.65 -12.10 -24.14
N ILE C 132 36.71 -12.91 -23.67
CA ILE C 132 36.79 -14.37 -23.69
C ILE C 132 36.08 -14.91 -24.92
N PHE C 133 36.63 -15.97 -25.49
CA PHE C 133 36.06 -16.61 -26.67
C PHE C 133 35.96 -18.11 -26.48
N GLU C 134 34.76 -18.68 -26.68
CA GLU C 134 34.57 -20.11 -26.45
C GLU C 134 33.95 -20.86 -27.63
N ASP C 135 34.70 -21.81 -28.20
CA ASP C 135 34.20 -22.71 -29.24
C ASP C 135 33.77 -24.11 -28.75
N ASP C 136 33.86 -24.35 -27.45
CA ASP C 136 33.59 -25.67 -26.91
C ASP C 136 32.61 -25.52 -25.74
N VAL C 137 32.33 -26.61 -25.02
CA VAL C 137 31.48 -26.55 -23.83
C VAL C 137 32.18 -27.13 -22.62
N PRO C 138 31.83 -26.63 -21.42
CA PRO C 138 30.98 -25.45 -21.30
C PRO C 138 31.84 -24.19 -21.35
N ALA C 139 31.24 -23.02 -21.15
CA ALA C 139 31.99 -21.77 -21.22
C ALA C 139 32.74 -21.48 -19.93
N TRP C 140 32.32 -22.13 -18.84
CA TRP C 140 32.95 -21.91 -17.56
C TRP C 140 32.78 -23.09 -16.62
N PHE C 141 33.62 -23.13 -15.60
CA PHE C 141 33.48 -24.14 -14.57
C PHE C 141 33.68 -23.50 -13.21
N ASP C 142 32.88 -23.93 -12.24
CA ASP C 142 32.91 -23.32 -10.92
C ASP C 142 34.29 -23.41 -10.29
N ASN C 143 34.79 -22.25 -9.85
CA ASN C 143 36.08 -22.15 -9.17
C ASN C 143 37.28 -22.22 -10.12
N MET C 144 37.03 -22.59 -11.37
CA MET C 144 38.06 -22.49 -12.41
C MET C 144 37.95 -21.26 -13.32
N GLY C 145 36.93 -20.45 -13.12
CA GLY C 145 36.72 -19.27 -13.95
C GLY C 145 36.16 -19.60 -15.33
N PHE C 146 36.26 -18.67 -16.26
CA PHE C 146 35.87 -18.90 -17.65
C PHE C 146 36.95 -19.68 -18.38
N PHE C 147 36.56 -20.79 -19.02
CA PHE C 147 37.52 -21.64 -19.73
C PHE C 147 38.31 -20.90 -20.82
N ASP C 148 37.66 -20.04 -21.58
CA ASP C 148 38.36 -19.26 -22.60
C ASP C 148 39.20 -20.19 -23.48
N GLY C 149 38.56 -21.23 -24.02
CA GLY C 149 39.23 -22.23 -24.85
C GLY C 149 40.32 -23.03 -24.16
N GLU C 150 40.21 -23.22 -22.84
CA GLU C 150 41.25 -23.90 -22.07
C GLU C 150 41.63 -25.28 -22.63
N LYS C 151 42.93 -25.55 -22.68
CA LYS C 151 43.45 -26.87 -23.02
C LYS C 151 44.34 -27.32 -21.88
N THR C 152 44.42 -28.64 -21.64
CA THR C 152 45.26 -29.13 -20.55
C THR C 152 46.72 -29.24 -20.96
N THR C 153 47.63 -28.88 -20.06
CA THR C 153 49.06 -29.01 -20.34
C THR C 153 49.77 -30.01 -19.42
N PHE C 154 50.82 -30.64 -19.93
CA PHE C 154 51.60 -31.60 -19.17
C PHE C 154 53.10 -31.25 -19.26
N TRP C 155 53.73 -30.99 -18.11
CA TRP C 155 55.17 -30.71 -18.10
CA TRP C 155 55.17 -30.70 -18.09
C TRP C 155 55.95 -31.77 -17.34
N VAL C 156 57.06 -32.20 -17.92
CA VAL C 156 58.00 -33.05 -17.21
C VAL C 156 59.17 -32.14 -16.84
N ILE C 157 59.36 -31.91 -15.55
CA ILE C 157 60.39 -30.99 -15.09
C ILE C 157 61.57 -31.74 -14.49
N ASP C 158 62.77 -31.34 -14.89
CA ASP C 158 63.97 -31.83 -14.26
C ASP C 158 64.35 -30.86 -13.13
N THR C 159 64.45 -31.36 -11.90
CA THR C 159 64.71 -30.49 -10.76
C THR C 159 66.18 -30.16 -10.58
N GLU C 160 67.04 -30.81 -11.36
CA GLU C 160 68.48 -30.64 -11.23
C GLU C 160 68.95 -29.51 -12.12
N GLY C 161 68.80 -29.68 -13.42
CA GLY C 161 69.08 -28.63 -14.38
C GLY C 161 68.03 -27.54 -14.35
N GLU C 162 66.88 -27.85 -13.74
CA GLU C 162 65.78 -26.91 -13.62
C GLU C 162 65.21 -26.50 -14.99
N GLU C 163 64.96 -27.48 -15.85
CA GLU C 163 64.36 -27.22 -17.15
C GLU C 163 63.15 -28.12 -17.43
N VAL C 164 62.34 -27.71 -18.38
CA VAL C 164 61.25 -28.56 -18.82
C VAL C 164 61.79 -29.39 -19.97
N ILE C 165 61.92 -30.69 -19.73
CA ILE C 165 62.40 -31.61 -20.76
C ILE C 165 61.29 -32.26 -21.61
N GLU C 166 60.04 -32.14 -21.19
CA GLU C 166 58.92 -32.70 -21.94
C GLU C 166 57.67 -31.85 -21.76
N GLN C 167 56.93 -31.66 -22.85
CA GLN C 167 55.61 -31.07 -22.74
C GLN C 167 54.68 -31.50 -23.87
N PHE C 168 53.39 -31.59 -23.55
CA PHE C 168 52.36 -31.84 -24.53
C PHE C 168 51.03 -31.36 -23.96
N GLU C 169 50.04 -31.17 -24.82
CA GLU C 169 48.73 -30.77 -24.31
C GLU C 169 47.60 -31.71 -24.74
N LYS C 170 46.60 -31.83 -23.88
CA LYS C 170 45.41 -32.61 -24.19
C LYS C 170 44.18 -31.71 -24.05
N PRO C 171 43.00 -32.26 -24.35
CA PRO C 171 41.74 -31.51 -24.22
C PRO C 171 41.42 -31.11 -22.80
N ARG C 172 40.46 -30.21 -22.67
CA ARG C 172 40.03 -29.65 -21.41
C ARG C 172 39.71 -30.78 -20.42
N PHE C 173 40.06 -30.55 -19.15
CA PHE C 173 39.80 -31.50 -18.06
C PHE C 173 40.54 -32.84 -18.13
N SER C 174 41.65 -32.87 -18.85
CA SER C 174 42.49 -34.07 -18.88
C SER C 174 43.34 -34.16 -17.62
N SER C 175 43.73 -35.37 -17.24
CA SER C 175 44.59 -35.58 -16.09
C SER C 175 45.73 -36.53 -16.44
N GLY C 176 46.75 -36.57 -15.60
CA GLY C 176 47.85 -37.50 -15.79
C GLY C 176 48.62 -37.81 -14.52
N ILE C 177 49.26 -38.97 -14.50
CA ILE C 177 50.05 -39.41 -13.35
C ILE C 177 51.25 -40.20 -13.84
N TRP C 178 52.22 -40.41 -12.96
CA TRP C 178 53.36 -41.25 -13.29
C TRP C 178 52.99 -42.74 -13.21
N HIS C 179 53.34 -43.48 -14.24
CA HIS C 179 53.39 -44.94 -14.16
C HIS C 179 54.76 -45.34 -14.66
N GLY C 180 55.60 -45.85 -13.77
CA GLY C 180 56.98 -46.12 -14.12
C GLY C 180 57.62 -44.89 -14.72
N ASP C 181 58.20 -45.04 -15.90
CA ASP C 181 58.79 -43.93 -16.64
C ASP C 181 57.82 -43.31 -17.67
N SER C 182 56.57 -43.79 -17.70
CA SER C 182 55.57 -43.26 -18.62
C SER C 182 54.49 -42.47 -17.89
N ILE C 183 53.54 -41.93 -18.63
CA ILE C 183 52.46 -41.13 -18.04
C ILE C 183 51.11 -41.66 -18.47
N VAL C 184 50.23 -41.91 -17.52
CA VAL C 184 48.88 -42.32 -17.88
C VAL C 184 48.00 -41.08 -18.00
N VAL C 185 47.53 -40.82 -19.22
CA VAL C 185 46.73 -39.63 -19.50
C VAL C 185 45.25 -39.98 -19.70
N SER C 186 44.42 -39.54 -18.78
CA SER C 186 42.99 -39.73 -18.91
C SER C 186 42.34 -38.50 -19.52
N VAL C 187 41.51 -38.73 -20.55
CA VAL C 187 40.86 -37.63 -21.25
C VAL C 187 39.36 -37.85 -21.31
N PRO C 188 38.58 -36.77 -21.19
CA PRO C 188 37.14 -36.95 -21.34
C PRO C 188 36.82 -37.38 -22.77
N HIS C 189 35.94 -38.37 -22.91
CA HIS C 189 35.55 -38.86 -24.24
C HIS C 189 34.56 -37.91 -24.91
N ARG C 190 34.73 -37.71 -26.20
CA ARG C 190 33.89 -36.80 -26.97
C ARG C 190 32.94 -37.54 -27.93
N ASP C 191 31.66 -37.18 -27.88
CA ASP C 191 30.74 -37.62 -28.91
C ASP C 191 30.28 -36.41 -29.71
N VAL C 192 29.37 -35.66 -29.11
CA VAL C 192 28.92 -34.40 -29.69
C VAL C 192 29.72 -33.37 -28.94
N ILE C 193 29.49 -33.34 -27.64
CA ILE C 193 30.25 -32.53 -26.71
C ILE C 193 31.01 -33.52 -25.83
N PRO C 194 32.12 -33.09 -25.24
CA PRO C 194 32.86 -33.99 -24.33
C PRO C 194 31.92 -34.55 -23.27
N ARG C 195 32.10 -35.81 -22.88
CA ARG C 195 31.25 -36.38 -21.87
C ARG C 195 32.01 -36.34 -20.56
N TYR C 196 31.61 -35.44 -19.68
CA TYR C 196 32.37 -35.20 -18.46
C TYR C 196 31.85 -36.11 -17.37
N PHE C 197 32.76 -36.75 -16.64
CA PHE C 197 32.39 -37.55 -15.49
C PHE C 197 31.67 -38.83 -15.90
N LYS C 198 31.42 -38.97 -17.20
CA LYS C 198 30.76 -40.15 -17.73
C LYS C 198 31.75 -41.06 -18.45
N TYR C 199 32.34 -40.59 -19.53
CA TYR C 199 33.26 -41.42 -20.31
C TYR C 199 34.66 -40.82 -20.48
N TRP C 200 35.67 -41.69 -20.51
CA TRP C 200 37.05 -41.29 -20.72
C TRP C 200 37.75 -42.22 -21.71
N ASP C 201 38.72 -41.68 -22.41
CA ASP C 201 39.70 -42.49 -23.12
C ASP C 201 40.97 -42.43 -22.29
N ILE C 202 41.68 -43.54 -22.17
CA ILE C 202 42.92 -43.55 -21.38
C ILE C 202 44.11 -43.93 -22.24
N TYR C 203 45.16 -43.11 -22.19
CA TYR C 203 46.36 -43.36 -22.99
C TYR C 203 47.57 -43.58 -22.10
N LEU C 204 48.56 -44.30 -22.63
CA LEU C 204 49.85 -44.41 -21.98
C LEU C 204 50.86 -43.67 -22.84
N TRP C 205 51.60 -42.77 -22.21
CA TRP C 205 52.41 -41.80 -22.93
C TRP C 205 53.87 -41.89 -22.53
N LYS C 206 54.76 -42.00 -23.51
CA LYS C 206 56.19 -41.88 -23.26
C LYS C 206 56.93 -41.32 -24.48
N ASP C 207 57.91 -40.47 -24.23
CA ASP C 207 58.79 -39.97 -25.29
C ASP C 207 58.06 -39.54 -26.57
N GLY C 208 56.92 -38.88 -26.41
CA GLY C 208 56.21 -38.31 -27.54
C GLY C 208 55.17 -39.21 -28.19
N GLU C 209 55.30 -40.51 -27.95
CA GLU C 209 54.38 -41.49 -28.52
C GLU C 209 53.41 -42.00 -27.45
N GLU C 210 52.16 -42.23 -27.85
CA GLU C 210 51.18 -42.78 -26.93
C GLU C 210 50.48 -44.01 -27.51
N GLU C 211 49.87 -44.79 -26.62
CA GLU C 211 49.08 -45.95 -27.01
C GLU C 211 47.80 -45.95 -26.20
N LYS C 212 46.66 -46.19 -26.84
CA LYS C 212 45.38 -46.06 -26.16
C LYS C 212 45.13 -47.31 -25.31
N LEU C 213 45.03 -47.12 -24.00
CA LEU C 213 44.79 -48.22 -23.08
C LEU C 213 43.30 -48.60 -22.99
N PHE C 214 42.45 -47.59 -23.06
CA PHE C 214 41.00 -47.77 -22.90
C PHE C 214 40.24 -46.79 -23.76
N GLU C 215 39.09 -47.22 -24.27
CA GLU C 215 38.24 -46.38 -25.09
C GLU C 215 36.84 -46.32 -24.52
N LYS C 216 36.35 -45.12 -24.26
CA LYS C 216 34.99 -44.93 -23.74
C LYS C 216 34.72 -45.72 -22.45
N VAL C 217 35.56 -45.51 -21.46
CA VAL C 217 35.42 -46.19 -20.17
C VAL C 217 34.86 -45.23 -19.13
N SER C 218 34.12 -45.77 -18.16
CA SER C 218 33.53 -44.95 -17.11
C SER C 218 34.47 -44.68 -15.94
N PHE C 219 35.71 -45.14 -16.04
CA PHE C 219 36.72 -44.81 -15.02
C PHE C 219 37.98 -44.14 -15.60
N TYR C 220 38.76 -43.50 -14.73
CA TYR C 220 40.02 -42.85 -15.13
C TYR C 220 41.12 -43.26 -14.16
N ALA C 221 42.37 -42.94 -14.49
CA ALA C 221 43.48 -43.42 -13.69
C ALA C 221 43.84 -42.44 -12.58
N ILE C 222 43.58 -42.85 -11.34
CA ILE C 222 43.91 -42.05 -10.15
C ILE C 222 45.25 -42.34 -9.43
N ASP C 223 45.93 -43.43 -9.75
CA ASP C 223 47.25 -43.68 -9.13
C ASP C 223 48.04 -44.84 -9.76
N SER C 224 49.28 -45.03 -9.29
CA SER C 224 50.08 -46.18 -9.68
C SER C 224 51.14 -46.55 -8.65
N ASP C 225 51.43 -47.84 -8.53
CA ASP C 225 52.61 -48.31 -7.80
C ASP C 225 53.74 -48.62 -8.79
N GLY C 226 53.44 -48.39 -10.06
CA GLY C 226 54.37 -48.60 -11.16
C GLY C 226 54.31 -49.99 -11.76
N GLU C 227 53.85 -50.96 -10.97
CA GLU C 227 53.47 -52.26 -11.51
C GLU C 227 52.04 -52.26 -12.05
N ARG C 228 51.16 -51.63 -11.29
CA ARG C 228 49.71 -51.70 -11.53
C ARG C 228 49.11 -50.30 -11.58
N ILE C 229 47.96 -50.19 -12.24
CA ILE C 229 47.27 -48.91 -12.37
C ILE C 229 45.93 -48.91 -11.67
N LEU C 230 45.73 -47.95 -10.75
CA LEU C 230 44.50 -47.88 -9.99
C LEU C 230 43.46 -47.00 -10.70
N LEU C 231 42.35 -47.62 -11.11
CA LEU C 231 41.26 -46.94 -11.81
C LEU C 231 40.13 -46.58 -10.86
N TYR C 232 39.51 -45.43 -11.10
CA TYR C 232 38.42 -44.94 -10.26
C TYR C 232 37.18 -44.68 -11.11
N GLY C 233 36.14 -45.46 -10.88
CA GLY C 233 34.96 -45.41 -11.71
C GLY C 233 34.28 -46.77 -11.75
N LYS C 234 33.55 -47.01 -12.83
CA LYS C 234 33.19 -48.36 -13.25
C LYS C 234 33.63 -48.53 -14.70
N PRO C 235 33.75 -49.78 -15.15
CA PRO C 235 34.02 -50.00 -16.58
C PRO C 235 32.96 -49.34 -17.45
N GLU C 236 31.70 -49.38 -17.01
CA GLU C 236 30.61 -48.73 -17.74
C GLU C 236 29.52 -48.25 -16.77
N LYS C 237 28.93 -47.09 -17.05
CA LYS C 237 27.91 -46.50 -16.20
C LYS C 237 26.69 -46.08 -17.00
N LYS C 238 25.50 -46.44 -16.53
CA LYS C 238 24.27 -45.94 -17.15
C LYS C 238 23.89 -44.59 -16.56
N TYR C 239 24.50 -44.27 -15.42
CA TYR C 239 24.28 -43.02 -14.71
C TYR C 239 25.58 -42.58 -14.01
N VAL C 240 25.86 -41.29 -14.01
CA VAL C 240 27.04 -40.81 -13.29
C VAL C 240 26.85 -40.99 -11.78
N SER C 241 25.59 -40.97 -11.35
CA SER C 241 25.24 -41.07 -9.93
C SER C 241 25.55 -42.44 -9.30
N GLU C 242 25.95 -43.40 -10.13
CA GLU C 242 26.32 -44.72 -9.64
C GLU C 242 27.54 -44.60 -8.73
N HIS C 243 27.65 -45.50 -7.76
CA HIS C 243 28.79 -45.51 -6.85
C HIS C 243 30.10 -45.73 -7.62
N ASP C 244 31.05 -44.83 -7.39
CA ASP C 244 32.36 -44.98 -8.00
C ASP C 244 33.19 -46.00 -7.22
N LYS C 245 33.73 -46.98 -7.92
CA LYS C 245 34.51 -48.04 -7.28
C LYS C 245 35.97 -47.98 -7.72
N ILE C 246 36.80 -48.89 -7.20
CA ILE C 246 38.21 -48.94 -7.58
C ILE C 246 38.57 -50.23 -8.31
N TYR C 247 39.61 -50.18 -9.13
CA TYR C 247 40.02 -51.33 -9.92
C TYR C 247 41.54 -51.37 -10.06
N ILE C 248 42.12 -52.55 -10.04
CA ILE C 248 43.55 -52.70 -10.28
C ILE C 248 43.77 -53.17 -11.70
N TYR C 249 44.41 -52.35 -12.52
CA TYR C 249 44.72 -52.75 -13.87
C TYR C 249 46.21 -53.08 -13.96
N ASP C 250 46.51 -54.37 -14.05
CA ASP C 250 47.85 -54.87 -14.29
C ASP C 250 48.05 -55.14 -15.78
N GLY C 251 47.06 -54.76 -16.57
CA GLY C 251 46.91 -55.25 -17.92
C GLY C 251 45.68 -56.12 -18.00
N GLU C 252 45.08 -56.40 -16.84
CA GLU C 252 43.75 -56.97 -16.77
C GLU C 252 42.99 -56.27 -15.64
N VAL C 253 41.77 -55.85 -15.91
CA VAL C 253 40.99 -55.11 -14.92
C VAL C 253 40.48 -56.05 -13.82
N LYS C 254 40.80 -55.74 -12.57
CA LYS C 254 40.20 -56.49 -11.47
C LYS C 254 39.60 -55.56 -10.40
N GLY C 255 38.28 -55.57 -10.27
CA GLY C 255 37.62 -54.87 -9.18
C GLY C 255 37.83 -55.56 -7.85
N ILE C 256 38.35 -54.83 -6.87
CA ILE C 256 38.52 -55.39 -5.54
C ILE C 256 37.32 -55.13 -4.63
N LEU C 257 36.46 -54.22 -5.08
CA LEU C 257 35.31 -53.79 -4.28
C LEU C 257 33.98 -54.48 -4.61
N ASP C 258 34.03 -55.47 -5.49
CA ASP C 258 32.81 -55.99 -6.10
C ASP C 258 31.70 -56.35 -5.08
N ASP C 259 32.07 -56.70 -3.85
CA ASP C 259 31.08 -57.12 -2.85
C ASP C 259 30.45 -56.00 -2.02
N ILE C 260 31.06 -54.82 -2.06
CA ILE C 260 30.60 -53.70 -1.26
C ILE C 260 29.83 -52.72 -2.12
N ASP C 261 28.58 -52.45 -1.78
CA ASP C 261 27.88 -51.43 -2.53
C ASP C 261 27.98 -50.22 -1.61
N ARG C 262 28.92 -49.35 -1.98
CA ARG C 262 29.22 -48.10 -1.30
C ARG C 262 30.03 -47.26 -2.26
N GLU C 263 30.14 -45.96 -2.03
CA GLU C 263 31.02 -45.17 -2.87
C GLU C 263 32.42 -44.97 -2.25
N VAL C 264 33.45 -45.09 -3.08
CA VAL C 264 34.79 -44.77 -2.64
C VAL C 264 35.00 -43.27 -2.71
N ALA C 265 35.43 -42.68 -1.60
CA ALA C 265 35.79 -41.26 -1.58
C ALA C 265 37.19 -41.04 -2.16
N GLN C 266 38.14 -41.84 -1.69
CA GLN C 266 39.55 -41.62 -2.01
C GLN C 266 40.27 -42.95 -1.95
N ALA C 267 41.45 -43.02 -2.57
CA ALA C 267 42.24 -44.25 -2.53
C ALA C 267 43.57 -44.09 -3.26
N LYS C 268 44.50 -44.97 -2.93
CA LYS C 268 45.86 -44.92 -3.47
C LYS C 268 46.44 -46.32 -3.46
N ILE C 269 47.54 -46.52 -4.20
CA ILE C 269 48.21 -47.81 -4.21
C ILE C 269 49.67 -47.69 -3.80
N ARG C 270 50.08 -48.52 -2.83
CA ARG C 270 51.48 -48.58 -2.43
C ARG C 270 51.96 -50.03 -2.35
N ASN C 271 52.90 -50.37 -3.23
CA ASN C 271 53.46 -51.72 -3.31
C ASN C 271 52.41 -52.82 -3.19
N GLY C 272 51.49 -52.86 -4.15
CA GLY C 272 50.51 -53.92 -4.25
C GLY C 272 49.30 -53.78 -3.34
N LYS C 273 49.40 -52.92 -2.32
CA LYS C 273 48.31 -52.75 -1.36
C LYS C 273 47.53 -51.46 -1.62
N VAL C 274 46.21 -51.51 -1.41
CA VAL C 274 45.34 -50.38 -1.75
C VAL C 274 44.59 -49.81 -0.54
N TYR C 275 44.89 -48.57 -0.19
CA TYR C 275 44.19 -47.90 0.90
C TYR C 275 43.08 -47.02 0.33
N PHE C 276 41.93 -47.03 0.99
CA PHE C 276 40.77 -46.30 0.47
C PHE C 276 39.75 -45.95 1.55
N THR C 277 38.90 -44.99 1.24
CA THR C 277 37.81 -44.63 2.15
C THR C 277 36.45 -44.79 1.49
N LEU C 278 35.42 -44.99 2.31
CA LEU C 278 34.05 -45.17 1.83
C LEU C 278 33.09 -44.24 2.55
N PHE C 279 32.06 -43.78 1.84
CA PHE C 279 30.96 -43.10 2.49
C PHE C 279 30.05 -44.17 3.08
N GLU C 280 29.90 -44.19 4.40
CA GLU C 280 28.99 -45.11 5.04
C GLU C 280 28.14 -44.41 6.09
N GLU C 281 26.84 -44.34 5.83
CA GLU C 281 25.88 -43.90 6.85
C GLU C 281 26.34 -42.67 7.61
N GLY C 282 26.75 -41.62 6.90
CA GLY C 282 27.14 -40.38 7.53
C GLY C 282 28.58 -40.30 8.01
N SER C 283 29.36 -41.34 7.71
CA SER C 283 30.79 -41.36 8.05
C SER C 283 31.62 -41.63 6.80
N VAL C 284 32.91 -41.33 6.89
CA VAL C 284 33.85 -41.75 5.86
C VAL C 284 34.95 -42.55 6.53
N ASN C 285 35.04 -43.83 6.20
CA ASN C 285 35.94 -44.72 6.91
C ASN C 285 37.11 -45.21 6.06
N LEU C 286 38.22 -45.50 6.71
CA LEU C 286 39.45 -45.90 6.03
C LEU C 286 39.64 -47.42 6.06
N TYR C 287 39.96 -47.98 4.90
CA TYR C 287 40.19 -49.42 4.79
C TYR C 287 41.48 -49.70 4.04
N LEU C 288 41.97 -50.92 4.19
CA LEU C 288 43.16 -51.37 3.48
C LEU C 288 42.84 -52.64 2.70
N TRP C 289 43.26 -52.70 1.44
CA TRP C 289 43.15 -53.94 0.69
C TRP C 289 44.53 -54.51 0.37
N ASP C 290 44.87 -55.59 1.07
CA ASP C 290 46.08 -56.39 0.83
C ASP C 290 45.79 -57.61 -0.05
N GLY C 291 44.58 -57.65 -0.60
CA GLY C 291 44.00 -58.86 -1.13
C GLY C 291 42.83 -59.35 -0.31
N GLU C 292 42.51 -58.57 0.73
CA GLU C 292 41.24 -58.69 1.41
C GLU C 292 40.92 -57.32 2.02
N VAL C 293 39.63 -57.02 2.18
CA VAL C 293 39.24 -55.75 2.78
C VAL C 293 39.32 -55.81 4.31
N ARG C 294 40.15 -54.94 4.89
CA ARG C 294 40.33 -54.91 6.33
C ARG C 294 40.15 -53.49 6.80
N GLU C 295 39.32 -53.29 7.83
CA GLU C 295 39.06 -51.94 8.30
C GLU C 295 40.19 -51.40 9.17
N ILE C 296 40.58 -50.16 8.88
CA ILE C 296 41.67 -49.49 9.58
C ILE C 296 41.11 -48.50 10.59
N ALA C 297 40.39 -47.50 10.09
CA ALA C 297 39.74 -46.53 10.97
C ALA C 297 38.27 -46.42 10.63
N LYS C 298 37.41 -46.83 11.56
CA LYS C 298 35.97 -46.73 11.38
C LYS C 298 35.33 -46.17 12.65
N GLY C 299 34.21 -45.45 12.48
CA GLY C 299 33.53 -44.84 13.61
C GLY C 299 32.80 -43.61 13.14
N LYS C 300 32.40 -42.75 14.07
CA LYS C 300 31.68 -41.57 13.65
C LYS C 300 32.73 -40.50 13.45
N HIS C 301 32.99 -40.20 12.19
CA HIS C 301 34.01 -39.24 11.80
C HIS C 301 34.17 -39.28 10.27
N TRP C 302 34.99 -38.37 9.75
CA TRP C 302 35.42 -38.45 8.36
C TRP C 302 36.93 -38.53 8.28
N ILE C 303 37.43 -39.41 7.41
CA ILE C 303 38.84 -39.37 7.10
C ILE C 303 38.96 -38.46 5.87
N MET C 304 39.56 -37.29 6.09
CA MET C 304 39.57 -36.25 5.07
C MET C 304 40.73 -36.37 4.10
N GLY C 305 41.70 -37.22 4.45
CA GLY C 305 42.85 -37.48 3.61
C GLY C 305 43.79 -38.44 4.30
N PHE C 306 44.66 -39.09 3.53
CA PHE C 306 45.60 -40.07 4.06
C PHE C 306 46.77 -40.27 3.11
N ASP C 307 47.89 -40.80 3.63
CA ASP C 307 48.99 -41.22 2.77
C ASP C 307 49.77 -42.35 3.45
N ALA C 308 50.36 -43.25 2.67
CA ALA C 308 51.18 -44.31 3.24
C ALA C 308 52.40 -44.67 2.39
N ASP C 309 53.56 -44.77 3.01
CA ASP C 309 54.69 -45.44 2.37
C ASP C 309 55.21 -46.57 3.26
N GLU C 310 55.98 -46.23 4.29
CA GLU C 310 56.35 -47.21 5.30
C GLU C 310 55.40 -47.13 6.47
N ARG C 311 54.57 -46.08 6.47
CA ARG C 311 53.68 -45.79 7.58
C ARG C 311 52.35 -45.30 7.02
N LEU C 312 51.28 -45.48 7.79
CA LEU C 312 49.97 -45.03 7.36
C LEU C 312 49.47 -43.87 8.22
N ILE C 313 49.33 -42.70 7.60
CA ILE C 313 48.81 -41.55 8.31
C ILE C 313 47.54 -41.05 7.66
N TYR C 314 46.69 -40.40 8.45
CA TYR C 314 45.46 -39.85 7.93
C TYR C 314 44.94 -38.71 8.80
N LEU C 315 44.10 -37.86 8.20
CA LEU C 315 43.48 -36.77 8.91
C LEU C 315 42.07 -37.14 9.32
N LYS C 316 41.82 -37.18 10.63
CA LYS C 316 40.49 -37.50 11.12
C LYS C 316 39.75 -36.23 11.52
N GLU C 317 38.48 -36.16 11.16
CA GLU C 317 37.64 -35.03 11.52
C GLU C 317 36.31 -35.52 12.06
N THR C 318 35.81 -34.85 13.08
CA THR C 318 34.57 -35.26 13.71
C THR C 318 33.55 -34.13 13.69
N ALA C 319 32.41 -34.39 14.29
CA ALA C 319 31.31 -33.44 14.27
C ALA C 319 31.60 -32.28 15.22
N THR C 320 32.32 -32.58 16.29
CA THR C 320 32.72 -31.59 17.27
C THR C 320 34.15 -31.06 17.09
N ARG C 321 34.89 -31.59 16.13
CA ARG C 321 36.28 -31.17 15.95
C ARG C 321 36.74 -31.11 14.49
N PRO C 322 37.57 -30.11 14.16
CA PRO C 322 38.26 -30.04 12.86
C PRO C 322 39.39 -31.05 12.83
N ALA C 323 39.86 -31.37 11.63
CA ALA C 323 40.81 -32.46 11.44
C ALA C 323 42.07 -32.37 12.29
N GLU C 324 42.53 -33.53 12.75
CA GLU C 324 43.85 -33.71 13.33
C GLU C 324 44.49 -34.92 12.66
N LEU C 325 45.82 -35.02 12.78
CA LEU C 325 46.57 -36.06 12.11
C LEU C 325 46.68 -37.31 12.98
N TYR C 326 46.54 -38.46 12.35
CA TYR C 326 46.58 -39.72 13.09
C TYR C 326 47.48 -40.73 12.42
N LEU C 327 48.16 -41.53 13.24
CA LEU C 327 49.00 -42.59 12.74
C LEU C 327 48.38 -43.91 13.11
N TRP C 328 48.57 -44.92 12.28
CA TRP C 328 48.11 -46.25 12.61
C TRP C 328 49.23 -47.28 12.45
N ASP C 329 49.72 -47.84 13.56
CA ASP C 329 50.36 -49.16 13.50
C ASP C 329 49.56 -50.15 14.35
N GLY C 330 48.81 -51.03 13.68
CA GLY C 330 48.10 -52.10 14.34
C GLY C 330 46.99 -51.51 15.20
N GLU C 331 47.06 -50.20 15.36
CA GLU C 331 46.23 -49.44 16.29
C GLU C 331 46.26 -47.97 15.87
N GLU C 332 45.29 -47.18 16.34
CA GLU C 332 45.29 -45.74 16.07
C GLU C 332 46.04 -44.95 17.15
N ARG C 333 46.91 -44.03 16.73
CA ARG C 333 47.58 -43.12 17.66
C ARG C 333 47.47 -41.69 17.15
N GLN C 334 46.97 -40.79 17.99
CA GLN C 334 46.75 -39.42 17.58
C GLN C 334 48.07 -38.66 17.60
N LEU C 335 48.47 -38.16 16.43
CA LEU C 335 49.75 -37.47 16.27
C LEU C 335 49.74 -36.03 16.72
N THR C 336 48.67 -35.30 16.43
CA THR C 336 48.67 -33.87 16.68
C THR C 336 47.39 -33.41 17.34
N ASP C 337 47.52 -32.62 18.39
CA ASP C 337 46.37 -31.86 18.81
C ASP C 337 46.69 -30.39 18.60
N TYR C 338 46.14 -29.81 17.55
CA TYR C 338 46.29 -28.38 17.32
C TYR C 338 45.29 -27.52 18.07
N ASN C 339 44.04 -27.95 18.03
CA ASN C 339 42.95 -27.13 18.53
C ASN C 339 42.52 -27.42 19.97
N GLY C 340 43.22 -28.34 20.62
CA GLY C 340 42.83 -28.80 21.94
C GLY C 340 42.67 -27.70 22.97
N LEU C 341 43.70 -26.89 23.17
CA LEU C 341 43.65 -25.81 24.13
C LEU C 341 42.43 -24.93 23.85
N ILE C 342 42.28 -24.53 22.59
CA ILE C 342 41.15 -23.67 22.22
C ILE C 342 39.81 -24.33 22.53
N PHE C 343 39.67 -25.61 22.20
CA PHE C 343 38.40 -26.27 22.43
C PHE C 343 38.13 -26.54 23.91
N LYS C 344 39.20 -26.68 24.71
CA LYS C 344 39.03 -26.81 26.14
C LYS C 344 38.15 -25.70 26.68
N LYS C 345 38.26 -24.51 26.09
CA LYS C 345 37.50 -23.34 26.55
C LYS C 345 36.19 -23.14 25.79
N LEU C 346 35.87 -24.05 24.87
CA LEU C 346 34.70 -23.89 24.00
C LEU C 346 33.67 -25.02 24.10
N LYS C 347 32.41 -24.68 24.35
CA LYS C 347 31.34 -25.69 24.43
C LYS C 347 31.12 -26.35 23.09
N THR C 348 31.17 -27.68 23.05
CA THR C 348 30.93 -28.42 21.81
C THR C 348 29.68 -29.29 21.92
N PHE C 349 28.94 -29.41 20.82
CA PHE C 349 27.69 -30.19 20.82
C PHE C 349 27.73 -31.43 19.93
N GLU C 350 27.72 -32.60 20.54
CA GLU C 350 27.61 -33.85 19.78
C GLU C 350 26.16 -34.06 19.36
N PRO C 351 25.95 -34.40 18.07
CA PRO C 351 24.62 -34.69 17.54
C PRO C 351 24.12 -36.08 17.95
N ARG C 352 22.80 -36.22 18.02
CA ARG C 352 22.17 -37.48 18.42
C ARG C 352 21.62 -38.24 17.23
N HIS C 353 22.14 -39.44 17.00
CA HIS C 353 21.67 -40.24 15.89
C HIS C 353 20.28 -40.83 16.14
N PHE C 354 19.38 -40.71 15.17
CA PHE C 354 18.06 -41.32 15.28
C PHE C 354 17.53 -41.84 13.93
N ARG C 355 16.87 -43.00 13.97
CA ARG C 355 16.30 -43.63 12.79
C ARG C 355 14.82 -43.30 12.65
N PHE C 356 14.35 -43.10 11.43
CA PHE C 356 12.95 -42.76 11.22
C PHE C 356 12.38 -43.43 9.99
N LYS C 357 11.05 -43.56 9.96
CA LYS C 357 10.37 -44.20 8.85
C LYS C 357 9.88 -43.15 7.87
N SER C 358 10.31 -43.28 6.62
CA SER C 358 9.86 -42.39 5.57
C SER C 358 9.36 -43.22 4.40
N ILE C 359 8.06 -43.11 4.11
CA ILE C 359 7.46 -43.96 3.08
C ILE C 359 7.81 -45.40 3.41
N ASP C 360 8.55 -46.07 2.53
CA ASP C 360 8.91 -47.46 2.73
C ASP C 360 10.29 -47.71 3.36
N LEU C 361 11.05 -46.66 3.64
CA LEU C 361 12.45 -46.83 4.05
C LEU C 361 12.77 -46.39 5.48
N GLU C 362 13.83 -46.98 6.05
CA GLU C 362 14.38 -46.54 7.34
C GLU C 362 15.59 -45.65 7.07
N LEU C 363 15.48 -44.38 7.45
CA LEU C 363 16.50 -43.40 7.13
C LEU C 363 17.25 -42.91 8.38
N ASP C 364 18.50 -42.50 8.19
CA ASP C 364 19.29 -41.91 9.27
C ASP C 364 18.86 -40.49 9.55
N GLY C 365 19.11 -40.05 10.77
CA GLY C 365 18.78 -38.70 11.18
C GLY C 365 19.71 -38.24 12.29
N TRP C 366 19.76 -36.93 12.51
CA TRP C 366 20.58 -36.38 13.58
C TRP C 366 19.96 -35.10 14.11
N TYR C 367 20.23 -34.83 15.38
CA TYR C 367 19.87 -33.54 15.93
C TYR C 367 20.81 -33.14 17.06
N ILE C 368 20.90 -31.83 17.27
CA ILE C 368 21.72 -31.27 18.33
C ILE C 368 20.80 -30.53 19.29
N LYS C 369 20.90 -30.84 20.58
CA LYS C 369 20.02 -30.22 21.55
C LYS C 369 20.78 -29.17 22.36
N PRO C 370 20.28 -27.93 22.33
CA PRO C 370 20.89 -26.82 23.05
C PRO C 370 20.68 -26.95 24.55
N GLU C 371 21.20 -26.01 25.33
CA GLU C 371 20.92 -25.95 26.75
C GLU C 371 19.62 -25.17 26.87
N ILE C 372 18.60 -25.80 27.43
CA ILE C 372 17.28 -25.19 27.46
C ILE C 372 16.76 -25.03 28.89
N LYS C 373 16.11 -23.90 29.15
CA LYS C 373 15.47 -23.68 30.44
C LYS C 373 14.52 -24.84 30.73
N GLU C 374 14.52 -25.31 31.98
CA GLU C 374 13.71 -26.46 32.37
C GLU C 374 12.26 -26.35 31.94
N GLY C 375 11.70 -25.15 32.03
CA GLY C 375 10.31 -24.92 31.66
C GLY C 375 10.09 -24.22 30.32
N GLU C 376 11.08 -24.27 29.44
CA GLU C 376 11.00 -23.51 28.18
C GLU C 376 11.19 -24.38 26.94
N LYS C 377 10.79 -23.83 25.79
CA LYS C 377 10.93 -24.48 24.49
C LYS C 377 11.88 -23.69 23.59
N ALA C 378 12.50 -24.38 22.63
CA ALA C 378 13.45 -23.74 21.72
C ALA C 378 13.00 -23.86 20.26
N PRO C 379 13.43 -22.90 19.42
CA PRO C 379 13.16 -22.91 17.98
C PRO C 379 14.01 -23.93 17.24
N VAL C 380 13.61 -24.28 16.01
CA VAL C 380 14.30 -25.33 15.28
C VAL C 380 14.84 -24.88 13.92
N ILE C 381 16.08 -25.25 13.63
CA ILE C 381 16.69 -24.99 12.34
C ILE C 381 17.00 -26.29 11.62
N VAL C 382 16.39 -26.48 10.46
CA VAL C 382 16.58 -27.68 9.66
C VAL C 382 17.62 -27.46 8.57
N PHE C 383 18.67 -28.26 8.59
CA PHE C 383 19.70 -28.18 7.56
C PHE C 383 19.49 -29.22 6.48
N VAL C 384 19.63 -28.81 5.22
CA VAL C 384 19.56 -29.74 4.10
C VAL C 384 20.85 -29.70 3.32
N HIS C 385 21.53 -30.85 3.25
CA HIS C 385 22.86 -30.92 2.63
C HIS C 385 22.84 -30.76 1.10
N GLY C 386 24.00 -30.42 0.54
CA GLY C 386 24.17 -30.33 -0.90
C GLY C 386 23.95 -31.67 -1.54
N GLY C 387 23.86 -31.72 -2.87
CA GLY C 387 23.45 -32.95 -3.49
C GLY C 387 23.09 -32.93 -4.96
N PRO C 388 22.24 -33.87 -5.37
CA PRO C 388 21.54 -34.70 -4.37
C PRO C 388 22.46 -35.68 -3.65
N LYS C 389 23.60 -36.00 -4.26
CA LYS C 389 24.43 -37.11 -3.79
C LYS C 389 25.39 -36.77 -2.65
N GLY C 390 25.30 -35.56 -2.11
CA GLY C 390 26.01 -35.23 -0.87
C GLY C 390 25.50 -35.98 0.36
N MET C 391 26.27 -35.94 1.44
CA MET C 391 25.89 -36.66 2.66
C MET C 391 26.20 -35.91 3.96
N TYR C 392 25.21 -35.79 4.85
CA TYR C 392 25.44 -35.27 6.19
C TYR C 392 25.98 -36.39 7.04
N GLY C 393 26.28 -36.12 8.30
CA GLY C 393 27.10 -37.07 9.02
C GLY C 393 27.90 -36.50 10.17
N TYR C 394 29.03 -37.17 10.41
CA TYR C 394 29.94 -36.84 11.49
C TYR C 394 31.07 -35.83 11.18
N TYR C 395 31.08 -35.19 10.01
CA TYR C 395 32.07 -34.12 9.83
C TYR C 395 31.71 -32.85 10.62
N PHE C 396 32.58 -31.84 10.54
CA PHE C 396 32.43 -30.63 11.34
C PHE C 396 31.71 -29.52 10.57
N LYS C 397 30.50 -29.16 11.01
CA LYS C 397 29.74 -28.09 10.36
C LYS C 397 29.61 -26.89 11.28
N TYR C 398 30.30 -25.81 10.90
CA TYR C 398 30.43 -24.62 11.73
C TYR C 398 29.08 -24.02 12.11
N GLU C 399 28.23 -23.81 11.12
CA GLU C 399 26.95 -23.18 11.37
C GLU C 399 26.18 -23.96 12.44
N MET C 400 26.24 -25.29 12.36
CA MET C 400 25.51 -26.12 13.30
C MET C 400 25.96 -25.87 14.73
N GLN C 401 27.26 -25.89 14.97
CA GLN C 401 27.80 -25.60 16.29
C GLN C 401 27.42 -24.19 16.70
N LEU C 402 27.65 -23.23 15.80
CA LEU C 402 27.32 -21.85 16.07
C LEU C 402 25.89 -21.65 16.53
N MET C 403 24.96 -22.14 15.71
CA MET C 403 23.54 -21.96 16.02
C MET C 403 23.16 -22.75 17.28
N ALA C 404 23.77 -23.91 17.46
CA ALA C 404 23.61 -24.70 18.68
C ALA C 404 23.84 -23.82 19.90
N SER C 405 25.05 -23.30 20.02
CA SER C 405 25.44 -22.46 21.15
C SER C 405 24.60 -21.18 21.23
N LYS C 406 23.83 -20.93 20.18
CA LYS C 406 22.95 -19.76 20.12
C LYS C 406 21.52 -20.08 20.60
N GLY C 407 21.30 -21.32 21.04
CA GLY C 407 20.01 -21.72 21.58
C GLY C 407 19.05 -22.38 20.62
N TYR C 408 19.56 -22.87 19.49
CA TYR C 408 18.70 -23.48 18.47
C TYR C 408 18.83 -24.99 18.45
N TYR C 409 17.72 -25.66 18.14
CA TYR C 409 17.72 -27.08 17.84
C TYR C 409 18.29 -27.25 16.44
N ILE C 410 19.29 -28.11 16.30
CA ILE C 410 19.87 -28.40 14.99
C ILE C 410 19.40 -29.77 14.53
N VAL C 411 18.85 -29.87 13.33
CA VAL C 411 18.41 -31.17 12.84
C VAL C 411 18.66 -31.37 11.34
N TYR C 412 19.12 -32.56 10.99
CA TYR C 412 19.42 -32.87 9.60
C TYR C 412 19.31 -34.36 9.27
N VAL C 413 19.04 -34.68 8.01
CA VAL C 413 18.83 -36.06 7.60
C VAL C 413 19.46 -36.38 6.25
N ASN C 414 19.51 -37.68 5.93
CA ASN C 414 20.07 -38.14 4.67
C ASN C 414 18.99 -38.81 3.83
N PRO C 415 18.20 -37.99 3.12
CA PRO C 415 17.09 -38.45 2.29
C PRO C 415 17.60 -39.26 1.10
N ARG C 416 16.71 -40.01 0.47
CA ARG C 416 17.11 -40.83 -0.68
C ARG C 416 17.77 -39.97 -1.76
N GLY C 417 18.84 -40.50 -2.35
CA GLY C 417 19.70 -39.76 -3.25
C GLY C 417 21.01 -39.43 -2.58
N SER C 418 21.04 -39.49 -1.25
CA SER C 418 22.24 -39.23 -0.46
C SER C 418 23.30 -40.30 -0.66
N ASN C 419 24.55 -39.89 -0.62
CA ASN C 419 25.67 -40.82 -0.63
C ASN C 419 25.78 -41.54 0.71
N GLY C 420 26.48 -42.67 0.72
CA GLY C 420 26.74 -43.40 1.95
C GLY C 420 25.81 -44.58 2.18
N TYR C 421 25.06 -44.94 1.15
CA TYR C 421 24.11 -46.03 1.25
C TYR C 421 24.15 -46.83 -0.05
N SER C 422 23.21 -47.75 -0.21
CA SER C 422 23.15 -48.57 -1.42
C SER C 422 23.00 -47.70 -2.66
N GLU C 423 23.65 -48.11 -3.75
CA GLU C 423 23.60 -47.39 -5.00
C GLU C 423 22.16 -47.05 -5.38
N ASP C 424 21.26 -48.00 -5.18
CA ASP C 424 19.85 -47.78 -5.50
C ASP C 424 19.24 -46.70 -4.60
N PHE C 425 19.73 -46.62 -3.36
CA PHE C 425 19.24 -45.61 -2.43
C PHE C 425 19.55 -44.23 -2.97
N ALA C 426 20.70 -44.11 -3.65
CA ALA C 426 21.08 -42.85 -4.27
C ALA C 426 20.31 -42.60 -5.57
N LEU C 427 20.22 -43.61 -6.43
CA LEU C 427 19.58 -43.46 -7.73
C LEU C 427 18.09 -43.10 -7.66
N ARG C 428 17.47 -43.36 -6.51
CA ARG C 428 16.03 -43.13 -6.33
C ARG C 428 15.60 -41.70 -6.62
N VAL C 429 16.51 -40.75 -6.46
CA VAL C 429 16.17 -39.34 -6.57
C VAL C 429 16.03 -38.91 -8.03
N LEU C 430 16.59 -39.69 -8.95
CA LEU C 430 16.65 -39.23 -10.34
C LEU C 430 15.27 -38.88 -10.89
N GLU C 431 15.16 -37.66 -11.41
CA GLU C 431 13.90 -37.18 -12.00
C GLU C 431 12.82 -37.03 -10.95
N ARG C 432 13.11 -37.45 -9.73
CA ARG C 432 12.20 -37.34 -8.59
C ARG C 432 12.44 -36.13 -7.69
N THR C 433 13.35 -35.24 -8.09
CA THR C 433 13.76 -34.14 -7.22
C THR C 433 12.58 -33.36 -6.66
N GLY C 434 12.57 -33.18 -5.34
CA GLY C 434 11.53 -32.41 -4.68
C GLY C 434 10.32 -33.23 -4.26
N LEU C 435 10.32 -34.51 -4.59
CA LEU C 435 9.16 -35.33 -4.29
C LEU C 435 9.41 -36.22 -3.08
N GLU C 436 10.16 -37.30 -3.29
CA GLU C 436 10.33 -38.30 -2.23
C GLU C 436 11.29 -37.82 -1.16
N ASP C 437 12.40 -37.23 -1.61
CA ASP C 437 13.41 -36.75 -0.69
C ASP C 437 12.87 -35.64 0.21
N PHE C 438 11.95 -34.85 -0.30
CA PHE C 438 11.34 -33.79 0.51
C PHE C 438 10.50 -34.40 1.61
N GLN C 439 9.77 -35.47 1.27
CA GLN C 439 9.00 -36.19 2.27
C GLN C 439 9.95 -36.81 3.29
N ASP C 440 11.03 -37.41 2.81
CA ASP C 440 12.04 -37.96 3.71
C ASP C 440 12.44 -36.94 4.76
N ILE C 441 12.54 -35.68 4.33
CA ILE C 441 12.87 -34.58 5.22
C ILE C 441 11.70 -34.22 6.13
N LEU C 442 10.51 -34.14 5.54
CA LEU C 442 9.31 -33.85 6.31
C LEU C 442 9.05 -34.91 7.38
N ASN C 443 9.35 -36.16 7.05
CA ASN C 443 9.19 -37.26 8.00
C ASN C 443 10.23 -37.24 9.10
N GLY C 444 11.49 -37.07 8.73
CA GLY C 444 12.57 -36.95 9.70
C GLY C 444 12.25 -35.85 10.68
N ILE C 445 11.68 -34.77 10.17
CA ILE C 445 11.31 -33.63 11.02
C ILE C 445 10.28 -34.06 12.07
N GLU C 446 9.15 -34.60 11.62
CA GLU C 446 8.11 -35.10 12.52
C GLU C 446 8.70 -35.99 13.62
N GLU C 447 9.31 -37.11 13.21
CA GLU C 447 9.92 -38.02 14.17
C GLU C 447 10.78 -37.27 15.18
N PHE C 448 11.60 -36.31 14.71
CA PHE C 448 12.40 -35.49 15.61
C PHE C 448 11.55 -34.79 16.67
N LEU C 449 10.52 -34.07 16.21
CA LEU C 449 9.63 -33.37 17.13
C LEU C 449 9.05 -34.32 18.18
N ARG C 450 8.91 -35.59 17.82
CA ARG C 450 8.33 -36.57 18.72
C ARG C 450 9.28 -36.92 19.87
N LEU C 451 10.56 -37.18 19.55
CA LEU C 451 11.53 -37.53 20.59
C LEU C 451 11.90 -36.32 21.43
N GLU C 452 11.67 -35.13 20.88
CA GLU C 452 12.00 -33.89 21.56
C GLU C 452 10.80 -32.96 21.65
N PRO C 453 9.98 -33.16 22.69
CA PRO C 453 8.81 -32.31 22.90
C PRO C 453 9.23 -30.88 23.22
N GLN C 454 10.48 -30.71 23.63
CA GLN C 454 10.98 -29.38 23.98
C GLN C 454 11.14 -28.47 22.76
N ALA C 455 11.30 -29.09 21.59
CA ALA C 455 11.38 -28.33 20.35
C ALA C 455 10.04 -27.67 20.04
N ASP C 456 10.07 -26.40 19.67
CA ASP C 456 8.85 -25.64 19.46
C ASP C 456 8.46 -25.74 17.99
N ARG C 457 7.34 -26.42 17.73
CA ARG C 457 6.90 -26.62 16.34
C ARG C 457 6.44 -25.31 15.72
N GLU C 458 6.05 -24.36 16.56
CA GLU C 458 5.58 -23.08 16.07
C GLU C 458 6.71 -22.28 15.42
N ARG C 459 7.94 -22.47 15.89
CA ARG C 459 9.09 -21.91 15.17
C ARG C 459 10.01 -22.97 14.60
N ILE C 460 9.96 -23.16 13.29
CA ILE C 460 10.87 -24.08 12.62
C ILE C 460 11.39 -23.47 11.34
N GLY C 461 12.70 -23.26 11.26
CA GLY C 461 13.31 -22.71 10.06
C GLY C 461 14.00 -23.77 9.23
N ILE C 462 14.41 -23.38 8.03
CA ILE C 462 15.17 -24.28 7.18
C ILE C 462 16.17 -23.52 6.33
N THR C 463 17.36 -24.10 6.15
CA THR C 463 18.40 -23.49 5.33
C THR C 463 19.15 -24.59 4.60
N GLY C 464 19.90 -24.21 3.56
CA GLY C 464 20.71 -25.17 2.84
C GLY C 464 21.43 -24.48 1.70
N ILE C 465 22.49 -25.12 1.20
CA ILE C 465 23.28 -24.55 0.12
C ILE C 465 23.20 -25.47 -1.11
N ALA C 466 23.28 -24.89 -2.30
CA ALA C 466 23.19 -25.70 -3.52
C ALA C 466 21.86 -26.44 -3.52
N TYR C 467 21.91 -27.77 -3.57
CA TYR C 467 20.68 -28.56 -3.53
C TYR C 467 19.91 -28.24 -2.26
N GLY C 468 20.65 -28.00 -1.18
CA GLY C 468 20.04 -27.63 0.08
C GLY C 468 19.32 -26.30 -0.04
N GLY C 469 19.84 -25.44 -0.91
CA GLY C 469 19.21 -24.16 -1.17
C GLY C 469 17.95 -24.36 -2.00
N TYR C 470 18.02 -25.27 -2.96
CA TYR C 470 16.85 -25.64 -3.75
C TYR C 470 15.77 -26.19 -2.84
N MET C 471 16.14 -27.15 -2.00
CA MET C 471 15.17 -27.78 -1.11
C MET C 471 14.55 -26.75 -0.16
N THR C 472 15.32 -25.73 0.19
CA THR C 472 14.82 -24.65 1.03
C THR C 472 13.74 -23.86 0.30
N ASN C 473 14.06 -23.45 -0.92
CA ASN C 473 13.07 -22.82 -1.79
C ASN C 473 11.83 -23.68 -1.91
N TRP C 474 12.04 -24.95 -2.24
CA TRP C 474 10.93 -25.89 -2.43
C TRP C 474 10.04 -25.92 -1.19
N ALA C 475 10.68 -26.02 -0.02
CA ALA C 475 9.97 -26.07 1.24
C ALA C 475 8.98 -24.92 1.40
N LEU C 476 9.45 -23.70 1.18
CA LEU C 476 8.62 -22.52 1.41
C LEU C 476 7.46 -22.38 0.42
N THR C 477 7.61 -22.99 -0.75
CA THR C 477 6.50 -23.06 -1.71
C THR C 477 5.49 -24.19 -1.44
N GLN C 478 6.00 -25.32 -0.95
CA GLN C 478 5.17 -26.52 -0.78
C GLN C 478 4.59 -26.75 0.63
N SER C 479 4.96 -25.89 1.57
CA SER C 479 4.64 -26.19 2.97
C SER C 479 4.42 -24.97 3.83
N ASP C 480 3.49 -25.08 4.78
CA ASP C 480 3.23 -24.02 5.73
C ASP C 480 4.00 -24.26 7.02
N LEU C 481 4.79 -25.33 7.05
CA LEU C 481 5.50 -25.74 8.26
C LEU C 481 6.53 -24.74 8.75
N PHE C 482 7.40 -24.28 7.85
CA PHE C 482 8.54 -23.45 8.23
C PHE C 482 8.20 -21.95 8.34
N LYS C 483 8.75 -21.30 9.37
CA LYS C 483 8.46 -19.89 9.63
C LYS C 483 9.50 -18.93 9.04
N ALA C 484 10.54 -19.49 8.43
CA ALA C 484 11.54 -18.70 7.72
C ALA C 484 12.62 -19.59 7.12
N GLY C 485 13.36 -19.07 6.16
CA GLY C 485 14.40 -19.85 5.51
C GLY C 485 15.54 -19.03 4.94
N ILE C 486 16.68 -19.68 4.79
CA ILE C 486 17.87 -19.08 4.21
C ILE C 486 18.36 -20.00 3.10
N SER C 487 18.28 -19.52 1.87
CA SER C 487 18.62 -20.32 0.70
C SER C 487 19.89 -19.80 0.05
N GLU C 488 20.90 -20.65 -0.04
CA GLU C 488 22.21 -20.22 -0.51
C GLU C 488 22.65 -20.93 -1.78
N ASN C 489 22.90 -20.15 -2.83
CA ASN C 489 23.42 -20.69 -4.08
C ASN C 489 22.61 -21.89 -4.56
N GLY C 490 21.30 -21.72 -4.65
CA GLY C 490 20.43 -22.83 -4.99
C GLY C 490 19.83 -22.83 -6.39
N ILE C 491 18.70 -23.53 -6.53
CA ILE C 491 17.96 -23.60 -7.78
C ILE C 491 16.51 -23.20 -7.57
N SER C 492 16.11 -22.08 -8.16
CA SER C 492 14.69 -21.76 -8.39
C SER C 492 14.09 -22.36 -9.67
N TYR C 493 14.91 -22.53 -10.71
CA TYR C 493 14.46 -23.00 -12.01
C TYR C 493 15.46 -23.98 -12.64
N TRP C 494 14.98 -25.16 -13.02
CA TRP C 494 15.85 -26.24 -13.50
C TRP C 494 16.31 -26.04 -14.93
N LEU C 495 15.49 -25.37 -15.73
CA LEU C 495 15.81 -25.23 -17.15
C LEU C 495 17.08 -24.42 -17.34
N THR C 496 17.22 -23.31 -16.60
CA THR C 496 18.41 -22.48 -16.72
C THR C 496 19.60 -23.22 -16.14
N SER C 497 19.34 -24.01 -15.09
CA SER C 497 20.37 -24.84 -14.49
C SER C 497 20.96 -25.78 -15.53
N TYR C 498 20.16 -26.09 -16.54
CA TYR C 498 20.59 -26.90 -17.66
C TYR C 498 21.43 -26.13 -18.70
N ALA C 499 20.95 -24.95 -19.10
CA ALA C 499 21.58 -24.20 -20.20
C ALA C 499 22.65 -23.19 -19.78
N PHE C 500 22.74 -22.94 -18.48
CA PHE C 500 23.60 -21.90 -17.93
C PHE C 500 24.83 -22.47 -17.18
N SER C 501 24.59 -23.29 -16.15
CA SER C 501 25.68 -23.70 -15.27
C SER C 501 26.69 -24.64 -15.95
N ASP C 502 27.73 -24.99 -15.21
CA ASP C 502 28.88 -25.67 -15.77
C ASP C 502 28.58 -27.13 -16.09
N ILE C 503 27.92 -27.81 -15.15
CA ILE C 503 27.57 -29.21 -15.30
C ILE C 503 26.16 -29.43 -15.84
N GLY C 504 25.46 -28.33 -16.14
CA GLY C 504 24.08 -28.40 -16.59
C GLY C 504 23.78 -29.36 -17.72
N LEU C 505 24.58 -29.30 -18.80
CA LEU C 505 24.25 -30.03 -20.02
C LEU C 505 24.03 -31.52 -19.78
N TRP C 506 24.82 -32.08 -18.88
CA TRP C 506 24.68 -33.49 -18.54
C TRP C 506 23.91 -33.67 -17.24
N PHE C 507 24.45 -33.13 -16.15
CA PHE C 507 23.89 -33.35 -14.83
C PHE C 507 22.36 -33.19 -14.79
N ASP C 508 21.84 -32.19 -15.47
CA ASP C 508 20.39 -31.97 -15.43
C ASP C 508 19.57 -33.06 -16.12
N LYS C 509 20.03 -33.49 -17.30
CA LYS C 509 19.37 -34.56 -18.04
C LYS C 509 19.18 -35.81 -17.18
N GLU C 510 20.21 -36.17 -16.43
CA GLU C 510 20.16 -37.35 -15.57
C GLU C 510 19.31 -37.12 -14.32
N VAL C 511 19.58 -36.01 -13.62
CA VAL C 511 18.89 -35.72 -12.35
C VAL C 511 17.46 -35.18 -12.52
N ILE C 512 17.18 -34.59 -13.68
CA ILE C 512 15.86 -34.01 -13.89
C ILE C 512 15.04 -34.74 -14.97
N GLY C 513 15.54 -34.74 -16.20
CA GLY C 513 14.91 -35.48 -17.27
C GLY C 513 15.57 -35.19 -18.58
N ASP C 514 15.25 -36.00 -19.59
CA ASP C 514 15.77 -35.76 -20.94
C ASP C 514 14.94 -34.71 -21.66
N ASN C 515 15.36 -34.39 -22.88
CA ASN C 515 14.68 -33.39 -23.70
C ASN C 515 14.16 -32.24 -22.86
N PRO C 516 15.09 -31.51 -22.21
CA PRO C 516 14.75 -30.44 -21.27
C PRO C 516 13.83 -29.37 -21.85
N LEU C 517 13.94 -29.07 -23.13
CA LEU C 517 13.13 -28.02 -23.75
C LEU C 517 11.65 -28.37 -23.75
N GLU C 518 11.36 -29.62 -24.10
CA GLU C 518 10.01 -30.20 -24.04
C GLU C 518 9.65 -30.54 -22.60
N ASN C 519 10.45 -31.39 -21.99
CA ASN C 519 10.10 -32.08 -20.75
C ASN C 519 9.54 -31.13 -19.68
N GLU C 520 8.37 -31.49 -19.16
CA GLU C 520 7.59 -30.61 -18.30
C GLU C 520 8.06 -30.72 -16.86
N ASN C 521 8.86 -31.75 -16.59
CA ASN C 521 9.43 -31.95 -15.27
C ASN C 521 10.24 -30.73 -14.82
N TYR C 522 10.89 -30.08 -15.78
CA TYR C 522 11.72 -28.93 -15.48
C TYR C 522 10.93 -27.78 -14.86
N ARG C 523 9.71 -27.56 -15.35
CA ARG C 523 8.86 -26.53 -14.75
C ARG C 523 8.10 -26.97 -13.49
N LYS C 524 7.84 -28.28 -13.37
CA LYS C 524 7.04 -28.80 -12.25
C LYS C 524 7.81 -28.91 -10.94
N LEU C 525 9.09 -29.26 -11.03
CA LEU C 525 9.96 -29.41 -9.87
C LEU C 525 10.73 -28.13 -9.56
N SER C 526 10.44 -27.08 -10.31
CA SER C 526 11.12 -25.79 -10.16
C SER C 526 10.32 -24.81 -9.30
N PRO C 527 10.86 -24.48 -8.12
CA PRO C 527 10.23 -23.64 -7.09
C PRO C 527 9.71 -22.31 -7.63
N LEU C 528 10.42 -21.76 -8.61
CA LEU C 528 10.10 -20.43 -9.13
C LEU C 528 8.62 -20.29 -9.53
N PHE C 529 8.03 -21.37 -10.02
CA PHE C 529 6.66 -21.33 -10.51
C PHE C 529 5.62 -21.39 -9.39
N TYR C 530 6.06 -21.90 -8.24
CA TYR C 530 5.22 -21.99 -7.05
C TYR C 530 5.39 -20.81 -6.11
N ALA C 531 6.17 -19.82 -6.54
CA ALA C 531 6.54 -18.67 -5.70
C ALA C 531 5.34 -17.99 -5.04
N LYS C 532 4.19 -18.04 -5.70
CA LYS C 532 2.99 -17.44 -5.14
C LYS C 532 2.67 -18.03 -3.75
N ASN C 533 3.17 -19.23 -3.49
CA ASN C 533 2.79 -19.97 -2.28
C ASN C 533 3.59 -19.65 -1.01
N VAL C 534 4.54 -18.73 -1.09
CA VAL C 534 5.48 -18.55 0.01
C VAL C 534 4.98 -17.52 1.00
N LYS C 535 4.63 -17.95 2.21
CA LYS C 535 4.32 -17.01 3.29
C LYS C 535 5.45 -16.74 4.31
N ALA C 536 6.55 -17.47 4.20
CA ALA C 536 7.67 -17.29 5.15
C ALA C 536 8.73 -16.32 4.65
N PRO C 537 9.25 -15.48 5.56
CA PRO C 537 10.35 -14.56 5.25
C PRO C 537 11.61 -15.32 4.82
N LEU C 538 12.18 -14.93 3.67
CA LEU C 538 13.31 -15.66 3.11
C LEU C 538 14.55 -14.78 2.91
N LEU C 539 15.70 -15.33 3.23
CA LEU C 539 16.98 -14.71 2.90
C LEU C 539 17.67 -15.49 1.79
N LEU C 540 17.96 -14.81 0.69
CA LEU C 540 18.68 -15.43 -0.42
C LEU C 540 20.14 -14.98 -0.47
N ILE C 541 21.04 -15.95 -0.45
CA ILE C 541 22.48 -15.69 -0.42
C ILE C 541 23.13 -16.25 -1.68
N HIS C 542 23.96 -15.43 -2.33
CA HIS C 542 24.69 -15.86 -3.53
C HIS C 542 26.07 -15.21 -3.61
N SER C 543 26.92 -15.73 -4.50
CA SER C 543 28.18 -15.08 -4.84
C SER C 543 28.35 -14.96 -6.37
N LEU C 544 29.06 -13.93 -6.81
CA LEU C 544 29.18 -13.64 -8.24
C LEU C 544 30.03 -14.62 -9.03
N GLU C 545 30.86 -15.39 -8.33
CA GLU C 545 31.76 -16.33 -8.99
C GLU C 545 31.28 -17.79 -9.08
N ASP C 546 30.06 -18.04 -8.65
CA ASP C 546 29.58 -19.41 -8.55
C ASP C 546 28.89 -19.82 -9.85
N TYR C 547 29.55 -20.73 -10.57
CA TYR C 547 29.02 -21.19 -11.84
C TYR C 547 28.27 -22.53 -11.77
N ARG C 548 28.29 -23.15 -10.60
CA ARG C 548 27.56 -24.39 -10.38
C ARG C 548 26.08 -24.04 -10.36
N CYS C 549 25.75 -23.08 -9.51
CA CYS C 549 24.40 -22.55 -9.43
C CYS C 549 24.50 -21.05 -9.63
N PRO C 550 24.36 -20.61 -10.89
CA PRO C 550 24.53 -19.21 -11.30
C PRO C 550 23.58 -18.25 -10.59
N LEU C 551 23.94 -16.97 -10.58
CA LEU C 551 23.18 -15.94 -9.88
C LEU C 551 21.69 -15.91 -10.24
N ASP C 552 21.36 -16.27 -11.48
CA ASP C 552 19.97 -16.26 -11.95
C ASP C 552 19.04 -17.03 -11.01
N GLN C 553 19.55 -18.12 -10.45
CA GLN C 553 18.75 -18.96 -9.58
C GLN C 553 18.26 -18.21 -8.35
N SER C 554 19.15 -17.45 -7.73
CA SER C 554 18.75 -16.66 -6.56
C SER C 554 18.04 -15.37 -6.94
N LEU C 555 18.54 -14.67 -7.96
CA LEU C 555 18.02 -13.34 -8.26
C LEU C 555 16.63 -13.37 -8.87
N MET C 556 16.41 -14.24 -9.85
CA MET C 556 15.09 -14.38 -10.46
C MET C 556 14.07 -14.73 -9.39
N PHE C 557 14.45 -15.62 -8.49
CA PHE C 557 13.56 -16.01 -7.43
C PHE C 557 13.21 -14.79 -6.60
N TYR C 558 14.25 -14.05 -6.21
CA TYR C 558 14.07 -12.85 -5.40
C TYR C 558 13.25 -11.79 -6.13
N HIS C 559 13.49 -11.62 -7.42
CA HIS C 559 12.75 -10.64 -8.22
C HIS C 559 11.27 -11.03 -8.33
N VAL C 560 11.01 -12.30 -8.60
CA VAL C 560 9.64 -12.74 -8.76
C VAL C 560 8.89 -12.61 -7.45
N LEU C 561 9.49 -13.10 -6.37
CA LEU C 561 8.87 -13.01 -5.05
C LEU C 561 8.54 -11.57 -4.67
N LYS C 562 9.41 -10.63 -5.04
CA LYS C 562 9.17 -9.23 -4.75
C LYS C 562 8.03 -8.72 -5.61
N ASP C 563 7.97 -9.20 -6.84
CA ASP C 563 6.86 -8.86 -7.74
C ASP C 563 5.53 -9.34 -7.13
N LEU C 564 5.59 -10.38 -6.30
CA LEU C 564 4.40 -10.91 -5.65
C LEU C 564 4.15 -10.34 -4.24
N GLY C 565 5.03 -9.44 -3.79
CA GLY C 565 4.83 -8.80 -2.50
C GLY C 565 5.24 -9.62 -1.29
N LYS C 566 6.01 -10.67 -1.51
CA LYS C 566 6.52 -11.48 -0.40
C LYS C 566 7.64 -10.75 0.34
N GLU C 567 7.91 -11.17 1.57
CA GLU C 567 9.04 -10.61 2.28
C GLU C 567 10.28 -11.46 2.06
N VAL C 568 11.24 -10.88 1.36
CA VAL C 568 12.43 -11.62 0.97
C VAL C 568 13.59 -10.64 0.82
N TYR C 569 14.80 -11.16 0.97
CA TYR C 569 16.00 -10.33 0.92
C TYR C 569 17.06 -11.06 0.12
N ILE C 570 17.98 -10.33 -0.48
CA ILE C 570 19.07 -10.96 -1.21
C ILE C 570 20.44 -10.34 -0.90
N ALA C 571 21.40 -11.21 -0.57
CA ALA C 571 22.77 -10.80 -0.30
C ALA C 571 23.72 -11.47 -1.29
N ILE C 572 24.30 -10.67 -2.18
CA ILE C 572 25.15 -11.19 -3.24
C ILE C 572 26.59 -10.80 -2.96
N PHE C 573 27.43 -11.80 -2.75
CA PHE C 573 28.82 -11.55 -2.41
C PHE C 573 29.65 -11.27 -3.64
N LYS C 574 30.33 -10.13 -3.63
CA LYS C 574 31.01 -9.65 -4.81
C LYS C 574 32.08 -10.61 -5.31
N LYS C 575 32.56 -11.46 -4.40
CA LYS C 575 33.55 -12.46 -4.78
C LYS C 575 33.18 -13.83 -4.25
N GLY C 576 33.85 -14.86 -4.75
CA GLY C 576 33.68 -16.22 -4.30
C GLY C 576 32.82 -17.11 -5.18
N ALA C 577 33.20 -18.38 -5.19
CA ALA C 577 32.51 -19.40 -5.98
C ALA C 577 31.45 -20.14 -5.16
N HIS C 578 30.95 -21.23 -5.73
CA HIS C 578 29.88 -22.02 -5.12
C HIS C 578 30.14 -22.29 -3.64
N GLY C 579 31.38 -22.57 -3.28
CA GLY C 579 31.75 -22.87 -1.91
C GLY C 579 32.25 -21.71 -1.05
N HIS C 580 31.86 -20.49 -1.42
CA HIS C 580 32.38 -19.29 -0.76
C HIS C 580 32.19 -19.28 0.76
N SER C 581 31.18 -20.00 1.24
CA SER C 581 30.88 -19.98 2.66
C SER C 581 32.03 -20.56 3.47
N ILE C 582 32.53 -21.72 3.05
CA ILE C 582 33.74 -22.30 3.65
C ILE C 582 35.04 -21.74 3.07
N ARG C 583 35.09 -21.59 1.74
CA ARG C 583 36.32 -21.21 1.03
C ARG C 583 36.52 -19.72 0.68
N GLY C 584 35.60 -18.86 1.09
CA GLY C 584 35.74 -17.42 0.83
C GLY C 584 36.80 -16.75 1.68
N SER C 585 37.07 -15.47 1.44
CA SER C 585 38.05 -14.75 2.23
C SER C 585 37.55 -14.62 3.66
N PRO C 586 38.46 -14.56 4.64
CA PRO C 586 38.03 -14.57 6.04
C PRO C 586 37.04 -13.45 6.35
N ARG C 587 37.31 -12.23 5.90
CA ARG C 587 36.40 -11.13 6.17
C ARG C 587 35.05 -11.42 5.50
N HIS C 588 35.12 -11.96 4.28
CA HIS C 588 33.94 -12.39 3.56
C HIS C 588 33.14 -13.40 4.38
N ARG C 589 33.80 -14.48 4.79
CA ARG C 589 33.11 -15.59 5.46
C ARG C 589 32.46 -15.15 6.78
N MET C 590 33.18 -14.32 7.54
CA MET C 590 32.67 -13.81 8.81
C MET C 590 31.36 -13.06 8.62
N LYS C 591 31.38 -12.08 7.71
CA LYS C 591 30.16 -11.33 7.39
C LYS C 591 28.98 -12.25 7.06
N ARG C 592 29.20 -13.24 6.20
CA ARG C 592 28.15 -14.21 5.93
C ARG C 592 27.68 -14.94 7.19
N TYR C 593 28.61 -15.33 8.06
CA TYR C 593 28.22 -15.97 9.31
C TYR C 593 27.37 -15.03 10.17
N LYS C 594 27.81 -13.79 10.31
CA LYS C 594 27.07 -12.82 11.12
C LYS C 594 25.67 -12.60 10.57
N LEU C 595 25.56 -12.51 9.25
CA LEU C 595 24.27 -12.38 8.58
C LEU C 595 23.39 -13.62 8.81
N PHE C 596 23.94 -14.79 8.50
CA PHE C 596 23.25 -16.06 8.70
C PHE C 596 22.70 -16.10 10.11
N MET C 597 23.54 -15.74 11.05
CA MET C 597 23.23 -15.71 12.47
C MET C 597 22.08 -14.76 12.77
N GLU C 598 22.26 -13.50 12.38
CA GLU C 598 21.29 -12.46 12.71
C GLU C 598 19.91 -12.69 12.09
N PHE C 599 19.87 -13.25 10.88
CA PHE C 599 18.60 -13.48 10.20
C PHE C 599 17.75 -14.53 10.90
N PHE C 600 18.39 -15.59 11.40
CA PHE C 600 17.65 -16.58 12.17
C PHE C 600 17.24 -16.01 13.52
N GLU C 601 18.09 -15.19 14.12
CA GLU C 601 17.72 -14.54 15.36
C GLU C 601 16.45 -13.71 15.17
N ARG C 602 16.48 -12.83 14.18
CA ARG C 602 15.43 -11.86 13.99
C ARG C 602 14.17 -12.33 13.26
N LYS C 603 14.30 -13.27 12.34
CA LYS C 603 13.11 -13.78 11.64
C LYS C 603 12.53 -15.11 12.15
N LEU C 604 13.20 -15.74 13.11
CA LEU C 604 12.79 -17.06 13.57
C LEU C 604 12.62 -17.13 15.08
N LYS C 605 13.72 -16.94 15.83
CA LYS C 605 13.64 -17.04 17.29
C LYS C 605 12.59 -16.08 17.85
N LYS C 606 12.75 -14.80 17.57
CA LYS C 606 11.71 -13.82 17.84
C LYS C 606 11.56 -12.98 16.59
N TYR C 607 10.42 -13.05 15.94
CA TYR C 607 10.21 -12.31 14.70
C TYR C 607 10.17 -10.81 14.94
N GLU C 608 10.54 -10.05 13.91
CA GLU C 608 10.45 -8.59 13.93
C GLU C 608 10.33 -8.09 12.50
N GLU C 609 9.88 -6.86 12.33
CA GLU C 609 9.67 -6.30 10.99
C GLU C 609 10.97 -5.79 10.34
N GLY C 610 11.12 -6.06 9.04
CA GLY C 610 12.21 -5.50 8.27
C GLY C 610 13.54 -6.14 8.60
N PHE C 611 14.54 -5.87 7.77
CA PHE C 611 15.91 -6.28 8.06
C PHE C 611 16.85 -5.13 7.71
N ASP C 612 17.56 -4.60 8.71
CA ASP C 612 18.49 -3.51 8.47
C ASP C 612 19.89 -4.05 8.58
N VAL C 613 20.57 -4.19 7.44
CA VAL C 613 21.87 -4.84 7.42
C VAL C 613 22.95 -3.90 7.97
N GLU C 614 22.66 -2.61 7.91
CA GLU C 614 23.63 -1.61 8.36
C GLU C 614 23.72 -1.60 9.88
N LYS C 615 22.63 -1.27 10.55
CA LYS C 615 22.60 -1.28 12.01
C LYS C 615 22.96 -2.66 12.58
N ILE C 616 22.49 -3.71 11.92
CA ILE C 616 22.69 -5.09 12.40
C ILE C 616 24.11 -5.63 12.26
N LEU C 617 24.83 -5.20 11.22
CA LEU C 617 26.21 -5.66 11.02
C LEU C 617 27.17 -4.93 11.96
N LYS C 618 26.95 -3.63 12.16
CA LYS C 618 27.74 -2.83 13.09
C LYS C 618 27.24 -1.39 13.14
CA ILE D 4 21.60 23.77 9.82
C ILE D 4 21.60 23.69 11.35
N GLU D 5 22.49 22.86 11.90
CA GLU D 5 22.62 22.74 13.35
C GLU D 5 24.05 23.04 13.81
N TRP D 6 24.20 23.59 15.01
CA TRP D 6 25.52 23.90 15.55
C TRP D 6 26.10 22.67 16.24
N ASP D 7 27.33 22.33 15.88
CA ASP D 7 28.02 21.19 16.49
C ASP D 7 29.54 21.34 16.37
N GLU D 8 30.29 20.27 16.63
CA GLU D 8 31.74 20.36 16.51
C GLU D 8 32.21 20.61 15.08
N LYS D 9 31.39 20.24 14.09
CA LYS D 9 31.81 20.34 12.69
C LYS D 9 31.37 21.60 11.96
N THR D 10 30.58 22.46 12.60
CA THR D 10 29.96 23.57 11.88
C THR D 10 30.94 24.61 11.33
N PHE D 11 32.11 24.74 11.95
CA PHE D 11 33.10 25.73 11.53
C PHE D 11 33.66 25.44 10.14
N THR D 12 33.49 24.21 9.66
CA THR D 12 34.00 23.86 8.35
C THR D 12 33.09 24.35 7.23
N LYS D 13 31.92 24.86 7.60
CA LYS D 13 30.97 25.30 6.61
C LYS D 13 31.16 26.77 6.23
N PHE D 14 32.02 27.48 6.97
CA PHE D 14 32.20 28.92 6.74
C PHE D 14 33.35 29.23 5.79
N ALA D 15 33.15 30.26 4.96
CA ALA D 15 34.22 30.79 4.11
C ALA D 15 35.06 31.79 4.93
N TYR D 16 36.37 31.60 4.94
CA TYR D 16 37.24 32.49 5.70
C TYR D 16 38.11 33.34 4.77
N LEU D 17 37.88 34.64 4.77
CA LEU D 17 38.64 35.54 3.93
C LEU D 17 39.82 36.13 4.70
N SER D 18 40.92 36.35 4.01
CA SER D 18 42.06 37.01 4.61
C SER D 18 42.88 37.78 3.58
N ASP D 19 43.74 38.67 4.08
CA ASP D 19 44.79 39.30 3.28
C ASP D 19 44.30 40.12 2.07
N PRO D 20 43.42 41.11 2.33
CA PRO D 20 42.94 41.95 1.22
C PRO D 20 44.04 42.80 0.63
N ARG D 21 43.98 43.01 -0.69
CA ARG D 21 44.93 43.84 -1.41
C ARG D 21 44.19 44.56 -2.52
N THR D 22 44.65 45.75 -2.89
CA THR D 22 44.00 46.49 -3.97
C THR D 22 44.98 47.36 -4.74
N ARG D 23 44.76 47.48 -6.04
CA ARG D 23 45.46 48.43 -6.89
C ARG D 23 44.48 48.86 -7.97
N LYS D 24 44.55 50.12 -8.40
CA LYS D 24 43.64 50.63 -9.43
C LYS D 24 42.18 50.25 -9.14
N ASN D 25 41.55 49.59 -10.10
CA ASN D 25 40.18 49.13 -9.95
C ASN D 25 40.07 47.66 -9.49
N LEU D 26 41.21 47.06 -9.17
CA LEU D 26 41.28 45.63 -8.79
C LEU D 26 41.28 45.35 -7.29
N VAL D 27 40.65 44.25 -6.91
CA VAL D 27 40.73 43.75 -5.54
C VAL D 27 41.12 42.28 -5.49
N ALA D 28 41.99 41.92 -4.55
CA ALA D 28 42.36 40.52 -4.36
C ALA D 28 42.47 40.15 -2.89
N TYR D 29 41.91 39.00 -2.54
CA TYR D 29 41.96 38.48 -1.19
C TYR D 29 42.08 36.97 -1.26
N VAL D 30 42.16 36.31 -0.11
CA VAL D 30 42.31 34.85 -0.08
C VAL D 30 41.06 34.21 0.52
N LEU D 31 40.51 33.23 -0.21
CA LEU D 31 39.41 32.44 0.31
C LEU D 31 39.96 31.15 0.89
N THR D 32 39.67 30.90 2.16
CA THR D 32 40.12 29.67 2.79
C THR D 32 38.94 28.82 3.25
N LYS D 33 39.02 27.53 2.97
CA LYS D 33 38.00 26.60 3.48
C LYS D 33 38.69 25.49 4.26
N ALA D 34 38.04 25.05 5.33
CA ALA D 34 38.53 23.93 6.09
C ALA D 34 37.85 22.66 5.59
N ASN D 35 38.66 21.75 5.05
CA ASN D 35 38.13 20.51 4.49
C ASN D 35 38.36 19.39 5.50
N LEU D 36 37.27 18.89 6.08
CA LEU D 36 37.36 17.91 7.13
C LEU D 36 37.72 16.52 6.61
N GLU D 37 37.28 16.20 5.40
CA GLU D 37 37.54 14.89 4.80
C GLU D 37 39.02 14.73 4.43
N SER D 38 39.60 15.77 3.83
CA SER D 38 41.01 15.74 3.47
C SER D 38 41.88 16.20 4.62
N ASN D 39 41.23 16.70 5.67
CA ASN D 39 41.93 17.30 6.79
C ASN D 39 43.02 18.28 6.34
N LYS D 40 42.67 19.20 5.46
CA LYS D 40 43.60 20.23 5.00
C LYS D 40 42.90 21.58 4.85
N TYR D 41 43.66 22.65 4.88
CA TYR D 41 43.11 23.97 4.58
C TYR D 41 43.31 24.25 3.10
N GLU D 42 42.25 24.70 2.44
CA GLU D 42 42.33 25.03 1.02
C GLU D 42 42.32 26.55 0.81
N ASN D 43 43.28 27.05 0.04
CA ASN D 43 43.28 28.48 -0.27
C ASN D 43 43.06 28.75 -1.75
N THR D 44 42.29 29.78 -2.02
CA THR D 44 42.06 30.24 -3.37
C THR D 44 42.14 31.75 -3.39
N ILE D 45 43.02 32.28 -4.21
CA ILE D 45 43.05 33.71 -4.43
C ILE D 45 41.88 34.12 -5.33
N VAL D 46 41.10 35.08 -4.84
CA VAL D 46 39.97 35.59 -5.59
C VAL D 46 40.26 37.02 -6.03
N ILE D 47 40.09 37.28 -7.31
CA ILE D 47 40.35 38.61 -7.83
C ILE D 47 39.04 39.21 -8.35
N GLU D 48 38.68 40.37 -7.83
CA GLU D 48 37.44 40.98 -8.22
C GLU D 48 37.67 42.28 -8.99
N ASN D 49 36.95 42.45 -10.09
CA ASN D 49 37.02 43.68 -10.84
C ASN D 49 35.87 44.58 -10.44
N LEU D 50 36.18 45.80 -10.02
CA LEU D 50 35.16 46.74 -9.61
C LEU D 50 34.46 47.31 -10.85
N GLU D 51 34.99 46.98 -12.01
CA GLU D 51 34.46 47.45 -13.29
C GLU D 51 33.25 46.62 -13.76
N ASP D 52 33.51 45.36 -14.13
CA ASP D 52 32.43 44.44 -14.51
C ASP D 52 31.92 43.60 -13.35
N GLY D 53 32.41 43.89 -12.15
CA GLY D 53 31.94 43.22 -10.96
C GLY D 53 32.08 41.71 -11.05
N SER D 54 33.22 41.27 -11.57
CA SER D 54 33.40 39.86 -11.89
C SER D 54 34.52 39.25 -11.05
N ARG D 55 34.49 37.92 -10.95
CA ARG D 55 35.51 37.20 -10.21
C ARG D 55 36.36 36.30 -11.10
N LYS D 56 37.66 36.27 -10.83
CA LYS D 56 38.56 35.26 -11.39
C LYS D 56 39.46 34.70 -10.28
N PHE D 57 40.05 33.53 -10.51
CA PHE D 57 40.67 32.77 -9.44
C PHE D 57 42.10 32.30 -9.72
N ILE D 58 42.86 32.16 -8.65
CA ILE D 58 44.13 31.44 -8.69
C ILE D 58 44.03 30.39 -7.60
N GLU D 59 43.99 29.13 -8.02
CA GLU D 59 43.72 28.02 -7.11
C GLU D 59 44.95 27.56 -6.32
N ASP D 60 44.72 26.98 -5.14
CA ASP D 60 45.79 26.56 -4.23
C ASP D 60 46.89 27.61 -4.16
N ALA D 61 46.56 28.77 -3.61
CA ALA D 61 47.52 29.86 -3.59
C ALA D 61 47.19 30.87 -2.50
N SER D 62 48.22 31.63 -2.08
CA SER D 62 48.02 32.70 -1.10
C SER D 62 49.04 33.82 -1.28
N MET D 63 49.08 34.71 -0.29
CA MET D 63 49.93 35.90 -0.37
C MET D 63 49.77 36.63 -1.70
N PRO D 64 48.52 36.97 -2.06
CA PRO D 64 48.43 37.72 -3.31
C PRO D 64 49.10 39.08 -3.13
N ARG D 65 49.92 39.49 -4.09
CA ARG D 65 50.48 40.85 -4.11
C ARG D 65 50.35 41.44 -5.50
N ILE D 66 49.59 42.52 -5.64
CA ILE D 66 49.36 43.14 -6.94
C ILE D 66 50.42 44.18 -7.30
N SER D 67 51.06 44.03 -8.45
CA SER D 67 52.09 44.99 -8.86
C SER D 67 51.52 46.39 -8.89
N PRO D 68 52.31 47.39 -8.49
CA PRO D 68 51.84 48.78 -8.42
C PRO D 68 51.20 49.29 -9.71
N ASP D 69 51.67 48.83 -10.87
CA ASP D 69 51.09 49.28 -12.13
C ASP D 69 49.80 48.50 -12.48
N GLY D 70 49.45 47.55 -11.63
CA GLY D 70 48.21 46.81 -11.77
C GLY D 70 48.22 45.80 -12.89
N LYS D 71 49.37 45.67 -13.55
CA LYS D 71 49.51 44.73 -14.65
C LYS D 71 49.75 43.27 -14.21
N LYS D 72 50.34 43.06 -13.05
CA LYS D 72 50.68 41.70 -12.64
C LYS D 72 50.40 41.42 -11.17
N ILE D 73 50.27 40.13 -10.83
CA ILE D 73 50.06 39.71 -9.45
C ILE D 73 51.03 38.59 -9.09
N ALA D 74 51.66 38.71 -7.94
CA ALA D 74 52.61 37.70 -7.47
C ALA D 74 51.91 36.94 -6.36
N PHE D 75 52.24 35.66 -6.20
CA PHE D 75 51.59 34.82 -5.20
C PHE D 75 52.44 33.61 -4.85
N MET D 76 52.08 32.93 -3.76
CA MET D 76 52.78 31.72 -3.33
C MET D 76 51.95 30.44 -3.47
N ARG D 77 52.63 29.35 -3.81
CA ARG D 77 52.08 28.01 -3.70
C ARG D 77 52.97 27.17 -2.79
N PHE D 78 52.38 26.64 -1.72
CA PHE D 78 53.14 25.84 -0.77
C PHE D 78 52.92 24.35 -1.07
N ASN D 79 53.57 23.49 -0.29
CA ASN D 79 53.36 22.05 -0.38
C ASN D 79 54.27 21.30 0.59
N LYS D 83 58.54 19.45 1.05
CA LYS D 83 58.01 20.62 1.76
C LYS D 83 58.65 21.92 1.30
N THR D 84 58.32 22.37 0.10
CA THR D 84 58.84 23.62 -0.44
C THR D 84 57.74 24.67 -0.60
N ALA D 85 58.14 25.83 -1.10
CA ALA D 85 57.19 26.87 -1.49
C ALA D 85 57.75 27.53 -2.75
N GLN D 86 56.86 28.04 -3.59
CA GLN D 86 57.29 28.68 -4.81
C GLN D 86 56.56 30.00 -5.01
N ILE D 87 57.30 30.97 -5.54
CA ILE D 87 56.77 32.27 -5.87
C ILE D 87 56.42 32.27 -7.33
N TRP D 88 55.22 32.72 -7.67
CA TRP D 88 54.76 32.76 -9.05
C TRP D 88 54.41 34.16 -9.48
N VAL D 89 54.44 34.41 -10.78
CA VAL D 89 53.88 35.67 -11.28
C VAL D 89 52.82 35.39 -12.34
N ALA D 90 51.66 36.02 -12.19
CA ALA D 90 50.60 35.92 -13.21
C ALA D 90 50.31 37.27 -13.84
N ASP D 91 50.04 37.26 -15.13
CA ASP D 91 49.50 38.41 -15.83
C ASP D 91 48.05 38.58 -15.38
N LEU D 92 47.65 39.79 -14.99
CA LEU D 92 46.32 39.95 -14.40
C LEU D 92 45.16 39.79 -15.38
N LYS D 93 45.40 40.10 -16.66
CA LYS D 93 44.34 40.00 -17.65
C LYS D 93 43.90 38.55 -17.92
N THR D 94 44.84 37.69 -18.32
CA THR D 94 44.54 36.29 -18.59
C THR D 94 44.80 35.35 -17.43
N LEU D 95 45.46 35.86 -16.38
CA LEU D 95 45.95 35.04 -15.28
C LEU D 95 46.85 33.88 -15.71
N SER D 96 47.54 34.03 -16.83
CA SER D 96 48.61 33.08 -17.15
C SER D 96 49.75 33.33 -16.16
N ALA D 97 50.40 32.26 -15.73
CA ALA D 97 51.32 32.37 -14.63
C ALA D 97 52.63 31.66 -14.93
N LYS D 98 53.72 32.23 -14.47
CA LYS D 98 55.02 31.60 -14.60
C LYS D 98 55.69 31.48 -13.24
N LYS D 99 56.43 30.38 -13.07
CA LYS D 99 57.12 30.09 -11.82
C LYS D 99 58.46 30.84 -11.78
N VAL D 100 58.62 31.67 -10.75
CA VAL D 100 59.75 32.59 -10.64
C VAL D 100 60.94 32.03 -9.83
N LEU D 101 60.69 31.74 -8.55
CA LEU D 101 61.73 31.28 -7.65
C LEU D 101 61.22 30.21 -6.67
N GLU D 102 61.97 29.13 -6.49
CA GLU D 102 61.59 28.12 -5.51
CA GLU D 102 61.60 28.12 -5.50
C GLU D 102 62.11 28.55 -4.13
N ALA D 103 61.19 28.80 -3.20
CA ALA D 103 61.51 29.47 -1.96
C ALA D 103 61.25 28.71 -0.65
N LYS D 104 62.32 28.35 0.05
CA LYS D 104 62.19 27.80 1.40
C LYS D 104 62.45 28.89 2.45
N ASN D 105 61.64 28.93 3.48
CA ASN D 105 61.81 29.93 4.55
C ASN D 105 61.61 31.37 4.13
N ILE D 106 60.59 31.63 3.31
CA ILE D 106 60.24 33.00 2.96
C ILE D 106 58.97 33.37 3.71
N ARG D 107 59.06 34.34 4.62
CA ARG D 107 57.88 34.79 5.34
C ARG D 107 57.08 35.93 4.68
N SER D 108 57.69 36.66 3.75
CA SER D 108 57.01 37.80 3.11
C SER D 108 57.55 38.22 1.73
N ILE D 109 56.68 38.81 0.92
CA ILE D 109 57.05 39.35 -0.38
C ILE D 109 56.34 40.69 -0.61
N GLU D 110 57.04 41.65 -1.21
CA GLU D 110 56.48 42.98 -1.49
C GLU D 110 57.02 43.57 -2.80
N TRP D 111 56.16 44.21 -3.61
CA TRP D 111 56.61 44.78 -4.89
C TRP D 111 57.39 46.06 -4.70
N ASN D 112 58.44 46.24 -5.50
CA ASN D 112 59.07 47.55 -5.65
C ASN D 112 58.18 48.41 -6.54
N GLN D 113 58.34 49.73 -6.46
CA GLN D 113 57.50 50.64 -7.24
C GLN D 113 57.67 50.42 -8.76
N ASP D 114 58.71 49.68 -9.14
CA ASP D 114 58.99 49.41 -10.55
C ASP D 114 58.16 48.27 -11.15
N SER D 115 57.41 47.56 -10.32
CA SER D 115 56.56 46.45 -10.78
C SER D 115 57.38 45.34 -11.43
N ARG D 116 58.66 45.28 -11.05
CA ARG D 116 59.63 44.29 -11.53
C ARG D 116 60.26 43.48 -10.38
N ARG D 117 60.92 44.18 -9.45
CA ARG D 117 61.57 43.54 -8.32
C ARG D 117 60.66 43.27 -7.14
N LEU D 118 60.89 42.14 -6.47
CA LEU D 118 60.23 41.84 -5.19
C LEU D 118 61.25 41.92 -4.05
N LEU D 119 60.80 42.30 -2.87
CA LEU D 119 61.61 42.15 -1.65
C LEU D 119 61.08 40.99 -0.83
N ALA D 120 61.88 39.94 -0.74
CA ALA D 120 61.51 38.79 0.08
C ALA D 120 62.25 38.83 1.41
N VAL D 121 61.50 38.70 2.49
CA VAL D 121 62.12 38.53 3.80
C VAL D 121 61.86 37.10 4.28
N GLY D 122 62.85 36.52 4.94
CA GLY D 122 62.86 35.09 5.23
C GLY D 122 63.87 34.80 6.32
N PHE D 123 64.21 33.52 6.49
CA PHE D 123 65.18 33.13 7.51
C PHE D 123 66.07 31.97 7.05
N LYS D 124 67.24 31.83 7.67
CA LYS D 124 68.06 30.63 7.50
C LYS D 124 68.54 30.12 8.85
N ARG D 125 68.60 28.79 9.00
CA ARG D 125 68.99 28.18 10.26
C ARG D 125 70.10 27.14 10.07
N ARG D 126 70.52 26.53 11.17
CA ARG D 126 71.59 25.55 11.09
C ARG D 126 71.16 24.25 10.40
N GLU D 127 69.89 23.88 10.55
CA GLU D 127 69.31 22.72 9.85
C GLU D 127 70.05 21.40 10.02
N ASP D 128 70.67 21.14 11.16
CA ASP D 128 71.22 19.79 11.35
C ASP D 128 70.07 18.79 11.54
N GLU D 129 70.24 17.60 11.00
CA GLU D 129 69.17 16.61 11.02
C GLU D 129 68.86 16.12 12.44
N ASP D 130 69.90 15.74 13.16
CA ASP D 130 69.78 15.15 14.49
C ASP D 130 69.63 16.11 15.69
N PHE D 131 70.24 17.29 15.62
CA PHE D 131 70.14 18.18 16.78
C PHE D 131 70.12 19.67 16.43
N ILE D 132 69.40 20.41 17.26
CA ILE D 132 69.35 21.86 17.21
C ILE D 132 70.45 22.46 18.08
N PHE D 133 71.06 23.54 17.62
CA PHE D 133 72.08 24.21 18.43
C PHE D 133 71.74 25.68 18.63
N GLU D 134 71.76 26.15 19.88
CA GLU D 134 71.40 27.54 20.19
C GLU D 134 72.45 28.30 21.01
N ASP D 135 73.04 29.33 20.39
CA ASP D 135 73.88 30.31 21.08
C ASP D 135 73.24 31.66 21.41
N ASP D 136 71.95 31.83 21.11
CA ASP D 136 71.26 33.10 21.38
C ASP D 136 69.98 32.88 22.14
N VAL D 137 69.17 33.92 22.27
CA VAL D 137 67.88 33.79 22.94
C VAL D 137 66.75 34.35 22.08
N PRO D 138 65.53 33.80 22.23
CA PRO D 138 65.26 32.61 23.01
C PRO D 138 65.54 31.38 22.15
N ALA D 139 65.40 30.17 22.67
CA ALA D 139 65.68 28.98 21.86
C ALA D 139 64.57 28.67 20.87
N TRP D 140 63.38 29.22 21.10
CA TRP D 140 62.23 28.93 20.23
C TRP D 140 61.21 30.06 20.23
N PHE D 141 60.34 30.05 19.22
CA PHE D 141 59.25 31.00 19.20
C PHE D 141 57.96 30.33 18.73
N ASP D 142 56.86 30.63 19.42
CA ASP D 142 55.59 29.99 19.11
C ASP D 142 55.20 30.17 17.65
N ASN D 143 54.91 29.06 17.00
CA ASN D 143 54.49 29.07 15.60
C ASN D 143 55.66 29.20 14.64
N MET D 144 56.83 29.54 15.14
CA MET D 144 58.05 29.48 14.33
C MET D 144 58.94 28.24 14.53
N GLY D 145 58.62 27.39 15.49
CA GLY D 145 59.49 26.29 15.88
C GLY D 145 60.74 26.73 16.64
N PHE D 146 61.75 25.86 16.75
CA PHE D 146 63.02 26.20 17.39
C PHE D 146 63.88 27.06 16.48
N PHE D 147 64.44 28.14 17.00
CA PHE D 147 65.26 29.04 16.18
C PHE D 147 66.46 28.39 15.52
N ASP D 148 67.13 27.49 16.25
CA ASP D 148 68.28 26.80 15.69
C ASP D 148 69.28 27.77 15.05
N GLY D 149 69.55 28.87 15.75
CA GLY D 149 70.55 29.82 15.30
C GLY D 149 70.06 30.79 14.25
N GLU D 150 68.74 30.85 14.05
CA GLU D 150 68.16 31.56 12.91
C GLU D 150 68.62 33.01 12.75
N LYS D 151 68.90 33.39 11.51
CA LYS D 151 69.10 34.78 11.16
C LYS D 151 68.06 35.15 10.10
N THR D 152 67.69 36.43 10.05
CA THR D 152 66.78 36.92 9.04
C THR D 152 67.56 37.08 7.74
N THR D 153 66.94 36.70 6.64
CA THR D 153 67.56 36.81 5.33
C THR D 153 66.71 37.76 4.48
N PHE D 154 67.38 38.47 3.58
CA PHE D 154 66.71 39.42 2.69
C PHE D 154 67.12 39.15 1.25
N TRP D 155 66.14 38.97 0.37
CA TRP D 155 66.40 38.79 -1.05
CA TRP D 155 66.40 38.78 -1.05
C TRP D 155 65.67 39.81 -1.89
N VAL D 156 66.38 40.41 -2.85
CA VAL D 156 65.75 41.26 -3.85
C VAL D 156 65.64 40.42 -5.09
N ILE D 157 64.42 40.17 -5.55
CA ILE D 157 64.22 39.29 -6.69
C ILE D 157 63.78 40.05 -7.93
N ASP D 158 64.49 39.83 -9.03
CA ASP D 158 64.03 40.32 -10.33
C ASP D 158 63.08 39.28 -10.89
N THR D 159 61.82 39.67 -11.12
CA THR D 159 60.79 38.72 -11.56
C THR D 159 60.82 38.44 -13.06
N GLU D 160 61.55 39.26 -13.81
CA GLU D 160 61.70 39.02 -15.23
C GLU D 160 62.73 37.92 -15.46
N GLY D 161 63.98 38.19 -15.10
CA GLY D 161 65.05 37.22 -15.22
C GLY D 161 64.96 36.07 -14.22
N GLU D 162 64.11 36.22 -13.21
CA GLU D 162 63.87 35.17 -12.22
C GLU D 162 65.11 34.80 -11.38
N GLU D 163 65.81 35.82 -10.91
CA GLU D 163 67.03 35.65 -10.11
C GLU D 163 67.04 36.51 -8.85
N VAL D 164 67.87 36.12 -7.88
CA VAL D 164 68.03 36.92 -6.68
C VAL D 164 69.18 37.85 -7.01
N ILE D 165 68.90 39.13 -7.16
CA ILE D 165 69.94 40.10 -7.51
C ILE D 165 70.71 40.66 -6.32
N GLU D 166 70.10 40.61 -5.14
CA GLU D 166 70.67 41.19 -3.93
C GLU D 166 70.34 40.31 -2.73
N GLN D 167 71.32 40.00 -1.91
CA GLN D 167 70.99 39.41 -0.63
C GLN D 167 71.89 39.88 0.49
N PHE D 168 71.31 39.91 1.67
CA PHE D 168 72.10 40.07 2.87
C PHE D 168 71.32 39.50 4.03
N GLU D 169 71.94 39.48 5.19
CA GLU D 169 71.25 38.97 6.37
C GLU D 169 71.46 39.88 7.57
N LYS D 170 70.51 39.79 8.50
CA LYS D 170 70.57 40.53 9.75
C LYS D 170 70.23 39.58 10.88
N PRO D 171 70.28 40.07 12.12
CA PRO D 171 69.95 39.23 13.28
C PRO D 171 68.49 38.83 13.30
N ARG D 172 68.22 37.83 14.14
CA ARG D 172 66.93 37.22 14.29
C ARG D 172 65.86 38.28 14.54
N PHE D 173 64.68 38.08 13.96
CA PHE D 173 63.52 38.97 14.11
C PHE D 173 63.68 40.36 13.51
N SER D 174 64.55 40.47 12.51
CA SER D 174 64.65 41.67 11.72
C SER D 174 63.57 41.72 10.63
N SER D 175 63.25 42.93 10.18
CA SER D 175 62.26 43.11 9.12
C SER D 175 62.71 44.19 8.16
N GLY D 176 62.06 44.24 7.00
CA GLY D 176 62.40 45.26 6.03
C GLY D 176 61.27 45.60 5.07
N ILE D 177 61.33 46.81 4.53
CA ILE D 177 60.33 47.29 3.59
C ILE D 177 61.00 48.14 2.54
N TRP D 178 60.37 48.26 1.38
CA TRP D 178 60.87 49.14 0.34
C TRP D 178 60.61 50.57 0.75
N HIS D 179 61.64 51.41 0.60
CA HIS D 179 61.45 52.84 0.64
C HIS D 179 62.10 53.34 -0.64
N GLY D 180 61.30 53.82 -1.57
CA GLY D 180 61.84 54.17 -2.88
C GLY D 180 62.62 53.00 -3.44
N ASP D 181 63.87 53.28 -3.81
CA ASP D 181 64.77 52.26 -4.31
C ASP D 181 65.62 51.65 -3.21
N SER D 182 65.36 52.03 -1.96
CA SER D 182 66.16 51.55 -0.85
C SER D 182 65.31 50.63 0.03
N ILE D 183 65.94 50.05 1.05
CA ILE D 183 65.24 49.20 2.00
C ILE D 183 65.40 49.69 3.43
N VAL D 184 64.29 49.86 4.14
CA VAL D 184 64.37 50.24 5.54
C VAL D 184 64.42 48.97 6.38
N VAL D 185 65.55 48.75 7.04
CA VAL D 185 65.74 47.55 7.85
C VAL D 185 65.57 47.88 9.33
N SER D 186 64.71 47.11 10.00
CA SER D 186 64.51 47.26 11.43
C SER D 186 65.10 46.04 12.09
N VAL D 187 66.06 46.26 12.98
CA VAL D 187 66.72 45.16 13.66
C VAL D 187 66.60 45.35 15.16
N PRO D 188 66.32 44.27 15.89
CA PRO D 188 66.16 44.39 17.35
C PRO D 188 67.46 44.85 18.02
N HIS D 189 67.37 45.87 18.86
CA HIS D 189 68.54 46.41 19.58
C HIS D 189 69.02 45.44 20.64
N ARG D 190 70.32 45.12 20.63
CA ARG D 190 70.90 44.24 21.64
C ARG D 190 71.69 44.99 22.71
N ASP D 191 71.44 44.67 23.99
CA ASP D 191 72.35 45.06 25.06
C ASP D 191 73.05 43.79 25.57
N VAL D 192 72.32 43.02 26.36
CA VAL D 192 72.82 41.75 26.87
C VAL D 192 72.23 40.70 25.95
N ILE D 193 70.91 40.68 25.92
CA ILE D 193 70.17 39.86 24.98
C ILE D 193 69.42 40.86 24.09
N PRO D 194 68.96 40.42 22.91
CA PRO D 194 68.19 41.32 22.05
C PRO D 194 66.99 41.83 22.80
N ARG D 195 66.60 43.08 22.63
CA ARG D 195 65.39 43.50 23.32
C ARG D 195 64.25 43.48 22.32
N TYR D 196 63.41 42.45 22.45
CA TYR D 196 62.34 42.23 21.50
C TYR D 196 61.16 43.04 21.91
N PHE D 197 60.59 43.75 20.96
CA PHE D 197 59.36 44.47 21.19
C PHE D 197 59.56 45.71 22.07
N LYS D 198 60.79 45.92 22.54
CA LYS D 198 61.10 47.13 23.29
C LYS D 198 61.90 48.13 22.44
N TYR D 199 63.10 47.75 22.03
CA TYR D 199 63.99 48.66 21.28
C TYR D 199 64.48 48.11 19.94
N TRP D 200 64.51 48.99 18.94
CA TRP D 200 64.99 48.63 17.62
C TRP D 200 66.11 49.58 17.18
N ASP D 201 66.96 49.11 16.25
CA ASP D 201 67.83 50.01 15.48
C ASP D 201 67.33 49.99 14.05
N ILE D 202 67.22 51.17 13.43
CA ILE D 202 66.72 51.25 12.06
C ILE D 202 67.79 51.72 11.07
N TYR D 203 67.94 51.00 9.96
CA TYR D 203 68.93 51.35 8.94
C TYR D 203 68.26 51.62 7.59
N LEU D 204 68.93 52.39 6.74
CA LEU D 204 68.53 52.54 5.34
C LEU D 204 69.57 51.86 4.45
N TRP D 205 69.15 50.86 3.70
CA TRP D 205 70.06 49.98 2.98
C TRP D 205 69.91 50.17 1.48
N LYS D 206 71.02 50.38 0.77
CA LYS D 206 71.02 50.33 -0.70
C LYS D 206 72.34 49.81 -1.27
N ASP D 207 72.27 48.93 -2.27
CA ASP D 207 73.47 48.43 -2.94
C ASP D 207 74.58 48.04 -1.95
N GLY D 208 74.23 47.25 -0.93
CA GLY D 208 75.23 46.76 0.01
C GLY D 208 75.70 47.76 1.06
N GLU D 209 75.19 48.99 0.97
CA GLU D 209 75.57 50.07 1.86
C GLU D 209 74.41 50.40 2.78
N GLU D 210 74.71 50.87 3.98
CA GLU D 210 73.64 51.26 4.89
C GLU D 210 74.02 52.45 5.77
N GLU D 211 73.06 53.32 6.01
CA GLU D 211 73.23 54.33 7.05
C GLU D 211 72.18 54.09 8.15
N LYS D 212 72.50 54.49 9.37
CA LYS D 212 71.60 54.29 10.49
C LYS D 212 70.69 55.51 10.66
N LEU D 213 69.39 55.31 10.56
CA LEU D 213 68.42 56.37 10.84
C LEU D 213 68.12 56.55 12.34
N PHE D 214 67.98 55.44 13.05
CA PHE D 214 67.60 55.48 14.46
C PHE D 214 68.41 54.50 15.32
N GLU D 215 68.64 54.89 16.57
CA GLU D 215 69.38 54.07 17.50
C GLU D 215 68.53 53.85 18.75
N LYS D 216 68.27 52.59 19.08
CA LYS D 216 67.55 52.25 20.31
C LYS D 216 66.28 53.07 20.49
N VAL D 217 65.32 52.85 19.60
CA VAL D 217 64.03 53.52 19.68
C VAL D 217 62.93 52.48 19.84
N SER D 218 61.79 52.91 20.35
CA SER D 218 60.69 52.02 20.68
C SER D 218 59.67 51.78 19.54
N PHE D 219 59.96 52.28 18.34
CA PHE D 219 59.15 51.95 17.17
C PHE D 219 59.95 51.28 16.06
N TYR D 220 59.27 50.59 15.14
CA TYR D 220 59.95 50.08 13.94
C TYR D 220 59.24 50.54 12.67
N ALA D 221 59.79 50.19 11.50
CA ALA D 221 59.22 50.65 10.24
C ALA D 221 58.20 49.64 9.69
N ILE D 222 56.94 50.05 9.68
CA ILE D 222 55.85 49.30 9.04
C ILE D 222 55.58 49.47 7.54
N ASP D 223 55.70 50.70 7.03
CA ASP D 223 55.30 51.00 5.65
C ASP D 223 55.99 52.25 5.09
N SER D 224 55.98 52.40 3.77
CA SER D 224 56.53 53.60 3.14
C SER D 224 55.77 53.97 1.87
N ASP D 225 55.55 55.26 1.65
CA ASP D 225 55.01 55.71 0.36
C ASP D 225 56.14 56.14 -0.55
N GLY D 226 57.35 56.03 -0.04
CA GLY D 226 58.56 56.33 -0.77
C GLY D 226 59.10 57.72 -0.52
N GLU D 227 58.25 58.67 -0.15
CA GLU D 227 58.78 59.90 0.43
C GLU D 227 58.79 59.88 1.96
N ARG D 228 58.07 58.93 2.55
CA ARG D 228 57.76 59.00 3.98
C ARG D 228 57.74 57.63 4.62
N ILE D 229 58.35 57.53 5.78
CA ILE D 229 58.38 56.27 6.49
C ILE D 229 57.35 56.30 7.61
N LEU D 230 56.50 55.27 7.68
CA LEU D 230 55.55 55.14 8.77
C LEU D 230 56.14 54.24 9.85
N LEU D 231 56.20 54.77 11.08
CA LEU D 231 56.77 54.06 12.22
C LEU D 231 55.68 53.66 13.20
N TYR D 232 55.85 52.52 13.85
CA TYR D 232 54.82 51.94 14.71
C TYR D 232 55.39 51.59 16.09
N GLY D 233 54.93 52.29 17.11
CA GLY D 233 55.60 52.24 18.40
C GLY D 233 55.45 53.59 19.08
N LYS D 234 56.38 53.88 19.97
CA LYS D 234 56.66 55.25 20.38
C LYS D 234 58.16 55.45 20.20
N PRO D 235 58.63 56.71 20.19
CA PRO D 235 60.09 56.87 20.16
C PRO D 235 60.74 56.15 21.36
N GLU D 236 60.12 56.29 22.53
CA GLU D 236 60.61 55.65 23.75
C GLU D 236 59.47 55.07 24.56
N LYS D 237 59.52 53.78 24.86
CA LYS D 237 58.52 53.16 25.73
C LYS D 237 59.14 52.63 27.01
N LYS D 238 58.51 52.94 28.14
CA LYS D 238 58.97 52.39 29.41
C LYS D 238 58.45 50.97 29.56
N TYR D 239 57.19 50.76 29.20
CA TYR D 239 56.58 49.43 29.23
C TYR D 239 56.19 49.02 27.82
N VAL D 240 56.46 47.78 27.45
CA VAL D 240 56.07 47.31 26.12
C VAL D 240 54.54 47.31 26.00
N SER D 241 53.87 47.27 27.14
CA SER D 241 52.41 47.29 27.21
C SER D 241 51.83 48.67 26.95
N GLU D 242 52.68 49.69 26.86
CA GLU D 242 52.21 51.00 26.42
C GLU D 242 51.59 50.87 25.04
N HIS D 243 50.59 51.71 24.75
CA HIS D 243 49.94 51.71 23.45
C HIS D 243 50.93 52.04 22.35
N ASP D 244 50.93 51.23 21.29
CA ASP D 244 51.73 51.57 20.12
C ASP D 244 50.99 52.60 19.24
N LYS D 245 51.69 53.67 18.88
CA LYS D 245 51.11 54.70 18.03
C LYS D 245 51.82 54.73 16.67
N ILE D 246 51.37 55.59 15.76
CA ILE D 246 51.98 55.71 14.44
C ILE D 246 52.66 57.06 14.25
N TYR D 247 53.73 57.07 13.47
CA TYR D 247 54.49 58.30 13.23
C TYR D 247 54.88 58.43 11.76
N ILE D 248 55.05 59.65 11.29
CA ILE D 248 55.49 59.88 9.91
C ILE D 248 56.89 60.46 9.89
N TYR D 249 57.80 59.79 9.21
CA TYR D 249 59.19 60.25 9.17
C TYR D 249 59.57 60.65 7.75
N ASP D 250 59.69 61.97 7.55
CA ASP D 250 60.25 62.55 6.33
C ASP D 250 61.71 62.92 6.54
N GLY D 251 62.24 62.53 7.70
CA GLY D 251 63.53 62.99 8.20
C GLY D 251 63.34 63.89 9.40
N GLU D 252 62.10 64.33 9.61
CA GLU D 252 61.65 64.77 10.92
C GLU D 252 60.56 63.79 11.34
N VAL D 253 60.40 63.57 12.64
CA VAL D 253 59.41 62.62 13.11
C VAL D 253 58.16 63.34 13.61
N LYS D 254 57.02 63.08 12.96
CA LYS D 254 55.75 63.66 13.39
C LYS D 254 54.73 62.58 13.78
N GLY D 255 54.39 62.51 15.06
CA GLY D 255 53.28 61.69 15.51
C GLY D 255 51.92 62.25 15.13
N ILE D 256 51.11 61.46 14.43
CA ILE D 256 49.79 61.94 14.06
C ILE D 256 48.67 61.64 15.08
N LEU D 257 48.92 60.73 16.00
CA LEU D 257 47.91 60.30 16.96
C LEU D 257 47.97 60.95 18.35
N ASP D 258 48.86 61.91 18.55
CA ASP D 258 49.24 62.35 19.90
C ASP D 258 48.07 62.63 20.85
N ASP D 259 46.95 63.14 20.32
CA ASP D 259 45.81 63.50 21.15
C ASP D 259 44.82 62.35 21.37
N ILE D 260 45.16 61.18 20.85
CA ILE D 260 44.29 60.02 21.00
C ILE D 260 44.98 58.94 21.81
N ASP D 261 44.41 58.55 22.95
CA ASP D 261 45.09 57.54 23.71
C ASP D 261 44.35 56.24 23.45
N ARG D 262 44.88 55.50 22.49
CA ARG D 262 44.32 54.22 22.04
C ARG D 262 45.44 53.52 21.27
N GLU D 263 45.38 52.21 21.15
CA GLU D 263 46.43 51.50 20.41
C GLU D 263 46.04 51.31 18.94
N VAL D 264 47.00 51.51 18.05
CA VAL D 264 46.78 51.26 16.63
C VAL D 264 46.94 49.78 16.37
N ALA D 265 45.94 49.16 15.75
CA ALA D 265 46.07 47.76 15.39
C ALA D 265 46.90 47.53 14.12
N GLN D 266 46.67 48.36 13.11
CA GLN D 266 47.30 48.17 11.82
C GLN D 266 47.35 49.53 11.12
N ALA D 267 48.30 49.73 10.23
CA ALA D 267 48.38 50.99 9.55
C ALA D 267 49.06 50.85 8.19
N LYS D 268 48.73 51.76 7.28
CA LYS D 268 49.32 51.77 5.94
C LYS D 268 49.36 53.20 5.44
N ILE D 269 50.31 53.47 4.56
CA ILE D 269 50.47 54.82 4.03
C ILE D 269 50.52 54.77 2.50
N ARG D 270 49.67 55.57 1.88
CA ARG D 270 49.67 55.72 0.42
C ARG D 270 49.45 57.19 0.05
N ASN D 271 50.38 57.76 -0.72
CA ASN D 271 50.27 59.15 -1.14
C ASN D 271 50.01 60.15 0.00
N GLY D 272 50.84 60.08 1.04
CA GLY D 272 50.77 61.05 2.12
C GLY D 272 49.60 60.86 3.08
N LYS D 273 48.67 59.98 2.70
CA LYS D 273 47.54 59.67 3.55
C LYS D 273 47.80 58.37 4.32
N VAL D 274 47.31 58.31 5.55
CA VAL D 274 47.51 57.13 6.37
C VAL D 274 46.21 56.47 6.80
N TYR D 275 46.04 55.20 6.44
CA TYR D 275 44.87 54.43 6.87
C TYR D 275 45.26 53.55 8.05
N PHE D 276 44.47 53.60 9.12
CA PHE D 276 44.78 52.86 10.34
C PHE D 276 43.55 52.43 11.13
N THR D 277 43.74 51.38 11.92
CA THR D 277 42.70 50.86 12.81
C THR D 277 43.10 51.04 14.26
N LEU D 278 42.09 51.10 15.13
CA LEU D 278 42.27 51.35 16.55
C LEU D 278 41.50 50.34 17.39
N PHE D 279 42.04 49.98 18.55
CA PHE D 279 41.27 49.16 19.49
C PHE D 279 40.43 50.13 20.29
N GLU D 280 39.12 50.04 20.17
CA GLU D 280 38.24 50.86 21.01
C GLU D 280 37.09 50.06 21.62
N GLU D 281 37.11 49.89 22.94
CA GLU D 281 35.98 49.35 23.69
C GLU D 281 35.32 48.12 23.03
N GLY D 282 36.11 47.12 22.65
CA GLY D 282 35.58 45.90 22.08
C GLY D 282 35.47 45.95 20.56
N SER D 283 35.72 47.12 20.00
CA SER D 283 35.65 47.30 18.57
C SER D 283 37.04 47.57 18.03
N VAL D 284 37.24 47.26 16.76
CA VAL D 284 38.41 47.73 16.04
C VAL D 284 37.93 48.54 14.84
N ASN D 285 38.17 49.86 14.87
CA ASN D 285 37.57 50.79 13.92
C ASN D 285 38.56 51.34 12.93
N LEU D 286 38.09 51.65 11.72
CA LEU D 286 38.96 52.15 10.67
C LEU D 286 38.93 53.67 10.54
N TYR D 287 40.10 54.27 10.42
CA TYR D 287 40.23 55.72 10.27
C TYR D 287 41.17 56.07 9.14
N LEU D 288 41.11 57.33 8.74
CA LEU D 288 42.00 57.89 7.74
C LEU D 288 42.66 59.09 8.36
N TRP D 289 43.91 59.35 7.98
CA TRP D 289 44.54 60.62 8.33
C TRP D 289 44.95 61.35 7.06
N ASP D 290 44.24 62.43 6.75
CA ASP D 290 44.58 63.38 5.68
C ASP D 290 45.32 64.62 6.21
N GLY D 291 45.71 64.58 7.47
CA GLY D 291 46.18 65.75 8.19
C GLY D 291 45.21 66.15 9.29
N GLU D 292 44.06 65.50 9.30
CA GLU D 292 43.14 65.51 10.42
C GLU D 292 42.57 64.11 10.49
N VAL D 293 42.40 63.57 11.69
CA VAL D 293 41.89 62.21 11.81
C VAL D 293 40.40 62.18 11.50
N ARG D 294 40.02 61.37 10.51
CA ARG D 294 38.61 61.25 10.15
C ARG D 294 38.22 59.79 9.94
N GLU D 295 37.07 59.40 10.48
CA GLU D 295 36.72 57.99 10.54
C GLU D 295 36.20 57.45 9.22
N ILE D 296 36.35 56.14 9.07
CA ILE D 296 35.87 55.43 7.89
C ILE D 296 34.83 54.39 8.29
N ALA D 297 35.23 53.38 9.06
CA ALA D 297 34.26 52.42 9.54
C ALA D 297 34.32 52.20 11.05
N LYS D 298 33.28 52.67 11.74
CA LYS D 298 33.22 52.61 13.18
C LYS D 298 31.92 51.96 13.59
N GLY D 299 31.97 51.03 14.53
CA GLY D 299 30.76 50.33 14.93
C GLY D 299 31.11 49.09 15.70
N LYS D 300 30.12 48.22 15.94
CA LYS D 300 30.46 47.07 16.73
C LYS D 300 30.89 46.03 15.71
N HIS D 301 32.19 45.82 15.67
CA HIS D 301 32.83 45.05 14.62
C HIS D 301 34.34 45.11 14.79
N TRP D 302 35.04 44.22 14.12
CA TRP D 302 36.48 44.31 14.01
C TRP D 302 36.83 44.36 12.53
N ILE D 303 37.63 45.35 12.14
CA ILE D 303 38.12 45.43 10.80
C ILE D 303 39.40 44.62 10.83
N MET D 304 39.41 43.48 10.15
CA MET D 304 40.49 42.50 10.27
C MET D 304 41.62 42.77 9.29
N GLY D 305 41.37 43.66 8.35
CA GLY D 305 42.38 43.98 7.37
C GLY D 305 41.85 45.04 6.44
N PHE D 306 42.73 45.54 5.58
CA PHE D 306 42.33 46.57 4.66
C PHE D 306 43.51 46.90 3.77
N ASP D 307 43.23 47.56 2.66
CA ASP D 307 44.28 48.08 1.79
C ASP D 307 43.69 49.26 1.03
N ALA D 308 44.57 50.17 0.65
CA ALA D 308 44.16 51.32 -0.13
C ALA D 308 45.15 51.65 -1.23
N ASP D 309 44.70 51.72 -2.48
CA ASP D 309 45.45 52.50 -3.45
C ASP D 309 44.59 53.57 -4.12
N GLU D 310 43.79 53.18 -5.12
CA GLU D 310 42.87 54.11 -5.75
C GLU D 310 41.53 53.98 -5.06
N ARG D 311 41.43 52.93 -4.27
CA ARG D 311 40.20 52.57 -3.59
C ARG D 311 40.53 52.20 -2.16
N LEU D 312 39.51 52.21 -1.30
CA LEU D 312 39.66 51.75 0.07
C LEU D 312 38.79 50.52 0.25
N ILE D 313 39.40 49.41 0.61
CA ILE D 313 38.65 48.18 0.87
C ILE D 313 39.12 47.55 2.18
N TYR D 314 38.21 46.86 2.87
CA TYR D 314 38.56 46.26 4.14
C TYR D 314 37.70 45.06 4.49
N LEU D 315 38.26 44.16 5.28
CA LEU D 315 37.48 43.05 5.80
C LEU D 315 36.82 43.49 7.10
N LYS D 316 35.52 43.23 7.21
CA LYS D 316 34.80 43.53 8.45
C LYS D 316 34.18 42.27 9.01
N GLU D 317 34.41 42.06 10.29
CA GLU D 317 33.88 40.90 10.98
C GLU D 317 33.09 41.41 12.16
N THR D 318 32.05 40.68 12.54
CA THR D 318 31.19 41.08 13.63
C THR D 318 31.03 39.88 14.56
N ALA D 319 30.27 40.05 15.63
CA ALA D 319 30.13 38.99 16.62
C ALA D 319 29.38 37.79 16.04
N THR D 320 28.43 38.08 15.14
CA THR D 320 27.66 37.02 14.50
C THR D 320 28.10 36.58 13.10
N ARG D 321 29.09 37.27 12.51
CA ARG D 321 29.54 36.89 11.16
C ARG D 321 31.05 36.94 10.96
N PRO D 322 31.60 35.94 10.26
CA PRO D 322 32.98 35.95 9.76
C PRO D 322 33.16 37.11 8.80
N ALA D 323 34.40 37.51 8.56
CA ALA D 323 34.68 38.66 7.72
C ALA D 323 34.06 38.56 6.33
N GLU D 324 33.52 39.69 5.86
CA GLU D 324 33.16 39.83 4.47
C GLU D 324 33.87 41.09 3.98
N LEU D 325 33.99 41.25 2.67
CA LEU D 325 34.77 42.36 2.14
C LEU D 325 33.89 43.57 1.84
N TYR D 326 34.43 44.75 2.12
CA TYR D 326 33.69 45.99 1.90
C TYR D 326 34.51 47.02 1.12
N LEU D 327 33.81 47.98 0.52
CA LEU D 327 34.43 49.06 -0.25
C LEU D 327 33.93 50.38 0.29
N TRP D 328 34.81 51.37 0.42
CA TRP D 328 34.36 52.68 0.88
C TRP D 328 34.64 53.78 -0.14
N ASP D 329 33.56 54.27 -0.75
CA ASP D 329 33.61 55.38 -1.70
C ASP D 329 33.28 56.74 -1.06
N GLY D 330 33.13 56.76 0.26
CA GLY D 330 32.45 57.85 0.95
C GLY D 330 31.14 57.38 1.54
N GLU D 331 30.79 56.13 1.21
CA GLU D 331 29.78 55.38 1.92
C GLU D 331 30.32 53.96 1.99
N GLU D 332 29.82 53.14 2.90
CA GLU D 332 30.23 51.73 2.91
C GLU D 332 29.35 50.90 1.99
N ARG D 333 29.98 50.04 1.20
CA ARG D 333 29.25 49.10 0.35
C ARG D 333 29.79 47.68 0.57
N GLN D 334 28.89 46.73 0.79
CA GLN D 334 29.29 45.35 1.04
C GLN D 334 29.60 44.70 -0.29
N LEU D 335 30.84 44.23 -0.46
CA LEU D 335 31.26 43.55 -1.68
C LEU D 335 30.90 42.06 -1.76
N THR D 336 31.02 41.38 -0.62
CA THR D 336 30.88 39.93 -0.61
C THR D 336 29.92 39.47 0.46
N ASP D 337 28.99 38.59 0.11
CA ASP D 337 28.35 37.81 1.15
C ASP D 337 28.69 36.35 0.86
N TYR D 338 29.68 35.81 1.55
CA TYR D 338 30.05 34.42 1.27
C TYR D 338 29.18 33.46 2.04
N ASN D 339 28.94 33.83 3.29
CA ASN D 339 28.21 32.98 4.22
C ASN D 339 26.71 33.30 4.34
N GLY D 340 26.24 34.26 3.56
CA GLY D 340 24.86 34.68 3.61
C GLY D 340 23.86 33.55 3.52
N LEU D 341 24.03 32.66 2.56
CA LEU D 341 23.11 31.54 2.41
C LEU D 341 23.16 30.63 3.63
N ILE D 342 24.36 30.37 4.13
CA ILE D 342 24.48 29.54 5.33
C ILE D 342 23.77 30.15 6.53
N PHE D 343 23.95 31.46 6.74
CA PHE D 343 23.43 32.09 7.93
C PHE D 343 21.95 32.45 7.82
N LYS D 344 21.35 32.13 6.69
CA LYS D 344 19.91 32.10 6.61
C LYS D 344 19.39 30.90 7.42
N LYS D 345 20.07 29.77 7.29
CA LYS D 345 19.63 28.52 7.90
C LYS D 345 20.29 28.20 9.25
N LEU D 346 21.13 29.11 9.75
CA LEU D 346 21.86 28.87 10.99
C LEU D 346 21.66 30.03 11.97
N LYS D 347 21.16 29.71 13.17
CA LYS D 347 20.80 30.72 14.15
C LYS D 347 22.03 31.31 14.80
N THR D 348 22.07 32.64 14.92
CA THR D 348 23.16 33.33 15.59
C THR D 348 22.64 34.22 16.70
N PHE D 349 23.50 34.49 17.68
CA PHE D 349 23.08 35.18 18.90
C PHE D 349 23.82 36.49 19.09
N GLU D 350 23.13 37.62 18.99
CA GLU D 350 23.78 38.90 19.24
C GLU D 350 23.95 39.10 20.73
N PRO D 351 25.21 39.29 21.18
CA PRO D 351 25.48 39.56 22.60
C PRO D 351 24.86 40.87 23.07
N ARG D 352 24.41 40.93 24.33
CA ARG D 352 23.94 42.19 24.91
C ARG D 352 25.08 42.85 25.66
N HIS D 353 25.27 44.13 25.40
CA HIS D 353 26.33 44.89 26.03
C HIS D 353 25.86 45.48 27.35
N PHE D 354 26.70 45.43 28.38
CA PHE D 354 26.36 46.11 29.63
C PHE D 354 27.56 46.73 30.32
N ARG D 355 27.31 47.82 31.03
CA ARG D 355 28.34 48.49 31.83
C ARG D 355 28.22 48.03 33.29
N PHE D 356 29.34 47.86 33.98
CA PHE D 356 29.30 47.54 35.41
C PHE D 356 30.38 48.27 36.20
N LYS D 357 30.25 48.29 37.53
CA LYS D 357 31.24 48.97 38.38
C LYS D 357 32.15 47.95 39.05
N SER D 358 33.45 48.19 39.02
CA SER D 358 34.38 47.31 39.72
C SER D 358 35.41 48.11 40.49
N ILE D 359 35.37 48.03 41.82
CA ILE D 359 36.34 48.80 42.59
C ILE D 359 36.24 50.30 42.20
N ASP D 360 37.28 50.83 41.56
CA ASP D 360 37.29 52.22 41.11
C ASP D 360 36.89 52.47 39.64
N LEU D 361 36.53 51.43 38.91
CA LEU D 361 36.31 51.58 37.47
C LEU D 361 34.93 51.18 37.01
N GLU D 362 34.56 51.70 35.83
CA GLU D 362 33.36 51.26 35.14
C GLU D 362 33.84 50.49 33.93
N LEU D 363 33.30 49.28 33.78
CA LEU D 363 33.81 48.32 32.81
C LEU D 363 32.76 47.88 31.79
N ASP D 364 33.24 47.42 30.64
CA ASP D 364 32.40 46.81 29.62
C ASP D 364 32.18 45.32 29.83
N GLY D 365 30.99 44.85 29.49
CA GLY D 365 30.66 43.44 29.58
C GLY D 365 29.68 43.01 28.49
N TRP D 366 29.63 41.72 28.22
CA TRP D 366 28.73 41.19 27.22
C TRP D 366 28.16 39.87 27.69
N TYR D 367 26.93 39.56 27.27
CA TYR D 367 26.37 38.25 27.55
C TYR D 367 25.43 37.77 26.45
N ILE D 368 25.46 36.47 26.21
CA ILE D 368 24.56 35.86 25.26
C ILE D 368 23.51 35.05 26.01
N LYS D 369 22.25 35.29 25.69
CA LYS D 369 21.17 34.56 26.34
C LYS D 369 20.66 33.43 25.45
N PRO D 370 20.70 32.19 25.95
CA PRO D 370 20.26 31.05 25.14
C PRO D 370 18.75 30.99 25.04
N GLU D 371 18.19 30.02 24.32
CA GLU D 371 16.74 29.84 24.30
C GLU D 371 16.37 28.88 25.44
N ILE D 372 15.61 29.37 26.40
CA ILE D 372 15.36 28.64 27.63
C ILE D 372 13.89 28.35 27.83
N LYS D 373 13.58 27.26 28.53
CA LYS D 373 12.21 26.97 28.88
C LYS D 373 11.85 27.85 30.08
N GLU D 374 10.85 28.72 29.90
CA GLU D 374 10.53 29.72 30.90
C GLU D 374 9.94 29.09 32.16
N GLY D 375 10.44 29.52 33.31
CA GLY D 375 10.13 28.85 34.56
C GLY D 375 11.29 27.95 34.92
N GLU D 376 12.26 27.89 34.01
CA GLU D 376 13.49 27.13 34.24
C GLU D 376 14.69 28.02 33.98
N LYS D 377 15.85 27.55 34.42
CA LYS D 377 17.07 28.34 34.36
C LYS D 377 18.16 27.64 33.53
N ALA D 378 19.15 28.41 33.08
CA ALA D 378 20.23 27.87 32.27
C ALA D 378 21.59 28.08 32.91
N PRO D 379 22.52 27.12 32.71
CA PRO D 379 23.89 27.23 33.22
C PRO D 379 24.67 28.33 32.50
N VAL D 380 25.79 28.74 33.08
CA VAL D 380 26.59 29.84 32.54
C VAL D 380 28.04 29.45 32.29
N ILE D 381 28.62 30.08 31.28
CA ILE D 381 30.04 29.90 31.01
C ILE D 381 30.72 31.24 30.90
N VAL D 382 31.63 31.52 31.82
CA VAL D 382 32.41 32.73 31.74
C VAL D 382 33.66 32.50 30.86
N PHE D 383 33.85 33.35 29.86
CA PHE D 383 35.03 33.26 29.00
C PHE D 383 35.98 34.38 29.42
N VAL D 384 37.26 34.07 29.49
CA VAL D 384 38.27 35.07 29.78
C VAL D 384 39.25 35.21 28.62
N HIS D 385 39.37 36.41 28.07
CA HIS D 385 40.24 36.57 26.92
C HIS D 385 41.71 36.54 27.29
N GLY D 386 42.54 36.26 26.29
CA GLY D 386 43.97 36.21 26.47
C GLY D 386 44.49 37.61 26.71
N GLY D 387 45.80 37.78 26.76
CA GLY D 387 46.24 39.01 27.37
C GLY D 387 47.62 39.11 27.97
N PRO D 388 47.73 39.94 28.99
CA PRO D 388 46.47 40.53 29.48
C PRO D 388 45.82 41.54 28.52
N LYS D 389 46.57 42.01 27.54
CA LYS D 389 46.15 43.11 26.68
C LYS D 389 45.32 42.68 25.45
N GLY D 390 44.91 41.42 25.43
CA GLY D 390 43.87 40.99 24.50
C GLY D 390 42.55 41.74 24.74
N MET D 391 41.63 41.63 23.79
CA MET D 391 40.37 42.36 23.89
C MET D 391 39.17 41.55 23.39
N TYR D 392 38.10 41.49 24.20
CA TYR D 392 36.84 40.90 23.75
C TYR D 392 35.94 42.02 23.23
N GLY D 393 34.78 41.67 22.69
CA GLY D 393 34.24 42.58 21.72
C GLY D 393 33.29 42.03 20.68
N TYR D 394 33.36 42.70 19.54
CA TYR D 394 32.56 42.41 18.39
C TYR D 394 33.10 41.43 17.31
N TYR D 395 34.21 40.74 17.54
CA TYR D 395 34.58 39.71 16.55
C TYR D 395 33.82 38.39 16.68
N PHE D 396 34.08 37.45 15.77
CA PHE D 396 33.30 36.22 15.71
C PHE D 396 33.97 35.08 16.45
N LYS D 397 33.37 34.65 17.56
CA LYS D 397 33.98 33.63 18.42
C LYS D 397 33.17 32.34 18.45
N TYR D 398 33.71 31.30 17.80
CA TYR D 398 32.94 30.11 17.48
C TYR D 398 32.37 29.40 18.70
N GLU D 399 33.19 29.19 19.73
CA GLU D 399 32.72 28.48 20.90
C GLU D 399 31.51 29.18 21.52
N MET D 400 31.51 30.51 21.48
CA MET D 400 30.42 31.26 22.11
C MET D 400 29.08 31.00 21.40
N GLN D 401 29.10 31.05 20.08
CA GLN D 401 27.92 30.68 19.29
C GLN D 401 27.52 29.22 19.51
N LEU D 402 28.52 28.35 19.56
CA LEU D 402 28.26 26.92 19.71
C LEU D 402 27.51 26.61 21.00
N MET D 403 28.06 27.08 22.12
CA MET D 403 27.52 26.77 23.43
C MET D 403 26.21 27.50 23.72
N ALA D 404 26.06 28.71 23.19
CA ALA D 404 24.81 29.42 23.38
C ALA D 404 23.70 28.60 22.74
N SER D 405 23.99 28.02 21.58
CA SER D 405 22.99 27.25 20.86
C SER D 405 22.68 25.96 21.63
N LYS D 406 23.58 25.56 22.51
CA LYS D 406 23.38 24.36 23.33
C LYS D 406 22.71 24.66 24.67
N GLY D 407 22.30 25.91 24.87
CA GLY D 407 21.50 26.25 26.03
C GLY D 407 22.22 26.91 27.19
N TYR D 408 23.42 27.40 26.91
CA TYR D 408 24.22 28.07 27.93
C TYR D 408 24.12 29.59 27.80
N TYR D 409 24.11 30.27 28.94
CA TYR D 409 24.39 31.69 28.97
C TYR D 409 25.89 31.85 28.69
N ILE D 410 26.27 32.91 27.99
CA ILE D 410 27.66 33.20 27.72
C ILE D 410 27.97 34.57 28.30
N VAL D 411 29.04 34.66 29.07
CA VAL D 411 29.35 35.92 29.74
C VAL D 411 30.83 36.19 29.74
N TYR D 412 31.19 37.41 29.38
CA TYR D 412 32.58 37.80 29.29
C TYR D 412 32.78 39.30 29.48
N VAL D 413 33.98 39.70 29.92
CA VAL D 413 34.25 41.13 30.14
C VAL D 413 35.65 41.49 29.70
N ASN D 414 35.94 42.79 29.61
CA ASN D 414 37.32 43.23 29.47
C ASN D 414 37.78 43.82 30.81
N PRO D 415 38.59 43.06 31.57
CA PRO D 415 39.08 43.56 32.86
C PRO D 415 40.18 44.60 32.67
N ARG D 416 40.49 45.36 33.71
CA ARG D 416 41.59 46.30 33.61
C ARG D 416 42.82 45.54 33.14
N GLY D 417 43.58 46.16 32.23
CA GLY D 417 44.67 45.50 31.55
C GLY D 417 44.32 45.08 30.14
N SER D 418 43.02 45.14 29.81
CA SER D 418 42.55 44.84 28.46
C SER D 418 42.93 45.91 27.45
N ASN D 419 43.05 45.52 26.19
CA ASN D 419 43.28 46.50 25.14
C ASN D 419 42.01 47.27 24.83
N GLY D 420 42.15 48.42 24.20
CA GLY D 420 41.01 49.14 23.67
C GLY D 420 40.42 50.17 24.61
N TYR D 421 41.22 50.58 25.59
CA TYR D 421 40.85 51.63 26.54
C TYR D 421 42.09 52.47 26.71
N SER D 422 42.11 53.37 27.68
CA SER D 422 43.28 54.22 27.90
C SER D 422 44.54 53.41 28.21
N GLU D 423 45.69 53.98 27.88
CA GLU D 423 46.96 53.36 28.19
C GLU D 423 47.07 53.02 29.68
N ASP D 424 46.74 53.96 30.55
CA ASP D 424 46.78 53.70 31.97
C ASP D 424 45.89 52.52 32.34
N PHE D 425 44.75 52.41 31.66
CA PHE D 425 43.86 51.28 31.88
C PHE D 425 44.56 49.96 31.60
N ALA D 426 45.40 49.95 30.58
CA ALA D 426 46.18 48.75 30.26
C ALA D 426 47.26 48.54 31.31
N LEU D 427 47.95 49.60 31.71
CA LEU D 427 49.09 49.45 32.60
C LEU D 427 48.71 48.99 34.00
N ARG D 428 47.44 49.13 34.36
CA ARG D 428 46.98 48.77 35.70
C ARG D 428 47.29 47.34 36.12
N VAL D 429 47.38 46.44 35.16
CA VAL D 429 47.49 45.04 35.50
C VAL D 429 48.91 44.63 35.88
N LEU D 430 49.90 45.46 35.54
CA LEU D 430 51.28 45.09 35.76
C LEU D 430 51.58 44.72 37.23
N GLU D 431 52.12 43.51 37.37
CA GLU D 431 52.43 42.83 38.63
C GLU D 431 51.19 42.70 39.50
N ARG D 432 50.03 42.92 38.91
CA ARG D 432 48.75 42.70 39.57
C ARG D 432 47.98 41.43 39.17
N THR D 433 48.55 40.62 38.28
CA THR D 433 47.77 39.54 37.68
C THR D 433 47.09 38.69 38.74
N GLY D 434 45.78 38.48 38.58
CA GLY D 434 45.04 37.63 39.49
C GLY D 434 44.49 38.42 40.66
N LEU D 435 44.77 39.72 40.68
CA LEU D 435 44.24 40.50 41.80
C LEU D 435 43.02 41.32 41.39
N GLU D 436 43.22 42.45 40.75
CA GLU D 436 42.11 43.36 40.46
C GLU D 436 41.31 42.89 39.28
N ASP D 437 42.00 42.41 38.26
CA ASP D 437 41.32 41.96 37.05
C ASP D 437 40.43 40.75 37.34
N PHE D 438 40.82 39.94 38.32
CA PHE D 438 39.98 38.81 38.71
C PHE D 438 38.73 39.32 39.41
N GLN D 439 38.87 40.42 40.15
CA GLN D 439 37.76 41.05 40.82
C GLN D 439 36.83 41.68 39.79
N ASP D 440 37.43 42.25 38.76
CA ASP D 440 36.69 42.83 37.66
C ASP D 440 35.79 41.77 37.10
N ILE D 441 36.33 40.56 36.96
CA ILE D 441 35.54 39.47 36.39
C ILE D 441 34.42 39.04 37.34
N LEU D 442 34.72 38.93 38.64
CA LEU D 442 33.71 38.54 39.62
C LEU D 442 32.60 39.58 39.67
N ASN D 443 32.98 40.85 39.69
CA ASN D 443 32.00 41.90 39.75
C ASN D 443 31.10 41.91 38.52
N GLY D 444 31.70 41.69 37.36
CA GLY D 444 30.94 41.63 36.13
C GLY D 444 29.92 40.51 36.21
N ILE D 445 30.36 39.32 36.61
CA ILE D 445 29.46 38.20 36.77
C ILE D 445 28.27 38.58 37.65
N GLU D 446 28.53 39.31 38.73
CA GLU D 446 27.47 39.63 39.68
C GLU D 446 26.41 40.52 39.03
N GLU D 447 26.87 41.61 38.42
CA GLU D 447 25.97 42.47 37.67
C GLU D 447 25.20 41.68 36.61
N PHE D 448 25.84 40.72 35.96
CA PHE D 448 25.14 39.93 34.94
C PHE D 448 23.99 39.11 35.58
N LEU D 449 24.27 38.48 36.72
CA LEU D 449 23.26 37.67 37.39
C LEU D 449 22.03 38.47 37.74
N ARG D 450 22.24 39.73 38.12
CA ARG D 450 21.13 40.63 38.35
C ARG D 450 20.35 40.79 37.05
N LEU D 451 21.03 41.14 35.96
CA LEU D 451 20.35 41.35 34.68
C LEU D 451 19.62 40.10 34.17
N GLU D 452 20.11 38.91 34.52
CA GLU D 452 19.48 37.67 34.05
C GLU D 452 19.16 36.72 35.17
N PRO D 453 18.03 36.93 35.85
CA PRO D 453 17.62 36.05 36.95
C PRO D 453 17.41 34.61 36.51
N GLN D 454 17.30 34.38 35.21
CA GLN D 454 17.15 33.03 34.67
C GLN D 454 18.49 32.30 34.57
N ALA D 455 19.58 33.03 34.73
CA ALA D 455 20.89 32.39 34.81
C ALA D 455 20.98 31.69 36.16
N ASP D 456 21.44 30.45 36.14
CA ASP D 456 21.46 29.64 37.35
C ASP D 456 22.82 29.77 38.00
N ARG D 457 22.90 30.44 39.14
CA ARG D 457 24.19 30.68 39.75
C ARG D 457 24.76 29.42 40.38
N GLU D 458 23.96 28.36 40.43
CA GLU D 458 24.45 27.11 40.98
C GLU D 458 25.18 26.26 39.93
N ARG D 459 25.05 26.61 38.65
CA ARG D 459 26.01 26.11 37.68
C ARG D 459 26.59 27.24 36.84
N ILE D 460 27.84 27.56 37.12
CA ILE D 460 28.56 28.58 36.37
C ILE D 460 29.95 28.07 36.16
N GLY D 461 30.33 27.90 34.90
CA GLY D 461 31.65 27.42 34.57
C GLY D 461 32.52 28.60 34.18
N ILE D 462 33.79 28.33 33.91
CA ILE D 462 34.71 29.36 33.46
C ILE D 462 35.75 28.71 32.57
N THR D 463 36.19 29.43 31.56
CA THR D 463 37.15 28.87 30.61
C THR D 463 37.96 29.99 29.95
N GLY D 464 39.15 29.64 29.48
CA GLY D 464 39.96 30.60 28.75
C GLY D 464 41.19 29.93 28.15
N ILE D 465 41.82 30.61 27.20
CA ILE D 465 43.05 30.13 26.60
C ILE D 465 44.20 31.07 26.98
N ALA D 466 45.38 30.52 27.20
CA ALA D 466 46.52 31.36 27.57
C ALA D 466 46.26 32.14 28.86
N TYR D 467 46.31 33.46 28.81
CA TYR D 467 46.10 34.22 30.03
C TYR D 467 44.74 33.87 30.62
N GLY D 468 43.83 33.46 29.75
CA GLY D 468 42.49 33.09 30.16
C GLY D 468 42.49 31.74 30.84
N GLY D 469 43.41 30.88 30.44
CA GLY D 469 43.59 29.59 31.11
C GLY D 469 44.20 29.86 32.47
N TYR D 470 45.10 30.83 32.51
CA TYR D 470 45.61 31.32 33.76
C TYR D 470 44.46 31.72 34.67
N MET D 471 43.56 32.56 34.15
CA MET D 471 42.45 33.06 34.96
C MET D 471 41.53 31.93 35.40
N THR D 472 41.39 30.92 34.54
CA THR D 472 40.63 29.74 34.86
C THR D 472 41.26 28.98 36.03
N ASN D 473 42.55 28.65 35.92
CA ASN D 473 43.28 28.04 37.04
C ASN D 473 43.06 28.87 38.30
N TRP D 474 43.39 30.15 38.19
CA TRP D 474 43.33 31.07 39.31
C TRP D 474 41.95 31.03 39.95
N ALA D 475 40.92 31.02 39.12
CA ALA D 475 39.57 31.09 39.65
C ALA D 475 39.26 29.88 40.52
N LEU D 476 39.65 28.68 40.08
CA LEU D 476 39.32 27.47 40.83
C LEU D 476 40.08 27.37 42.16
N THR D 477 41.27 27.95 42.23
CA THR D 477 42.02 28.04 43.48
C THR D 477 41.61 29.22 44.37
N GLN D 478 41.12 30.30 43.76
CA GLN D 478 40.77 31.49 44.55
C GLN D 478 39.30 31.68 44.91
N SER D 479 38.40 30.79 44.47
CA SER D 479 36.95 31.01 44.62
C SER D 479 36.11 29.73 44.66
N ASP D 480 34.96 29.79 45.33
CA ASP D 480 34.03 28.65 45.37
C ASP D 480 32.90 28.78 44.33
N LEU D 481 32.90 29.87 43.58
CA LEU D 481 31.81 30.17 42.67
C LEU D 481 31.60 29.11 41.58
N PHE D 482 32.69 28.61 41.02
CA PHE D 482 32.62 27.87 39.77
C PHE D 482 32.42 26.37 39.95
N LYS D 483 31.52 25.79 39.15
CA LYS D 483 31.18 24.38 39.25
C LYS D 483 32.00 23.52 38.29
N ALA D 484 32.80 24.16 37.46
CA ALA D 484 33.69 23.46 36.53
C ALA D 484 34.48 24.45 35.72
N GLY D 485 35.58 23.99 35.12
CA GLY D 485 36.37 24.86 34.27
C GLY D 485 37.16 24.12 33.20
N ILE D 486 37.45 24.85 32.12
CA ILE D 486 38.29 24.34 31.05
C ILE D 486 39.41 25.33 30.80
N SER D 487 40.63 24.87 31.02
CA SER D 487 41.81 25.72 30.99
C SER D 487 42.74 25.25 29.89
N GLU D 488 43.00 26.14 28.93
CA GLU D 488 43.76 25.75 27.76
C GLU D 488 45.05 26.56 27.65
N ASN D 489 46.18 25.88 27.50
CA ASN D 489 47.43 26.58 27.19
C ASN D 489 47.64 27.78 28.10
N GLY D 490 47.53 27.57 29.41
CA GLY D 490 47.57 28.67 30.33
C GLY D 490 48.87 28.85 31.11
N ILE D 491 48.75 29.38 32.31
CA ILE D 491 49.85 29.49 33.23
C ILE D 491 49.44 29.05 34.63
N SER D 492 50.05 27.97 35.12
CA SER D 492 50.05 27.66 36.55
C SER D 492 51.14 28.35 37.39
N TYR D 493 52.36 28.42 36.85
CA TYR D 493 53.52 28.92 37.59
C TYR D 493 54.30 29.93 36.75
N TRP D 494 54.35 31.19 37.20
CA TRP D 494 54.98 32.24 36.41
C TRP D 494 56.50 32.10 36.23
N LEU D 495 57.17 31.47 37.20
CA LEU D 495 58.61 31.32 37.10
C LEU D 495 59.00 30.59 35.84
N THR D 496 58.37 29.44 35.59
CA THR D 496 58.69 28.68 34.40
C THR D 496 58.21 29.40 33.15
N SER D 497 57.16 30.21 33.26
CA SER D 497 56.80 31.05 32.12
C SER D 497 57.99 31.91 31.72
N TYR D 498 58.60 32.56 32.71
CA TYR D 498 59.73 33.45 32.49
C TYR D 498 60.98 32.77 31.89
N ALA D 499 61.36 31.63 32.46
CA ALA D 499 62.58 30.91 32.05
C ALA D 499 62.44 30.04 30.79
N PHE D 500 61.33 29.33 30.71
CA PHE D 500 61.01 28.38 29.64
C PHE D 500 60.41 28.95 28.35
N SER D 501 59.53 29.95 28.47
CA SER D 501 58.72 30.40 27.33
C SER D 501 59.44 31.31 26.35
N ASP D 502 58.95 31.30 25.12
CA ASP D 502 59.55 32.11 24.07
C ASP D 502 59.72 33.61 24.43
N ILE D 503 58.68 34.23 24.96
CA ILE D 503 58.75 35.66 25.31
C ILE D 503 59.06 35.96 26.78
N GLY D 504 59.24 34.91 27.58
CA GLY D 504 59.36 35.06 29.02
C GLY D 504 60.37 36.06 29.61
N LEU D 505 61.58 36.10 29.05
CA LEU D 505 62.66 36.88 29.65
C LEU D 505 62.34 38.37 29.80
N TRP D 506 61.57 38.91 28.86
CA TRP D 506 61.19 40.32 28.88
C TRP D 506 59.78 40.49 29.41
N PHE D 507 58.83 39.86 28.75
CA PHE D 507 57.44 39.91 29.16
C PHE D 507 57.20 39.67 30.67
N ASP D 508 57.76 38.60 31.23
CA ASP D 508 57.48 38.28 32.63
C ASP D 508 58.07 39.29 33.62
N LYS D 509 59.13 39.98 33.20
CA LYS D 509 59.71 40.98 34.07
C LYS D 509 58.78 42.19 34.16
N GLU D 510 58.11 42.49 33.06
CA GLU D 510 57.19 43.61 32.99
C GLU D 510 55.83 43.35 33.62
N VAL D 511 55.22 42.22 33.26
CA VAL D 511 53.89 41.87 33.79
C VAL D 511 53.84 41.25 35.20
N ILE D 512 54.69 40.26 35.47
CA ILE D 512 54.80 39.69 36.83
C ILE D 512 55.71 40.47 37.80
N GLY D 513 56.91 40.83 37.37
CA GLY D 513 57.81 41.64 38.19
C GLY D 513 59.30 41.42 37.90
N ASP D 514 60.15 42.24 38.52
CA ASP D 514 61.58 42.12 38.27
C ASP D 514 62.23 41.09 39.18
N ASN D 515 63.52 40.85 38.94
CA ASN D 515 64.28 39.87 39.73
C ASN D 515 63.51 38.58 39.96
N PRO D 516 63.12 37.90 38.87
CA PRO D 516 62.23 36.73 38.89
C PRO D 516 62.68 35.65 39.88
N LEU D 517 63.98 35.43 40.01
CA LEU D 517 64.48 34.40 40.91
C LEU D 517 64.32 34.76 42.37
N GLU D 518 64.43 36.04 42.68
CA GLU D 518 64.30 36.52 44.04
C GLU D 518 62.92 37.08 44.43
N ASN D 519 61.98 37.12 43.49
CA ASN D 519 60.74 37.88 43.66
C ASN D 519 59.57 36.99 44.07
N GLU D 520 58.96 37.28 45.21
CA GLU D 520 57.93 36.41 45.77
C GLU D 520 56.61 36.46 45.01
N ASN D 521 56.45 37.48 44.17
CA ASN D 521 55.25 37.63 43.37
C ASN D 521 55.05 36.43 42.47
N TYR D 522 56.15 35.91 41.94
CA TYR D 522 56.12 34.76 41.05
C TYR D 522 55.53 33.49 41.65
N ARG D 523 55.72 33.30 42.94
CA ARG D 523 55.03 32.23 43.65
C ARG D 523 53.60 32.65 43.98
N LYS D 524 53.44 33.85 44.52
CA LYS D 524 52.16 34.29 45.11
C LYS D 524 50.97 34.37 44.14
N LEU D 525 51.25 34.74 42.89
CA LEU D 525 50.23 34.86 41.83
C LEU D 525 50.08 33.60 40.96
N SER D 526 50.77 32.52 41.34
CA SER D 526 50.72 31.27 40.60
C SER D 526 49.68 30.28 41.12
N PRO D 527 48.71 29.91 40.27
CA PRO D 527 47.66 28.95 40.65
C PRO D 527 48.22 27.66 41.25
N LEU D 528 49.36 27.19 40.74
CA LEU D 528 49.95 25.93 41.16
C LEU D 528 50.14 25.78 42.68
N PHE D 529 50.42 26.88 43.38
CA PHE D 529 50.72 26.83 44.80
C PHE D 529 49.47 26.81 45.68
N TYR D 530 48.34 27.16 45.08
CA TYR D 530 47.03 27.11 45.74
C TYR D 530 46.23 25.85 45.38
N ALA D 531 46.84 24.95 44.62
CA ALA D 531 46.13 23.79 44.07
C ALA D 531 45.28 23.01 45.08
N LYS D 532 45.74 22.94 46.32
CA LYS D 532 44.98 22.25 47.35
C LYS D 532 43.57 22.82 47.45
N ASN D 533 43.40 24.07 47.03
CA ASN D 533 42.08 24.72 47.12
C ASN D 533 41.03 24.24 46.12
N VAL D 534 41.44 23.76 44.96
CA VAL D 534 40.47 23.51 43.90
C VAL D 534 39.42 22.50 44.38
N LYS D 535 38.15 22.90 44.38
CA LYS D 535 37.03 21.98 44.55
C LYS D 535 36.33 21.53 43.26
N ALA D 536 36.65 22.18 42.15
CA ALA D 536 35.89 21.97 40.91
C ALA D 536 36.56 21.09 39.84
N PRO D 537 35.82 20.13 39.29
CA PRO D 537 36.39 19.33 38.20
C PRO D 537 36.96 20.26 37.12
N LEU D 538 38.11 19.88 36.54
CA LEU D 538 38.84 20.72 35.60
C LEU D 538 39.32 19.92 34.40
N LEU D 539 39.18 20.52 33.22
CA LEU D 539 39.77 19.97 32.00
C LEU D 539 40.92 20.86 31.54
N LEU D 540 42.12 20.29 31.45
CA LEU D 540 43.24 21.04 30.90
C LEU D 540 43.48 20.66 29.44
N ILE D 541 43.62 21.66 28.58
CA ILE D 541 43.95 21.41 27.19
C ILE D 541 45.30 22.05 26.85
N HIS D 542 46.15 21.31 26.15
CA HIS D 542 47.43 21.83 25.69
C HIS D 542 47.81 21.25 24.32
N SER D 543 48.79 21.87 23.66
CA SER D 543 49.36 21.31 22.44
C SER D 543 50.90 21.31 22.52
N LEU D 544 51.53 20.27 21.97
CA LEU D 544 52.97 20.08 22.12
C LEU D 544 53.83 21.11 21.46
N GLU D 545 53.25 21.83 20.51
CA GLU D 545 53.97 22.85 19.75
C GLU D 545 53.83 24.28 20.28
N ASP D 546 53.19 24.45 21.44
CA ASP D 546 52.98 25.81 21.92
C ASP D 546 54.16 26.24 22.80
N TYR D 547 54.93 27.19 22.27
CA TYR D 547 56.05 27.79 22.99
C TYR D 547 55.73 29.13 23.64
N ARG D 548 54.51 29.61 23.45
CA ARG D 548 54.04 30.80 24.15
C ARG D 548 53.75 30.45 25.61
N CYS D 549 53.01 29.37 25.82
CA CYS D 549 52.77 28.83 27.15
C CYS D 549 53.14 27.35 27.16
N PRO D 550 54.40 27.05 27.47
CA PRO D 550 54.96 25.70 27.28
C PRO D 550 54.18 24.63 28.05
N LEU D 551 54.32 23.38 27.63
CA LEU D 551 53.48 22.30 28.16
C LEU D 551 53.48 22.13 29.69
N ASP D 552 54.60 22.43 30.35
CA ASP D 552 54.68 22.24 31.81
C ASP D 552 53.52 22.96 32.51
N GLN D 553 53.11 24.09 31.96
CA GLN D 553 52.04 24.88 32.56
C GLN D 553 50.79 24.05 32.87
N SER D 554 50.37 23.25 31.89
CA SER D 554 49.21 22.40 32.08
C SER D 554 49.57 21.12 32.82
N LEU D 555 50.69 20.52 32.45
CA LEU D 555 51.01 19.19 32.95
C LEU D 555 51.39 19.20 34.44
N MET D 556 52.18 20.19 34.86
CA MET D 556 52.54 20.29 36.29
C MET D 556 51.30 20.51 37.14
N PHE D 557 50.41 21.36 36.64
CA PHE D 557 49.23 21.68 37.39
C PHE D 557 48.42 20.41 37.53
N TYR D 558 48.37 19.64 36.44
CA TYR D 558 47.62 18.39 36.40
C TYR D 558 48.17 17.37 37.38
N HIS D 559 49.47 17.12 37.29
CA HIS D 559 50.12 16.14 38.14
C HIS D 559 49.91 16.50 39.61
N VAL D 560 50.15 17.75 39.94
CA VAL D 560 49.95 18.17 41.31
C VAL D 560 48.51 17.87 41.74
N LEU D 561 47.54 18.41 41.01
CA LEU D 561 46.13 18.19 41.32
C LEU D 561 45.80 16.71 41.56
N LYS D 562 46.37 15.84 40.74
CA LYS D 562 46.15 14.41 40.93
C LYS D 562 46.78 13.96 42.24
N ASP D 563 47.97 14.46 42.54
CA ASP D 563 48.67 14.08 43.77
C ASP D 563 47.86 14.50 44.99
N LEU D 564 47.03 15.52 44.82
CA LEU D 564 46.13 16.00 45.88
C LEU D 564 44.74 15.36 45.84
N GLY D 565 44.57 14.38 44.96
CA GLY D 565 43.33 13.62 44.91
C GLY D 565 42.16 14.30 44.21
N LYS D 566 42.46 15.36 43.45
CA LYS D 566 41.45 16.14 42.74
C LYS D 566 40.93 15.45 41.46
N GLU D 567 39.73 15.84 41.02
CA GLU D 567 39.25 15.34 39.74
C GLU D 567 39.65 16.30 38.64
N VAL D 568 40.54 15.83 37.78
CA VAL D 568 41.09 16.64 36.71
C VAL D 568 41.47 15.72 35.56
N TYR D 569 41.39 16.24 34.33
CA TYR D 569 41.80 15.49 33.16
C TYR D 569 42.67 16.38 32.29
N ILE D 570 43.51 15.76 31.48
CA ILE D 570 44.35 16.53 30.57
C ILE D 570 44.31 15.97 29.15
N ALA D 571 44.14 16.86 28.19
CA ALA D 571 44.11 16.49 26.77
C ALA D 571 45.27 17.17 26.08
N ILE D 572 46.19 16.36 25.55
CA ILE D 572 47.38 16.91 24.92
C ILE D 572 47.40 16.66 23.41
N PHE D 573 47.22 17.73 22.66
CA PHE D 573 47.21 17.64 21.22
C PHE D 573 48.63 17.47 20.69
N LYS D 574 48.81 16.42 19.89
CA LYS D 574 50.13 16.05 19.40
C LYS D 574 50.73 17.11 18.47
N LYS D 575 49.88 17.93 17.87
CA LYS D 575 50.39 18.98 17.00
C LYS D 575 49.74 20.31 17.32
N GLY D 576 50.38 21.39 16.90
CA GLY D 576 49.83 22.72 16.98
C GLY D 576 50.44 23.61 18.05
N ALA D 577 50.40 24.90 17.76
CA ALA D 577 51.00 25.94 18.60
C ALA D 577 49.99 26.50 19.58
N HIS D 578 50.36 27.62 20.18
CA HIS D 578 49.52 28.34 21.11
C HIS D 578 48.10 28.48 20.55
N GLY D 579 48.01 28.84 19.29
CA GLY D 579 46.74 29.15 18.65
C GLY D 579 46.02 27.98 17.99
N HIS D 580 46.30 26.77 18.44
CA HIS D 580 45.81 25.57 17.77
C HIS D 580 44.28 25.46 17.71
N SER D 581 43.60 26.11 18.65
CA SER D 581 42.14 26.02 18.72
C SER D 581 41.52 26.51 17.41
N ILE D 582 41.97 27.69 16.95
CA ILE D 582 41.68 28.16 15.62
C ILE D 582 42.57 27.71 14.43
N ARG D 583 43.88 27.61 14.62
CA ARG D 583 44.77 27.36 13.49
CA ARG D 583 44.78 27.34 13.50
C ARG D 583 45.16 25.89 13.30
N GLY D 584 44.75 25.03 14.22
CA GLY D 584 45.04 23.61 14.11
C GLY D 584 44.41 23.00 12.88
N SER D 585 44.88 21.82 12.49
CA SER D 585 44.26 21.09 11.39
C SER D 585 42.78 20.85 11.70
N PRO D 586 41.94 20.89 10.66
CA PRO D 586 40.48 20.84 10.83
C PRO D 586 40.02 19.66 11.69
N ARG D 587 40.57 18.48 11.44
CA ARG D 587 40.15 17.32 12.22
C ARG D 587 40.52 17.49 13.69
N HIS D 588 41.72 18.01 13.92
CA HIS D 588 42.21 18.36 15.25
C HIS D 588 41.23 19.32 15.92
N ARG D 589 40.95 20.42 15.25
CA ARG D 589 40.06 21.45 15.79
C ARG D 589 38.68 20.89 16.09
N MET D 590 38.21 19.97 15.25
CA MET D 590 36.91 19.36 15.47
C MET D 590 36.92 18.58 16.77
N LYS D 591 37.90 17.70 16.92
CA LYS D 591 38.04 16.95 18.16
C LYS D 591 38.08 17.89 19.36
N ARG D 592 38.84 18.98 19.25
CA ARG D 592 38.86 19.91 20.36
C ARG D 592 37.48 20.45 20.68
N TYR D 593 36.72 20.84 19.66
CA TYR D 593 35.38 21.38 19.89
C TYR D 593 34.47 20.36 20.55
N LYS D 594 34.47 19.15 20.00
CA LYS D 594 33.62 18.10 20.53
C LYS D 594 33.93 17.88 22.00
N LEU D 595 35.22 17.96 22.34
CA LEU D 595 35.69 17.76 23.70
C LEU D 595 35.20 18.87 24.64
N PHE D 596 35.46 20.12 24.23
CA PHE D 596 35.01 21.31 24.94
C PHE D 596 33.54 21.19 25.27
N MET D 597 32.73 20.85 24.26
CA MET D 597 31.27 20.75 24.38
C MET D 597 30.86 19.70 25.38
N GLU D 598 31.30 18.46 25.14
CA GLU D 598 30.96 17.34 26.00
C GLU D 598 31.46 17.53 27.44
N PHE D 599 32.57 18.23 27.64
CA PHE D 599 33.03 18.40 29.00
C PHE D 599 32.14 19.36 29.77
N PHE D 600 31.69 20.42 29.13
CA PHE D 600 30.79 21.34 29.81
C PHE D 600 29.41 20.70 30.02
N GLU D 601 28.98 19.89 29.05
CA GLU D 601 27.73 19.14 29.19
C GLU D 601 27.72 18.26 30.43
N ARG D 602 28.73 17.40 30.53
CA ARG D 602 28.78 16.40 31.59
C ARG D 602 29.31 16.87 32.97
N LYS D 603 30.14 17.90 33.01
CA LYS D 603 30.51 18.50 34.30
C LYS D 603 29.79 19.80 34.71
N LEU D 604 28.95 20.37 33.85
CA LEU D 604 28.37 21.68 34.16
C LEU D 604 26.85 21.68 34.10
N LYS D 605 26.29 21.40 32.93
CA LYS D 605 24.84 21.33 32.79
C LYS D 605 24.24 20.31 33.76
N LYS D 606 24.67 19.06 33.64
CA LYS D 606 24.32 18.03 34.61
C LYS D 606 25.56 17.24 34.95
N TYR D 607 26.00 17.30 36.19
CA TYR D 607 27.23 16.61 36.58
C TYR D 607 27.09 15.09 36.62
N GLU D 608 28.02 14.41 35.98
CA GLU D 608 28.12 12.97 36.08
C GLU D 608 29.56 12.57 36.40
N GLU D 609 29.72 11.39 36.95
CA GLU D 609 31.04 10.91 37.36
C GLU D 609 31.81 10.40 36.18
N GLY D 610 33.11 10.65 36.17
CA GLY D 610 34.00 10.12 35.14
C GLY D 610 33.87 10.85 33.82
N PHE D 611 34.88 10.72 32.98
CA PHE D 611 34.83 11.18 31.62
C PHE D 611 35.43 10.07 30.78
N ASP D 612 34.62 9.44 29.94
CA ASP D 612 35.17 8.35 29.15
C ASP D 612 35.32 8.84 27.72
N VAL D 613 36.55 9.11 27.30
CA VAL D 613 36.73 9.83 26.05
C VAL D 613 36.56 8.96 24.81
N GLU D 614 36.96 7.70 24.91
CA GLU D 614 36.81 6.76 23.80
C GLU D 614 35.33 6.58 23.43
N LYS D 615 34.46 6.58 24.44
CA LYS D 615 33.02 6.47 24.23
C LYS D 615 32.38 7.81 23.81
N ILE D 616 32.80 8.88 24.48
CA ILE D 616 32.18 10.20 24.30
C ILE D 616 32.41 10.82 22.91
N LEU D 617 33.63 10.75 22.40
CA LEU D 617 33.89 11.19 21.03
C LEU D 617 33.78 9.98 20.09
N LYS D 618 32.73 9.97 19.26
CA LYS D 618 32.43 8.80 18.43
C LYS D 618 32.74 7.51 19.18
N SER E 3 77.08 43.36 -5.90
CA SER E 3 78.26 43.22 -6.76
C SER E 3 78.67 41.75 -6.88
N ILE E 4 78.03 41.04 -7.81
CA ILE E 4 78.32 39.62 -8.03
C ILE E 4 79.72 39.44 -8.62
N GLU E 5 80.26 38.24 -8.49
CA GLU E 5 81.57 37.94 -9.06
C GLU E 5 81.45 36.73 -9.99
N TRP E 6 82.46 36.56 -10.84
CA TRP E 6 82.44 35.48 -11.83
C TRP E 6 83.02 34.19 -11.26
N ASP E 7 82.36 33.08 -11.54
CA ASP E 7 82.84 31.75 -11.18
C ASP E 7 82.07 30.75 -12.02
N GLU E 8 82.23 29.47 -11.74
CA GLU E 8 81.65 28.41 -12.56
C GLU E 8 80.11 28.33 -12.53
N LYS E 9 79.47 28.99 -11.57
CA LYS E 9 78.00 29.00 -11.48
C LYS E 9 77.32 30.24 -12.07
N THR E 10 78.09 31.22 -12.52
CA THR E 10 77.48 32.50 -12.88
C THR E 10 76.56 32.39 -14.08
N PHE E 11 76.82 31.41 -14.93
CA PHE E 11 76.06 31.28 -16.17
C PHE E 11 74.60 30.98 -15.86
N THR E 12 74.33 30.46 -14.67
CA THR E 12 72.97 30.07 -14.30
C THR E 12 72.15 31.26 -13.83
N LYS E 13 72.77 32.43 -13.77
CA LYS E 13 72.07 33.62 -13.31
C LYS E 13 71.49 34.43 -14.48
N PHE E 14 71.70 33.93 -15.69
CA PHE E 14 71.30 34.66 -16.89
C PHE E 14 69.99 34.12 -17.45
N ALA E 15 69.20 34.99 -18.05
CA ALA E 15 68.02 34.56 -18.80
C ALA E 15 68.42 34.38 -20.25
N TYR E 16 68.05 33.25 -20.84
CA TYR E 16 68.42 32.94 -22.22
C TYR E 16 67.19 32.89 -23.14
N LEU E 17 67.18 33.73 -24.17
CA LEU E 17 66.04 33.82 -25.08
C LEU E 17 66.31 33.12 -26.41
N SER E 18 65.34 32.30 -26.87
CA SER E 18 65.42 31.66 -28.18
C SER E 18 64.08 31.63 -28.95
N ASP E 19 64.16 31.29 -30.24
CA ASP E 19 63.00 31.01 -31.06
C ASP E 19 61.95 32.12 -31.14
N PRO E 20 62.37 33.32 -31.59
CA PRO E 20 61.42 34.44 -31.67
C PRO E 20 60.40 34.25 -32.79
N ARG E 21 59.15 34.61 -32.51
CA ARG E 21 58.04 34.41 -33.45
C ARG E 21 57.13 35.62 -33.42
N THR E 22 56.61 36.02 -34.56
CA THR E 22 55.67 37.13 -34.55
C THR E 22 54.57 36.98 -35.60
N ARG E 23 53.35 37.35 -35.22
CA ARG E 23 52.25 37.51 -36.18
C ARG E 23 51.35 38.64 -35.70
N LYS E 24 50.93 39.51 -36.61
CA LYS E 24 50.09 40.65 -36.23
C LYS E 24 50.79 41.55 -35.21
N ASN E 25 50.11 41.77 -34.08
CA ASN E 25 50.61 42.64 -33.01
C ASN E 25 51.35 41.87 -31.90
N LEU E 26 51.51 40.56 -32.11
CA LEU E 26 51.99 39.65 -31.08
C LEU E 26 53.43 39.20 -31.30
N VAL E 27 54.11 38.95 -30.19
CA VAL E 27 55.47 38.42 -30.23
C VAL E 27 55.60 37.26 -29.26
N ALA E 28 56.26 36.19 -29.71
CA ALA E 28 56.48 35.04 -28.87
C ALA E 28 57.95 34.63 -28.89
N TYR E 29 58.40 34.06 -27.79
CA TYR E 29 59.72 33.48 -27.74
C TYR E 29 59.84 32.62 -26.50
N VAL E 30 60.99 31.98 -26.37
CA VAL E 30 61.21 31.07 -25.26
C VAL E 30 62.20 31.66 -24.26
N LEU E 31 61.82 31.62 -22.98
CA LEU E 31 62.70 32.03 -21.89
C LEU E 31 63.26 30.78 -21.21
N THR E 32 64.57 30.54 -21.32
CA THR E 32 65.16 29.37 -20.66
C THR E 32 66.04 29.74 -19.47
N LYS E 33 65.86 29.05 -18.34
CA LYS E 33 66.77 29.21 -17.21
C LYS E 33 67.48 27.90 -16.93
N ALA E 34 68.73 28.02 -16.50
CA ALA E 34 69.49 26.87 -16.07
C ALA E 34 69.29 26.73 -14.58
N ASN E 35 68.63 25.66 -14.15
CA ASN E 35 68.38 25.49 -12.72
C ASN E 35 69.35 24.48 -12.13
N LEU E 36 70.27 24.99 -11.33
CA LEU E 36 71.39 24.19 -10.83
C LEU E 36 70.96 23.20 -9.74
N GLU E 37 69.91 23.52 -9.01
CA GLU E 37 69.46 22.66 -7.92
C GLU E 37 68.73 21.44 -8.43
N SER E 38 67.89 21.63 -9.45
CA SER E 38 67.18 20.51 -10.03
C SER E 38 68.01 19.93 -11.18
N ASN E 39 69.07 20.64 -11.54
CA ASN E 39 69.91 20.24 -12.65
C ASN E 39 69.08 20.05 -13.92
N LYS E 40 68.25 21.03 -14.20
CA LYS E 40 67.35 20.94 -15.35
C LYS E 40 67.21 22.29 -16.04
N TYR E 41 66.82 22.28 -17.31
CA TYR E 41 66.49 23.51 -17.99
C TYR E 41 64.99 23.77 -17.89
N GLU E 42 64.64 25.00 -17.53
CA GLU E 42 63.24 25.39 -17.47
C GLU E 42 62.90 26.26 -18.68
N ASN E 43 61.81 25.91 -19.35
CA ASN E 43 61.35 26.69 -20.50
C ASN E 43 59.99 27.32 -20.22
N THR E 44 59.88 28.61 -20.52
CA THR E 44 58.63 29.33 -20.36
C THR E 44 58.41 30.13 -21.63
N ILE E 45 57.31 29.86 -22.33
CA ILE E 45 56.99 30.67 -23.49
C ILE E 45 56.42 31.99 -23.01
N VAL E 46 56.93 33.09 -23.57
CA VAL E 46 56.40 34.40 -23.25
C VAL E 46 55.77 35.00 -24.49
N ILE E 47 54.58 35.55 -24.33
CA ILE E 47 53.93 36.24 -25.43
C ILE E 47 53.79 37.70 -25.06
N GLU E 48 54.27 38.59 -25.92
CA GLU E 48 54.18 40.02 -25.65
C GLU E 48 53.23 40.73 -26.59
N ASN E 49 52.62 41.79 -26.09
CA ASN E 49 51.74 42.60 -26.89
C ASN E 49 52.48 43.86 -27.30
N LEU E 50 52.82 43.97 -28.58
CA LEU E 50 53.64 45.07 -29.06
C LEU E 50 52.97 46.42 -28.82
N GLU E 51 51.65 46.41 -28.78
CA GLU E 51 50.87 47.61 -28.52
C GLU E 51 50.90 47.93 -27.02
N ASP E 52 50.25 47.10 -26.21
CA ASP E 52 50.16 47.31 -24.77
C ASP E 52 51.51 47.28 -24.05
N GLY E 53 52.34 46.30 -24.39
CA GLY E 53 53.60 46.11 -23.70
C GLY E 53 53.47 45.02 -22.66
N SER E 54 52.26 44.48 -22.52
CA SER E 54 51.96 43.44 -21.56
C SER E 54 52.60 42.09 -21.90
N ARG E 55 52.75 41.23 -20.89
CA ARG E 55 53.29 39.88 -21.05
C ARG E 55 52.34 38.78 -20.57
N LYS E 56 52.32 37.66 -21.30
CA LYS E 56 51.56 36.47 -20.92
C LYS E 56 52.48 35.25 -21.01
N PHE E 57 52.05 34.12 -20.45
CA PHE E 57 52.97 32.99 -20.30
C PHE E 57 52.36 31.64 -20.58
N ILE E 58 53.15 30.76 -21.19
CA ILE E 58 52.80 29.36 -21.21
C ILE E 58 53.93 28.62 -20.54
N GLU E 59 53.67 28.10 -19.35
CA GLU E 59 54.73 27.54 -18.55
C GLU E 59 55.10 26.14 -19.03
N ASP E 60 56.39 25.81 -18.95
CA ASP E 60 56.87 24.47 -19.29
C ASP E 60 56.66 24.07 -20.74
N ALA E 61 56.98 24.98 -21.64
CA ALA E 61 56.66 24.76 -23.03
C ALA E 61 57.70 25.42 -23.89
N SER E 62 57.80 24.98 -25.13
CA SER E 62 58.70 25.57 -26.09
C SER E 62 58.11 25.39 -27.48
N MET E 63 58.90 25.73 -28.50
CA MET E 63 58.47 25.67 -29.89
C MET E 63 57.17 26.43 -30.10
N PRO E 64 57.12 27.70 -29.68
CA PRO E 64 55.93 28.52 -29.92
C PRO E 64 55.69 28.73 -31.41
N ARG E 65 54.49 28.45 -31.90
CA ARG E 65 54.15 28.69 -33.30
C ARG E 65 52.82 29.40 -33.36
N ILE E 66 52.83 30.64 -33.81
CA ILE E 66 51.61 31.45 -33.81
C ILE E 66 50.85 31.26 -35.10
N SER E 67 49.58 30.86 -35.02
CA SER E 67 48.80 30.63 -36.22
C SER E 67 48.74 31.90 -37.07
N PRO E 68 48.72 31.73 -38.39
CA PRO E 68 48.73 32.85 -39.34
C PRO E 68 47.65 33.90 -39.08
N ASP E 69 46.50 33.50 -38.53
CA ASP E 69 45.48 34.50 -38.28
C ASP E 69 45.69 35.20 -36.94
N GLY E 70 46.70 34.75 -36.19
CA GLY E 70 47.04 35.36 -34.91
C GLY E 70 46.01 35.08 -33.83
N LYS E 71 45.08 34.17 -34.12
CA LYS E 71 44.06 33.77 -33.15
C LYS E 71 44.52 32.71 -32.13
N LYS E 72 45.46 31.86 -32.52
CA LYS E 72 45.88 30.78 -31.65
C LYS E 72 47.37 30.45 -31.69
N ILE E 73 47.82 29.65 -30.74
CA ILE E 73 49.23 29.29 -30.67
C ILE E 73 49.40 27.80 -30.38
N ALA E 74 50.30 27.17 -31.14
CA ALA E 74 50.66 25.78 -30.89
C ALA E 74 51.99 25.74 -30.17
N PHE E 75 52.15 24.78 -29.27
CA PHE E 75 53.43 24.58 -28.61
C PHE E 75 53.69 23.13 -28.25
N MET E 76 54.88 22.88 -27.71
CA MET E 76 55.25 21.53 -27.31
C MET E 76 55.58 21.46 -25.82
N ARG E 77 55.18 20.36 -25.18
CA ARG E 77 55.60 20.03 -23.82
C ARG E 77 56.28 18.67 -23.85
N PHE E 78 57.49 18.59 -23.31
CA PHE E 78 58.31 17.38 -23.40
C PHE E 78 58.33 16.54 -22.10
N ASN E 79 59.10 15.45 -22.13
CA ASN E 79 59.23 14.52 -21.00
C ASN E 79 58.00 14.44 -20.09
N LYS E 83 57.44 9.28 -20.89
CA LYS E 83 58.61 9.99 -21.44
C LYS E 83 58.39 10.44 -22.89
N THR E 84 57.25 11.08 -23.15
CA THR E 84 56.88 11.50 -24.50
C THR E 84 56.49 12.97 -24.61
N ALA E 85 56.81 13.58 -25.76
CA ALA E 85 56.41 14.96 -26.05
C ALA E 85 54.95 15.04 -26.49
N GLN E 86 54.31 16.20 -26.26
CA GLN E 86 52.94 16.40 -26.70
C GLN E 86 52.73 17.78 -27.33
N ILE E 87 51.86 17.83 -28.34
CA ILE E 87 51.55 19.07 -29.04
C ILE E 87 50.26 19.69 -28.49
N TRP E 88 50.32 20.97 -28.14
CA TRP E 88 49.14 21.67 -27.63
C TRP E 88 48.79 22.85 -28.51
N VAL E 89 47.50 23.17 -28.53
CA VAL E 89 47.05 24.42 -29.12
C VAL E 89 46.35 25.25 -28.05
N ALA E 90 46.64 26.53 -28.00
CA ALA E 90 45.92 27.41 -27.09
C ALA E 90 45.36 28.61 -27.83
N ASP E 91 44.28 29.19 -27.32
CA ASP E 91 43.82 30.45 -27.87
C ASP E 91 44.62 31.58 -27.23
N LEU E 92 45.14 32.46 -28.06
CA LEU E 92 45.99 33.56 -27.61
C LEU E 92 45.23 34.58 -26.77
N LYS E 93 43.92 34.62 -26.88
CA LYS E 93 43.18 35.62 -26.12
C LYS E 93 43.19 35.26 -24.62
N THR E 94 42.68 34.08 -24.27
CA THR E 94 42.68 33.67 -22.86
C THR E 94 43.84 32.77 -22.43
N LEU E 95 44.60 32.30 -23.41
CA LEU E 95 45.66 31.31 -23.18
C LEU E 95 45.19 29.99 -22.58
N SER E 96 43.92 29.65 -22.74
CA SER E 96 43.48 28.31 -22.36
C SER E 96 43.93 27.36 -23.46
N ALA E 97 44.30 26.14 -23.08
CA ALA E 97 44.90 25.23 -24.04
C ALA E 97 44.27 23.84 -24.00
N LYS E 98 44.49 23.07 -25.07
CA LYS E 98 44.01 21.70 -25.16
C LYS E 98 45.08 20.84 -25.78
N LYS E 99 45.14 19.57 -25.40
CA LYS E 99 46.25 18.73 -25.84
C LYS E 99 45.84 18.08 -27.14
N VAL E 100 46.54 18.43 -28.20
CA VAL E 100 46.21 17.93 -29.53
C VAL E 100 46.69 16.54 -29.92
N LEU E 101 47.97 16.27 -29.69
CA LEU E 101 48.53 14.99 -30.12
C LEU E 101 49.76 14.57 -29.32
N GLU E 102 49.92 13.28 -29.10
CA GLU E 102 51.07 12.78 -28.36
C GLU E 102 52.13 12.44 -29.37
N ALA E 103 53.27 13.14 -29.32
CA ALA E 103 54.26 12.99 -30.38
C ALA E 103 55.66 12.68 -29.88
N LYS E 104 56.13 11.47 -30.16
CA LYS E 104 57.52 11.11 -29.91
C LYS E 104 58.29 11.29 -31.23
N ASN E 105 59.50 11.80 -31.14
CA ASN E 105 60.31 12.02 -32.33
C ASN E 105 59.79 13.06 -33.31
N ILE E 106 59.33 14.19 -32.80
CA ILE E 106 58.93 15.31 -33.65
C ILE E 106 59.99 16.41 -33.58
N ARG E 107 60.70 16.64 -34.67
CA ARG E 107 61.68 17.72 -34.71
C ARG E 107 61.15 19.09 -35.16
N SER E 108 59.96 19.13 -35.77
CA SER E 108 59.39 20.43 -36.13
C SER E 108 57.86 20.46 -36.32
N ILE E 109 57.32 21.66 -36.19
CA ILE E 109 55.90 21.92 -36.45
C ILE E 109 55.74 23.30 -37.10
N GLU E 110 54.90 23.37 -38.13
CA GLU E 110 54.65 24.63 -38.83
C GLU E 110 53.17 24.73 -39.22
N TRP E 111 52.57 25.90 -39.04
CA TRP E 111 51.17 26.11 -39.42
C TRP E 111 50.98 26.21 -40.93
N ASN E 112 49.93 25.59 -41.44
CA ASN E 112 49.47 25.85 -42.79
C ASN E 112 48.78 27.22 -42.84
N GLN E 113 48.65 27.79 -44.04
CA GLN E 113 48.04 29.10 -44.21
C GLN E 113 46.65 29.19 -43.59
N ASP E 114 45.98 28.04 -43.42
CA ASP E 114 44.59 28.00 -43.00
C ASP E 114 44.36 28.03 -41.48
N SER E 115 45.46 28.17 -40.72
CA SER E 115 45.37 28.26 -39.26
C SER E 115 44.61 27.07 -38.68
N ARG E 116 44.68 25.96 -39.37
CA ARG E 116 43.98 24.75 -38.95
C ARG E 116 44.90 23.56 -38.87
N ARG E 117 45.53 23.23 -40.00
CA ARG E 117 46.48 22.13 -40.07
C ARG E 117 47.90 22.49 -39.67
N LEU E 118 48.56 21.57 -38.99
CA LEU E 118 50.00 21.65 -38.75
C LEU E 118 50.71 20.62 -39.62
N LEU E 119 51.90 20.96 -40.09
CA LEU E 119 52.81 20.00 -40.69
C LEU E 119 53.90 19.64 -39.67
N ALA E 120 53.98 18.38 -39.29
CA ALA E 120 54.99 17.95 -38.32
C ALA E 120 56.02 17.06 -39.01
N VAL E 121 57.30 17.37 -38.80
CA VAL E 121 58.35 16.51 -39.32
C VAL E 121 59.07 15.83 -38.16
N GLY E 122 59.45 14.58 -38.36
CA GLY E 122 59.98 13.77 -37.29
C GLY E 122 60.70 12.57 -37.86
N PHE E 123 60.99 11.58 -37.03
CA PHE E 123 61.70 10.41 -37.51
C PHE E 123 61.20 9.11 -36.89
N LYS E 124 61.46 8.01 -37.58
CA LYS E 124 61.08 6.69 -37.11
C LYS E 124 62.28 5.76 -37.24
N ARG E 125 62.53 4.96 -36.20
CA ARG E 125 63.68 4.04 -36.24
C ARG E 125 63.27 2.60 -35.95
N ARG E 126 64.24 1.70 -36.01
CA ARG E 126 63.99 0.29 -35.72
C ARG E 126 63.65 0.09 -34.25
N GLU E 127 64.35 0.82 -33.38
CA GLU E 127 64.06 0.82 -31.95
C GLU E 127 64.10 -0.57 -31.32
N ASP E 128 65.18 -1.31 -31.50
CA ASP E 128 65.33 -2.57 -30.78
C ASP E 128 65.99 -2.31 -29.44
N GLU E 129 65.54 -3.02 -28.40
CA GLU E 129 66.07 -2.81 -27.06
C GLU E 129 67.56 -3.11 -26.93
N ASP E 130 67.95 -4.25 -27.49
CA ASP E 130 69.29 -4.79 -27.32
C ASP E 130 70.38 -4.24 -28.25
N PHE E 131 70.04 -4.04 -29.51
CA PHE E 131 71.03 -3.62 -30.50
C PHE E 131 70.48 -2.64 -31.53
N ILE E 132 71.41 -1.92 -32.14
CA ILE E 132 71.17 -0.98 -33.20
C ILE E 132 71.56 -1.71 -34.48
N PHE E 133 70.87 -1.43 -35.59
CA PHE E 133 71.22 -2.04 -36.88
C PHE E 133 71.31 -1.03 -38.02
N GLU E 134 72.40 -1.06 -38.77
CA GLU E 134 72.60 -0.06 -39.84
C GLU E 134 72.94 -0.64 -41.22
N ASP E 135 72.06 -0.47 -42.20
CA ASP E 135 72.43 -0.80 -43.57
C ASP E 135 72.83 0.40 -44.44
N ASP E 136 72.76 1.60 -43.88
CA ASP E 136 73.03 2.82 -44.64
C ASP E 136 74.11 3.62 -43.91
N VAL E 137 74.42 4.83 -44.36
CA VAL E 137 75.38 5.67 -43.63
C VAL E 137 74.87 7.09 -43.33
N PRO E 138 75.45 7.73 -42.31
CA PRO E 138 76.40 7.16 -41.37
C PRO E 138 75.63 6.42 -40.28
N ALA E 139 76.30 5.81 -39.32
CA ALA E 139 75.61 5.04 -38.29
C ALA E 139 75.13 5.91 -37.13
N TRP E 140 75.60 7.15 -37.09
CA TRP E 140 75.22 8.06 -36.03
C TRP E 140 75.42 9.51 -36.43
N PHE E 141 74.78 10.42 -35.72
CA PHE E 141 74.95 11.84 -35.97
C PHE E 141 74.94 12.58 -34.63
N ASP E 142 75.79 13.59 -34.52
CA ASP E 142 75.92 14.31 -33.26
C ASP E 142 74.58 14.91 -32.84
N ASN E 143 74.29 14.76 -31.57
CA ASN E 143 73.06 15.25 -30.98
C ASN E 143 71.82 14.48 -31.41
N MET E 144 71.92 13.64 -32.44
CA MET E 144 70.82 12.75 -32.79
C MET E 144 70.88 11.27 -32.34
N GLY E 145 72.01 10.85 -31.77
CA GLY E 145 72.17 9.45 -31.39
C GLY E 145 72.47 8.51 -32.55
N PHE E 146 72.41 7.20 -32.30
CA PHE E 146 72.53 6.21 -33.37
C PHE E 146 71.30 6.21 -34.26
N PHE E 147 71.52 6.37 -35.56
CA PHE E 147 70.41 6.40 -36.51
C PHE E 147 69.50 5.18 -36.43
N ASP E 148 70.10 4.00 -36.31
CA ASP E 148 69.34 2.78 -36.11
C ASP E 148 68.31 2.60 -37.23
N GLY E 149 68.73 2.89 -38.46
CA GLY E 149 67.90 2.75 -39.64
C GLY E 149 66.87 3.83 -39.80
N GLU E 150 67.21 5.04 -39.37
CA GLU E 150 66.27 6.16 -39.35
C GLU E 150 65.65 6.42 -40.72
N LYS E 151 64.40 6.87 -40.70
CA LYS E 151 63.71 7.40 -41.87
C LYS E 151 63.01 8.67 -41.42
N THR E 152 62.83 9.62 -42.33
CA THR E 152 62.13 10.85 -42.01
C THR E 152 60.62 10.66 -42.12
N THR E 153 59.87 11.16 -41.14
CA THR E 153 58.43 11.05 -41.20
C THR E 153 57.76 12.42 -41.38
N PHE E 154 56.70 12.45 -42.17
CA PHE E 154 55.93 13.67 -42.38
C PHE E 154 54.49 13.46 -41.98
N TRP E 155 54.00 14.32 -41.09
CA TRP E 155 52.62 14.24 -40.65
CA TRP E 155 52.63 14.26 -40.61
C TRP E 155 51.90 15.56 -40.90
N VAL E 156 50.66 15.46 -41.36
CA VAL E 156 49.78 16.62 -41.45
C VAL E 156 48.75 16.41 -40.35
N ILE E 157 48.55 17.42 -39.51
CA ILE E 157 47.69 17.26 -38.35
C ILE E 157 46.55 18.24 -38.35
N ASP E 158 45.34 17.75 -38.11
CA ASP E 158 44.20 18.63 -38.02
C ASP E 158 44.02 18.99 -36.56
N THR E 159 44.26 20.26 -36.21
CA THR E 159 44.17 20.66 -34.82
C THR E 159 42.75 20.71 -34.29
N GLU E 160 41.77 20.72 -35.18
CA GLU E 160 40.39 20.74 -34.71
C GLU E 160 39.96 19.35 -34.24
N GLY E 161 39.92 18.40 -35.16
CA GLY E 161 39.59 17.04 -34.82
C GLY E 161 40.73 16.30 -34.16
N GLU E 162 41.92 16.90 -34.21
CA GLU E 162 43.09 16.34 -33.54
C GLU E 162 43.47 14.94 -34.06
N GLU E 163 43.55 14.83 -35.38
CA GLU E 163 44.02 13.59 -36.01
C GLU E 163 45.11 13.83 -37.06
N VAL E 164 45.83 12.77 -37.41
CA VAL E 164 46.80 12.85 -38.48
C VAL E 164 46.05 12.47 -39.73
N ILE E 165 45.80 13.44 -40.59
CA ILE E 165 45.02 13.19 -41.78
C ILE E 165 45.86 12.77 -43.00
N GLU E 166 47.18 13.01 -42.93
CA GLU E 166 48.11 12.61 -43.98
C GLU E 166 49.44 12.21 -43.35
N GLN E 167 50.03 11.10 -43.81
CA GLN E 167 51.37 10.72 -43.37
C GLN E 167 52.14 9.99 -44.47
N PHE E 168 53.44 10.29 -44.58
CA PHE E 168 54.34 9.61 -45.51
C PHE E 168 55.76 9.71 -44.98
N GLU E 169 56.66 8.87 -45.49
CA GLU E 169 58.04 8.92 -45.05
C GLU E 169 59.03 9.14 -46.18
N LYS E 170 60.17 9.73 -45.86
CA LYS E 170 61.23 9.96 -46.83
C LYS E 170 62.53 9.38 -46.28
N PRO E 171 63.61 9.48 -47.05
CA PRO E 171 64.90 9.02 -46.54
C PRO E 171 65.41 9.85 -45.37
N ARG E 172 66.39 9.28 -44.68
CA ARG E 172 67.02 9.90 -43.54
C ARG E 172 67.47 11.32 -43.89
N PHE E 173 67.26 12.24 -42.95
CA PHE E 173 67.63 13.65 -43.12
C PHE E 173 66.87 14.42 -44.20
N SER E 174 65.64 14.00 -44.51
CA SER E 174 64.78 14.80 -45.38
C SER E 174 64.13 15.91 -44.57
N SER E 175 63.74 17.00 -45.23
CA SER E 175 62.96 18.05 -44.57
C SER E 175 61.78 18.48 -45.45
N GLY E 176 60.81 19.17 -44.86
CA GLY E 176 59.69 19.64 -45.64
C GLY E 176 59.04 20.89 -45.09
N ILE E 177 58.37 21.63 -45.97
CA ILE E 177 57.76 22.90 -45.60
C ILE E 177 56.46 23.12 -46.34
N TRP E 178 55.57 23.86 -45.72
CA TRP E 178 54.32 24.21 -46.35
C TRP E 178 54.63 25.12 -47.52
N HIS E 179 54.09 24.79 -48.68
CA HIS E 179 53.99 25.77 -49.75
C HIS E 179 52.54 25.76 -50.23
N GLY E 180 51.80 26.80 -49.92
CA GLY E 180 50.36 26.77 -50.10
C GLY E 180 49.69 25.59 -49.39
N ASP E 181 48.95 24.81 -50.18
CA ASP E 181 48.35 23.55 -49.73
C ASP E 181 49.21 22.35 -50.10
N SER E 182 50.36 22.61 -50.71
CA SER E 182 51.32 21.55 -51.02
C SER E 182 52.49 21.55 -50.03
N ILE E 183 53.39 20.59 -50.16
CA ILE E 183 54.53 20.49 -49.26
C ILE E 183 55.78 20.34 -50.10
N VAL E 184 56.74 21.24 -49.90
CA VAL E 184 58.01 21.13 -50.59
C VAL E 184 58.91 20.22 -49.77
N VAL E 185 59.31 19.10 -50.35
CA VAL E 185 60.16 18.15 -49.64
C VAL E 185 61.57 18.14 -50.20
N SER E 186 62.55 18.32 -49.31
CA SER E 186 63.94 18.28 -49.71
C SER E 186 64.57 17.00 -49.20
N VAL E 187 65.17 16.25 -50.11
CA VAL E 187 65.75 14.95 -49.79
C VAL E 187 67.22 14.93 -50.22
N PRO E 188 68.08 14.33 -49.39
CA PRO E 188 69.49 14.24 -49.79
C PRO E 188 69.63 13.34 -51.01
N HIS E 189 70.36 13.81 -52.02
CA HIS E 189 70.54 13.05 -53.25
C HIS E 189 71.54 11.92 -53.05
N ARG E 190 71.17 10.71 -53.46
CA ARG E 190 72.03 9.56 -53.25
C ARG E 190 72.76 9.14 -54.52
N ASP E 191 74.05 8.83 -54.41
CA ASP E 191 74.67 8.11 -55.52
C ASP E 191 75.20 6.75 -55.06
N VAL E 192 76.37 6.74 -54.43
CA VAL E 192 76.85 5.55 -53.74
C VAL E 192 76.26 5.54 -52.33
N ILE E 193 76.29 6.72 -51.73
CA ILE E 193 75.73 6.98 -50.42
C ILE E 193 75.01 8.33 -50.50
N PRO E 194 74.12 8.62 -49.56
CA PRO E 194 73.51 9.96 -49.59
C PRO E 194 74.62 11.00 -49.60
N ARG E 195 74.48 12.08 -50.37
CA ARG E 195 75.49 13.11 -50.31
C ARG E 195 74.92 14.21 -49.46
N TYR E 196 75.40 14.30 -48.22
CA TYR E 196 74.75 15.11 -47.21
C TYR E 196 75.37 16.50 -47.25
N PHE E 197 74.52 17.53 -47.26
CA PHE E 197 75.03 18.90 -47.29
C PHE E 197 75.64 19.27 -48.64
N LYS E 198 75.64 18.32 -49.57
CA LYS E 198 76.13 18.58 -50.93
C LYS E 198 75.00 18.68 -51.98
N TYR E 199 74.28 17.57 -52.22
CA TYR E 199 73.22 17.55 -53.25
C TYR E 199 71.86 17.13 -52.71
N TRP E 200 70.81 17.83 -53.15
CA TRP E 200 69.43 17.48 -52.83
C TRP E 200 68.59 17.19 -54.07
N ASP E 201 67.56 16.36 -53.89
CA ASP E 201 66.48 16.27 -54.85
C ASP E 201 65.28 16.94 -54.19
N ILE E 202 64.53 17.74 -54.93
CA ILE E 202 63.41 18.47 -54.34
C ILE E 202 62.08 18.08 -54.98
N TYR E 203 61.08 17.76 -54.16
CA TYR E 203 59.77 17.33 -54.66
C TYR E 203 58.64 18.24 -54.23
N LEU E 204 57.62 18.32 -55.08
CA LEU E 204 56.39 18.98 -54.71
C LEU E 204 55.32 17.92 -54.45
N TRP E 205 54.81 17.89 -53.21
CA TRP E 205 53.97 16.81 -52.72
C TRP E 205 52.56 17.33 -52.41
N LYS E 206 51.54 16.65 -52.93
CA LYS E 206 50.18 16.93 -52.48
C LYS E 206 49.30 15.69 -52.53
N ASP E 207 48.46 15.52 -51.51
CA ASP E 207 47.49 14.44 -51.50
C ASP E 207 48.10 13.10 -51.95
N GLY E 208 49.33 12.85 -51.50
CA GLY E 208 49.98 11.58 -51.75
C GLY E 208 50.64 11.44 -53.11
N GLU E 209 50.88 12.55 -53.78
CA GLU E 209 51.51 12.55 -55.10
C GLU E 209 52.57 13.64 -55.20
N GLU E 210 53.62 13.39 -55.95
CA GLU E 210 54.71 14.35 -56.05
C GLU E 210 55.29 14.48 -57.45
N GLU E 211 55.60 15.71 -57.84
CA GLU E 211 56.37 15.98 -59.03
C GLU E 211 57.71 16.56 -58.60
N LYS E 212 58.79 16.15 -59.26
CA LYS E 212 60.12 16.58 -58.86
C LYS E 212 60.42 17.99 -59.34
N LEU E 213 60.71 18.90 -58.40
CA LEU E 213 61.06 20.27 -58.75
C LEU E 213 62.51 20.42 -59.22
N PHE E 214 63.43 19.77 -58.51
CA PHE E 214 64.84 19.81 -58.88
C PHE E 214 65.53 18.45 -58.71
N GLU E 215 66.61 18.27 -59.44
CA GLU E 215 67.40 17.05 -59.31
C GLU E 215 68.87 17.40 -59.07
N LYS E 216 69.45 16.72 -58.09
CA LYS E 216 70.87 16.89 -57.75
C LYS E 216 71.35 18.35 -57.73
N VAL E 217 70.79 19.14 -56.84
CA VAL E 217 71.14 20.56 -56.71
C VAL E 217 71.73 20.86 -55.34
N SER E 218 72.50 21.93 -55.27
CA SER E 218 73.24 22.31 -54.08
C SER E 218 72.49 23.22 -53.11
N PHE E 219 71.21 23.46 -53.38
CA PHE E 219 70.34 24.15 -52.42
C PHE E 219 69.10 23.32 -52.06
N TYR E 220 68.41 23.71 -50.98
CA TYR E 220 67.19 23.04 -50.54
C TYR E 220 66.20 24.11 -50.09
N ALA E 221 64.94 23.72 -49.82
CA ALA E 221 63.91 24.72 -49.52
C ALA E 221 63.80 25.05 -48.04
N ILE E 222 64.12 26.30 -47.69
CA ILE E 222 63.94 26.77 -46.33
C ILE E 222 62.66 27.54 -45.99
N ASP E 223 61.89 27.97 -46.98
CA ASP E 223 60.68 28.73 -46.65
C ASP E 223 59.78 28.92 -47.86
N SER E 224 58.59 29.50 -47.62
CA SER E 224 57.68 29.85 -48.70
C SER E 224 56.73 30.99 -48.32
N ASP E 225 56.37 31.83 -49.29
CA ASP E 225 55.28 32.77 -49.09
C ASP E 225 53.95 32.30 -49.71
N GLY E 226 53.97 31.10 -50.28
CA GLY E 226 52.79 30.57 -50.94
C GLY E 226 52.85 30.76 -52.45
N GLU E 227 53.67 31.72 -52.87
CA GLU E 227 53.90 32.04 -54.28
C GLU E 227 55.31 31.59 -54.65
N ARG E 228 56.26 32.20 -53.95
CA ARG E 228 57.66 31.93 -54.18
C ARG E 228 58.23 31.00 -53.12
N ILE E 229 59.09 30.08 -53.54
CA ILE E 229 59.82 29.23 -52.60
C ILE E 229 61.22 29.81 -52.37
N LEU E 230 61.66 29.80 -51.11
CA LEU E 230 62.99 30.31 -50.77
C LEU E 230 64.00 29.16 -50.73
N LEU E 231 65.04 29.25 -51.55
CA LEU E 231 66.07 28.20 -51.65
C LEU E 231 67.38 28.66 -51.01
N TYR E 232 68.00 27.77 -50.24
CA TYR E 232 69.22 28.07 -49.47
C TYR E 232 70.37 27.17 -49.89
N GLY E 233 71.40 27.76 -50.46
CA GLY E 233 72.45 26.95 -51.06
C GLY E 233 73.11 27.68 -52.20
N LYS E 234 73.64 26.90 -53.12
CA LYS E 234 73.85 27.35 -54.49
C LYS E 234 73.20 26.34 -55.41
N PRO E 235 72.93 26.73 -56.66
CA PRO E 235 72.44 25.74 -57.63
C PRO E 235 73.44 24.60 -57.80
N GLU E 236 74.72 24.94 -57.80
CA GLU E 236 75.78 23.96 -57.88
C GLU E 236 76.96 24.36 -57.00
N LYS E 237 77.47 23.41 -56.24
CA LYS E 237 78.63 23.63 -55.39
C LYS E 237 79.70 22.64 -55.75
N LYS E 238 80.93 23.13 -55.92
CA LYS E 238 82.07 22.24 -56.00
C LYS E 238 82.50 21.80 -54.59
N TYR E 239 82.46 22.74 -53.64
CA TYR E 239 82.85 22.46 -52.26
C TYR E 239 81.76 22.86 -51.29
N VAL E 240 81.40 21.98 -50.36
CA VAL E 240 80.37 22.33 -49.40
C VAL E 240 80.79 23.52 -48.55
N SER E 241 82.08 23.85 -48.58
CA SER E 241 82.57 25.03 -47.88
C SER E 241 82.20 26.33 -48.59
N GLU E 242 81.78 26.24 -49.84
CA GLU E 242 81.37 27.45 -50.55
C GLU E 242 80.23 28.16 -49.82
N HIS E 243 80.24 29.48 -49.92
CA HIS E 243 79.20 30.32 -49.32
C HIS E 243 77.80 29.92 -49.76
N ASP E 244 76.92 29.75 -48.79
CA ASP E 244 75.52 29.49 -49.05
C ASP E 244 74.77 30.80 -49.26
N LYS E 245 73.97 30.85 -50.32
CA LYS E 245 73.18 32.03 -50.61
C LYS E 245 71.70 31.70 -50.63
N ILE E 246 70.89 32.71 -50.96
CA ILE E 246 69.46 32.53 -51.07
C ILE E 246 68.94 32.89 -52.46
N TYR E 247 67.88 32.20 -52.87
CA TYR E 247 67.28 32.37 -54.18
C TYR E 247 65.79 32.27 -54.04
N ILE E 248 65.07 33.00 -54.88
CA ILE E 248 63.62 32.94 -54.96
C ILE E 248 63.24 32.08 -56.16
N TYR E 249 62.36 31.10 -55.95
CA TYR E 249 61.89 30.29 -57.07
C TYR E 249 60.39 30.48 -57.31
N ASP E 250 60.06 31.16 -58.40
CA ASP E 250 58.68 31.29 -58.90
C ASP E 250 58.35 30.29 -60.00
N GLY E 251 59.26 29.36 -60.23
CA GLY E 251 59.26 28.52 -61.43
C GLY E 251 60.45 28.94 -62.26
N GLU E 252 61.00 30.09 -61.90
CA GLU E 252 62.29 30.52 -62.39
C GLU E 252 63.16 30.83 -61.17
N VAL E 253 64.38 30.28 -61.16
CA VAL E 253 65.31 30.49 -60.06
C VAL E 253 66.03 31.82 -60.20
N LYS E 254 65.90 32.69 -59.21
CA LYS E 254 66.51 34.01 -59.27
C LYS E 254 67.28 34.30 -57.98
N GLY E 255 68.60 34.49 -58.11
CA GLY E 255 69.44 34.84 -56.97
C GLY E 255 69.25 36.25 -56.47
N ILE E 256 69.06 36.42 -55.16
CA ILE E 256 69.13 37.75 -54.55
C ILE E 256 70.56 38.22 -54.20
N LEU E 257 71.44 37.28 -53.88
CA LEU E 257 72.81 37.59 -53.45
C LEU E 257 73.97 37.51 -54.45
N ASP E 258 73.67 37.28 -55.72
CA ASP E 258 74.72 36.89 -56.68
C ASP E 258 75.99 37.75 -56.67
N ASP E 259 75.83 39.07 -56.52
CA ASP E 259 76.97 40.01 -56.55
C ASP E 259 77.55 40.44 -55.20
N ILE E 260 77.06 39.86 -54.10
CA ILE E 260 77.55 40.18 -52.77
C ILE E 260 78.26 38.98 -52.19
N ASP E 261 79.54 39.10 -51.83
CA ASP E 261 80.20 37.86 -51.49
C ASP E 261 80.24 37.71 -49.97
N ARG E 262 79.31 36.88 -49.48
CA ARG E 262 79.04 36.69 -48.06
C ARG E 262 78.25 35.39 -47.90
N GLU E 263 78.24 34.79 -46.72
CA GLU E 263 77.39 33.63 -46.50
C GLU E 263 76.14 33.96 -45.70
N VAL E 264 75.02 33.40 -46.13
CA VAL E 264 73.74 33.57 -45.43
C VAL E 264 73.67 32.67 -44.19
N ALA E 265 73.43 33.28 -43.03
CA ALA E 265 73.18 32.53 -41.82
C ALA E 265 71.74 31.99 -41.71
N GLN E 266 70.77 32.86 -41.95
CA GLN E 266 69.37 32.53 -41.74
C GLN E 266 68.55 33.33 -42.74
N ALA E 267 67.43 32.78 -43.22
CA ALA E 267 66.56 33.52 -44.15
C ALA E 267 65.08 33.18 -44.05
N LYS E 268 64.23 34.18 -44.24
CA LYS E 268 62.79 34.00 -44.22
C LYS E 268 62.14 34.89 -45.28
N ILE E 269 61.02 34.44 -45.82
CA ILE E 269 60.33 35.20 -46.88
C ILE E 269 58.86 35.48 -46.51
N ARG E 270 58.51 36.75 -46.46
CA ARG E 270 57.13 37.13 -46.18
C ARG E 270 56.70 38.32 -47.03
N ASN E 271 55.58 38.16 -47.73
CA ASN E 271 55.02 39.25 -48.52
C ASN E 271 55.94 39.69 -49.65
N GLY E 272 56.62 38.71 -50.25
CA GLY E 272 57.55 38.97 -51.35
C GLY E 272 58.83 39.65 -50.89
N LYS E 273 58.87 40.03 -49.60
CA LYS E 273 60.05 40.65 -49.00
C LYS E 273 60.91 39.60 -48.30
N VAL E 274 62.23 39.71 -48.39
CA VAL E 274 63.08 38.69 -47.79
C VAL E 274 64.03 39.21 -46.70
N TYR E 275 63.91 38.62 -45.52
CA TYR E 275 64.77 38.96 -44.39
C TYR E 275 65.81 37.87 -44.16
N PHE E 276 67.08 38.28 -44.13
CA PHE E 276 68.18 37.33 -43.99
C PHE E 276 69.32 37.95 -43.19
N THR E 277 70.17 37.08 -42.64
CA THR E 277 71.34 37.51 -41.90
C THR E 277 72.61 37.08 -42.65
N LEU E 278 73.67 37.85 -42.50
CA LEU E 278 74.93 37.52 -43.16
C LEU E 278 76.08 37.45 -42.16
N PHE E 279 77.09 36.65 -42.48
CA PHE E 279 78.27 36.59 -41.63
C PHE E 279 79.22 37.64 -42.17
N GLU E 280 79.46 38.70 -41.39
CA GLU E 280 80.42 39.70 -41.83
C GLU E 280 81.40 40.10 -40.71
N GLU E 281 82.66 39.72 -40.90
CA GLU E 281 83.75 40.17 -40.03
C GLU E 281 83.44 40.11 -38.53
N GLY E 282 82.97 38.95 -38.07
CA GLY E 282 82.75 38.75 -36.65
C GLY E 282 81.39 39.23 -36.17
N SER E 283 80.65 39.90 -37.05
CA SER E 283 79.28 40.28 -36.76
C SER E 283 78.38 39.39 -37.58
N VAL E 284 77.18 39.11 -37.05
CA VAL E 284 76.12 38.52 -37.85
C VAL E 284 75.01 39.54 -37.99
N ASN E 285 74.82 40.06 -39.21
CA ASN E 285 73.98 41.23 -39.43
C ASN E 285 72.65 40.95 -40.15
N LEU E 286 71.62 41.74 -39.84
CA LEU E 286 70.29 41.53 -40.43
C LEU E 286 70.03 42.45 -41.62
N TYR E 287 69.46 41.88 -42.67
CA TYR E 287 69.19 42.61 -43.90
C TYR E 287 67.84 42.27 -44.47
N LEU E 288 67.32 43.23 -45.23
CA LEU E 288 66.07 43.04 -45.93
C LEU E 288 66.30 43.21 -47.42
N TRP E 289 65.68 42.34 -48.21
CA TRP E 289 65.60 42.55 -49.65
C TRP E 289 64.14 42.70 -50.06
N ASP E 290 63.78 43.92 -50.44
CA ASP E 290 62.52 44.26 -51.10
C ASP E 290 62.60 44.36 -52.62
N GLY E 291 63.74 43.97 -53.19
CA GLY E 291 64.12 44.29 -54.56
C GLY E 291 65.32 45.21 -54.61
N GLU E 292 65.69 45.70 -53.43
CA GLU E 292 66.96 46.36 -53.22
C GLU E 292 67.45 45.85 -51.87
N VAL E 293 68.75 45.58 -51.73
CA VAL E 293 69.25 45.07 -50.45
C VAL E 293 69.53 46.20 -49.47
N ARG E 294 68.86 46.16 -48.31
CA ARG E 294 69.01 47.25 -47.33
C ARG E 294 69.42 46.81 -45.93
N GLU E 295 70.25 47.60 -45.27
CA GLU E 295 70.72 47.25 -43.93
C GLU E 295 69.63 47.46 -42.87
N ILE E 296 69.43 46.47 -42.01
CA ILE E 296 68.40 46.54 -40.98
C ILE E 296 68.97 46.65 -39.57
N ALA E 297 69.58 45.57 -39.08
CA ALA E 297 70.32 45.66 -37.84
C ALA E 297 71.77 45.28 -38.07
N LYS E 298 72.65 46.28 -38.02
CA LYS E 298 74.07 46.08 -38.29
CA LYS E 298 74.07 46.09 -38.31
C LYS E 298 74.89 46.73 -37.18
N GLY E 299 75.87 46.00 -36.68
CA GLY E 299 76.71 46.51 -35.60
C GLY E 299 77.62 45.40 -35.13
N LYS E 300 78.27 45.58 -34.00
CA LYS E 300 79.13 44.51 -33.55
C LYS E 300 78.26 43.69 -32.63
N HIS E 301 77.86 42.53 -33.13
CA HIS E 301 76.82 41.72 -32.50
C HIS E 301 76.48 40.50 -33.35
N TRP E 302 75.67 39.62 -32.78
CA TRP E 302 75.11 38.52 -33.54
C TRP E 302 73.59 38.54 -33.46
N ILE E 303 72.94 38.47 -34.62
CA ILE E 303 71.49 38.36 -34.61
C ILE E 303 71.17 36.88 -34.68
N MET E 304 70.67 36.33 -33.57
CA MET E 304 70.56 34.88 -33.43
C MET E 304 69.23 34.35 -33.94
N GLY E 305 68.29 35.24 -34.23
CA GLY E 305 67.03 34.82 -34.80
C GLY E 305 66.10 35.97 -35.02
N PHE E 306 65.14 35.77 -35.91
CA PHE E 306 64.23 36.83 -36.26
C PHE E 306 62.96 36.27 -36.89
N ASP E 307 61.92 37.09 -36.89
CA ASP E 307 60.69 36.72 -37.56
C ASP E 307 60.01 37.99 -38.04
N ALA E 308 59.25 37.88 -39.12
CA ALA E 308 58.47 39.04 -39.52
C ALA E 308 57.10 38.66 -40.05
N ASP E 309 56.07 39.33 -39.56
CA ASP E 309 54.84 39.30 -40.29
C ASP E 309 54.39 40.71 -40.61
N GLU E 310 53.77 41.37 -39.63
CA GLU E 310 53.41 42.77 -39.78
C GLU E 310 54.45 43.67 -39.19
N ARG E 311 55.38 43.05 -38.47
CA ARG E 311 56.41 43.79 -37.74
C ARG E 311 57.67 42.94 -37.75
N LEU E 312 58.82 43.58 -37.60
CA LEU E 312 60.09 42.86 -37.57
C LEU E 312 60.67 42.80 -36.17
N ILE E 313 60.83 41.59 -35.65
CA ILE E 313 61.47 41.41 -34.36
C ILE E 313 62.65 40.43 -34.45
N TYR E 314 63.68 40.67 -33.65
CA TYR E 314 64.86 39.81 -33.65
C TYR E 314 65.59 39.75 -32.30
N LEU E 315 66.30 38.65 -32.08
CA LEU E 315 67.18 38.53 -30.92
C LEU E 315 68.60 38.97 -31.31
N LYS E 316 69.04 40.09 -30.72
CA LYS E 316 70.41 40.56 -30.85
C LYS E 316 71.22 40.13 -29.63
N GLU E 317 72.40 39.58 -29.87
CA GLU E 317 73.33 39.23 -28.81
C GLU E 317 74.69 39.90 -29.07
N THR E 318 75.44 40.18 -28.01
CA THR E 318 76.72 40.90 -28.16
C THR E 318 77.86 40.24 -27.37
N ALA E 319 79.04 40.85 -27.39
CA ALA E 319 80.18 40.23 -26.73
C ALA E 319 80.00 40.23 -25.21
N THR E 320 79.42 41.31 -24.69
CA THR E 320 79.17 41.41 -23.25
C THR E 320 77.75 41.10 -22.76
N ARG E 321 76.81 40.79 -23.66
CA ARG E 321 75.45 40.46 -23.22
C ARG E 321 74.81 39.29 -23.98
N PRO E 322 74.09 38.42 -23.26
CA PRO E 322 73.32 37.36 -23.91
C PRO E 322 72.10 37.98 -24.59
N ALA E 323 71.51 37.23 -25.52
CA ALA E 323 70.48 37.78 -26.40
C ALA E 323 69.33 38.51 -25.70
N GLU E 324 68.91 39.63 -26.26
CA GLU E 324 67.66 40.27 -25.87
C GLU E 324 66.84 40.60 -27.13
N LEU E 325 65.53 40.82 -26.94
CA LEU E 325 64.61 40.99 -28.06
C LEU E 325 64.49 42.43 -28.56
N TYR E 326 64.37 42.60 -29.87
CA TYR E 326 64.28 43.92 -30.46
C TYR E 326 63.24 43.98 -31.59
N LEU E 327 62.70 45.18 -31.80
CA LEU E 327 61.74 45.45 -32.86
C LEU E 327 62.28 46.54 -33.78
N TRP E 328 62.02 46.42 -35.07
CA TRP E 328 62.43 47.45 -36.01
C TRP E 328 61.24 48.04 -36.76
N ASP E 329 60.91 49.29 -36.43
CA ASP E 329 59.92 50.10 -37.16
C ASP E 329 60.54 51.07 -38.19
N GLY E 330 61.84 50.97 -38.41
CA GLY E 330 62.65 51.96 -39.11
C GLY E 330 63.64 52.66 -38.19
N GLU E 331 63.41 52.49 -36.89
CA GLU E 331 64.42 52.78 -35.87
C GLU E 331 64.37 51.58 -34.94
N GLU E 332 65.53 51.08 -34.54
CA GLU E 332 65.60 49.93 -33.64
C GLU E 332 65.10 50.25 -32.24
N ARG E 333 64.21 49.41 -31.72
CA ARG E 333 63.74 49.59 -30.35
C ARG E 333 63.99 48.33 -29.53
N GLN E 334 64.57 48.50 -28.35
CA GLN E 334 64.84 47.36 -27.50
C GLN E 334 63.59 46.90 -26.76
N LEU E 335 63.18 45.66 -27.00
CA LEU E 335 61.96 45.13 -26.41
C LEU E 335 62.08 44.63 -24.98
N THR E 336 63.19 43.97 -24.67
CA THR E 336 63.34 43.30 -23.39
C THR E 336 64.69 43.59 -22.81
N ASP E 337 64.74 43.89 -21.51
CA ASP E 337 66.01 43.79 -20.80
C ASP E 337 65.83 42.75 -19.70
N TYR E 338 66.25 41.52 -19.95
CA TYR E 338 66.06 40.48 -18.93
C TYR E 338 67.19 40.49 -17.92
N ASN E 339 68.38 40.66 -18.47
CA ASN E 339 69.61 40.60 -17.71
C ASN E 339 70.14 41.97 -17.26
N GLY E 340 69.36 43.03 -17.51
CA GLY E 340 69.77 44.37 -17.17
C GLY E 340 70.15 44.55 -15.71
N LEU E 341 69.30 44.05 -14.82
CA LEU E 341 69.57 44.15 -13.39
C LEU E 341 70.83 43.38 -12.99
N ILE E 342 70.93 42.12 -13.39
CA ILE E 342 72.13 41.32 -13.15
C ILE E 342 73.42 42.02 -13.62
N PHE E 343 73.39 42.63 -14.80
CA PHE E 343 74.62 43.19 -15.37
C PHE E 343 74.96 44.61 -14.91
N LYS E 344 74.13 45.17 -14.03
CA LYS E 344 74.49 46.39 -13.31
C LYS E 344 75.50 46.04 -12.23
N LYS E 345 75.41 44.81 -11.71
CA LYS E 345 76.29 44.36 -10.63
C LYS E 345 77.50 43.57 -11.12
N LEU E 346 77.61 43.40 -12.43
CA LEU E 346 78.56 42.44 -12.98
C LEU E 346 79.47 43.03 -14.06
N LYS E 347 80.77 43.10 -13.77
CA LYS E 347 81.72 43.65 -14.74
C LYS E 347 81.79 42.78 -15.99
N THR E 348 81.77 43.42 -17.15
CA THR E 348 82.02 42.72 -18.41
C THR E 348 83.19 43.40 -19.07
N PHE E 349 83.77 42.75 -20.06
CA PHE E 349 84.89 43.33 -20.78
C PHE E 349 84.58 43.38 -22.27
N GLU E 350 84.54 44.58 -22.84
CA GLU E 350 84.32 44.71 -24.28
C GLU E 350 85.61 44.51 -25.04
N PRO E 351 85.69 43.45 -25.84
CA PRO E 351 86.94 43.12 -26.54
C PRO E 351 87.44 44.26 -27.44
N ARG E 352 88.74 44.30 -27.67
CA ARG E 352 89.36 45.30 -28.52
C ARG E 352 89.70 44.70 -29.85
N HIS E 353 89.23 45.33 -30.93
CA HIS E 353 89.50 44.84 -32.27
C HIS E 353 90.84 45.36 -32.79
N PHE E 354 91.60 44.50 -33.45
CA PHE E 354 92.85 44.92 -34.08
C PHE E 354 93.08 44.21 -35.42
N ARG E 355 93.75 44.88 -36.34
CA ARG E 355 94.06 44.29 -37.63
C ARG E 355 95.52 43.88 -37.61
N PHE E 356 95.82 42.78 -38.28
CA PHE E 356 97.21 42.33 -38.34
C PHE E 356 97.48 41.67 -39.68
N LYS E 357 98.70 41.86 -40.17
CA LYS E 357 99.12 41.26 -41.43
C LYS E 357 99.53 39.83 -41.16
N SER E 358 99.04 38.89 -41.95
CA SER E 358 99.57 37.53 -41.89
C SER E 358 99.80 37.00 -43.29
N ILE E 359 101.06 36.73 -43.62
CA ILE E 359 101.39 36.30 -44.98
C ILE E 359 100.80 37.27 -46.03
N ASP E 360 99.90 36.76 -46.87
CA ASP E 360 99.34 37.57 -47.95
C ASP E 360 98.03 38.30 -47.60
N LEU E 361 97.57 38.14 -46.36
CA LEU E 361 96.26 38.65 -45.98
C LEU E 361 96.31 39.63 -44.82
N GLU E 362 95.24 40.40 -44.66
CA GLU E 362 95.07 41.25 -43.49
C GLU E 362 93.86 40.74 -42.73
N LEU E 363 94.11 40.25 -41.51
CA LEU E 363 93.12 39.53 -40.74
C LEU E 363 92.44 40.37 -39.68
N ASP E 364 91.47 39.77 -38.98
CA ASP E 364 90.83 40.41 -37.84
C ASP E 364 91.27 39.71 -36.57
N GLY E 365 91.37 40.47 -35.50
CA GLY E 365 91.70 39.90 -34.21
C GLY E 365 91.07 40.72 -33.12
N TRP E 366 90.90 40.10 -31.96
CA TRP E 366 90.38 40.80 -30.81
C TRP E 366 91.17 40.38 -29.58
N TYR E 367 91.15 41.25 -28.57
CA TYR E 367 91.67 40.86 -27.26
C TYR E 367 90.93 41.62 -26.18
N ILE E 368 90.89 41.01 -24.99
CA ILE E 368 90.29 41.61 -23.81
C ILE E 368 91.38 41.82 -22.79
N LYS E 369 91.42 43.01 -22.19
CA LYS E 369 92.46 43.32 -21.20
C LYS E 369 91.93 43.24 -19.78
N PRO E 370 92.54 42.39 -18.95
CA PRO E 370 92.11 42.25 -17.56
C PRO E 370 92.55 43.47 -16.78
N GLU E 371 91.94 43.72 -15.62
CA GLU E 371 92.40 44.81 -14.77
C GLU E 371 93.64 44.33 -14.03
N ILE E 372 94.76 45.00 -14.24
CA ILE E 372 96.01 44.62 -13.59
C ILE E 372 96.75 45.82 -13.03
N LYS E 373 97.89 45.56 -12.38
CA LYS E 373 98.76 46.62 -11.91
C LYS E 373 99.62 47.08 -13.09
N GLU E 374 99.74 48.40 -13.27
CA GLU E 374 100.58 48.92 -14.34
C GLU E 374 102.04 48.51 -14.12
N GLY E 375 102.32 48.01 -12.92
CA GLY E 375 103.65 47.52 -12.58
C GLY E 375 103.82 46.03 -12.77
N GLU E 376 102.76 45.35 -13.18
CA GLU E 376 102.82 43.89 -13.34
C GLU E 376 102.32 43.44 -14.71
N LYS E 377 102.66 42.21 -15.08
CA LYS E 377 102.20 41.64 -16.34
C LYS E 377 101.04 40.69 -16.08
N ALA E 378 100.46 40.12 -17.13
CA ALA E 378 99.35 39.19 -16.96
C ALA E 378 99.43 38.03 -17.95
N PRO E 379 98.99 36.84 -17.53
CA PRO E 379 99.03 35.66 -18.41
C PRO E 379 98.02 35.79 -19.57
N VAL E 380 98.20 34.99 -20.60
CA VAL E 380 97.40 35.13 -21.80
C VAL E 380 96.74 33.81 -22.18
N ILE E 381 95.45 33.87 -22.51
CA ILE E 381 94.76 32.70 -23.04
C ILE E 381 94.29 32.97 -24.47
N VAL E 382 94.78 32.16 -25.39
CA VAL E 382 94.36 32.26 -26.77
C VAL E 382 93.22 31.29 -27.04
N PHE E 383 92.15 31.78 -27.68
CA PHE E 383 91.03 30.93 -28.07
C PHE E 383 91.00 30.67 -29.57
N VAL E 384 90.81 29.41 -29.95
CA VAL E 384 90.66 29.05 -31.36
C VAL E 384 89.26 28.51 -31.65
N HIS E 385 88.50 29.24 -32.47
CA HIS E 385 87.13 28.86 -32.77
C HIS E 385 87.00 27.59 -33.60
N GLY E 386 85.85 26.94 -33.49
CA GLY E 386 85.58 25.70 -34.20
C GLY E 386 85.50 26.04 -35.68
N GLY E 387 85.21 25.06 -36.52
CA GLY E 387 85.54 25.30 -37.90
C GLY E 387 85.60 24.14 -38.86
N PRO E 388 86.46 24.30 -39.88
CA PRO E 388 87.26 25.53 -39.93
C PRO E 388 86.45 26.79 -40.20
N LYS E 389 85.22 26.61 -40.69
CA LYS E 389 84.37 27.70 -41.18
C LYS E 389 83.54 28.39 -40.08
N GLY E 390 83.85 28.09 -38.82
CA GLY E 390 83.34 28.89 -37.74
C GLY E 390 83.83 30.33 -37.79
N MET E 391 83.29 31.17 -36.91
CA MET E 391 83.67 32.58 -36.87
C MET E 391 83.68 33.11 -35.44
N TYR E 392 84.70 33.87 -35.08
CA TYR E 392 84.70 34.57 -33.80
C TYR E 392 84.29 36.01 -34.08
N GLY E 393 84.13 36.81 -33.04
CA GLY E 393 83.27 37.96 -33.21
C GLY E 393 82.65 38.59 -31.99
N TYR E 394 81.49 39.16 -32.23
CA TYR E 394 80.69 39.81 -31.21
C TYR E 394 79.60 39.00 -30.48
N TYR E 395 79.54 37.69 -30.65
CA TYR E 395 78.65 36.88 -29.78
C TYR E 395 79.14 36.71 -28.33
N PHE E 396 78.24 36.31 -27.43
CA PHE E 396 78.58 36.22 -26.00
C PHE E 396 79.25 34.89 -25.65
N LYS E 397 80.51 34.95 -25.23
CA LYS E 397 81.29 33.74 -24.96
C LYS E 397 81.75 33.69 -23.51
N TYR E 398 81.20 32.74 -22.77
CA TYR E 398 81.28 32.73 -21.31
C TYR E 398 82.69 32.63 -20.73
N GLU E 399 83.44 31.61 -21.12
CA GLU E 399 84.80 31.44 -20.62
C GLU E 399 85.60 32.72 -20.84
N MET E 400 85.26 33.47 -21.88
CA MET E 400 86.02 34.68 -22.16
C MET E 400 85.86 35.73 -21.07
N GLN E 401 84.62 36.10 -20.78
CA GLN E 401 84.35 37.01 -19.68
C GLN E 401 84.83 36.42 -18.36
N LEU E 402 84.57 35.13 -18.15
CA LEU E 402 84.94 34.47 -16.91
C LEU E 402 86.44 34.62 -16.63
N MET E 403 87.28 34.28 -17.60
CA MET E 403 88.73 34.32 -17.39
C MET E 403 89.29 35.75 -17.35
N ALA E 404 88.66 36.68 -18.07
CA ALA E 404 89.09 38.07 -18.00
C ALA E 404 88.92 38.58 -16.57
N SER E 405 87.85 38.18 -15.90
CA SER E 405 87.57 38.66 -14.54
C SER E 405 88.57 38.06 -13.53
N LYS E 406 89.19 36.95 -13.94
CA LYS E 406 90.20 36.28 -13.13
C LYS E 406 91.63 36.72 -13.50
N GLY E 407 91.73 37.72 -14.37
CA GLY E 407 93.00 38.39 -14.62
C GLY E 407 93.79 37.95 -15.83
N TYR E 408 93.15 37.23 -16.75
CA TYR E 408 93.83 36.75 -17.94
C TYR E 408 93.61 37.66 -19.13
N TYR E 409 94.63 37.85 -19.94
CA TYR E 409 94.45 38.43 -21.26
C TYR E 409 93.67 37.43 -22.11
N ILE E 410 92.74 37.93 -22.91
CA ILE E 410 91.97 37.07 -23.80
C ILE E 410 92.26 37.47 -25.22
N VAL E 411 92.70 36.53 -26.04
CA VAL E 411 93.01 36.88 -27.42
C VAL E 411 92.54 35.82 -28.42
N TYR E 412 91.86 36.28 -29.47
CA TYR E 412 91.32 35.38 -30.50
C TYR E 412 91.23 36.07 -31.87
N VAL E 413 91.34 35.28 -32.92
CA VAL E 413 91.40 35.79 -34.28
C VAL E 413 90.58 34.93 -35.23
N ASN E 414 90.39 35.43 -36.44
CA ASN E 414 89.71 34.67 -37.48
C ASN E 414 90.68 34.40 -38.61
N PRO E 415 91.41 33.28 -38.53
CA PRO E 415 92.36 32.86 -39.56
C PRO E 415 91.64 32.52 -40.87
N ARG E 416 92.39 32.46 -41.96
CA ARG E 416 91.81 32.04 -43.22
C ARG E 416 91.15 30.68 -43.01
N GLY E 417 90.01 30.49 -43.67
CA GLY E 417 89.14 29.34 -43.46
C GLY E 417 87.87 29.72 -42.70
N SER E 418 87.91 30.87 -42.02
CA SER E 418 86.82 31.31 -41.17
C SER E 418 85.65 31.84 -41.98
N ASN E 419 84.44 31.68 -41.45
CA ASN E 419 83.27 32.34 -42.00
C ASN E 419 83.36 33.85 -41.77
N GLY E 420 82.56 34.60 -42.52
CA GLY E 420 82.40 36.03 -42.27
C GLY E 420 83.13 36.93 -43.24
N TYR E 421 83.70 36.32 -44.27
CA TYR E 421 84.60 36.99 -45.20
C TYR E 421 84.34 36.42 -46.58
N SER E 422 85.21 36.73 -47.53
CA SER E 422 85.00 36.27 -48.90
C SER E 422 84.96 34.75 -48.99
N GLU E 423 84.25 34.23 -49.99
CA GLU E 423 84.21 32.79 -50.21
C GLU E 423 85.60 32.20 -50.40
N ASP E 424 86.47 32.92 -51.11
CA ASP E 424 87.85 32.47 -51.33
C ASP E 424 88.61 32.42 -50.01
N PHE E 425 88.34 33.37 -49.14
CA PHE E 425 89.00 33.45 -47.85
C PHE E 425 88.79 32.17 -47.06
N ALA E 426 87.61 31.57 -47.22
CA ALA E 426 87.28 30.32 -46.55
C ALA E 426 87.88 29.10 -47.26
N LEU E 427 87.82 29.08 -48.57
CA LEU E 427 88.33 27.92 -49.32
C LEU E 427 89.83 27.76 -49.16
N ARG E 428 90.51 28.84 -48.76
CA ARG E 428 91.95 28.81 -48.66
C ARG E 428 92.48 27.69 -47.76
N VAL E 429 91.65 27.21 -46.85
CA VAL E 429 92.10 26.27 -45.84
C VAL E 429 91.96 24.82 -46.29
N LEU E 430 91.32 24.58 -47.43
CA LEU E 430 91.13 23.19 -47.87
C LEU E 430 92.47 22.52 -48.11
N GLU E 431 92.65 21.39 -47.44
CA GLU E 431 93.86 20.59 -47.43
C GLU E 431 95.06 21.38 -46.93
N ARG E 432 94.78 22.52 -46.30
CA ARG E 432 95.77 23.32 -45.58
C ARG E 432 95.79 23.22 -44.05
N THR E 433 94.94 22.38 -43.46
CA THR E 433 94.72 22.46 -42.02
C THR E 433 96.00 22.39 -41.22
N GLY E 434 96.19 23.36 -40.34
CA GLY E 434 97.39 23.41 -39.53
C GLY E 434 98.57 24.08 -40.22
N LEU E 435 98.38 24.61 -41.42
CA LEU E 435 99.52 25.25 -42.05
C LEU E 435 99.40 26.77 -42.00
N GLU E 436 98.61 27.35 -42.90
CA GLU E 436 98.57 28.80 -42.96
C GLU E 436 97.66 29.37 -41.89
N ASP E 437 96.53 28.72 -41.67
CA ASP E 437 95.61 29.14 -40.62
C ASP E 437 96.31 29.17 -39.25
N PHE E 438 97.12 28.15 -38.97
CA PHE E 438 97.93 28.18 -37.77
C PHE E 438 98.84 29.42 -37.75
N GLN E 439 99.51 29.69 -38.87
CA GLN E 439 100.34 30.89 -39.00
C GLN E 439 99.58 32.16 -38.65
N ASP E 440 98.35 32.24 -39.15
CA ASP E 440 97.52 33.41 -38.94
C ASP E 440 97.37 33.65 -37.45
N ILE E 441 97.19 32.57 -36.70
CA ILE E 441 97.03 32.66 -35.26
C ILE E 441 98.31 33.20 -34.62
N LEU E 442 99.45 32.59 -34.99
CA LEU E 442 100.75 33.04 -34.50
C LEU E 442 101.00 34.51 -34.79
N ASN E 443 100.76 34.93 -36.03
CA ASN E 443 101.00 36.30 -36.42
C ASN E 443 100.07 37.26 -35.70
N GLY E 444 98.88 36.78 -35.38
CA GLY E 444 97.90 37.54 -34.62
C GLY E 444 98.36 37.67 -33.18
N ILE E 445 98.94 36.60 -32.65
CA ILE E 445 99.47 36.65 -31.29
C ILE E 445 100.66 37.59 -31.21
N GLU E 446 101.53 37.55 -32.22
CA GLU E 446 102.67 38.45 -32.25
C GLU E 446 102.28 39.93 -32.28
N GLU E 447 101.25 40.25 -33.04
CA GLU E 447 100.80 41.63 -33.16
C GLU E 447 100.15 42.08 -31.86
N PHE E 448 99.43 41.15 -31.23
CA PHE E 448 98.80 41.41 -29.93
C PHE E 448 99.87 41.74 -28.90
N LEU E 449 100.89 40.89 -28.84
CA LEU E 449 101.98 41.09 -27.90
C LEU E 449 102.60 42.47 -28.07
N ARG E 450 102.79 42.89 -29.32
CA ARG E 450 103.36 44.19 -29.63
C ARG E 450 102.50 45.35 -29.11
N LEU E 451 101.18 45.19 -29.18
CA LEU E 451 100.24 46.23 -28.79
C LEU E 451 100.10 46.31 -27.29
N GLU E 452 100.31 45.18 -26.63
CA GLU E 452 100.10 45.08 -25.20
C GLU E 452 101.36 44.60 -24.49
N PRO E 453 102.29 45.53 -24.21
CA PRO E 453 103.54 45.19 -23.53
C PRO E 453 103.32 44.56 -22.17
N GLN E 454 102.15 44.78 -21.57
CA GLN E 454 101.91 44.27 -20.23
C GLN E 454 101.52 42.80 -20.26
N ALA E 455 101.34 42.25 -21.46
CA ALA E 455 100.99 40.85 -21.61
C ALA E 455 102.21 39.97 -21.40
N ASP E 456 102.10 38.98 -20.52
CA ASP E 456 103.27 38.20 -20.17
C ASP E 456 103.52 37.18 -21.28
N ARG E 457 104.67 37.31 -21.96
CA ARG E 457 104.99 36.46 -23.11
C ARG E 457 105.37 35.07 -22.64
N GLU E 458 105.82 34.97 -21.39
CA GLU E 458 106.28 33.69 -20.87
C GLU E 458 105.16 32.83 -20.28
N ARG E 459 104.00 33.42 -20.00
CA ARG E 459 102.83 32.59 -19.75
C ARG E 459 101.77 32.85 -20.81
N ILE E 460 101.64 31.92 -21.75
CA ILE E 460 100.61 31.99 -22.79
C ILE E 460 100.03 30.61 -23.03
N GLY E 461 98.73 30.47 -22.77
CA GLY E 461 98.06 29.21 -23.04
C GLY E 461 97.18 29.30 -24.27
N ILE E 462 96.69 28.15 -24.70
CA ILE E 462 95.77 28.14 -25.83
C ILE E 462 94.71 27.08 -25.59
N THR E 463 93.55 27.30 -26.19
CA THR E 463 92.42 26.42 -25.95
C THR E 463 91.42 26.53 -27.09
N GLY E 464 90.60 25.50 -27.23
CA GLY E 464 89.54 25.51 -28.23
C GLY E 464 88.77 24.22 -28.24
N ILE E 465 87.59 24.28 -28.83
CA ILE E 465 86.70 23.13 -28.96
C ILE E 465 86.65 22.74 -30.42
N ALA E 466 86.54 21.43 -30.67
CA ALA E 466 86.46 20.93 -32.05
C ALA E 466 87.72 21.28 -32.83
N TYR E 467 87.54 21.95 -33.97
CA TYR E 467 88.69 22.40 -34.74
C TYR E 467 89.61 23.24 -33.85
N GLY E 468 88.99 23.94 -32.90
CA GLY E 468 89.74 24.69 -31.93
C GLY E 468 90.58 23.77 -31.07
N GLY E 469 90.04 22.58 -30.82
CA GLY E 469 90.76 21.57 -30.06
C GLY E 469 91.84 20.94 -30.91
N TYR E 470 91.57 20.80 -32.20
CA TYR E 470 92.57 20.31 -33.12
C TYR E 470 93.73 21.30 -33.21
N MET E 471 93.39 22.58 -33.27
CA MET E 471 94.42 23.63 -33.32
C MET E 471 95.25 23.63 -32.04
N THR E 472 94.62 23.31 -30.92
CA THR E 472 95.33 23.29 -29.65
C THR E 472 96.34 22.16 -29.59
N ASN E 473 95.92 20.97 -30.02
CA ASN E 473 96.84 19.84 -30.14
C ASN E 473 97.96 20.20 -31.13
N TRP E 474 97.57 20.62 -32.33
CA TRP E 474 98.54 20.99 -33.34
C TRP E 474 99.54 22.00 -32.78
N ALA E 475 99.05 22.98 -32.02
CA ALA E 475 99.92 24.02 -31.49
C ALA E 475 100.99 23.46 -30.56
N LEU E 476 100.58 22.61 -29.62
CA LEU E 476 101.52 22.04 -28.64
C LEU E 476 102.60 21.14 -29.25
N THR E 477 102.29 20.51 -30.40
CA THR E 477 103.26 19.73 -31.15
C THR E 477 104.15 20.55 -32.06
N GLN E 478 103.60 21.63 -32.60
CA GLN E 478 104.33 22.45 -33.58
C GLN E 478 105.11 23.65 -33.03
N SER E 479 104.89 23.98 -31.75
CA SER E 479 105.45 25.21 -31.21
C SER E 479 105.81 25.16 -29.73
N ASP E 480 106.90 25.83 -29.37
CA ASP E 480 107.35 25.90 -27.98
C ASP E 480 106.81 27.14 -27.28
N LEU E 481 105.98 27.92 -27.98
CA LEU E 481 105.50 29.20 -27.46
C LEU E 481 104.52 29.07 -26.30
N PHE E 482 103.76 27.98 -26.24
CA PHE E 482 102.65 27.87 -25.29
C PHE E 482 103.03 27.14 -24.00
N LYS E 483 102.67 27.73 -22.87
CA LYS E 483 102.91 27.12 -21.55
C LYS E 483 101.87 26.07 -21.11
N ALA E 484 100.64 26.21 -21.60
CA ALA E 484 99.56 25.28 -21.25
C ALA E 484 98.48 25.23 -22.33
N GLY E 485 97.71 24.15 -22.37
CA GLY E 485 96.60 24.10 -23.31
C GLY E 485 95.45 23.22 -22.84
N ILE E 486 94.27 23.53 -23.36
CA ILE E 486 93.08 22.74 -23.07
C ILE E 486 92.41 22.46 -24.41
N SER E 487 92.35 21.18 -24.76
CA SER E 487 91.82 20.76 -26.04
C SER E 487 90.54 19.98 -25.82
N GLU E 488 89.42 20.55 -26.22
CA GLU E 488 88.14 19.89 -26.02
C GLU E 488 87.59 19.37 -27.33
N ASN E 489 87.13 18.12 -27.31
CA ASN E 489 86.39 17.54 -28.42
C ASN E 489 87.05 17.81 -29.78
N GLY E 490 88.35 17.61 -29.84
CA GLY E 490 89.13 17.96 -31.02
C GLY E 490 89.46 16.80 -31.94
N ILE E 491 90.49 17.00 -32.76
CA ILE E 491 90.98 15.96 -33.64
C ILE E 491 92.48 15.80 -33.48
N SER E 492 92.92 14.66 -32.94
CA SER E 492 94.33 14.31 -33.02
C SER E 492 94.75 13.54 -34.28
N TYR E 493 93.80 12.87 -34.93
CA TYR E 493 94.12 12.09 -36.13
C TYR E 493 93.03 12.21 -37.22
N TRP E 494 93.41 12.67 -38.41
CA TRP E 494 92.44 12.92 -39.46
C TRP E 494 91.83 11.68 -40.09
N LEU E 495 92.58 10.58 -40.10
CA LEU E 495 92.06 9.36 -40.72
C LEU E 495 90.80 8.81 -40.04
N THR E 496 90.79 8.81 -38.70
CA THR E 496 89.65 8.27 -37.94
C THR E 496 88.48 9.24 -37.95
N SER E 497 88.79 10.53 -38.03
CA SER E 497 87.76 11.54 -38.24
C SER E 497 86.94 11.13 -39.46
N TYR E 498 87.63 10.89 -40.57
CA TYR E 498 86.99 10.43 -41.80
C TYR E 498 86.17 9.15 -41.60
N ALA E 499 86.80 8.10 -41.08
CA ALA E 499 86.11 6.82 -40.95
C ALA E 499 85.08 6.77 -39.81
N PHE E 500 85.46 7.22 -38.62
CA PHE E 500 84.63 7.12 -37.42
C PHE E 500 83.51 8.15 -37.25
N SER E 501 83.77 9.40 -37.61
CA SER E 501 82.87 10.46 -37.21
C SER E 501 81.58 10.41 -38.00
N ASP E 502 80.66 11.31 -37.69
CA ASP E 502 79.40 11.36 -38.42
C ASP E 502 79.55 11.96 -39.83
N ILE E 503 80.23 13.09 -39.95
CA ILE E 503 80.37 13.73 -41.25
C ILE E 503 81.66 13.42 -42.01
N GLY E 504 82.51 12.58 -41.43
CA GLY E 504 83.80 12.28 -42.01
C GLY E 504 83.83 11.93 -43.49
N LEU E 505 82.93 11.04 -43.92
CA LEU E 505 83.01 10.50 -45.28
C LEU E 505 83.09 11.59 -46.35
N TRP E 506 82.34 12.67 -46.14
CA TRP E 506 82.36 13.80 -47.06
C TRP E 506 83.28 14.93 -46.57
N PHE E 507 82.97 15.48 -45.41
CA PHE E 507 83.72 16.62 -44.89
C PHE E 507 85.24 16.43 -44.98
N ASP E 508 85.76 15.32 -44.50
CA ASP E 508 87.21 15.13 -44.50
C ASP E 508 87.79 15.08 -45.92
N LYS E 509 87.06 14.47 -46.85
CA LYS E 509 87.54 14.41 -48.23
C LYS E 509 87.73 15.81 -48.81
N GLU E 510 86.83 16.72 -48.47
CA GLU E 510 86.94 18.10 -48.95
C GLU E 510 87.96 18.95 -48.17
N VAL E 511 87.94 18.83 -46.85
CA VAL E 511 88.84 19.62 -45.97
C VAL E 511 90.28 19.08 -45.80
N ILE E 512 90.41 17.75 -45.74
CA ILE E 512 91.73 17.13 -45.63
C ILE E 512 92.27 16.75 -47.01
N GLY E 513 91.61 15.79 -47.68
CA GLY E 513 91.94 15.45 -49.07
C GLY E 513 91.23 14.21 -49.58
N ASP E 514 91.24 14.02 -50.89
CA ASP E 514 90.64 12.82 -51.51
C ASP E 514 91.48 11.58 -51.22
N ASN E 515 90.88 10.40 -51.37
CA ASN E 515 91.58 9.13 -51.14
C ASN E 515 92.23 9.06 -49.77
N PRO E 516 91.41 9.08 -48.70
CA PRO E 516 91.92 9.14 -47.33
C PRO E 516 92.83 7.97 -46.96
N LEU E 517 92.57 6.79 -47.53
CA LEU E 517 93.38 5.62 -47.22
C LEU E 517 94.83 5.79 -47.64
N GLU E 518 95.06 6.21 -48.89
CA GLU E 518 96.41 6.37 -49.40
C GLU E 518 97.00 7.77 -49.25
N ASN E 519 96.17 8.73 -48.90
CA ASN E 519 96.61 10.13 -48.87
C ASN E 519 97.47 10.37 -47.64
N GLU E 520 98.69 10.86 -47.86
CA GLU E 520 99.64 11.04 -46.78
C GLU E 520 99.41 12.37 -46.08
N ASN E 521 98.51 13.17 -46.61
CA ASN E 521 98.17 14.43 -45.99
C ASN E 521 97.44 14.21 -44.66
N TYR E 522 96.87 13.01 -44.49
CA TYR E 522 96.10 12.68 -43.31
C TYR E 522 97.00 12.41 -42.10
N ARG E 523 98.15 11.80 -42.33
CA ARG E 523 99.09 11.60 -41.25
C ARG E 523 99.87 12.87 -40.97
N LYS E 524 100.23 13.58 -42.03
CA LYS E 524 101.13 14.72 -41.91
C LYS E 524 100.52 15.91 -41.16
N LEU E 525 99.21 16.07 -41.28
CA LEU E 525 98.51 17.14 -40.60
C LEU E 525 97.85 16.72 -39.27
N SER E 526 98.06 15.47 -38.87
CA SER E 526 97.49 15.00 -37.60
C SER E 526 98.45 15.13 -36.43
N PRO E 527 98.03 15.86 -35.38
CA PRO E 527 98.88 16.14 -34.22
C PRO E 527 99.36 14.86 -33.52
N LEU E 528 98.63 13.77 -33.70
CA LEU E 528 98.95 12.53 -33.00
C LEU E 528 100.37 12.04 -33.25
N PHE E 529 100.87 12.27 -34.46
CA PHE E 529 102.17 11.72 -34.84
C PHE E 529 103.33 12.61 -34.41
N TYR E 530 103.01 13.83 -34.01
CA TYR E 530 103.97 14.80 -33.46
C TYR E 530 104.04 14.83 -31.92
N ALA E 531 103.35 13.90 -31.27
CA ALA E 531 103.25 13.87 -29.81
C ALA E 531 104.57 14.06 -29.06
N LYS E 532 105.64 13.44 -29.56
CA LYS E 532 106.93 13.48 -28.85
C LYS E 532 107.36 14.93 -28.60
N ASN E 533 106.89 15.83 -29.45
CA ASN E 533 107.25 17.24 -29.39
C ASN E 533 106.63 18.01 -28.24
N VAL E 534 105.67 17.42 -27.53
CA VAL E 534 104.90 18.25 -26.62
C VAL E 534 105.63 18.37 -25.30
N LYS E 535 106.02 19.61 -25.00
CA LYS E 535 106.65 19.97 -23.75
C LYS E 535 105.72 20.61 -22.72
N ALA E 536 104.45 20.78 -23.06
CA ALA E 536 103.57 21.56 -22.18
C ALA E 536 102.39 20.76 -21.62
N PRO E 537 102.01 21.06 -20.37
CA PRO E 537 100.93 20.35 -19.69
C PRO E 537 99.60 20.57 -20.41
N LEU E 538 98.90 19.48 -20.67
CA LEU E 538 97.73 19.51 -21.51
C LEU E 538 96.53 18.87 -20.82
N LEU E 539 95.39 19.55 -20.90
CA LEU E 539 94.14 18.99 -20.44
C LEU E 539 93.25 18.68 -21.64
N LEU E 540 92.77 17.45 -21.68
CA LEU E 540 91.88 16.97 -22.73
C LEU E 540 90.48 16.77 -22.16
N ILE E 541 89.48 17.34 -22.81
CA ILE E 541 88.10 17.18 -22.35
C ILE E 541 87.25 16.56 -23.46
N HIS E 542 86.31 15.70 -23.09
CA HIS E 542 85.44 15.07 -24.07
C HIS E 542 84.09 14.68 -23.46
N SER E 543 83.21 14.12 -24.28
CA SER E 543 81.92 13.65 -23.79
C SER E 543 81.55 12.39 -24.55
N LEU E 544 81.00 11.40 -23.84
CA LEU E 544 80.72 10.10 -24.47
C LEU E 544 79.70 10.13 -25.61
N GLU E 545 78.93 11.21 -25.71
CA GLU E 545 77.93 11.34 -26.78
C GLU E 545 78.32 12.12 -28.04
N ASP E 546 79.58 12.54 -28.15
CA ASP E 546 79.95 13.44 -29.23
C ASP E 546 80.33 12.59 -30.42
N TYR E 547 79.50 12.66 -31.46
CA TYR E 547 79.74 11.94 -32.70
C TYR E 547 80.34 12.82 -33.79
N ARG E 548 80.51 14.11 -33.52
CA ARG E 548 81.18 14.98 -34.49
C ARG E 548 82.67 14.70 -34.46
N CYS E 549 83.22 14.70 -33.25
CA CYS E 549 84.60 14.28 -33.01
C CYS E 549 84.56 13.23 -31.91
N PRO E 550 84.49 11.95 -32.30
CA PRO E 550 84.35 10.81 -31.39
C PRO E 550 85.50 10.72 -30.39
N LEU E 551 85.27 9.97 -29.31
CA LEU E 551 86.20 9.89 -28.19
C LEU E 551 87.66 9.60 -28.56
N ASP E 552 87.88 8.71 -29.53
CA ASP E 552 89.22 8.29 -29.91
C ASP E 552 90.12 9.48 -30.16
N GLN E 553 89.53 10.55 -30.68
CA GLN E 553 90.28 11.77 -30.98
C GLN E 553 90.93 12.36 -29.74
N SER E 554 90.22 12.30 -28.61
CA SER E 554 90.81 12.66 -27.33
C SER E 554 91.63 11.55 -26.67
N LEU E 555 91.12 10.33 -26.70
CA LEU E 555 91.72 9.28 -25.88
C LEU E 555 93.02 8.72 -26.46
N MET E 556 93.05 8.52 -27.77
CA MET E 556 94.28 8.05 -28.41
C MET E 556 95.43 9.01 -28.11
N PHE E 557 95.18 10.31 -28.25
CA PHE E 557 96.20 11.32 -27.99
C PHE E 557 96.69 11.23 -26.55
N TYR E 558 95.75 11.01 -25.63
CA TYR E 558 96.07 10.93 -24.21
C TYR E 558 96.94 9.72 -23.86
N HIS E 559 96.56 8.55 -24.36
CA HIS E 559 97.33 7.32 -24.09
C HIS E 559 98.74 7.42 -24.67
N VAL E 560 98.84 7.95 -25.89
CA VAL E 560 100.12 8.06 -26.57
C VAL E 560 101.01 9.08 -25.88
N LEU E 561 100.41 10.18 -25.43
CA LEU E 561 101.17 11.19 -24.70
C LEU E 561 101.68 10.60 -23.39
N LYS E 562 100.89 9.73 -22.78
CA LYS E 562 101.29 9.12 -21.52
C LYS E 562 102.39 8.08 -21.73
N ASP E 563 102.36 7.44 -22.89
CA ASP E 563 103.36 6.45 -23.26
C ASP E 563 104.67 7.16 -23.53
N LEU E 564 104.58 8.44 -23.85
CA LEU E 564 105.75 9.28 -24.06
C LEU E 564 106.14 10.05 -22.80
N GLY E 565 105.43 9.80 -21.70
CA GLY E 565 105.76 10.39 -20.42
C GLY E 565 105.54 11.88 -20.34
N LYS E 566 104.64 12.39 -21.19
CA LYS E 566 104.22 13.79 -21.14
C LYS E 566 103.27 14.00 -19.96
N GLU E 567 103.12 15.26 -19.52
CA GLU E 567 102.11 15.56 -18.50
C GLU E 567 100.80 15.92 -19.21
N VAL E 568 99.81 15.06 -19.07
CA VAL E 568 98.54 15.25 -19.74
C VAL E 568 97.43 14.61 -18.91
N TYR E 569 96.26 15.25 -18.91
CA TYR E 569 95.13 14.77 -18.13
C TYR E 569 93.95 14.61 -19.05
N ILE E 570 92.99 13.77 -18.68
CA ILE E 570 91.77 13.69 -19.46
C ILE E 570 90.49 13.61 -18.64
N ALA E 571 89.56 14.51 -18.94
CA ALA E 571 88.23 14.52 -18.36
C ALA E 571 87.23 14.00 -19.39
N ILE E 572 86.54 12.92 -19.03
CA ILE E 572 85.55 12.36 -19.93
C ILE E 572 84.16 12.49 -19.31
N PHE E 573 83.36 13.41 -19.85
CA PHE E 573 82.01 13.63 -19.35
C PHE E 573 81.06 12.53 -19.82
N LYS E 574 80.33 11.97 -18.87
CA LYS E 574 79.58 10.75 -19.15
C LYS E 574 78.41 11.02 -20.07
N LYS E 575 77.86 12.24 -20.00
CA LYS E 575 76.79 12.63 -20.89
C LYS E 575 77.12 13.90 -21.70
N GLY E 576 76.38 14.08 -22.79
CA GLY E 576 76.51 15.23 -23.67
C GLY E 576 77.22 15.03 -24.99
N ALA E 577 76.78 15.80 -25.99
CA ALA E 577 77.30 15.73 -27.35
C ALA E 577 78.41 16.74 -27.56
N HIS E 578 78.77 16.96 -28.82
CA HIS E 578 79.85 17.85 -29.21
C HIS E 578 79.81 19.22 -28.53
N GLY E 579 78.61 19.75 -28.37
CA GLY E 579 78.43 21.09 -27.85
C GLY E 579 78.06 21.12 -26.39
N HIS E 580 78.38 20.05 -25.68
CA HIS E 580 77.99 19.90 -24.28
C HIS E 580 78.42 21.07 -23.38
N SER E 581 79.51 21.75 -23.71
CA SER E 581 79.93 22.86 -22.86
C SER E 581 78.83 23.94 -22.72
N ILE E 582 78.20 24.27 -23.84
CA ILE E 582 76.96 25.06 -23.82
C ILE E 582 75.62 24.32 -23.60
N ARG E 583 75.49 23.10 -24.13
CA ARG E 583 74.24 22.34 -24.01
C ARG E 583 74.11 21.24 -22.93
N GLY E 584 75.17 20.97 -22.18
CA GLY E 584 75.12 19.94 -21.17
C GLY E 584 74.28 20.39 -19.98
N SER E 585 73.92 19.46 -19.09
CA SER E 585 73.10 19.82 -17.95
C SER E 585 73.82 20.87 -17.13
N PRO E 586 73.07 21.68 -16.38
CA PRO E 586 73.65 22.76 -15.59
C PRO E 586 74.78 22.29 -14.67
N ARG E 587 74.59 21.15 -13.99
CA ARG E 587 75.61 20.66 -13.06
C ARG E 587 76.86 20.26 -13.83
N HIS E 588 76.65 19.49 -14.89
CA HIS E 588 77.71 19.13 -15.82
C HIS E 588 78.49 20.36 -16.33
N ARG E 589 77.79 21.37 -16.83
CA ARG E 589 78.46 22.55 -17.37
C ARG E 589 79.25 23.30 -16.30
N MET E 590 78.73 23.28 -15.09
CA MET E 590 79.38 23.98 -14.00
C MET E 590 80.71 23.31 -13.67
N LYS E 591 80.71 21.99 -13.59
CA LYS E 591 81.93 21.28 -13.26
C LYS E 591 82.98 21.54 -14.32
N ARG E 592 82.57 21.46 -15.58
CA ARG E 592 83.46 21.81 -16.68
C ARG E 592 84.04 23.21 -16.54
N TYR E 593 83.21 24.22 -16.31
CA TYR E 593 83.74 25.57 -16.14
C TYR E 593 84.79 25.60 -15.04
N LYS E 594 84.50 24.90 -13.95
CA LYS E 594 85.36 24.87 -12.78
C LYS E 594 86.72 24.30 -13.15
N LEU E 595 86.69 23.14 -13.81
CA LEU E 595 87.88 22.44 -14.26
C LEU E 595 88.72 23.29 -15.21
N PHE E 596 88.05 23.87 -16.20
CA PHE E 596 88.67 24.77 -17.17
C PHE E 596 89.42 25.89 -16.46
N MET E 597 88.79 26.43 -15.43
CA MET E 597 89.30 27.56 -14.68
C MET E 597 90.55 27.17 -13.89
N GLU E 598 90.44 26.09 -13.13
CA GLU E 598 91.51 25.70 -12.22
C GLU E 598 92.74 25.26 -12.99
N PHE E 599 92.53 24.54 -14.09
CA PHE E 599 93.67 24.07 -14.87
C PHE E 599 94.53 25.25 -15.36
N PHE E 600 93.88 26.30 -15.84
CA PHE E 600 94.64 27.50 -16.23
C PHE E 600 95.31 28.19 -15.03
N GLU E 601 94.61 28.26 -13.91
CA GLU E 601 95.18 28.85 -12.71
C GLU E 601 96.40 28.07 -12.24
N ARG E 602 96.29 26.75 -12.24
CA ARG E 602 97.34 25.87 -11.76
C ARG E 602 98.49 25.54 -12.74
N LYS E 603 98.19 25.47 -14.03
CA LYS E 603 99.24 25.28 -15.03
C LYS E 603 99.74 26.50 -15.81
N LEU E 604 99.11 27.66 -15.63
CA LEU E 604 99.38 28.80 -16.51
C LEU E 604 99.73 30.09 -15.75
N LYS E 605 98.79 30.58 -14.95
CA LYS E 605 99.07 31.76 -14.12
C LYS E 605 100.29 31.52 -13.23
N LYS E 606 100.23 30.45 -12.44
CA LYS E 606 101.37 29.95 -11.70
C LYS E 606 101.43 28.42 -11.81
N TYR E 607 102.48 27.87 -12.41
CA TYR E 607 102.58 26.41 -12.54
C TYR E 607 102.79 25.72 -11.20
N GLU E 608 102.03 24.66 -10.97
CA GLU E 608 102.23 23.82 -9.80
C GLU E 608 102.12 22.37 -10.21
N GLU E 609 102.69 21.47 -9.43
CA GLU E 609 102.73 20.07 -9.81
C GLU E 609 101.36 19.43 -9.71
N GLY E 610 101.04 18.61 -10.70
CA GLY E 610 99.91 17.70 -10.60
C GLY E 610 98.57 18.39 -10.65
N PHE E 611 97.52 17.60 -10.76
CA PHE E 611 96.17 18.11 -10.65
C PHE E 611 95.38 17.18 -9.75
N ASP E 612 94.97 17.64 -8.59
CA ASP E 612 94.17 16.76 -7.75
C ASP E 612 92.74 17.22 -7.86
N VAL E 613 91.93 16.44 -8.57
CA VAL E 613 90.62 16.92 -8.93
C VAL E 613 89.70 16.81 -7.72
N GLU E 614 89.85 15.76 -6.94
CA GLU E 614 89.01 15.57 -5.77
C GLU E 614 89.09 16.78 -4.84
N LYS E 615 90.30 17.29 -4.62
CA LYS E 615 90.49 18.47 -3.78
C LYS E 615 90.16 19.78 -4.51
N ILE E 616 90.54 19.87 -5.78
CA ILE E 616 90.44 21.12 -6.54
C ILE E 616 89.01 21.57 -6.82
N LEU E 617 88.14 20.60 -7.10
CA LEU E 617 86.76 20.90 -7.44
C LEU E 617 85.89 20.89 -6.17
N LYS E 618 86.53 20.74 -5.02
CA LYS E 618 85.86 20.78 -3.72
C LYS E 618 84.98 19.54 -3.50
N ILE F 4 41.78 7.22 -44.08
CA ILE F 4 42.35 6.71 -45.32
C ILE F 4 41.56 5.52 -45.86
N GLU F 5 41.50 4.45 -45.05
CA GLU F 5 40.69 3.28 -45.39
C GLU F 5 39.87 2.84 -44.18
N TRP F 6 38.78 2.13 -44.42
CA TRP F 6 37.92 1.65 -43.35
C TRP F 6 38.41 0.33 -42.75
N ASP F 7 38.55 0.31 -41.43
CA ASP F 7 38.89 -0.90 -40.70
C ASP F 7 38.35 -0.78 -39.28
N GLU F 8 38.77 -1.67 -38.40
CA GLU F 8 38.29 -1.66 -37.01
C GLU F 8 38.75 -0.47 -36.15
N LYS F 9 39.79 0.24 -36.58
CA LYS F 9 40.24 1.42 -35.85
C LYS F 9 39.64 2.76 -36.30
N THR F 10 39.02 2.77 -37.48
CA THR F 10 38.73 4.03 -38.13
C THR F 10 37.89 4.96 -37.24
N PHE F 11 37.05 4.37 -36.40
CA PHE F 11 36.20 5.14 -35.49
C PHE F 11 36.99 6.04 -34.55
N THR F 12 38.24 5.68 -34.30
CA THR F 12 39.08 6.48 -33.39
C THR F 12 39.45 7.82 -34.01
N LYS F 13 39.34 7.94 -35.32
CA LYS F 13 39.75 9.15 -35.99
C LYS F 13 38.65 10.23 -36.02
N PHE F 14 37.45 9.88 -35.55
CA PHE F 14 36.33 10.84 -35.51
C PHE F 14 36.27 11.71 -34.25
N ALA F 15 35.89 12.98 -34.43
CA ALA F 15 35.58 13.84 -33.30
C ALA F 15 34.10 13.73 -32.91
N TYR F 16 33.84 13.35 -31.68
CA TYR F 16 32.47 13.13 -31.22
C TYR F 16 31.97 14.30 -30.35
N LEU F 17 30.97 15.01 -30.85
CA LEU F 17 30.41 16.14 -30.11
C LEU F 17 29.20 15.72 -29.28
N SER F 18 29.06 16.33 -28.11
CA SER F 18 27.94 16.04 -27.23
C SER F 18 27.59 17.21 -26.30
N ASP F 19 26.37 17.16 -25.78
CA ASP F 19 25.94 18.00 -24.65
C ASP F 19 26.12 19.50 -24.88
N PRO F 20 25.45 20.04 -25.91
CA PRO F 20 25.57 21.47 -26.23
C PRO F 20 24.79 22.31 -25.24
N ARG F 21 25.30 23.50 -24.95
CA ARG F 21 24.69 24.45 -24.04
C ARG F 21 24.88 25.86 -24.55
N THR F 22 23.91 26.73 -24.29
CA THR F 22 24.05 28.12 -24.73
C THR F 22 23.46 29.14 -23.76
N ARG F 23 24.10 30.30 -23.70
CA ARG F 23 23.56 31.47 -23.02
C ARG F 23 24.10 32.70 -23.72
N LYS F 24 23.32 33.77 -23.79
CA LYS F 24 23.72 34.97 -24.51
C LYS F 24 24.31 34.59 -25.87
N ASN F 25 25.50 35.13 -26.16
CA ASN F 25 26.21 34.86 -27.42
C ASN F 25 27.23 33.71 -27.34
N LEU F 26 27.26 33.00 -26.21
CA LEU F 26 28.21 31.88 -26.02
C LEU F 26 27.60 30.51 -26.31
N VAL F 27 28.42 29.64 -26.89
CA VAL F 27 28.07 28.24 -27.02
C VAL F 27 29.12 27.39 -26.32
N ALA F 28 28.69 26.28 -25.72
CA ALA F 28 29.62 25.32 -25.11
C ALA F 28 29.21 23.90 -25.51
N TYR F 29 30.20 23.03 -25.68
CA TYR F 29 29.92 21.63 -25.91
C TYR F 29 31.13 20.78 -25.52
N VAL F 30 31.00 19.47 -25.62
CA VAL F 30 32.09 18.59 -25.24
C VAL F 30 32.67 17.91 -26.46
N LEU F 31 33.99 18.00 -26.63
CA LEU F 31 34.69 17.28 -27.70
C LEU F 31 35.26 16.02 -27.09
N THR F 32 34.88 14.86 -27.62
CA THR F 32 35.38 13.59 -27.10
C THR F 32 36.15 12.83 -28.15
N LYS F 33 37.32 12.33 -27.79
CA LYS F 33 38.10 11.50 -28.70
C LYS F 33 38.32 10.13 -28.09
N ALA F 34 38.39 9.12 -28.94
CA ALA F 34 38.73 7.77 -28.47
C ALA F 34 40.23 7.57 -28.63
N ASN F 35 40.94 7.48 -27.50
CA ASN F 35 42.38 7.31 -27.57
C ASN F 35 42.72 5.83 -27.48
N LEU F 36 43.22 5.29 -28.59
CA LEU F 36 43.45 3.86 -28.67
C LEU F 36 44.74 3.43 -27.96
N GLU F 37 45.74 4.30 -28.00
CA GLU F 37 47.03 4.03 -27.36
C GLU F 37 46.90 4.00 -25.84
N SER F 38 46.28 5.04 -25.27
CA SER F 38 46.04 5.09 -23.85
C SER F 38 44.80 4.30 -23.46
N ASN F 39 44.04 3.87 -24.47
CA ASN F 39 42.80 3.16 -24.23
C ASN F 39 41.85 3.93 -23.32
N LYS F 40 41.62 5.20 -23.64
CA LYS F 40 40.76 6.03 -22.81
C LYS F 40 40.04 7.02 -23.67
N TYR F 41 38.93 7.54 -23.17
CA TYR F 41 38.26 8.63 -23.86
C TYR F 41 38.78 9.93 -23.27
N GLU F 42 39.01 10.92 -24.12
CA GLU F 42 39.46 12.22 -23.65
C GLU F 42 38.32 13.20 -23.87
N ASN F 43 38.10 14.08 -22.89
CA ASN F 43 37.04 15.06 -23.00
C ASN F 43 37.54 16.48 -22.88
N THR F 44 37.11 17.34 -23.80
CA THR F 44 37.50 18.73 -23.81
C THR F 44 36.27 19.57 -24.01
N ILE F 45 35.94 20.40 -23.03
CA ILE F 45 34.85 21.34 -23.23
C ILE F 45 35.38 22.43 -24.13
N VAL F 46 34.63 22.73 -25.18
CA VAL F 46 34.97 23.82 -26.08
C VAL F 46 33.95 24.92 -25.88
N ILE F 47 34.43 26.16 -25.85
CA ILE F 47 33.53 27.30 -25.70
C ILE F 47 33.74 28.21 -26.89
N GLU F 48 32.68 28.39 -27.65
CA GLU F 48 32.79 29.06 -28.94
C GLU F 48 32.00 30.35 -28.88
N ASN F 49 32.63 31.44 -29.24
CA ASN F 49 31.93 32.71 -29.27
C ASN F 49 31.22 32.84 -30.61
N LEU F 50 29.97 33.27 -30.58
CA LEU F 50 29.23 33.49 -31.82
C LEU F 50 29.77 34.79 -32.43
N GLU F 51 29.26 35.18 -33.59
CA GLU F 51 29.99 36.14 -34.42
C GLU F 51 31.32 35.49 -34.79
N ASP F 52 32.44 36.13 -34.44
CA ASP F 52 33.77 35.54 -34.67
C ASP F 52 33.88 34.15 -34.05
N GLY F 53 34.35 33.19 -34.85
CA GLY F 53 34.28 31.78 -34.49
C GLY F 53 35.26 31.33 -33.41
N SER F 54 35.87 32.29 -32.71
CA SER F 54 36.91 32.01 -31.73
C SER F 54 36.56 30.99 -30.64
N ARG F 55 37.50 30.10 -30.37
CA ARG F 55 37.33 29.05 -29.36
C ARG F 55 38.28 29.15 -28.16
N LYS F 56 37.77 28.77 -27.00
CA LYS F 56 38.59 28.57 -25.82
C LYS F 56 38.23 27.24 -25.17
N PHE F 57 39.11 26.72 -24.33
CA PHE F 57 39.03 25.33 -23.90
C PHE F 57 39.06 25.11 -22.40
N ILE F 58 38.41 24.04 -21.96
CA ILE F 58 38.58 23.53 -20.62
C ILE F 58 38.92 22.07 -20.79
N GLU F 59 40.14 21.71 -20.43
CA GLU F 59 40.70 20.40 -20.76
C GLU F 59 40.39 19.34 -19.72
N ASP F 60 40.18 18.11 -20.18
CA ASP F 60 39.84 17.01 -19.28
C ASP F 60 38.62 17.37 -18.45
N ALA F 61 37.54 17.75 -19.12
CA ALA F 61 36.33 18.14 -18.42
C ALA F 61 35.08 17.86 -19.23
N SER F 62 33.93 17.82 -18.57
CA SER F 62 32.66 17.61 -19.24
C SER F 62 31.53 18.22 -18.41
N MET F 63 30.29 17.90 -18.77
CA MET F 63 29.12 18.49 -18.14
C MET F 63 29.17 20.02 -18.03
N PRO F 64 29.50 20.70 -19.13
CA PRO F 64 29.49 22.16 -19.05
C PRO F 64 28.10 22.65 -18.73
N ARG F 65 28.00 23.61 -17.81
CA ARG F 65 26.77 24.32 -17.53
C ARG F 65 27.09 25.81 -17.41
N ILE F 66 26.51 26.63 -18.29
CA ILE F 66 26.76 28.08 -18.26
C ILE F 66 25.74 28.74 -17.34
N SER F 67 26.23 29.62 -16.47
CA SER F 67 25.35 30.32 -15.55
C SER F 67 24.44 31.24 -16.32
N PRO F 68 23.19 31.36 -15.87
CA PRO F 68 22.15 32.17 -16.53
C PRO F 68 22.64 33.57 -16.88
N ASP F 69 23.47 34.15 -16.03
CA ASP F 69 23.99 35.49 -16.28
C ASP F 69 25.12 35.49 -17.31
N GLY F 70 25.55 34.29 -17.72
CA GLY F 70 26.58 34.16 -18.74
C GLY F 70 27.96 34.60 -18.27
N LYS F 71 28.11 34.87 -16.98
CA LYS F 71 29.40 35.28 -16.45
C LYS F 71 30.37 34.12 -16.20
N LYS F 72 29.84 32.94 -15.86
CA LYS F 72 30.70 31.82 -15.48
C LYS F 72 30.16 30.45 -15.92
N ILE F 73 31.03 29.44 -15.86
CA ILE F 73 30.69 28.10 -16.31
C ILE F 73 31.11 27.03 -15.29
N ALA F 74 30.22 26.09 -15.00
CA ALA F 74 30.50 25.00 -14.06
C ALA F 74 30.74 23.70 -14.80
N PHE F 75 31.63 22.85 -14.30
CA PHE F 75 31.89 21.58 -14.99
C PHE F 75 32.40 20.47 -14.08
N MET F 76 32.65 19.31 -14.67
CA MET F 76 33.16 18.17 -13.92
C MET F 76 34.47 17.62 -14.46
N ARG F 77 35.35 17.23 -13.54
CA ARG F 77 36.54 16.45 -13.83
C ARG F 77 36.43 15.13 -13.10
N PHE F 78 36.76 14.04 -13.77
CA PHE F 78 36.60 12.71 -13.19
C PHE F 78 37.96 12.05 -12.91
N ASN F 79 38.00 11.18 -11.90
CA ASN F 79 39.24 10.49 -11.53
C ASN F 79 39.06 8.97 -11.61
N GLU F 81 40.95 5.88 -11.41
CA GLU F 81 42.10 6.11 -10.54
C GLU F 81 41.66 6.22 -9.08
N LYS F 82 41.51 7.46 -8.60
CA LYS F 82 41.06 7.70 -7.23
C LYS F 82 39.53 7.62 -7.15
N LYS F 83 38.90 7.36 -8.30
CA LYS F 83 37.46 7.17 -8.40
C LYS F 83 36.62 8.25 -7.70
N THR F 84 36.90 9.51 -8.01
CA THR F 84 36.09 10.61 -7.50
C THR F 84 36.01 11.81 -8.45
N ALA F 85 34.85 12.45 -8.50
CA ALA F 85 34.60 13.55 -9.41
C ALA F 85 34.61 14.87 -8.66
N GLN F 86 35.05 15.92 -9.33
CA GLN F 86 35.13 17.24 -8.72
C GLN F 86 34.24 18.22 -9.46
N ILE F 87 33.57 19.09 -8.73
CA ILE F 87 32.80 20.16 -9.38
C ILE F 87 33.61 21.44 -9.38
N TRP F 88 33.78 22.02 -10.56
CA TRP F 88 34.58 23.24 -10.72
C TRP F 88 33.74 24.40 -11.21
N VAL F 89 34.15 25.60 -10.85
CA VAL F 89 33.58 26.79 -11.45
C VAL F 89 34.68 27.64 -12.09
N ALA F 90 34.48 28.07 -13.34
CA ALA F 90 35.43 28.94 -14.00
C ALA F 90 34.73 30.21 -14.47
N ASP F 91 35.44 31.33 -14.45
CA ASP F 91 34.89 32.58 -14.99
C ASP F 91 35.01 32.55 -16.51
N LEU F 92 33.98 32.99 -17.20
CA LEU F 92 33.94 32.79 -18.65
C LEU F 92 34.93 33.66 -19.41
N LYS F 93 35.20 34.84 -18.88
CA LYS F 93 36.09 35.77 -19.56
C LYS F 93 37.51 35.18 -19.68
N THR F 94 38.13 34.88 -18.53
CA THR F 94 39.51 34.36 -18.52
C THR F 94 39.69 32.84 -18.45
N LEU F 95 38.61 32.12 -18.18
CA LEU F 95 38.66 30.68 -17.89
C LEU F 95 39.54 30.24 -16.70
N SER F 96 39.82 31.16 -15.77
CA SER F 96 40.44 30.72 -14.52
C SER F 96 39.37 30.00 -13.72
N ALA F 97 39.75 28.94 -13.01
CA ALA F 97 38.77 28.11 -12.31
C ALA F 97 39.13 27.77 -10.86
N LYS F 98 38.13 27.40 -10.07
CA LYS F 98 38.35 26.89 -8.72
C LYS F 98 37.55 25.61 -8.47
N LYS F 99 38.03 24.78 -7.54
CA LYS F 99 37.38 23.51 -7.24
C LYS F 99 36.35 23.77 -6.14
N VAL F 100 35.06 23.61 -6.46
CA VAL F 100 33.99 23.84 -5.49
C VAL F 100 33.67 22.69 -4.55
N LEU F 101 33.61 21.49 -5.09
CA LEU F 101 33.15 20.36 -4.29
C LEU F 101 33.70 19.04 -4.79
N GLU F 102 33.95 18.12 -3.87
CA GLU F 102 34.42 16.80 -4.27
C GLU F 102 33.24 15.89 -4.12
N ALA F 103 32.66 15.47 -5.23
CA ALA F 103 31.45 14.66 -5.14
C ALA F 103 31.46 13.38 -5.96
N LYS F 104 31.46 12.25 -5.26
CA LYS F 104 31.22 10.95 -5.88
C LYS F 104 29.72 10.83 -6.16
N ASN F 105 29.36 9.97 -7.11
CA ASN F 105 27.95 9.65 -7.36
C ASN F 105 27.09 10.85 -7.67
N ILE F 106 27.53 11.70 -8.58
CA ILE F 106 26.74 12.84 -8.99
C ILE F 106 26.33 12.68 -10.44
N ARG F 107 25.05 12.48 -10.69
CA ARG F 107 24.58 12.28 -12.06
C ARG F 107 24.23 13.54 -12.85
N SER F 108 24.01 14.67 -12.17
CA SER F 108 23.72 15.91 -12.86
C SER F 108 23.97 17.16 -12.02
N ILE F 109 24.16 18.30 -12.70
CA ILE F 109 24.20 19.60 -12.05
C ILE F 109 23.45 20.66 -12.86
N GLU F 110 22.61 21.44 -12.19
CA GLU F 110 21.85 22.49 -12.85
C GLU F 110 22.01 23.82 -12.12
N TRP F 111 22.26 24.92 -12.84
CA TRP F 111 22.33 26.25 -12.22
C TRP F 111 20.96 26.71 -11.69
N ASN F 112 20.97 27.50 -10.63
CA ASN F 112 19.76 28.17 -10.21
C ASN F 112 19.68 29.45 -11.01
N GLN F 113 18.59 30.20 -10.85
CA GLN F 113 18.41 31.41 -11.63
C GLN F 113 19.34 32.51 -11.16
N ASP F 114 19.87 32.37 -9.95
CA ASP F 114 20.73 33.41 -9.36
C ASP F 114 22.20 33.27 -9.74
N SER F 115 22.53 32.26 -10.54
CA SER F 115 23.91 32.02 -10.98
C SER F 115 24.84 31.81 -9.78
N ARG F 116 24.26 31.39 -8.66
CA ARG F 116 25.02 31.14 -7.44
C ARG F 116 24.94 29.69 -6.98
N ARG F 117 23.72 29.24 -6.68
CA ARG F 117 23.51 27.86 -6.26
C ARG F 117 23.48 26.88 -7.43
N LEU F 118 23.88 25.65 -7.14
CA LEU F 118 23.72 24.55 -8.10
C LEU F 118 22.82 23.52 -7.46
N LEU F 119 22.04 22.83 -8.29
CA LEU F 119 21.32 21.65 -7.83
C LEU F 119 22.02 20.41 -8.36
N ALA F 120 22.49 19.57 -7.44
CA ALA F 120 23.13 18.32 -7.81
C ALA F 120 22.21 17.14 -7.48
N VAL F 121 22.03 16.24 -8.44
CA VAL F 121 21.31 15.00 -8.16
C VAL F 121 22.27 13.82 -8.26
N GLY F 122 22.11 12.86 -7.36
CA GLY F 122 23.07 11.78 -7.20
C GLY F 122 22.41 10.65 -6.43
N PHE F 123 23.22 9.73 -5.92
CA PHE F 123 22.68 8.58 -5.20
C PHE F 123 23.58 8.13 -4.05
N LYS F 124 23.01 7.44 -3.07
CA LYS F 124 23.76 6.82 -1.98
C LYS F 124 23.51 5.33 -1.94
N ARG F 125 24.52 4.54 -1.57
CA ARG F 125 24.35 3.09 -1.50
C ARG F 125 24.85 2.52 -0.18
N ARG F 126 24.74 1.22 0.01
CA ARG F 126 25.22 0.60 1.24
C ARG F 126 26.74 0.45 1.22
N GLU F 127 27.29 0.11 0.07
CA GLU F 127 28.74 0.18 -0.14
C GLU F 127 29.61 -0.74 0.75
N ASP F 128 29.09 -1.91 1.15
CA ASP F 128 29.94 -2.90 1.82
C ASP F 128 30.96 -3.48 0.82
N GLU F 129 32.17 -3.73 1.29
CA GLU F 129 33.22 -4.23 0.40
C GLU F 129 32.93 -5.64 -0.15
N ASP F 130 32.55 -6.55 0.75
CA ASP F 130 32.36 -7.95 0.37
C ASP F 130 31.01 -8.37 -0.20
N PHE F 131 29.96 -7.60 0.08
CA PHE F 131 28.66 -8.00 -0.44
C PHE F 131 27.66 -6.88 -0.60
N ILE F 132 26.72 -7.14 -1.51
CA ILE F 132 25.61 -6.25 -1.83
C ILE F 132 24.39 -6.74 -1.08
N PHE F 133 23.57 -5.82 -0.59
CA PHE F 133 22.32 -6.24 0.05
C PHE F 133 21.11 -5.52 -0.55
N GLU F 134 20.10 -6.27 -0.98
CA GLU F 134 18.93 -5.68 -1.63
C GLU F 134 17.58 -6.06 -1.00
N ASP F 135 16.85 -5.06 -0.50
CA ASP F 135 15.46 -5.23 -0.04
C ASP F 135 14.37 -4.80 -1.04
N ASP F 136 14.78 -4.31 -2.21
CA ASP F 136 13.84 -3.67 -3.15
C ASP F 136 14.01 -4.27 -4.55
N VAL F 137 13.33 -3.69 -5.53
CA VAL F 137 13.47 -4.11 -6.92
C VAL F 137 13.73 -2.93 -7.84
N PRO F 138 14.56 -3.13 -8.88
CA PRO F 138 15.27 -4.38 -9.14
C PRO F 138 16.61 -4.40 -8.42
N ALA F 139 17.33 -5.51 -8.51
CA ALA F 139 18.59 -5.62 -7.79
C ALA F 139 19.70 -4.89 -8.53
N TRP F 140 19.48 -4.61 -9.80
CA TRP F 140 20.48 -3.90 -10.61
C TRP F 140 19.84 -3.16 -11.77
N PHE F 141 20.61 -2.27 -12.37
CA PHE F 141 20.17 -1.55 -13.56
C PHE F 141 21.36 -1.35 -14.47
N ASP F 142 21.13 -1.43 -15.78
CA ASP F 142 22.21 -1.48 -16.75
C ASP F 142 22.99 -0.19 -16.81
N ASN F 143 24.31 -0.30 -16.74
CA ASN F 143 25.16 0.88 -16.77
C ASN F 143 25.19 1.61 -15.41
N MET F 144 24.28 1.26 -14.51
CA MET F 144 24.34 1.72 -13.12
C MET F 144 24.93 0.76 -12.08
N GLY F 145 25.25 -0.47 -12.47
CA GLY F 145 25.71 -1.47 -11.51
C GLY F 145 24.63 -1.99 -10.57
N PHE F 146 25.04 -2.75 -9.56
CA PHE F 146 24.10 -3.23 -8.55
C PHE F 146 23.59 -2.08 -7.70
N PHE F 147 22.28 -1.99 -7.54
CA PHE F 147 21.71 -0.86 -6.81
C PHE F 147 22.17 -0.84 -5.35
N ASP F 148 22.33 -2.01 -4.74
CA ASP F 148 22.80 -2.07 -3.37
C ASP F 148 21.97 -1.13 -2.48
N GLY F 149 20.65 -1.21 -2.64
CA GLY F 149 19.73 -0.43 -1.84
C GLY F 149 19.85 1.07 -2.05
N GLU F 150 20.16 1.47 -3.28
CA GLU F 150 20.36 2.87 -3.63
C GLU F 150 19.16 3.77 -3.35
N LYS F 151 19.44 4.99 -2.93
CA LYS F 151 18.44 6.05 -2.84
C LYS F 151 18.95 7.27 -3.61
N THR F 152 18.06 8.21 -3.89
CA THR F 152 18.45 9.40 -4.64
C THR F 152 18.82 10.52 -3.68
N THR F 153 19.93 11.19 -3.93
CA THR F 153 20.33 12.32 -3.09
C THR F 153 20.19 13.63 -3.85
N PHE F 154 19.80 14.67 -3.13
CA PHE F 154 19.69 15.99 -3.71
C PHE F 154 20.52 16.96 -2.90
N TRP F 155 21.32 17.78 -3.59
CA TRP F 155 22.18 18.76 -2.92
C TRP F 155 21.99 20.14 -3.52
N VAL F 156 21.69 21.12 -2.69
CA VAL F 156 21.76 22.51 -3.12
C VAL F 156 23.13 23.11 -2.74
N ILE F 157 23.94 23.41 -3.73
CA ILE F 157 25.31 23.79 -3.50
C ILE F 157 25.54 25.26 -3.75
N ASP F 158 26.16 25.92 -2.78
CA ASP F 158 26.57 27.31 -2.94
C ASP F 158 27.95 27.31 -3.59
N THR F 159 28.08 27.98 -4.74
CA THR F 159 29.37 28.02 -5.43
C THR F 159 30.26 29.15 -4.93
N GLU F 160 29.73 30.01 -4.07
CA GLU F 160 30.60 31.04 -3.49
C GLU F 160 31.31 30.49 -2.25
N GLY F 161 30.55 30.24 -1.19
CA GLY F 161 31.12 29.62 -0.02
C GLY F 161 31.51 28.17 -0.27
N GLU F 162 30.98 27.61 -1.35
CA GLU F 162 31.31 26.24 -1.74
C GLU F 162 30.78 25.19 -0.75
N GLU F 163 29.59 25.42 -0.19
CA GLU F 163 29.02 24.49 0.79
C GLU F 163 27.71 23.89 0.29
N VAL F 164 27.32 22.76 0.87
CA VAL F 164 26.01 22.22 0.56
C VAL F 164 25.08 22.81 1.59
N ILE F 165 24.20 23.70 1.18
CA ILE F 165 23.29 24.35 2.12
C ILE F 165 21.93 23.65 2.28
N GLU F 166 21.63 22.69 1.41
CA GLU F 166 20.42 21.88 1.52
C GLU F 166 20.68 20.45 1.02
N GLN F 167 20.21 19.46 1.76
CA GLN F 167 20.24 18.09 1.24
C GLN F 167 19.10 17.25 1.76
N PHE F 168 18.57 16.39 0.89
CA PHE F 168 17.51 15.46 1.26
C PHE F 168 17.57 14.28 0.31
N GLU F 169 16.94 13.17 0.69
CA GLU F 169 16.93 12.03 -0.20
C GLU F 169 15.52 11.56 -0.53
N LYS F 170 15.40 10.88 -1.68
CA LYS F 170 14.14 10.30 -2.10
C LYS F 170 14.41 8.86 -2.52
N PRO F 171 13.37 8.14 -2.94
CA PRO F 171 13.54 6.77 -3.42
C PRO F 171 14.37 6.69 -4.69
N ARG F 172 14.79 5.47 -5.00
CA ARG F 172 15.56 5.16 -6.18
C ARG F 172 14.87 5.65 -7.45
N PHE F 173 15.67 6.13 -8.39
CA PHE F 173 15.19 6.60 -9.68
C PHE F 173 14.31 7.84 -9.61
N SER F 174 14.52 8.67 -8.59
CA SER F 174 13.85 9.97 -8.59
C SER F 174 14.73 10.96 -9.33
N SER F 175 14.23 12.18 -9.50
CA SER F 175 14.91 13.18 -10.28
C SER F 175 14.37 14.50 -9.83
N GLY F 176 15.08 15.58 -10.12
CA GLY F 176 14.65 16.91 -9.73
C GLY F 176 15.17 18.01 -10.63
N ILE F 177 14.49 19.14 -10.64
CA ILE F 177 14.89 20.29 -11.46
C ILE F 177 14.48 21.57 -10.76
N TRP F 178 15.18 22.66 -11.05
CA TRP F 178 14.86 23.96 -10.46
C TRP F 178 13.54 24.49 -10.99
N HIS F 179 12.63 24.84 -10.09
CA HIS F 179 11.54 25.72 -10.48
C HIS F 179 11.64 26.97 -9.63
N GLY F 180 12.06 28.07 -10.23
CA GLY F 180 12.35 29.27 -9.48
C GLY F 180 13.29 28.94 -8.33
N ASP F 181 12.89 29.32 -7.13
CA ASP F 181 13.64 29.01 -5.91
C ASP F 181 13.21 27.67 -5.30
N SER F 182 12.36 26.93 -6.01
CA SER F 182 11.84 25.67 -5.52
C SER F 182 12.32 24.55 -6.43
N ILE F 183 12.26 23.32 -5.91
CA ILE F 183 12.67 22.14 -6.67
C ILE F 183 11.47 21.27 -6.98
N VAL F 184 11.36 20.85 -8.25
CA VAL F 184 10.34 19.90 -8.67
C VAL F 184 10.90 18.48 -8.60
N VAL F 185 10.26 17.62 -7.84
CA VAL F 185 10.82 16.31 -7.58
C VAL F 185 9.93 15.18 -8.10
N SER F 186 10.44 14.40 -9.02
CA SER F 186 9.68 13.28 -9.56
C SER F 186 10.12 11.96 -8.92
N VAL F 187 9.19 11.34 -8.20
CA VAL F 187 9.45 10.07 -7.52
C VAL F 187 8.65 8.92 -8.12
N PRO F 188 9.32 7.86 -8.57
CA PRO F 188 8.54 6.76 -9.12
C PRO F 188 7.49 6.33 -8.09
N HIS F 189 6.23 6.23 -8.53
CA HIS F 189 5.13 5.82 -7.66
C HIS F 189 5.17 4.33 -7.38
N ARG F 190 4.87 3.94 -6.14
CA ARG F 190 4.95 2.55 -5.72
C ARG F 190 3.60 1.93 -5.33
N ASP F 191 3.23 0.81 -5.94
CA ASP F 191 2.06 0.09 -5.42
C ASP F 191 2.49 -1.17 -4.70
N VAL F 192 2.77 -2.23 -5.46
CA VAL F 192 3.38 -3.41 -4.88
C VAL F 192 4.87 -3.15 -4.86
N ILE F 193 5.33 -2.60 -5.97
CA ILE F 193 6.73 -2.32 -6.23
C ILE F 193 6.74 -1.01 -7.00
N PRO F 194 7.86 -0.29 -6.98
CA PRO F 194 7.86 0.98 -7.73
C PRO F 194 7.45 0.72 -9.15
N ARG F 195 6.62 1.58 -9.74
CA ARG F 195 6.23 1.37 -11.13
C ARG F 195 7.06 2.33 -11.98
N TYR F 196 8.03 1.78 -12.67
CA TYR F 196 9.05 2.59 -13.31
C TYR F 196 8.63 2.92 -14.73
N PHE F 197 8.83 4.17 -15.12
CA PHE F 197 8.53 4.57 -16.49
C PHE F 197 7.03 4.55 -16.76
N LYS F 198 6.27 4.12 -15.74
CA LYS F 198 4.82 4.04 -15.83
C LYS F 198 4.12 5.18 -15.07
N TYR F 199 4.32 5.22 -13.75
CA TYR F 199 3.68 6.21 -12.89
C TYR F 199 4.68 6.95 -12.01
N TRP F 200 4.41 8.23 -11.78
CA TRP F 200 5.22 9.05 -10.87
C TRP F 200 4.33 9.86 -9.93
N ASP F 201 4.84 10.16 -8.75
CA ASP F 201 4.26 11.20 -7.92
C ASP F 201 5.18 12.41 -8.09
N ILE F 202 4.60 13.61 -8.12
CA ILE F 202 5.39 14.82 -8.31
C ILE F 202 5.22 15.79 -7.14
N TYR F 203 6.34 16.26 -6.56
CA TYR F 203 6.29 17.18 -5.41
C TYR F 203 6.96 18.50 -5.69
N LEU F 204 6.60 19.53 -4.92
CA LEU F 204 7.25 20.82 -5.00
C LEU F 204 7.98 21.11 -3.69
N TRP F 205 9.31 21.14 -3.75
CA TRP F 205 10.13 21.15 -2.52
C TRP F 205 10.83 22.49 -2.33
N LYS F 206 10.57 23.11 -1.18
CA LYS F 206 11.31 24.31 -0.79
C LYS F 206 11.58 24.36 0.71
N ASP F 207 12.82 24.63 1.08
CA ASP F 207 13.25 24.70 2.48
C ASP F 207 12.67 23.58 3.35
N GLY F 208 13.03 22.34 3.04
CA GLY F 208 12.66 21.21 3.89
C GLY F 208 11.20 20.81 3.88
N GLU F 209 10.36 21.57 3.19
CA GLU F 209 8.94 21.25 3.13
C GLU F 209 8.50 21.07 1.69
N GLU F 210 7.53 20.20 1.47
CA GLU F 210 7.06 19.98 0.11
C GLU F 210 5.55 19.89 0.05
N GLU F 211 5.02 20.05 -1.15
CA GLU F 211 3.61 19.81 -1.39
C GLU F 211 3.49 18.94 -2.64
N LYS F 212 2.52 18.02 -2.65
CA LYS F 212 2.35 17.10 -3.77
C LYS F 212 1.63 17.80 -4.91
N LEU F 213 2.27 17.88 -6.06
CA LEU F 213 1.65 18.48 -7.24
C LEU F 213 0.72 17.51 -7.97
N PHE F 214 1.14 16.26 -8.08
CA PHE F 214 0.41 15.23 -8.82
C PHE F 214 0.52 13.88 -8.11
N GLU F 215 -0.52 13.07 -8.23
CA GLU F 215 -0.52 11.74 -7.63
C GLU F 215 -0.65 10.68 -8.71
N LYS F 216 0.31 9.76 -8.75
CA LYS F 216 0.28 8.67 -9.71
C LYS F 216 -0.08 9.13 -11.13
N VAL F 217 0.74 9.99 -11.73
CA VAL F 217 0.50 10.37 -13.11
C VAL F 217 1.49 9.65 -14.03
N SER F 218 1.31 9.79 -15.34
CA SER F 218 2.18 9.12 -16.30
C SER F 218 3.28 10.00 -16.87
N PHE F 219 3.40 11.21 -16.35
CA PHE F 219 4.50 12.06 -16.76
C PHE F 219 5.39 12.55 -15.61
N TYR F 220 6.59 13.01 -15.95
CA TYR F 220 7.49 13.58 -14.95
C TYR F 220 8.05 14.90 -15.45
N ALA F 221 8.69 15.66 -14.56
CA ALA F 221 9.10 17.02 -14.86
C ALA F 221 10.49 17.07 -15.47
N ILE F 222 10.56 17.48 -16.73
CA ILE F 222 11.86 17.62 -17.40
C ILE F 222 12.50 19.01 -17.50
N ASP F 223 11.81 20.07 -17.09
CA ASP F 223 12.35 21.41 -17.30
C ASP F 223 11.40 22.49 -16.80
N SER F 224 11.92 23.69 -16.60
CA SER F 224 11.11 24.81 -16.16
C SER F 224 11.63 26.16 -16.62
N ASP F 225 10.73 27.08 -16.96
CA ASP F 225 11.14 28.47 -17.25
C ASP F 225 10.94 29.38 -16.04
N GLY F 226 10.51 28.78 -14.94
CA GLY F 226 10.24 29.43 -13.67
C GLY F 226 8.81 29.91 -13.48
N GLU F 227 8.11 30.21 -14.59
CA GLU F 227 6.66 30.36 -14.58
C GLU F 227 5.96 29.01 -14.69
N ARG F 228 6.46 28.18 -15.61
CA ARG F 228 5.80 26.96 -16.04
C ARG F 228 6.70 25.74 -15.97
N ILE F 229 6.11 24.59 -15.64
CA ILE F 229 6.83 23.33 -15.60
C ILE F 229 6.51 22.52 -16.85
N LEU F 230 7.52 21.90 -17.43
CA LEU F 230 7.32 21.07 -18.62
C LEU F 230 7.20 19.61 -18.23
N LEU F 231 6.11 18.96 -18.66
CA LEU F 231 5.87 17.57 -18.30
C LEU F 231 6.03 16.65 -19.50
N TYR F 232 6.72 15.53 -19.28
CA TYR F 232 7.05 14.62 -20.36
C TYR F 232 6.38 13.28 -20.12
N GLY F 233 5.41 12.97 -20.99
CA GLY F 233 4.64 11.74 -20.85
C GLY F 233 3.25 11.89 -21.43
N LYS F 234 2.35 11.07 -20.89
CA LYS F 234 0.92 11.32 -20.98
C LYS F 234 0.49 11.48 -19.52
N PRO F 235 -0.65 12.15 -19.29
CA PRO F 235 -1.20 12.16 -17.92
C PRO F 235 -1.48 10.75 -17.41
N GLU F 236 -1.92 9.87 -18.31
CA GLU F 236 -2.17 8.46 -17.97
C GLU F 236 -1.82 7.57 -19.15
N LYS F 237 -1.21 6.42 -18.88
CA LYS F 237 -0.83 5.47 -19.93
C LYS F 237 -1.32 4.06 -19.64
N LYS F 238 -1.91 3.42 -20.63
CA LYS F 238 -2.21 1.99 -20.53
C LYS F 238 -0.93 1.21 -20.79
N TYR F 239 -0.09 1.73 -21.67
CA TYR F 239 1.18 1.08 -21.99
C TYR F 239 2.37 2.06 -21.99
N VAL F 240 3.48 1.67 -21.35
CA VAL F 240 4.65 2.53 -21.37
C VAL F 240 5.11 2.75 -22.80
N SER F 241 4.66 1.87 -23.71
CA SER F 241 5.05 1.96 -25.11
C SER F 241 4.29 3.06 -25.84
N GLU F 242 3.28 3.62 -25.18
CA GLU F 242 2.58 4.77 -25.76
C GLU F 242 3.56 5.91 -25.99
N HIS F 243 3.30 6.71 -27.03
CA HIS F 243 4.12 7.88 -27.33
C HIS F 243 4.14 8.88 -26.18
N ASP F 244 5.34 9.26 -25.73
CA ASP F 244 5.48 10.31 -24.73
C ASP F 244 5.22 11.66 -25.36
N LYS F 245 4.46 12.50 -24.66
CA LYS F 245 4.15 13.83 -25.16
C LYS F 245 4.71 14.87 -24.20
N ILE F 246 4.48 16.14 -24.50
CA ILE F 246 4.89 17.22 -23.61
C ILE F 246 3.74 18.12 -23.20
N TYR F 247 3.78 18.55 -21.94
CA TYR F 247 2.71 19.37 -21.38
C TYR F 247 3.29 20.56 -20.62
N ILE F 248 2.62 21.70 -20.74
CA ILE F 248 2.99 22.88 -19.98
C ILE F 248 2.04 23.01 -18.80
N TYR F 249 2.58 23.05 -17.58
CA TYR F 249 1.75 23.16 -16.40
C TYR F 249 1.99 24.49 -15.71
N ASP F 250 1.00 25.38 -15.80
CA ASP F 250 0.97 26.61 -15.04
C ASP F 250 0.11 26.49 -13.78
N GLY F 251 -0.34 25.27 -13.49
CA GLY F 251 -1.41 25.05 -12.54
C GLY F 251 -2.64 24.56 -13.28
N GLU F 252 -2.54 24.59 -14.60
CA GLU F 252 -3.39 23.81 -15.48
C GLU F 252 -2.45 23.05 -16.42
N VAL F 253 -2.83 21.84 -16.79
CA VAL F 253 -2.03 21.03 -17.69
C VAL F 253 -2.51 21.26 -19.12
N LYS F 254 -1.70 21.93 -19.93
CA LYS F 254 -2.09 22.14 -21.32
C LYS F 254 -1.13 21.42 -22.28
N GLY F 255 -1.62 20.35 -22.91
CA GLY F 255 -0.86 19.66 -23.94
C GLY F 255 -0.77 20.44 -25.23
N ILE F 256 0.44 20.66 -25.73
CA ILE F 256 0.57 21.32 -27.03
C ILE F 256 0.70 20.34 -28.20
N LEU F 257 0.93 19.07 -27.90
CA LEU F 257 1.12 18.05 -28.94
C LEU F 257 -0.07 17.15 -29.29
N ASP F 258 -1.22 17.42 -28.69
CA ASP F 258 -2.38 16.55 -28.85
C ASP F 258 -2.69 16.18 -30.31
N ASP F 259 -2.61 17.15 -31.22
CA ASP F 259 -2.93 16.90 -32.63
C ASP F 259 -1.90 16.05 -33.37
N ILE F 260 -0.69 16.02 -32.84
CA ILE F 260 0.43 15.35 -33.50
C ILE F 260 0.72 14.00 -32.87
N ASP F 261 0.55 12.90 -33.60
CA ASP F 261 0.79 11.63 -32.95
C ASP F 261 2.17 11.14 -33.38
N ARG F 262 3.14 11.35 -32.49
CA ARG F 262 4.53 10.94 -32.63
C ARG F 262 5.12 11.01 -31.23
N GLU F 263 6.21 10.30 -30.96
CA GLU F 263 6.84 10.42 -29.65
C GLU F 263 7.84 11.58 -29.60
N VAL F 264 7.81 12.35 -28.53
CA VAL F 264 8.78 13.41 -28.31
C VAL F 264 10.13 12.82 -27.87
N ALA F 265 11.18 13.12 -28.61
CA ALA F 265 12.53 12.65 -28.27
C ALA F 265 13.16 13.45 -27.13
N GLN F 266 13.06 14.78 -27.23
CA GLN F 266 13.73 15.70 -26.31
C GLN F 266 12.94 17.02 -26.24
N ALA F 267 12.97 17.69 -25.09
CA ALA F 267 12.25 18.97 -24.94
C ALA F 267 12.86 19.94 -23.93
N LYS F 268 12.75 21.23 -24.20
CA LYS F 268 13.17 22.26 -23.25
C LYS F 268 12.28 23.49 -23.36
N ILE F 269 12.03 24.14 -22.24
CA ILE F 269 11.23 25.36 -22.23
C ILE F 269 12.07 26.55 -21.80
N ARG F 270 12.03 27.60 -22.60
CA ARG F 270 12.65 28.86 -22.23
C ARG F 270 11.76 30.03 -22.65
N ASN F 271 11.37 30.86 -21.70
CA ASN F 271 10.60 32.06 -22.01
C ASN F 271 9.25 31.77 -22.67
N GLY F 272 8.62 30.67 -22.29
CA GLY F 272 7.28 30.32 -22.75
C GLY F 272 7.26 29.62 -24.09
N LYS F 273 8.37 29.73 -24.83
CA LYS F 273 8.54 28.96 -26.05
C LYS F 273 9.04 27.58 -25.69
N VAL F 274 8.68 26.57 -26.48
CA VAL F 274 9.13 25.21 -26.19
C VAL F 274 9.79 24.56 -27.40
N TYR F 275 11.07 24.23 -27.26
CA TYR F 275 11.80 23.54 -28.32
C TYR F 275 11.80 22.05 -28.03
N PHE F 276 11.59 21.25 -29.06
CA PHE F 276 11.48 19.82 -28.87
C PHE F 276 11.79 19.10 -30.16
N THR F 277 12.08 17.82 -30.05
CA THR F 277 12.34 17.00 -31.22
C THR F 277 11.34 15.85 -31.27
N LEU F 278 11.15 15.30 -32.46
CA LEU F 278 10.23 14.19 -32.64
C LEU F 278 10.89 13.06 -33.41
N PHE F 279 10.50 11.83 -33.11
CA PHE F 279 10.86 10.74 -34.02
C PHE F 279 9.85 10.76 -35.18
N GLU F 280 10.34 10.98 -36.40
CA GLU F 280 9.49 10.79 -37.57
C GLU F 280 10.18 10.01 -38.69
N GLU F 281 9.69 8.81 -38.96
CA GLU F 281 10.09 8.06 -40.15
C GLU F 281 11.60 8.02 -40.38
N GLY F 282 12.35 7.58 -39.37
CA GLY F 282 13.78 7.43 -39.50
C GLY F 282 14.56 8.70 -39.20
N SER F 283 13.85 9.79 -38.93
CA SER F 283 14.49 11.08 -38.63
C SER F 283 14.15 11.53 -37.22
N VAL F 284 14.95 12.45 -36.70
CA VAL F 284 14.59 13.15 -35.47
C VAL F 284 14.72 14.63 -35.77
N ASN F 285 13.60 15.34 -35.73
CA ASN F 285 13.57 16.72 -36.20
C ASN F 285 13.25 17.72 -35.11
N LEU F 286 13.65 18.95 -35.34
CA LEU F 286 13.55 19.99 -34.32
C LEU F 286 12.41 20.96 -34.63
N TYR F 287 11.53 21.17 -33.64
CA TYR F 287 10.41 22.08 -33.78
C TYR F 287 10.33 23.05 -32.61
N LEU F 288 9.74 24.22 -32.89
CA LEU F 288 9.52 25.23 -31.85
C LEU F 288 8.03 25.41 -31.61
N TRP F 289 7.63 25.57 -30.36
CA TRP F 289 6.27 25.97 -30.06
C TRP F 289 6.24 27.36 -29.43
N ASP F 290 5.79 28.34 -30.22
CA ASP F 290 5.47 29.70 -29.80
C ASP F 290 3.98 29.86 -29.49
N GLY F 291 3.28 28.75 -29.45
CA GLY F 291 1.83 28.72 -29.38
C GLY F 291 1.25 28.17 -30.66
N GLU F 292 2.10 28.09 -31.67
CA GLU F 292 1.86 27.24 -32.82
C GLU F 292 3.10 26.38 -33.01
N VAL F 293 2.92 25.15 -33.48
CA VAL F 293 4.07 24.30 -33.75
C VAL F 293 4.75 24.72 -35.04
N ARG F 294 6.04 25.00 -34.97
CA ARG F 294 6.79 25.48 -36.12
C ARG F 294 8.00 24.61 -36.42
N GLU F 295 8.35 24.52 -37.69
CA GLU F 295 9.47 23.69 -38.15
C GLU F 295 10.81 24.44 -38.02
N ILE F 296 11.83 23.76 -37.51
CA ILE F 296 13.15 24.37 -37.36
C ILE F 296 14.21 23.67 -38.21
N ALA F 297 14.51 22.42 -37.87
CA ALA F 297 15.39 21.62 -38.71
C ALA F 297 14.77 20.25 -38.92
N LYS F 298 14.43 19.97 -40.18
CA LYS F 298 13.79 18.72 -40.57
C LYS F 298 14.41 18.26 -41.87
N GLY F 299 14.76 16.99 -41.94
CA GLY F 299 15.41 16.44 -43.11
C GLY F 299 15.91 15.04 -42.81
N LYS F 300 16.83 14.51 -43.62
CA LYS F 300 17.29 13.18 -43.30
C LYS F 300 18.49 13.42 -42.42
N HIS F 301 18.28 13.14 -41.14
CA HIS F 301 19.25 13.44 -40.10
C HIS F 301 18.61 13.15 -38.73
N TRP F 302 19.44 13.19 -37.69
CA TRP F 302 18.98 13.15 -36.32
C TRP F 302 19.49 14.36 -35.57
N ILE F 303 18.62 15.01 -34.80
CA ILE F 303 19.10 16.08 -33.93
C ILE F 303 19.38 15.47 -32.57
N MET F 304 20.66 15.37 -32.20
CA MET F 304 21.06 14.66 -31.00
C MET F 304 20.84 15.46 -29.71
N GLY F 305 20.78 16.78 -29.85
CA GLY F 305 20.67 17.64 -28.69
C GLY F 305 20.66 19.09 -29.11
N PHE F 306 20.17 19.94 -28.21
CA PHE F 306 19.99 21.35 -28.52
C PHE F 306 19.87 22.17 -27.23
N ASP F 307 20.06 23.47 -27.34
CA ASP F 307 19.84 24.39 -26.22
C ASP F 307 19.46 25.73 -26.82
N ALA F 308 18.67 26.53 -26.10
CA ALA F 308 18.30 27.87 -26.57
C ALA F 308 18.32 28.89 -25.44
N ASP F 309 19.02 30.00 -25.63
CA ASP F 309 18.80 31.12 -24.72
C ASP F 309 18.41 32.41 -25.45
N GLU F 310 19.41 33.11 -26.01
CA GLU F 310 19.15 34.18 -26.95
C GLU F 310 19.27 33.60 -28.36
N ARG F 311 19.81 32.38 -28.41
CA ARG F 311 20.16 31.76 -29.69
C ARG F 311 19.78 30.28 -29.63
N LEU F 312 19.60 29.69 -30.82
CA LEU F 312 19.22 28.29 -30.92
C LEU F 312 20.34 27.48 -31.56
N ILE F 313 20.86 26.52 -30.82
CA ILE F 313 21.90 25.67 -31.37
C ILE F 313 21.52 24.20 -31.22
N TYR F 314 22.02 23.37 -32.12
CA TYR F 314 21.76 21.95 -32.02
C TYR F 314 22.85 21.17 -32.69
N LEU F 315 22.93 19.91 -32.32
CA LEU F 315 23.83 18.97 -32.95
C LEU F 315 23.04 18.23 -34.00
N LYS F 316 23.57 18.18 -35.22
CA LYS F 316 22.93 17.43 -36.30
C LYS F 316 23.82 16.31 -36.76
N GLU F 317 23.32 15.09 -36.67
CA GLU F 317 24.03 13.90 -37.15
C GLU F 317 23.32 13.37 -38.39
N THR F 318 24.07 12.77 -39.31
CA THR F 318 23.49 12.20 -40.52
C THR F 318 23.90 10.72 -40.69
N ALA F 319 23.44 10.10 -41.75
CA ALA F 319 23.76 8.70 -41.96
C ALA F 319 25.24 8.53 -42.28
N THR F 320 25.80 9.48 -43.04
CA THR F 320 27.21 9.44 -43.37
C THR F 320 28.17 10.31 -42.55
N ARG F 321 27.67 11.11 -41.62
CA ARG F 321 28.56 11.98 -40.85
CA ARG F 321 28.56 11.97 -40.84
C ARG F 321 28.16 12.07 -39.37
N PRO F 322 29.16 12.05 -38.47
CA PRO F 322 28.89 12.23 -37.03
C PRO F 322 28.52 13.67 -36.73
N ALA F 323 27.89 13.88 -35.58
CA ALA F 323 27.26 15.17 -35.29
C ALA F 323 28.20 16.35 -35.46
N GLU F 324 27.66 17.43 -36.01
CA GLU F 324 28.34 18.73 -35.95
C GLU F 324 27.36 19.76 -35.42
N LEU F 325 27.89 20.88 -34.94
CA LEU F 325 27.07 21.88 -34.28
C LEU F 325 26.53 22.90 -35.28
N TYR F 326 25.24 23.21 -35.14
CA TYR F 326 24.57 24.15 -36.03
C TYR F 326 23.87 25.25 -35.25
N LEU F 327 23.76 26.41 -35.88
CA LEU F 327 23.03 27.54 -35.31
C LEU F 327 21.85 27.93 -36.20
N TRP F 328 20.69 28.22 -35.61
CA TRP F 328 19.54 28.66 -36.39
C TRP F 328 19.16 30.10 -36.05
N ASP F 329 19.39 31.01 -36.99
CA ASP F 329 18.97 32.41 -36.89
C ASP F 329 17.63 32.68 -37.58
N GLY F 330 16.99 31.61 -38.05
CA GLY F 330 15.89 31.70 -39.00
C GLY F 330 16.33 31.13 -40.33
N GLU F 331 17.64 30.95 -40.44
CA GLU F 331 18.22 30.13 -41.48
C GLU F 331 19.17 29.21 -40.72
N GLU F 332 19.39 28.00 -41.20
CA GLU F 332 20.36 27.14 -40.58
C GLU F 332 21.77 27.44 -41.08
N ARG F 333 22.70 27.65 -40.15
CA ARG F 333 24.11 27.83 -40.47
C ARG F 333 24.95 26.80 -39.71
N GLN F 334 25.91 26.19 -40.39
CA GLN F 334 26.75 25.18 -39.76
C GLN F 334 27.94 25.83 -39.06
N LEU F 335 28.03 25.67 -37.75
CA LEU F 335 29.08 26.31 -36.96
C LEU F 335 30.42 25.58 -36.99
N THR F 336 30.39 24.24 -36.89
CA THR F 336 31.62 23.48 -36.81
C THR F 336 31.71 22.43 -37.93
N ASP F 337 32.88 22.26 -38.53
CA ASP F 337 33.13 21.03 -39.26
C ASP F 337 34.38 20.38 -38.67
N TYR F 338 34.20 19.38 -37.81
CA TYR F 338 35.33 18.75 -37.14
C TYR F 338 35.95 17.65 -37.99
N ASN F 339 35.06 16.90 -38.61
CA ASN F 339 35.44 15.74 -39.39
C ASN F 339 35.60 16.01 -40.89
N GLY F 340 35.46 17.28 -41.28
CA GLY F 340 35.57 17.67 -42.67
C GLY F 340 36.79 17.14 -43.39
N LEU F 341 37.98 17.29 -42.81
CA LEU F 341 39.20 16.82 -43.47
C LEU F 341 39.31 15.31 -43.54
N ILE F 342 38.98 14.62 -42.45
CA ILE F 342 38.96 13.17 -42.47
C ILE F 342 38.04 12.60 -43.57
N PHE F 343 36.81 13.12 -43.68
CA PHE F 343 35.83 12.61 -44.64
C PHE F 343 36.04 13.15 -46.06
N LYS F 344 37.03 14.02 -46.22
CA LYS F 344 37.44 14.44 -47.54
C LYS F 344 38.14 13.26 -48.17
N LYS F 345 38.95 12.59 -47.35
CA LYS F 345 39.69 11.42 -47.79
C LYS F 345 39.02 10.08 -47.45
N LEU F 346 37.81 10.14 -46.87
CA LEU F 346 37.13 8.91 -46.46
C LEU F 346 35.78 8.71 -47.16
N LYS F 347 35.65 7.61 -47.90
CA LYS F 347 34.43 7.39 -48.68
C LYS F 347 33.25 6.99 -47.81
N THR F 348 32.10 7.66 -48.01
CA THR F 348 30.89 7.35 -47.28
C THR F 348 29.78 6.85 -48.23
N PHE F 349 28.93 5.97 -47.73
CA PHE F 349 27.87 5.37 -48.53
C PHE F 349 26.49 5.81 -48.03
N GLU F 350 25.78 6.60 -48.83
CA GLU F 350 24.44 7.06 -48.43
C GLU F 350 23.38 5.99 -48.68
N PRO F 351 22.53 5.74 -47.67
CA PRO F 351 21.48 4.73 -47.83
C PRO F 351 20.36 5.23 -48.76
N ARG F 352 19.81 4.35 -49.60
CA ARG F 352 18.65 4.70 -50.42
C ARG F 352 17.36 4.24 -49.76
N HIS F 353 16.40 5.15 -49.64
CA HIS F 353 15.14 4.81 -48.96
C HIS F 353 14.12 4.23 -49.93
N PHE F 354 13.45 3.16 -49.53
CA PHE F 354 12.41 2.55 -50.35
C PHE F 354 11.20 2.22 -49.50
N ARG F 355 10.05 2.08 -50.16
CA ARG F 355 8.81 1.68 -49.51
C ARG F 355 8.53 0.24 -49.90
N PHE F 356 7.88 -0.50 -49.01
CA PHE F 356 7.49 -1.86 -49.34
C PHE F 356 6.22 -2.25 -48.59
N LYS F 357 5.44 -3.15 -49.17
CA LYS F 357 4.20 -3.59 -48.56
C LYS F 357 4.41 -4.83 -47.69
N SER F 358 3.91 -4.79 -46.47
CA SER F 358 3.96 -5.94 -45.59
C SER F 358 2.61 -6.16 -44.94
N ILE F 359 1.97 -7.28 -45.27
CA ILE F 359 0.64 -7.57 -44.77
C ILE F 359 -0.28 -6.38 -45.02
N ASP F 360 -0.78 -5.79 -43.94
CA ASP F 360 -1.74 -4.68 -44.03
C ASP F 360 -1.10 -3.28 -44.07
N LEU F 361 0.21 -3.19 -43.86
CA LEU F 361 0.89 -1.90 -43.77
C LEU F 361 1.94 -1.65 -44.84
N GLU F 362 2.23 -0.38 -45.11
CA GLU F 362 3.34 0.04 -45.97
C GLU F 362 4.47 0.55 -45.07
N LEU F 363 5.70 0.06 -45.28
CA LEU F 363 6.80 0.36 -44.35
C LEU F 363 7.99 1.08 -44.97
N ASP F 364 8.78 1.73 -44.12
CA ASP F 364 10.04 2.34 -44.53
C ASP F 364 11.17 1.32 -44.55
N GLY F 365 12.09 1.50 -45.49
CA GLY F 365 13.23 0.60 -45.62
C GLY F 365 14.41 1.35 -46.21
N TRP F 366 15.61 0.84 -45.98
CA TRP F 366 16.82 1.46 -46.49
C TRP F 366 17.83 0.39 -46.86
N TYR F 367 18.59 0.63 -47.93
CA TYR F 367 19.76 -0.19 -48.22
C TYR F 367 20.96 0.64 -48.68
N ILE F 368 22.15 0.11 -48.44
CA ILE F 368 23.37 0.72 -48.94
C ILE F 368 23.99 -0.17 -50.01
N LYS F 369 24.35 0.43 -51.15
CA LYS F 369 24.94 -0.32 -52.24
C LYS F 369 26.45 -0.19 -52.26
N PRO F 370 27.15 -1.30 -52.04
CA PRO F 370 28.62 -1.30 -52.07
C PRO F 370 29.07 -1.02 -53.49
N GLU F 371 30.37 -0.94 -53.72
CA GLU F 371 30.88 -0.82 -55.07
C GLU F 371 31.15 -2.22 -55.59
N ILE F 372 30.43 -2.63 -56.62
CA ILE F 372 30.69 -3.91 -57.26
C ILE F 372 30.74 -3.78 -58.79
N LYS F 373 31.04 -4.90 -59.45
CA LYS F 373 31.14 -4.91 -60.90
C LYS F 373 29.75 -5.09 -61.51
N GLU F 374 29.53 -4.50 -62.68
CA GLU F 374 28.25 -4.68 -63.36
C GLU F 374 28.00 -6.16 -63.63
N GLY F 375 29.07 -6.96 -63.63
CA GLY F 375 28.98 -8.38 -63.87
C GLY F 375 29.13 -9.28 -62.65
N GLU F 376 28.93 -8.74 -61.45
CA GLU F 376 29.11 -9.53 -60.24
C GLU F 376 28.05 -9.28 -59.18
N LYS F 377 28.00 -10.15 -58.18
CA LYS F 377 27.01 -10.06 -57.10
C LYS F 377 27.69 -9.80 -55.76
N ALA F 378 26.96 -9.18 -54.83
CA ALA F 378 27.50 -8.86 -53.52
C ALA F 378 26.68 -9.51 -52.41
N PRO F 379 27.36 -9.88 -51.31
CA PRO F 379 26.70 -10.46 -50.14
C PRO F 379 25.89 -9.39 -49.43
N VAL F 380 24.94 -9.80 -48.59
CA VAL F 380 24.04 -8.87 -47.93
C VAL F 380 24.00 -9.07 -46.43
N ILE F 381 24.05 -7.96 -45.69
CA ILE F 381 23.88 -7.99 -44.26
C ILE F 381 22.61 -7.26 -43.90
N VAL F 382 21.76 -7.92 -43.11
CA VAL F 382 20.51 -7.34 -42.67
C VAL F 382 20.62 -6.94 -41.21
N PHE F 383 20.62 -5.65 -40.93
CA PHE F 383 20.65 -5.16 -39.56
C PHE F 383 19.24 -5.02 -38.98
N VAL F 384 19.08 -5.36 -37.71
CA VAL F 384 17.80 -5.25 -37.03
C VAL F 384 17.98 -4.44 -35.76
N HIS F 385 17.34 -3.27 -35.72
CA HIS F 385 17.49 -2.38 -34.56
C HIS F 385 16.90 -2.93 -33.26
N GLY F 386 17.41 -2.44 -32.15
CA GLY F 386 16.90 -2.78 -30.84
C GLY F 386 15.49 -2.21 -30.69
N GLY F 387 14.86 -2.45 -29.56
CA GLY F 387 13.43 -2.20 -29.55
C GLY F 387 12.63 -2.76 -28.41
N PRO F 388 11.36 -3.04 -28.68
CA PRO F 388 10.94 -2.96 -30.09
C PRO F 388 10.89 -1.53 -30.61
N LYS F 389 10.84 -0.57 -29.70
CA LYS F 389 10.50 0.81 -30.06
C LYS F 389 11.70 1.65 -30.51
N GLY F 390 12.85 1.01 -30.69
CA GLY F 390 13.95 1.64 -31.41
C GLY F 390 13.57 2.04 -32.82
N MET F 391 14.40 2.86 -33.47
CA MET F 391 14.16 3.29 -34.84
C MET F 391 15.44 3.38 -35.67
N TYR F 392 15.46 2.81 -36.87
CA TYR F 392 16.58 3.04 -37.79
C TYR F 392 16.25 4.23 -38.67
N GLY F 393 17.20 4.62 -39.52
CA GLY F 393 17.12 5.97 -40.04
C GLY F 393 18.41 6.62 -40.49
N TYR F 394 18.39 7.93 -40.36
CA TYR F 394 19.44 8.83 -40.80
C TYR F 394 20.55 9.16 -39.79
N TYR F 395 20.60 8.47 -38.65
CA TYR F 395 21.80 8.61 -37.80
C TYR F 395 23.05 7.86 -38.30
N PHE F 396 24.16 8.01 -37.59
CA PHE F 396 25.44 7.47 -38.06
C PHE F 396 25.71 6.09 -37.48
N LYS F 397 25.68 5.07 -38.32
CA LYS F 397 25.87 3.71 -37.83
C LYS F 397 27.18 3.14 -38.36
N TYR F 398 28.16 3.00 -37.47
CA TYR F 398 29.53 2.67 -37.87
C TYR F 398 29.62 1.38 -38.69
N GLU F 399 29.15 0.28 -38.11
CA GLU F 399 29.26 -1.03 -38.77
C GLU F 399 28.79 -0.94 -40.23
N MET F 400 27.72 -0.19 -40.44
CA MET F 400 27.14 -0.08 -41.78
C MET F 400 28.08 0.54 -42.81
N GLN F 401 28.74 1.64 -42.49
CA GLN F 401 29.69 2.21 -43.44
C GLN F 401 30.87 1.26 -43.56
N LEU F 402 31.26 0.66 -42.44
CA LEU F 402 32.37 -0.28 -42.44
C LEU F 402 32.15 -1.41 -43.43
N MET F 403 31.04 -2.13 -43.27
CA MET F 403 30.77 -3.29 -44.11
C MET F 403 30.47 -2.92 -45.57
N ALA F 404 29.87 -1.76 -45.78
CA ALA F 404 29.66 -1.27 -47.14
C ALA F 404 30.99 -1.10 -47.87
N SER F 405 31.96 -0.48 -47.20
CA SER F 405 33.30 -0.27 -47.75
C SER F 405 33.95 -1.60 -48.07
N LYS F 406 33.53 -2.65 -47.37
CA LYS F 406 34.09 -3.99 -47.56
C LYS F 406 33.27 -4.86 -48.55
N GLY F 407 32.27 -4.27 -49.18
CA GLY F 407 31.64 -4.91 -50.33
C GLY F 407 30.32 -5.60 -50.07
N TYR F 408 29.71 -5.31 -48.93
CA TYR F 408 28.42 -5.89 -48.58
C TYR F 408 27.28 -4.91 -48.86
N TYR F 409 26.14 -5.44 -49.27
CA TYR F 409 24.90 -4.70 -49.30
C TYR F 409 24.43 -4.53 -47.87
N ILE F 410 23.94 -3.35 -47.53
CA ILE F 410 23.42 -3.11 -46.18
C ILE F 410 21.94 -2.85 -46.26
N VAL F 411 21.15 -3.65 -45.56
CA VAL F 411 19.70 -3.50 -45.64
C VAL F 411 19.06 -3.49 -44.26
N TYR F 412 18.20 -2.50 -44.01
CA TYR F 412 17.51 -2.37 -42.72
C TYR F 412 16.14 -1.71 -42.83
N VAL F 413 15.25 -2.04 -41.89
CA VAL F 413 13.87 -1.55 -41.92
C VAL F 413 13.31 -1.19 -40.53
N ASN F 414 12.13 -0.56 -40.54
CA ASN F 414 11.43 -0.17 -39.33
C ASN F 414 10.12 -0.94 -39.24
N PRO F 415 10.19 -2.16 -38.70
CA PRO F 415 9.04 -3.05 -38.56
C PRO F 415 8.05 -2.52 -37.53
N ARG F 416 6.79 -2.93 -37.63
CA ARG F 416 5.77 -2.47 -36.71
C ARG F 416 6.31 -2.71 -35.30
N GLY F 417 6.02 -1.79 -34.40
CA GLY F 417 6.66 -1.76 -33.09
C GLY F 417 7.75 -0.70 -33.01
N SER F 418 8.26 -0.27 -34.17
CA SER F 418 9.31 0.73 -34.20
C SER F 418 8.80 2.11 -33.80
N ASN F 419 9.70 2.99 -33.39
CA ASN F 419 9.34 4.38 -33.14
C ASN F 419 9.29 5.14 -34.46
N GLY F 420 8.88 6.41 -34.41
CA GLY F 420 8.85 7.25 -35.60
C GLY F 420 7.60 7.18 -36.47
N TYR F 421 6.51 6.64 -35.93
CA TYR F 421 5.27 6.46 -36.69
C TYR F 421 4.09 6.62 -35.75
N SER F 422 2.91 6.24 -36.21
CA SER F 422 1.72 6.35 -35.36
C SER F 422 1.91 5.54 -34.07
N GLU F 423 1.29 6.01 -32.99
CA GLU F 423 1.28 5.26 -31.75
C GLU F 423 0.82 3.83 -31.99
N ASP F 424 -0.24 3.64 -32.76
CA ASP F 424 -0.75 2.29 -33.01
C ASP F 424 0.30 1.42 -33.67
N PHE F 425 0.97 1.96 -34.68
CA PHE F 425 2.01 1.24 -35.39
C PHE F 425 3.01 0.66 -34.41
N ALA F 426 3.25 1.39 -33.31
CA ALA F 426 4.14 0.93 -32.26
C ALA F 426 3.51 -0.14 -31.37
N LEU F 427 2.26 0.06 -30.96
CA LEU F 427 1.65 -0.87 -30.01
C LEU F 427 1.36 -2.23 -30.65
N ARG F 428 1.32 -2.27 -31.97
CA ARG F 428 0.98 -3.51 -32.68
C ARG F 428 1.88 -4.67 -32.30
N VAL F 429 3.13 -4.36 -32.00
CA VAL F 429 4.11 -5.40 -31.71
C VAL F 429 3.79 -6.15 -30.41
N LEU F 430 2.94 -5.57 -29.58
CA LEU F 430 2.74 -6.09 -28.21
C LEU F 430 2.22 -7.52 -28.17
N GLU F 431 2.99 -8.35 -27.48
CA GLU F 431 2.77 -9.79 -27.37
C GLU F 431 2.74 -10.36 -28.78
N ARG F 432 3.23 -9.57 -29.73
CA ARG F 432 3.44 -10.02 -31.10
C ARG F 432 4.88 -10.33 -31.49
N THR F 433 5.81 -10.19 -30.56
CA THR F 433 7.23 -10.27 -30.87
C THR F 433 7.58 -11.55 -31.64
N GLY F 434 8.27 -11.36 -32.78
CA GLY F 434 8.65 -12.48 -33.61
C GLY F 434 7.59 -12.96 -34.61
N LEU F 435 6.41 -12.34 -34.60
CA LEU F 435 5.39 -12.76 -35.53
C LEU F 435 5.27 -11.81 -36.72
N GLU F 436 4.62 -10.66 -36.52
CA GLU F 436 4.40 -9.72 -37.61
C GLU F 436 5.63 -8.88 -37.90
N ASP F 437 6.31 -8.44 -36.85
CA ASP F 437 7.51 -7.64 -37.08
C ASP F 437 8.62 -8.45 -37.77
N PHE F 438 8.61 -9.77 -37.58
CA PHE F 438 9.54 -10.60 -38.32
C PHE F 438 9.16 -10.75 -39.80
N GLN F 439 7.86 -10.84 -40.07
CA GLN F 439 7.42 -10.88 -41.45
C GLN F 439 7.73 -9.55 -42.11
N ASP F 440 7.67 -8.48 -41.33
CA ASP F 440 7.93 -7.15 -41.87
C ASP F 440 9.32 -7.10 -42.48
N ILE F 441 10.29 -7.65 -41.76
CA ILE F 441 11.69 -7.67 -42.19
C ILE F 441 11.90 -8.62 -43.38
N LEU F 442 11.36 -9.83 -43.31
CA LEU F 442 11.41 -10.73 -44.46
C LEU F 442 10.81 -10.07 -45.72
N ASN F 443 9.68 -9.39 -45.58
CA ASN F 443 9.12 -8.71 -46.74
C ASN F 443 9.99 -7.54 -47.19
N GLY F 444 10.59 -6.83 -46.25
CA GLY F 444 11.52 -5.75 -46.56
C GLY F 444 12.74 -6.25 -47.34
N ILE F 445 13.24 -7.40 -46.94
CA ILE F 445 14.36 -8.05 -47.63
C ILE F 445 13.96 -8.37 -49.06
N GLU F 446 12.77 -8.94 -49.21
CA GLU F 446 12.31 -9.45 -50.50
C GLU F 446 12.10 -8.33 -51.50
N GLU F 447 11.59 -7.20 -51.03
CA GLU F 447 11.39 -6.04 -51.88
C GLU F 447 12.76 -5.47 -52.23
N PHE F 448 13.66 -5.49 -51.26
CA PHE F 448 15.02 -5.05 -51.51
C PHE F 448 15.67 -5.89 -52.63
N LEU F 449 15.64 -7.22 -52.51
CA LEU F 449 16.24 -8.07 -53.54
C LEU F 449 15.69 -7.75 -54.93
N ARG F 450 14.40 -7.45 -54.98
CA ARG F 450 13.75 -7.10 -56.23
C ARG F 450 14.23 -5.76 -56.75
N LEU F 451 14.55 -4.84 -55.83
CA LEU F 451 15.08 -3.54 -56.23
C LEU F 451 16.54 -3.65 -56.68
N GLU F 452 17.23 -4.67 -56.17
CA GLU F 452 18.66 -4.81 -56.41
C GLU F 452 19.05 -6.21 -56.85
N PRO F 453 18.92 -6.48 -58.16
CA PRO F 453 19.33 -7.76 -58.73
C PRO F 453 20.77 -8.13 -58.36
N GLN F 454 21.67 -7.15 -58.23
CA GLN F 454 23.08 -7.44 -57.96
C GLN F 454 23.36 -7.97 -56.54
N ALA F 455 22.40 -7.84 -55.63
CA ALA F 455 22.53 -8.48 -54.34
C ALA F 455 22.39 -9.99 -54.51
N ASP F 456 23.35 -10.74 -53.98
CA ASP F 456 23.32 -12.17 -54.10
C ASP F 456 22.38 -12.73 -53.04
N ARG F 457 21.31 -13.39 -53.49
CA ARG F 457 20.28 -13.89 -52.59
C ARG F 457 20.76 -15.11 -51.82
N GLU F 458 21.80 -15.74 -52.35
CA GLU F 458 22.35 -16.93 -51.72
C GLU F 458 23.25 -16.61 -50.52
N ARG F 459 23.85 -15.42 -50.48
CA ARG F 459 24.50 -15.04 -49.26
C ARG F 459 23.82 -13.85 -48.61
N ILE F 460 23.06 -14.11 -47.55
CA ILE F 460 22.41 -13.06 -46.79
C ILE F 460 22.60 -13.40 -45.33
N GLY F 461 23.28 -12.51 -44.62
CA GLY F 461 23.43 -12.65 -43.19
C GLY F 461 22.50 -11.69 -42.46
N ILE F 462 22.39 -11.90 -41.15
CA ILE F 462 21.56 -11.05 -40.31
C ILE F 462 22.27 -10.82 -38.99
N THR F 463 22.20 -9.59 -38.48
CA THR F 463 22.85 -9.28 -37.21
C THR F 463 22.08 -8.19 -36.46
N GLY F 464 22.16 -8.22 -35.13
CA GLY F 464 21.45 -7.25 -34.32
C GLY F 464 21.88 -7.27 -32.88
N ILE F 465 21.66 -6.15 -32.19
CA ILE F 465 21.97 -6.02 -30.77
C ILE F 465 20.66 -5.89 -29.99
N ALA F 466 20.64 -6.42 -28.78
CA ALA F 466 19.44 -6.33 -27.95
C ALA F 466 18.24 -7.02 -28.61
N TYR F 467 17.14 -6.29 -28.80
CA TYR F 467 15.99 -6.86 -29.48
C TYR F 467 16.42 -7.39 -30.84
N GLY F 468 17.24 -6.60 -31.54
CA GLY F 468 17.82 -7.03 -32.80
C GLY F 468 18.54 -8.36 -32.65
N GLY F 469 19.19 -8.56 -31.51
CA GLY F 469 19.90 -9.81 -31.26
C GLY F 469 18.95 -10.97 -31.08
N TYR F 470 17.82 -10.70 -30.44
CA TYR F 470 16.76 -11.68 -30.30
C TYR F 470 16.21 -12.02 -31.67
N MET F 471 16.00 -10.98 -32.49
CA MET F 471 15.47 -11.16 -33.83
C MET F 471 16.42 -12.00 -34.69
N THR F 472 17.72 -11.88 -34.41
CA THR F 472 18.74 -12.66 -35.09
C THR F 472 18.65 -14.14 -34.72
N ASN F 473 18.46 -14.42 -33.43
CA ASN F 473 18.25 -15.79 -32.99
C ASN F 473 16.96 -16.35 -33.57
N TRP F 474 15.91 -15.55 -33.53
CA TRP F 474 14.60 -15.94 -34.06
C TRP F 474 14.75 -16.26 -35.53
N ALA F 475 15.31 -15.34 -36.29
CA ALA F 475 15.51 -15.52 -37.72
C ALA F 475 16.20 -16.83 -38.06
N LEU F 476 17.20 -17.23 -37.26
CA LEU F 476 17.91 -18.47 -37.54
C LEU F 476 17.10 -19.72 -37.17
N THR F 477 16.22 -19.60 -36.19
CA THR F 477 15.34 -20.73 -35.86
C THR F 477 14.12 -20.84 -36.79
N GLN F 478 13.59 -19.70 -37.24
CA GLN F 478 12.37 -19.67 -38.03
C GLN F 478 12.52 -19.60 -39.56
N SER F 479 13.74 -19.51 -40.07
CA SER F 479 13.92 -19.29 -41.52
C SER F 479 15.14 -19.98 -42.12
N ASP F 480 15.06 -20.32 -43.40
CA ASP F 480 16.16 -20.97 -44.11
C ASP F 480 17.02 -20.00 -44.94
N LEU F 481 16.62 -18.73 -44.96
CA LEU F 481 17.22 -17.76 -45.90
C LEU F 481 18.64 -17.33 -45.52
N PHE F 482 18.96 -17.38 -44.23
CA PHE F 482 20.19 -16.77 -43.74
C PHE F 482 21.35 -17.75 -43.69
N LYS F 483 22.44 -17.40 -44.35
CA LYS F 483 23.66 -18.20 -44.36
C LYS F 483 24.55 -17.95 -43.13
N ALA F 484 24.37 -16.81 -42.47
CA ALA F 484 25.14 -16.52 -41.26
C ALA F 484 24.46 -15.48 -40.38
N GLY F 485 24.83 -15.46 -39.10
CA GLY F 485 24.33 -14.43 -38.21
C GLY F 485 25.20 -14.07 -37.04
N ILE F 486 25.02 -12.85 -36.55
CA ILE F 486 25.71 -12.37 -35.36
C ILE F 486 24.70 -11.76 -34.40
N SER F 487 24.57 -12.38 -33.23
CA SER F 487 23.57 -12.01 -32.23
C SER F 487 24.24 -11.45 -30.99
N GLU F 488 23.85 -10.23 -30.61
CA GLU F 488 24.56 -9.51 -29.57
C GLU F 488 23.63 -9.09 -28.45
N ASN F 489 23.99 -9.44 -27.21
CA ASN F 489 23.26 -8.98 -26.06
C ASN F 489 21.77 -9.14 -26.30
N GLY F 490 21.41 -10.31 -26.82
CA GLY F 490 20.05 -10.54 -27.28
C GLY F 490 19.16 -11.20 -26.25
N ILE F 491 18.10 -11.85 -26.74
CA ILE F 491 17.22 -12.65 -25.90
C ILE F 491 16.93 -13.99 -26.60
N SER F 492 17.39 -15.09 -26.00
CA SER F 492 16.89 -16.43 -26.35
C SER F 492 15.66 -16.95 -25.58
N TYR F 493 15.43 -16.42 -24.38
CA TYR F 493 14.33 -16.88 -23.54
C TYR F 493 13.64 -15.72 -22.80
N TRP F 494 12.34 -15.54 -23.02
CA TRP F 494 11.69 -14.39 -22.42
C TRP F 494 11.48 -14.50 -20.92
N LEU F 495 11.32 -15.72 -20.42
CA LEU F 495 11.01 -15.89 -19.01
C LEU F 495 12.09 -15.34 -18.09
N THR F 496 13.34 -15.75 -18.33
CA THR F 496 14.45 -15.26 -17.52
C THR F 496 14.63 -13.76 -17.68
N SER F 497 14.41 -13.24 -18.89
CA SER F 497 14.40 -11.80 -19.10
C SER F 497 13.49 -11.11 -18.11
N TYR F 498 12.30 -11.69 -17.90
CA TYR F 498 11.33 -11.14 -16.97
C TYR F 498 11.85 -11.16 -15.53
N ALA F 499 12.36 -12.29 -15.10
CA ALA F 499 12.83 -12.45 -13.73
C ALA F 499 14.22 -11.84 -13.45
N PHE F 500 15.12 -11.94 -14.43
CA PHE F 500 16.54 -11.58 -14.29
C PHE F 500 16.84 -10.11 -14.63
N SER F 501 16.52 -9.70 -15.85
CA SER F 501 16.94 -8.41 -16.37
C SER F 501 16.43 -7.25 -15.52
N ASP F 502 17.12 -6.12 -15.63
CA ASP F 502 16.80 -4.95 -14.84
C ASP F 502 15.35 -4.49 -15.00
N ILE F 503 14.89 -4.39 -16.25
CA ILE F 503 13.55 -3.86 -16.48
C ILE F 503 12.50 -4.96 -16.69
N GLY F 504 12.95 -6.21 -16.63
CA GLY F 504 12.10 -7.35 -16.93
C GLY F 504 10.73 -7.40 -16.24
N LEU F 505 10.64 -6.98 -14.99
CA LEU F 505 9.43 -7.17 -14.20
C LEU F 505 8.21 -6.39 -14.70
N TRP F 506 8.45 -5.28 -15.39
CA TRP F 506 7.37 -4.48 -15.96
C TRP F 506 7.35 -4.65 -17.48
N PHE F 507 8.45 -4.28 -18.12
CA PHE F 507 8.55 -4.34 -19.58
C PHE F 507 8.05 -5.66 -20.19
N ASP F 508 8.46 -6.81 -19.66
CA ASP F 508 8.04 -8.10 -20.21
C ASP F 508 6.54 -8.39 -20.12
N LYS F 509 5.92 -8.03 -19.00
CA LYS F 509 4.49 -8.22 -18.84
C LYS F 509 3.75 -7.49 -19.96
N GLU F 510 4.26 -6.32 -20.31
CA GLU F 510 3.65 -5.54 -21.37
C GLU F 510 3.98 -6.08 -22.75
N VAL F 511 5.27 -6.30 -23.02
CA VAL F 511 5.70 -6.70 -24.36
C VAL F 511 5.50 -8.18 -24.68
N ILE F 512 5.77 -9.04 -23.70
CA ILE F 512 5.50 -10.46 -23.87
C ILE F 512 4.12 -10.97 -23.35
N GLY F 513 3.41 -10.14 -22.58
CA GLY F 513 2.14 -10.53 -21.96
C GLY F 513 2.20 -10.74 -20.45
N ASP F 514 1.03 -10.86 -19.82
CA ASP F 514 0.98 -11.00 -18.36
C ASP F 514 1.08 -12.44 -17.87
N ASN F 515 1.12 -12.60 -16.54
CA ASN F 515 1.27 -13.91 -15.90
C ASN F 515 2.41 -14.76 -16.46
N PRO F 516 3.63 -14.22 -16.42
CA PRO F 516 4.80 -14.89 -16.98
C PRO F 516 5.01 -16.33 -16.50
N LEU F 517 4.72 -16.62 -15.23
CA LEU F 517 4.96 -17.94 -14.68
C LEU F 517 4.10 -18.97 -15.39
N GLU F 518 2.92 -18.51 -15.79
CA GLU F 518 1.89 -19.31 -16.45
C GLU F 518 1.98 -19.16 -17.97
N ASN F 519 1.83 -17.92 -18.45
CA ASN F 519 1.58 -17.62 -19.86
C ASN F 519 2.56 -18.32 -20.80
N GLU F 520 2.01 -19.04 -21.77
CA GLU F 520 2.79 -19.96 -22.61
C GLU F 520 3.51 -19.23 -23.73
N ASN F 521 3.16 -17.97 -23.91
CA ASN F 521 3.82 -17.10 -24.87
C ASN F 521 5.31 -17.01 -24.61
N TYR F 522 5.70 -17.04 -23.34
CA TYR F 522 7.09 -16.81 -22.97
C TYR F 522 8.02 -17.87 -23.55
N ARG F 523 7.60 -19.13 -23.55
CA ARG F 523 8.39 -20.17 -24.18
C ARG F 523 8.09 -20.29 -25.70
N LYS F 524 6.98 -19.73 -26.15
CA LYS F 524 6.55 -19.85 -27.54
C LYS F 524 7.31 -18.91 -28.46
N LEU F 525 7.58 -17.71 -27.98
CA LEU F 525 8.26 -16.70 -28.76
C LEU F 525 9.78 -16.66 -28.53
N SER F 526 10.30 -17.62 -27.76
CA SER F 526 11.72 -17.63 -27.43
C SER F 526 12.57 -18.60 -28.26
N PRO F 527 13.54 -18.06 -29.02
CA PRO F 527 14.37 -18.83 -29.94
C PRO F 527 15.00 -20.07 -29.30
N LEU F 528 15.22 -20.02 -27.99
CA LEU F 528 15.91 -21.08 -27.27
C LEU F 528 15.26 -22.45 -27.48
N PHE F 529 13.93 -22.47 -27.59
CA PHE F 529 13.20 -23.74 -27.73
C PHE F 529 13.14 -24.24 -29.17
N TYR F 530 13.48 -23.36 -30.11
CA TYR F 530 13.54 -23.71 -31.52
C TYR F 530 14.95 -24.10 -31.96
N ALA F 531 15.86 -24.19 -30.99
CA ALA F 531 17.29 -24.36 -31.27
C ALA F 531 17.64 -25.44 -32.31
N LYS F 532 16.94 -26.56 -32.27
CA LYS F 532 17.24 -27.67 -33.18
C LYS F 532 17.14 -27.23 -34.65
N ASN F 533 16.45 -26.11 -34.88
CA ASN F 533 16.24 -25.61 -36.23
C ASN F 533 17.41 -24.89 -36.88
N VAL F 534 18.36 -24.40 -36.10
CA VAL F 534 19.33 -23.48 -36.68
C VAL F 534 20.31 -24.25 -37.54
N LYS F 535 20.34 -23.94 -38.82
CA LYS F 535 21.32 -24.54 -39.72
C LYS F 535 22.53 -23.64 -40.02
N ALA F 536 22.49 -22.39 -39.59
CA ALA F 536 23.57 -21.46 -39.89
C ALA F 536 24.67 -21.36 -38.84
N PRO F 537 25.90 -21.04 -39.25
CA PRO F 537 26.90 -20.65 -38.27
C PRO F 537 26.48 -19.33 -37.62
N LEU F 538 26.62 -19.24 -36.31
CA LEU F 538 26.21 -18.06 -35.56
C LEU F 538 27.28 -17.63 -34.58
N LEU F 539 27.57 -16.33 -34.54
CA LEU F 539 28.40 -15.77 -33.49
C LEU F 539 27.54 -15.06 -32.47
N LEU F 540 27.73 -15.38 -31.19
CA LEU F 540 27.08 -14.65 -30.12
C LEU F 540 28.07 -13.70 -29.48
N ILE F 541 27.65 -12.45 -29.26
CA ILE F 541 28.46 -11.46 -28.56
C ILE F 541 27.75 -10.97 -27.30
N HIS F 542 28.44 -10.96 -26.17
CA HIS F 542 27.86 -10.49 -24.92
C HIS F 542 28.87 -9.69 -24.08
N SER F 543 28.38 -8.99 -23.06
CA SER F 543 29.27 -8.24 -22.16
C SER F 543 28.87 -8.47 -20.70
N LEU F 544 29.85 -8.69 -19.83
CA LEU F 544 29.57 -9.08 -18.44
C LEU F 544 28.80 -8.07 -17.60
N GLU F 545 28.80 -6.81 -18.00
CA GLU F 545 28.13 -5.77 -17.22
C GLU F 545 26.72 -5.41 -17.65
N ASP F 546 26.16 -6.19 -18.60
CA ASP F 546 24.89 -5.83 -19.22
C ASP F 546 23.73 -6.43 -18.43
N TYR F 547 22.99 -5.57 -17.74
CA TYR F 547 21.84 -5.99 -16.95
C TYR F 547 20.51 -5.81 -17.67
N ARG F 548 20.56 -5.22 -18.86
CA ARG F 548 19.36 -5.06 -19.67
C ARG F 548 19.00 -6.40 -20.28
N CYS F 549 19.98 -7.05 -20.88
CA CYS F 549 19.85 -8.41 -21.40
C CYS F 549 21.00 -9.25 -20.85
N PRO F 550 20.77 -9.90 -19.70
CA PRO F 550 21.81 -10.59 -18.91
C PRO F 550 22.52 -11.73 -19.63
N LEU F 551 23.68 -12.12 -19.13
CA LEU F 551 24.57 -13.07 -19.79
C LEU F 551 23.84 -14.34 -20.24
N ASP F 552 22.93 -14.85 -19.40
CA ASP F 552 22.23 -16.10 -19.72
C ASP F 552 21.63 -16.13 -21.12
N GLN F 553 21.07 -14.99 -21.55
CA GLN F 553 20.41 -14.89 -22.84
C GLN F 553 21.27 -15.42 -23.97
N SER F 554 22.53 -15.02 -23.99
CA SER F 554 23.46 -15.51 -25.01
C SER F 554 24.02 -16.86 -24.65
N LEU F 555 24.31 -17.08 -23.37
CA LEU F 555 25.10 -18.23 -22.98
C LEU F 555 24.30 -19.54 -23.02
N MET F 556 23.06 -19.50 -22.53
CA MET F 556 22.18 -20.65 -22.62
C MET F 556 22.02 -21.08 -24.08
N PHE F 557 21.71 -20.11 -24.93
CA PHE F 557 21.46 -20.36 -26.34
C PHE F 557 22.71 -20.99 -26.97
N TYR F 558 23.89 -20.55 -26.53
CA TYR F 558 25.14 -21.09 -27.03
C TYR F 558 25.37 -22.53 -26.55
N HIS F 559 25.28 -22.74 -25.25
CA HIS F 559 25.42 -24.07 -24.65
C HIS F 559 24.47 -25.06 -25.31
N VAL F 560 23.19 -24.74 -25.34
CA VAL F 560 22.25 -25.66 -25.96
C VAL F 560 22.63 -25.96 -27.42
N LEU F 561 22.80 -24.92 -28.23
CA LEU F 561 23.19 -25.10 -29.63
C LEU F 561 24.40 -26.01 -29.77
N LYS F 562 25.37 -25.87 -28.87
CA LYS F 562 26.52 -26.74 -28.90
C LYS F 562 26.12 -28.18 -28.59
N ASP F 563 25.22 -28.35 -27.62
CA ASP F 563 24.78 -29.68 -27.24
C ASP F 563 24.09 -30.37 -28.42
N LEU F 564 23.46 -29.58 -29.29
CA LEU F 564 22.78 -30.11 -30.48
C LEU F 564 23.73 -30.28 -31.65
N GLY F 565 25.01 -30.00 -31.44
CA GLY F 565 26.03 -30.19 -32.46
C GLY F 565 26.13 -29.07 -33.49
N LYS F 566 25.48 -27.95 -33.22
CA LYS F 566 25.47 -26.79 -34.13
C LYS F 566 26.83 -26.09 -34.19
N GLU F 567 27.05 -25.31 -35.24
CA GLU F 567 28.23 -24.46 -35.28
C GLU F 567 27.91 -23.07 -34.73
N VAL F 568 28.46 -22.77 -33.56
CA VAL F 568 28.25 -21.47 -32.93
C VAL F 568 29.43 -21.10 -32.04
N TYR F 569 29.68 -19.80 -31.92
CA TYR F 569 30.78 -19.31 -31.12
C TYR F 569 30.29 -18.20 -30.21
N ILE F 570 30.92 -18.07 -29.04
CA ILE F 570 30.53 -17.00 -28.14
C ILE F 570 31.75 -16.17 -27.75
N ALA F 571 31.61 -14.86 -27.90
CA ALA F 571 32.61 -13.92 -27.43
C ALA F 571 32.04 -13.19 -26.22
N ILE F 572 32.67 -13.33 -25.06
CA ILE F 572 32.18 -12.66 -23.88
C ILE F 572 33.13 -11.56 -23.43
N PHE F 573 32.69 -10.32 -23.57
CA PHE F 573 33.49 -9.19 -23.16
C PHE F 573 33.50 -9.02 -21.64
N LYS F 574 34.71 -8.91 -21.09
CA LYS F 574 34.94 -8.92 -19.65
C LYS F 574 34.40 -7.67 -18.98
N LYS F 575 34.42 -6.55 -19.71
CA LYS F 575 33.85 -5.31 -19.20
C LYS F 575 32.85 -4.75 -20.20
N GLY F 576 32.05 -3.79 -19.74
CA GLY F 576 31.07 -3.11 -20.56
C GLY F 576 29.64 -3.57 -20.36
N ALA F 577 28.73 -2.62 -20.50
CA ALA F 577 27.30 -2.83 -20.30
C ALA F 577 26.59 -3.16 -21.61
N HIS F 578 25.26 -3.09 -21.60
CA HIS F 578 24.42 -3.31 -22.78
C HIS F 578 24.94 -2.56 -24.00
N GLY F 579 25.40 -1.33 -23.81
CA GLY F 579 25.83 -0.49 -24.91
C GLY F 579 27.32 -0.55 -25.26
N HIS F 580 27.98 -1.61 -24.82
CA HIS F 580 29.43 -1.72 -24.96
C HIS F 580 29.98 -1.52 -26.37
N SER F 581 29.19 -1.85 -27.39
CA SER F 581 29.59 -1.63 -28.78
C SER F 581 30.04 -0.19 -29.05
N ILE F 582 29.18 0.76 -28.71
CA ILE F 582 29.51 2.18 -28.77
C ILE F 582 30.25 2.77 -27.54
N ARG F 583 29.92 2.29 -26.33
CA ARG F 583 30.49 2.86 -25.09
C ARG F 583 31.70 2.21 -24.40
N GLY F 584 32.17 1.06 -24.86
CA GLY F 584 33.25 0.35 -24.20
C GLY F 584 34.59 1.01 -24.45
N SER F 585 35.64 0.59 -23.73
CA SER F 585 36.94 1.18 -23.95
C SER F 585 37.33 1.05 -25.43
N PRO F 586 38.04 2.05 -25.96
CA PRO F 586 38.43 2.07 -27.38
C PRO F 586 39.05 0.76 -27.80
N ARG F 587 39.86 0.15 -26.94
CA ARG F 587 40.49 -1.10 -27.34
C ARG F 587 39.46 -2.23 -27.42
N HIS F 588 38.56 -2.26 -26.46
CA HIS F 588 37.49 -3.23 -26.42
C HIS F 588 36.69 -3.10 -27.72
N ARG F 589 36.14 -1.91 -27.95
CA ARG F 589 35.33 -1.63 -29.14
C ARG F 589 36.05 -2.01 -30.42
N MET F 590 37.36 -1.79 -30.47
CA MET F 590 38.09 -2.11 -31.67
C MET F 590 38.08 -3.60 -31.91
N LYS F 591 38.41 -4.36 -30.88
CA LYS F 591 38.41 -5.82 -30.99
C LYS F 591 37.04 -6.35 -31.39
N ARG F 592 35.97 -5.72 -30.90
CA ARG F 592 34.65 -6.13 -31.35
C ARG F 592 34.46 -5.85 -32.83
N TYR F 593 34.82 -4.65 -33.27
CA TYR F 593 34.69 -4.32 -34.69
C TYR F 593 35.48 -5.29 -35.57
N LYS F 594 36.64 -5.72 -35.09
CA LYS F 594 37.47 -6.64 -35.86
C LYS F 594 36.78 -7.98 -35.97
N LEU F 595 36.23 -8.43 -34.85
CA LEU F 595 35.51 -9.71 -34.78
C LEU F 595 34.28 -9.73 -35.68
N PHE F 596 33.49 -8.66 -35.58
CA PHE F 596 32.30 -8.47 -36.39
C PHE F 596 32.61 -8.65 -37.89
N MET F 597 33.59 -7.89 -38.38
CA MET F 597 34.04 -7.95 -39.77
C MET F 597 34.44 -9.36 -40.17
N GLU F 598 35.37 -9.92 -39.41
CA GLU F 598 36.01 -11.18 -39.79
C GLU F 598 35.03 -12.32 -39.86
N PHE F 599 34.09 -12.36 -38.91
CA PHE F 599 33.06 -13.39 -38.93
C PHE F 599 32.24 -13.32 -40.21
N PHE F 600 31.75 -12.13 -40.55
CA PHE F 600 30.97 -11.98 -41.77
C PHE F 600 31.84 -12.29 -42.99
N GLU F 601 33.13 -12.02 -42.87
CA GLU F 601 34.02 -12.30 -43.98
C GLU F 601 34.15 -13.81 -44.19
N ARG F 602 34.49 -14.52 -43.13
CA ARG F 602 34.70 -15.96 -43.23
C ARG F 602 33.46 -16.85 -43.14
N LYS F 603 32.36 -16.35 -42.58
CA LYS F 603 31.11 -17.12 -42.62
C LYS F 603 30.06 -16.73 -43.67
N LEU F 604 30.30 -15.65 -44.40
CA LEU F 604 29.26 -15.14 -45.29
C LEU F 604 29.80 -14.86 -46.68
N LYS F 605 30.70 -13.89 -46.78
CA LYS F 605 31.28 -13.56 -48.08
C LYS F 605 31.81 -14.83 -48.73
N LYS F 606 32.68 -15.53 -48.04
CA LYS F 606 33.11 -16.86 -48.46
C LYS F 606 33.14 -17.76 -47.24
N TYR F 607 32.33 -18.82 -47.23
CA TYR F 607 32.35 -19.70 -46.08
C TYR F 607 33.62 -20.54 -46.01
N GLU F 608 34.23 -20.56 -44.82
CA GLU F 608 35.35 -21.43 -44.54
C GLU F 608 35.09 -22.09 -43.20
N GLU F 609 35.73 -23.23 -42.96
CA GLU F 609 35.48 -23.98 -41.74
C GLU F 609 36.18 -23.40 -40.52
N GLY F 610 35.48 -23.34 -39.40
CA GLY F 610 36.08 -22.95 -38.13
C GLY F 610 36.39 -21.47 -38.04
N PHE F 611 36.67 -21.00 -36.83
CA PHE F 611 37.05 -19.62 -36.58
C PHE F 611 38.22 -19.64 -35.62
N ASP F 612 39.39 -19.14 -36.02
CA ASP F 612 40.50 -19.08 -35.07
C ASP F 612 40.82 -17.64 -34.65
N VAL F 613 40.43 -17.30 -33.43
CA VAL F 613 40.48 -15.91 -32.96
C VAL F 613 41.94 -15.46 -32.78
N GLU F 614 42.77 -16.36 -32.26
CA GLU F 614 44.20 -16.09 -32.11
C GLU F 614 44.83 -15.70 -33.45
N LYS F 615 44.67 -16.54 -34.47
CA LYS F 615 45.25 -16.25 -35.79
C LYS F 615 44.59 -15.04 -36.44
N ILE F 616 43.26 -15.00 -36.43
CA ILE F 616 42.52 -13.91 -37.07
C ILE F 616 42.82 -12.54 -36.47
N LEU F 617 42.80 -12.43 -35.14
CA LEU F 617 43.00 -11.15 -34.48
C LEU F 617 44.46 -10.64 -34.52
N LYS F 618 45.35 -11.49 -35.01
CA LYS F 618 46.79 -11.19 -35.12
C LYS F 618 47.58 -11.75 -33.94
N ILE G 4 -28.06 16.49 29.16
CA ILE G 4 -28.75 15.31 29.65
C ILE G 4 -28.83 15.29 31.18
N GLU G 5 -29.59 14.34 31.71
CA GLU G 5 -29.71 14.13 33.15
C GLU G 5 -30.09 12.68 33.45
N TRP G 6 -29.87 12.24 34.69
CA TRP G 6 -30.19 10.87 35.06
C TRP G 6 -31.65 10.74 35.47
N ASP G 7 -32.38 9.88 34.76
CA ASP G 7 -33.78 9.61 35.02
C ASP G 7 -34.06 8.19 34.59
N GLU G 8 -35.34 7.81 34.53
CA GLU G 8 -35.72 6.47 34.08
C GLU G 8 -35.53 6.28 32.57
N LYS G 9 -35.44 7.39 31.84
CA LYS G 9 -35.29 7.32 30.39
C LYS G 9 -33.85 7.34 29.91
N THR G 10 -32.91 7.61 30.81
CA THR G 10 -31.55 7.91 30.34
C THR G 10 -30.93 6.76 29.56
N PHE G 11 -31.20 5.53 29.98
CA PHE G 11 -30.56 4.35 29.41
C PHE G 11 -30.72 4.24 27.89
N THR G 12 -31.82 4.79 27.37
CA THR G 12 -32.12 4.71 25.95
C THR G 12 -31.14 5.53 25.11
N LYS G 13 -30.45 6.45 25.76
CA LYS G 13 -29.54 7.37 25.06
C LYS G 13 -28.17 6.73 24.79
N PHE G 14 -27.97 5.52 25.31
CA PHE G 14 -26.69 4.81 25.16
C PHE G 14 -26.64 3.86 23.96
N ALA G 15 -25.51 3.89 23.25
CA ALA G 15 -25.24 2.89 22.23
C ALA G 15 -24.69 1.63 22.89
N TYR G 16 -25.37 0.52 22.65
CA TYR G 16 -25.01 -0.75 23.25
C TYR G 16 -24.42 -1.68 22.20
N LEU G 17 -23.18 -2.11 22.40
CA LEU G 17 -22.47 -2.95 21.45
C LEU G 17 -22.46 -4.41 21.92
N SER G 18 -22.49 -5.34 20.97
CA SER G 18 -22.37 -6.76 21.31
C SER G 18 -21.76 -7.60 20.19
N ASP G 19 -21.59 -8.89 20.47
CA ASP G 19 -21.21 -9.91 19.48
C ASP G 19 -20.03 -9.53 18.55
N PRO G 20 -18.83 -9.35 19.11
CA PRO G 20 -17.65 -9.02 18.30
C PRO G 20 -17.16 -10.19 17.45
N ARG G 21 -16.70 -9.91 16.23
CA ARG G 21 -16.16 -10.93 15.33
C ARG G 21 -15.09 -10.35 14.44
N THR G 22 -14.06 -11.12 14.13
CA THR G 22 -12.97 -10.61 13.30
C THR G 22 -12.37 -11.65 12.35
N ARG G 23 -12.04 -11.18 11.16
CA ARG G 23 -11.28 -11.95 10.20
C ARG G 23 -10.34 -10.98 9.50
N LYS G 24 -9.14 -11.45 9.16
CA LYS G 24 -8.18 -10.64 8.42
C LYS G 24 -8.07 -9.24 9.00
N ASN G 25 -8.30 -8.25 8.15
CA ASN G 25 -8.23 -6.83 8.53
C ASN G 25 -9.58 -6.24 8.94
N LEU G 26 -10.60 -7.11 9.04
CA LEU G 26 -11.97 -6.69 9.32
C LEU G 26 -12.45 -6.98 10.74
N VAL G 27 -13.31 -6.11 11.25
CA VAL G 27 -14.01 -6.32 12.51
C VAL G 27 -15.49 -6.04 12.32
N ALA G 28 -16.33 -6.86 12.92
CA ALA G 28 -17.78 -6.64 12.85
C ALA G 28 -18.43 -6.88 14.21
N TYR G 29 -19.42 -6.05 14.55
CA TYR G 29 -20.15 -6.21 15.80
C TYR G 29 -21.56 -5.68 15.63
N VAL G 30 -22.38 -5.82 16.68
CA VAL G 30 -23.75 -5.33 16.61
C VAL G 30 -23.96 -4.09 17.46
N LEU G 31 -24.48 -3.04 16.82
CA LEU G 31 -24.80 -1.79 17.48
C LEU G 31 -26.28 -1.79 17.81
N THR G 32 -26.62 -1.64 19.09
CA THR G 32 -28.02 -1.70 19.50
C THR G 32 -28.50 -0.45 20.20
N LYS G 33 -29.64 0.06 19.74
CA LYS G 33 -30.25 1.23 20.33
C LYS G 33 -31.64 0.89 20.83
N ALA G 34 -31.98 1.34 22.03
CA ALA G 34 -33.33 1.19 22.54
C ALA G 34 -34.14 2.44 22.18
N ASN G 35 -35.17 2.23 21.37
CA ASN G 35 -36.05 3.28 20.92
C ASN G 35 -37.32 3.30 21.76
N LEU G 36 -37.49 4.37 22.52
CA LEU G 36 -38.63 4.47 23.44
C LEU G 36 -39.90 4.84 22.70
N GLU G 37 -39.76 5.67 21.67
CA GLU G 37 -40.89 6.06 20.85
C GLU G 37 -41.52 4.87 20.11
N SER G 38 -40.70 4.03 19.48
CA SER G 38 -41.22 2.83 18.83
C SER G 38 -41.38 1.67 19.82
N ASN G 39 -40.71 1.78 20.96
CA ASN G 39 -40.63 0.71 21.95
C ASN G 39 -40.00 -0.58 21.40
N LYS G 40 -39.07 -0.44 20.47
CA LYS G 40 -38.35 -1.58 19.92
C LYS G 40 -36.84 -1.42 20.11
N TYR G 41 -36.11 -2.53 20.07
CA TYR G 41 -34.66 -2.49 20.07
C TYR G 41 -34.18 -2.53 18.63
N GLU G 42 -33.39 -1.54 18.23
CA GLU G 42 -32.85 -1.51 16.87
C GLU G 42 -31.47 -2.15 16.80
N ASN G 43 -31.30 -3.06 15.86
CA ASN G 43 -29.99 -3.68 15.64
C ASN G 43 -29.39 -3.30 14.30
N THR G 44 -28.16 -2.79 14.34
CA THR G 44 -27.43 -2.45 13.13
C THR G 44 -26.09 -3.14 13.19
N ILE G 45 -25.74 -3.89 12.14
CA ILE G 45 -24.41 -4.48 12.08
C ILE G 45 -23.45 -3.46 11.51
N VAL G 46 -22.33 -3.24 12.20
CA VAL G 46 -21.30 -2.31 11.74
C VAL G 46 -20.09 -3.12 11.34
N ILE G 47 -19.44 -2.75 10.23
CA ILE G 47 -18.21 -3.42 9.80
C ILE G 47 -17.09 -2.42 9.62
N GLU G 48 -16.06 -2.53 10.45
CA GLU G 48 -14.95 -1.58 10.42
C GLU G 48 -13.70 -2.16 9.79
N ASN G 49 -13.08 -1.38 8.92
CA ASN G 49 -11.82 -1.77 8.32
C ASN G 49 -10.68 -1.26 9.18
N LEU G 50 -9.92 -2.17 9.77
CA LEU G 50 -8.73 -1.81 10.54
C LEU G 50 -7.64 -1.30 9.61
N GLU G 51 -7.86 -1.46 8.30
CA GLU G 51 -6.98 -0.94 7.26
C GLU G 51 -7.25 0.55 7.02
N ASP G 52 -8.43 0.99 7.47
CA ASP G 52 -8.90 2.34 7.22
C ASP G 52 -9.34 3.06 8.50
N GLY G 53 -10.35 2.51 9.16
CA GLY G 53 -11.11 3.23 10.18
C GLY G 53 -12.47 3.53 9.59
N SER G 54 -12.67 3.05 8.36
CA SER G 54 -13.94 3.14 7.64
C SER G 54 -15.03 2.30 8.29
N ARG G 55 -16.28 2.75 8.19
CA ARG G 55 -17.41 1.98 8.67
C ARG G 55 -18.42 1.63 7.59
N LYS G 56 -18.93 0.41 7.65
CA LYS G 56 -19.99 -0.04 6.76
C LYS G 56 -21.12 -0.61 7.60
N PHE G 57 -22.31 -0.78 7.00
CA PHE G 57 -23.47 -1.17 7.78
C PHE G 57 -24.38 -2.19 7.10
N ILE G 58 -24.96 -3.07 7.90
CA ILE G 58 -26.09 -3.88 7.48
C ILE G 58 -27.24 -3.58 8.44
N GLU G 59 -28.27 -2.91 7.94
CA GLU G 59 -29.32 -2.40 8.82
C GLU G 59 -30.31 -3.49 9.25
N ASP G 60 -30.83 -3.37 10.47
CA ASP G 60 -31.83 -4.31 10.99
C ASP G 60 -31.40 -5.76 10.91
N ALA G 61 -30.18 -6.03 11.36
CA ALA G 61 -29.66 -7.38 11.33
C ALA G 61 -28.73 -7.60 12.52
N SER G 62 -28.48 -8.87 12.85
CA SER G 62 -27.60 -9.19 13.94
C SER G 62 -26.97 -10.55 13.65
N MET G 63 -26.27 -11.09 14.63
CA MET G 63 -25.59 -12.37 14.48
C MET G 63 -24.65 -12.39 13.27
N PRO G 64 -23.77 -11.38 13.15
CA PRO G 64 -22.85 -11.35 12.02
C PRO G 64 -21.81 -12.44 12.12
N ARG G 65 -21.57 -13.14 11.01
CA ARG G 65 -20.52 -14.15 10.91
C ARG G 65 -19.70 -13.94 9.64
N ILE G 66 -18.40 -13.65 9.78
CA ILE G 66 -17.52 -13.46 8.64
C ILE G 66 -16.91 -14.78 8.17
N SER G 67 -17.06 -15.09 6.88
CA SER G 67 -16.50 -16.32 6.34
C SER G 67 -15.00 -16.35 6.58
N PRO G 68 -14.46 -17.56 6.80
CA PRO G 68 -13.03 -17.76 6.97
C PRO G 68 -12.18 -17.08 5.88
N ASP G 69 -12.61 -17.16 4.62
CA ASP G 69 -11.83 -16.49 3.59
C ASP G 69 -11.98 -14.97 3.68
N GLY G 70 -12.89 -14.51 4.54
CA GLY G 70 -13.12 -13.09 4.73
C GLY G 70 -13.77 -12.41 3.54
N LYS G 71 -14.19 -13.19 2.56
CA LYS G 71 -14.82 -12.63 1.37
C LYS G 71 -16.29 -12.24 1.59
N LYS G 72 -16.99 -12.97 2.47
CA LYS G 72 -18.41 -12.73 2.69
C LYS G 72 -18.85 -12.85 4.17
N ILE G 73 -20.06 -12.41 4.46
CA ILE G 73 -20.57 -12.35 5.82
C ILE G 73 -22.04 -12.79 5.90
N ALA G 74 -22.36 -13.63 6.88
CA ALA G 74 -23.74 -14.09 7.07
C ALA G 74 -24.33 -13.39 8.27
N PHE G 75 -25.63 -13.13 8.23
CA PHE G 75 -26.32 -12.45 9.32
C PHE G 75 -27.76 -12.91 9.41
N MET G 76 -28.51 -12.38 10.38
CA MET G 76 -29.90 -12.77 10.56
C MET G 76 -30.84 -11.57 10.62
N ARG G 77 -32.02 -11.72 10.03
CA ARG G 77 -33.08 -10.72 10.16
C ARG G 77 -34.35 -11.36 10.74
N PHE G 78 -34.94 -10.71 11.74
CA PHE G 78 -36.06 -11.30 12.48
C PHE G 78 -37.35 -10.52 12.22
N ASN G 79 -38.44 -10.96 12.84
CA ASN G 79 -39.74 -10.33 12.66
C ASN G 79 -40.84 -11.00 13.48
N THR G 84 -40.90 -14.89 11.85
CA THR G 84 -39.86 -15.74 11.29
C THR G 84 -38.53 -14.99 11.11
N ALA G 85 -37.43 -15.73 11.23
CA ALA G 85 -36.09 -15.19 11.05
C ALA G 85 -35.51 -15.67 9.73
N GLN G 86 -34.66 -14.87 9.11
CA GLN G 86 -34.07 -15.24 7.84
C GLN G 86 -32.55 -15.21 7.88
N ILE G 87 -31.92 -16.15 7.19
CA ILE G 87 -30.47 -16.14 7.08
C ILE G 87 -30.09 -15.51 5.74
N TRP G 88 -29.27 -14.47 5.82
CA TRP G 88 -28.79 -13.75 4.65
C TRP G 88 -27.30 -13.90 4.51
N VAL G 89 -26.81 -13.80 3.28
CA VAL G 89 -25.38 -13.78 3.04
C VAL G 89 -25.05 -12.58 2.15
N ALA G 90 -24.02 -11.83 2.52
CA ALA G 90 -23.64 -10.65 1.77
C ALA G 90 -22.17 -10.74 1.36
N ASP G 91 -21.81 -10.10 0.27
CA ASP G 91 -20.40 -9.99 -0.09
C ASP G 91 -19.84 -8.79 0.68
N LEU G 92 -18.70 -8.98 1.32
CA LEU G 92 -18.16 -7.95 2.18
C LEU G 92 -17.68 -6.75 1.38
N LYS G 93 -17.29 -7.00 0.14
CA LYS G 93 -16.75 -5.92 -0.67
C LYS G 93 -17.76 -4.80 -0.91
N THR G 94 -18.88 -5.15 -1.56
CA THR G 94 -19.93 -4.16 -1.86
C THR G 94 -21.13 -4.16 -0.91
N LEU G 95 -21.16 -5.12 0.01
CA LEU G 95 -22.28 -5.37 0.92
C LEU G 95 -23.65 -5.67 0.26
N SER G 96 -23.63 -6.18 -0.98
CA SER G 96 -24.88 -6.63 -1.60
C SER G 96 -25.24 -7.98 -1.00
N ALA G 97 -26.53 -8.20 -0.74
CA ALA G 97 -26.92 -9.39 0.00
C ALA G 97 -27.97 -10.26 -0.70
N LYS G 98 -27.96 -11.55 -0.41
CA LYS G 98 -29.00 -12.44 -0.89
C LYS G 98 -29.60 -13.28 0.25
N LYS G 99 -30.91 -13.48 0.20
CA LYS G 99 -31.59 -14.27 1.21
C LYS G 99 -31.33 -15.76 0.92
N VAL G 100 -30.92 -16.49 1.95
CA VAL G 100 -30.51 -17.90 1.81
C VAL G 100 -31.56 -18.90 2.28
N LEU G 101 -31.90 -18.84 3.56
CA LEU G 101 -32.94 -19.72 4.10
C LEU G 101 -33.85 -18.97 5.06
N GLU G 102 -35.12 -19.38 5.12
CA GLU G 102 -36.09 -18.78 6.00
C GLU G 102 -36.07 -19.61 7.26
N ALA G 103 -35.61 -19.02 8.35
CA ALA G 103 -35.30 -19.78 9.55
C ALA G 103 -36.25 -19.50 10.71
N LYS G 104 -36.97 -20.52 11.15
CA LYS G 104 -37.69 -20.43 12.40
C LYS G 104 -36.98 -21.27 13.45
N ASN G 105 -36.80 -20.69 14.63
CA ASN G 105 -36.18 -21.40 15.74
C ASN G 105 -34.73 -21.80 15.47
N ILE G 106 -33.96 -20.87 14.91
CA ILE G 106 -32.52 -21.04 14.76
C ILE G 106 -31.78 -20.23 15.83
N ARG G 107 -31.14 -20.93 16.77
CA ARG G 107 -30.40 -20.26 17.84
C ARG G 107 -28.99 -19.79 17.44
N SER G 108 -28.25 -20.62 16.72
CA SER G 108 -26.89 -20.26 16.33
C SER G 108 -26.59 -20.56 14.86
N ILE G 109 -25.64 -19.84 14.30
CA ILE G 109 -25.07 -20.21 13.01
C ILE G 109 -23.54 -20.13 13.08
N GLU G 110 -22.88 -21.03 12.35
CA GLU G 110 -21.42 -21.02 12.32
C GLU G 110 -20.90 -21.37 10.91
N TRP G 111 -19.98 -20.57 10.41
CA TRP G 111 -19.37 -20.81 9.10
C TRP G 111 -18.53 -22.06 9.12
N ASN G 112 -18.22 -22.57 7.94
CA ASN G 112 -17.36 -23.73 7.84
C ASN G 112 -16.03 -23.36 7.21
N GLN G 113 -15.01 -24.17 7.46
CA GLN G 113 -13.67 -23.88 7.00
C GLN G 113 -13.70 -23.51 5.52
N ASP G 114 -14.62 -24.13 4.78
CA ASP G 114 -14.67 -23.97 3.33
C ASP G 114 -15.39 -22.69 2.88
N SER G 115 -15.86 -21.91 3.83
CA SER G 115 -16.44 -20.61 3.52
C SER G 115 -17.65 -20.76 2.59
N ARG G 116 -18.29 -21.92 2.68
CA ARG G 116 -19.49 -22.22 1.89
C ARG G 116 -20.63 -22.69 2.79
N ARG G 117 -20.42 -23.80 3.48
CA ARG G 117 -21.44 -24.36 4.36
C ARG G 117 -21.60 -23.63 5.69
N LEU G 118 -22.81 -23.73 6.25
CA LEU G 118 -23.11 -23.19 7.57
C LEU G 118 -23.67 -24.31 8.45
N LEU G 119 -23.38 -24.24 9.74
CA LEU G 119 -24.03 -25.13 10.70
C LEU G 119 -25.00 -24.28 11.51
N ALA G 120 -26.28 -24.59 11.38
CA ALA G 120 -27.31 -23.86 12.10
C ALA G 120 -27.94 -24.76 13.14
N VAL G 121 -27.88 -24.34 14.39
CA VAL G 121 -28.49 -25.11 15.46
C VAL G 121 -29.81 -24.48 15.88
N GLY G 122 -30.82 -25.31 16.10
CA GLY G 122 -32.17 -24.86 16.34
C GLY G 122 -32.95 -25.91 17.11
N PHE G 123 -34.26 -25.72 17.24
CA PHE G 123 -35.09 -26.67 17.95
C PHE G 123 -36.44 -26.90 17.27
N LYS G 124 -37.06 -28.04 17.57
CA LYS G 124 -38.40 -28.34 17.10
C LYS G 124 -39.28 -28.70 18.29
N ARG G 125 -40.49 -28.14 18.32
CA ARG G 125 -41.44 -28.43 19.39
C ARG G 125 -42.73 -29.02 18.83
N ARG G 126 -43.69 -29.28 19.71
CA ARG G 126 -44.97 -29.84 19.29
C ARG G 126 -45.94 -28.80 18.70
N GLU G 127 -45.98 -27.63 19.33
CA GLU G 127 -46.67 -26.48 18.75
C GLU G 127 -48.16 -26.67 18.50
N ASP G 128 -48.89 -27.18 19.49
CA ASP G 128 -50.34 -27.22 19.36
C ASP G 128 -50.90 -25.84 19.70
N GLU G 129 -51.82 -25.35 18.87
CA GLU G 129 -52.36 -24.00 19.05
C GLU G 129 -53.04 -23.84 20.41
N ASP G 130 -53.35 -24.96 21.05
CA ASP G 130 -54.17 -24.94 22.25
C ASP G 130 -53.42 -25.32 23.51
N PHE G 131 -52.85 -26.52 23.54
CA PHE G 131 -52.16 -26.98 24.73
C PHE G 131 -50.71 -27.39 24.50
N ILE G 132 -49.96 -27.44 25.62
CA ILE G 132 -48.57 -27.88 25.66
C ILE G 132 -48.51 -29.27 26.29
N PHE G 133 -47.62 -30.12 25.78
CA PHE G 133 -47.50 -31.47 26.33
C PHE G 133 -46.05 -31.81 26.65
N GLU G 134 -45.82 -32.35 27.85
CA GLU G 134 -44.46 -32.63 28.32
C GLU G 134 -44.36 -34.04 28.93
N ASP G 135 -43.51 -34.87 28.34
CA ASP G 135 -43.08 -36.13 28.96
C ASP G 135 -41.70 -36.08 29.64
N ASP G 136 -41.02 -34.93 29.57
CA ASP G 136 -39.65 -34.84 30.06
C ASP G 136 -39.47 -33.71 31.07
N VAL G 137 -38.24 -33.48 31.51
CA VAL G 137 -37.95 -32.39 32.46
C VAL G 137 -36.83 -31.47 31.98
N PRO G 138 -36.98 -30.16 32.26
CA PRO G 138 -38.18 -29.58 32.87
C PRO G 138 -39.26 -29.25 31.81
N ALA G 139 -40.37 -28.67 32.26
CA ALA G 139 -41.46 -28.35 31.34
C ALA G 139 -41.29 -26.98 30.69
N TRP G 140 -40.38 -26.19 31.23
CA TRP G 140 -40.11 -24.86 30.72
C TRP G 140 -38.71 -24.42 31.11
N PHE G 141 -38.17 -23.43 30.42
CA PHE G 141 -36.87 -22.88 30.77
C PHE G 141 -36.87 -21.38 30.54
N ASP G 142 -36.21 -20.64 31.43
CA ASP G 142 -36.28 -19.19 31.38
C ASP G 142 -35.78 -18.60 30.07
N ASN G 143 -36.56 -17.67 29.52
CA ASN G 143 -36.21 -16.97 28.29
C ASN G 143 -36.43 -17.87 27.07
N MET G 144 -36.62 -19.16 27.29
CA MET G 144 -36.98 -20.07 26.21
C MET G 144 -38.48 -20.43 26.10
N GLY G 145 -39.29 -19.97 27.05
CA GLY G 145 -40.68 -20.41 27.13
C GLY G 145 -40.85 -21.90 27.44
N PHE G 146 -42.08 -22.41 27.33
CA PHE G 146 -42.37 -23.82 27.58
C PHE G 146 -41.68 -24.76 26.60
N PHE G 147 -41.05 -25.81 27.11
CA PHE G 147 -40.33 -26.74 26.27
C PHE G 147 -41.23 -27.48 25.28
N ASP G 148 -42.39 -27.93 25.74
CA ASP G 148 -43.35 -28.56 24.84
C ASP G 148 -42.67 -29.65 24.01
N GLY G 149 -42.04 -30.59 24.69
CA GLY G 149 -41.39 -31.72 24.05
C GLY G 149 -40.19 -31.35 23.22
N GLU G 150 -39.63 -30.17 23.46
CA GLU G 150 -38.59 -29.64 22.57
C GLU G 150 -37.44 -30.61 22.34
N LYS G 151 -36.94 -30.62 21.11
CA LYS G 151 -35.73 -31.36 20.76
C LYS G 151 -34.76 -30.37 20.14
N THR G 152 -33.55 -30.82 19.81
CA THR G 152 -32.57 -29.95 19.18
C THR G 152 -32.32 -30.41 17.75
N THR G 153 -32.30 -29.47 16.83
CA THR G 153 -32.06 -29.79 15.43
C THR G 153 -30.76 -29.18 14.92
N PHE G 154 -30.07 -29.94 14.06
CA PHE G 154 -28.86 -29.45 13.45
C PHE G 154 -29.02 -29.40 11.94
N TRP G 155 -28.65 -28.28 11.35
CA TRP G 155 -28.76 -28.12 9.91
CA TRP G 155 -28.76 -28.11 9.91
C TRP G 155 -27.41 -27.76 9.30
N VAL G 156 -27.01 -28.50 8.28
CA VAL G 156 -25.89 -28.10 7.44
C VAL G 156 -26.52 -27.44 6.21
N ILE G 157 -26.12 -26.21 5.92
CA ILE G 157 -26.75 -25.39 4.89
C ILE G 157 -25.73 -24.98 3.85
N ASP G 158 -26.08 -25.17 2.58
CA ASP G 158 -25.23 -24.69 1.50
C ASP G 158 -25.66 -23.29 1.15
N THR G 159 -24.78 -22.31 1.36
CA THR G 159 -25.14 -20.92 1.12
C THR G 159 -25.10 -20.54 -0.36
N GLU G 160 -24.49 -21.37 -1.18
CA GLU G 160 -24.48 -21.13 -2.62
C GLU G 160 -25.81 -21.57 -3.22
N GLY G 161 -26.10 -22.86 -3.12
CA GLY G 161 -27.35 -23.40 -3.61
C GLY G 161 -28.53 -23.08 -2.71
N GLU G 162 -28.22 -22.69 -1.47
CA GLU G 162 -29.23 -22.32 -0.48
C GLU G 162 -30.15 -23.46 -0.08
N GLU G 163 -29.58 -24.64 0.10
CA GLU G 163 -30.35 -25.80 0.50
C GLU G 163 -29.80 -26.44 1.77
N VAL G 164 -30.61 -27.25 2.42
CA VAL G 164 -30.12 -27.99 3.58
C VAL G 164 -29.67 -29.36 3.09
N ILE G 165 -28.36 -29.56 3.12
CA ILE G 165 -27.75 -30.83 2.71
C ILE G 165 -27.76 -31.90 3.80
N GLU G 166 -27.69 -31.47 5.06
CA GLU G 166 -27.68 -32.39 6.19
C GLU G 166 -28.64 -31.91 7.27
N GLN G 167 -29.42 -32.84 7.81
CA GLN G 167 -30.32 -32.54 8.91
C GLN G 167 -30.35 -33.72 9.86
N PHE G 168 -30.25 -33.44 11.15
CA PHE G 168 -30.47 -34.44 12.18
C PHE G 168 -30.87 -33.77 13.49
N GLU G 169 -31.50 -34.56 14.37
CA GLU G 169 -31.94 -34.01 15.64
C GLU G 169 -31.29 -34.75 16.82
N LYS G 170 -31.21 -34.05 17.95
CA LYS G 170 -30.69 -34.65 19.18
C LYS G 170 -31.63 -34.33 20.35
N PRO G 171 -31.31 -34.86 21.54
CA PRO G 171 -32.11 -34.56 22.74
C PRO G 171 -32.10 -33.07 23.07
N ARG G 172 -33.04 -32.68 23.91
CA ARG G 172 -33.21 -31.29 24.34
C ARG G 172 -31.92 -30.76 24.94
N PHE G 173 -31.67 -29.47 24.73
CA PHE G 173 -30.52 -28.77 25.32
C PHE G 173 -29.16 -29.25 24.86
N SER G 174 -29.06 -29.68 23.60
CA SER G 174 -27.77 -30.11 23.07
C SER G 174 -27.12 -28.95 22.32
N SER G 175 -25.92 -29.18 21.80
CA SER G 175 -25.20 -28.14 21.09
C SER G 175 -24.18 -28.73 20.14
N GLY G 176 -23.72 -27.93 19.19
CA GLY G 176 -22.76 -28.41 18.21
C GLY G 176 -21.87 -27.37 17.59
N ILE G 177 -20.71 -27.82 17.10
CA ILE G 177 -19.70 -26.94 16.53
C ILE G 177 -18.92 -27.66 15.43
N TRP G 178 -18.42 -26.88 14.47
CA TRP G 178 -17.59 -27.42 13.39
C TRP G 178 -16.25 -27.86 13.94
N HIS G 179 -15.91 -29.12 13.69
CA HIS G 179 -14.54 -29.58 13.86
C HIS G 179 -14.16 -30.18 12.52
N GLY G 180 -13.24 -29.54 11.79
CA GLY G 180 -12.93 -29.93 10.44
C GLY G 180 -14.22 -30.07 9.62
N ASP G 181 -14.37 -31.20 8.94
CA ASP G 181 -15.60 -31.47 8.21
C ASP G 181 -16.64 -32.18 9.07
N SER G 182 -16.35 -32.33 10.37
CA SER G 182 -17.26 -33.04 11.25
C SER G 182 -17.92 -32.10 12.25
N ILE G 183 -18.80 -32.65 13.09
CA ILE G 183 -19.53 -31.86 14.07
C ILE G 183 -19.46 -32.45 15.46
N VAL G 184 -18.88 -31.71 16.39
CA VAL G 184 -18.85 -32.16 17.77
C VAL G 184 -20.22 -31.86 18.35
N VAL G 185 -20.88 -32.90 18.83
CA VAL G 185 -22.24 -32.77 19.33
C VAL G 185 -22.28 -33.06 20.82
N SER G 186 -22.63 -32.03 21.60
CA SER G 186 -22.68 -32.17 23.05
C SER G 186 -24.11 -32.38 23.55
N VAL G 187 -24.33 -33.51 24.22
CA VAL G 187 -25.66 -33.88 24.66
C VAL G 187 -25.68 -34.06 26.17
N PRO G 188 -26.75 -33.61 26.82
CA PRO G 188 -26.83 -33.80 28.27
C PRO G 188 -26.93 -35.28 28.60
N HIS G 189 -26.13 -35.74 29.57
CA HIS G 189 -26.19 -37.13 30.01
C HIS G 189 -27.48 -37.37 30.80
N ARG G 190 -28.01 -38.58 30.69
CA ARG G 190 -29.29 -38.90 31.32
C ARG G 190 -29.20 -40.13 32.22
N ASP G 191 -29.66 -40.02 33.47
CA ASP G 191 -29.81 -41.22 34.26
C ASP G 191 -31.28 -41.49 34.60
N VAL G 192 -31.82 -40.80 35.60
CA VAL G 192 -33.26 -40.78 35.81
C VAL G 192 -33.89 -39.71 34.93
N ILE G 193 -33.23 -38.56 34.91
CA ILE G 193 -33.66 -37.42 34.15
C ILE G 193 -32.37 -36.79 33.62
N PRO G 194 -32.48 -35.97 32.57
CA PRO G 194 -31.27 -35.35 32.05
C PRO G 194 -30.47 -34.62 33.14
N ARG G 195 -29.16 -34.82 33.17
CA ARG G 195 -28.32 -34.16 34.16
C ARG G 195 -27.80 -32.88 33.52
N TYR G 196 -28.30 -31.75 33.98
CA TYR G 196 -28.07 -30.48 33.29
C TYR G 196 -26.90 -29.70 33.90
N PHE G 197 -25.95 -29.32 33.06
CA PHE G 197 -24.77 -28.56 33.50
C PHE G 197 -23.81 -29.42 34.32
N LYS G 198 -24.21 -30.66 34.57
CA LYS G 198 -23.41 -31.60 35.36
C LYS G 198 -22.68 -32.60 34.46
N TYR G 199 -23.43 -33.45 33.78
CA TYR G 199 -22.84 -34.47 32.89
C TYR G 199 -23.24 -34.34 31.41
N TRP G 200 -22.33 -34.75 30.54
CA TRP G 200 -22.49 -34.61 29.09
C TRP G 200 -21.91 -35.79 28.34
N ASP G 201 -22.60 -36.21 27.28
CA ASP G 201 -22.00 -37.09 26.30
C ASP G 201 -21.57 -36.25 25.11
N ILE G 202 -20.41 -36.59 24.53
CA ILE G 202 -19.87 -35.84 23.41
C ILE G 202 -19.65 -36.78 22.24
N TYR G 203 -20.21 -36.44 21.09
CA TYR G 203 -20.06 -37.26 19.88
C TYR G 203 -19.35 -36.49 18.78
N LEU G 204 -18.74 -37.23 17.86
CA LEU G 204 -18.18 -36.65 16.65
C LEU G 204 -19.00 -37.17 15.46
N TRP G 205 -19.74 -36.28 14.83
CA TRP G 205 -20.75 -36.65 13.83
C TRP G 205 -20.27 -36.31 12.42
N LYS G 206 -20.34 -37.28 11.52
CA LYS G 206 -20.07 -37.04 10.10
C LYS G 206 -20.97 -37.88 9.19
N ASP G 207 -21.53 -37.25 8.16
CA ASP G 207 -22.32 -37.94 7.13
C ASP G 207 -23.33 -38.95 7.67
N GLY G 208 -24.00 -38.60 8.76
CA GLY G 208 -25.02 -39.47 9.34
C GLY G 208 -24.49 -40.41 10.41
N GLU G 209 -23.17 -40.53 10.51
CA GLU G 209 -22.55 -41.42 11.47
C GLU G 209 -21.83 -40.69 12.60
N GLU G 210 -22.14 -41.05 13.84
CA GLU G 210 -21.49 -40.45 15.00
C GLU G 210 -20.62 -41.44 15.75
N GLU G 211 -19.49 -40.95 16.26
CA GLU G 211 -18.63 -41.69 17.18
C GLU G 211 -18.68 -41.02 18.54
N LYS G 212 -18.78 -41.80 19.62
CA LYS G 212 -18.81 -41.20 20.94
C LYS G 212 -17.39 -40.85 21.39
N LEU G 213 -17.14 -39.56 21.60
CA LEU G 213 -15.84 -39.08 22.08
C LEU G 213 -15.68 -39.20 23.59
N PHE G 214 -16.74 -38.89 24.33
CA PHE G 214 -16.70 -38.93 25.78
C PHE G 214 -18.00 -39.45 26.37
N GLU G 215 -17.89 -40.13 27.50
CA GLU G 215 -19.06 -40.63 28.22
C GLU G 215 -19.14 -40.02 29.61
N LYS G 216 -20.30 -39.45 29.92
CA LYS G 216 -20.59 -38.88 31.24
C LYS G 216 -19.45 -38.04 31.80
N VAL G 217 -19.12 -36.95 31.11
CA VAL G 217 -18.13 -36.02 31.61
C VAL G 217 -18.78 -34.73 32.14
N SER G 218 -17.98 -33.87 32.74
CA SER G 218 -18.47 -32.60 33.29
C SER G 218 -18.21 -31.36 32.41
N PHE G 219 -17.65 -31.59 31.22
CA PHE G 219 -17.40 -30.50 30.27
C PHE G 219 -18.02 -30.75 28.89
N TYR G 220 -18.25 -29.68 28.14
CA TYR G 220 -18.73 -29.81 26.76
C TYR G 220 -17.81 -29.08 25.78
N ALA G 221 -18.12 -29.16 24.49
CA ALA G 221 -17.25 -28.59 23.47
C ALA G 221 -17.70 -27.19 23.11
N ILE G 222 -16.88 -26.19 23.46
CA ILE G 222 -17.15 -24.81 23.06
C ILE G 222 -16.48 -24.29 21.78
N ASP G 223 -15.48 -24.99 21.25
CA ASP G 223 -14.85 -24.52 20.01
C ASP G 223 -13.87 -25.53 19.40
N SER G 224 -13.36 -25.20 18.23
CA SER G 224 -12.34 -25.99 17.53
C SER G 224 -11.50 -25.13 16.59
N ASP G 225 -10.22 -25.46 16.45
CA ASP G 225 -9.41 -24.93 15.36
C ASP G 225 -9.34 -25.96 14.23
N GLY G 226 -9.98 -27.10 14.47
CA GLY G 226 -10.03 -28.21 13.53
C GLY G 226 -8.93 -29.25 13.75
N GLU G 227 -7.82 -28.84 14.34
CA GLU G 227 -6.84 -29.77 14.88
C GLU G 227 -7.19 -30.25 16.28
N ARG G 228 -7.70 -29.34 17.10
CA ARG G 228 -7.95 -29.58 18.53
C ARG G 228 -9.32 -29.08 18.92
N ILE G 229 -9.92 -29.73 19.91
CA ILE G 229 -11.26 -29.33 20.36
C ILE G 229 -11.21 -28.74 21.76
N LEU G 230 -11.64 -27.49 21.89
CA LEU G 230 -11.65 -26.83 23.19
C LEU G 230 -12.83 -27.29 24.06
N LEU G 231 -12.53 -27.69 25.29
CA LEU G 231 -13.54 -28.20 26.23
C LEU G 231 -13.75 -27.26 27.42
N TYR G 232 -14.99 -27.08 27.84
CA TYR G 232 -15.31 -26.13 28.89
C TYR G 232 -16.07 -26.78 30.05
N GLY G 233 -15.41 -26.85 31.20
CA GLY G 233 -15.94 -27.55 32.36
C GLY G 233 -14.78 -28.15 33.13
N LYS G 234 -15.06 -29.17 33.94
CA LYS G 234 -14.01 -30.07 34.42
C LYS G 234 -14.33 -31.49 33.96
N PRO G 235 -13.31 -32.35 33.82
CA PRO G 235 -13.57 -33.73 33.43
C PRO G 235 -14.54 -34.42 34.39
N GLU G 236 -14.43 -34.09 35.67
CA GLU G 236 -15.37 -34.58 36.67
C GLU G 236 -15.58 -33.51 37.75
N LYS G 237 -16.82 -33.34 38.18
CA LYS G 237 -17.13 -32.39 39.25
C LYS G 237 -18.21 -32.97 40.17
N LYS G 238 -18.00 -32.86 41.47
CA LYS G 238 -19.02 -33.28 42.42
C LYS G 238 -20.08 -32.19 42.47
N TYR G 239 -19.64 -30.95 42.28
CA TYR G 239 -20.53 -29.79 42.29
C TYR G 239 -20.46 -29.02 40.98
N VAL G 240 -21.60 -28.50 40.55
CA VAL G 240 -21.65 -27.69 39.34
C VAL G 240 -21.18 -26.27 39.67
N SER G 241 -21.20 -25.93 40.97
CA SER G 241 -20.75 -24.62 41.40
C SER G 241 -19.23 -24.53 41.37
N GLU G 242 -18.58 -25.66 41.11
CA GLU G 242 -17.13 -25.69 40.92
C GLU G 242 -16.73 -24.85 39.71
N HIS G 243 -15.58 -24.19 39.80
CA HIS G 243 -15.05 -23.41 38.70
C HIS G 243 -14.97 -24.24 37.43
N ASP G 244 -15.46 -23.69 36.32
CA ASP G 244 -15.23 -24.30 35.03
C ASP G 244 -13.84 -23.94 34.52
N LYS G 245 -13.12 -24.93 34.01
CA LYS G 245 -11.80 -24.72 33.42
C LYS G 245 -11.89 -25.01 31.92
N ILE G 246 -10.77 -24.94 31.20
CA ILE G 246 -10.77 -25.28 29.78
C ILE G 246 -9.66 -26.27 29.44
N TYR G 247 -9.90 -27.09 28.41
CA TYR G 247 -8.95 -28.14 28.05
C TYR G 247 -8.77 -28.25 26.54
N ILE G 248 -7.58 -28.64 26.12
CA ILE G 248 -7.29 -28.88 24.70
C ILE G 248 -7.31 -30.37 24.45
N TYR G 249 -8.26 -30.83 23.65
CA TYR G 249 -8.33 -32.25 23.34
C TYR G 249 -7.91 -32.50 21.89
N ASP G 250 -6.72 -33.07 21.72
CA ASP G 250 -6.22 -33.55 20.45
C ASP G 250 -6.43 -35.05 20.29
N GLY G 251 -7.16 -35.64 21.23
CA GLY G 251 -7.21 -37.08 21.40
C GLY G 251 -6.53 -37.43 22.72
N GLU G 252 -5.90 -36.42 23.31
CA GLU G 252 -5.43 -36.49 24.69
C GLU G 252 -5.83 -35.19 25.38
N VAL G 253 -6.49 -35.30 26.53
CA VAL G 253 -6.94 -34.13 27.27
C VAL G 253 -5.76 -33.46 27.99
N LYS G 254 -5.63 -32.16 27.81
CA LYS G 254 -4.60 -31.39 28.51
C LYS G 254 -5.20 -30.12 29.10
N GLY G 255 -5.18 -30.00 30.44
CA GLY G 255 -5.60 -28.77 31.09
C GLY G 255 -4.58 -27.67 30.94
N ILE G 256 -4.99 -26.49 30.49
CA ILE G 256 -4.09 -25.36 30.49
C ILE G 256 -4.18 -24.50 31.74
N LEU G 257 -5.25 -24.71 32.50
CA LEU G 257 -5.53 -23.92 33.69
C LEU G 257 -5.17 -24.52 35.04
N ASP G 258 -4.57 -25.70 35.03
CA ASP G 258 -4.38 -26.50 36.25
C ASP G 258 -3.82 -25.72 37.45
N ASP G 259 -2.86 -24.84 37.21
CA ASP G 259 -2.19 -24.12 38.30
C ASP G 259 -2.90 -22.83 38.69
N ILE G 260 -4.04 -22.57 38.05
CA ILE G 260 -4.86 -21.40 38.35
C ILE G 260 -6.23 -21.81 38.89
N ASP G 261 -6.61 -21.32 40.07
CA ASP G 261 -7.96 -21.59 40.54
C ASP G 261 -8.77 -20.31 40.32
N ARG G 262 -9.57 -20.32 39.26
CA ARG G 262 -10.51 -19.24 38.89
C ARG G 262 -11.50 -19.81 37.89
N GLU G 263 -12.66 -19.17 37.71
CA GLU G 263 -13.59 -19.64 36.68
C GLU G 263 -13.46 -18.91 35.34
N VAL G 264 -13.42 -19.67 34.26
CA VAL G 264 -13.33 -19.12 32.92
C VAL G 264 -14.68 -18.60 32.46
N ALA G 265 -14.76 -17.32 32.14
CA ALA G 265 -15.99 -16.73 31.62
C ALA G 265 -16.33 -17.18 30.20
N GLN G 266 -15.37 -17.03 29.30
CA GLN G 266 -15.50 -17.52 27.93
C GLN G 266 -14.12 -17.75 27.31
N ALA G 267 -14.05 -18.57 26.25
CA ALA G 267 -12.77 -18.85 25.60
C ALA G 267 -12.94 -19.22 24.12
N LYS G 268 -11.90 -19.00 23.33
CA LYS G 268 -11.90 -19.40 21.92
C LYS G 268 -10.52 -19.90 21.51
N ILE G 269 -10.47 -20.90 20.65
CA ILE G 269 -9.21 -21.45 20.17
C ILE G 269 -9.00 -21.18 18.69
N ARG G 270 -7.86 -20.57 18.36
CA ARG G 270 -7.48 -20.33 16.97
C ARG G 270 -6.00 -20.60 16.74
N ASN G 271 -5.70 -21.42 15.74
CA ASN G 271 -4.32 -21.72 15.36
C ASN G 271 -3.47 -22.19 16.53
N GLY G 272 -4.09 -22.91 17.46
CA GLY G 272 -3.37 -23.51 18.57
C GLY G 272 -3.23 -22.60 19.78
N LYS G 273 -3.35 -21.30 19.59
CA LYS G 273 -3.40 -20.36 20.70
C LYS G 273 -4.81 -20.37 21.30
N VAL G 274 -4.92 -20.00 22.57
CA VAL G 274 -6.23 -19.90 23.20
C VAL G 274 -6.44 -18.51 23.82
N TYR G 275 -7.62 -17.94 23.63
CA TYR G 275 -7.98 -16.68 24.26
C TYR G 275 -9.11 -16.90 25.25
N PHE G 276 -8.93 -16.46 26.48
CA PHE G 276 -9.95 -16.65 27.49
C PHE G 276 -10.06 -15.50 28.48
N THR G 277 -11.22 -15.39 29.12
CA THR G 277 -11.40 -14.43 30.20
C THR G 277 -11.64 -15.18 31.51
N LEU G 278 -11.30 -14.55 32.63
CA LEU G 278 -11.53 -15.14 33.95
C LEU G 278 -12.23 -14.15 34.86
N PHE G 279 -13.06 -14.66 35.78
CA PHE G 279 -13.62 -13.81 36.81
C PHE G 279 -12.55 -13.63 37.88
N GLU G 280 -12.10 -12.39 38.10
CA GLU G 280 -11.18 -12.13 39.20
C GLU G 280 -11.60 -10.91 40.01
N GLU G 281 -12.00 -11.14 41.25
CA GLU G 281 -12.17 -10.05 42.20
C GLU G 281 -12.91 -8.83 41.63
N GLY G 282 -14.04 -9.07 40.98
CA GLY G 282 -14.85 -7.98 40.44
C GLY G 282 -14.43 -7.52 39.05
N SER G 283 -13.56 -8.30 38.43
CA SER G 283 -13.07 -8.01 37.09
C SER G 283 -13.20 -9.23 36.21
N VAL G 284 -13.38 -9.02 34.92
CA VAL G 284 -13.26 -10.11 33.97
C VAL G 284 -12.16 -9.76 32.98
N ASN G 285 -11.03 -10.45 33.08
CA ASN G 285 -9.82 -10.05 32.38
C ASN G 285 -9.48 -11.01 31.24
N LEU G 286 -8.92 -10.45 30.18
CA LEU G 286 -8.60 -11.23 28.98
C LEU G 286 -7.16 -11.74 29.03
N TYR G 287 -7.01 -13.06 28.95
CA TYR G 287 -5.69 -13.67 28.87
C TYR G 287 -5.53 -14.50 27.60
N LEU G 288 -4.33 -15.04 27.43
CA LEU G 288 -4.01 -15.81 26.23
C LEU G 288 -3.09 -16.98 26.59
N TRP G 289 -3.36 -18.15 26.03
CA TRP G 289 -2.47 -19.27 26.23
C TRP G 289 -1.79 -19.60 24.90
N ASP G 290 -0.51 -19.26 24.82
CA ASP G 290 0.37 -19.69 23.72
C ASP G 290 1.21 -20.92 24.05
N GLY G 291 0.90 -21.55 25.19
CA GLY G 291 1.76 -22.54 25.83
C GLY G 291 2.30 -22.04 27.16
N GLU G 292 2.06 -20.76 27.43
CA GLU G 292 2.12 -20.22 28.79
C GLU G 292 1.04 -19.16 28.90
N VAL G 293 0.32 -19.12 30.03
CA VAL G 293 -0.71 -18.11 30.23
C VAL G 293 -0.10 -16.70 30.23
N ARG G 294 -0.74 -15.78 29.51
CA ARG G 294 -0.23 -14.41 29.41
C ARG G 294 -1.37 -13.40 29.58
N GLU G 295 -1.04 -12.22 30.09
CA GLU G 295 -2.05 -11.22 30.37
C GLU G 295 -2.22 -10.26 29.17
N ILE G 296 -3.47 -10.10 28.72
CA ILE G 296 -3.78 -9.25 27.57
C ILE G 296 -4.43 -7.94 27.98
N ALA G 297 -5.62 -8.00 28.57
CA ALA G 297 -6.21 -6.80 29.16
C ALA G 297 -6.66 -7.03 30.60
N LYS G 298 -5.97 -6.38 31.53
CA LYS G 298 -6.30 -6.51 32.96
C LYS G 298 -6.50 -5.13 33.60
N GLY G 299 -7.47 -5.04 34.50
CA GLY G 299 -7.80 -3.79 35.16
C GLY G 299 -9.18 -3.88 35.78
N LYS G 300 -9.73 -2.75 36.20
CA LYS G 300 -11.05 -2.80 36.79
C LYS G 300 -12.02 -2.56 35.66
N HIS G 301 -12.69 -3.64 35.25
CA HIS G 301 -13.47 -3.65 34.03
C HIS G 301 -14.00 -5.05 33.77
N TRP G 302 -14.85 -5.19 32.77
CA TRP G 302 -15.28 -6.50 32.28
C TRP G 302 -15.10 -6.59 30.78
N ILE G 303 -14.53 -7.70 30.31
CA ILE G 303 -14.47 -7.96 28.89
C ILE G 303 -15.67 -8.83 28.50
N MET G 304 -16.60 -8.24 27.77
CA MET G 304 -17.91 -8.85 27.53
C MET G 304 -17.89 -9.75 26.31
N GLY G 305 -16.78 -9.74 25.59
CA GLY G 305 -16.64 -10.57 24.41
C GLY G 305 -15.35 -10.27 23.67
N PHE G 306 -15.02 -11.10 22.69
CA PHE G 306 -13.79 -10.94 21.95
C PHE G 306 -13.66 -11.99 20.84
N ASP G 307 -12.79 -11.72 19.88
CA ASP G 307 -12.49 -12.69 18.83
C ASP G 307 -11.08 -12.46 18.29
N ALA G 308 -10.48 -13.50 17.75
CA ALA G 308 -9.17 -13.34 17.14
C ALA G 308 -9.03 -14.17 15.87
N ASP G 309 -8.55 -13.53 14.81
CA ASP G 309 -7.99 -14.28 13.70
C ASP G 309 -6.56 -13.82 13.43
N GLU G 310 -6.42 -12.69 12.75
CA GLU G 310 -5.11 -12.05 12.57
C GLU G 310 -4.94 -10.93 13.57
N ARG G 311 -6.00 -10.64 14.30
CA ARG G 311 -6.03 -9.48 15.19
C ARG G 311 -6.89 -9.85 16.39
N LEU G 312 -6.60 -9.25 17.52
CA LEU G 312 -7.40 -9.49 18.70
C LEU G 312 -8.28 -8.29 18.97
N ILE G 313 -9.59 -8.52 19.06
CA ILE G 313 -10.52 -7.45 19.42
C ILE G 313 -11.46 -7.93 20.52
N TYR G 314 -11.85 -7.00 21.39
CA TYR G 314 -12.71 -7.31 22.51
C TYR G 314 -13.51 -6.11 22.96
N LEU G 315 -14.66 -6.35 23.58
CA LEU G 315 -15.45 -5.30 24.18
C LEU G 315 -15.03 -5.13 25.65
N LYS G 316 -14.78 -3.88 26.03
CA LYS G 316 -14.43 -3.58 27.41
C LYS G 316 -15.46 -2.64 28.03
N GLU G 317 -16.04 -3.07 29.14
CA GLU G 317 -17.05 -2.30 29.86
C GLU G 317 -16.49 -1.93 31.24
N THR G 318 -16.69 -0.68 31.65
CA THR G 318 -16.30 -0.27 32.99
C THR G 318 -17.54 0.09 33.79
N ALA G 319 -17.34 0.44 35.06
CA ALA G 319 -18.47 0.69 35.96
C ALA G 319 -19.12 2.01 35.58
N THR G 320 -18.32 2.90 34.99
CA THR G 320 -18.82 4.18 34.52
C THR G 320 -19.15 4.25 33.02
N ARG G 321 -18.89 3.18 32.27
CA ARG G 321 -19.14 3.18 30.82
CA ARG G 321 -19.15 3.18 30.83
C ARG G 321 -19.65 1.83 30.31
N PRO G 322 -20.60 1.87 29.35
CA PRO G 322 -21.09 0.70 28.61
C PRO G 322 -20.02 0.30 27.60
N ALA G 323 -20.03 -0.93 27.12
CA ALA G 323 -18.88 -1.44 26.37
C ALA G 323 -18.48 -0.60 25.15
N GLU G 324 -17.18 -0.62 24.86
CA GLU G 324 -16.62 -0.01 23.66
C GLU G 324 -15.61 -1.00 23.12
N LEU G 325 -15.25 -0.88 21.85
CA LEU G 325 -14.39 -1.86 21.21
C LEU G 325 -12.92 -1.49 21.31
N TYR G 326 -12.08 -2.47 21.63
CA TYR G 326 -10.65 -2.25 21.74
C TYR G 326 -9.88 -3.26 20.92
N LEU G 327 -8.68 -2.89 20.49
CA LEU G 327 -7.83 -3.76 19.67
C LEU G 327 -6.48 -3.98 20.33
N TRP G 328 -6.06 -5.25 20.48
CA TRP G 328 -4.75 -5.51 21.09
C TRP G 328 -3.73 -6.02 20.06
N ASP G 329 -2.77 -5.14 19.76
CA ASP G 329 -1.59 -5.43 18.95
C ASP G 329 -0.31 -5.71 19.76
N GLY G 330 -0.44 -5.76 21.08
CA GLY G 330 0.69 -5.70 21.99
C GLY G 330 0.70 -4.42 22.80
N GLU G 331 -0.11 -3.47 22.38
CA GLU G 331 -0.50 -2.35 23.21
C GLU G 331 -1.97 -2.13 22.93
N GLU G 332 -2.78 -2.04 23.99
CA GLU G 332 -4.22 -1.86 23.78
C GLU G 332 -4.54 -0.54 23.10
N ARG G 333 -5.50 -0.59 22.19
CA ARG G 333 -5.93 0.58 21.46
C ARG G 333 -7.45 0.62 21.37
N GLN G 334 -8.06 1.72 21.81
CA GLN G 334 -9.50 1.84 21.78
C GLN G 334 -9.99 2.19 20.37
N LEU G 335 -10.84 1.31 19.82
CA LEU G 335 -11.37 1.47 18.48
C LEU G 335 -12.55 2.43 18.35
N THR G 336 -13.46 2.39 19.32
CA THR G 336 -14.71 3.12 19.19
C THR G 336 -15.09 3.88 20.46
N ASP G 337 -15.42 5.15 20.30
CA ASP G 337 -16.09 5.86 21.36
C ASP G 337 -17.47 6.18 20.80
N TYR G 338 -18.49 5.42 21.19
CA TYR G 338 -19.87 5.71 20.79
C TYR G 338 -20.52 6.70 21.72
N ASN G 339 -20.25 6.47 23.00
CA ASN G 339 -20.89 7.20 24.08
C ASN G 339 -20.06 8.37 24.60
N GLY G 340 -18.91 8.63 23.96
CA GLY G 340 -18.02 9.70 24.36
C GLY G 340 -18.68 11.07 24.51
N LEU G 341 -19.40 11.50 23.48
CA LEU G 341 -20.06 12.80 23.50
C LEU G 341 -21.20 12.88 24.53
N ILE G 342 -21.97 11.80 24.65
CA ILE G 342 -23.02 11.74 25.65
C ILE G 342 -22.43 11.91 27.05
N PHE G 343 -21.36 11.17 27.34
CA PHE G 343 -20.72 11.21 28.65
C PHE G 343 -19.90 12.46 28.92
N LYS G 344 -19.75 13.31 27.90
CA LYS G 344 -19.13 14.61 28.09
C LYS G 344 -20.05 15.52 28.89
N LYS G 345 -21.35 15.39 28.64
CA LYS G 345 -22.37 16.11 29.40
C LYS G 345 -22.99 15.27 30.51
N LEU G 346 -22.54 14.03 30.67
CA LEU G 346 -23.18 13.16 31.65
C LEU G 346 -22.25 12.77 32.81
N LYS G 347 -22.63 13.15 34.03
CA LYS G 347 -21.79 12.94 35.19
C LYS G 347 -21.84 11.50 35.72
N THR G 348 -20.67 10.85 35.78
CA THR G 348 -20.60 9.48 36.27
C THR G 348 -20.05 9.41 37.71
N PHE G 349 -20.04 8.20 38.29
CA PHE G 349 -19.50 7.99 39.63
C PHE G 349 -18.61 6.75 39.72
N GLU G 350 -17.32 6.95 40.00
CA GLU G 350 -16.41 5.82 40.15
C GLU G 350 -16.57 5.21 41.52
N PRO G 351 -16.93 3.92 41.59
CA PRO G 351 -17.02 3.21 42.86
C PRO G 351 -15.64 3.07 43.52
N ARG G 352 -15.59 3.23 44.84
CA ARG G 352 -14.33 3.12 45.57
C ARG G 352 -14.19 1.74 46.19
N HIS G 353 -13.03 1.13 46.02
CA HIS G 353 -12.81 -0.23 46.52
C HIS G 353 -12.32 -0.25 47.97
N PHE G 354 -12.86 -1.19 48.74
CA PHE G 354 -12.43 -1.36 50.13
C PHE G 354 -12.45 -2.83 50.55
N ARG G 355 -11.60 -3.18 51.50
CA ARG G 355 -11.54 -4.53 52.03
C ARG G 355 -12.17 -4.51 53.40
N PHE G 356 -12.79 -5.62 53.79
CA PHE G 356 -13.36 -5.74 55.11
C PHE G 356 -13.26 -7.19 55.59
N LYS G 357 -13.06 -7.38 56.90
CA LYS G 357 -12.97 -8.72 57.44
C LYS G 357 -14.36 -9.21 57.80
N SER G 358 -14.66 -10.47 57.45
CA SER G 358 -15.91 -11.09 57.86
C SER G 358 -15.65 -12.49 58.40
N ILE G 359 -16.00 -12.71 59.67
CA ILE G 359 -15.73 -13.98 60.33
C ILE G 359 -14.26 -14.37 60.09
N ASP G 360 -14.07 -15.52 59.46
CA ASP G 360 -12.75 -16.06 59.21
C ASP G 360 -12.00 -15.44 58.01
N LEU G 361 -12.73 -14.81 57.10
CA LEU G 361 -12.18 -14.38 55.80
C LEU G 361 -12.09 -12.88 55.62
N GLU G 362 -11.53 -12.47 54.48
CA GLU G 362 -11.45 -11.07 54.09
C GLU G 362 -12.02 -10.91 52.68
N LEU G 363 -12.90 -9.93 52.51
CA LEU G 363 -13.69 -9.79 51.29
C LEU G 363 -13.44 -8.48 50.57
N ASP G 364 -14.12 -8.32 49.43
CA ASP G 364 -14.07 -7.10 48.65
C ASP G 364 -15.40 -6.38 48.76
N GLY G 365 -15.36 -5.06 48.71
CA GLY G 365 -16.55 -4.25 48.75
C GLY G 365 -16.34 -2.97 47.97
N TRP G 366 -17.44 -2.34 47.57
CA TRP G 366 -17.38 -1.07 46.84
C TRP G 366 -18.50 -0.15 47.28
N TYR G 367 -18.20 1.14 47.34
CA TYR G 367 -19.25 2.13 47.55
C TYR G 367 -19.08 3.33 46.61
N ILE G 368 -20.20 3.99 46.33
CA ILE G 368 -20.21 5.15 45.46
C ILE G 368 -20.72 6.32 46.27
N LYS G 369 -19.96 7.42 46.30
CA LYS G 369 -20.36 8.57 47.11
C LYS G 369 -21.09 9.60 46.25
N PRO G 370 -22.32 9.98 46.66
CA PRO G 370 -23.08 10.98 45.92
C PRO G 370 -22.61 12.38 46.31
N GLU G 371 -23.15 13.41 45.66
CA GLU G 371 -22.77 14.78 46.00
C GLU G 371 -23.51 15.26 47.24
N ILE G 372 -22.78 15.78 48.23
CA ILE G 372 -23.38 16.27 49.46
C ILE G 372 -22.68 17.53 49.97
N GLU G 376 -24.84 17.53 54.45
CA GLU G 376 -25.48 16.79 55.53
C GLU G 376 -25.14 15.31 55.47
N LYS G 377 -26.12 14.49 55.80
CA LYS G 377 -26.04 13.04 55.66
C LYS G 377 -26.56 12.63 54.27
N ALA G 378 -26.80 11.33 54.10
CA ALA G 378 -27.42 10.85 52.88
C ALA G 378 -27.68 9.34 52.97
N PRO G 379 -28.85 8.91 52.51
CA PRO G 379 -29.33 7.53 52.63
C PRO G 379 -28.44 6.55 51.88
N VAL G 380 -28.56 5.28 52.24
CA VAL G 380 -27.74 4.26 51.62
C VAL G 380 -28.61 3.15 51.01
N ILE G 381 -28.24 2.75 49.79
CA ILE G 381 -28.86 1.60 49.14
C ILE G 381 -27.84 0.48 49.00
N VAL G 382 -28.18 -0.69 49.55
CA VAL G 382 -27.34 -1.86 49.41
C VAL G 382 -27.79 -2.70 48.23
N PHE G 383 -26.86 -3.03 47.34
CA PHE G 383 -27.17 -3.85 46.18
C PHE G 383 -26.62 -5.26 46.38
N VAL G 384 -27.49 -6.27 46.30
CA VAL G 384 -27.05 -7.65 46.40
C VAL G 384 -27.14 -8.37 45.06
N HIS G 385 -26.00 -8.83 44.56
CA HIS G 385 -25.95 -9.45 43.24
C HIS G 385 -26.62 -10.81 43.18
N GLY G 386 -26.99 -11.22 41.97
CA GLY G 386 -27.58 -12.52 41.76
C GLY G 386 -26.58 -13.58 42.15
N GLY G 387 -26.99 -14.84 42.18
CA GLY G 387 -26.10 -15.83 42.74
C GLY G 387 -26.65 -17.22 42.97
N PRO G 388 -26.05 -17.92 43.93
CA PRO G 388 -25.04 -17.28 44.80
C PRO G 388 -23.74 -16.92 44.08
N LYS G 389 -23.49 -17.52 42.92
CA LYS G 389 -22.18 -17.41 42.26
C LYS G 389 -22.06 -16.22 41.30
N GLY G 390 -23.05 -15.33 41.32
CA GLY G 390 -22.91 -14.04 40.66
C GLY G 390 -21.80 -13.20 41.29
N MET G 391 -21.34 -12.19 40.57
CA MET G 391 -20.22 -11.36 41.01
C MET G 391 -20.43 -9.88 40.69
N TYR G 392 -20.23 -9.03 41.69
CA TYR G 392 -20.21 -7.59 41.44
C TYR G 392 -18.79 -7.15 41.14
N GLY G 393 -18.63 -5.89 40.81
CA GLY G 393 -17.39 -5.46 40.20
C GLY G 393 -17.52 -4.22 39.33
N TYR G 394 -16.62 -4.14 38.37
CA TYR G 394 -16.46 -2.95 37.55
C TYR G 394 -17.31 -2.90 36.28
N TYR G 395 -18.21 -3.87 36.10
CA TYR G 395 -19.20 -3.72 35.03
C TYR G 395 -20.19 -2.59 35.33
N PHE G 396 -20.89 -2.14 34.29
CA PHE G 396 -21.71 -0.94 34.37
C PHE G 396 -23.16 -1.27 34.78
N LYS G 397 -23.56 -0.81 35.96
CA LYS G 397 -24.89 -1.07 36.50
C LYS G 397 -25.72 0.21 36.55
N TYR G 398 -26.83 0.23 35.83
CA TYR G 398 -27.62 1.44 35.63
C TYR G 398 -28.16 2.04 36.92
N GLU G 399 -28.91 1.24 37.66
CA GLU G 399 -29.58 1.71 38.87
C GLU G 399 -28.59 2.38 39.83
N MET G 400 -27.35 1.91 39.82
CA MET G 400 -26.32 2.42 40.71
C MET G 400 -25.89 3.85 40.38
N GLN G 401 -25.57 4.09 39.11
CA GLN G 401 -25.26 5.44 38.68
C GLN G 401 -26.49 6.34 38.87
N LEU G 402 -27.65 5.83 38.49
CA LEU G 402 -28.90 6.58 38.57
C LEU G 402 -29.23 7.02 40.00
N MET G 403 -29.27 6.08 40.94
CA MET G 403 -29.61 6.38 42.32
C MET G 403 -28.56 7.27 42.96
N ALA G 404 -27.34 7.20 42.45
CA ALA G 404 -26.25 8.03 42.97
C ALA G 404 -26.43 9.50 42.60
N SER G 405 -26.92 9.76 41.38
CA SER G 405 -27.13 11.12 40.92
C SER G 405 -28.28 11.74 41.71
N LYS G 406 -29.11 10.87 42.28
CA LYS G 406 -30.25 11.26 43.09
C LYS G 406 -29.82 11.40 44.56
N GLY G 407 -28.52 11.24 44.81
CA GLY G 407 -27.94 11.53 46.11
C GLY G 407 -27.97 10.41 47.12
N TYR G 408 -27.97 9.17 46.65
CA TYR G 408 -27.89 8.00 47.52
C TYR G 408 -26.45 7.49 47.57
N TYR G 409 -26.01 7.02 48.73
CA TYR G 409 -24.83 6.19 48.81
C TYR G 409 -25.15 4.84 48.17
N ILE G 410 -24.22 4.32 47.37
CA ILE G 410 -24.38 2.99 46.81
C ILE G 410 -23.32 2.06 47.39
N VAL G 411 -23.74 0.95 47.98
CA VAL G 411 -22.79 0.02 48.59
C VAL G 411 -23.12 -1.45 48.27
N TYR G 412 -22.09 -2.20 47.88
CA TYR G 412 -22.26 -3.60 47.52
C TYR G 412 -20.97 -4.41 47.72
N VAL G 413 -21.11 -5.71 47.95
CA VAL G 413 -19.97 -6.57 48.29
C VAL G 413 -20.05 -7.91 47.56
N ASN G 414 -18.97 -8.68 47.62
CA ASN G 414 -18.92 -10.00 47.00
C ASN G 414 -18.78 -11.02 48.12
N PRO G 415 -19.93 -11.40 48.71
CA PRO G 415 -20.02 -12.34 49.83
C PRO G 415 -19.60 -13.74 49.40
N ARG G 416 -19.28 -14.59 50.37
CA ARG G 416 -18.83 -15.94 50.06
C ARG G 416 -19.89 -16.66 49.23
N GLY G 417 -19.43 -17.41 48.25
CA GLY G 417 -20.32 -18.02 47.28
C GLY G 417 -20.28 -17.32 45.94
N SER G 418 -19.75 -16.10 45.92
CA SER G 418 -19.61 -15.32 44.68
C SER G 418 -18.49 -15.85 43.79
N ASN G 419 -18.57 -15.49 42.52
CA ASN G 419 -17.52 -15.80 41.58
C ASN G 419 -16.35 -14.82 41.71
N GLY G 420 -15.30 -15.04 40.93
CA GLY G 420 -14.13 -14.17 40.93
C GLY G 420 -13.06 -14.46 41.96
N TYR G 421 -13.14 -15.64 42.58
CA TYR G 421 -12.24 -15.99 43.68
C TYR G 421 -11.94 -17.47 43.63
N SER G 422 -11.36 -18.00 44.71
CA SER G 422 -11.04 -19.42 44.76
C SER G 422 -12.30 -20.26 44.70
N GLU G 423 -12.16 -21.49 44.24
CA GLU G 423 -13.28 -22.41 44.18
C GLU G 423 -13.92 -22.58 45.55
N ASP G 424 -13.10 -22.78 46.58
CA ASP G 424 -13.60 -22.97 47.94
C ASP G 424 -14.46 -21.80 48.40
N PHE G 425 -14.00 -20.58 48.12
CA PHE G 425 -14.74 -19.38 48.49
C PHE G 425 -16.16 -19.44 47.96
N ALA G 426 -16.33 -20.00 46.77
CA ALA G 426 -17.65 -20.14 46.15
C ALA G 426 -18.47 -21.29 46.75
N LEU G 427 -17.84 -22.43 46.99
CA LEU G 427 -18.57 -23.57 47.56
C LEU G 427 -19.01 -23.31 49.00
N ARG G 428 -18.42 -22.31 49.64
CA ARG G 428 -18.68 -22.04 51.05
C ARG G 428 -20.14 -21.72 51.34
N VAL G 429 -20.90 -21.46 50.28
CA VAL G 429 -22.28 -21.05 50.47
C VAL G 429 -23.26 -22.22 50.39
N LEU G 430 -22.76 -23.42 50.10
CA LEU G 430 -23.67 -24.55 49.86
C LEU G 430 -24.38 -25.01 51.14
N GLU G 431 -25.70 -24.94 51.07
CA GLU G 431 -26.61 -25.17 52.19
C GLU G 431 -26.26 -24.22 53.31
N ARG G 432 -25.52 -23.16 52.98
CA ARG G 432 -25.28 -22.07 53.92
C ARG G 432 -26.14 -20.85 53.66
N THR G 433 -27.01 -20.96 52.65
CA THR G 433 -27.69 -19.79 52.12
C THR G 433 -28.37 -19.00 53.21
N GLY G 434 -28.04 -17.72 53.29
CA GLY G 434 -28.67 -16.83 54.26
C GLY G 434 -28.07 -16.89 55.65
N LEU G 435 -26.90 -17.52 55.78
CA LEU G 435 -26.21 -17.58 57.07
C LEU G 435 -24.92 -16.78 57.07
N GLU G 436 -23.87 -17.34 56.45
CA GLU G 436 -22.58 -16.65 56.40
C GLU G 436 -22.58 -15.50 55.43
N ASP G 437 -23.03 -15.77 54.20
CA ASP G 437 -23.04 -14.75 53.15
C ASP G 437 -23.90 -13.55 53.51
N PHE G 438 -24.91 -13.75 54.36
CA PHE G 438 -25.72 -12.64 54.84
C PHE G 438 -24.92 -11.82 55.84
N GLN G 439 -24.12 -12.50 56.66
CA GLN G 439 -23.28 -11.81 57.62
C GLN G 439 -22.18 -11.07 56.87
N ASP G 440 -21.73 -11.65 55.76
CA ASP G 440 -20.72 -11.01 54.92
C ASP G 440 -21.19 -9.64 54.48
N ILE G 441 -22.45 -9.55 54.11
CA ILE G 441 -23.05 -8.29 53.67
C ILE G 441 -23.16 -7.32 54.84
N LEU G 442 -23.52 -7.84 56.01
CA LEU G 442 -23.65 -6.98 57.19
C LEU G 442 -22.30 -6.35 57.58
N ASN G 443 -21.27 -7.16 57.77
CA ASN G 443 -19.93 -6.64 58.02
C ASN G 443 -19.46 -5.70 56.92
N GLY G 444 -19.85 -6.01 55.69
CA GLY G 444 -19.53 -5.16 54.57
C GLY G 444 -20.13 -3.78 54.80
N ILE G 445 -21.39 -3.77 55.20
CA ILE G 445 -22.09 -2.53 55.48
C ILE G 445 -21.40 -1.79 56.62
N GLU G 446 -21.02 -2.55 57.65
CA GLU G 446 -20.45 -1.99 58.87
C GLU G 446 -19.13 -1.25 58.63
N GLU G 447 -18.29 -1.83 57.78
CA GLU G 447 -16.98 -1.25 57.49
C GLU G 447 -17.14 -0.01 56.60
N PHE G 448 -18.08 -0.10 55.66
CA PHE G 448 -18.42 1.02 54.80
C PHE G 448 -18.80 2.23 55.64
N LEU G 449 -19.77 2.03 56.53
CA LEU G 449 -20.24 3.09 57.41
C LEU G 449 -19.10 3.67 58.23
N ARG G 450 -18.07 2.85 58.43
CA ARG G 450 -16.90 3.29 59.18
C ARG G 450 -16.02 4.18 58.30
N LEU G 451 -16.03 3.91 57.00
CA LEU G 451 -15.28 4.74 56.06
C LEU G 451 -16.01 6.03 55.66
N GLU G 452 -17.32 6.03 55.86
CA GLU G 452 -18.15 7.15 55.44
C GLU G 452 -19.09 7.57 56.56
N PRO G 453 -18.62 8.48 57.43
CA PRO G 453 -19.44 9.00 58.52
C PRO G 453 -20.65 9.78 57.99
N GLN G 454 -20.55 10.28 56.77
CA GLN G 454 -21.66 11.03 56.17
C GLN G 454 -22.75 10.09 55.64
N ALA G 455 -22.49 8.79 55.65
CA ALA G 455 -23.52 7.82 55.32
C ALA G 455 -24.48 7.72 56.50
N ASP G 456 -25.76 7.97 56.23
CA ASP G 456 -26.76 8.03 57.28
C ASP G 456 -27.22 6.62 57.67
N ARG G 457 -27.00 6.26 58.94
CA ARG G 457 -27.30 4.91 59.39
C ARG G 457 -28.80 4.68 59.57
N GLU G 458 -29.54 5.76 59.76
CA GLU G 458 -30.98 5.65 60.01
C GLU G 458 -31.79 5.42 58.74
N ARG G 459 -31.26 5.83 57.58
CA ARG G 459 -31.86 5.44 56.32
C ARG G 459 -30.95 4.54 55.51
N ILE G 460 -31.26 3.24 55.49
CA ILE G 460 -30.52 2.29 54.67
C ILE G 460 -31.50 1.34 54.01
N GLY G 461 -31.52 1.34 52.67
CA GLY G 461 -32.35 0.42 51.92
C GLY G 461 -31.53 -0.74 51.39
N ILE G 462 -32.21 -1.77 50.93
CA ILE G 462 -31.54 -2.91 50.32
C ILE G 462 -32.40 -3.45 49.18
N THR G 463 -31.75 -3.85 48.09
CA THR G 463 -32.47 -4.35 46.92
C THR G 463 -31.64 -5.41 46.23
N GLY G 464 -32.27 -6.21 45.40
CA GLY G 464 -31.57 -7.21 44.61
C GLY G 464 -32.49 -7.99 43.71
N ILE G 465 -31.91 -8.64 42.71
CA ILE G 465 -32.65 -9.45 41.76
C ILE G 465 -32.26 -10.92 41.89
N ALA G 466 -33.23 -11.81 41.75
CA ALA G 466 -32.99 -13.23 41.92
C ALA G 466 -32.43 -13.51 43.32
N TYR G 467 -31.25 -14.09 43.42
CA TYR G 467 -30.67 -14.38 44.73
C TYR G 467 -30.52 -13.09 45.54
N GLY G 468 -30.25 -11.99 44.85
CA GLY G 468 -30.18 -10.70 45.50
C GLY G 468 -31.53 -10.33 46.09
N GLY G 469 -32.59 -10.79 45.45
CA GLY G 469 -33.95 -10.54 45.91
C GLY G 469 -34.29 -11.42 47.10
N TYR G 470 -33.82 -12.67 47.05
CA TYR G 470 -33.94 -13.58 48.17
C TYR G 470 -33.24 -13.00 49.39
N MET G 471 -32.08 -12.41 49.15
CA MET G 471 -31.31 -11.83 50.22
C MET G 471 -32.07 -10.64 50.79
N THR G 472 -32.81 -9.95 49.93
CA THR G 472 -33.60 -8.81 50.37
C THR G 472 -34.76 -9.25 51.25
N ASN G 473 -35.48 -10.28 50.82
CA ASN G 473 -36.53 -10.87 51.64
C ASN G 473 -35.95 -11.34 52.97
N TRP G 474 -34.77 -11.93 52.91
CA TRP G 474 -34.10 -12.41 54.10
C TRP G 474 -33.80 -11.25 55.03
N ALA G 475 -33.11 -10.23 54.52
CA ALA G 475 -32.68 -9.11 55.34
C ALA G 475 -33.84 -8.44 56.09
N LEU G 476 -35.02 -8.39 55.48
CA LEU G 476 -36.14 -7.71 56.11
C LEU G 476 -36.79 -8.59 57.18
N THR G 477 -36.40 -9.86 57.21
CA THR G 477 -36.78 -10.77 58.29
C THR G 477 -35.72 -10.76 59.39
N GLN G 478 -34.51 -11.19 59.03
CA GLN G 478 -33.44 -11.41 60.00
C GLN G 478 -32.74 -10.17 60.58
N SER G 479 -33.07 -8.98 60.07
CA SER G 479 -32.41 -7.76 60.56
C SER G 479 -33.31 -6.53 60.64
N ASP G 480 -33.04 -5.68 61.64
CA ASP G 480 -33.77 -4.43 61.81
C ASP G 480 -33.06 -3.22 61.18
N LEU G 481 -31.90 -3.44 60.60
CA LEU G 481 -31.08 -2.35 60.09
C LEU G 481 -31.77 -1.55 58.96
N PHE G 482 -32.54 -2.23 58.11
CA PHE G 482 -33.06 -1.61 56.90
C PHE G 482 -34.42 -0.93 57.06
N LYS G 483 -34.52 0.30 56.57
CA LYS G 483 -35.76 1.07 56.57
C LYS G 483 -36.71 0.71 55.42
N ALA G 484 -36.15 0.24 54.30
CA ALA G 484 -36.95 -0.16 53.15
C ALA G 484 -36.21 -1.17 52.27
N GLY G 485 -36.96 -1.90 51.45
CA GLY G 485 -36.35 -2.83 50.52
C GLY G 485 -37.12 -3.06 49.23
N ILE G 486 -36.40 -3.52 48.21
CA ILE G 486 -36.99 -3.84 46.92
C ILE G 486 -36.50 -5.21 46.46
N SER G 487 -37.41 -6.16 46.35
CA SER G 487 -37.04 -7.53 46.01
C SER G 487 -37.64 -7.97 44.68
N GLU G 488 -36.77 -8.34 43.73
CA GLU G 488 -37.19 -8.63 42.36
C GLU G 488 -36.88 -10.06 41.96
N ASN G 489 -37.88 -10.76 41.44
CA ASN G 489 -37.67 -12.10 40.94
C ASN G 489 -36.88 -12.91 41.96
N GLY G 490 -37.21 -12.72 43.25
CA GLY G 490 -36.47 -13.35 44.33
C GLY G 490 -37.00 -14.71 44.72
N ILE G 491 -36.54 -15.21 45.87
CA ILE G 491 -37.07 -16.46 46.41
C ILE G 491 -37.51 -16.31 47.87
N SER G 492 -38.82 -16.41 48.11
CA SER G 492 -39.35 -16.49 49.47
C SER G 492 -39.38 -17.91 50.07
N TYR G 493 -39.37 -18.92 49.21
CA TYR G 493 -39.46 -20.30 49.65
C TYR G 493 -38.61 -21.18 48.75
N TRP G 494 -37.77 -22.03 49.35
CA TRP G 494 -36.86 -22.85 48.54
C TRP G 494 -37.52 -24.06 47.88
N LEU G 495 -38.47 -24.67 48.58
CA LEU G 495 -39.09 -25.91 48.11
C LEU G 495 -39.75 -25.71 46.77
N THR G 496 -40.62 -24.71 46.68
CA THR G 496 -41.28 -24.40 45.43
C THR G 496 -40.26 -24.01 44.37
N SER G 497 -39.13 -23.44 44.80
CA SER G 497 -38.05 -23.16 43.85
C SER G 497 -37.57 -24.46 43.23
N TYR G 498 -37.43 -25.47 44.08
CA TYR G 498 -36.99 -26.80 43.64
C TYR G 498 -37.98 -27.46 42.67
N ALA G 499 -39.24 -27.55 43.08
CA ALA G 499 -40.26 -28.24 42.29
C ALA G 499 -40.75 -27.43 41.09
N PHE G 500 -40.99 -26.15 41.30
CA PHE G 500 -41.58 -25.28 40.27
C PHE G 500 -40.62 -24.78 39.19
N SER G 501 -39.41 -24.43 39.60
CA SER G 501 -38.47 -23.74 38.71
C SER G 501 -37.86 -24.62 37.64
N ASP G 502 -37.32 -23.97 36.61
CA ASP G 502 -36.66 -24.65 35.52
C ASP G 502 -35.45 -25.49 35.96
N ILE G 503 -34.55 -24.90 36.75
CA ILE G 503 -33.33 -25.59 37.17
C ILE G 503 -33.39 -26.24 38.56
N GLY G 504 -34.55 -26.13 39.22
CA GLY G 504 -34.69 -26.58 40.59
C GLY G 504 -34.28 -28.00 40.94
N LEU G 505 -34.69 -28.97 40.12
CA LEU G 505 -34.49 -30.39 40.43
C LEU G 505 -33.04 -30.76 40.72
N TRP G 506 -32.10 -29.98 40.19
CA TRP G 506 -30.68 -30.19 40.46
C TRP G 506 -30.11 -29.05 41.32
N PHE G 507 -30.17 -27.83 40.80
CA PHE G 507 -29.62 -26.67 41.47
C PHE G 507 -30.00 -26.62 42.95
N ASP G 508 -31.29 -26.79 43.26
CA ASP G 508 -31.74 -26.73 44.65
C ASP G 508 -31.23 -27.88 45.52
N LYS G 509 -30.83 -28.97 44.87
CA LYS G 509 -30.26 -30.09 45.61
C LYS G 509 -28.80 -29.84 45.98
N GLU G 510 -28.06 -29.18 45.10
CA GLU G 510 -26.67 -28.83 45.37
C GLU G 510 -26.56 -27.64 46.30
N VAL G 511 -27.31 -26.58 46.01
CA VAL G 511 -27.28 -25.36 46.81
C VAL G 511 -28.10 -25.39 48.11
N ILE G 512 -29.33 -25.91 48.06
CA ILE G 512 -30.13 -26.00 49.28
C ILE G 512 -30.09 -27.37 49.97
N GLY G 513 -29.42 -28.35 49.35
CA GLY G 513 -29.32 -29.68 49.94
C GLY G 513 -30.21 -30.77 49.34
N ASP G 514 -29.79 -32.02 49.55
CA ASP G 514 -30.48 -33.20 49.04
C ASP G 514 -31.77 -33.52 49.80
N ASN G 515 -32.64 -34.32 49.19
CA ASN G 515 -33.90 -34.72 49.79
C ASN G 515 -34.81 -33.54 50.13
N PRO G 516 -35.12 -32.71 49.12
CA PRO G 516 -35.93 -31.50 49.32
C PRO G 516 -37.21 -31.79 50.11
N LEU G 517 -37.77 -32.98 49.91
CA LEU G 517 -39.00 -33.36 50.59
C LEU G 517 -38.79 -33.56 52.10
N GLU G 518 -37.75 -34.30 52.45
CA GLU G 518 -37.49 -34.63 53.86
C GLU G 518 -36.60 -33.60 54.58
N ASN G 519 -36.01 -32.67 53.83
CA ASN G 519 -35.05 -31.72 54.41
C ASN G 519 -35.71 -30.48 55.02
N GLU G 520 -35.33 -30.16 56.25
CA GLU G 520 -35.94 -29.04 56.98
C GLU G 520 -35.30 -27.71 56.62
N ASN G 521 -34.13 -27.77 55.99
CA ASN G 521 -33.42 -26.57 55.58
C ASN G 521 -34.29 -25.72 54.67
N TYR G 522 -34.92 -26.37 53.71
CA TYR G 522 -35.82 -25.70 52.77
C TYR G 522 -36.83 -24.83 53.50
N ARG G 523 -37.25 -25.27 54.68
CA ARG G 523 -38.10 -24.46 55.54
C ARG G 523 -37.30 -23.44 56.36
N LYS G 524 -36.17 -23.86 56.91
CA LYS G 524 -35.44 -23.04 57.85
C LYS G 524 -34.72 -21.85 57.21
N LEU G 525 -34.35 -22.00 55.94
CA LEU G 525 -33.65 -20.94 55.22
C LEU G 525 -34.56 -20.07 54.35
N SER G 526 -35.86 -20.33 54.39
CA SER G 526 -36.82 -19.61 53.53
C SER G 526 -37.47 -18.42 54.21
N PRO G 527 -37.27 -17.22 53.66
CA PRO G 527 -37.79 -15.98 54.23
C PRO G 527 -39.29 -16.05 54.51
N LEU G 528 -40.03 -16.86 53.75
CA LEU G 528 -41.48 -16.90 53.85
C LEU G 528 -41.97 -17.12 55.28
N PHE G 529 -41.37 -18.08 55.97
CA PHE G 529 -41.80 -18.45 57.32
C PHE G 529 -41.54 -17.36 58.36
N TYR G 530 -40.58 -16.48 58.06
CA TYR G 530 -40.16 -15.42 58.96
C TYR G 530 -40.94 -14.12 58.76
N ALA G 531 -41.98 -14.19 57.93
CA ALA G 531 -42.70 -13.00 57.48
C ALA G 531 -43.08 -11.99 58.56
N LYS G 532 -43.63 -12.45 59.69
CA LYS G 532 -44.06 -11.54 60.75
C LYS G 532 -42.96 -10.58 61.20
N ASN G 533 -41.72 -11.07 61.14
CA ASN G 533 -40.54 -10.34 61.62
C ASN G 533 -40.26 -9.09 60.80
N VAL G 534 -41.00 -8.90 59.73
CA VAL G 534 -40.69 -7.83 58.79
C VAL G 534 -41.44 -6.57 59.19
N LYS G 535 -40.70 -5.58 59.68
CA LYS G 535 -41.29 -4.29 60.03
C LYS G 535 -41.20 -3.24 58.92
N ALA G 536 -40.42 -3.53 57.88
CA ALA G 536 -40.13 -2.56 56.83
C ALA G 536 -41.09 -2.60 55.64
N PRO G 537 -41.27 -1.45 54.98
CA PRO G 537 -42.00 -1.40 53.71
C PRO G 537 -41.18 -2.10 52.63
N LEU G 538 -41.84 -2.93 51.84
CA LEU G 538 -41.16 -3.73 50.84
C LEU G 538 -41.86 -3.56 49.51
N LEU G 539 -41.08 -3.51 48.45
CA LEU G 539 -41.63 -3.55 47.11
C LEU G 539 -41.14 -4.82 46.41
N LEU G 540 -42.08 -5.67 46.01
CA LEU G 540 -41.75 -6.84 45.22
C LEU G 540 -41.92 -6.53 43.74
N ILE G 541 -41.02 -7.06 42.92
CA ILE G 541 -41.15 -6.96 41.47
C ILE G 541 -41.09 -8.36 40.86
N HIS G 542 -41.91 -8.62 39.84
CA HIS G 542 -41.86 -9.89 39.12
C HIS G 542 -42.30 -9.80 37.67
N SER G 543 -41.78 -10.71 36.84
CA SER G 543 -42.18 -10.79 35.44
C SER G 543 -42.83 -12.14 35.15
N LEU G 544 -43.92 -12.13 34.41
CA LEU G 544 -44.70 -13.35 34.21
C LEU G 544 -43.97 -14.41 33.40
N GLU G 545 -42.98 -14.02 32.62
CA GLU G 545 -42.23 -14.96 31.79
C GLU G 545 -40.95 -15.54 32.43
N ASP G 546 -40.72 -15.24 33.70
CA ASP G 546 -39.50 -15.71 34.36
C ASP G 546 -39.72 -17.08 35.01
N TYR G 547 -39.03 -18.08 34.46
CA TYR G 547 -39.11 -19.46 34.94
C TYR G 547 -37.96 -19.88 35.85
N ARG G 548 -37.01 -18.98 36.07
CA ARG G 548 -35.88 -19.25 36.94
C ARG G 548 -36.34 -19.14 38.39
N CYS G 549 -37.04 -18.05 38.67
CA CYS G 549 -37.66 -17.84 39.96
C CYS G 549 -39.12 -17.51 39.66
N PRO G 550 -39.96 -18.55 39.61
CA PRO G 550 -41.35 -18.43 39.17
C PRO G 550 -42.15 -17.45 40.03
N LEU G 551 -43.25 -16.95 39.49
CA LEU G 551 -44.04 -15.90 40.14
C LEU G 551 -44.49 -16.24 41.56
N ASP G 552 -44.56 -17.53 41.90
CA ASP G 552 -44.98 -17.96 43.22
C ASP G 552 -44.11 -17.37 44.31
N GLN G 553 -42.84 -17.11 43.99
CA GLN G 553 -41.87 -16.61 44.95
C GLN G 553 -42.17 -15.19 45.42
N SER G 554 -42.57 -14.33 44.49
CA SER G 554 -42.93 -12.97 44.86
C SER G 554 -44.35 -12.84 45.42
N LEU G 555 -45.29 -13.53 44.78
CA LEU G 555 -46.71 -13.36 45.10
C LEU G 555 -47.11 -13.99 46.43
N MET G 556 -46.70 -15.23 46.66
CA MET G 556 -46.97 -15.88 47.94
C MET G 556 -46.48 -14.97 49.05
N PHE G 557 -45.22 -14.58 48.97
CA PHE G 557 -44.62 -13.70 49.97
C PHE G 557 -45.48 -12.45 50.13
N TYR G 558 -45.95 -11.89 49.02
CA TYR G 558 -46.79 -10.71 49.07
C TYR G 558 -48.10 -10.96 49.83
N HIS G 559 -48.83 -12.00 49.41
CA HIS G 559 -50.08 -12.38 50.07
C HIS G 559 -49.91 -12.58 51.57
N VAL G 560 -48.92 -13.38 51.95
CA VAL G 560 -48.68 -13.65 53.36
C VAL G 560 -48.46 -12.37 54.15
N LEU G 561 -47.50 -11.57 53.70
CA LEU G 561 -47.23 -10.31 54.37
C LEU G 561 -48.52 -9.53 54.57
N LYS G 562 -49.32 -9.41 53.52
CA LYS G 562 -50.58 -8.68 53.61
C LYS G 562 -51.47 -9.28 54.69
N ASP G 563 -51.52 -10.60 54.73
CA ASP G 563 -52.37 -11.30 55.68
C ASP G 563 -51.94 -11.03 57.10
N LEU G 564 -50.65 -10.74 57.29
CA LEU G 564 -50.11 -10.35 58.57
C LEU G 564 -50.35 -8.86 58.85
N GLY G 565 -50.61 -8.11 57.79
CA GLY G 565 -50.89 -6.69 57.91
C GLY G 565 -49.69 -5.79 57.63
N LYS G 566 -48.58 -6.41 57.22
CA LYS G 566 -47.36 -5.67 56.93
C LYS G 566 -47.57 -4.78 55.70
N GLU G 567 -46.74 -3.76 55.55
CA GLU G 567 -46.86 -2.86 54.40
C GLU G 567 -45.98 -3.39 53.26
N VAL G 568 -46.63 -3.84 52.20
CA VAL G 568 -45.93 -4.42 51.06
C VAL G 568 -46.72 -4.18 49.78
N TYR G 569 -46.00 -4.02 48.67
CA TYR G 569 -46.61 -3.82 47.37
C TYR G 569 -45.95 -4.76 46.38
N ILE G 570 -46.69 -5.17 45.36
CA ILE G 570 -46.12 -6.03 44.34
C ILE G 570 -46.39 -5.52 42.94
N ALA G 571 -45.34 -5.44 42.14
CA ALA G 571 -45.47 -5.06 40.74
C ALA G 571 -45.21 -6.30 39.90
N ILE G 572 -46.26 -6.78 39.23
CA ILE G 572 -46.13 -7.93 38.36
C ILE G 572 -46.20 -7.50 36.90
N PHE G 573 -45.07 -7.57 36.21
CA PHE G 573 -44.98 -7.13 34.82
C PHE G 573 -45.58 -8.18 33.90
N LYS G 574 -46.34 -7.73 32.92
CA LYS G 574 -47.08 -8.64 32.04
C LYS G 574 -46.17 -9.42 31.10
N LYS G 575 -45.09 -8.80 30.64
CA LYS G 575 -44.14 -9.48 29.75
C LYS G 575 -42.72 -9.43 30.31
N GLY G 576 -41.86 -10.28 29.75
CA GLY G 576 -40.46 -10.31 30.13
C GLY G 576 -40.06 -11.49 31.01
N ALA G 577 -38.80 -11.90 30.86
CA ALA G 577 -38.25 -13.06 31.53
C ALA G 577 -37.49 -12.70 32.81
N HIS G 578 -36.77 -13.67 33.38
CA HIS G 578 -35.98 -13.44 34.59
C HIS G 578 -35.10 -12.20 34.48
N GLY G 579 -34.59 -11.94 33.28
CA GLY G 579 -33.69 -10.82 33.07
C GLY G 579 -34.38 -9.57 32.54
N HIS G 580 -35.69 -9.48 32.77
CA HIS G 580 -36.51 -8.41 32.22
C HIS G 580 -36.03 -6.98 32.52
N SER G 581 -35.42 -6.78 33.69
CA SER G 581 -34.91 -5.46 34.04
C SER G 581 -33.99 -4.87 32.97
N ILE G 582 -32.98 -5.64 32.55
CA ILE G 582 -32.14 -5.28 31.41
C ILE G 582 -32.66 -5.64 30.01
N ARG G 583 -33.32 -6.79 29.88
CA ARG G 583 -33.78 -7.30 28.58
C ARG G 583 -35.25 -7.06 28.20
N GLY G 584 -36.03 -6.39 29.04
CA GLY G 584 -37.42 -6.11 28.72
C GLY G 584 -37.53 -5.03 27.66
N SER G 585 -38.74 -4.69 27.23
CA SER G 585 -38.88 -3.66 26.20
C SER G 585 -38.58 -2.28 26.79
N PRO G 586 -38.14 -1.32 25.95
CA PRO G 586 -37.77 0.00 26.44
C PRO G 586 -38.84 0.64 27.33
N ARG G 587 -40.11 0.52 26.94
CA ARG G 587 -41.17 1.12 27.73
C ARG G 587 -41.35 0.34 29.03
N HIS G 588 -41.19 -0.97 28.94
CA HIS G 588 -41.27 -1.85 30.10
C HIS G 588 -40.16 -1.50 31.09
N ARG G 589 -38.93 -1.48 30.60
CA ARG G 589 -37.78 -1.14 31.43
C ARG G 589 -37.88 0.26 32.03
N MET G 590 -38.30 1.22 31.22
CA MET G 590 -38.41 2.60 31.71
C MET G 590 -39.38 2.72 32.87
N LYS G 591 -40.49 2.00 32.80
CA LYS G 591 -41.48 2.09 33.86
C LYS G 591 -40.94 1.47 35.14
N ARG G 592 -40.12 0.44 34.99
CA ARG G 592 -39.48 -0.18 36.16
C ARG G 592 -38.50 0.78 36.83
N TYR G 593 -37.55 1.29 36.05
CA TYR G 593 -36.59 2.27 36.57
C TYR G 593 -37.33 3.38 37.30
N LYS G 594 -38.42 3.86 36.70
CA LYS G 594 -39.19 4.92 37.31
C LYS G 594 -39.77 4.47 38.64
N LEU G 595 -40.25 3.23 38.69
CA LEU G 595 -40.81 2.65 39.90
C LEU G 595 -39.75 2.58 40.98
N PHE G 596 -38.61 2.02 40.59
CA PHE G 596 -37.43 1.88 41.45
C PHE G 596 -37.12 3.21 42.14
N MET G 597 -36.80 4.22 41.34
CA MET G 597 -36.48 5.55 41.85
C MET G 597 -37.49 6.04 42.87
N GLU G 598 -38.77 5.96 42.53
CA GLU G 598 -39.80 6.56 43.38
C GLU G 598 -39.97 5.83 44.71
N PHE G 599 -39.99 4.50 44.69
CA PHE G 599 -40.14 3.74 45.92
C PHE G 599 -39.03 4.08 46.93
N PHE G 600 -37.82 4.28 46.43
CA PHE G 600 -36.71 4.67 47.32
C PHE G 600 -36.78 6.14 47.70
N GLU G 601 -37.32 6.97 46.81
CA GLU G 601 -37.47 8.38 47.09
C GLU G 601 -38.48 8.59 48.20
N ARG G 602 -39.62 7.93 48.06
CA ARG G 602 -40.72 8.00 49.01
C ARG G 602 -40.63 7.09 50.24
N LYS G 603 -40.03 5.91 50.10
CA LYS G 603 -39.92 4.99 51.24
C LYS G 603 -38.59 4.97 51.99
N LEU G 604 -37.60 5.71 51.52
CA LEU G 604 -36.27 5.70 52.14
C LEU G 604 -35.74 7.09 52.44
N LYS G 605 -35.46 7.85 51.39
CA LYS G 605 -34.92 9.19 51.53
C LYS G 605 -35.78 10.04 52.48
N LYS G 606 -37.07 10.17 52.18
CA LYS G 606 -38.02 10.76 53.13
C LYS G 606 -39.30 9.93 53.13
N TYR G 607 -39.66 9.33 54.26
CA TYR G 607 -40.83 8.45 54.28
C TYR G 607 -42.12 9.24 54.14
N GLU G 608 -43.07 8.65 53.42
CA GLU G 608 -44.40 9.19 53.26
C GLU G 608 -45.38 8.01 53.19
N GLU G 609 -46.58 8.18 53.73
CA GLU G 609 -47.54 7.08 53.77
C GLU G 609 -48.08 6.72 52.38
N GLY G 610 -48.25 5.43 52.13
CA GLY G 610 -48.92 4.94 50.94
C GLY G 610 -48.09 5.02 49.68
N PHE G 611 -48.47 4.27 48.66
CA PHE G 611 -47.86 4.42 47.34
C PHE G 611 -48.92 4.48 46.25
N ASP G 612 -49.04 5.63 45.60
CA ASP G 612 -50.04 5.80 44.57
C ASP G 612 -49.36 5.76 43.22
N VAL G 613 -49.58 4.68 42.47
CA VAL G 613 -48.85 4.47 41.23
C VAL G 613 -49.35 5.35 40.09
N GLU G 614 -50.67 5.43 39.95
CA GLU G 614 -51.28 6.27 38.91
C GLU G 614 -50.79 7.71 39.01
N LYS G 615 -50.64 8.20 40.24
CA LYS G 615 -50.09 9.54 40.47
C LYS G 615 -48.57 9.54 40.32
N ILE G 616 -47.90 8.59 40.95
CA ILE G 616 -46.44 8.53 40.94
C ILE G 616 -45.88 8.46 39.51
N LEU G 617 -46.12 7.36 38.82
CA LEU G 617 -45.65 7.22 37.45
C LEU G 617 -46.40 8.18 36.53
N LYS G 618 -45.65 8.98 35.78
CA LYS G 618 -46.21 9.98 34.87
C LYS G 618 -47.56 10.53 35.32
N ILE H 4 -41.78 14.11 -30.28
CA ILE H 4 -42.35 14.80 -29.12
C ILE H 4 -42.81 16.21 -29.46
N GLU H 5 -44.01 16.55 -29.02
CA GLU H 5 -44.57 17.87 -29.23
C GLU H 5 -44.86 18.53 -27.87
N TRP H 6 -45.00 19.86 -27.87
CA TRP H 6 -45.25 20.60 -26.65
C TRP H 6 -46.72 20.56 -26.28
N ASP H 7 -47.01 20.32 -25.01
CA ASP H 7 -48.38 20.32 -24.52
C ASP H 7 -48.39 20.39 -23.01
N GLU H 8 -49.55 20.22 -22.41
CA GLU H 8 -49.69 20.35 -20.97
C GLU H 8 -48.91 19.29 -20.17
N LYS H 9 -48.57 18.16 -20.82
CA LYS H 9 -47.87 17.08 -20.13
C LYS H 9 -46.34 17.12 -20.26
N THR H 10 -45.83 17.95 -21.17
CA THR H 10 -44.44 17.88 -21.57
C THR H 10 -43.45 18.04 -20.43
N PHE H 11 -43.79 18.85 -19.43
CA PHE H 11 -42.87 19.16 -18.34
C PHE H 11 -42.42 17.88 -17.62
N THR H 12 -43.24 16.84 -17.69
CA THR H 12 -42.99 15.60 -16.98
C THR H 12 -42.00 14.71 -17.72
N LYS H 13 -41.53 15.17 -18.87
CA LYS H 13 -40.51 14.44 -19.59
C LYS H 13 -39.14 14.97 -19.21
N PHE H 14 -39.12 15.96 -18.33
CA PHE H 14 -37.89 16.66 -18.00
C PHE H 14 -37.26 16.21 -16.68
N ALA H 15 -35.95 16.04 -16.71
CA ALA H 15 -35.19 15.75 -15.50
C ALA H 15 -34.84 17.06 -14.79
N TYR H 16 -35.14 17.11 -13.50
CA TYR H 16 -34.89 18.32 -12.71
C TYR H 16 -33.79 18.13 -11.65
N LEU H 17 -32.66 18.82 -11.82
CA LEU H 17 -31.51 18.72 -10.91
C LEU H 17 -31.46 19.83 -9.87
N SER H 18 -31.19 19.47 -8.62
CA SER H 18 -31.14 20.47 -7.55
C SER H 18 -30.25 20.10 -6.37
N ASP H 19 -29.83 21.12 -5.63
CA ASP H 19 -29.05 20.97 -4.40
C ASP H 19 -27.70 20.28 -4.60
N PRO H 20 -26.78 20.92 -5.34
CA PRO H 20 -25.45 20.36 -5.57
C PRO H 20 -24.56 20.41 -4.33
N ARG H 21 -23.67 19.42 -4.21
CA ARG H 21 -22.76 19.34 -3.07
C ARG H 21 -21.44 18.72 -3.50
N THR H 22 -20.33 19.23 -2.97
CA THR H 22 -19.03 18.70 -3.36
C THR H 22 -18.01 18.67 -2.23
N ARG H 23 -17.26 17.57 -2.18
CA ARG H 23 -16.13 17.45 -1.27
C ARG H 23 -15.11 16.57 -1.97
N LYS H 24 -13.84 16.94 -1.85
CA LYS H 24 -12.79 16.21 -2.54
C LYS H 24 -13.13 16.05 -4.02
N ASN H 25 -13.08 14.82 -4.51
CA ASN H 25 -13.36 14.51 -5.91
C ASN H 25 -14.80 14.10 -6.21
N LEU H 26 -15.66 14.19 -5.19
CA LEU H 26 -17.04 13.72 -5.29
C LEU H 26 -18.04 14.86 -5.45
N VAL H 27 -19.06 14.62 -6.27
CA VAL H 27 -20.16 15.55 -6.44
C VAL H 27 -21.46 14.82 -6.11
N ALA H 28 -22.41 15.53 -5.50
CA ALA H 28 -23.74 14.98 -5.34
C ALA H 28 -24.79 16.03 -5.68
N TYR H 29 -25.93 15.58 -6.17
CA TYR H 29 -27.07 16.45 -6.39
C TYR H 29 -28.34 15.61 -6.35
N VAL H 30 -29.50 16.26 -6.42
CA VAL H 30 -30.76 15.53 -6.44
C VAL H 30 -31.33 15.55 -7.85
N LEU H 31 -31.73 14.36 -8.30
CA LEU H 31 -32.42 14.20 -9.56
C LEU H 31 -33.89 14.03 -9.25
N THR H 32 -34.71 14.88 -9.85
CA THR H 32 -36.13 14.82 -9.58
C THR H 32 -36.89 14.55 -10.87
N LYS H 33 -37.84 13.62 -10.81
CA LYS H 33 -38.72 13.34 -11.95
C LYS H 33 -40.16 13.55 -11.52
N ALA H 34 -40.95 14.16 -12.38
CA ALA H 34 -42.37 14.36 -12.12
C ALA H 34 -43.16 13.22 -12.74
N ASN H 35 -43.74 12.39 -11.89
CA ASN H 35 -44.47 11.22 -12.34
C ASN H 35 -45.97 11.45 -12.38
N LEU H 36 -46.51 11.46 -13.59
CA LEU H 36 -47.90 11.84 -13.79
C LEU H 36 -48.88 10.72 -13.45
N GLU H 37 -48.49 9.48 -13.74
CA GLU H 37 -49.33 8.31 -13.45
C GLU H 37 -49.59 8.15 -11.95
N SER H 38 -48.54 8.26 -11.15
CA SER H 38 -48.68 8.12 -9.71
C SER H 38 -48.83 9.46 -9.02
N ASN H 39 -48.83 10.53 -9.81
CA ASN H 39 -49.00 11.88 -9.28
C ASN H 39 -48.11 12.15 -8.06
N LYS H 40 -46.84 11.79 -8.17
CA LYS H 40 -45.87 12.06 -7.11
C LYS H 40 -44.55 12.53 -7.69
N TYR H 41 -43.76 13.22 -6.89
CA TYR H 41 -42.40 13.57 -7.30
C TYR H 41 -41.43 12.49 -6.82
N GLU H 42 -40.60 11.98 -7.72
CA GLU H 42 -39.58 11.01 -7.35
C GLU H 42 -38.23 11.71 -7.14
N ASN H 43 -37.56 11.43 -6.03
CA ASN H 43 -36.25 12.01 -5.75
C ASN H 43 -35.14 10.98 -5.62
N THR H 44 -34.11 11.12 -6.45
CA THR H 44 -32.98 10.21 -6.40
C THR H 44 -31.69 10.99 -6.26
N ILE H 45 -30.94 10.73 -5.18
CA ILE H 45 -29.64 11.36 -4.96
C ILE H 45 -28.60 10.72 -5.87
N VAL H 46 -27.92 11.54 -6.66
CA VAL H 46 -26.89 11.03 -7.56
C VAL H 46 -25.51 11.43 -7.08
N ILE H 47 -24.58 10.49 -7.08
CA ILE H 47 -23.22 10.83 -6.70
C ILE H 47 -22.28 10.56 -7.86
N GLU H 48 -21.49 11.55 -8.20
CA GLU H 48 -20.61 11.45 -9.36
C GLU H 48 -19.15 11.56 -8.96
N ASN H 49 -18.35 10.64 -9.48
CA ASN H 49 -16.91 10.74 -9.35
C ASN H 49 -16.37 11.58 -10.49
N LEU H 50 -15.66 12.66 -10.15
CA LEU H 50 -14.97 13.45 -11.15
C LEU H 50 -13.77 12.63 -11.60
N GLU H 51 -12.93 13.19 -12.47
CA GLU H 51 -11.98 12.35 -13.21
C GLU H 51 -12.78 11.37 -14.06
N ASP H 52 -12.65 10.07 -13.78
CA ASP H 52 -13.41 9.08 -14.54
C ASP H 52 -14.89 9.20 -14.18
N GLY H 53 -15.72 9.46 -15.20
CA GLY H 53 -17.14 9.67 -14.97
C GLY H 53 -17.80 8.40 -14.45
N SER H 54 -18.42 8.50 -13.28
CA SER H 54 -19.06 7.35 -12.64
C SER H 54 -20.25 7.82 -11.82
N ARG H 55 -21.31 7.02 -11.76
CA ARG H 55 -22.50 7.38 -11.00
C ARG H 55 -22.97 6.30 -10.03
N LYS H 56 -23.29 6.73 -8.81
CA LYS H 56 -23.85 5.89 -7.77
C LYS H 56 -25.15 6.56 -7.31
N PHE H 57 -25.99 5.83 -6.60
CA PHE H 57 -27.35 6.29 -6.36
C PHE H 57 -27.78 6.07 -4.92
N ILE H 58 -28.61 6.96 -4.41
CA ILE H 58 -29.33 6.72 -3.18
C ILE H 58 -30.78 7.03 -3.53
N GLU H 59 -31.61 5.98 -3.55
CA GLU H 59 -32.96 6.08 -4.10
C GLU H 59 -33.96 6.56 -3.06
N ASP H 60 -34.91 7.37 -3.48
CA ASP H 60 -35.94 7.86 -2.56
C ASP H 60 -35.36 8.75 -1.47
N ALA H 61 -34.40 9.57 -1.84
CA ALA H 61 -33.67 10.35 -0.86
C ALA H 61 -33.43 11.76 -1.36
N SER H 62 -33.21 12.68 -0.42
CA SER H 62 -32.97 14.08 -0.75
C SER H 62 -32.19 14.74 0.36
N MET H 63 -31.69 15.95 0.09
CA MET H 63 -30.84 16.67 1.04
C MET H 63 -29.53 15.93 1.31
N PRO H 64 -28.75 15.68 0.24
CA PRO H 64 -27.43 15.05 0.43
C PRO H 64 -26.47 16.01 1.11
N ARG H 65 -25.76 15.49 2.10
CA ARG H 65 -24.71 16.24 2.76
C ARG H 65 -23.49 15.33 2.88
N ILE H 66 -22.40 15.71 2.23
CA ILE H 66 -21.17 14.93 2.28
C ILE H 66 -20.38 15.35 3.51
N SER H 67 -19.99 14.39 4.35
CA SER H 67 -19.17 14.70 5.51
C SER H 67 -17.91 15.41 5.04
N PRO H 68 -17.44 16.38 5.84
CA PRO H 68 -16.23 17.14 5.51
C PRO H 68 -15.07 16.25 5.07
N ASP H 69 -14.83 15.12 5.75
CA ASP H 69 -13.74 14.22 5.33
C ASP H 69 -14.06 13.48 4.01
N GLY H 70 -15.31 13.50 3.58
CA GLY H 70 -15.68 12.89 2.32
C GLY H 70 -15.82 11.39 2.36
N LYS H 71 -15.87 10.82 3.57
CA LYS H 71 -16.06 9.38 3.73
C LYS H 71 -17.53 8.97 3.94
N LYS H 72 -18.39 9.96 4.19
CA LYS H 72 -19.79 9.69 4.51
C LYS H 72 -20.72 10.66 3.81
N ILE H 73 -21.97 10.25 3.67
CA ILE H 73 -23.00 11.14 3.16
C ILE H 73 -24.26 10.93 4.01
N ALA H 74 -24.84 12.04 4.47
CA ALA H 74 -26.09 11.99 5.21
C ALA H 74 -27.20 12.36 4.26
N PHE H 75 -28.35 11.71 4.39
CA PHE H 75 -29.49 12.05 3.56
C PHE H 75 -30.82 11.93 4.33
N MET H 76 -31.88 12.50 3.76
CA MET H 76 -33.21 12.44 4.36
C MET H 76 -34.12 11.53 3.54
N ARG H 77 -35.09 10.90 4.20
CA ARG H 77 -36.09 10.07 3.53
C ARG H 77 -37.48 10.36 4.08
N PHE H 78 -38.41 10.70 3.18
CA PHE H 78 -39.75 11.08 3.60
C PHE H 78 -40.78 9.96 3.36
N ASN H 79 -41.76 9.90 4.25
CA ASN H 79 -42.81 8.87 4.18
C ASN H 79 -44.15 9.44 3.71
N THR H 84 -43.83 11.13 8.01
CA THR H 84 -42.68 11.44 8.85
C THR H 84 -41.33 11.25 8.13
N ALA H 85 -40.34 12.04 8.51
CA ALA H 85 -39.02 12.02 7.87
C ALA H 85 -37.96 11.38 8.76
N GLN H 86 -36.98 10.73 8.14
CA GLN H 86 -35.90 10.08 8.88
C GLN H 86 -34.55 10.49 8.34
N ILE H 87 -33.54 10.49 9.22
CA ILE H 87 -32.17 10.82 8.83
C ILE H 87 -31.32 9.57 8.73
N TRP H 88 -30.66 9.42 7.58
CA TRP H 88 -29.82 8.28 7.31
C TRP H 88 -28.39 8.73 7.14
N VAL H 89 -27.46 7.80 7.30
CA VAL H 89 -26.07 8.04 6.96
C VAL H 89 -25.50 6.84 6.24
N ALA H 90 -24.80 7.07 5.14
CA ALA H 90 -24.13 5.98 4.43
C ALA H 90 -22.65 6.30 4.22
N ASP H 91 -21.83 5.25 4.11
CA ASP H 91 -20.46 5.42 3.68
C ASP H 91 -20.45 5.57 2.16
N LEU H 92 -19.63 6.51 1.68
CA LEU H 92 -19.57 6.80 0.25
C LEU H 92 -18.88 5.71 -0.56
N LYS H 93 -18.16 4.81 0.09
CA LYS H 93 -17.49 3.75 -0.65
C LYS H 93 -18.52 2.76 -1.18
N THR H 94 -19.17 2.04 -0.27
CA THR H 94 -20.14 1.01 -0.66
C THR H 94 -21.59 1.49 -0.69
N LEU H 95 -21.84 2.68 -0.18
CA LEU H 95 -23.20 3.22 -0.09
C LEU H 95 -24.16 2.43 0.79
N SER H 96 -23.62 1.67 1.75
CA SER H 96 -24.45 0.99 2.75
C SER H 96 -24.85 1.98 3.85
N ALA H 97 -26.11 1.94 4.29
CA ALA H 97 -26.62 3.00 5.14
C ALA H 97 -27.34 2.55 6.43
N LYS H 98 -27.49 3.49 7.36
CA LYS H 98 -28.19 3.23 8.61
C LYS H 98 -29.04 4.43 9.03
N LYS H 99 -30.18 4.15 9.66
CA LYS H 99 -31.12 5.21 10.04
C LYS H 99 -30.70 5.78 11.40
N VAL H 100 -30.35 7.05 11.40
CA VAL H 100 -29.85 7.72 12.60
C VAL H 100 -30.95 8.23 13.54
N LEU H 101 -31.97 8.86 12.97
CA LEU H 101 -33.01 9.51 13.76
C LEU H 101 -34.34 9.58 13.01
N GLU H 102 -35.44 9.65 13.74
CA GLU H 102 -36.74 9.86 13.12
C GLU H 102 -37.06 11.33 13.28
N ALA H 103 -37.01 12.07 12.19
CA ALA H 103 -37.10 13.52 12.25
C ALA H 103 -38.41 14.08 11.73
N LYS H 104 -39.27 14.55 12.63
CA LYS H 104 -40.45 15.28 12.20
C LYS H 104 -40.17 16.78 12.27
N ASN H 105 -40.58 17.49 11.23
CA ASN H 105 -40.42 18.94 11.18
C ASN H 105 -38.98 19.40 11.16
N ILE H 106 -38.16 18.74 10.34
CA ILE H 106 -36.77 19.15 10.17
C ILE H 106 -36.57 19.91 8.86
N ARG H 107 -36.18 21.17 8.98
CA ARG H 107 -35.95 22.02 7.82
C ARG H 107 -34.58 21.82 7.19
N SER H 108 -33.53 21.69 8.00
CA SER H 108 -32.17 21.61 7.48
C SER H 108 -31.18 20.74 8.28
N ILE H 109 -30.15 20.25 7.61
CA ILE H 109 -29.05 19.53 8.27
C ILE H 109 -27.70 19.99 7.73
N GLU H 110 -26.72 20.09 8.62
CA GLU H 110 -25.37 20.51 8.25
C GLU H 110 -24.32 19.77 9.08
N TRP H 111 -23.26 19.27 8.45
CA TRP H 111 -22.20 18.58 9.17
C TRP H 111 -21.33 19.53 9.97
N ASN H 112 -20.89 19.09 11.14
CA ASN H 112 -19.79 19.74 11.85
C ASN H 112 -18.44 19.35 11.23
N GLN H 113 -17.41 20.16 11.47
CA GLN H 113 -16.08 19.89 10.94
C GLN H 113 -15.56 18.50 11.29
N ASP H 114 -16.01 17.93 12.41
CA ASP H 114 -15.51 16.64 12.86
C ASP H 114 -16.06 15.45 12.06
N SER H 115 -17.02 15.70 11.18
CA SER H 115 -17.66 14.64 10.41
C SER H 115 -18.38 13.64 11.29
N ARG H 116 -18.85 14.10 12.44
CA ARG H 116 -19.53 13.25 13.41
C ARG H 116 -20.91 13.82 13.78
N ARG H 117 -20.92 15.03 14.30
CA ARG H 117 -22.16 15.70 14.68
C ARG H 117 -22.89 16.35 13.51
N LEU H 118 -24.20 16.49 13.65
CA LEU H 118 -25.01 17.24 12.69
C LEU H 118 -25.77 18.35 13.39
N LEU H 119 -25.92 19.48 12.71
CA LEU H 119 -26.81 20.53 13.20
C LEU H 119 -28.13 20.45 12.46
N ALA H 120 -29.20 20.12 13.16
CA ALA H 120 -30.51 20.04 12.53
C ALA H 120 -31.44 21.11 13.05
N VAL H 121 -31.90 21.99 12.16
CA VAL H 121 -32.78 23.09 12.54
C VAL H 121 -34.22 22.79 12.17
N GLY H 122 -35.04 22.53 13.18
CA GLY H 122 -36.44 22.27 12.99
C GLY H 122 -37.36 23.34 13.55
N PHE H 123 -38.58 22.94 13.85
CA PHE H 123 -39.58 23.80 14.49
C PHE H 123 -40.53 22.94 15.31
N LYS H 124 -41.31 23.59 16.17
CA LYS H 124 -42.31 22.92 17.01
C LYS H 124 -43.57 23.76 17.10
N ARG H 125 -44.72 23.10 17.27
CA ARG H 125 -46.01 23.80 17.28
C ARG H 125 -46.93 23.23 18.35
N ARG H 126 -48.01 23.95 18.65
CA ARG H 126 -48.95 23.48 19.67
C ARG H 126 -49.60 22.16 19.24
N GLU H 127 -49.84 22.03 17.94
CA GLU H 127 -50.28 20.77 17.37
C GLU H 127 -51.60 20.25 17.96
N ASP H 128 -52.56 21.15 18.20
CA ASP H 128 -53.87 20.72 18.67
C ASP H 128 -54.66 20.12 17.53
N GLU H 129 -55.41 19.06 17.80
CA GLU H 129 -56.18 18.40 16.75
C GLU H 129 -57.20 19.34 16.09
N ASP H 130 -58.10 19.91 16.87
CA ASP H 130 -59.24 20.63 16.34
C ASP H 130 -59.04 22.12 16.03
N PHE H 131 -58.00 22.74 16.58
CA PHE H 131 -57.80 24.17 16.36
C PHE H 131 -56.37 24.66 16.52
N ILE H 132 -56.10 25.78 15.85
CA ILE H 132 -54.83 26.47 15.93
C ILE H 132 -54.98 27.61 16.92
N PHE H 133 -53.92 27.87 17.68
CA PHE H 133 -53.92 28.98 18.61
C PHE H 133 -52.67 29.84 18.36
N GLU H 134 -52.87 31.14 18.14
CA GLU H 134 -51.74 32.02 17.80
C GLU H 134 -51.68 33.30 18.61
N ASP H 135 -50.61 33.48 19.38
CA ASP H 135 -50.41 34.72 20.13
C ASP H 135 -49.43 35.72 19.49
N ASP H 136 -48.85 35.34 18.35
CA ASP H 136 -47.81 36.15 17.70
C ASP H 136 -48.17 36.46 16.25
N VAL H 137 -47.25 37.06 15.52
CA VAL H 137 -47.44 37.32 14.09
C VAL H 137 -46.27 36.85 13.24
N PRO H 138 -46.56 36.44 11.98
CA PRO H 138 -47.94 36.34 11.49
C PRO H 138 -48.51 34.97 11.87
N ALA H 139 -49.79 34.75 11.57
CA ALA H 139 -50.46 33.52 11.97
C ALA H 139 -50.18 32.39 10.99
N TRP H 140 -49.69 32.77 9.81
CA TRP H 140 -49.35 31.79 8.80
C TRP H 140 -48.25 32.30 7.87
N PHE H 141 -47.58 31.37 7.19
CA PHE H 141 -46.56 31.72 6.21
C PHE H 141 -46.61 30.80 4.99
N ASP H 142 -46.60 31.39 3.80
CA ASP H 142 -46.75 30.62 2.58
C ASP H 142 -45.78 29.44 2.50
N ASN H 143 -46.33 28.27 2.22
CA ASN H 143 -45.58 27.03 2.12
C ASN H 143 -45.18 26.42 3.46
N MET H 144 -45.28 27.18 4.54
CA MET H 144 -45.06 26.62 5.88
C MET H 144 -46.34 26.28 6.65
N GLY H 145 -47.49 26.64 6.11
CA GLY H 145 -48.77 26.38 6.77
C GLY H 145 -49.11 27.39 7.85
N PHE H 146 -49.90 26.94 8.83
CA PHE H 146 -50.34 27.79 9.94
C PHE H 146 -49.34 27.68 11.07
N PHE H 147 -48.66 28.79 11.37
CA PHE H 147 -47.62 28.78 12.38
C PHE H 147 -48.05 28.09 13.66
N ASP H 148 -49.21 28.48 14.19
CA ASP H 148 -49.75 27.79 15.36
C ASP H 148 -48.77 27.86 16.53
N GLY H 149 -48.30 29.07 16.82
CA GLY H 149 -47.36 29.28 17.93
C GLY H 149 -46.02 28.60 17.72
N GLU H 150 -45.58 28.54 16.47
CA GLU H 150 -44.33 27.88 16.12
C GLU H 150 -43.11 28.54 16.74
N LYS H 151 -42.14 27.73 17.15
CA LYS H 151 -40.84 28.21 17.63
C LYS H 151 -39.75 27.36 16.99
N THR H 152 -38.62 27.99 16.67
CA THR H 152 -37.52 27.27 16.03
C THR H 152 -36.86 26.34 17.01
N THR H 153 -36.24 25.28 16.49
CA THR H 153 -35.58 24.32 17.33
C THR H 153 -34.24 23.93 16.73
N PHE H 154 -33.29 23.62 17.59
CA PHE H 154 -31.95 23.26 17.14
C PHE H 154 -31.55 21.95 17.79
N TRP H 155 -30.93 21.09 17.00
CA TRP H 155 -30.53 19.77 17.47
C TRP H 155 -29.08 19.48 17.08
N VAL H 156 -28.27 19.04 18.05
CA VAL H 156 -26.95 18.54 17.72
C VAL H 156 -26.97 17.03 17.80
N ILE H 157 -26.74 16.39 16.66
CA ILE H 157 -26.91 14.95 16.55
C ILE H 157 -25.61 14.22 16.35
N ASP H 158 -25.40 13.23 17.21
CA ASP H 158 -24.28 12.33 17.08
C ASP H 158 -24.71 11.21 16.12
N THR H 159 -23.94 11.03 15.05
CA THR H 159 -24.28 10.01 14.06
C THR H 159 -23.63 8.67 14.36
N GLU H 160 -22.83 8.63 15.42
CA GLU H 160 -22.27 7.36 15.85
C GLU H 160 -23.21 6.70 16.85
N GLY H 161 -23.43 7.36 17.98
CA GLY H 161 -24.36 6.88 18.99
C GLY H 161 -25.81 7.07 18.59
N GLU H 162 -26.02 7.89 17.58
CA GLU H 162 -27.37 8.20 17.08
C GLU H 162 -28.25 8.79 18.17
N GLU H 163 -27.79 9.86 18.79
CA GLU H 163 -28.58 10.57 19.80
C GLU H 163 -28.44 12.08 19.65
N VAL H 164 -29.45 12.80 20.12
CA VAL H 164 -29.38 14.24 20.21
C VAL H 164 -28.69 14.54 21.51
N ILE H 165 -27.51 15.15 21.43
CA ILE H 165 -26.74 15.46 22.62
C ILE H 165 -26.93 16.90 23.11
N GLU H 166 -27.57 17.72 22.29
CA GLU H 166 -27.89 19.10 22.63
C GLU H 166 -29.16 19.54 21.92
N GLN H 167 -30.01 20.29 22.61
CA GLN H 167 -31.18 20.87 21.96
C GLN H 167 -31.63 22.16 22.62
N PHE H 168 -32.10 23.10 21.81
CA PHE H 168 -32.65 24.35 22.31
C PHE H 168 -33.58 24.97 21.30
N GLU H 169 -34.42 25.87 21.75
CA GLU H 169 -35.39 26.51 20.87
C GLU H 169 -35.20 28.02 20.82
N LYS H 170 -35.54 28.60 19.69
CA LYS H 170 -35.47 30.04 19.51
C LYS H 170 -36.79 30.57 18.94
N PRO H 171 -36.91 31.90 18.82
CA PRO H 171 -38.14 32.48 18.27
C PRO H 171 -38.42 32.02 16.84
N ARG H 172 -39.65 32.22 16.42
CA ARG H 172 -40.09 31.89 15.08
C ARG H 172 -39.15 32.48 14.02
N PHE H 173 -38.85 31.69 13.00
CA PHE H 173 -37.98 32.10 11.90
C PHE H 173 -36.50 32.29 12.27
N SER H 174 -36.02 31.57 13.28
CA SER H 174 -34.59 31.65 13.64
C SER H 174 -33.76 30.68 12.83
N SER H 175 -32.55 31.10 12.45
CA SER H 175 -31.65 30.24 11.68
C SER H 175 -30.34 29.98 12.44
N GLY H 176 -29.64 28.91 12.07
CA GLY H 176 -28.35 28.65 12.68
C GLY H 176 -27.39 27.88 11.80
N ILE H 177 -26.10 28.09 12.01
CA ILE H 177 -25.06 27.46 11.21
C ILE H 177 -23.89 27.05 12.08
N TRP H 178 -23.12 26.07 11.64
CA TRP H 178 -21.91 25.67 12.36
C TRP H 178 -20.84 26.74 12.21
N HIS H 179 -20.27 27.15 13.33
CA HIS H 179 -19.03 27.91 13.31
C HIS H 179 -18.05 27.27 14.29
N GLY H 180 -17.03 26.61 13.76
CA GLY H 180 -16.17 25.76 14.59
C GLY H 180 -17.00 24.77 15.39
N ASP H 181 -16.78 24.76 16.71
CA ASP H 181 -17.55 23.96 17.65
C ASP H 181 -18.70 24.75 18.26
N SER H 182 -18.97 25.93 17.71
CA SER H 182 -20.04 26.80 18.18
C SER H 182 -21.09 26.97 17.10
N ILE H 183 -22.29 27.40 17.49
CA ILE H 183 -23.36 27.65 16.53
C ILE H 183 -23.72 29.14 16.50
N VAL H 184 -23.71 29.72 15.31
CA VAL H 184 -24.17 31.10 15.13
C VAL H 184 -25.66 31.10 14.89
N VAL H 185 -26.40 31.72 15.81
CA VAL H 185 -27.86 31.74 15.72
C VAL H 185 -28.36 33.13 15.37
N SER H 186 -29.09 33.23 14.25
CA SER H 186 -29.64 34.50 13.83
C SER H 186 -31.14 34.53 14.12
N VAL H 187 -31.55 35.43 15.02
CA VAL H 187 -32.94 35.49 15.43
C VAL H 187 -33.53 36.84 15.04
N PRO H 188 -34.78 36.84 14.57
CA PRO H 188 -35.45 38.08 14.15
C PRO H 188 -35.58 39.07 15.32
N HIS H 189 -35.17 40.31 15.11
CA HIS H 189 -35.23 41.33 16.15
C HIS H 189 -36.67 41.75 16.41
N ARG H 190 -37.04 41.88 17.68
CA ARG H 190 -38.42 42.19 18.05
C ARG H 190 -38.60 43.59 18.64
N ASP H 191 -39.60 44.34 18.16
CA ASP H 191 -39.97 45.59 18.82
C ASP H 191 -41.43 45.56 19.30
N VAL H 192 -42.35 45.81 18.37
CA VAL H 192 -43.77 45.60 18.61
C VAL H 192 -44.08 44.14 18.32
N ILE H 193 -43.32 43.61 17.37
CA ILE H 193 -43.57 42.33 16.73
C ILE H 193 -42.36 42.04 15.86
N PRO H 194 -41.96 40.78 15.76
CA PRO H 194 -40.67 40.50 15.13
C PRO H 194 -40.56 41.23 13.79
N ARG H 195 -39.43 41.86 13.53
CA ARG H 195 -39.24 42.53 12.25
C ARG H 195 -38.59 41.49 11.36
N TYR H 196 -39.38 40.94 10.46
CA TYR H 196 -38.91 39.84 9.63
C TYR H 196 -38.26 40.40 8.39
N PHE H 197 -37.07 39.90 8.06
CA PHE H 197 -36.39 40.33 6.85
C PHE H 197 -35.86 41.75 7.00
N LYS H 198 -36.13 42.35 8.16
CA LYS H 198 -35.67 43.70 8.46
C LYS H 198 -34.43 43.70 9.37
N TYR H 199 -34.62 43.32 10.64
CA TYR H 199 -33.55 43.36 11.63
C TYR H 199 -33.37 42.02 12.37
N TRP H 200 -32.12 41.69 12.68
CA TRP H 200 -31.80 40.45 13.39
C TRP H 200 -30.92 40.70 14.62
N ASP H 201 -31.04 39.84 15.63
CA ASP H 201 -30.06 39.78 16.69
C ASP H 201 -29.25 38.50 16.46
N ILE H 202 -27.93 38.61 16.42
CA ILE H 202 -27.08 37.45 16.17
C ILE H 202 -26.40 36.98 17.44
N TYR H 203 -26.47 35.67 17.70
CA TYR H 203 -25.83 35.10 18.90
C TYR H 203 -24.78 34.05 18.54
N LEU H 204 -23.80 33.88 19.42
CA LEU H 204 -22.83 32.79 19.32
C LEU H 204 -23.07 31.82 20.48
N TRP H 205 -23.36 30.56 20.15
CA TRP H 205 -23.87 29.60 21.12
C TRP H 205 -22.96 28.38 21.25
N LYS H 206 -22.65 27.99 22.49
CA LYS H 206 -22.00 26.71 22.74
C LYS H 206 -22.33 26.16 24.12
N ASP H 207 -22.53 24.84 24.18
CA ASP H 207 -22.74 24.13 25.43
C ASP H 207 -23.72 24.82 26.38
N GLY H 208 -24.80 25.36 25.84
CA GLY H 208 -25.82 25.97 26.67
C GLY H 208 -25.65 27.46 26.95
N GLU H 209 -24.46 28.00 26.67
CA GLU H 209 -24.19 29.41 26.90
C GLU H 209 -24.07 30.16 25.56
N GLU H 210 -24.45 31.43 25.56
CA GLU H 210 -24.37 32.26 24.35
C GLU H 210 -23.82 33.65 24.64
N GLU H 211 -23.30 34.29 23.59
CA GLU H 211 -22.83 35.68 23.66
C GLU H 211 -23.40 36.44 22.46
N LYS H 212 -23.98 37.61 22.70
CA LYS H 212 -24.59 38.36 21.60
C LYS H 212 -23.52 39.01 20.74
N LEU H 213 -23.49 38.66 19.46
CA LEU H 213 -22.54 39.24 18.52
C LEU H 213 -23.03 40.59 18.05
N PHE H 214 -24.15 40.61 17.35
CA PHE H 214 -24.71 41.86 16.88
C PHE H 214 -26.07 42.13 17.50
N GLU H 215 -26.61 43.30 17.22
CA GLU H 215 -27.92 43.69 17.71
C GLU H 215 -28.63 44.54 16.67
N LYS H 216 -29.90 44.23 16.41
CA LYS H 216 -30.69 44.98 15.46
C LYS H 216 -29.84 45.34 14.24
N VAL H 217 -29.41 44.31 13.51
CA VAL H 217 -28.62 44.49 12.31
C VAL H 217 -29.41 43.97 11.11
N SER H 218 -29.12 44.50 9.93
CA SER H 218 -29.89 44.18 8.74
C SER H 218 -29.34 42.98 7.99
N PHE H 219 -28.36 42.29 8.58
CA PHE H 219 -27.84 41.08 7.98
C PHE H 219 -27.91 39.87 8.94
N TYR H 220 -27.80 38.66 8.39
CA TYR H 220 -27.77 37.46 9.21
C TYR H 220 -26.70 36.49 8.71
N ALA H 221 -26.34 35.50 9.52
CA ALA H 221 -25.22 34.64 9.18
C ALA H 221 -25.62 33.51 8.24
N ILE H 222 -25.08 33.51 7.03
CA ILE H 222 -25.37 32.45 6.07
C ILE H 222 -24.36 31.30 5.95
N ASP H 223 -23.15 31.47 6.47
CA ASP H 223 -22.14 30.42 6.31
C ASP H 223 -20.92 30.68 7.18
N SER H 224 -19.98 29.72 7.19
CA SER H 224 -18.72 29.89 7.90
C SER H 224 -17.60 29.00 7.38
N ASP H 225 -16.37 29.50 7.41
CA ASP H 225 -15.20 28.67 7.12
C ASP H 225 -14.44 28.20 8.37
N GLY H 226 -14.97 28.53 9.56
CA GLY H 226 -14.38 28.13 10.82
C GLY H 226 -13.56 29.27 11.42
N GLU H 227 -13.14 30.19 10.56
CA GLU H 227 -12.45 31.40 10.96
C GLU H 227 -13.40 32.58 10.76
N ARG H 228 -13.79 32.76 9.50
CA ARG H 228 -14.66 33.87 9.11
C ARG H 228 -16.14 33.47 9.02
N ILE H 229 -17.01 34.37 9.44
CA ILE H 229 -18.46 34.19 9.32
C ILE H 229 -18.96 34.99 8.12
N LEU H 230 -19.91 34.43 7.38
CA LEU H 230 -20.41 35.15 6.21
C LEU H 230 -21.81 35.73 6.47
N LEU H 231 -21.91 37.06 6.42
CA LEU H 231 -23.18 37.74 6.67
C LEU H 231 -23.84 38.22 5.38
N TYR H 232 -25.17 38.09 5.34
CA TYR H 232 -25.96 38.41 4.16
C TYR H 232 -26.89 39.58 4.47
N GLY H 233 -27.11 40.45 3.48
CA GLY H 233 -27.80 41.71 3.71
C GLY H 233 -26.84 42.87 3.88
N LYS H 234 -27.28 43.90 4.61
CA LYS H 234 -26.46 45.06 4.92
C LYS H 234 -26.41 45.29 6.42
N PRO H 235 -25.45 46.09 6.89
CA PRO H 235 -25.41 46.43 8.32
C PRO H 235 -26.66 47.21 8.73
N GLU H 236 -27.14 48.05 7.82
CA GLU H 236 -28.37 48.80 8.06
C GLU H 236 -29.16 48.92 6.76
N LYS H 237 -30.48 48.80 6.87
CA LYS H 237 -31.36 48.93 5.72
C LYS H 237 -32.55 49.83 6.05
N LYS H 238 -32.73 50.89 5.28
CA LYS H 238 -33.89 51.75 5.45
C LYS H 238 -35.08 51.05 4.83
N TYR H 239 -34.80 50.27 3.78
CA TYR H 239 -35.81 49.51 3.07
C TYR H 239 -35.33 48.07 2.86
N VAL H 240 -36.21 47.11 3.13
CA VAL H 240 -35.88 45.70 2.91
C VAL H 240 -35.68 45.43 1.42
N SER H 241 -36.08 46.39 0.59
CA SER H 241 -35.92 46.27 -0.85
C SER H 241 -34.52 46.65 -1.29
N GLU H 242 -33.71 47.09 -0.35
CA GLU H 242 -32.33 47.43 -0.65
C GLU H 242 -31.55 46.17 -0.96
N HIS H 243 -30.66 46.25 -1.94
CA HIS H 243 -29.86 45.11 -2.35
C HIS H 243 -29.19 44.46 -1.16
N ASP H 244 -29.30 43.15 -1.06
CA ASP H 244 -28.59 42.40 -0.03
C ASP H 244 -27.15 42.14 -0.48
N LYS H 245 -26.20 42.45 0.40
CA LYS H 245 -24.79 42.22 0.12
C LYS H 245 -24.22 41.17 1.05
N ILE H 246 -22.95 40.85 0.84
CA ILE H 246 -22.26 39.89 1.68
C ILE H 246 -21.12 40.55 2.46
N TYR H 247 -20.82 40.02 3.64
CA TYR H 247 -19.76 40.58 4.48
C TYR H 247 -18.99 39.47 5.17
N ILE H 248 -17.67 39.67 5.30
CA ILE H 248 -16.85 38.74 6.07
C ILE H 248 -16.59 39.32 7.45
N TYR H 249 -17.04 38.63 8.50
CA TYR H 249 -16.80 39.08 9.86
C TYR H 249 -15.83 38.16 10.59
N ASP H 250 -14.60 38.65 10.77
CA ASP H 250 -13.55 37.95 11.49
C ASP H 250 -13.41 38.40 12.95
N GLY H 251 -14.36 39.22 13.38
CA GLY H 251 -14.22 40.02 14.59
C GLY H 251 -14.17 41.47 14.16
N GLU H 252 -13.99 41.66 12.86
CA GLU H 252 -14.20 42.94 12.20
C GLU H 252 -15.05 42.68 10.95
N VAL H 253 -16.01 43.56 10.69
CA VAL H 253 -16.93 43.36 9.57
C VAL H 253 -16.46 44.07 8.29
N LYS H 254 -16.09 43.29 7.28
CA LYS H 254 -15.56 43.82 6.04
C LYS H 254 -16.31 43.28 4.82
N GLY H 255 -17.05 44.14 4.13
CA GLY H 255 -17.78 43.71 2.95
C GLY H 255 -16.94 43.72 1.70
N ILE H 256 -17.12 42.71 0.85
CA ILE H 256 -16.40 42.64 -0.41
C ILE H 256 -17.19 43.20 -1.59
N LEU H 257 -18.49 43.41 -1.38
CA LEU H 257 -19.36 43.97 -2.43
C LEU H 257 -19.67 45.45 -2.31
N ASP H 258 -19.05 46.13 -1.35
CA ASP H 258 -19.42 47.51 -1.06
C ASP H 258 -19.52 48.43 -2.28
N ASP H 259 -18.57 48.31 -3.20
CA ASP H 259 -18.52 49.24 -4.34
C ASP H 259 -19.16 48.76 -5.64
N ILE H 260 -19.78 47.58 -5.61
CA ILE H 260 -20.47 47.05 -6.77
C ILE H 260 -21.99 47.12 -6.54
N ASP H 261 -22.71 47.73 -7.48
CA ASP H 261 -24.14 47.91 -7.28
C ASP H 261 -24.86 46.73 -7.91
N ARG H 262 -25.36 45.85 -7.05
CA ARG H 262 -25.89 44.54 -7.44
C ARG H 262 -26.43 43.87 -6.18
N GLU H 263 -27.28 42.86 -6.35
CA GLU H 263 -27.72 42.05 -5.22
C GLU H 263 -27.17 40.64 -5.34
N VAL H 264 -26.83 40.04 -4.21
CA VAL H 264 -26.32 38.67 -4.17
C VAL H 264 -27.46 37.67 -4.05
N ALA H 265 -27.44 36.65 -4.91
CA ALA H 265 -28.45 35.61 -4.89
C ALA H 265 -28.11 34.52 -3.86
N GLN H 266 -26.98 33.84 -4.08
CA GLN H 266 -26.45 32.86 -3.13
C GLN H 266 -25.04 33.24 -2.70
N ALA H 267 -24.62 32.82 -1.51
CA ALA H 267 -23.25 33.05 -1.07
C ALA H 267 -22.68 31.92 -0.20
N LYS H 268 -21.46 31.51 -0.49
CA LYS H 268 -20.79 30.49 0.31
C LYS H 268 -19.31 30.80 0.50
N ILE H 269 -18.81 30.57 1.71
CA ILE H 269 -17.41 30.82 2.01
C ILE H 269 -16.64 29.51 2.24
N ARG H 270 -15.53 29.35 1.53
CA ARG H 270 -14.71 28.15 1.68
C ARG H 270 -13.23 28.47 1.73
N ASN H 271 -12.58 28.15 2.84
CA ASN H 271 -11.14 28.38 2.99
C ASN H 271 -10.76 29.81 2.59
N GLY H 272 -11.43 30.80 3.19
CA GLY H 272 -11.07 32.18 2.98
C GLY H 272 -11.45 32.73 1.62
N LYS H 273 -11.96 31.86 0.75
CA LYS H 273 -12.46 32.29 -0.55
C LYS H 273 -13.99 32.26 -0.56
N VAL H 274 -14.58 33.25 -1.21
CA VAL H 274 -16.04 33.36 -1.24
C VAL H 274 -16.58 33.16 -2.64
N TYR H 275 -17.63 32.37 -2.76
CA TYR H 275 -18.29 32.17 -4.04
C TYR H 275 -19.73 32.66 -3.94
N PHE H 276 -20.13 33.46 -4.90
CA PHE H 276 -21.41 34.15 -4.81
C PHE H 276 -21.98 34.39 -6.19
N THR H 277 -23.30 34.46 -6.26
CA THR H 277 -23.98 34.77 -7.50
C THR H 277 -24.70 36.10 -7.40
N LEU H 278 -24.77 36.80 -8.53
CA LEU H 278 -25.36 38.13 -8.58
C LEU H 278 -26.49 38.20 -9.59
N PHE H 279 -27.46 39.07 -9.33
CA PHE H 279 -28.48 39.35 -10.32
C PHE H 279 -27.96 40.49 -11.18
N GLU H 280 -27.68 40.18 -12.46
CA GLU H 280 -27.24 41.19 -13.42
C GLU H 280 -28.03 41.10 -14.71
N GLU H 281 -28.87 42.09 -14.97
CA GLU H 281 -29.58 42.23 -16.26
C GLU H 281 -30.14 40.93 -16.84
N GLY H 282 -31.15 40.37 -16.18
CA GLY H 282 -31.81 39.16 -16.65
C GLY H 282 -30.93 37.92 -16.56
N SER H 283 -29.81 38.03 -15.85
CA SER H 283 -28.93 36.89 -15.66
C SER H 283 -28.58 36.73 -14.19
N VAL H 284 -28.24 35.50 -13.81
CA VAL H 284 -27.67 35.25 -12.50
C VAL H 284 -26.30 34.63 -12.74
N ASN H 285 -25.24 35.39 -12.44
CA ASN H 285 -23.88 34.95 -12.73
C ASN H 285 -23.06 34.61 -11.50
N LEU H 286 -22.10 33.71 -11.69
CA LEU H 286 -21.26 33.23 -10.60
C LEU H 286 -19.92 33.96 -10.61
N TYR H 287 -19.50 34.41 -9.43
CA TYR H 287 -18.20 35.05 -9.27
C TYR H 287 -17.49 34.47 -8.06
N LEU H 288 -16.17 34.60 -8.05
CA LEU H 288 -15.35 34.16 -6.95
C LEU H 288 -14.66 35.36 -6.35
N TRP H 289 -14.44 35.36 -5.04
CA TRP H 289 -13.58 36.38 -4.44
C TRP H 289 -12.42 35.75 -3.67
N ASP H 290 -11.21 35.85 -4.23
CA ASP H 290 -10.01 35.69 -3.43
C ASP H 290 -9.19 36.97 -3.52
N GLY H 291 -9.31 37.80 -2.50
CA GLY H 291 -8.57 39.06 -2.46
C GLY H 291 -9.08 40.06 -3.49
N GLU H 292 -9.80 39.57 -4.48
CA GLU H 292 -10.42 40.41 -5.51
C GLU H 292 -11.54 39.68 -6.25
N VAL H 293 -12.41 40.42 -6.91
CA VAL H 293 -13.53 39.81 -7.63
C VAL H 293 -13.13 39.31 -9.02
N ARG H 294 -13.40 38.04 -9.27
CA ARG H 294 -13.09 37.41 -10.55
C ARG H 294 -14.33 36.74 -11.10
N GLU H 295 -14.46 36.75 -12.42
CA GLU H 295 -15.63 36.17 -13.07
C GLU H 295 -15.44 34.66 -13.19
N ILE H 296 -16.45 33.91 -12.76
CA ILE H 296 -16.40 32.45 -12.84
C ILE H 296 -17.30 31.94 -13.98
N ALA H 297 -18.60 32.10 -13.82
CA ALA H 297 -19.53 31.74 -14.90
C ALA H 297 -20.52 32.86 -15.21
N LYS H 298 -20.34 33.47 -16.38
CA LYS H 298 -21.18 34.59 -16.81
C LYS H 298 -21.68 34.33 -18.23
N GLY H 299 -22.92 34.74 -18.51
CA GLY H 299 -23.48 34.55 -19.82
C GLY H 299 -24.99 34.69 -19.73
N LYS H 300 -25.70 34.14 -20.71
CA LYS H 300 -27.15 34.24 -20.63
C LYS H 300 -27.67 32.92 -20.07
N HIS H 301 -27.97 32.94 -18.78
CA HIS H 301 -28.27 31.75 -18.01
C HIS H 301 -28.42 32.09 -16.53
N TRP H 302 -29.03 31.19 -15.77
CA TRP H 302 -29.08 31.35 -14.32
C TRP H 302 -28.37 30.19 -13.63
N ILE H 303 -27.45 30.52 -12.73
CA ILE H 303 -26.87 29.51 -11.87
C ILE H 303 -27.81 29.34 -10.70
N MET H 304 -28.40 28.16 -10.59
CA MET H 304 -29.44 27.93 -9.59
C MET H 304 -28.87 27.42 -8.28
N GLY H 305 -27.60 27.04 -8.30
CA GLY H 305 -26.92 26.56 -7.11
C GLY H 305 -25.48 26.21 -7.42
N PHE H 306 -24.65 26.14 -6.38
CA PHE H 306 -23.24 25.80 -6.51
C PHE H 306 -22.70 25.33 -5.18
N ASP H 307 -21.58 24.61 -5.22
CA ASP H 307 -20.87 24.26 -4.00
C ASP H 307 -19.39 24.10 -4.34
N ALA H 308 -18.52 24.32 -3.37
CA ALA H 308 -17.09 24.22 -3.62
C ALA H 308 -16.36 23.62 -2.45
N ASP H 309 -15.53 22.61 -2.71
CA ASP H 309 -14.54 22.22 -1.71
C ASP H 309 -13.16 22.24 -2.35
N GLU H 310 -12.79 21.16 -3.04
CA GLU H 310 -11.56 21.16 -3.80
C GLU H 310 -11.85 21.51 -5.24
N ARG H 311 -13.14 21.50 -5.58
CA ARG H 311 -13.59 21.72 -6.95
C ARG H 311 -14.76 22.69 -6.94
N LEU H 312 -14.97 23.38 -8.06
CA LEU H 312 -16.10 24.30 -8.21
C LEU H 312 -17.18 23.75 -9.14
N ILE H 313 -18.37 23.50 -8.59
CA ILE H 313 -19.47 22.95 -9.39
C ILE H 313 -20.75 23.77 -9.22
N TYR H 314 -21.52 23.90 -10.29
CA TYR H 314 -22.74 24.68 -10.26
C TYR H 314 -23.81 24.17 -11.22
N LEU H 315 -25.05 24.59 -10.97
CA LEU H 315 -26.18 24.27 -11.83
C LEU H 315 -26.46 25.42 -12.79
N LYS H 316 -26.30 25.18 -14.09
CA LYS H 316 -26.63 26.19 -15.09
C LYS H 316 -27.95 25.89 -15.82
N GLU H 317 -28.90 26.80 -15.65
CA GLU H 317 -30.18 26.74 -16.34
C GLU H 317 -30.22 27.88 -17.36
N THR H 318 -30.91 27.67 -18.48
CA THR H 318 -31.03 28.71 -19.52
C THR H 318 -32.50 28.94 -19.91
N ALA H 319 -32.73 29.75 -20.94
CA ALA H 319 -34.10 30.04 -21.36
C ALA H 319 -34.71 28.85 -22.07
N THR H 320 -33.87 28.17 -22.85
CA THR H 320 -34.27 27.01 -23.64
C THR H 320 -33.96 25.67 -22.97
N ARG H 321 -33.33 25.68 -21.81
CA ARG H 321 -32.98 24.42 -21.15
C ARG H 321 -33.10 24.43 -19.63
N PRO H 322 -33.58 23.31 -19.05
CA PRO H 322 -33.59 23.11 -17.60
C PRO H 322 -32.19 22.83 -17.05
N ALA H 323 -32.02 22.97 -15.74
CA ALA H 323 -30.71 22.89 -15.13
C ALA H 323 -29.90 21.63 -15.47
N GLU H 324 -28.62 21.83 -15.74
CA GLU H 324 -27.64 20.75 -15.83
C GLU H 324 -26.41 21.10 -14.98
N LEU H 325 -25.56 20.11 -14.72
CA LEU H 325 -24.43 20.28 -13.82
C LEU H 325 -23.12 20.58 -14.55
N TYR H 326 -22.42 21.61 -14.10
CA TYR H 326 -21.14 22.01 -14.69
C TYR H 326 -20.04 22.13 -13.63
N LEU H 327 -18.80 21.91 -14.07
CA LEU H 327 -17.63 22.05 -13.22
C LEU H 327 -16.68 23.05 -13.86
N TRP H 328 -15.89 23.74 -13.04
CA TRP H 328 -14.98 24.76 -13.56
C TRP H 328 -13.56 24.63 -13.05
N ASP H 329 -12.62 24.31 -13.95
CA ASP H 329 -11.22 24.57 -13.68
C ASP H 329 -10.60 25.33 -14.84
N GLY H 330 -10.39 26.63 -14.66
CA GLY H 330 -9.78 27.49 -15.65
C GLY H 330 -10.65 27.66 -16.89
N GLU H 331 -11.67 26.82 -17.00
CA GLU H 331 -12.62 26.83 -18.10
C GLU H 331 -13.87 26.07 -17.66
N GLU H 332 -14.99 26.31 -18.32
CA GLU H 332 -16.23 25.60 -18.00
C GLU H 332 -16.29 24.24 -18.69
N ARG H 333 -16.61 23.20 -17.92
CA ARG H 333 -16.79 21.86 -18.47
C ARG H 333 -18.14 21.30 -18.07
N GLN H 334 -18.97 20.95 -19.05
CA GLN H 334 -20.29 20.41 -18.77
C GLN H 334 -20.18 19.00 -18.19
N LEU H 335 -20.74 18.78 -17.02
CA LEU H 335 -20.74 17.47 -16.38
C LEU H 335 -21.89 16.54 -16.82
N THR H 336 -23.08 17.10 -16.93
CA THR H 336 -24.27 16.27 -17.17
C THR H 336 -25.17 16.83 -18.24
N ASP H 337 -25.50 15.99 -19.22
CA ASP H 337 -26.56 16.34 -20.14
C ASP H 337 -27.69 15.33 -20.00
N TYR H 338 -28.69 15.66 -19.20
CA TYR H 338 -29.79 14.73 -18.95
C TYR H 338 -30.82 14.83 -20.04
N ASN H 339 -31.17 16.06 -20.38
CA ASN H 339 -32.28 16.31 -21.29
C ASN H 339 -31.82 16.50 -22.73
N GLY H 340 -30.53 16.29 -22.96
CA GLY H 340 -29.96 16.38 -24.28
C GLY H 340 -30.71 15.52 -25.31
N LEU H 341 -31.21 14.37 -24.90
CA LEU H 341 -31.90 13.47 -25.82
C LEU H 341 -33.34 13.93 -26.09
N ILE H 342 -34.04 14.34 -25.04
CA ILE H 342 -35.37 14.91 -25.22
C ILE H 342 -35.32 16.18 -26.09
N PHE H 343 -34.32 17.02 -25.87
CA PHE H 343 -34.24 18.29 -26.60
C PHE H 343 -33.55 18.18 -27.96
N LYS H 344 -33.18 16.97 -28.35
CA LYS H 344 -32.81 16.72 -29.73
C LYS H 344 -34.11 16.50 -30.52
N LYS H 345 -35.13 15.99 -29.82
CA LYS H 345 -36.45 15.78 -30.41
C LYS H 345 -37.41 16.93 -30.13
N LEU H 346 -36.92 17.99 -29.51
CA LEU H 346 -37.81 19.07 -29.10
C LEU H 346 -37.27 20.44 -29.48
N LYS H 347 -38.08 21.22 -30.18
CA LYS H 347 -37.61 22.51 -30.65
C LYS H 347 -37.80 23.60 -29.61
N THR H 348 -36.79 24.45 -29.48
CA THR H 348 -36.79 25.54 -28.52
C THR H 348 -36.66 26.90 -29.21
N PHE H 349 -37.09 27.95 -28.51
CA PHE H 349 -36.95 29.29 -29.04
C PHE H 349 -36.11 30.16 -28.10
N GLU H 350 -34.90 30.49 -28.53
CA GLU H 350 -34.05 31.37 -27.75
C GLU H 350 -34.54 32.79 -27.96
N PRO H 351 -34.89 33.47 -26.86
CA PRO H 351 -35.47 34.82 -26.91
C PRO H 351 -34.49 35.88 -27.44
N ARG H 352 -35.02 36.84 -28.18
CA ARG H 352 -34.20 37.95 -28.69
C ARG H 352 -34.26 39.13 -27.74
N HIS H 353 -33.09 39.57 -27.29
CA HIS H 353 -33.00 40.70 -26.38
C HIS H 353 -33.08 42.04 -27.10
N PHE H 354 -33.75 43.01 -26.48
CA PHE H 354 -33.87 44.34 -27.05
C PHE H 354 -33.97 45.42 -25.97
N ARG H 355 -33.34 46.57 -26.23
CA ARG H 355 -33.40 47.69 -25.31
C ARG H 355 -34.41 48.72 -25.80
N PHE H 356 -35.22 49.25 -24.88
CA PHE H 356 -36.21 50.26 -25.22
C PHE H 356 -36.20 51.36 -24.18
N LYS H 357 -36.59 52.57 -24.56
CA LYS H 357 -36.63 53.68 -23.62
C LYS H 357 -38.01 53.83 -23.02
N SER H 358 -38.06 53.90 -21.70
CA SER H 358 -39.30 54.14 -20.99
C SER H 358 -39.09 55.35 -20.10
N ILE H 359 -39.78 56.43 -20.41
CA ILE H 359 -39.56 57.68 -19.70
C ILE H 359 -38.06 58.01 -19.69
N ASP H 360 -37.46 58.06 -18.51
CA ASP H 360 -36.06 58.48 -18.38
C ASP H 360 -35.04 57.35 -18.44
N LEU H 361 -35.48 56.11 -18.38
CA LEU H 361 -34.53 55.00 -18.27
C LEU H 361 -34.51 54.10 -19.50
N GLU H 362 -33.36 53.48 -19.75
CA GLU H 362 -33.24 52.49 -20.79
C GLU H 362 -33.36 51.09 -20.18
N LEU H 363 -34.33 50.33 -20.68
CA LEU H 363 -34.75 49.07 -20.07
C LEU H 363 -34.47 47.86 -20.96
N ASP H 364 -34.41 46.69 -20.34
CA ASP H 364 -34.21 45.44 -21.05
C ASP H 364 -35.54 44.76 -21.39
N GLY H 365 -35.57 44.12 -22.55
CA GLY H 365 -36.73 43.37 -22.98
C GLY H 365 -36.33 42.15 -23.79
N TRP H 366 -37.26 41.23 -23.94
CA TRP H 366 -37.02 39.99 -24.66
C TRP H 366 -38.30 39.56 -25.36
N TYR H 367 -38.17 39.00 -26.56
CA TYR H 367 -39.33 38.44 -27.24
C TYR H 367 -38.98 37.20 -28.06
N ILE H 368 -39.88 36.23 -28.05
CA ILE H 368 -39.73 35.00 -28.81
C ILE H 368 -40.59 35.06 -30.06
N LYS H 369 -40.01 34.72 -31.21
CA LYS H 369 -40.75 34.71 -32.46
C LYS H 369 -41.14 33.29 -32.89
N PRO H 370 -42.46 33.01 -32.95
CA PRO H 370 -42.96 31.69 -33.32
C PRO H 370 -42.83 31.42 -34.81
N GLU H 371 -43.32 30.28 -35.30
CA GLU H 371 -43.29 30.04 -36.74
C GLU H 371 -44.49 30.74 -37.34
N ILE H 372 -44.24 31.74 -38.17
CA ILE H 372 -45.32 32.58 -38.68
C ILE H 372 -45.88 32.05 -39.99
N LYS H 373 -45.10 32.17 -41.07
CA LYS H 373 -45.55 31.73 -42.40
C LYS H 373 -46.89 32.36 -42.81
N GLU H 376 -48.89 35.87 -42.49
CA GLU H 376 -50.01 36.13 -41.60
C GLU H 376 -49.57 36.92 -40.36
N LYS H 377 -50.50 37.18 -39.45
CA LYS H 377 -50.20 37.89 -38.21
C LYS H 377 -50.54 37.06 -36.97
N ALA H 378 -49.55 36.80 -36.12
CA ALA H 378 -49.73 35.99 -34.91
C ALA H 378 -50.12 36.83 -33.68
N PRO H 379 -50.75 36.19 -32.68
CA PRO H 379 -51.14 36.92 -31.46
C PRO H 379 -49.96 37.10 -30.51
N VAL H 380 -50.16 37.81 -29.41
CA VAL H 380 -49.07 38.14 -28.52
C VAL H 380 -49.43 38.00 -27.04
N ILE H 381 -48.68 37.20 -26.31
CA ILE H 381 -48.89 37.09 -24.88
C ILE H 381 -47.77 37.79 -24.11
N VAL H 382 -48.16 38.70 -23.24
CA VAL H 382 -47.22 39.45 -22.43
C VAL H 382 -47.16 38.90 -21.02
N PHE H 383 -45.94 38.57 -20.58
CA PHE H 383 -45.73 38.02 -19.26
C PHE H 383 -45.18 39.10 -18.32
N VAL H 384 -45.75 39.17 -17.11
CA VAL H 384 -45.27 40.07 -16.07
C VAL H 384 -44.72 39.27 -14.89
N HIS H 385 -43.46 39.51 -14.55
CA HIS H 385 -42.82 38.75 -13.48
C HIS H 385 -43.23 39.17 -12.07
N GLY H 386 -43.18 38.23 -11.14
CA GLY H 386 -43.50 38.51 -9.75
C GLY H 386 -42.52 39.53 -9.24
N GLY H 387 -42.70 40.00 -8.02
CA GLY H 387 -41.99 41.20 -7.63
C GLY H 387 -42.45 41.91 -6.36
N PRO H 388 -42.28 43.24 -6.35
CA PRO H 388 -41.78 43.89 -7.57
C PRO H 388 -40.32 43.56 -7.86
N LYS H 389 -39.59 43.10 -6.85
CA LYS H 389 -38.16 42.91 -7.00
C LYS H 389 -37.76 41.59 -7.66
N GLY H 390 -38.75 40.85 -8.18
CA GLY H 390 -38.47 39.70 -9.01
C GLY H 390 -37.73 40.09 -10.28
N MET H 391 -37.33 39.11 -11.08
CA MET H 391 -36.63 39.40 -12.34
C MET H 391 -36.91 38.39 -13.44
N TYR H 392 -37.07 38.86 -14.69
CA TYR H 392 -37.11 37.98 -15.85
C TYR H 392 -35.77 37.99 -16.55
N GLY H 393 -35.59 37.11 -17.54
CA GLY H 393 -34.24 36.80 -17.95
C GLY H 393 -34.04 35.43 -18.58
N TYR H 394 -32.84 34.90 -18.41
CA TYR H 394 -32.38 33.71 -19.09
C TYR H 394 -32.68 32.36 -18.41
N TYR H 395 -33.48 32.36 -17.35
CA TYR H 395 -33.96 31.09 -16.79
C TYR H 395 -35.09 30.44 -17.61
N PHE H 396 -35.30 29.14 -17.37
CA PHE H 396 -36.23 28.34 -18.17
C PHE H 396 -37.68 28.56 -17.76
N LYS H 397 -38.48 29.09 -18.68
CA LYS H 397 -39.89 29.37 -18.38
C LYS H 397 -40.80 28.51 -19.26
N TYR H 398 -41.51 27.57 -18.64
CA TYR H 398 -42.26 26.54 -19.35
C TYR H 398 -43.38 27.09 -20.23
N GLU H 399 -44.29 27.84 -19.64
CA GLU H 399 -45.40 28.44 -20.39
C GLU H 399 -44.89 29.14 -21.63
N MET H 400 -43.80 29.89 -21.47
CA MET H 400 -43.27 30.67 -22.58
C MET H 400 -42.89 29.79 -23.77
N GLN H 401 -42.11 28.75 -23.51
CA GLN H 401 -41.67 27.86 -24.58
C GLN H 401 -42.83 27.04 -25.12
N LEU H 402 -43.85 26.84 -24.28
CA LEU H 402 -45.03 26.10 -24.67
C LEU H 402 -45.87 26.90 -25.65
N MET H 403 -46.19 28.12 -25.25
CA MET H 403 -47.04 28.97 -26.06
C MET H 403 -46.34 29.37 -27.36
N ALA H 404 -45.02 29.48 -27.31
CA ALA H 404 -44.25 29.81 -28.51
C ALA H 404 -44.35 28.67 -29.54
N SER H 405 -44.53 27.45 -29.05
CA SER H 405 -44.72 26.30 -29.94
C SER H 405 -46.13 26.29 -30.51
N LYS H 406 -47.03 27.02 -29.87
CA LYS H 406 -48.41 27.09 -30.31
C LYS H 406 -48.68 28.31 -31.21
N GLY H 407 -47.63 29.04 -31.55
CA GLY H 407 -47.72 30.11 -32.53
C GLY H 407 -47.85 31.52 -31.97
N TYR H 408 -47.81 31.66 -30.65
CA TYR H 408 -47.91 32.99 -30.04
C TYR H 408 -46.59 33.75 -30.07
N TYR H 409 -46.68 35.08 -30.10
CA TYR H 409 -45.54 35.93 -29.81
C TYR H 409 -45.38 36.03 -28.31
N ILE H 410 -44.13 35.93 -27.84
CA ILE H 410 -43.82 35.99 -26.42
C ILE H 410 -42.97 37.21 -26.12
N VAL H 411 -43.41 38.04 -25.19
CA VAL H 411 -42.65 39.23 -24.83
C VAL H 411 -42.72 39.55 -23.33
N TYR H 412 -41.57 39.88 -22.74
CA TYR H 412 -41.48 40.19 -21.32
C TYR H 412 -40.41 41.25 -21.06
N VAL H 413 -40.59 42.04 -20.01
CA VAL H 413 -39.65 43.11 -19.70
C VAL H 413 -39.28 43.16 -18.23
N ASN H 414 -38.27 43.96 -17.92
CA ASN H 414 -37.83 44.15 -16.54
C ASN H 414 -38.08 45.59 -16.12
N PRO H 415 -39.32 45.87 -15.69
CA PRO H 415 -39.80 47.19 -15.29
C PRO H 415 -39.06 47.66 -14.03
N ARG H 416 -39.14 48.95 -13.73
CA ARG H 416 -38.48 49.47 -12.55
C ARG H 416 -39.01 48.83 -11.27
N GLY H 417 -38.11 48.54 -10.35
CA GLY H 417 -38.43 47.80 -9.14
C GLY H 417 -37.89 46.39 -9.24
N SER H 418 -37.40 46.03 -10.43
CA SER H 418 -36.98 44.66 -10.72
C SER H 418 -35.52 44.41 -10.35
N ASN H 419 -35.26 43.21 -9.81
CA ASN H 419 -33.90 42.83 -9.43
C ASN H 419 -33.02 42.67 -10.65
N GLY H 420 -31.71 42.72 -10.46
CA GLY H 420 -30.78 42.55 -11.55
C GLY H 420 -30.12 43.83 -11.98
N TYR H 421 -30.41 44.92 -11.27
CA TYR H 421 -29.89 46.23 -11.66
C TYR H 421 -29.43 47.04 -10.46
N SER H 422 -29.09 48.30 -10.71
CA SER H 422 -28.66 49.21 -9.65
C SER H 422 -29.73 49.29 -8.56
N GLU H 423 -29.29 49.50 -7.32
CA GLU H 423 -30.21 49.58 -6.21
C GLU H 423 -31.30 50.62 -6.44
N ASP H 424 -30.90 51.84 -6.83
CA ASP H 424 -31.84 52.94 -7.07
C ASP H 424 -32.94 52.52 -8.03
N PHE H 425 -32.59 51.72 -9.01
CA PHE H 425 -33.57 51.20 -9.97
C PHE H 425 -34.70 50.46 -9.26
N ALA H 426 -34.35 49.53 -8.38
CA ALA H 426 -35.34 48.67 -7.74
C ALA H 426 -36.21 49.40 -6.70
N LEU H 427 -35.67 50.48 -6.14
CA LEU H 427 -36.33 51.22 -5.07
C LEU H 427 -37.40 52.18 -5.58
N ARG H 428 -37.24 52.63 -6.83
CA ARG H 428 -38.14 53.61 -7.44
C ARG H 428 -39.60 53.21 -7.32
N VAL H 429 -39.87 51.92 -7.49
CA VAL H 429 -41.22 51.42 -7.48
C VAL H 429 -41.91 51.61 -6.11
N LEU H 430 -41.17 52.03 -5.10
CA LEU H 430 -41.79 52.16 -3.78
C LEU H 430 -42.93 53.18 -3.80
N GLU H 431 -44.11 52.71 -3.43
CA GLU H 431 -45.36 53.46 -3.50
C GLU H 431 -45.69 53.95 -4.93
N ARG H 432 -44.99 53.39 -5.91
CA ARG H 432 -45.24 53.62 -7.34
C ARG H 432 -45.96 52.50 -8.08
N THR H 433 -46.42 51.49 -7.34
CA THR H 433 -46.91 50.26 -7.96
C THR H 433 -47.91 50.58 -9.06
N GLY H 434 -47.65 50.04 -10.24
CA GLY H 434 -48.55 50.22 -11.38
C GLY H 434 -48.51 51.61 -11.98
N LEU H 435 -47.54 52.43 -11.58
CA LEU H 435 -47.46 53.78 -12.13
C LEU H 435 -46.38 53.87 -13.20
N GLU H 436 -45.12 53.94 -12.80
CA GLU H 436 -44.03 54.04 -13.77
C GLU H 436 -43.65 52.68 -14.36
N ASP H 437 -43.64 51.65 -13.51
CA ASP H 437 -43.35 50.29 -13.96
C ASP H 437 -44.36 49.84 -14.99
N PHE H 438 -45.65 50.02 -14.67
CA PHE H 438 -46.72 49.73 -15.62
C PHE H 438 -46.39 50.39 -16.95
N GLN H 439 -46.09 51.69 -16.90
CA GLN H 439 -45.77 52.42 -18.11
C GLN H 439 -44.52 51.84 -18.77
N ASP H 440 -43.55 51.42 -17.97
CA ASP H 440 -42.34 50.80 -18.47
C ASP H 440 -42.65 49.55 -19.31
N ILE H 441 -43.72 48.84 -18.96
CA ILE H 441 -44.18 47.69 -19.72
C ILE H 441 -44.80 48.11 -21.05
N LEU H 442 -45.78 49.02 -20.99
CA LEU H 442 -46.44 49.53 -22.18
C LEU H 442 -45.44 49.99 -23.23
N ASN H 443 -44.43 50.71 -22.79
CA ASN H 443 -43.39 51.21 -23.69
C ASN H 443 -42.64 50.08 -24.39
N GLY H 444 -42.19 49.10 -23.62
CA GLY H 444 -41.47 47.95 -24.15
C GLY H 444 -42.28 47.20 -25.18
N ILE H 445 -43.57 47.04 -24.91
CA ILE H 445 -44.49 46.48 -25.88
C ILE H 445 -44.42 47.30 -27.17
N GLU H 446 -44.76 48.58 -27.09
CA GLU H 446 -44.79 49.44 -28.27
C GLU H 446 -43.54 49.27 -29.12
N GLU H 447 -42.37 49.34 -28.48
CA GLU H 447 -41.10 49.21 -29.18
C GLU H 447 -40.94 47.83 -29.82
N PHE H 448 -41.46 46.81 -29.14
CA PHE H 448 -41.44 45.46 -29.68
C PHE H 448 -42.36 45.38 -30.90
N LEU H 449 -43.50 46.04 -30.82
CA LEU H 449 -44.43 46.08 -31.94
C LEU H 449 -43.76 46.65 -33.17
N ARG H 450 -43.04 47.75 -33.00
CA ARG H 450 -42.29 48.34 -34.11
C ARG H 450 -41.25 47.37 -34.65
N LEU H 451 -40.63 46.61 -33.75
CA LEU H 451 -39.57 45.67 -34.11
C LEU H 451 -40.08 44.42 -34.81
N GLU H 452 -41.34 44.09 -34.56
CA GLU H 452 -41.96 42.92 -35.17
C GLU H 452 -43.34 43.27 -35.73
N PRO H 453 -43.39 43.72 -37.00
CA PRO H 453 -44.62 44.12 -37.67
C PRO H 453 -45.54 42.93 -37.93
N GLN H 454 -44.95 41.73 -37.95
CA GLN H 454 -45.71 40.51 -38.15
C GLN H 454 -46.53 40.15 -36.91
N ALA H 455 -46.35 40.93 -35.85
CA ALA H 455 -47.06 40.69 -34.60
C ALA H 455 -48.38 41.44 -34.60
N ASP H 456 -49.48 40.69 -34.60
CA ASP H 456 -50.80 41.28 -34.61
C ASP H 456 -51.04 42.10 -33.34
N ARG H 457 -51.39 43.37 -33.51
CA ARG H 457 -51.63 44.26 -32.37
C ARG H 457 -53.06 44.17 -31.86
N GLU H 458 -53.94 43.59 -32.67
CA GLU H 458 -55.37 43.50 -32.37
C GLU H 458 -55.68 42.37 -31.39
N ARG H 459 -54.82 41.36 -31.35
CA ARG H 459 -54.89 40.35 -30.30
C ARG H 459 -53.62 40.38 -29.45
N ILE H 460 -53.71 40.91 -28.24
CA ILE H 460 -52.57 40.94 -27.32
C ILE H 460 -53.01 40.60 -25.90
N GLY H 461 -52.44 39.55 -25.33
CA GLY H 461 -52.79 39.12 -24.00
C GLY H 461 -51.79 39.56 -22.93
N ILE H 462 -52.22 39.47 -21.68
CA ILE H 462 -51.38 39.81 -20.55
C ILE H 462 -51.56 38.78 -19.45
N THR H 463 -50.47 38.30 -18.89
CA THR H 463 -50.56 37.32 -17.81
C THR H 463 -49.42 37.47 -16.80
N GLY H 464 -49.67 37.03 -15.57
CA GLY H 464 -48.66 37.06 -14.55
C GLY H 464 -49.10 36.37 -13.26
N ILE H 465 -48.12 35.99 -12.46
CA ILE H 465 -48.40 35.43 -11.14
C ILE H 465 -47.92 36.41 -10.08
N ALA H 466 -48.63 36.45 -8.96
CA ALA H 466 -48.29 37.38 -7.88
C ALA H 466 -48.37 38.82 -8.35
N TYR H 467 -47.26 39.55 -8.23
CA TYR H 467 -47.23 40.94 -8.66
C TYR H 467 -47.48 41.03 -10.16
N GLY H 468 -47.03 40.01 -10.89
CA GLY H 468 -47.35 39.88 -12.29
C GLY H 468 -48.85 39.81 -12.50
N GLY H 469 -49.53 39.12 -11.59
CA GLY H 469 -50.98 39.00 -11.63
C GLY H 469 -51.66 40.32 -11.29
N TYR H 470 -51.14 40.99 -10.26
CA TYR H 470 -51.58 42.33 -9.93
C TYR H 470 -51.50 43.22 -11.17
N MET H 471 -50.36 43.17 -11.84
CA MET H 471 -50.13 43.93 -13.05
C MET H 471 -51.18 43.62 -14.12
N THR H 472 -51.67 42.39 -14.13
CA THR H 472 -52.73 41.98 -15.06
C THR H 472 -54.08 42.58 -14.67
N ASN H 473 -54.51 42.38 -13.43
CA ASN H 473 -55.74 42.98 -12.93
C ASN H 473 -55.69 44.49 -13.11
N TRP H 474 -54.52 45.05 -12.83
CA TRP H 474 -54.30 46.47 -13.00
C TRP H 474 -54.38 46.86 -14.47
N ALA H 475 -53.73 46.09 -15.33
CA ALA H 475 -53.63 46.43 -16.74
C ALA H 475 -54.99 46.50 -17.42
N LEU H 476 -55.85 45.53 -17.10
CA LEU H 476 -57.19 45.46 -17.69
C LEU H 476 -58.07 46.61 -17.23
N THR H 477 -57.83 47.11 -16.03
CA THR H 477 -58.55 48.29 -15.54
C THR H 477 -57.99 49.60 -16.07
N GLN H 478 -56.71 49.61 -16.42
CA GLN H 478 -56.08 50.85 -16.89
C GLN H 478 -55.94 51.02 -18.41
N SER H 479 -56.28 50.00 -19.18
CA SER H 479 -56.08 50.09 -20.63
C SER H 479 -57.01 49.18 -21.41
N ASP H 480 -57.30 49.57 -22.65
CA ASP H 480 -58.13 48.75 -23.52
C ASP H 480 -57.28 47.89 -24.46
N LEU H 481 -55.95 47.95 -24.29
CA LEU H 481 -55.03 47.33 -25.25
C LEU H 481 -55.15 45.82 -25.35
N PHE H 482 -55.40 45.16 -24.22
CA PHE H 482 -55.32 43.72 -24.14
C PHE H 482 -56.67 43.04 -24.39
N LYS H 483 -56.65 42.03 -25.24
CA LYS H 483 -57.86 41.30 -25.59
C LYS H 483 -58.28 40.36 -24.46
N ALA H 484 -57.30 39.83 -23.74
CA ALA H 484 -57.55 38.92 -22.62
C ALA H 484 -56.39 38.85 -21.63
N GLY H 485 -56.65 38.31 -20.45
CA GLY H 485 -55.60 38.11 -19.47
C GLY H 485 -55.85 36.95 -18.53
N ILE H 486 -54.76 36.41 -17.99
CA ILE H 486 -54.82 35.41 -16.93
C ILE H 486 -54.06 35.92 -15.71
N SER H 487 -54.78 36.20 -14.63
CA SER H 487 -54.14 36.65 -13.39
C SER H 487 -54.10 35.50 -12.38
N GLU H 488 -52.94 35.31 -11.76
CA GLU H 488 -52.75 34.20 -10.85
C GLU H 488 -52.16 34.63 -9.51
N ASN H 489 -52.86 34.31 -8.43
CA ASN H 489 -52.42 34.64 -7.07
C ASN H 489 -51.87 36.07 -7.01
N GLY H 490 -52.73 37.03 -7.34
CA GLY H 490 -52.31 38.42 -7.44
C GLY H 490 -52.89 39.27 -6.33
N ILE H 491 -52.97 40.58 -6.58
CA ILE H 491 -53.57 41.49 -5.62
C ILE H 491 -54.56 42.39 -6.31
N SER H 492 -55.84 42.26 -5.97
CA SER H 492 -56.83 43.26 -6.35
C SER H 492 -57.02 44.37 -5.31
N TYR H 493 -56.62 44.12 -4.07
CA TYR H 493 -56.76 45.11 -3.00
C TYR H 493 -55.53 45.08 -2.08
N TRP H 494 -54.87 46.23 -1.93
CA TRP H 494 -53.63 46.28 -1.15
C TRP H 494 -53.86 46.19 0.35
N LEU H 495 -54.86 46.89 0.84
CA LEU H 495 -55.16 46.90 2.27
C LEU H 495 -55.21 45.49 2.84
N THR H 496 -55.97 44.62 2.18
CA THR H 496 -56.12 43.23 2.63
C THR H 496 -54.79 42.49 2.61
N SER H 497 -54.01 42.68 1.55
CA SER H 497 -52.72 42.02 1.43
C SER H 497 -51.84 42.46 2.59
N TYR H 498 -52.13 43.64 3.13
CA TYR H 498 -51.42 44.15 4.29
C TYR H 498 -51.85 43.41 5.55
N ALA H 499 -53.15 43.32 5.76
CA ALA H 499 -53.68 42.77 7.01
C ALA H 499 -53.91 41.25 6.98
N PHE H 500 -53.83 40.64 5.80
CA PHE H 500 -54.19 39.23 5.64
C PHE H 500 -52.97 38.34 5.40
N SER H 501 -52.26 38.64 4.32
CA SER H 501 -51.17 37.80 3.85
C SER H 501 -50.05 37.68 4.86
N ASP H 502 -49.25 36.63 4.72
CA ASP H 502 -48.14 36.33 5.62
C ASP H 502 -47.15 37.48 5.82
N ILE H 503 -46.75 38.15 4.74
CA ILE H 503 -45.77 39.23 4.82
C ILE H 503 -46.33 40.66 4.84
N GLY H 504 -47.66 40.78 4.88
CA GLY H 504 -48.32 42.08 4.78
C GLY H 504 -47.88 43.19 5.72
N LEU H 505 -47.76 42.89 7.01
CA LEU H 505 -47.54 43.91 8.03
C LEU H 505 -46.37 44.85 7.75
N TRP H 506 -45.30 44.33 7.16
CA TRP H 506 -44.14 45.15 6.84
C TRP H 506 -44.09 45.47 5.35
N PHE H 507 -44.00 44.42 4.54
CA PHE H 507 -43.86 44.57 3.08
C PHE H 507 -44.86 45.56 2.47
N ASP H 508 -46.12 45.48 2.88
CA ASP H 508 -47.12 46.41 2.38
C ASP H 508 -46.76 47.84 2.74
N LYS H 509 -46.26 48.03 3.97
CA LYS H 509 -45.89 49.37 4.43
C LYS H 509 -44.80 49.99 3.57
N GLU H 510 -43.79 49.18 3.24
CA GLU H 510 -42.67 49.65 2.44
C GLU H 510 -43.06 49.90 0.97
N VAL H 511 -43.67 48.90 0.34
CA VAL H 511 -43.94 48.95 -1.10
C VAL H 511 -45.16 49.79 -1.49
N ILE H 512 -46.13 49.89 -0.58
CA ILE H 512 -47.30 50.71 -0.83
C ILE H 512 -47.20 52.03 -0.07
N GLY H 513 -47.19 51.98 1.27
CA GLY H 513 -47.03 53.15 2.10
C GLY H 513 -47.29 52.87 3.57
N ASP H 514 -47.19 53.89 4.41
CA ASP H 514 -47.44 53.72 5.86
C ASP H 514 -48.88 54.06 6.23
N ASN H 515 -49.22 53.87 7.50
CA ASN H 515 -50.57 54.10 8.00
C ASN H 515 -51.64 53.59 7.05
N PRO H 516 -51.66 52.26 6.81
CA PRO H 516 -52.58 51.63 5.85
C PRO H 516 -54.06 51.98 6.10
N LEU H 517 -54.46 52.02 7.37
CA LEU H 517 -55.84 52.34 7.71
C LEU H 517 -56.19 53.77 7.32
N GLU H 518 -55.19 54.51 6.87
CA GLU H 518 -55.32 55.92 6.55
C GLU H 518 -54.93 56.21 5.11
N ASN H 519 -53.69 55.88 4.74
CA ASN H 519 -53.17 56.16 3.40
C ASN H 519 -54.14 55.69 2.30
N GLU H 520 -54.45 56.60 1.38
CA GLU H 520 -55.44 56.35 0.34
C GLU H 520 -54.86 55.59 -0.85
N ASN H 521 -53.55 55.38 -0.84
CA ASN H 521 -52.87 54.63 -1.89
C ASN H 521 -53.37 53.18 -1.96
N TYR H 522 -53.75 52.63 -0.80
CA TYR H 522 -54.30 51.28 -0.71
C TYR H 522 -55.61 51.12 -1.50
N ARG H 523 -56.21 52.25 -1.84
CA ARG H 523 -57.41 52.29 -2.66
C ARG H 523 -57.05 52.71 -4.08
N LYS H 524 -56.48 53.90 -4.20
CA LYS H 524 -56.11 54.44 -5.51
C LYS H 524 -55.38 53.42 -6.40
N LEU H 525 -54.45 52.67 -5.82
CA LEU H 525 -53.61 51.75 -6.60
C LEU H 525 -54.08 50.30 -6.64
N SER H 526 -55.26 50.02 -6.09
CA SER H 526 -55.83 48.68 -6.14
C SER H 526 -56.75 48.52 -7.35
N PRO H 527 -56.58 47.44 -8.11
CA PRO H 527 -57.41 47.18 -9.30
C PRO H 527 -58.87 46.90 -8.93
N LEU H 528 -59.10 46.45 -7.70
CA LEU H 528 -60.45 46.11 -7.24
C LEU H 528 -61.47 47.22 -7.50
N PHE H 529 -61.03 48.47 -7.34
CA PHE H 529 -61.92 49.62 -7.46
C PHE H 529 -62.15 50.08 -8.89
N TYR H 530 -61.28 49.66 -9.81
CA TYR H 530 -61.40 50.02 -11.21
C TYR H 530 -62.12 48.97 -12.04
N ALA H 531 -62.75 48.01 -11.36
CA ALA H 531 -63.48 46.92 -11.99
C ALA H 531 -64.30 47.39 -13.17
N LYS H 532 -65.20 48.34 -12.94
CA LYS H 532 -66.08 48.81 -14.02
C LYS H 532 -65.32 49.05 -15.34
N ASN H 533 -64.06 49.51 -15.24
CA ASN H 533 -63.26 49.77 -16.43
C ASN H 533 -62.94 48.54 -17.27
N VAL H 534 -63.08 47.37 -16.65
CA VAL H 534 -62.69 46.12 -17.28
C VAL H 534 -63.59 45.75 -18.45
N LYS H 535 -62.96 45.38 -19.56
CA LYS H 535 -63.66 44.97 -20.76
C LYS H 535 -63.24 43.56 -21.18
N ALA H 536 -61.95 43.39 -21.47
CA ALA H 536 -61.39 42.12 -21.92
C ALA H 536 -61.77 40.95 -21.01
N PRO H 537 -62.01 39.78 -21.62
CA PRO H 537 -62.28 38.56 -20.84
C PRO H 537 -61.08 38.18 -19.99
N LEU H 538 -61.34 37.70 -18.78
CA LEU H 538 -60.29 37.41 -17.82
C LEU H 538 -60.48 36.06 -17.13
N LEU H 539 -59.39 35.33 -16.95
CA LEU H 539 -59.40 34.08 -16.18
C LEU H 539 -58.60 34.27 -14.90
N LEU H 540 -59.24 33.98 -13.76
CA LEU H 540 -58.57 34.07 -12.46
C LEU H 540 -58.18 32.69 -11.94
N ILE H 541 -56.92 32.54 -11.56
CA ILE H 541 -56.41 31.29 -11.01
C ILE H 541 -55.83 31.48 -9.62
N HIS H 542 -56.30 30.69 -8.64
CA HIS H 542 -55.76 30.79 -7.29
C HIS H 542 -55.47 29.41 -6.67
N SER H 543 -55.02 29.41 -5.42
CA SER H 543 -54.81 28.17 -4.68
C SER H 543 -55.11 28.33 -3.18
N LEU H 544 -55.73 27.30 -2.58
CA LEU H 544 -56.18 27.37 -1.19
C LEU H 544 -55.05 27.56 -0.17
N GLU H 545 -53.88 27.03 -0.48
CA GLU H 545 -52.75 27.03 0.46
C GLU H 545 -51.79 28.21 0.32
N ASP H 546 -52.17 29.20 -0.49
CA ASP H 546 -51.30 30.35 -0.72
C ASP H 546 -51.58 31.43 0.31
N TYR H 547 -50.63 31.62 1.22
CA TYR H 547 -50.70 32.66 2.25
C TYR H 547 -49.86 33.88 1.93
N ARG H 548 -49.16 33.86 0.80
CA ARG H 548 -48.47 35.03 0.29
C ARG H 548 -49.47 36.05 -0.28
N CYS H 549 -50.28 35.60 -1.23
CA CYS H 549 -51.46 36.37 -1.63
C CYS H 549 -52.70 35.53 -1.33
N PRO H 550 -53.42 35.86 -0.27
CA PRO H 550 -54.53 35.00 0.14
C PRO H 550 -55.65 34.96 -0.90
N LEU H 551 -56.52 33.97 -0.78
CA LEU H 551 -57.60 33.73 -1.75
C LEU H 551 -58.40 34.99 -2.11
N ASP H 552 -58.69 35.82 -1.12
CA ASP H 552 -59.54 36.98 -1.33
C ASP H 552 -59.10 37.88 -2.49
N GLN H 553 -57.80 37.98 -2.71
CA GLN H 553 -57.26 38.84 -3.76
C GLN H 553 -57.86 38.48 -5.11
N SER H 554 -57.92 37.19 -5.42
CA SER H 554 -58.51 36.74 -6.67
C SER H 554 -60.05 36.62 -6.63
N LEU H 555 -60.57 36.13 -5.51
CA LEU H 555 -62.01 35.89 -5.39
C LEU H 555 -62.83 37.19 -5.35
N MET H 556 -62.43 38.13 -4.50
CA MET H 556 -63.16 39.41 -4.39
C MET H 556 -63.25 40.08 -5.74
N PHE H 557 -62.16 40.01 -6.49
CA PHE H 557 -62.08 40.59 -7.82
C PHE H 557 -62.98 39.86 -8.78
N TYR H 558 -63.20 38.57 -8.53
CA TYR H 558 -64.09 37.78 -9.37
C TYR H 558 -65.56 38.11 -9.08
N HIS H 559 -65.92 38.12 -7.80
CA HIS H 559 -67.28 38.43 -7.36
C HIS H 559 -67.80 39.78 -7.85
N VAL H 560 -66.95 40.80 -7.75
CA VAL H 560 -67.35 42.14 -8.13
C VAL H 560 -67.40 42.29 -9.65
N LEU H 561 -66.43 41.72 -10.35
CA LEU H 561 -66.46 41.76 -11.80
C LEU H 561 -67.72 41.08 -12.33
N LYS H 562 -68.19 40.06 -11.61
CA LYS H 562 -69.44 39.39 -11.97
C LYS H 562 -70.64 40.29 -11.67
N ASP H 563 -70.61 40.92 -10.51
CA ASP H 563 -71.66 41.85 -10.09
C ASP H 563 -71.70 43.07 -11.02
N LEU H 564 -70.64 43.25 -11.80
CA LEU H 564 -70.58 44.28 -12.83
C LEU H 564 -70.89 43.76 -14.23
N GLY H 565 -71.22 42.47 -14.33
CA GLY H 565 -71.59 41.88 -15.60
C GLY H 565 -70.41 41.72 -16.55
N LYS H 566 -69.22 41.56 -15.98
CA LYS H 566 -68.01 41.34 -16.78
C LYS H 566 -67.78 39.85 -16.96
N GLU H 567 -67.21 39.46 -18.09
CA GLU H 567 -66.92 38.05 -18.32
C GLU H 567 -65.61 37.70 -17.64
N VAL H 568 -65.68 36.83 -16.64
CA VAL H 568 -64.49 36.35 -15.95
C VAL H 568 -64.76 34.98 -15.32
N TYR H 569 -63.74 34.16 -15.24
CA TYR H 569 -63.86 32.85 -14.60
C TYR H 569 -62.79 32.74 -13.54
N ILE H 570 -63.04 31.91 -12.53
CA ILE H 570 -62.05 31.69 -11.48
C ILE H 570 -61.80 30.21 -11.23
N ALA H 571 -60.53 29.81 -11.24
CA ALA H 571 -60.15 28.44 -10.99
C ALA H 571 -59.42 28.34 -9.66
N ILE H 572 -60.07 27.72 -8.68
CA ILE H 572 -59.45 27.58 -7.37
C ILE H 572 -58.92 26.16 -7.16
N PHE H 573 -57.61 26.02 -7.15
CA PHE H 573 -57.00 24.73 -6.88
C PHE H 573 -57.06 24.43 -5.39
N LYS H 574 -57.48 23.20 -5.06
CA LYS H 574 -57.76 22.82 -3.69
C LYS H 574 -56.51 22.70 -2.83
N LYS H 575 -55.39 22.44 -3.48
CA LYS H 575 -54.09 22.32 -2.81
C LYS H 575 -53.07 23.23 -3.48
N GLY H 576 -51.96 23.45 -2.79
CA GLY H 576 -50.83 24.20 -3.33
C GLY H 576 -50.70 25.62 -2.81
N ALA H 577 -49.46 26.05 -2.66
CA ALA H 577 -49.14 27.35 -2.10
C ALA H 577 -48.93 28.37 -3.19
N HIS H 578 -48.40 29.53 -2.82
CA HIS H 578 -48.17 30.62 -3.75
C HIS H 578 -47.52 30.14 -5.05
N GLY H 579 -46.58 29.21 -4.96
CA GLY H 579 -45.86 28.74 -6.13
C GLY H 579 -46.41 27.46 -6.73
N HIS H 580 -47.67 27.17 -6.46
CA HIS H 580 -48.27 25.90 -6.87
C HIS H 580 -48.03 25.54 -8.34
N SER H 581 -48.00 26.53 -9.22
CA SER H 581 -47.82 26.25 -10.65
C SER H 581 -46.55 25.43 -10.92
N ILE H 582 -45.43 25.82 -10.34
CA ILE H 582 -44.20 25.04 -10.43
C ILE H 582 -44.08 23.91 -9.40
N ARG H 583 -44.54 24.15 -8.18
CA ARG H 583 -44.42 23.17 -7.09
C ARG H 583 -45.65 22.31 -6.76
N GLY H 584 -46.74 22.48 -7.51
CA GLY H 584 -47.93 21.66 -7.28
C GLY H 584 -47.71 20.23 -7.72
N SER H 585 -48.64 19.34 -7.39
CA SER H 585 -48.54 17.95 -7.82
C SER H 585 -48.51 17.88 -9.34
N PRO H 586 -47.88 16.83 -9.90
CA PRO H 586 -47.72 16.75 -11.36
C PRO H 586 -49.04 16.93 -12.09
N ARG H 587 -50.07 16.24 -11.64
CA ARG H 587 -51.38 16.29 -12.27
C ARG H 587 -51.98 17.67 -12.11
N HIS H 588 -51.82 18.23 -10.90
CA HIS H 588 -52.22 19.60 -10.59
C HIS H 588 -51.59 20.58 -11.58
N ARG H 589 -50.28 20.52 -11.72
CA ARG H 589 -49.57 21.43 -12.62
C ARG H 589 -49.99 21.25 -14.08
N MET H 590 -50.35 20.03 -14.45
CA MET H 590 -50.71 19.72 -15.84
C MET H 590 -52.04 20.33 -16.22
N LYS H 591 -53.07 20.03 -15.43
CA LYS H 591 -54.38 20.61 -15.66
C LYS H 591 -54.22 22.12 -15.81
N ARG H 592 -53.45 22.72 -14.92
CA ARG H 592 -53.24 24.16 -14.96
C ARG H 592 -52.61 24.59 -16.28
N TYR H 593 -51.68 23.77 -16.79
CA TYR H 593 -51.07 24.07 -18.06
C TYR H 593 -52.11 24.00 -19.17
N LYS H 594 -52.91 22.94 -19.15
CA LYS H 594 -53.97 22.74 -20.13
C LYS H 594 -54.96 23.89 -20.08
N LEU H 595 -55.31 24.31 -18.87
CA LEU H 595 -56.23 25.42 -18.67
C LEU H 595 -55.64 26.74 -19.17
N PHE H 596 -54.41 27.02 -18.78
CA PHE H 596 -53.70 28.23 -19.19
C PHE H 596 -53.57 28.27 -20.71
N MET H 597 -53.39 27.11 -21.31
CA MET H 597 -53.19 26.98 -22.73
C MET H 597 -54.47 27.26 -23.52
N GLU H 598 -55.58 26.70 -23.04
CA GLU H 598 -56.83 26.76 -23.78
C GLU H 598 -57.51 28.11 -23.66
N PHE H 599 -57.35 28.76 -22.51
CA PHE H 599 -57.98 30.07 -22.33
C PHE H 599 -57.42 31.08 -23.33
N PHE H 600 -56.10 31.05 -23.53
CA PHE H 600 -55.47 31.90 -24.53
C PHE H 600 -55.81 31.49 -25.96
N GLU H 601 -56.16 30.22 -26.15
CA GLU H 601 -56.52 29.71 -27.47
C GLU H 601 -57.95 30.13 -27.84
N ARG H 602 -58.85 30.02 -26.86
CA ARG H 602 -60.27 30.27 -27.08
C ARG H 602 -60.71 31.70 -26.72
N LYS H 603 -59.76 32.55 -26.36
CA LYS H 603 -60.03 33.95 -26.01
C LYS H 603 -59.14 34.93 -26.76
N LEU H 604 -57.83 34.79 -26.60
CA LEU H 604 -56.90 35.62 -27.35
C LEU H 604 -56.82 35.20 -28.83
N LYS H 605 -56.37 33.98 -29.09
CA LYS H 605 -56.19 33.51 -30.48
C LYS H 605 -57.41 33.71 -31.35
N LYS H 606 -58.47 32.93 -31.08
CA LYS H 606 -59.76 33.14 -31.72
C LYS H 606 -60.83 33.14 -30.66
N TYR H 607 -61.47 34.30 -30.46
CA TYR H 607 -62.45 34.43 -29.40
C TYR H 607 -63.72 33.65 -29.69
N GLU H 608 -64.20 32.93 -28.69
CA GLU H 608 -65.44 32.19 -28.78
C GLU H 608 -66.21 32.29 -27.46
N GLU H 609 -67.53 32.39 -27.54
CA GLU H 609 -68.34 32.59 -26.35
C GLU H 609 -68.18 31.48 -25.31
N GLY H 610 -68.04 31.86 -24.04
CA GLY H 610 -68.08 30.92 -22.93
C GLY H 610 -66.83 30.08 -22.72
N PHE H 611 -66.74 29.48 -21.53
CA PHE H 611 -65.67 28.53 -21.25
C PHE H 611 -66.23 27.28 -20.56
N ASP H 612 -66.19 26.14 -21.25
CA ASP H 612 -66.69 24.90 -20.68
C ASP H 612 -65.54 23.99 -20.31
N VAL H 613 -65.31 23.85 -19.01
CA VAL H 613 -64.13 23.13 -18.53
C VAL H 613 -64.30 21.62 -18.61
N GLU H 614 -65.52 21.15 -18.43
CA GLU H 614 -65.80 19.72 -18.47
C GLU H 614 -65.66 19.15 -19.89
N LYS H 615 -65.59 20.04 -20.88
CA LYS H 615 -65.34 19.65 -22.27
C LYS H 615 -63.88 19.91 -22.66
N ILE H 616 -63.47 21.17 -22.58
CA ILE H 616 -62.14 21.63 -23.01
C ILE H 616 -60.98 20.77 -22.50
N LEU H 617 -61.05 20.31 -21.25
CA LEU H 617 -60.05 19.40 -20.72
C LEU H 617 -60.63 17.99 -20.61
N LYS H 618 -60.20 17.11 -21.49
CA LYS H 618 -60.71 15.74 -21.60
C LYS H 618 -61.99 15.50 -20.79
N ILE I 4 -30.26 -38.00 0.93
CA ILE I 4 -31.45 -37.51 0.26
C ILE I 4 -32.00 -38.57 -0.68
N GLU I 5 -33.32 -38.67 -0.78
CA GLU I 5 -33.92 -39.65 -1.68
C GLU I 5 -34.77 -38.95 -2.75
N TRP I 6 -35.02 -39.65 -3.86
CA TRP I 6 -35.79 -39.08 -4.96
C TRP I 6 -37.29 -39.15 -4.68
N ASP I 7 -37.93 -37.98 -4.71
CA ASP I 7 -39.38 -37.92 -4.53
C ASP I 7 -39.94 -36.78 -5.36
N GLU I 8 -41.21 -36.46 -5.15
CA GLU I 8 -41.86 -35.41 -5.92
C GLU I 8 -41.42 -34.01 -5.51
N LYS I 9 -40.74 -33.89 -4.36
CA LYS I 9 -40.24 -32.58 -3.91
C LYS I 9 -38.77 -32.30 -4.23
N THR I 10 -38.07 -33.29 -4.79
CA THR I 10 -36.61 -33.17 -4.95
C THR I 10 -36.19 -32.11 -5.95
N PHE I 11 -37.07 -31.81 -6.90
CA PHE I 11 -36.76 -30.81 -7.92
C PHE I 11 -36.54 -29.44 -7.28
N THR I 12 -37.00 -29.29 -6.04
CA THR I 12 -36.89 -28.01 -5.33
C THR I 12 -35.50 -27.78 -4.74
N LYS I 13 -34.71 -28.83 -4.62
CA LYS I 13 -33.41 -28.75 -3.96
C LYS I 13 -32.31 -28.32 -4.92
N PHE I 14 -32.65 -28.16 -6.19
CA PHE I 14 -31.68 -27.76 -7.20
C PHE I 14 -31.65 -26.24 -7.43
N ALA I 15 -30.46 -25.71 -7.69
CA ALA I 15 -30.33 -24.34 -8.16
C ALA I 15 -30.53 -24.34 -9.67
N TYR I 16 -31.24 -23.35 -10.17
CA TYR I 16 -31.50 -23.26 -11.61
C TYR I 16 -30.88 -21.99 -12.21
N LEU I 17 -30.02 -22.16 -13.19
CA LEU I 17 -29.30 -21.02 -13.77
C LEU I 17 -29.74 -20.72 -15.20
N SER I 18 -29.84 -19.44 -15.53
CA SER I 18 -30.26 -19.01 -16.86
C SER I 18 -29.73 -17.64 -17.25
N ASP I 19 -29.77 -17.35 -18.54
CA ASP I 19 -29.51 -16.03 -19.08
C ASP I 19 -28.12 -15.47 -18.72
N PRO I 20 -27.07 -16.19 -19.13
CA PRO I 20 -25.69 -15.77 -18.89
C PRO I 20 -25.34 -14.54 -19.74
N ARG I 21 -24.60 -13.59 -19.16
CA ARG I 21 -24.19 -12.34 -19.82
C ARG I 21 -22.77 -11.97 -19.44
N THR I 22 -22.02 -11.39 -20.37
CA THR I 22 -20.65 -10.98 -20.05
C THR I 22 -20.22 -9.64 -20.67
N ARG I 23 -19.44 -8.89 -19.90
CA ARG I 23 -18.74 -7.71 -20.39
C ARG I 23 -17.42 -7.63 -19.64
N LYS I 24 -16.35 -7.23 -20.33
CA LYS I 24 -15.04 -7.10 -19.68
C LYS I 24 -14.68 -8.37 -18.90
N ASN I 25 -14.26 -8.18 -17.66
CA ASN I 25 -13.92 -9.29 -16.79
C ASN I 25 -15.12 -9.75 -15.96
N LEU I 26 -16.28 -9.15 -16.22
CA LEU I 26 -17.51 -9.45 -15.47
C LEU I 26 -18.43 -10.46 -16.16
N VAL I 27 -19.06 -11.31 -15.36
CA VAL I 27 -20.04 -12.28 -15.86
C VAL I 27 -21.30 -12.29 -15.00
N ALA I 28 -22.46 -12.19 -15.64
CA ALA I 28 -23.73 -12.12 -14.91
C ALA I 28 -24.69 -13.22 -15.34
N TYR I 29 -25.64 -13.54 -14.46
CA TYR I 29 -26.61 -14.59 -14.73
C TYR I 29 -27.63 -14.71 -13.62
N VAL I 30 -28.66 -15.52 -13.84
CA VAL I 30 -29.76 -15.59 -12.89
C VAL I 30 -29.83 -16.93 -12.18
N LEU I 31 -29.90 -16.85 -10.86
CA LEU I 31 -30.10 -18.01 -10.00
C LEU I 31 -31.56 -18.07 -9.60
N THR I 32 -32.18 -19.22 -9.81
CA THR I 32 -33.60 -19.40 -9.51
C THR I 32 -33.85 -20.58 -8.59
N LYS I 33 -34.65 -20.35 -7.55
CA LYS I 33 -35.04 -21.44 -6.65
C LYS I 33 -36.56 -21.64 -6.63
N ALA I 34 -36.97 -22.88 -6.42
CA ALA I 34 -38.40 -23.16 -6.28
C ALA I 34 -38.71 -23.34 -4.81
N ASN I 35 -39.42 -22.36 -4.25
CA ASN I 35 -39.79 -22.41 -2.84
C ASN I 35 -41.17 -23.02 -2.70
N LEU I 36 -41.21 -24.22 -2.16
CA LEU I 36 -42.44 -24.98 -2.07
C LEU I 36 -43.31 -24.48 -0.93
N GLU I 37 -42.67 -23.93 0.11
CA GLU I 37 -43.40 -23.40 1.26
C GLU I 37 -44.19 -22.16 0.88
N SER I 38 -43.53 -21.24 0.19
CA SER I 38 -44.18 -20.01 -0.26
C SER I 38 -44.79 -20.20 -1.65
N ASN I 39 -44.49 -21.35 -2.25
CA ASN I 39 -44.97 -21.64 -3.60
C ASN I 39 -44.70 -20.50 -4.58
N LYS I 40 -43.45 -20.09 -4.66
CA LYS I 40 -43.03 -19.09 -5.61
C LYS I 40 -41.65 -19.44 -6.11
N TYR I 41 -41.33 -19.05 -7.33
CA TYR I 41 -39.95 -19.09 -7.76
C TYR I 41 -39.27 -17.84 -7.21
N GLU I 42 -38.05 -18.01 -6.70
CA GLU I 42 -37.25 -16.86 -6.29
C GLU I 42 -36.09 -16.63 -7.26
N ASN I 43 -35.93 -15.40 -7.73
CA ASN I 43 -34.84 -15.05 -8.64
C ASN I 43 -33.76 -14.15 -8.00
N THR I 44 -32.51 -14.46 -8.29
CA THR I 44 -31.41 -13.63 -7.82
C THR I 44 -30.37 -13.45 -8.91
N ILE I 45 -29.93 -12.22 -9.12
CA ILE I 45 -28.88 -11.98 -10.09
C ILE I 45 -27.52 -12.12 -9.42
N VAL I 46 -26.68 -12.98 -9.99
CA VAL I 46 -25.34 -13.14 -9.47
C VAL I 46 -24.34 -12.62 -10.48
N ILE I 47 -23.48 -11.71 -10.01
CA ILE I 47 -22.41 -11.14 -10.82
C ILE I 47 -21.04 -11.61 -10.30
N GLU I 48 -20.23 -12.17 -11.19
CA GLU I 48 -18.95 -12.73 -10.81
C GLU I 48 -17.75 -12.08 -11.52
N ASN I 49 -16.67 -11.89 -10.78
CA ASN I 49 -15.42 -11.43 -11.37
CA ASN I 49 -15.42 -11.43 -11.38
C ASN I 49 -14.61 -12.62 -11.89
N LEU I 50 -14.37 -12.64 -13.20
CA LEU I 50 -13.73 -13.78 -13.85
C LEU I 50 -12.33 -14.09 -13.32
N GLU I 51 -11.78 -13.19 -12.52
CA GLU I 51 -10.44 -13.41 -11.95
C GLU I 51 -10.50 -14.30 -10.70
N ASP I 52 -10.99 -13.74 -9.59
CA ASP I 52 -11.04 -14.47 -8.32
C ASP I 52 -12.23 -15.44 -8.15
N GLY I 53 -13.40 -15.04 -8.65
CA GLY I 53 -14.62 -15.79 -8.40
C GLY I 53 -15.49 -15.14 -7.33
N SER I 54 -15.18 -13.90 -7.00
CA SER I 54 -15.98 -13.09 -6.10
C SER I 54 -17.40 -12.92 -6.63
N ARG I 55 -18.38 -12.93 -5.73
CA ARG I 55 -19.79 -12.85 -6.12
C ARG I 55 -20.51 -11.63 -5.56
N LYS I 56 -21.19 -10.90 -6.44
CA LYS I 56 -22.03 -9.79 -6.04
C LYS I 56 -23.47 -10.16 -6.35
N PHE I 57 -24.42 -9.58 -5.63
CA PHE I 57 -25.81 -9.99 -5.75
C PHE I 57 -26.78 -8.84 -6.03
N ILE I 58 -27.81 -9.15 -6.81
CA ILE I 58 -28.99 -8.29 -6.91
C ILE I 58 -30.20 -9.16 -6.61
N GLU I 59 -30.86 -8.88 -5.49
CA GLU I 59 -31.94 -9.73 -5.01
C GLU I 59 -33.30 -9.46 -5.68
N ASP I 60 -34.07 -10.53 -5.87
CA ASP I 60 -35.39 -10.43 -6.49
C ASP I 60 -35.33 -9.66 -7.79
N ALA I 61 -34.60 -10.20 -8.75
CA ALA I 61 -34.40 -9.52 -10.02
C ALA I 61 -34.05 -10.53 -11.11
N SER I 62 -34.23 -10.13 -12.35
CA SER I 62 -33.89 -10.99 -13.49
C SER I 62 -33.51 -10.13 -14.69
N MET I 63 -33.35 -10.76 -15.85
CA MET I 63 -33.01 -10.08 -17.09
C MET I 63 -31.84 -9.11 -16.94
N PRO I 64 -30.74 -9.58 -16.32
CA PRO I 64 -29.57 -8.71 -16.19
C PRO I 64 -29.02 -8.34 -17.56
N ARG I 65 -28.78 -7.05 -17.80
CA ARG I 65 -28.19 -6.59 -19.05
C ARG I 65 -27.04 -5.67 -18.73
N ILE I 66 -25.83 -6.06 -19.14
CA ILE I 66 -24.65 -5.29 -18.79
C ILE I 66 -24.35 -4.22 -19.85
N SER I 67 -24.09 -3.01 -19.40
CA SER I 67 -23.76 -1.92 -20.32
C SER I 67 -22.47 -2.27 -21.06
N PRO I 68 -22.41 -1.92 -22.36
CA PRO I 68 -21.24 -2.18 -23.20
C PRO I 68 -19.94 -1.66 -22.60
N ASP I 69 -20.00 -0.58 -21.82
CA ASP I 69 -18.78 -0.07 -21.19
C ASP I 69 -18.42 -0.82 -19.90
N GLY I 70 -19.29 -1.73 -19.48
CA GLY I 70 -19.05 -2.53 -18.29
C GLY I 70 -19.23 -1.79 -16.99
N LYS I 71 -19.60 -0.52 -17.09
CA LYS I 71 -19.75 0.35 -15.94
C LYS I 71 -21.06 0.13 -15.16
N LYS I 72 -22.10 -0.35 -15.84
CA LYS I 72 -23.37 -0.58 -15.13
C LYS I 72 -24.22 -1.70 -15.70
N ILE I 73 -25.33 -1.96 -15.02
CA ILE I 73 -26.18 -3.11 -15.35
C ILE I 73 -27.65 -2.74 -15.24
N ALA I 74 -28.42 -3.03 -16.28
CA ALA I 74 -29.85 -2.83 -16.25
C ALA I 74 -30.50 -4.16 -15.88
N PHE I 75 -31.58 -4.09 -15.11
CA PHE I 75 -32.30 -5.30 -14.73
C PHE I 75 -33.75 -4.96 -14.43
N MET I 76 -34.53 -5.97 -14.03
CA MET I 76 -35.97 -5.81 -13.89
C MET I 76 -36.51 -6.54 -12.66
N ARG I 77 -37.43 -5.89 -11.94
CA ARG I 77 -38.10 -6.49 -10.80
C ARG I 77 -39.60 -6.62 -11.06
N PHE I 78 -40.12 -7.83 -10.92
CA PHE I 78 -41.53 -8.11 -11.22
C PHE I 78 -42.45 -8.08 -9.99
N ASN I 79 -43.71 -8.47 -10.19
CA ASN I 79 -44.73 -8.54 -9.13
C ASN I 79 -45.66 -7.33 -9.12
N THR I 84 -46.99 -5.26 -11.39
CA THR I 84 -46.31 -4.67 -12.53
C THR I 84 -44.79 -4.76 -12.42
N ALA I 85 -44.11 -4.55 -13.54
CA ALA I 85 -42.67 -4.70 -13.63
C ALA I 85 -42.00 -3.34 -13.69
N GLN I 86 -40.78 -3.25 -13.16
CA GLN I 86 -40.02 -2.02 -13.22
C GLN I 86 -38.61 -2.26 -13.74
N ILE I 87 -38.08 -1.28 -14.47
CA ILE I 87 -36.72 -1.36 -14.98
C ILE I 87 -35.80 -0.59 -14.04
N TRP I 88 -34.65 -1.17 -13.76
CA TRP I 88 -33.68 -0.61 -12.83
C TRP I 88 -32.30 -0.56 -13.48
N VAL I 89 -31.55 0.49 -13.15
CA VAL I 89 -30.15 0.59 -13.54
C VAL I 89 -29.31 0.69 -12.28
N ALA I 90 -28.36 -0.22 -12.13
CA ALA I 90 -27.50 -0.25 -10.98
C ALA I 90 -26.07 -0.07 -11.47
N ASP I 91 -25.23 0.53 -10.62
CA ASP I 91 -23.85 0.77 -10.99
C ASP I 91 -23.07 -0.47 -10.57
N LEU I 92 -22.28 -1.01 -11.49
CA LEU I 92 -21.66 -2.30 -11.25
C LEU I 92 -20.71 -2.31 -10.06
N LYS I 93 -20.03 -1.20 -9.80
CA LYS I 93 -19.03 -1.16 -8.72
C LYS I 93 -19.63 -1.30 -7.31
N THR I 94 -20.57 -0.41 -6.96
CA THR I 94 -21.25 -0.49 -5.65
C THR I 94 -22.63 -1.14 -5.66
N LEU I 95 -23.12 -1.50 -6.85
CA LEU I 95 -24.47 -2.05 -7.01
C LEU I 95 -25.58 -1.21 -6.38
N SER I 96 -25.39 0.11 -6.34
CA SER I 96 -26.45 1.02 -5.95
C SER I 96 -27.36 1.24 -7.15
N ALA I 97 -28.66 1.07 -6.94
CA ALA I 97 -29.61 1.04 -8.03
C ALA I 97 -30.64 2.15 -7.92
N LYS I 98 -31.16 2.57 -9.07
CA LYS I 98 -32.27 3.51 -9.14
C LYS I 98 -33.33 2.95 -10.08
N LYS I 99 -34.60 3.22 -9.81
CA LYS I 99 -35.64 2.74 -10.72
C LYS I 99 -35.86 3.71 -11.89
N VAL I 100 -35.62 3.21 -13.09
CA VAL I 100 -35.74 4.02 -14.31
C VAL I 100 -37.16 4.16 -14.88
N LEU I 101 -37.91 3.07 -14.92
CA LEU I 101 -39.22 3.07 -15.57
C LEU I 101 -40.16 2.02 -14.99
N GLU I 102 -41.44 2.32 -14.96
CA GLU I 102 -42.44 1.33 -14.58
C GLU I 102 -42.91 0.70 -15.87
N ALA I 103 -42.58 -0.56 -16.09
CA ALA I 103 -42.85 -1.18 -17.38
C ALA I 103 -43.79 -2.39 -17.30
N LYS I 104 -44.99 -2.22 -17.83
CA LYS I 104 -45.93 -3.34 -17.94
C LYS I 104 -45.90 -3.89 -19.36
N ASN I 105 -45.88 -5.22 -19.48
CA ASN I 105 -45.82 -5.88 -20.78
C ASN I 105 -44.55 -5.60 -21.54
N ILE I 106 -43.41 -5.69 -20.86
CA ILE I 106 -42.13 -5.53 -21.54
C ILE I 106 -41.45 -6.88 -21.64
N ARG I 107 -41.33 -7.40 -22.85
CA ARG I 107 -40.74 -8.71 -23.01
C ARG I 107 -39.22 -8.73 -23.19
N SER I 108 -38.61 -7.59 -23.51
CA SER I 108 -37.16 -7.55 -23.69
C SER I 108 -36.49 -6.17 -23.50
N ILE I 109 -35.22 -6.20 -23.09
CA ILE I 109 -34.40 -4.99 -22.99
C ILE I 109 -33.00 -5.21 -23.55
N GLU I 110 -32.50 -4.25 -24.32
CA GLU I 110 -31.18 -4.35 -24.91
C GLU I 110 -30.43 -3.02 -24.87
N TRP I 111 -29.13 -3.10 -24.60
CA TRP I 111 -28.28 -1.91 -24.51
C TRP I 111 -27.85 -1.40 -25.87
N ASN I 112 -27.76 -0.08 -25.98
CA ASN I 112 -27.21 0.62 -27.14
C ASN I 112 -25.74 0.90 -26.91
N GLN I 113 -24.94 0.90 -27.97
CA GLN I 113 -23.50 0.96 -27.82
C GLN I 113 -23.07 2.17 -26.99
N ASP I 114 -23.99 3.11 -26.78
CA ASP I 114 -23.67 4.29 -25.98
C ASP I 114 -23.79 4.07 -24.46
N SER I 115 -24.24 2.88 -24.06
CA SER I 115 -24.42 2.53 -22.64
C SER I 115 -25.34 3.53 -21.94
N ARG I 116 -26.22 4.13 -22.72
CA ARG I 116 -27.19 5.09 -22.23
C ARG I 116 -28.62 4.63 -22.54
N ARG I 117 -28.93 4.51 -23.83
CA ARG I 117 -30.26 4.13 -24.29
C ARG I 117 -30.58 2.63 -24.19
N LEU I 118 -31.80 2.31 -23.75
CA LEU I 118 -32.30 0.94 -23.71
C LEU I 118 -33.33 0.73 -24.78
N LEU I 119 -33.30 -0.45 -25.41
CA LEU I 119 -34.33 -0.79 -26.38
C LEU I 119 -35.33 -1.76 -25.75
N ALA I 120 -36.54 -1.28 -25.50
CA ALA I 120 -37.58 -2.12 -24.93
C ALA I 120 -38.58 -2.58 -26.00
N VAL I 121 -38.82 -3.88 -26.08
CA VAL I 121 -39.87 -4.38 -26.93
C VAL I 121 -40.98 -4.97 -26.07
N GLY I 122 -42.11 -4.27 -26.05
CA GLY I 122 -43.30 -4.71 -25.34
C GLY I 122 -44.46 -5.11 -26.22
N PHE I 123 -45.66 -5.05 -25.64
CA PHE I 123 -46.90 -5.25 -26.38
C PHE I 123 -48.07 -4.46 -25.79
N LYS I 124 -48.94 -3.94 -26.66
CA LYS I 124 -50.16 -3.26 -26.23
C LYS I 124 -51.40 -4.02 -26.73
N ARG I 125 -52.36 -4.20 -25.84
CA ARG I 125 -53.60 -4.90 -26.17
C ARG I 125 -54.84 -4.03 -25.99
N ARG I 126 -56.02 -4.60 -26.22
CA ARG I 126 -57.25 -3.85 -26.03
C ARG I 126 -57.57 -3.74 -24.54
N GLU I 127 -57.34 -4.83 -23.81
CA GLU I 127 -57.50 -4.82 -22.37
C GLU I 127 -58.84 -4.24 -21.92
N ASP I 128 -59.95 -4.88 -22.30
CA ASP I 128 -61.25 -4.56 -21.77
C ASP I 128 -61.49 -5.52 -20.61
N GLU I 129 -62.11 -5.06 -19.53
CA GLU I 129 -62.25 -5.90 -18.35
C GLU I 129 -63.07 -7.15 -18.62
N ASP I 130 -64.23 -6.97 -19.24
CA ASP I 130 -65.16 -8.08 -19.41
C ASP I 130 -64.95 -8.99 -20.62
N PHE I 131 -64.28 -8.51 -21.65
CA PHE I 131 -64.17 -9.35 -22.84
C PHE I 131 -62.99 -9.05 -23.75
N ILE I 132 -62.62 -10.05 -24.53
CA ILE I 132 -61.53 -9.96 -25.49
C ILE I 132 -62.13 -9.83 -26.88
N PHE I 133 -61.45 -9.11 -27.76
CA PHE I 133 -61.92 -8.91 -29.12
C PHE I 133 -60.82 -9.13 -30.13
N GLU I 134 -61.04 -10.03 -31.09
CA GLU I 134 -59.98 -10.39 -32.02
C GLU I 134 -60.37 -10.21 -33.48
N ASP I 135 -59.72 -9.27 -34.15
CA ASP I 135 -59.91 -9.07 -35.59
C ASP I 135 -58.83 -9.76 -36.44
N ASP I 136 -57.92 -10.49 -35.79
CA ASP I 136 -56.79 -11.11 -36.47
C ASP I 136 -56.59 -12.56 -36.02
N VAL I 137 -55.52 -13.18 -36.50
CA VAL I 137 -55.15 -14.53 -36.07
C VAL I 137 -53.72 -14.57 -35.53
N PRO I 138 -53.45 -15.50 -34.61
CA PRO I 138 -54.50 -16.30 -33.96
C PRO I 138 -55.15 -15.49 -32.83
N ALA I 139 -56.14 -16.05 -32.16
CA ALA I 139 -56.77 -15.34 -31.06
C ALA I 139 -55.91 -15.40 -29.79
N TRP I 140 -55.06 -16.44 -29.70
CA TRP I 140 -54.26 -16.66 -28.50
C TRP I 140 -52.95 -17.40 -28.78
N PHE I 141 -51.96 -17.22 -27.92
CA PHE I 141 -50.70 -17.94 -28.05
C PHE I 141 -50.30 -18.49 -26.69
N ASP I 142 -49.62 -19.63 -26.69
CA ASP I 142 -49.26 -20.29 -25.44
C ASP I 142 -48.30 -19.44 -24.62
N ASN I 143 -48.56 -19.33 -23.32
CA ASN I 143 -47.71 -18.59 -22.39
C ASN I 143 -47.85 -17.06 -22.53
N MET I 144 -48.64 -16.66 -23.53
CA MET I 144 -49.00 -15.25 -23.78
C MET I 144 -50.44 -14.97 -23.35
N GLY I 145 -51.37 -15.75 -23.90
CA GLY I 145 -52.77 -15.65 -23.56
C GLY I 145 -53.49 -15.00 -24.71
N PHE I 146 -54.75 -14.61 -24.50
CA PHE I 146 -55.52 -14.00 -25.58
C PHE I 146 -54.86 -12.73 -26.05
N PHE I 147 -54.61 -12.64 -27.36
CA PHE I 147 -53.93 -11.50 -27.95
C PHE I 147 -54.73 -10.21 -27.80
N ASP I 148 -56.05 -10.33 -27.80
CA ASP I 148 -56.90 -9.16 -27.58
C ASP I 148 -56.38 -8.03 -28.44
N GLY I 149 -56.15 -8.33 -29.72
CA GLY I 149 -55.71 -7.33 -30.69
C GLY I 149 -54.34 -6.76 -30.43
N GLU I 150 -53.46 -7.56 -29.82
CA GLU I 150 -52.11 -7.13 -29.48
C GLU I 150 -51.33 -6.57 -30.67
N LYS I 151 -50.72 -5.40 -30.49
CA LYS I 151 -49.70 -4.92 -31.41
C LYS I 151 -48.33 -4.96 -30.72
N THR I 152 -47.26 -5.18 -31.47
CA THR I 152 -45.92 -5.10 -30.89
C THR I 152 -45.56 -3.63 -30.68
N THR I 153 -44.96 -3.33 -29.54
CA THR I 153 -44.58 -1.95 -29.21
C THR I 153 -43.08 -1.81 -29.01
N PHE I 154 -42.54 -0.67 -29.43
CA PHE I 154 -41.11 -0.42 -29.34
C PHE I 154 -40.79 0.86 -28.58
N TRP I 155 -39.92 0.75 -27.58
CA TRP I 155 -39.54 1.93 -26.80
C TRP I 155 -38.04 2.14 -26.81
N VAL I 156 -37.63 3.36 -27.08
CA VAL I 156 -36.26 3.73 -26.84
C VAL I 156 -36.23 4.50 -25.52
N ILE I 157 -35.43 4.02 -24.57
CA ILE I 157 -35.42 4.59 -23.23
C ILE I 157 -34.07 5.22 -22.91
N ASP I 158 -34.12 6.40 -22.29
CA ASP I 158 -32.92 7.05 -21.76
C ASP I 158 -32.81 6.75 -20.27
N THR I 159 -31.78 6.01 -19.90
CA THR I 159 -31.60 5.60 -18.51
C THR I 159 -31.16 6.76 -17.60
N GLU I 160 -30.56 7.78 -18.21
CA GLU I 160 -30.17 8.97 -17.44
C GLU I 160 -31.38 9.83 -17.09
N GLY I 161 -32.18 10.19 -18.09
CA GLY I 161 -33.37 11.00 -17.88
C GLY I 161 -34.58 10.21 -17.41
N GLU I 162 -34.54 8.89 -17.63
CA GLU I 162 -35.61 7.97 -17.25
C GLU I 162 -36.93 8.21 -18.02
N GLU I 163 -36.79 8.68 -19.25
CA GLU I 163 -37.93 8.97 -20.11
C GLU I 163 -37.89 8.16 -21.40
N VAL I 164 -39.04 8.01 -22.04
CA VAL I 164 -39.09 7.33 -23.34
C VAL I 164 -38.93 8.36 -24.44
N ILE I 165 -37.80 8.31 -25.14
CA ILE I 165 -37.50 9.24 -26.22
C ILE I 165 -38.16 8.89 -27.56
N GLU I 166 -38.29 7.59 -27.82
CA GLU I 166 -38.84 7.12 -29.09
C GLU I 166 -39.78 5.95 -28.86
N GLN I 167 -40.99 6.04 -29.37
CA GLN I 167 -41.88 4.88 -29.39
C GLN I 167 -42.73 4.80 -30.64
N PHE I 168 -42.83 3.60 -31.19
CA PHE I 168 -43.63 3.32 -32.38
C PHE I 168 -44.12 1.88 -32.28
N GLU I 169 -45.18 1.54 -33.02
CA GLU I 169 -45.74 0.19 -32.95
CA GLU I 169 -45.72 0.19 -32.95
C GLU I 169 -45.70 -0.55 -34.29
N LYS I 170 -45.67 -1.86 -34.23
CA LYS I 170 -45.68 -2.70 -35.41
C LYS I 170 -46.72 -3.80 -35.24
N PRO I 171 -46.89 -4.64 -36.26
CA PRO I 171 -47.84 -5.75 -36.13
C PRO I 171 -47.40 -6.73 -35.07
N ARG I 172 -48.33 -7.58 -34.68
CA ARG I 172 -48.11 -8.60 -33.67
C ARG I 172 -46.95 -9.55 -34.02
N PHE I 173 -46.20 -9.97 -33.00
CA PHE I 173 -45.06 -10.86 -33.19
C PHE I 173 -43.89 -10.25 -33.96
N SER I 174 -43.75 -8.93 -33.92
CA SER I 174 -42.58 -8.27 -34.49
C SER I 174 -41.44 -8.20 -33.47
N SER I 175 -40.20 -8.34 -33.94
CA SER I 175 -39.04 -8.19 -33.08
C SER I 175 -38.11 -7.10 -33.61
N GLY I 176 -37.26 -6.57 -32.74
CA GLY I 176 -36.30 -5.58 -33.19
C GLY I 176 -35.04 -5.52 -32.34
N ILE I 177 -33.95 -5.06 -32.93
CA ILE I 177 -32.65 -5.05 -32.26
C ILE I 177 -31.83 -3.83 -32.67
N TRP I 178 -30.97 -3.38 -31.78
CA TRP I 178 -30.06 -2.28 -32.12
C TRP I 178 -29.13 -2.65 -33.27
N HIS I 179 -29.04 -1.76 -34.25
CA HIS I 179 -27.96 -1.79 -35.22
C HIS I 179 -27.37 -0.38 -35.24
N GLY I 180 -26.16 -0.22 -34.74
CA GLY I 180 -25.60 1.12 -34.62
C GLY I 180 -26.52 2.01 -33.82
N ASP I 181 -26.93 3.12 -34.43
CA ASP I 181 -27.95 4.00 -33.86
C ASP I 181 -29.34 3.71 -34.40
N SER I 182 -29.45 2.69 -35.26
CA SER I 182 -30.71 2.35 -35.91
C SER I 182 -31.24 1.00 -35.43
N ILE I 183 -32.54 0.81 -35.56
CA ILE I 183 -33.19 -0.42 -35.12
C ILE I 183 -33.57 -1.31 -36.31
N VAL I 184 -33.19 -2.57 -36.26
CA VAL I 184 -33.63 -3.53 -37.27
C VAL I 184 -34.91 -4.20 -36.82
N VAL I 185 -35.99 -3.98 -37.55
CA VAL I 185 -37.30 -4.48 -37.16
C VAL I 185 -37.76 -5.62 -38.07
N SER I 186 -37.97 -6.80 -37.48
CA SER I 186 -38.49 -7.93 -38.25
C SER I 186 -39.98 -8.05 -38.02
N VAL I 187 -40.76 -8.00 -39.10
CA VAL I 187 -42.21 -8.13 -38.97
C VAL I 187 -42.71 -9.32 -39.78
N PRO I 188 -43.71 -10.05 -39.25
CA PRO I 188 -44.24 -11.17 -40.02
C PRO I 188 -44.87 -10.66 -41.31
N HIS I 189 -44.48 -11.26 -42.44
CA HIS I 189 -45.04 -10.88 -43.73
C HIS I 189 -46.47 -11.40 -43.87
N ARG I 190 -47.36 -10.56 -44.42
CA ARG I 190 -48.77 -10.91 -44.51
C ARG I 190 -49.27 -11.17 -45.94
N ASP I 191 -49.98 -12.28 -46.16
CA ASP I 191 -50.74 -12.39 -47.41
C ASP I 191 -52.24 -12.44 -47.16
N VAL I 192 -52.78 -13.60 -46.80
CA VAL I 192 -54.17 -13.68 -46.31
C VAL I 192 -54.22 -13.41 -44.80
N ILE I 193 -53.27 -14.02 -44.10
CA ILE I 193 -53.07 -13.87 -42.67
C ILE I 193 -51.56 -13.83 -42.49
N PRO I 194 -51.10 -13.31 -41.34
CA PRO I 194 -49.65 -13.24 -41.14
C PRO I 194 -48.98 -14.59 -41.34
N ARG I 195 -47.86 -14.61 -42.05
CA ARG I 195 -47.16 -15.86 -42.23
C ARG I 195 -46.12 -15.93 -41.12
N TYR I 196 -46.37 -16.81 -40.16
CA TYR I 196 -45.60 -16.84 -38.94
C TYR I 196 -44.52 -17.88 -39.10
N PHE I 197 -43.29 -17.52 -38.72
CA PHE I 197 -42.19 -18.45 -38.79
C PHE I 197 -42.04 -18.99 -40.20
N LYS I 198 -42.48 -18.19 -41.17
CA LYS I 198 -42.37 -18.55 -42.58
C LYS I 198 -41.69 -17.43 -43.33
N TYR I 199 -42.37 -16.28 -43.41
CA TYR I 199 -41.82 -15.12 -44.10
C TYR I 199 -41.84 -13.86 -43.24
N TRP I 200 -40.80 -13.04 -43.37
CA TRP I 200 -40.72 -11.76 -42.70
C TRP I 200 -40.34 -10.66 -43.67
N ASP I 201 -40.71 -9.44 -43.31
CA ASP I 201 -40.19 -8.24 -43.95
C ASP I 201 -39.27 -7.58 -42.92
N ILE I 202 -38.12 -7.11 -43.37
CA ILE I 202 -37.15 -6.51 -42.45
C ILE I 202 -36.88 -5.04 -42.80
N TYR I 203 -37.07 -4.16 -41.81
CA TYR I 203 -36.85 -2.73 -42.01
C TYR I 203 -35.73 -2.19 -41.13
N LEU I 204 -35.08 -1.14 -41.59
CA LEU I 204 -34.06 -0.44 -40.80
C LEU I 204 -34.63 0.91 -40.38
N TRP I 205 -34.89 1.06 -39.09
CA TRP I 205 -35.64 2.20 -38.57
C TRP I 205 -34.74 3.19 -37.83
N LYS I 206 -34.80 4.46 -38.21
CA LYS I 206 -34.13 5.52 -37.46
C LYS I 206 -34.91 6.83 -37.42
N ASP I 207 -34.98 7.42 -36.23
CA ASP I 207 -35.61 8.74 -36.04
C ASP I 207 -36.99 8.83 -36.69
N GLY I 208 -37.74 7.74 -36.67
CA GLY I 208 -39.09 7.74 -37.22
C GLY I 208 -39.19 7.39 -38.70
N GLU I 209 -38.06 7.40 -39.39
CA GLU I 209 -38.03 7.05 -40.81
C GLU I 209 -37.46 5.64 -40.98
N GLU I 210 -37.94 4.91 -41.97
CA GLU I 210 -37.49 3.54 -42.19
C GLU I 210 -37.36 3.13 -43.66
N GLU I 211 -36.31 2.39 -43.96
CA GLU I 211 -36.12 1.78 -45.28
C GLU I 211 -36.33 0.27 -45.15
N LYS I 212 -36.82 -0.38 -46.19
CA LYS I 212 -37.04 -1.83 -46.16
C LYS I 212 -35.82 -2.59 -46.70
N LEU I 213 -35.19 -3.40 -45.85
CA LEU I 213 -34.04 -4.20 -46.26
C LEU I 213 -34.40 -5.49 -47.00
N PHE I 214 -35.50 -6.13 -46.59
CA PHE I 214 -35.92 -7.39 -47.18
C PHE I 214 -37.44 -7.49 -47.28
N GLU I 215 -37.89 -8.18 -48.31
CA GLU I 215 -39.31 -8.37 -48.57
C GLU I 215 -39.61 -9.87 -48.67
N LYS I 216 -40.52 -10.35 -47.83
CA LYS I 216 -40.93 -11.76 -47.80
C LYS I 216 -39.77 -12.76 -47.82
N VAL I 217 -39.00 -12.81 -46.74
CA VAL I 217 -37.87 -13.72 -46.62
C VAL I 217 -38.08 -14.70 -45.47
N SER I 218 -37.36 -15.82 -45.50
CA SER I 218 -37.53 -16.88 -44.51
C SER I 218 -36.62 -16.75 -43.28
N PHE I 219 -35.90 -15.65 -43.18
CA PHE I 219 -35.08 -15.38 -41.98
C PHE I 219 -35.33 -13.99 -41.39
N TYR I 220 -35.04 -13.81 -40.10
CA TYR I 220 -35.19 -12.51 -39.44
C TYR I 220 -33.91 -12.07 -38.71
N ALA I 221 -33.95 -10.94 -38.02
CA ALA I 221 -32.72 -10.37 -37.47
C ALA I 221 -32.60 -10.71 -36.00
N ILE I 222 -31.65 -11.59 -35.70
CA ILE I 222 -31.34 -11.96 -34.32
C ILE I 222 -30.40 -11.03 -33.54
N ASP I 223 -29.33 -10.56 -34.18
CA ASP I 223 -28.34 -9.74 -33.48
C ASP I 223 -27.62 -8.80 -34.44
N SER I 224 -26.76 -7.93 -33.91
CA SER I 224 -25.92 -7.05 -34.73
C SER I 224 -24.65 -6.66 -34.00
N ASP I 225 -23.55 -6.51 -34.73
CA ASP I 225 -22.32 -5.95 -34.16
C ASP I 225 -22.10 -4.46 -34.47
N GLY I 226 -23.03 -3.86 -35.21
CA GLY I 226 -22.89 -2.46 -35.59
C GLY I 226 -22.39 -2.29 -37.02
N GLU I 227 -21.76 -3.35 -37.53
CA GLU I 227 -21.31 -3.40 -38.92
C GLU I 227 -22.22 -4.36 -39.68
N ARG I 228 -22.20 -5.62 -39.28
CA ARG I 228 -22.96 -6.68 -39.94
C ARG I 228 -24.20 -7.08 -39.14
N ILE I 229 -25.27 -7.49 -39.84
CA ILE I 229 -26.47 -8.00 -39.20
C ILE I 229 -26.53 -9.53 -39.30
N LEU I 230 -26.93 -10.19 -38.22
CA LEU I 230 -26.98 -11.64 -38.20
C LEU I 230 -28.41 -12.14 -38.38
N LEU I 231 -28.63 -12.90 -39.45
CA LEU I 231 -29.96 -13.38 -39.80
C LEU I 231 -30.10 -14.86 -39.51
N TYR I 232 -31.24 -15.24 -38.93
CA TYR I 232 -31.49 -16.61 -38.51
C TYR I 232 -32.70 -17.16 -39.24
N GLY I 233 -32.45 -18.13 -40.11
CA GLY I 233 -33.48 -18.65 -41.00
C GLY I 233 -32.83 -19.16 -42.27
N LYS I 234 -33.58 -19.17 -43.36
CA LYS I 234 -33.01 -19.24 -44.69
C LYS I 234 -33.55 -18.07 -45.50
N PRO I 235 -32.86 -17.67 -46.58
CA PRO I 235 -33.42 -16.67 -47.49
C PRO I 235 -34.82 -17.09 -47.94
N GLU I 236 -34.98 -18.36 -48.29
CA GLU I 236 -36.26 -18.89 -48.73
C GLU I 236 -36.45 -20.30 -48.17
N LYS I 237 -37.63 -20.57 -47.61
CA LYS I 237 -37.94 -21.89 -47.07
C LYS I 237 -39.27 -22.39 -47.61
N LYS I 238 -39.27 -23.61 -48.13
CA LYS I 238 -40.50 -24.25 -48.56
C LYS I 238 -41.24 -24.81 -47.33
N TYR I 239 -40.48 -25.38 -46.40
CA TYR I 239 -41.04 -25.91 -45.17
C TYR I 239 -40.45 -25.24 -43.94
N VAL I 240 -41.30 -24.76 -43.05
CA VAL I 240 -40.84 -24.15 -41.80
C VAL I 240 -39.98 -25.14 -41.03
N SER I 241 -40.22 -26.42 -41.27
CA SER I 241 -39.53 -27.48 -40.55
C SER I 241 -38.08 -27.63 -41.00
N GLU I 242 -37.71 -26.91 -42.06
CA GLU I 242 -36.34 -26.93 -42.54
C GLU I 242 -35.41 -26.32 -41.48
N HIS I 243 -34.13 -26.71 -41.54
CA HIS I 243 -33.15 -26.24 -40.58
C HIS I 243 -32.87 -24.77 -40.76
N ASP I 244 -33.02 -23.99 -39.69
CA ASP I 244 -32.63 -22.59 -39.72
C ASP I 244 -31.11 -22.49 -39.66
N LYS I 245 -30.54 -21.74 -40.60
CA LYS I 245 -29.11 -21.52 -40.65
C LYS I 245 -28.88 -20.05 -40.32
N ILE I 246 -27.62 -19.62 -40.32
CA ILE I 246 -27.30 -18.25 -39.97
C ILE I 246 -26.52 -17.52 -41.07
N TYR I 247 -26.79 -16.22 -41.22
CA TYR I 247 -26.22 -15.42 -42.30
C TYR I 247 -25.72 -14.08 -41.82
N ILE I 248 -24.65 -13.59 -42.45
CA ILE I 248 -24.10 -12.29 -42.12
C ILE I 248 -24.42 -11.31 -43.25
N TYR I 249 -25.08 -10.19 -42.91
CA TYR I 249 -25.44 -9.23 -43.94
C TYR I 249 -24.69 -7.91 -43.77
N ASP I 250 -23.72 -7.69 -44.64
CA ASP I 250 -22.98 -6.43 -44.68
C ASP I 250 -23.53 -5.48 -45.74
N GLY I 251 -24.65 -5.87 -46.34
CA GLY I 251 -25.10 -5.30 -47.60
C GLY I 251 -25.02 -6.36 -48.68
N GLU I 252 -24.41 -7.48 -48.32
CA GLU I 252 -24.51 -8.71 -49.12
C GLU I 252 -24.69 -9.89 -48.16
N VAL I 253 -25.63 -10.77 -48.48
CA VAL I 253 -25.94 -11.90 -47.61
C VAL I 253 -24.90 -13.00 -47.79
N LYS I 254 -24.25 -13.39 -46.69
CA LYS I 254 -23.31 -14.52 -46.73
C LYS I 254 -23.61 -15.56 -45.63
N GLY I 255 -24.04 -16.74 -46.05
CA GLY I 255 -24.19 -17.86 -45.14
C GLY I 255 -22.86 -18.45 -44.73
N ILE I 256 -22.64 -18.64 -43.43
CA ILE I 256 -21.44 -19.30 -42.99
C ILE I 256 -21.62 -20.80 -42.80
N LEU I 257 -22.87 -21.26 -42.81
CA LEU I 257 -23.18 -22.66 -42.54
C LEU I 257 -23.46 -23.57 -43.74
N ASP I 258 -23.32 -23.05 -44.95
CA ASP I 258 -23.82 -23.72 -46.16
C ASP I 258 -23.43 -25.19 -46.29
N ASP I 259 -22.20 -25.53 -45.93
CA ASP I 259 -21.71 -26.90 -46.06
C ASP I 259 -22.15 -27.81 -44.91
N ILE I 260 -22.67 -27.21 -43.84
CA ILE I 260 -23.12 -27.97 -42.69
C ILE I 260 -24.63 -28.07 -42.68
N ASP I 261 -25.17 -29.29 -42.78
CA ASP I 261 -26.62 -29.39 -42.73
C ASP I 261 -26.99 -29.87 -41.33
N ARG I 262 -27.40 -28.90 -40.52
CA ARG I 262 -27.78 -29.08 -39.13
C ARG I 262 -28.58 -27.84 -38.75
N GLU I 263 -29.36 -27.91 -37.69
CA GLU I 263 -30.08 -26.73 -37.23
C GLU I 263 -29.27 -25.89 -36.22
N VAL I 264 -29.39 -24.57 -36.33
CA VAL I 264 -28.79 -23.67 -35.34
C VAL I 264 -29.76 -23.40 -34.20
N ALA I 265 -29.33 -23.72 -32.98
CA ALA I 265 -30.16 -23.45 -31.81
C ALA I 265 -30.15 -21.99 -31.38
N GLN I 266 -28.96 -21.40 -31.29
CA GLN I 266 -28.81 -20.03 -30.84
C GLN I 266 -27.57 -19.42 -31.44
N ALA I 267 -27.58 -18.12 -31.69
CA ALA I 267 -26.42 -17.47 -32.27
C ALA I 267 -26.28 -16.01 -31.84
N LYS I 268 -25.03 -15.57 -31.76
CA LYS I 268 -24.71 -14.19 -31.39
C LYS I 268 -23.46 -13.74 -32.16
N ILE I 269 -23.25 -12.43 -32.24
CA ILE I 269 -22.12 -11.91 -33.01
C ILE I 269 -21.39 -10.77 -32.29
N ARG I 270 -20.07 -10.90 -32.19
CA ARG I 270 -19.21 -9.86 -31.64
C ARG I 270 -17.89 -9.76 -32.39
N ASN I 271 -17.49 -8.55 -32.77
CA ASN I 271 -16.21 -8.32 -33.45
C ASN I 271 -15.97 -9.23 -34.65
N GLY I 272 -16.95 -9.32 -35.53
CA GLY I 272 -16.83 -10.09 -36.76
C GLY I 272 -16.85 -11.59 -36.53
N LYS I 273 -16.82 -12.00 -35.27
CA LYS I 273 -16.85 -13.42 -34.93
C LYS I 273 -18.26 -13.83 -34.48
N VAL I 274 -18.71 -15.00 -34.93
CA VAL I 274 -20.06 -15.47 -34.62
C VAL I 274 -20.04 -16.75 -33.78
N TYR I 275 -20.76 -16.69 -32.65
CA TYR I 275 -20.89 -17.82 -31.74
C TYR I 275 -22.25 -18.48 -31.91
N PHE I 276 -22.27 -19.80 -32.02
CA PHE I 276 -23.52 -20.51 -32.26
C PHE I 276 -23.57 -21.94 -31.71
N THR I 277 -24.78 -22.44 -31.49
CA THR I 277 -24.99 -23.82 -31.05
C THR I 277 -25.74 -24.62 -32.12
N LEU I 278 -25.51 -25.93 -32.16
CA LEU I 278 -26.16 -26.79 -33.14
C LEU I 278 -26.81 -27.99 -32.46
N PHE I 279 -27.94 -28.44 -33.00
CA PHE I 279 -28.52 -29.70 -32.55
C PHE I 279 -27.77 -30.82 -33.27
N GLU I 280 -27.11 -31.69 -32.52
CA GLU I 280 -26.41 -32.85 -33.09
C GLU I 280 -26.62 -34.15 -32.33
N GLU I 281 -27.27 -35.13 -32.95
CA GLU I 281 -27.30 -36.47 -32.42
C GLU I 281 -27.58 -36.53 -30.92
N GLY I 282 -28.47 -35.66 -30.45
CA GLY I 282 -28.84 -35.62 -29.04
C GLY I 282 -28.12 -34.56 -28.23
N SER I 283 -27.13 -33.91 -28.82
CA SER I 283 -26.35 -32.89 -28.14
C SER I 283 -26.62 -31.50 -28.70
N VAL I 284 -26.49 -30.49 -27.85
CA VAL I 284 -26.46 -29.13 -28.35
C VAL I 284 -25.06 -28.56 -28.12
N ASN I 285 -24.32 -28.41 -29.22
CA ASN I 285 -22.90 -28.13 -29.15
C ASN I 285 -22.58 -26.67 -29.50
N LEU I 286 -21.56 -26.11 -28.87
CA LEU I 286 -21.18 -24.72 -29.06
C LEU I 286 -20.00 -24.56 -30.02
N TYR I 287 -20.14 -23.66 -30.99
CA TYR I 287 -19.08 -23.42 -31.96
C TYR I 287 -18.76 -21.93 -32.10
N LEU I 288 -17.80 -21.62 -32.96
CA LEU I 288 -17.41 -20.24 -33.24
C LEU I 288 -16.96 -20.08 -34.69
N TRP I 289 -17.30 -18.95 -35.29
CA TRP I 289 -16.88 -18.68 -36.66
C TRP I 289 -16.04 -17.41 -36.80
N ASP I 290 -14.75 -17.61 -37.09
CA ASP I 290 -13.82 -16.53 -37.44
C ASP I 290 -13.64 -16.33 -38.94
N GLY I 291 -14.44 -17.06 -39.73
CA GLY I 291 -14.20 -17.24 -41.15
C GLY I 291 -13.84 -18.68 -41.47
N GLU I 292 -13.63 -19.45 -40.41
CA GLU I 292 -13.64 -20.91 -40.48
C GLU I 292 -14.46 -21.39 -39.28
N VAL I 293 -15.11 -22.55 -39.39
CA VAL I 293 -15.91 -23.10 -38.29
C VAL I 293 -15.04 -23.87 -37.30
N ARG I 294 -15.16 -23.55 -36.02
CA ARG I 294 -14.34 -24.24 -35.01
C ARG I 294 -15.09 -24.60 -33.72
N GLU I 295 -14.99 -25.87 -33.33
CA GLU I 295 -15.67 -26.38 -32.14
C GLU I 295 -15.17 -25.70 -30.87
N ILE I 296 -16.10 -25.41 -29.96
CA ILE I 296 -15.75 -24.86 -28.65
C ILE I 296 -16.09 -25.87 -27.55
N ALA I 297 -17.37 -26.15 -27.38
CA ALA I 297 -17.80 -27.20 -26.48
C ALA I 297 -18.63 -28.25 -27.21
N LYS I 298 -18.06 -29.44 -27.34
CA LYS I 298 -18.76 -30.57 -27.95
C LYS I 298 -18.57 -31.80 -27.08
N GLY I 299 -19.68 -32.40 -26.68
CA GLY I 299 -19.68 -33.57 -25.83
C GLY I 299 -21.11 -34.01 -25.65
N LYS I 300 -21.41 -34.84 -24.65
CA LYS I 300 -22.78 -35.24 -24.45
C LYS I 300 -23.37 -34.28 -23.44
N HIS I 301 -24.18 -33.37 -23.94
CA HIS I 301 -24.63 -32.23 -23.16
C HIS I 301 -25.44 -31.27 -24.03
N TRP I 302 -26.07 -30.30 -23.37
CA TRP I 302 -26.72 -29.21 -24.07
C TRP I 302 -26.12 -27.90 -23.57
N ILE I 303 -25.82 -26.99 -24.48
CA ILE I 303 -25.44 -25.66 -24.03
C ILE I 303 -26.72 -24.82 -24.00
N MET I 304 -27.16 -24.45 -22.80
CA MET I 304 -28.46 -23.80 -22.64
C MET I 304 -28.39 -22.29 -22.91
N GLY I 305 -27.18 -21.75 -22.96
CA GLY I 305 -27.02 -20.33 -23.21
C GLY I 305 -25.58 -19.92 -23.23
N PHE I 306 -25.32 -18.69 -23.67
CA PHE I 306 -23.95 -18.24 -23.77
C PHE I 306 -23.87 -16.79 -24.19
N ASP I 307 -22.71 -16.20 -23.94
CA ASP I 307 -22.42 -14.83 -24.33
C ASP I 307 -20.92 -14.68 -24.46
N ALA I 308 -20.49 -13.69 -25.23
CA ALA I 308 -19.08 -13.35 -25.33
C ALA I 308 -18.87 -11.85 -25.47
N ASP I 309 -17.99 -11.27 -24.67
CA ASP I 309 -17.52 -9.92 -24.98
C ASP I 309 -16.01 -9.88 -25.10
N GLU I 310 -15.31 -9.87 -23.97
CA GLU I 310 -13.88 -10.13 -23.94
C GLU I 310 -13.57 -11.58 -23.61
N ARG I 311 -14.61 -12.31 -23.19
CA ARG I 311 -14.45 -13.71 -22.81
C ARG I 311 -15.68 -14.50 -23.24
N LEU I 312 -15.55 -15.82 -23.22
CA LEU I 312 -16.65 -16.69 -23.63
C LEU I 312 -17.20 -17.42 -22.42
N ILE I 313 -18.51 -17.30 -22.20
CA ILE I 313 -19.15 -18.00 -21.10
C ILE I 313 -20.42 -18.67 -21.56
N TYR I 314 -20.70 -19.84 -21.01
CA TYR I 314 -21.87 -20.60 -21.41
C TYR I 314 -22.38 -21.51 -20.29
N LEU I 315 -23.67 -21.83 -20.36
CA LEU I 315 -24.29 -22.77 -19.45
C LEU I 315 -24.30 -24.17 -20.07
N LYS I 316 -23.74 -25.14 -19.35
CA LYS I 316 -23.77 -26.53 -19.81
C LYS I 316 -24.66 -27.40 -18.94
N GLU I 317 -25.54 -28.16 -19.57
CA GLU I 317 -26.40 -29.10 -18.87
C GLU I 317 -26.08 -30.50 -19.40
N THR I 318 -26.24 -31.50 -18.55
CA THR I 318 -26.01 -32.88 -18.97
C THR I 318 -27.19 -33.75 -18.58
N ALA I 319 -27.10 -35.03 -18.92
CA ALA I 319 -28.17 -35.96 -18.60
C ALA I 319 -28.43 -36.03 -17.09
N THR I 320 -27.35 -36.10 -16.32
CA THR I 320 -27.44 -36.22 -14.85
C THR I 320 -27.28 -34.94 -14.03
N ARG I 321 -27.01 -33.81 -14.69
CA ARG I 321 -26.86 -32.54 -13.95
C ARG I 321 -27.53 -31.35 -14.61
N PRO I 322 -28.13 -30.48 -13.79
CA PRO I 322 -28.66 -29.18 -14.23
C PRO I 322 -27.51 -28.23 -14.56
N ALA I 323 -27.83 -27.15 -15.26
CA ALA I 323 -26.81 -26.26 -15.80
C ALA I 323 -25.84 -25.72 -14.74
N GLU I 324 -24.60 -25.55 -15.16
CA GLU I 324 -23.60 -24.84 -14.39
C GLU I 324 -22.85 -23.95 -15.39
N LEU I 325 -22.22 -22.89 -14.92
CA LEU I 325 -21.59 -21.92 -15.81
C LEU I 325 -20.13 -22.27 -16.13
N TYR I 326 -19.74 -22.09 -17.38
CA TYR I 326 -18.37 -22.39 -17.80
C TYR I 326 -17.70 -21.25 -18.58
N LEU I 327 -16.37 -21.16 -18.44
CA LEU I 327 -15.57 -20.20 -19.18
C LEU I 327 -14.65 -20.93 -20.15
N TRP I 328 -14.48 -20.40 -21.35
CA TRP I 328 -13.55 -20.99 -22.29
C TRP I 328 -12.41 -20.02 -22.66
N ASP I 329 -11.22 -20.34 -22.17
CA ASP I 329 -9.98 -19.61 -22.46
C ASP I 329 -9.19 -20.27 -23.58
N GLY I 330 -9.78 -21.27 -24.22
CA GLY I 330 -9.05 -22.17 -25.12
C GLY I 330 -8.95 -23.55 -24.51
N GLU I 331 -9.37 -23.64 -23.25
CA GLU I 331 -9.63 -24.90 -22.58
C GLU I 331 -10.83 -24.65 -21.69
N GLU I 332 -11.77 -25.59 -21.64
CA GLU I 332 -12.97 -25.41 -20.82
C GLU I 332 -12.65 -25.41 -19.32
N ARG I 333 -13.13 -24.41 -18.60
CA ARG I 333 -13.01 -24.38 -17.15
C ARG I 333 -14.38 -24.19 -16.49
N GLN I 334 -14.71 -25.04 -15.53
CA GLN I 334 -16.00 -24.97 -14.87
C GLN I 334 -16.00 -23.86 -13.83
N LEU I 335 -16.88 -22.89 -14.02
CA LEU I 335 -17.01 -21.77 -13.08
C LEU I 335 -17.88 -22.05 -11.85
N THR I 336 -18.89 -22.91 -12.01
CA THR I 336 -19.98 -22.96 -11.04
C THR I 336 -20.39 -24.35 -10.57
N ASP I 337 -20.26 -24.58 -9.27
CA ASP I 337 -20.64 -25.83 -8.61
C ASP I 337 -22.02 -25.96 -7.93
N TYR I 338 -22.93 -25.01 -8.12
CA TYR I 338 -24.03 -24.81 -7.18
C TYR I 338 -24.69 -26.10 -6.69
N ASN I 339 -24.88 -27.08 -7.57
CA ASN I 339 -25.55 -28.31 -7.13
C ASN I 339 -24.62 -29.39 -6.57
N GLY I 340 -23.32 -29.14 -6.62
CA GLY I 340 -22.31 -30.13 -6.29
C GLY I 340 -22.50 -30.86 -4.97
N LEU I 341 -22.94 -30.13 -3.95
CA LEU I 341 -23.07 -30.71 -2.62
C LEU I 341 -24.26 -31.64 -2.53
N ILE I 342 -25.40 -31.18 -3.05
CA ILE I 342 -26.60 -31.99 -3.07
C ILE I 342 -26.39 -33.27 -3.86
N PHE I 343 -25.64 -33.20 -4.96
CA PHE I 343 -25.44 -34.36 -5.82
C PHE I 343 -24.41 -35.37 -5.30
N LYS I 344 -23.69 -35.01 -4.23
CA LYS I 344 -22.86 -35.98 -3.54
C LYS I 344 -23.77 -36.97 -2.82
N LYS I 345 -24.90 -36.48 -2.34
CA LYS I 345 -25.86 -37.28 -1.58
C LYS I 345 -26.98 -37.85 -2.43
N LEU I 346 -26.96 -37.60 -3.74
CA LEU I 346 -28.08 -38.00 -4.60
C LEU I 346 -27.64 -38.91 -5.76
N LYS I 347 -28.18 -40.13 -5.81
CA LYS I 347 -27.79 -41.06 -6.85
C LYS I 347 -28.35 -40.65 -8.22
N THR I 348 -27.50 -40.63 -9.24
CA THR I 348 -27.94 -40.34 -10.60
C THR I 348 -27.71 -41.52 -11.54
N PHE I 349 -28.46 -41.56 -12.64
CA PHE I 349 -28.26 -42.61 -13.62
C PHE I 349 -27.83 -42.05 -14.97
N GLU I 350 -26.68 -42.51 -15.45
CA GLU I 350 -26.25 -42.20 -16.80
C GLU I 350 -26.97 -43.12 -17.78
N PRO I 351 -27.62 -42.53 -18.79
CA PRO I 351 -28.31 -43.29 -19.84
C PRO I 351 -27.32 -43.92 -20.81
N ARG I 352 -27.63 -45.14 -21.26
CA ARG I 352 -26.77 -45.87 -22.20
C ARG I 352 -27.24 -45.68 -23.63
N HIS I 353 -26.34 -45.20 -24.48
CA HIS I 353 -26.66 -44.91 -25.87
C HIS I 353 -26.47 -46.12 -26.77
N PHE I 354 -27.43 -46.36 -27.65
CA PHE I 354 -27.34 -47.48 -28.60
C PHE I 354 -27.89 -47.11 -29.97
N ARG I 355 -27.17 -47.51 -31.02
CA ARG I 355 -27.65 -47.39 -32.39
C ARG I 355 -28.54 -48.58 -32.76
N PHE I 356 -29.54 -48.34 -33.60
CA PHE I 356 -30.42 -49.42 -34.06
C PHE I 356 -31.01 -49.13 -35.45
N LYS I 357 -31.55 -50.16 -36.10
CA LYS I 357 -32.10 -50.01 -37.44
C LYS I 357 -33.64 -49.94 -37.42
N SER I 358 -34.20 -49.00 -38.16
CA SER I 358 -35.65 -48.98 -38.38
C SER I 358 -36.00 -48.69 -39.82
N ILE I 359 -36.64 -49.65 -40.49
CA ILE I 359 -36.96 -49.51 -41.90
C ILE I 359 -35.70 -49.16 -42.71
N ASP I 360 -35.68 -47.98 -43.31
CA ASP I 360 -34.52 -47.55 -44.11
C ASP I 360 -33.49 -46.71 -43.35
N LEU I 361 -33.69 -46.52 -42.05
CA LEU I 361 -32.79 -45.66 -41.27
C LEU I 361 -32.09 -46.34 -40.07
N GLU I 362 -30.95 -45.77 -39.67
CA GLU I 362 -30.31 -46.12 -38.40
C GLU I 362 -30.46 -44.97 -37.42
N LEU I 363 -31.11 -45.22 -36.28
CA LEU I 363 -31.39 -44.17 -35.32
C LEU I 363 -30.57 -44.18 -34.01
N ASP I 364 -30.78 -43.15 -33.19
CA ASP I 364 -30.17 -43.04 -31.87
C ASP I 364 -31.19 -43.44 -30.84
N GLY I 365 -30.75 -44.09 -29.77
CA GLY I 365 -31.62 -44.41 -28.67
C GLY I 365 -30.84 -44.41 -27.39
N TRP I 366 -31.56 -44.32 -26.27
CA TRP I 366 -30.90 -44.29 -24.98
C TRP I 366 -31.75 -45.08 -24.01
N TYR I 367 -31.12 -45.67 -23.00
CA TYR I 367 -31.88 -46.27 -21.91
C TYR I 367 -31.16 -46.22 -20.56
N ILE I 368 -31.96 -46.20 -19.50
CA ILE I 368 -31.45 -46.14 -18.15
C ILE I 368 -31.86 -47.41 -17.41
N LYS I 369 -30.89 -48.05 -16.77
CA LYS I 369 -31.12 -49.31 -16.08
C LYS I 369 -31.24 -49.12 -14.58
N PRO I 370 -32.41 -49.45 -14.03
CA PRO I 370 -32.61 -49.29 -12.58
C PRO I 370 -31.75 -50.30 -11.83
N GLU I 371 -31.76 -50.28 -10.51
CA GLU I 371 -30.99 -51.25 -9.75
C GLU I 371 -31.90 -52.45 -9.50
N ILE I 372 -31.56 -53.59 -10.10
CA ILE I 372 -32.46 -54.73 -10.12
C ILE I 372 -32.09 -55.84 -9.13
N LYS I 373 -32.99 -56.07 -8.18
CA LYS I 373 -32.79 -57.07 -7.13
C LYS I 373 -32.81 -58.49 -7.66
N GLU I 374 -31.94 -59.34 -7.12
CA GLU I 374 -31.87 -60.74 -7.52
C GLU I 374 -31.76 -60.89 -9.04
N GLY I 375 -32.56 -61.80 -9.58
CA GLY I 375 -32.67 -61.95 -11.02
C GLY I 375 -33.98 -61.39 -11.52
N GLU I 376 -34.76 -60.80 -10.60
CA GLU I 376 -36.09 -60.30 -10.92
C GLU I 376 -36.00 -59.25 -12.03
N LYS I 377 -37.06 -59.14 -12.82
CA LYS I 377 -37.07 -58.19 -13.93
C LYS I 377 -37.54 -56.82 -13.46
N ALA I 378 -37.55 -55.85 -14.38
CA ALA I 378 -37.97 -54.50 -14.05
C ALA I 378 -38.95 -53.98 -15.09
N PRO I 379 -39.97 -53.23 -14.64
CA PRO I 379 -40.92 -52.59 -15.57
C PRO I 379 -40.23 -51.55 -16.46
N VAL I 380 -40.83 -51.26 -17.60
CA VAL I 380 -40.24 -50.34 -18.56
C VAL I 380 -41.18 -49.19 -18.89
N ILE I 381 -40.67 -47.97 -18.80
CA ILE I 381 -41.41 -46.80 -19.24
C ILE I 381 -40.77 -46.24 -20.50
N VAL I 382 -41.61 -45.92 -21.47
CA VAL I 382 -41.16 -45.43 -22.74
C VAL I 382 -41.50 -43.95 -22.88
N PHE I 383 -40.47 -43.12 -22.96
CA PHE I 383 -40.67 -41.68 -23.12
C PHE I 383 -40.64 -41.28 -24.59
N VAL I 384 -41.52 -40.36 -24.97
CA VAL I 384 -41.52 -39.83 -26.33
C VAL I 384 -41.54 -38.31 -26.31
N HIS I 385 -40.54 -37.69 -26.93
CA HIS I 385 -40.40 -36.25 -26.84
C HIS I 385 -41.41 -35.47 -27.69
N GLY I 386 -41.59 -34.20 -27.32
CA GLY I 386 -42.43 -33.30 -28.08
C GLY I 386 -41.79 -33.14 -29.44
N GLY I 387 -42.46 -32.43 -30.34
CA GLY I 387 -42.01 -32.48 -31.71
C GLY I 387 -42.95 -31.92 -32.75
N PRO I 388 -42.85 -32.46 -33.98
CA PRO I 388 -41.95 -33.59 -34.19
C PRO I 388 -40.45 -33.26 -34.07
N LYS I 389 -40.08 -32.01 -34.27
CA LYS I 389 -38.69 -31.64 -34.42
C LYS I 389 -38.01 -31.36 -33.09
N GLY I 390 -38.71 -31.65 -32.00
CA GLY I 390 -38.05 -31.72 -30.71
C GLY I 390 -36.99 -32.80 -30.75
N MET I 391 -36.13 -32.85 -29.72
CA MET I 391 -35.04 -33.81 -29.69
C MET I 391 -34.76 -34.30 -28.28
N TYR I 392 -34.50 -35.61 -28.15
CA TYR I 392 -33.99 -36.15 -26.90
C TYR I 392 -32.49 -36.23 -27.02
N GLY I 393 -31.82 -36.62 -25.94
CA GLY I 393 -30.38 -36.45 -25.88
C GLY I 393 -29.89 -36.35 -24.46
N TYR I 394 -28.77 -35.66 -24.28
CA TYR I 394 -28.26 -35.50 -22.94
C TYR I 394 -28.60 -34.11 -22.42
N TYR I 395 -29.60 -34.08 -21.54
CA TYR I 395 -30.03 -32.89 -20.84
C TYR I 395 -30.79 -33.41 -19.63
N PHE I 396 -31.05 -32.58 -18.64
CA PHE I 396 -31.58 -33.11 -17.40
C PHE I 396 -33.10 -33.21 -17.47
N LYS I 397 -33.60 -34.44 -17.45
CA LYS I 397 -35.04 -34.70 -17.45
C LYS I 397 -35.40 -35.36 -16.12
N TYR I 398 -36.09 -34.60 -15.27
CA TYR I 398 -36.38 -35.01 -13.91
C TYR I 398 -37.14 -36.34 -13.82
N GLU I 399 -38.22 -36.46 -14.59
CA GLU I 399 -39.03 -37.68 -14.53
C GLU I 399 -38.15 -38.92 -14.75
N MET I 400 -37.19 -38.83 -15.66
CA MET I 400 -36.35 -39.99 -15.97
C MET I 400 -35.55 -40.47 -14.75
N GLN I 401 -34.74 -39.58 -14.18
CA GLN I 401 -33.96 -39.89 -12.98
C GLN I 401 -34.87 -40.36 -11.84
N LEU I 402 -35.97 -39.67 -11.66
CA LEU I 402 -36.90 -40.02 -10.61
C LEU I 402 -37.37 -41.46 -10.75
N MET I 403 -37.95 -41.79 -11.88
CA MET I 403 -38.56 -43.10 -12.06
C MET I 403 -37.54 -44.23 -12.08
N ALA I 404 -36.32 -43.92 -12.50
CA ALA I 404 -35.25 -44.91 -12.48
C ALA I 404 -34.87 -45.26 -11.03
N SER I 405 -34.92 -44.26 -10.15
CA SER I 405 -34.60 -44.49 -8.75
C SER I 405 -35.71 -45.29 -8.07
N LYS I 406 -36.89 -45.26 -8.66
CA LYS I 406 -38.02 -46.04 -8.16
C LYS I 406 -38.07 -47.42 -8.81
N GLY I 407 -37.04 -47.73 -9.59
CA GLY I 407 -36.84 -49.08 -10.10
C GLY I 407 -37.33 -49.36 -11.52
N TYR I 408 -37.63 -48.31 -12.28
CA TYR I 408 -38.07 -48.49 -13.65
C TYR I 408 -36.93 -48.39 -14.65
N TYR I 409 -37.01 -49.21 -15.70
CA TYR I 409 -36.19 -49.01 -16.87
C TYR I 409 -36.71 -47.74 -17.57
N ILE I 410 -35.80 -46.92 -18.08
CA ILE I 410 -36.17 -45.75 -18.87
C ILE I 410 -35.63 -45.93 -20.27
N VAL I 411 -36.48 -45.73 -21.27
CA VAL I 411 -36.03 -45.89 -22.64
C VAL I 411 -36.67 -44.84 -23.54
N TYR I 412 -35.85 -44.25 -24.42
CA TYR I 412 -36.32 -43.20 -25.31
C TYR I 412 -35.44 -43.13 -26.56
N VAL I 413 -36.01 -42.63 -27.66
CA VAL I 413 -35.25 -42.50 -28.91
C VAL I 413 -35.49 -41.17 -29.60
N ASN I 414 -34.85 -41.00 -30.76
CA ASN I 414 -35.07 -39.85 -31.64
C ASN I 414 -35.58 -40.34 -32.99
N PRO I 415 -36.90 -40.48 -33.11
CA PRO I 415 -37.55 -40.96 -34.34
C PRO I 415 -37.41 -39.96 -35.48
N ARG I 416 -37.62 -40.43 -36.71
CA ARG I 416 -37.47 -39.57 -37.88
C ARG I 416 -38.33 -38.33 -37.69
N GLY I 417 -37.81 -37.19 -38.12
CA GLY I 417 -38.48 -35.92 -37.93
C GLY I 417 -37.91 -35.12 -36.78
N SER I 418 -37.15 -35.77 -35.90
CA SER I 418 -36.52 -35.11 -34.75
C SER I 418 -35.38 -34.19 -35.15
N ASN I 419 -35.02 -33.26 -34.27
CA ASN I 419 -33.93 -32.34 -34.58
C ASN I 419 -32.59 -33.01 -34.31
N GLY I 420 -31.51 -32.29 -34.63
CA GLY I 420 -30.16 -32.81 -34.47
C GLY I 420 -29.67 -33.77 -35.54
N TYR I 421 -30.37 -33.83 -36.67
CA TYR I 421 -29.98 -34.70 -37.77
C TYR I 421 -30.18 -33.99 -39.10
N SER I 422 -29.96 -34.71 -40.20
CA SER I 422 -30.10 -34.11 -41.52
C SER I 422 -31.48 -33.49 -41.71
N GLU I 423 -31.51 -32.40 -42.47
CA GLU I 423 -32.76 -31.70 -42.73
C GLU I 423 -33.79 -32.60 -43.42
N ASP I 424 -33.33 -33.53 -44.25
CA ASP I 424 -34.24 -34.50 -44.85
C ASP I 424 -34.82 -35.44 -43.78
N PHE I 425 -33.99 -35.75 -42.78
CA PHE I 425 -34.44 -36.56 -41.65
C PHE I 425 -35.57 -35.88 -40.90
N ALA I 426 -35.48 -34.56 -40.74
CA ALA I 426 -36.54 -33.82 -40.08
C ALA I 426 -37.80 -33.80 -40.94
N LEU I 427 -37.60 -33.67 -42.25
CA LEU I 427 -38.72 -33.51 -43.18
C LEU I 427 -39.53 -34.79 -43.44
N ARG I 428 -38.92 -35.94 -43.21
CA ARG I 428 -39.55 -37.24 -43.48
C ARG I 428 -40.90 -37.47 -42.80
N VAL I 429 -41.15 -36.76 -41.70
CA VAL I 429 -42.34 -37.00 -40.91
C VAL I 429 -43.57 -36.21 -41.39
N LEU I 430 -43.35 -35.21 -42.25
CA LEU I 430 -44.46 -34.38 -42.70
C LEU I 430 -45.56 -35.24 -43.33
N GLU I 431 -46.78 -35.05 -42.84
CA GLU I 431 -47.97 -35.76 -43.31
C GLU I 431 -47.98 -37.25 -42.93
N ARG I 432 -46.84 -37.73 -42.45
CA ARG I 432 -46.64 -39.13 -42.08
C ARG I 432 -46.82 -39.48 -40.60
N THR I 433 -47.23 -38.52 -39.79
CA THR I 433 -47.25 -38.69 -38.34
C THR I 433 -47.99 -39.94 -37.87
N GLY I 434 -47.33 -40.74 -37.04
CA GLY I 434 -47.96 -41.91 -36.47
C GLY I 434 -47.69 -43.16 -37.28
N LEU I 435 -46.86 -43.03 -38.31
CA LEU I 435 -46.58 -44.18 -39.15
C LEU I 435 -45.13 -44.63 -39.01
N GLU I 436 -44.21 -43.92 -39.65
CA GLU I 436 -42.83 -44.36 -39.72
C GLU I 436 -42.12 -44.06 -38.43
N ASP I 437 -42.40 -42.89 -37.86
CA ASP I 437 -41.79 -42.48 -36.60
C ASP I 437 -42.26 -43.39 -35.47
N PHE I 438 -43.53 -43.76 -35.50
CA PHE I 438 -44.06 -44.71 -34.52
C PHE I 438 -43.34 -46.05 -34.63
N GLN I 439 -43.07 -46.49 -35.85
CA GLN I 439 -42.32 -47.72 -36.08
C GLN I 439 -40.90 -47.57 -35.55
N ASP I 440 -40.34 -46.38 -35.67
CA ASP I 440 -39.02 -46.11 -35.14
C ASP I 440 -39.01 -46.37 -33.64
N ILE I 441 -40.07 -45.91 -32.97
CA ILE I 441 -40.20 -46.13 -31.54
C ILE I 441 -40.32 -47.61 -31.21
N LEU I 442 -41.11 -48.34 -32.00
CA LEU I 442 -41.29 -49.77 -31.76
C LEU I 442 -40.02 -50.57 -31.99
N ASN I 443 -39.30 -50.24 -33.07
CA ASN I 443 -38.05 -50.94 -33.37
C ASN I 443 -36.97 -50.68 -32.33
N GLY I 444 -36.86 -49.44 -31.86
CA GLY I 444 -35.95 -49.13 -30.77
C GLY I 444 -36.29 -49.92 -29.53
N ILE I 445 -37.58 -50.06 -29.24
CA ILE I 445 -38.03 -50.86 -28.12
C ILE I 445 -37.62 -52.32 -28.29
N GLU I 446 -37.71 -52.83 -29.52
CA GLU I 446 -37.29 -54.20 -29.80
C GLU I 446 -35.81 -54.38 -29.48
N GLU I 447 -34.98 -53.51 -30.04
CA GLU I 447 -33.53 -53.55 -29.82
C GLU I 447 -33.20 -53.37 -28.33
N PHE I 448 -33.95 -52.52 -27.65
CA PHE I 448 -33.74 -52.33 -26.23
C PHE I 448 -33.92 -53.64 -25.47
N LEU I 449 -35.06 -54.30 -25.70
CA LEU I 449 -35.40 -55.52 -24.98
C LEU I 449 -34.36 -56.63 -25.18
N ARG I 450 -33.77 -56.66 -26.38
CA ARG I 450 -32.68 -57.58 -26.67
C ARG I 450 -31.46 -57.23 -25.82
N LEU I 451 -31.17 -55.92 -25.70
CA LEU I 451 -30.01 -55.45 -24.95
C LEU I 451 -30.17 -55.62 -23.44
N GLU I 452 -31.42 -55.72 -22.98
CA GLU I 452 -31.68 -55.83 -21.55
C GLU I 452 -32.71 -56.90 -21.25
N PRO I 453 -32.29 -58.17 -21.25
CA PRO I 453 -33.19 -59.30 -20.94
C PRO I 453 -33.84 -59.10 -19.58
N GLN I 454 -33.18 -58.31 -18.73
CA GLN I 454 -33.69 -58.00 -17.41
C GLN I 454 -34.98 -57.16 -17.45
N ALA I 455 -35.19 -56.48 -18.58
CA ALA I 455 -36.39 -55.69 -18.78
C ALA I 455 -37.59 -56.59 -19.08
N ASP I 456 -38.67 -56.39 -18.33
CA ASP I 456 -39.80 -57.30 -18.41
C ASP I 456 -40.81 -56.78 -19.43
N ARG I 457 -40.93 -57.47 -20.56
CA ARG I 457 -41.71 -56.96 -21.68
C ARG I 457 -43.21 -57.03 -21.42
N GLU I 458 -43.60 -57.81 -20.42
CA GLU I 458 -45.01 -57.94 -20.07
C GLU I 458 -45.48 -56.76 -19.21
N ARG I 459 -44.55 -55.91 -18.79
CA ARG I 459 -44.94 -54.60 -18.31
C ARG I 459 -44.14 -53.51 -18.99
N ILE I 460 -44.80 -52.75 -19.85
CA ILE I 460 -44.17 -51.63 -20.51
C ILE I 460 -45.14 -50.47 -20.55
N GLY I 461 -44.70 -49.34 -20.02
CA GLY I 461 -45.51 -48.13 -20.06
C GLY I 461 -45.06 -47.19 -21.15
N ILE I 462 -45.88 -46.19 -21.42
CA ILE I 462 -45.52 -45.15 -22.37
C ILE I 462 -46.13 -43.83 -21.92
N THR I 463 -45.40 -42.74 -22.18
CA THR I 463 -45.86 -41.42 -21.78
C THR I 463 -45.22 -40.34 -22.62
N GLY I 464 -45.81 -39.16 -22.59
CA GLY I 464 -45.22 -38.02 -23.28
C GLY I 464 -45.98 -36.73 -23.08
N ILE I 465 -45.40 -35.66 -23.61
CA ILE I 465 -46.00 -34.34 -23.55
C ILE I 465 -46.12 -33.75 -24.95
N ALA I 466 -47.23 -33.06 -25.22
CA ALA I 466 -47.50 -32.50 -26.53
C ALA I 466 -47.48 -33.62 -27.57
N TYR I 467 -46.62 -33.49 -28.57
CA TYR I 467 -46.54 -34.53 -29.59
C TYR I 467 -46.41 -35.88 -28.90
N GLY I 468 -45.61 -35.91 -27.82
CA GLY I 468 -45.42 -37.11 -27.03
C GLY I 468 -46.72 -37.71 -26.54
N GLY I 469 -47.62 -36.85 -26.08
CA GLY I 469 -48.95 -37.30 -25.66
C GLY I 469 -49.73 -37.85 -26.85
N TYR I 470 -49.61 -37.18 -27.99
CA TYR I 470 -50.21 -37.69 -29.20
C TYR I 470 -49.70 -39.10 -29.46
N MET I 471 -48.39 -39.29 -29.35
CA MET I 471 -47.82 -40.60 -29.64
C MET I 471 -48.25 -41.62 -28.59
N THR I 472 -48.52 -41.13 -27.38
CA THR I 472 -49.02 -41.98 -26.31
C THR I 472 -50.44 -42.46 -26.65
N ASN I 473 -51.31 -41.52 -27.01
CA ASN I 473 -52.64 -41.85 -27.49
C ASN I 473 -52.58 -42.83 -28.65
N TRP I 474 -51.84 -42.44 -29.69
CA TRP I 474 -51.66 -43.28 -30.86
C TRP I 474 -51.29 -44.71 -30.45
N ALA I 475 -50.13 -44.86 -29.82
CA ALA I 475 -49.61 -46.18 -29.48
C ALA I 475 -50.63 -47.06 -28.77
N LEU I 476 -51.41 -46.46 -27.87
CA LEU I 476 -52.42 -47.20 -27.12
C LEU I 476 -53.49 -47.80 -28.05
N THR I 477 -53.87 -47.04 -29.06
CA THR I 477 -54.87 -47.49 -30.02
C THR I 477 -54.26 -48.45 -31.04
N GLN I 478 -53.00 -48.20 -31.40
CA GLN I 478 -52.31 -48.94 -32.45
C GLN I 478 -51.44 -50.10 -31.98
N SER I 479 -51.44 -50.39 -30.67
CA SER I 479 -50.59 -51.47 -30.19
C SER I 479 -51.07 -52.16 -28.90
N ASP I 480 -50.79 -53.45 -28.79
CA ASP I 480 -51.11 -54.24 -27.60
C ASP I 480 -49.92 -54.36 -26.64
N LEU I 481 -48.81 -53.71 -26.97
CA LEU I 481 -47.57 -53.87 -26.21
C LEU I 481 -47.56 -53.12 -24.87
N PHE I 482 -48.22 -51.97 -24.82
CA PHE I 482 -48.16 -51.12 -23.64
C PHE I 482 -49.26 -51.44 -22.65
N LYS I 483 -48.86 -51.65 -21.40
CA LYS I 483 -49.82 -51.99 -20.35
C LYS I 483 -50.31 -50.76 -19.56
N ALA I 484 -49.70 -49.61 -19.81
CA ALA I 484 -50.20 -48.34 -19.26
C ALA I 484 -49.65 -47.14 -20.02
N GLY I 485 -50.31 -46.00 -19.89
CA GLY I 485 -49.77 -44.78 -20.46
C GLY I 485 -50.18 -43.49 -19.76
N ILE I 486 -49.33 -42.47 -19.91
CA ILE I 486 -49.65 -41.15 -19.39
C ILE I 486 -49.49 -40.13 -20.52
N SER I 487 -50.60 -39.54 -20.91
CA SER I 487 -50.62 -38.63 -22.04
C SER I 487 -50.89 -37.23 -21.50
N GLU I 488 -49.97 -36.31 -21.79
CA GLU I 488 -50.05 -34.95 -21.27
C GLU I 488 -50.09 -33.91 -22.37
N ASN I 489 -51.11 -33.04 -22.32
CA ASN I 489 -51.23 -31.93 -23.27
C ASN I 489 -50.88 -32.43 -24.67
N GLY I 490 -51.65 -33.39 -25.18
CA GLY I 490 -51.31 -34.04 -26.42
C GLY I 490 -52.24 -33.63 -27.55
N ILE I 491 -52.34 -34.51 -28.55
CA ILE I 491 -53.31 -34.35 -29.62
C ILE I 491 -54.03 -35.66 -29.88
N SER I 492 -55.34 -35.71 -29.65
CA SER I 492 -56.16 -36.78 -30.20
C SER I 492 -56.88 -36.49 -31.53
N TYR I 493 -56.98 -35.23 -31.94
CA TYR I 493 -57.64 -34.90 -33.21
C TYR I 493 -56.93 -33.79 -34.00
N TRP I 494 -56.45 -34.10 -35.19
CA TRP I 494 -55.65 -33.12 -35.92
C TRP I 494 -56.42 -31.91 -36.41
N LEU I 495 -57.71 -32.10 -36.70
CA LEU I 495 -58.53 -31.01 -37.25
C LEU I 495 -58.75 -29.88 -36.26
N THR I 496 -59.17 -30.21 -35.04
CA THR I 496 -59.28 -29.24 -33.97
C THR I 496 -57.93 -28.59 -33.69
N SER I 497 -56.87 -29.39 -33.72
CA SER I 497 -55.51 -28.87 -33.61
C SER I 497 -55.27 -27.76 -34.62
N TYR I 498 -55.56 -28.06 -35.88
CA TYR I 498 -55.43 -27.09 -36.96
C TYR I 498 -56.24 -25.80 -36.69
N ALA I 499 -57.52 -25.96 -36.34
CA ALA I 499 -58.42 -24.82 -36.19
C ALA I 499 -58.48 -24.16 -34.79
N PHE I 500 -57.92 -24.81 -33.80
CA PHE I 500 -58.11 -24.42 -32.40
C PHE I 500 -56.85 -23.79 -31.79
N SER I 501 -55.76 -24.53 -31.81
CA SER I 501 -54.55 -24.10 -31.14
C SER I 501 -53.91 -22.90 -31.84
N ASP I 502 -52.82 -22.42 -31.27
CA ASP I 502 -52.23 -21.15 -31.69
C ASP I 502 -51.52 -21.20 -33.03
N ILE I 503 -50.77 -22.26 -33.27
CA ILE I 503 -49.98 -22.38 -34.50
C ILE I 503 -50.65 -23.22 -35.58
N GLY I 504 -51.84 -23.74 -35.27
CA GLY I 504 -52.52 -24.67 -36.14
C GLY I 504 -52.68 -24.28 -37.61
N LEU I 505 -53.13 -23.05 -37.86
CA LEU I 505 -53.49 -22.63 -39.22
C LEU I 505 -52.35 -22.91 -40.22
N TRP I 506 -51.13 -22.78 -39.72
CA TRP I 506 -49.94 -23.07 -40.53
C TRP I 506 -49.33 -24.44 -40.19
N PHE I 507 -48.94 -24.61 -38.94
CA PHE I 507 -48.28 -25.84 -38.52
C PHE I 507 -48.99 -27.10 -39.02
N ASP I 508 -50.29 -27.20 -38.81
CA ASP I 508 -51.02 -28.41 -39.23
C ASP I 508 -50.99 -28.64 -40.74
N LYS I 509 -51.11 -27.57 -41.51
CA LYS I 509 -51.05 -27.71 -42.97
C LYS I 509 -49.73 -28.30 -43.41
N GLU I 510 -48.64 -27.92 -42.76
CA GLU I 510 -47.35 -28.46 -43.13
C GLU I 510 -47.13 -29.89 -42.63
N VAL I 511 -47.38 -30.11 -41.34
CA VAL I 511 -47.08 -31.40 -40.71
C VAL I 511 -48.15 -32.46 -40.97
N ILE I 512 -49.39 -32.00 -41.12
CA ILE I 512 -50.52 -32.92 -41.34
C ILE I 512 -50.96 -32.94 -42.82
N GLY I 513 -51.40 -31.79 -43.33
CA GLY I 513 -51.62 -31.65 -44.76
C GLY I 513 -52.42 -30.42 -45.15
N ASP I 514 -52.44 -30.12 -46.45
CA ASP I 514 -53.24 -29.03 -47.00
C ASP I 514 -54.74 -29.34 -47.03
N ASN I 515 -55.55 -28.30 -47.12
CA ASN I 515 -57.00 -28.43 -47.21
C ASN I 515 -57.54 -29.29 -46.07
N PRO I 516 -57.40 -28.80 -44.84
CA PRO I 516 -57.78 -29.58 -43.66
C PRO I 516 -59.26 -29.99 -43.67
N LEU I 517 -60.13 -29.12 -44.17
CA LEU I 517 -61.54 -29.46 -44.24
C LEU I 517 -61.77 -30.72 -45.09
N GLU I 518 -61.14 -30.77 -46.25
CA GLU I 518 -61.24 -31.94 -47.13
C GLU I 518 -60.31 -33.10 -46.73
N ASN I 519 -59.07 -32.77 -46.37
CA ASN I 519 -58.01 -33.76 -46.18
C ASN I 519 -58.36 -34.87 -45.18
N GLU I 520 -58.24 -36.11 -45.63
CA GLU I 520 -58.68 -37.27 -44.85
C GLU I 520 -57.59 -37.75 -43.92
N ASN I 521 -56.38 -37.24 -44.11
CA ASN I 521 -55.28 -37.56 -43.21
C ASN I 521 -55.62 -37.12 -41.79
N TYR I 522 -56.40 -36.06 -41.67
CA TYR I 522 -56.77 -35.50 -40.37
C TYR I 522 -57.63 -36.42 -39.53
N ARG I 523 -58.48 -37.22 -40.16
CA ARG I 523 -59.20 -38.27 -39.44
C ARG I 523 -58.34 -39.52 -39.24
N LYS I 524 -57.47 -39.80 -40.21
CA LYS I 524 -56.74 -41.07 -40.26
C LYS I 524 -55.60 -41.16 -39.24
N LEU I 525 -54.92 -40.05 -39.01
CA LEU I 525 -53.78 -40.04 -38.10
C LEU I 525 -54.17 -39.63 -36.68
N SER I 526 -55.47 -39.45 -36.46
CA SER I 526 -55.97 -39.05 -35.15
C SER I 526 -56.42 -40.26 -34.30
N PRO I 527 -55.88 -40.34 -33.07
CA PRO I 527 -56.20 -41.45 -32.16
C PRO I 527 -57.67 -41.50 -31.75
N LEU I 528 -58.31 -40.34 -31.68
CA LEU I 528 -59.67 -40.26 -31.20
C LEU I 528 -60.61 -41.23 -31.91
N PHE I 529 -60.40 -41.44 -33.20
CA PHE I 529 -61.26 -42.32 -33.98
C PHE I 529 -60.94 -43.79 -33.74
N TYR I 530 -59.73 -44.05 -33.27
CA TYR I 530 -59.28 -45.40 -32.93
C TYR I 530 -59.51 -45.72 -31.45
N ALA I 531 -60.21 -44.82 -30.77
CA ALA I 531 -60.46 -44.97 -29.33
C ALA I 531 -60.94 -46.38 -28.95
N LYS I 532 -61.78 -46.99 -29.78
CA LYS I 532 -62.29 -48.33 -29.47
C LYS I 532 -61.16 -49.30 -29.10
N ASN I 533 -60.00 -49.14 -29.75
CA ASN I 533 -58.92 -50.10 -29.61
C ASN I 533 -58.26 -50.17 -28.23
N VAL I 534 -58.18 -49.04 -27.52
CA VAL I 534 -57.34 -49.00 -26.34
C VAL I 534 -57.83 -50.02 -25.31
N LYS I 535 -56.98 -50.97 -24.95
CA LYS I 535 -57.23 -51.82 -23.80
C LYS I 535 -56.45 -51.45 -22.53
N ALA I 536 -55.56 -50.46 -22.64
CA ALA I 536 -54.67 -50.11 -21.52
C ALA I 536 -55.23 -49.01 -20.61
N PRO I 537 -54.92 -49.09 -19.31
CA PRO I 537 -55.21 -47.99 -18.39
C PRO I 537 -54.42 -46.73 -18.80
N LEU I 538 -55.10 -45.59 -18.81
CA LEU I 538 -54.54 -44.37 -19.35
C LEU I 538 -54.83 -43.14 -18.48
N LEU I 539 -53.78 -42.41 -18.14
CA LEU I 539 -53.94 -41.13 -17.47
C LEU I 539 -53.65 -39.98 -18.45
N LEU I 540 -54.62 -39.07 -18.58
CA LEU I 540 -54.45 -37.87 -19.38
C LEU I 540 -54.24 -36.66 -18.47
N ILE I 541 -53.17 -35.91 -18.74
CA ILE I 541 -52.93 -34.67 -18.01
C ILE I 541 -53.07 -33.48 -18.94
N HIS I 542 -53.65 -32.40 -18.41
CA HIS I 542 -53.77 -31.17 -19.18
C HIS I 542 -53.76 -29.98 -18.23
N SER I 543 -53.47 -28.80 -18.78
CA SER I 543 -53.52 -27.56 -18.03
C SER I 543 -54.46 -26.59 -18.74
N LEU I 544 -55.21 -25.81 -17.96
CA LEU I 544 -56.24 -24.94 -18.52
C LEU I 544 -55.72 -23.80 -19.39
N GLU I 545 -54.45 -23.44 -19.25
CA GLU I 545 -53.91 -22.35 -20.04
C GLU I 545 -53.18 -22.77 -21.30
N ASP I 546 -53.15 -24.07 -21.61
CA ASP I 546 -52.33 -24.51 -22.73
C ASP I 546 -53.06 -24.19 -24.03
N TYR I 547 -52.48 -23.28 -24.81
CA TYR I 547 -53.01 -22.89 -26.12
C TYR I 547 -52.29 -23.54 -27.31
N ARG I 548 -51.25 -24.31 -27.01
CA ARG I 548 -50.51 -25.03 -28.03
C ARG I 548 -51.27 -26.31 -28.40
N CYS I 549 -51.75 -26.98 -27.37
CA CYS I 549 -52.56 -28.18 -27.51
C CYS I 549 -53.70 -27.97 -26.52
N PRO I 550 -54.77 -27.28 -26.97
CA PRO I 550 -55.87 -26.84 -26.11
C PRO I 550 -56.58 -28.00 -25.41
N LEU I 551 -57.34 -27.67 -24.38
CA LEU I 551 -57.95 -28.67 -23.52
C LEU I 551 -58.67 -29.80 -24.28
N ASP I 552 -59.40 -29.45 -25.34
CA ASP I 552 -60.21 -30.43 -26.07
C ASP I 552 -59.43 -31.69 -26.42
N GLN I 553 -58.16 -31.51 -26.79
CA GLN I 553 -57.31 -32.61 -27.21
C GLN I 553 -57.22 -33.74 -26.19
N SER I 554 -57.30 -33.39 -24.91
CA SER I 554 -57.31 -34.37 -23.82
C SER I 554 -58.74 -34.76 -23.50
N LEU I 555 -59.54 -33.78 -23.11
CA LEU I 555 -60.92 -34.01 -22.68
C LEU I 555 -61.80 -34.82 -23.66
N MET I 556 -61.81 -34.45 -24.93
CA MET I 556 -62.61 -35.21 -25.90
C MET I 556 -62.22 -36.67 -25.90
N PHE I 557 -60.93 -36.93 -25.77
CA PHE I 557 -60.41 -38.27 -25.79
C PHE I 557 -60.74 -38.99 -24.50
N TYR I 558 -60.77 -38.23 -23.41
CA TYR I 558 -61.25 -38.77 -22.15
C TYR I 558 -62.71 -39.19 -22.29
N HIS I 559 -63.57 -38.25 -22.68
CA HIS I 559 -65.00 -38.50 -22.75
C HIS I 559 -65.33 -39.70 -23.65
N VAL I 560 -64.86 -39.64 -24.88
CA VAL I 560 -65.05 -40.73 -25.83
C VAL I 560 -64.55 -42.08 -25.27
N LEU I 561 -63.51 -42.05 -24.45
CA LEU I 561 -62.97 -43.30 -23.90
C LEU I 561 -63.82 -43.84 -22.75
N LYS I 562 -64.56 -42.94 -22.10
CA LYS I 562 -65.50 -43.35 -21.07
C LYS I 562 -66.78 -43.90 -21.71
N ASP I 563 -67.24 -43.24 -22.77
CA ASP I 563 -68.44 -43.66 -23.45
C ASP I 563 -68.25 -45.07 -24.03
N LEU I 564 -66.99 -45.46 -24.23
CA LEU I 564 -66.68 -46.78 -24.75
C LEU I 564 -66.38 -47.76 -23.62
N GLY I 565 -66.49 -47.28 -22.38
CA GLY I 565 -66.26 -48.12 -21.22
C GLY I 565 -64.81 -48.51 -21.01
N LYS I 566 -63.90 -47.57 -21.22
CA LYS I 566 -62.47 -47.83 -21.07
C LYS I 566 -61.99 -47.19 -19.77
N GLU I 567 -60.97 -47.79 -19.15
CA GLU I 567 -60.47 -47.23 -17.88
C GLU I 567 -59.49 -46.11 -18.17
N VAL I 568 -59.89 -44.90 -17.75
CA VAL I 568 -59.13 -43.70 -18.09
C VAL I 568 -59.39 -42.62 -17.04
N TYR I 569 -58.40 -41.79 -16.79
CA TYR I 569 -58.55 -40.72 -15.80
C TYR I 569 -58.03 -39.42 -16.38
N ILE I 570 -58.65 -38.33 -15.99
CA ILE I 570 -58.21 -37.04 -16.50
C ILE I 570 -57.84 -36.14 -15.33
N ALA I 571 -56.65 -35.55 -15.42
CA ALA I 571 -56.20 -34.57 -14.43
C ALA I 571 -56.07 -33.24 -15.14
N ILE I 572 -56.87 -32.27 -14.74
CA ILE I 572 -56.82 -30.93 -15.32
C ILE I 572 -56.28 -29.92 -14.33
N PHE I 573 -55.14 -29.34 -14.67
CA PHE I 573 -54.54 -28.35 -13.80
C PHE I 573 -55.16 -26.99 -14.02
N LYS I 574 -55.64 -26.39 -12.93
CA LYS I 574 -56.40 -25.14 -12.96
C LYS I 574 -55.59 -23.98 -13.53
N LYS I 575 -54.27 -24.04 -13.36
CA LYS I 575 -53.40 -22.98 -13.87
C LYS I 575 -52.19 -23.59 -14.59
N GLY I 576 -51.59 -22.79 -15.46
CA GLY I 576 -50.38 -23.20 -16.17
C GLY I 576 -50.55 -23.53 -17.64
N ALA I 577 -49.46 -23.33 -18.39
CA ALA I 577 -49.45 -23.45 -19.85
C ALA I 577 -48.93 -24.78 -20.35
N HIS I 578 -48.71 -24.85 -21.65
CA HIS I 578 -48.19 -26.04 -22.31
C HIS I 578 -46.98 -26.61 -21.58
N GLY I 579 -46.08 -25.73 -21.14
CA GLY I 579 -44.88 -26.15 -20.42
C GLY I 579 -45.01 -26.23 -18.91
N HIS I 580 -46.25 -26.35 -18.43
CA HIS I 580 -46.55 -26.30 -17.00
C HIS I 580 -45.78 -27.32 -16.16
N SER I 581 -45.36 -28.42 -16.76
CA SER I 581 -44.66 -29.45 -16.03
C SER I 581 -43.32 -28.94 -15.49
N ILE I 582 -42.55 -28.25 -16.33
CA ILE I 582 -41.37 -27.48 -15.90
C ILE I 582 -41.60 -26.06 -15.36
N ARG I 583 -42.52 -25.30 -15.96
CA ARG I 583 -42.74 -23.91 -15.56
C ARG I 583 -43.91 -23.63 -14.58
N GLY I 584 -44.68 -24.66 -14.21
CA GLY I 584 -45.78 -24.48 -13.29
C GLY I 584 -45.31 -24.17 -11.87
N SER I 585 -46.23 -23.66 -11.04
CA SER I 585 -45.89 -23.33 -9.66
C SER I 585 -45.35 -24.56 -8.94
N PRO I 586 -44.40 -24.35 -8.00
CA PRO I 586 -43.70 -25.42 -7.27
C PRO I 586 -44.65 -26.44 -6.65
N ARG I 587 -45.76 -26.00 -6.10
CA ARG I 587 -46.73 -26.91 -5.50
C ARG I 587 -47.46 -27.66 -6.61
N HIS I 588 -47.81 -26.91 -7.66
CA HIS I 588 -48.42 -27.49 -8.84
C HIS I 588 -47.50 -28.57 -9.39
N ARG I 589 -46.26 -28.21 -9.74
CA ARG I 589 -45.30 -29.18 -10.28
C ARG I 589 -45.12 -30.37 -9.36
N MET I 590 -45.21 -30.13 -8.05
CA MET I 590 -45.00 -31.21 -7.09
C MET I 590 -46.13 -32.23 -7.16
N LYS I 591 -47.37 -31.73 -7.17
CA LYS I 591 -48.52 -32.62 -7.24
C LYS I 591 -48.55 -33.44 -8.54
N ARG I 592 -48.14 -32.84 -9.64
CA ARG I 592 -48.11 -33.58 -10.90
C ARG I 592 -47.11 -34.73 -10.85
N TYR I 593 -45.89 -34.45 -10.39
CA TYR I 593 -44.86 -35.47 -10.26
C TYR I 593 -45.40 -36.63 -9.43
N LYS I 594 -46.03 -36.31 -8.30
CA LYS I 594 -46.60 -37.33 -7.43
C LYS I 594 -47.56 -38.24 -8.18
N LEU I 595 -48.49 -37.62 -8.92
CA LEU I 595 -49.43 -38.36 -9.77
C LEU I 595 -48.70 -39.24 -10.78
N PHE I 596 -47.77 -38.63 -11.50
CA PHE I 596 -46.97 -39.34 -12.49
C PHE I 596 -46.39 -40.58 -11.83
N MET I 597 -45.74 -40.35 -10.71
CA MET I 597 -45.08 -41.40 -9.94
C MET I 597 -46.05 -42.52 -9.55
N GLU I 598 -47.19 -42.13 -8.99
CA GLU I 598 -48.12 -43.09 -8.42
C GLU I 598 -48.91 -43.90 -9.45
N PHE I 599 -49.38 -43.24 -10.49
CA PHE I 599 -50.12 -43.93 -11.55
C PHE I 599 -49.28 -45.08 -12.10
N PHE I 600 -48.07 -44.77 -12.56
CA PHE I 600 -47.16 -45.81 -13.04
C PHE I 600 -46.87 -46.87 -11.98
N GLU I 601 -46.80 -46.45 -10.72
CA GLU I 601 -46.60 -47.40 -9.63
C GLU I 601 -47.76 -48.39 -9.58
N ARG I 602 -48.97 -47.85 -9.52
CA ARG I 602 -50.18 -48.65 -9.37
C ARG I 602 -50.75 -49.28 -10.65
N LYS I 603 -50.60 -48.62 -11.79
CA LYS I 603 -51.10 -49.18 -13.05
C LYS I 603 -50.06 -49.91 -13.92
N LEU I 604 -48.79 -49.90 -13.51
CA LEU I 604 -47.76 -50.52 -14.34
C LEU I 604 -46.89 -51.51 -13.58
N LYS I 605 -46.16 -51.02 -12.57
CA LYS I 605 -45.30 -51.90 -11.78
C LYS I 605 -46.11 -53.05 -11.21
N LYS I 606 -47.14 -52.73 -10.43
CA LYS I 606 -48.10 -53.72 -9.99
C LYS I 606 -49.50 -53.13 -10.20
N TYR I 607 -50.28 -53.74 -11.08
CA TYR I 607 -51.60 -53.22 -11.39
C TYR I 607 -52.58 -53.41 -10.23
N GLU I 608 -53.34 -52.36 -9.93
CA GLU I 608 -54.40 -52.46 -8.95
C GLU I 608 -55.63 -51.77 -9.50
N GLU I 609 -56.78 -52.04 -8.91
CA GLU I 609 -58.02 -51.48 -9.43
C GLU I 609 -58.36 -50.12 -8.87
N GLY I 610 -58.75 -49.21 -9.76
CA GLY I 610 -59.15 -47.88 -9.37
C GLY I 610 -57.98 -47.00 -9.04
N PHE I 611 -58.21 -45.69 -9.05
CA PHE I 611 -57.21 -44.73 -8.61
C PHE I 611 -57.89 -43.74 -7.68
N ASP I 612 -57.51 -43.76 -6.41
CA ASP I 612 -58.09 -42.84 -5.45
C ASP I 612 -57.11 -41.72 -5.16
N VAL I 613 -57.41 -40.53 -5.65
CA VAL I 613 -56.46 -39.44 -5.60
C VAL I 613 -56.34 -38.82 -4.21
N GLU I 614 -57.45 -38.72 -3.49
CA GLU I 614 -57.45 -38.12 -2.17
C GLU I 614 -56.58 -38.92 -1.21
N LYS I 615 -56.71 -40.25 -1.26
CA LYS I 615 -55.99 -41.13 -0.36
C LYS I 615 -54.57 -41.48 -0.86
N ILE I 616 -54.30 -41.19 -2.12
CA ILE I 616 -52.99 -41.46 -2.72
C ILE I 616 -52.04 -40.27 -2.55
N LEU I 617 -52.43 -39.13 -3.12
CA LEU I 617 -51.63 -37.91 -3.02
C LEU I 617 -51.54 -37.46 -1.56
N LYS I 618 -52.32 -38.12 -0.69
CA LYS I 618 -52.27 -37.91 0.76
C LYS I 618 -53.31 -36.90 1.24
N ILE J 4 -75.07 -39.70 16.44
CA ILE J 4 -74.37 -40.94 16.09
C ILE J 4 -73.61 -41.51 17.29
N GLU J 5 -72.40 -42.00 17.03
CA GLU J 5 -71.53 -42.56 18.07
C GLU J 5 -70.84 -41.47 18.88
N TRP J 6 -70.48 -41.79 20.13
CA TRP J 6 -69.85 -40.82 21.03
C TRP J 6 -68.37 -40.58 20.73
N ASP J 7 -68.01 -39.30 20.67
CA ASP J 7 -66.61 -38.93 20.50
C ASP J 7 -66.33 -37.56 21.12
N GLU J 8 -65.09 -37.10 20.98
CA GLU J 8 -64.70 -35.81 21.56
C GLU J 8 -65.48 -34.65 20.94
N LYS J 9 -66.02 -34.85 19.75
CA LYS J 9 -66.74 -33.77 19.07
C LYS J 9 -68.23 -33.71 19.43
N THR J 10 -68.74 -34.77 20.05
CA THR J 10 -70.19 -34.91 20.24
C THR J 10 -70.85 -33.75 21.00
N PHE J 11 -70.11 -33.12 21.92
CA PHE J 11 -70.68 -32.06 22.76
C PHE J 11 -71.11 -30.83 21.98
N THR J 12 -70.52 -30.62 20.80
CA THR J 12 -70.82 -29.45 19.99
C THR J 12 -72.21 -29.53 19.38
N LYS J 13 -72.73 -30.74 19.27
CA LYS J 13 -74.03 -30.96 18.63
C LYS J 13 -75.21 -30.59 19.53
N PHE J 14 -75.00 -30.55 20.84
CA PHE J 14 -76.07 -30.19 21.78
C PHE J 14 -76.31 -28.68 21.82
N ALA J 15 -77.53 -28.30 22.23
CA ALA J 15 -77.86 -26.89 22.43
C ALA J 15 -77.95 -26.57 23.91
N TYR J 16 -77.20 -25.56 24.35
CA TYR J 16 -77.14 -25.21 25.76
C TYR J 16 -77.99 -23.98 26.07
N LEU J 17 -79.08 -24.20 26.79
CA LEU J 17 -79.96 -23.12 27.22
C LEU J 17 -79.48 -22.57 28.55
N SER J 18 -79.60 -21.25 28.74
CA SER J 18 -79.18 -20.61 29.98
C SER J 18 -79.87 -19.27 30.26
N ASP J 19 -79.81 -18.84 31.52
CA ASP J 19 -80.30 -17.53 31.95
C ASP J 19 -81.75 -17.25 31.54
N PRO J 20 -82.70 -18.00 32.10
CA PRO J 20 -84.12 -17.80 31.83
C PRO J 20 -84.68 -16.56 32.52
N ARG J 21 -85.56 -15.84 31.83
CA ARG J 21 -86.20 -14.65 32.39
C ARG J 21 -87.66 -14.65 31.97
N THR J 22 -88.55 -14.19 32.85
CA THR J 22 -89.98 -14.14 32.52
C THR J 22 -90.72 -12.92 33.10
N ARG J 23 -91.55 -12.32 32.25
CA ARG J 23 -92.46 -11.25 32.67
C ARG J 23 -93.72 -11.37 31.81
N LYS J 24 -94.87 -11.09 32.41
CA LYS J 24 -96.14 -11.20 31.70
C LYS J 24 -96.28 -12.57 31.00
N ASN J 25 -96.67 -12.54 29.73
CA ASN J 25 -96.83 -13.76 28.95
C ASN J 25 -95.56 -14.17 28.20
N LEU J 26 -94.54 -13.31 28.24
CA LEU J 26 -93.28 -13.54 27.53
C LEU J 26 -92.26 -14.33 28.35
N VAL J 27 -91.49 -15.20 27.68
CA VAL J 27 -90.38 -15.92 28.29
C VAL J 27 -89.16 -15.88 27.38
N ALA J 28 -88.04 -15.38 27.88
CA ALA J 28 -86.82 -15.24 27.07
C ALA J 28 -85.62 -15.93 27.72
N TYR J 29 -84.70 -16.41 26.89
CA TYR J 29 -83.49 -17.06 27.40
C TYR J 29 -82.35 -17.02 26.37
N VAL J 30 -81.25 -17.70 26.67
CA VAL J 30 -80.09 -17.70 25.78
C VAL J 30 -79.78 -19.07 25.19
N LEU J 31 -79.89 -19.18 23.87
CA LEU J 31 -79.49 -20.39 23.17
C LEU J 31 -78.01 -20.29 22.80
N THR J 32 -77.22 -21.23 23.32
CA THR J 32 -75.79 -21.19 23.07
C THR J 32 -75.30 -22.46 22.39
N LYS J 33 -74.56 -22.29 21.31
CA LYS J 33 -73.99 -23.43 20.60
CA LYS J 33 -73.98 -23.43 20.60
C LYS J 33 -72.47 -23.28 20.52
N ALA J 34 -71.77 -24.41 20.55
CA ALA J 34 -70.33 -24.39 20.39
C ALA J 34 -70.07 -24.62 18.93
N ASN J 35 -69.56 -23.59 18.25
CA ASN J 35 -69.26 -23.70 16.84
C ASN J 35 -67.81 -24.11 16.69
N LEU J 36 -67.59 -25.33 16.22
CA LEU J 36 -66.25 -25.87 16.16
C LEU J 36 -65.49 -25.25 14.99
N GLU J 37 -66.20 -25.01 13.89
CA GLU J 37 -65.59 -24.44 12.69
C GLU J 37 -64.91 -23.11 12.96
N SER J 38 -65.66 -22.19 13.56
CA SER J 38 -65.15 -20.86 13.89
C SER J 38 -64.48 -20.87 15.25
N ASN J 39 -64.59 -22.00 15.95
CA ASN J 39 -64.01 -22.15 17.28
C ASN J 39 -64.51 -21.09 18.24
N LYS J 40 -65.72 -20.59 18.00
CA LYS J 40 -66.34 -19.61 18.89
C LYS J 40 -67.61 -20.18 19.51
N TYR J 41 -68.22 -19.39 20.38
CA TYR J 41 -69.52 -19.73 20.96
C TYR J 41 -70.54 -18.79 20.36
N GLU J 42 -71.76 -19.31 20.17
CA GLU J 42 -72.81 -18.53 19.53
C GLU J 42 -73.96 -18.29 20.50
N ASN J 43 -74.36 -17.03 20.64
CA ASN J 43 -75.39 -16.66 21.58
C ASN J 43 -76.62 -16.06 20.88
N THR J 44 -77.74 -16.73 21.06
CA THR J 44 -78.98 -16.27 20.48
C THR J 44 -80.00 -16.03 21.58
N ILE J 45 -80.60 -14.85 21.58
CA ILE J 45 -81.69 -14.57 22.51
C ILE J 45 -83.00 -15.05 21.92
N VAL J 46 -83.64 -16.00 22.58
CA VAL J 46 -84.89 -16.56 22.09
C VAL J 46 -86.05 -16.06 22.94
N ILE J 47 -87.07 -15.53 22.28
CA ILE J 47 -88.24 -15.04 23.00
C ILE J 47 -89.47 -15.88 22.66
N GLU J 48 -89.96 -16.63 23.64
CA GLU J 48 -91.15 -17.46 23.43
C GLU J 48 -92.37 -16.84 24.08
N ASN J 49 -93.39 -16.59 23.27
CA ASN J 49 -94.65 -16.05 23.76
C ASN J 49 -95.56 -17.13 24.31
N LEU J 50 -96.04 -16.95 25.53
CA LEU J 50 -96.93 -17.91 26.15
C LEU J 50 -98.35 -17.76 25.62
N ASP J 52 -98.63 -18.06 22.50
CA ASP J 52 -98.82 -18.40 21.09
C ASP J 52 -97.82 -19.47 20.63
N GLY J 53 -96.91 -19.85 21.52
CA GLY J 53 -95.88 -20.81 21.17
C GLY J 53 -94.89 -20.24 20.18
N SER J 54 -95.07 -18.97 19.82
CA SER J 54 -94.21 -18.31 18.85
C SER J 54 -92.82 -18.09 19.41
N ARG J 55 -91.84 -17.90 18.53
CA ARG J 55 -90.47 -17.58 18.93
C ARG J 55 -89.93 -16.39 18.15
N LYS J 56 -89.48 -15.38 18.87
CA LYS J 56 -88.74 -14.29 18.25
C LYS J 56 -87.26 -14.50 18.51
N PHE J 57 -86.43 -13.63 17.96
CA PHE J 57 -85.00 -13.78 18.11
C PHE J 57 -84.28 -12.44 18.21
N ILE J 58 -83.27 -12.40 19.07
CA ILE J 58 -82.23 -11.38 19.01
C ILE J 58 -80.91 -12.13 18.83
N GLU J 59 -80.32 -11.97 17.66
CA GLU J 59 -79.14 -12.75 17.28
C GLU J 59 -77.85 -12.08 17.74
N ASP J 60 -76.87 -12.90 18.14
CA ASP J 60 -75.54 -12.44 18.56
C ASP J 60 -75.60 -11.48 19.73
N ALA J 61 -76.07 -12.00 20.87
CA ALA J 61 -76.34 -11.18 22.03
C ALA J 61 -76.75 -12.08 23.17
N SER J 62 -76.72 -11.54 24.38
CA SER J 62 -76.99 -12.31 25.59
C SER J 62 -77.36 -11.39 26.72
N MET J 63 -77.47 -11.95 27.92
CA MET J 63 -77.86 -11.19 29.10
C MET J 63 -79.15 -10.42 28.85
N PRO J 64 -80.23 -11.13 28.47
CA PRO J 64 -81.53 -10.50 28.22
C PRO J 64 -82.19 -10.04 29.51
N ARG J 65 -82.70 -8.82 29.52
CA ARG J 65 -83.47 -8.32 30.64
C ARG J 65 -84.79 -7.73 30.15
N ILE J 66 -85.90 -8.39 30.50
CA ILE J 66 -87.23 -7.96 30.08
C ILE J 66 -87.75 -6.91 31.04
N SER J 67 -88.11 -5.73 30.51
CA SER J 67 -88.59 -4.65 31.36
C SER J 67 -89.80 -5.10 32.16
N PRO J 68 -89.99 -4.50 33.35
CA PRO J 68 -91.09 -4.87 34.24
C PRO J 68 -92.44 -4.70 33.57
N ASP J 69 -92.63 -3.58 32.86
CA ASP J 69 -93.88 -3.33 32.15
C ASP J 69 -94.02 -4.28 30.95
N GLY J 70 -92.94 -4.96 30.60
CA GLY J 70 -92.96 -5.95 29.55
C GLY J 70 -93.06 -5.39 28.13
N LYS J 71 -92.92 -4.08 27.99
CA LYS J 71 -92.95 -3.46 26.66
C LYS J 71 -91.61 -3.59 25.92
N LYS J 72 -90.51 -3.48 26.64
CA LYS J 72 -89.17 -3.45 26.04
C LYS J 72 -88.19 -4.46 26.66
N ILE J 73 -87.12 -4.74 25.94
CA ILE J 73 -86.10 -5.68 26.40
C ILE J 73 -84.67 -5.13 26.26
N ALA J 74 -83.80 -5.48 27.20
CA ALA J 74 -82.42 -5.03 27.16
C ALA J 74 -81.48 -6.22 26.99
N PHE J 75 -80.49 -6.06 26.12
CA PHE J 75 -79.56 -7.14 25.83
C PHE J 75 -78.14 -6.60 25.62
N MET J 76 -77.15 -7.48 25.81
CA MET J 76 -75.75 -7.10 25.65
C MET J 76 -75.12 -7.72 24.41
N ARG J 77 -74.58 -6.89 23.53
CA ARG J 77 -73.81 -7.40 22.39
C ARG J 77 -72.33 -7.24 22.68
N PHE J 78 -71.63 -8.35 22.89
CA PHE J 78 -70.20 -8.30 23.12
C PHE J 78 -69.47 -8.03 21.80
N ASN J 79 -68.15 -7.94 21.84
CA ASN J 79 -67.37 -7.59 20.66
C ASN J 79 -65.87 -7.74 20.92
N THR J 84 -64.39 -4.84 23.70
CA THR J 84 -65.43 -3.93 24.18
C THR J 84 -66.78 -4.62 24.37
N ALA J 85 -67.83 -3.82 24.46
CA ALA J 85 -69.19 -4.31 24.63
C ALA J 85 -70.16 -3.14 24.63
N GLN J 86 -71.45 -3.43 24.44
CA GLN J 86 -72.44 -2.38 24.37
C GLN J 86 -73.82 -2.86 24.82
N ILE J 87 -74.57 -1.94 25.41
CA ILE J 87 -75.90 -2.23 25.93
C ILE J 87 -76.96 -1.77 24.94
N TRP J 88 -77.89 -2.66 24.64
CA TRP J 88 -78.95 -2.35 23.70
C TRP J 88 -80.30 -2.43 24.39
N VAL J 89 -81.28 -1.74 23.82
CA VAL J 89 -82.66 -1.87 24.24
C VAL J 89 -83.58 -1.95 23.02
N ALA J 90 -84.41 -2.98 22.99
CA ALA J 90 -85.35 -3.20 21.89
C ALA J 90 -86.77 -3.38 22.40
N ASP J 91 -87.73 -2.83 21.66
CA ASP J 91 -89.14 -3.03 21.99
C ASP J 91 -89.52 -4.48 21.69
N LEU J 92 -90.46 -5.01 22.47
CA LEU J 92 -90.82 -6.43 22.37
C LEU J 92 -91.89 -6.75 21.32
N LYS J 93 -92.42 -5.71 20.70
CA LYS J 93 -93.37 -5.91 19.61
C LYS J 93 -92.62 -6.21 18.32
N THR J 94 -91.93 -5.21 17.77
CA THR J 94 -91.24 -5.36 16.50
C THR J 94 -89.78 -5.84 16.67
N LEU J 95 -89.33 -5.89 17.92
CA LEU J 95 -87.94 -6.25 18.23
C LEU J 95 -86.92 -5.31 17.56
N SER J 96 -87.34 -4.09 17.25
CA SER J 96 -86.40 -3.11 16.76
C SER J 96 -85.55 -2.64 17.93
N ALA J 97 -84.26 -2.48 17.72
CA ALA J 97 -83.36 -2.14 18.82
C ALA J 97 -82.60 -0.84 18.58
N LYS J 98 -82.10 -0.25 19.66
CA LYS J 98 -81.24 0.93 19.56
C LYS J 98 -80.03 0.76 20.46
N LYS J 99 -78.87 1.25 20.01
CA LYS J 99 -77.66 1.13 20.82
C LYS J 99 -77.67 2.21 21.89
N VAL J 100 -77.67 1.75 23.14
CA VAL J 100 -77.89 2.62 24.31
C VAL J 100 -76.60 3.14 24.91
N LEU J 101 -75.79 2.23 25.43
CA LEU J 101 -74.53 2.61 26.04
C LEU J 101 -73.42 1.64 25.65
N GLU J 102 -72.30 2.18 25.19
CA GLU J 102 -71.13 1.35 24.96
C GLU J 102 -70.40 1.24 26.28
N ALA J 103 -70.28 0.02 26.79
CA ALA J 103 -69.78 -0.18 28.15
C ALA J 103 -68.80 -1.35 28.27
N LYS J 104 -67.61 -1.05 28.77
CA LYS J 104 -66.60 -2.06 29.04
C LYS J 104 -66.55 -2.36 30.55
N ASN J 105 -66.26 -3.62 30.89
CA ASN J 105 -66.20 -4.05 32.28
C ASN J 105 -67.54 -4.05 33.03
N ILE J 106 -68.62 -4.43 32.35
CA ILE J 106 -69.93 -4.55 33.01
C ILE J 106 -70.22 -6.01 33.37
N ARG J 107 -70.43 -6.27 34.66
CA ARG J 107 -70.71 -7.63 35.12
C ARG J 107 -72.21 -7.96 35.26
N SER J 108 -73.08 -6.97 35.04
CA SER J 108 -74.51 -7.21 35.16
C SER J 108 -75.37 -5.98 34.89
N ILE J 109 -76.65 -6.23 34.63
CA ILE J 109 -77.62 -5.17 34.40
C ILE J 109 -78.96 -5.55 35.05
N GLU J 110 -79.64 -4.56 35.59
CA GLU J 110 -80.91 -4.78 36.27
C GLU J 110 -81.90 -3.65 35.98
N TRP J 111 -83.15 -4.02 35.71
CA TRP J 111 -84.20 -3.05 35.45
C TRP J 111 -84.78 -2.48 36.75
N ASN J 112 -84.87 -1.16 36.82
CA ASN J 112 -85.55 -0.49 37.91
C ASN J 112 -87.06 -0.63 37.76
N GLN J 113 -87.81 -0.45 38.84
CA GLN J 113 -89.26 -0.63 38.79
C GLN J 113 -89.88 0.15 37.62
N ASP J 114 -89.36 1.34 37.35
CA ASP J 114 -90.00 2.27 36.40
C ASP J 114 -89.91 1.87 34.91
N SER J 115 -89.17 0.81 34.61
CA SER J 115 -88.97 0.37 33.23
C SER J 115 -88.27 1.44 32.37
N ARG J 116 -87.45 2.25 33.03
CA ARG J 116 -86.63 3.25 32.36
C ARG J 116 -85.17 3.10 32.77
N ARG J 117 -84.91 3.31 34.06
CA ARG J 117 -83.55 3.26 34.59
C ARG J 117 -83.01 1.83 34.73
N LEU J 118 -81.72 1.69 34.43
CA LEU J 118 -81.02 0.42 34.58
C LEU J 118 -79.90 0.54 35.61
N LEU J 119 -79.58 -0.57 36.26
CA LEU J 119 -78.50 -0.61 37.22
C LEU J 119 -77.35 -1.49 36.72
N ALA J 120 -76.22 -0.86 36.44
CA ALA J 120 -75.05 -1.59 35.94
C ALA J 120 -73.96 -1.71 37.00
N VAL J 121 -73.50 -2.94 37.24
CA VAL J 121 -72.41 -3.16 38.17
C VAL J 121 -71.16 -3.65 37.43
N GLY J 122 -70.17 -2.78 37.36
CA GLY J 122 -68.91 -3.08 36.69
C GLY J 122 -67.72 -3.23 37.61
N PHE J 123 -66.53 -3.00 37.06
CA PHE J 123 -65.29 -2.93 37.83
C PHE J 123 -64.28 -1.99 37.17
N LYS J 124 -63.40 -1.39 37.98
CA LYS J 124 -62.41 -0.45 37.49
C LYS J 124 -61.01 -0.86 37.91
N ARG J 125 -60.07 -0.83 36.98
CA ARG J 125 -58.70 -1.20 37.28
C ARG J 125 -57.70 -0.14 36.82
N ARG J 126 -56.43 -0.38 37.10
CA ARG J 126 -55.37 0.57 36.77
C ARG J 126 -55.02 0.50 35.29
N GLU J 127 -55.21 -0.68 34.69
CA GLU J 127 -55.14 -0.83 33.24
C GLU J 127 -53.83 -0.36 32.60
N ASP J 128 -52.73 -0.41 33.35
CA ASP J 128 -51.43 -0.05 32.76
C ASP J 128 -51.03 -1.11 31.73
N GLU J 129 -50.45 -0.67 30.62
CA GLU J 129 -50.10 -1.59 29.55
C GLU J 129 -49.08 -2.66 29.96
N ASP J 130 -47.96 -2.23 30.53
CA ASP J 130 -46.83 -3.12 30.85
C ASP J 130 -46.86 -3.95 32.13
N PHE J 131 -47.48 -3.43 33.19
CA PHE J 131 -47.45 -4.14 34.46
C PHE J 131 -48.70 -3.95 35.31
N ILE J 132 -48.86 -4.86 36.26
CA ILE J 132 -49.94 -4.84 37.23
C ILE J 132 -49.38 -4.41 38.58
N PHE J 133 -50.16 -3.65 39.34
CA PHE J 133 -49.74 -3.21 40.67
C PHE J 133 -50.82 -3.52 41.70
N GLU J 134 -50.44 -4.16 42.79
CA GLU J 134 -51.43 -4.58 43.79
C GLU J 134 -51.11 -4.12 45.21
N ASP J 135 -51.94 -3.24 45.75
CA ASP J 135 -51.83 -2.83 47.15
C ASP J 135 -52.80 -3.57 48.09
N ASP J 136 -53.58 -4.49 47.51
CA ASP J 136 -54.62 -5.20 48.26
C ASP J 136 -54.54 -6.71 48.03
N VAL J 137 -55.52 -7.45 48.52
CA VAL J 137 -55.55 -8.89 48.31
C VAL J 137 -56.92 -9.41 47.83
N PRO J 138 -56.92 -10.50 47.05
CA PRO J 138 -55.70 -11.10 46.51
C PRO J 138 -55.34 -10.49 45.17
N ALA J 139 -54.23 -10.92 44.58
CA ALA J 139 -53.69 -10.28 43.38
C ALA J 139 -54.47 -10.67 42.13
N TRP J 140 -55.19 -11.79 42.23
CA TRP J 140 -55.92 -12.32 41.09
C TRP J 140 -57.05 -13.22 41.53
N PHE J 141 -58.01 -13.46 40.65
CA PHE J 141 -59.13 -14.35 40.94
C PHE J 141 -59.45 -15.17 39.71
N ASP J 142 -59.74 -16.46 39.89
CA ASP J 142 -60.03 -17.31 38.75
C ASP J 142 -61.17 -16.73 37.91
N ASN J 143 -60.92 -16.65 36.61
CA ASN J 143 -61.93 -16.19 35.65
C ASN J 143 -62.14 -14.68 35.65
N MET J 144 -61.62 -13.99 36.66
CA MET J 144 -61.57 -12.52 36.59
C MET J 144 -60.22 -11.94 36.14
N GLY J 145 -59.22 -12.78 35.97
CA GLY J 145 -57.86 -12.33 35.71
C GLY J 145 -57.20 -11.62 36.89
N PHE J 146 -56.17 -10.83 36.61
CA PHE J 146 -55.43 -10.07 37.62
C PHE J 146 -56.20 -8.85 38.11
N PHE J 147 -56.41 -8.75 39.42
CA PHE J 147 -57.17 -7.64 39.98
C PHE J 147 -56.61 -6.25 39.63
N ASP J 148 -55.30 -6.08 39.79
CA ASP J 148 -54.68 -4.81 39.44
C ASP J 148 -55.43 -3.65 40.09
N GLY J 149 -55.62 -3.73 41.40
CA GLY J 149 -56.30 -2.70 42.15
C GLY J 149 -57.73 -2.45 41.70
N GLU J 150 -58.49 -3.54 41.55
CA GLU J 150 -59.87 -3.44 41.10
C GLU J 150 -60.78 -2.78 42.12
N LYS J 151 -61.62 -1.87 41.64
CA LYS J 151 -62.67 -1.28 42.46
C LYS J 151 -63.99 -1.59 41.77
N THR J 152 -65.06 -1.76 42.55
CA THR J 152 -66.37 -2.03 41.95
C THR J 152 -67.12 -0.75 41.62
N THR J 153 -67.68 -0.67 40.41
CA THR J 153 -68.40 0.53 39.98
C THR J 153 -69.89 0.29 39.83
N PHE J 154 -70.67 1.34 40.11
CA PHE J 154 -72.12 1.27 40.01
C PHE J 154 -72.64 2.46 39.21
N TRP J 155 -73.28 2.16 38.08
CA TRP J 155 -73.86 3.20 37.26
C TRP J 155 -75.38 3.10 37.25
N VAL J 156 -76.05 4.23 37.37
CA VAL J 156 -77.49 4.28 37.13
C VAL J 156 -77.72 4.91 35.76
N ILE J 157 -78.30 4.14 34.85
CA ILE J 157 -78.43 4.56 33.47
C ILE J 157 -79.85 4.90 33.07
N ASP J 158 -79.99 5.94 32.26
CA ASP J 158 -81.29 6.32 31.73
C ASP J 158 -81.38 5.84 30.29
N THR J 159 -82.23 4.84 30.03
CA THR J 159 -82.29 4.22 28.71
C THR J 159 -83.00 5.08 27.66
N GLU J 160 -83.75 6.07 28.12
CA GLU J 160 -84.39 7.01 27.21
C GLU J 160 -83.37 8.01 26.66
N GLY J 161 -82.80 8.83 27.53
CA GLY J 161 -81.82 9.82 27.12
C GLY J 161 -80.44 9.28 26.82
N GLU J 162 -80.26 7.98 27.06
CA GLU J 162 -78.98 7.30 26.83
C GLU J 162 -77.81 8.03 27.49
N GLU J 163 -77.84 8.11 28.82
CA GLU J 163 -76.78 8.73 29.59
C GLU J 163 -76.65 8.06 30.95
N VAL J 164 -75.49 8.22 31.58
CA VAL J 164 -75.29 7.73 32.95
C VAL J 164 -75.65 8.89 33.87
N ILE J 165 -76.76 8.74 34.58
CA ILE J 165 -77.24 9.81 35.46
C ILE J 165 -76.71 9.65 36.88
N GLU J 166 -76.12 8.50 37.17
CA GLU J 166 -75.54 8.28 38.50
C GLU J 166 -74.35 7.32 38.44
N GLN J 167 -73.34 7.58 39.26
CA GLN J 167 -72.21 6.68 39.38
C GLN J 167 -71.47 6.82 40.71
N PHE J 168 -70.73 5.78 41.06
CA PHE J 168 -69.95 5.74 42.28
C PHE J 168 -69.23 4.40 42.36
N GLU J 169 -68.21 4.33 43.23
CA GLU J 169 -67.44 3.11 43.35
C GLU J 169 -67.35 2.61 44.79
N LYS J 170 -67.08 1.32 44.94
CA LYS J 170 -66.95 0.68 46.24
C LYS J 170 -65.75 -0.27 46.21
N PRO J 171 -65.46 -0.95 47.33
CA PRO J 171 -64.37 -1.93 47.36
C PRO J 171 -64.60 -3.14 46.45
N ARG J 172 -63.52 -3.84 46.18
CA ARG J 172 -63.50 -5.02 45.33
C ARG J 172 -64.49 -6.07 45.82
N PHE J 173 -65.14 -6.75 44.87
CA PHE J 173 -66.16 -7.77 45.17
C PHE J 173 -67.41 -7.24 45.87
N SER J 174 -67.76 -6.00 45.59
CA SER J 174 -69.00 -5.44 46.08
C SER J 174 -70.11 -5.72 45.08
N SER J 175 -71.29 -6.06 45.57
CA SER J 175 -72.45 -6.27 44.72
C SER J 175 -73.61 -5.36 45.17
N GLY J 176 -74.58 -5.17 44.29
CA GLY J 176 -75.70 -4.28 44.56
C GLY J 176 -76.94 -4.69 43.80
N ILE J 177 -78.00 -3.90 43.94
CA ILE J 177 -79.31 -4.23 43.37
C ILE J 177 -80.30 -3.10 43.59
N TRP J 178 -81.41 -3.15 42.87
CA TRP J 178 -82.47 -2.17 43.01
C TRP J 178 -83.34 -2.51 44.22
N HIS J 179 -83.60 -1.53 45.07
CA HIS J 179 -84.69 -1.62 46.02
C HIS J 179 -85.49 -0.33 45.84
N GLY J 180 -86.70 -0.45 45.30
CA GLY J 180 -87.48 0.72 44.97
C GLY J 180 -86.70 1.68 44.09
N ASP J 181 -86.57 2.92 44.54
CA ASP J 181 -85.72 3.93 43.93
C ASP J 181 -84.34 3.97 44.58
N SER J 182 -84.10 3.05 45.51
CA SER J 182 -82.83 3.00 46.23
C SER J 182 -82.04 1.77 45.82
N ILE J 183 -80.87 1.59 46.42
CA ILE J 183 -79.99 0.47 46.08
C ILE J 183 -79.45 -0.20 47.33
N VAL J 184 -79.37 -1.53 47.31
CA VAL J 184 -78.76 -2.27 48.42
C VAL J 184 -77.36 -2.70 48.03
N VAL J 185 -76.35 -2.09 48.64
CA VAL J 185 -74.98 -2.35 48.25
C VAL J 185 -74.26 -3.22 49.27
N SER J 186 -74.00 -4.46 48.88
CA SER J 186 -73.27 -5.40 49.74
C SER J 186 -71.77 -5.20 49.54
N VAL J 187 -71.06 -5.00 50.64
CA VAL J 187 -69.62 -4.81 50.59
C VAL J 187 -68.96 -5.80 51.53
N PRO J 188 -67.83 -6.39 51.12
CA PRO J 188 -67.11 -7.32 52.00
C PRO J 188 -66.55 -6.59 53.22
N HIS J 189 -66.50 -7.25 54.37
CA HIS J 189 -66.03 -6.62 55.60
C HIS J 189 -64.52 -6.78 55.75
N ARG J 190 -63.83 -5.67 56.02
CA ARG J 190 -62.38 -5.69 56.18
C ARG J 190 -61.96 -5.51 57.63
N ASP J 191 -61.11 -6.41 58.11
CA ASP J 191 -60.49 -6.29 59.42
C ASP J 191 -59.01 -6.00 59.19
N VAL J 192 -58.29 -7.04 58.76
CA VAL J 192 -56.90 -6.90 58.33
C VAL J 192 -56.90 -6.88 56.81
N ILE J 193 -57.33 -7.99 56.23
CA ILE J 193 -57.61 -8.07 54.80
C ILE J 193 -59.11 -8.29 54.70
N PRO J 194 -59.73 -7.84 53.59
CA PRO J 194 -61.17 -8.05 53.46
C PRO J 194 -61.53 -9.51 53.71
N ARG J 195 -62.65 -9.77 54.40
CA ARG J 195 -63.08 -11.13 54.64
C ARG J 195 -64.06 -11.55 53.54
N TYR J 196 -63.61 -12.47 52.70
CA TYR J 196 -64.33 -12.82 51.49
C TYR J 196 -65.18 -14.06 51.68
N PHE J 197 -66.45 -13.96 51.31
CA PHE J 197 -67.41 -15.05 51.46
C PHE J 197 -67.62 -15.37 52.95
N LYS J 198 -67.38 -14.38 53.80
CA LYS J 198 -67.48 -14.56 55.23
C LYS J 198 -68.37 -13.48 55.85
N TYR J 199 -67.89 -12.24 55.79
CA TYR J 199 -68.61 -11.11 56.39
C TYR J 199 -68.89 -10.02 55.37
N TRP J 200 -70.00 -9.32 55.56
CA TRP J 200 -70.40 -8.23 54.66
C TRP J 200 -70.92 -7.04 55.45
N ASP J 201 -70.66 -5.85 54.92
CA ASP J 201 -71.31 -4.63 55.38
C ASP J 201 -72.34 -4.24 54.32
N ILE J 202 -73.60 -4.08 54.72
CA ILE J 202 -74.67 -3.78 53.78
C ILE J 202 -75.21 -2.37 53.97
N TYR J 203 -75.15 -1.57 52.90
CA TYR J 203 -75.63 -0.19 52.96
C TYR J 203 -76.85 -0.03 52.06
N LEU J 204 -77.43 1.16 52.05
CA LEU J 204 -78.55 1.46 51.16
C LEU J 204 -78.33 2.80 50.50
N TRP J 205 -78.22 2.80 49.17
CA TRP J 205 -77.99 4.04 48.45
C TRP J 205 -79.32 4.72 48.10
N LYS J 206 -79.37 6.01 48.35
CA LYS J 206 -80.50 6.86 48.01
C LYS J 206 -79.85 7.92 47.14
N ASP J 207 -80.55 8.96 46.75
CA ASP J 207 -79.88 9.89 45.85
C ASP J 207 -78.76 10.55 46.64
N GLY J 208 -77.54 10.38 46.16
CA GLY J 208 -76.35 10.98 46.74
C GLY J 208 -75.80 10.47 48.08
N GLU J 209 -76.52 9.59 48.77
CA GLU J 209 -76.13 9.20 50.13
C GLU J 209 -76.42 7.74 50.52
N GLU J 210 -76.04 7.36 51.73
CA GLU J 210 -76.19 5.98 52.20
C GLU J 210 -76.34 5.86 53.72
N GLU J 211 -77.01 4.80 54.17
CA GLU J 211 -77.12 4.50 55.59
C GLU J 211 -76.84 3.02 55.82
N LYS J 212 -75.79 2.71 56.58
CA LYS J 212 -75.37 1.32 56.72
C LYS J 212 -76.38 0.53 57.52
N LEU J 213 -76.91 -0.54 56.92
CA LEU J 213 -77.95 -1.33 57.57
C LEU J 213 -77.42 -2.57 58.29
N PHE J 214 -76.13 -2.85 58.17
CA PHE J 214 -75.56 -4.00 58.86
C PHE J 214 -74.08 -3.84 59.18
N GLU J 215 -73.52 -4.81 59.89
CA GLU J 215 -72.09 -4.93 60.10
C GLU J 215 -71.73 -6.41 60.30
N LYS J 216 -70.60 -6.83 59.77
CA LYS J 216 -70.10 -8.19 59.98
C LYS J 216 -71.20 -9.24 59.81
N VAL J 217 -71.95 -9.15 58.71
CA VAL J 217 -73.04 -10.08 58.45
C VAL J 217 -72.60 -11.21 57.51
N SER J 218 -73.00 -12.44 57.81
CA SER J 218 -72.60 -13.59 57.01
C SER J 218 -73.53 -13.79 55.82
N PHE J 219 -74.52 -12.90 55.67
CA PHE J 219 -75.35 -12.90 54.47
C PHE J 219 -75.32 -11.56 53.74
N TYR J 220 -75.66 -11.60 52.46
CA TYR J 220 -75.69 -10.38 51.65
C TYR J 220 -76.99 -10.32 50.84
N ALA J 221 -77.31 -9.13 50.34
CA ALA J 221 -78.52 -8.93 49.57
C ALA J 221 -78.41 -9.64 48.23
N ILE J 222 -79.51 -10.25 47.78
CA ILE J 222 -79.55 -10.88 46.47
C ILE J 222 -80.74 -10.37 45.66
N ASP J 223 -81.94 -10.61 46.15
CA ASP J 223 -83.15 -10.16 45.46
C ASP J 223 -84.04 -9.27 46.34
N SER J 224 -84.95 -8.54 45.70
CA SER J 224 -85.87 -7.63 46.38
C SER J 224 -87.27 -7.68 45.76
N ASP J 225 -88.30 -7.70 46.60
CA ASP J 225 -89.69 -7.72 46.15
C ASP J 225 -90.21 -6.32 45.90
N GLY J 226 -89.34 -5.32 46.09
CA GLY J 226 -89.72 -3.93 46.01
C GLY J 226 -90.18 -3.47 47.38
N GLU J 227 -90.55 -4.44 48.21
CA GLU J 227 -90.99 -4.19 49.57
C GLU J 227 -89.94 -4.71 50.55
N ARG J 228 -89.76 -6.04 50.55
CA ARG J 228 -88.76 -6.68 51.39
C ARG J 228 -87.42 -6.88 50.66
N ILE J 229 -86.45 -7.47 51.37
CA ILE J 229 -85.12 -7.72 50.81
C ILE J 229 -84.62 -9.13 51.15
N LEU J 230 -84.27 -9.90 50.12
CA LEU J 230 -83.81 -11.27 50.31
C LEU J 230 -82.31 -11.31 50.62
N LEU J 231 -81.94 -12.09 51.64
CA LEU J 231 -80.55 -12.18 52.07
C LEU J 231 -80.02 -13.60 51.94
N TYR J 232 -78.83 -13.74 51.38
CA TYR J 232 -78.23 -15.04 51.15
C TYR J 232 -77.00 -15.23 52.01
N GLY J 233 -77.12 -16.13 52.99
CA GLY J 233 -76.04 -16.39 53.93
C GLY J 233 -76.65 -16.77 55.26
N LYS J 234 -75.89 -16.62 56.34
CA LYS J 234 -76.45 -16.70 57.69
C LYS J 234 -76.19 -15.38 58.39
N PRO J 235 -76.94 -15.07 59.46
CA PRO J 235 -76.67 -13.80 60.14
C PRO J 235 -75.24 -13.73 60.68
N GLU J 236 -74.78 -14.77 61.34
CA GLU J 236 -73.37 -14.93 61.67
C GLU J 236 -72.97 -16.37 61.43
N LYS J 237 -72.00 -16.59 60.56
CA LYS J 237 -71.52 -17.93 60.27
C LYS J 237 -70.17 -18.14 60.91
N LYS J 238 -69.97 -19.31 61.51
CA LYS J 238 -68.70 -19.63 62.14
C LYS J 238 -67.67 -20.07 61.11
N TYR J 239 -68.10 -20.91 60.15
CA TYR J 239 -67.17 -21.47 59.18
C TYR J 239 -67.64 -21.21 57.73
N SER J 241 -68.10 -23.11 55.13
CA SER J 241 -68.64 -24.26 54.41
C SER J 241 -70.03 -24.59 54.90
N GLU J 242 -70.58 -23.71 55.72
CA GLU J 242 -71.91 -23.90 56.27
C GLU J 242 -72.97 -23.59 55.23
N HIS J 243 -74.08 -24.34 55.26
CA HIS J 243 -75.17 -24.12 54.32
C HIS J 243 -75.71 -22.71 54.45
N ASP J 244 -75.73 -21.98 53.34
CA ASP J 244 -76.27 -20.65 53.33
C ASP J 244 -77.80 -20.74 53.19
N LYS J 245 -78.52 -19.92 53.94
CA LYS J 245 -79.98 -19.93 53.86
C LYS J 245 -80.53 -18.63 53.28
N ILE J 246 -81.85 -18.55 53.15
CA ILE J 246 -82.50 -17.35 52.65
C ILE J 246 -83.21 -16.64 53.79
N TYR J 247 -83.23 -15.31 53.73
CA TYR J 247 -83.84 -14.51 54.80
C TYR J 247 -84.53 -13.30 54.21
N ILE J 248 -85.56 -12.82 54.90
CA ILE J 248 -86.27 -11.63 54.44
C ILE J 248 -86.03 -10.46 55.39
N TYR J 249 -85.92 -9.26 54.83
CA TYR J 249 -85.89 -8.07 55.66
C TYR J 249 -86.98 -7.08 55.25
N ASP J 250 -87.95 -6.92 56.14
CA ASP J 250 -89.05 -5.98 55.98
C ASP J 250 -88.70 -4.71 56.73
N GLY J 251 -87.47 -4.67 57.24
CA GLY J 251 -87.12 -3.79 58.32
C GLY J 251 -86.89 -4.64 59.56
N GLU J 252 -87.17 -5.93 59.42
CA GLU J 252 -86.80 -6.93 60.41
C GLU J 252 -86.45 -8.24 59.72
N VAL J 253 -85.48 -8.97 60.26
CA VAL J 253 -85.00 -10.19 59.62
C VAL J 253 -85.86 -11.41 59.97
N LYS J 254 -86.31 -12.12 58.95
CA LYS J 254 -87.14 -13.30 59.16
C LYS J 254 -86.61 -14.52 58.41
N GLY J 255 -86.17 -15.53 59.16
CA GLY J 255 -85.73 -16.78 58.57
C GLY J 255 -86.86 -17.59 57.98
N ILE J 256 -86.73 -17.96 56.70
CA ILE J 256 -87.71 -18.81 56.03
C ILE J 256 -87.42 -20.29 56.29
N LEU J 257 -86.24 -20.73 55.84
CA LEU J 257 -85.83 -22.13 55.85
C LEU J 257 -85.16 -22.56 57.16
N ASP J 258 -85.18 -21.67 58.16
CA ASP J 258 -84.46 -21.88 59.42
C ASP J 258 -84.69 -23.25 60.07
N ASP J 259 -85.84 -23.86 59.83
CA ASP J 259 -86.12 -25.20 60.34
C ASP J 259 -85.45 -26.33 59.55
N ILE J 260 -85.35 -26.16 58.23
CA ILE J 260 -84.74 -27.17 57.36
C ILE J 260 -83.23 -26.98 57.23
N ASP J 261 -82.47 -28.06 57.37
CA ASP J 261 -81.02 -28.01 57.27
C ASP J 261 -80.55 -28.63 55.95
N ARG J 262 -80.10 -27.77 55.05
CA ARG J 262 -79.65 -28.12 53.70
C ARG J 262 -79.21 -26.78 53.10
N GLU J 263 -78.45 -26.81 52.00
CA GLU J 263 -77.96 -25.55 51.43
C GLU J 263 -78.87 -25.03 50.32
N VAL J 264 -79.02 -23.70 50.27
CA VAL J 264 -79.78 -23.05 49.22
C VAL J 264 -78.89 -22.69 48.04
N ALA J 265 -79.19 -23.24 46.88
CA ALA J 265 -78.42 -22.95 45.67
C ALA J 265 -78.75 -21.59 45.07
N GLN J 266 -80.04 -21.31 44.92
CA GLN J 266 -80.49 -20.09 44.27
C GLN J 266 -81.72 -19.57 45.02
N ALA J 267 -82.24 -18.42 44.60
CA ALA J 267 -83.45 -17.86 45.20
C ALA J 267 -83.87 -16.54 44.59
N LYS J 268 -85.14 -16.19 44.78
CA LYS J 268 -85.72 -14.95 44.27
C LYS J 268 -86.97 -14.60 45.09
N ILE J 269 -87.38 -13.33 45.06
CA ILE J 269 -88.58 -12.92 45.78
C ILE J 269 -89.48 -12.06 44.89
N ARG J 270 -90.71 -12.52 44.67
CA ARG J 270 -91.65 -11.80 43.83
C ARG J 270 -93.01 -11.68 44.51
N ASN J 271 -93.42 -10.44 44.79
CA ASN J 271 -94.72 -10.16 45.41
C ASN J 271 -94.90 -10.86 46.75
N GLY J 272 -93.82 -11.00 47.51
CA GLY J 272 -93.87 -11.62 48.81
C GLY J 272 -93.66 -13.12 48.77
N LYS J 273 -93.85 -13.71 47.60
CA LYS J 273 -93.56 -15.13 47.42
C LYS J 273 -92.08 -15.34 47.10
N VAL J 274 -91.52 -16.45 47.55
CA VAL J 274 -90.09 -16.73 47.32
C VAL J 274 -89.84 -18.08 46.66
N TYR J 275 -89.21 -18.06 45.49
CA TYR J 275 -88.85 -19.26 44.76
C TYR J 275 -87.35 -19.50 44.89
N PHE J 276 -86.97 -20.74 45.20
CA PHE J 276 -85.57 -21.05 45.47
C PHE J 276 -85.27 -22.53 45.23
N THR J 277 -83.98 -22.85 45.13
CA THR J 277 -83.58 -24.25 44.98
C THR J 277 -82.73 -24.73 46.17
N LEU J 278 -82.74 -26.03 46.43
CA LEU J 278 -81.94 -26.62 47.52
C LEU J 278 -81.10 -27.80 47.03
N PHE J 279 -79.90 -27.93 47.59
CA PHE J 279 -79.09 -29.11 47.30
C PHE J 279 -79.64 -30.24 48.17
N GLU J 280 -80.11 -31.30 47.53
CA GLU J 280 -80.55 -32.49 48.27
C GLU J 280 -80.09 -33.80 47.64
N GLU J 281 -79.27 -34.55 48.38
CA GLU J 281 -78.90 -35.93 48.04
C GLU J 281 -78.56 -36.14 46.56
N GLY J 282 -77.87 -35.17 45.97
CA GLY J 282 -77.47 -35.25 44.57
C GLY J 282 -78.45 -34.64 43.58
N SER J 283 -79.43 -33.90 44.09
CA SER J 283 -80.42 -33.24 43.24
C SER J 283 -80.66 -31.80 43.65
N VAL J 284 -80.82 -30.91 42.67
CA VAL J 284 -81.16 -29.52 42.95
C VAL J 284 -82.64 -29.30 42.65
N ASN J 285 -83.43 -29.09 43.70
CA ASN J 285 -84.88 -29.03 43.55
C ASN J 285 -85.48 -27.63 43.76
N LEU J 286 -86.54 -27.35 43.02
CA LEU J 286 -87.20 -26.04 43.07
C LEU J 286 -88.36 -26.05 44.07
N TYR J 287 -88.42 -25.01 44.91
CA TYR J 287 -89.45 -24.88 45.93
C TYR J 287 -90.04 -23.47 45.93
N LEU J 288 -91.23 -23.34 46.50
CA LEU J 288 -91.87 -22.04 46.65
C LEU J 288 -92.23 -21.78 48.11
N TRP J 289 -92.19 -20.52 48.52
CA TRP J 289 -92.57 -20.16 49.89
C TRP J 289 -93.77 -19.22 49.90
N ASP J 290 -94.90 -19.76 50.34
CA ASP J 290 -96.14 -19.00 50.52
C ASP J 290 -96.31 -18.58 51.97
N GLY J 291 -95.29 -18.85 52.78
CA GLY J 291 -95.43 -18.83 54.23
C GLY J 291 -95.31 -20.25 54.75
N GLU J 292 -95.29 -21.20 53.82
CA GLU J 292 -94.96 -22.59 54.11
C GLU J 292 -93.98 -23.06 53.04
N VAL J 293 -93.53 -24.30 53.14
CA VAL J 293 -92.62 -24.85 52.14
C VAL J 293 -93.36 -25.77 51.19
N ARG J 294 -93.54 -25.32 49.95
CA ARG J 294 -94.28 -26.06 48.94
C ARG J 294 -93.37 -26.45 47.79
N GLU J 295 -93.20 -27.76 47.59
CA GLU J 295 -92.30 -28.25 46.55
C GLU J 295 -92.86 -28.06 45.15
N ILE J 296 -92.07 -27.43 44.28
CA ILE J 296 -92.48 -27.19 42.91
C ILE J 296 -91.93 -28.27 41.99
N ALA J 297 -90.60 -28.32 41.87
CA ALA J 297 -89.95 -29.32 41.04
C ALA J 297 -89.00 -30.18 41.87
N LYS J 298 -89.31 -31.47 41.96
CA LYS J 298 -88.47 -32.41 42.68
C LYS J 298 -88.33 -33.70 41.88
N GLY J 299 -87.22 -34.39 42.06
CA GLY J 299 -86.94 -35.63 41.35
C GLY J 299 -85.45 -35.77 41.16
N LYS J 300 -85.02 -36.67 40.28
CA LYS J 300 -83.60 -36.77 40.04
C LYS J 300 -83.28 -35.88 38.85
N HIS J 301 -82.64 -34.75 39.15
CA HIS J 301 -82.31 -33.74 38.16
C HIS J 301 -81.73 -32.52 38.87
N TRP J 302 -81.24 -31.55 38.09
CA TRP J 302 -80.85 -30.26 38.65
C TRP J 302 -81.60 -29.11 38.01
N ILE J 303 -82.02 -28.15 38.82
CA ILE J 303 -82.59 -26.92 38.30
C ILE J 303 -81.45 -25.89 38.20
N MET J 304 -81.11 -25.54 36.97
CA MET J 304 -79.93 -24.72 36.69
C MET J 304 -80.26 -23.23 36.65
N GLY J 305 -81.54 -22.90 36.78
CA GLY J 305 -81.96 -21.51 36.80
C GLY J 305 -83.46 -21.40 36.69
N PHE J 306 -83.97 -20.18 36.85
CA PHE J 306 -85.41 -19.94 36.80
C PHE J 306 -85.73 -18.47 36.99
N ASP J 307 -86.96 -18.10 36.65
CA ASP J 307 -87.49 -16.79 36.98
C ASP J 307 -89.01 -16.85 37.06
N ALA J 308 -89.62 -15.97 37.83
CA ALA J 308 -91.06 -15.92 37.90
C ALA J 308 -91.61 -14.49 37.99
N ASP J 309 -92.58 -14.18 37.15
CA ASP J 309 -93.36 -12.96 37.36
C ASP J 309 -94.84 -13.29 37.48
N GLU J 310 -95.48 -13.55 36.34
CA GLU J 310 -96.87 -14.03 36.34
C GLU J 310 -96.96 -15.55 36.24
N ARG J 311 -95.82 -16.19 36.01
CA ARG J 311 -95.74 -17.64 35.97
C ARG J 311 -94.31 -17.99 36.35
N LEU J 312 -93.99 -19.28 36.41
CA LEU J 312 -92.63 -19.68 36.76
C LEU J 312 -91.96 -20.46 35.65
N ILE J 313 -91.00 -19.80 35.00
CA ILE J 313 -90.07 -20.43 34.06
C ILE J 313 -88.93 -21.10 34.81
N TYR J 314 -88.28 -22.08 34.18
CA TYR J 314 -87.07 -22.67 34.75
C TYR J 314 -86.42 -23.70 33.83
N LEU J 315 -85.17 -24.04 34.14
CA LEU J 315 -84.41 -24.98 33.32
C LEU J 315 -84.13 -26.25 34.10
N LYS J 316 -84.47 -27.39 33.52
CA LYS J 316 -84.17 -28.65 34.17
C LYS J 316 -83.10 -29.39 33.39
N GLU J 317 -82.12 -29.93 34.12
CA GLU J 317 -81.07 -30.74 33.54
C GLU J 317 -81.07 -32.09 34.24
N THR J 318 -80.97 -33.16 33.46
CA THR J 318 -80.93 -34.49 34.05
C THR J 318 -79.57 -35.13 33.80
N ALA J 319 -79.39 -36.34 34.30
CA ALA J 319 -78.15 -37.07 34.09
C ALA J 319 -77.94 -37.34 32.62
N THR J 320 -79.01 -37.71 31.93
CA THR J 320 -78.94 -38.10 30.52
C THR J 320 -79.28 -36.97 29.54
N ARG J 321 -79.66 -35.82 30.07
CA ARG J 321 -80.02 -34.69 29.22
C ARG J 321 -79.48 -33.37 29.75
N PRO J 322 -79.04 -32.48 28.84
CA PRO J 322 -78.76 -31.07 29.12
C PRO J 322 -80.05 -30.28 29.31
N ALA J 323 -79.94 -29.11 29.92
CA ALA J 323 -81.10 -28.34 30.34
C ALA J 323 -82.11 -28.06 29.23
N GLU J 324 -83.40 -28.16 29.59
CA GLU J 324 -84.50 -27.77 28.71
C GLU J 324 -85.44 -26.87 29.51
N LEU J 325 -86.23 -26.07 28.81
CA LEU J 325 -87.14 -25.13 29.49
C LEU J 325 -88.40 -25.83 29.99
N TYR J 326 -88.89 -25.39 31.15
CA TYR J 326 -90.08 -25.99 31.77
C TYR J 326 -91.00 -24.93 32.34
N LEU J 327 -92.31 -25.08 32.08
CA LEU J 327 -93.31 -24.18 32.64
C LEU J 327 -94.17 -24.93 33.66
N TRP J 328 -94.42 -24.30 34.81
CA TRP J 328 -95.17 -24.93 35.88
C TRP J 328 -96.44 -24.16 36.19
N ASP J 329 -97.60 -24.76 35.90
CA ASP J 329 -98.84 -24.31 36.53
C ASP J 329 -99.55 -25.51 37.14
N GLY J 330 -99.52 -25.58 38.47
CA GLY J 330 -100.21 -26.62 39.21
C GLY J 330 -99.56 -27.95 38.90
N GLU J 331 -98.70 -27.93 37.88
CA GLU J 331 -98.17 -29.12 37.23
C GLU J 331 -96.90 -28.75 36.46
N GLU J 332 -96.12 -29.74 36.09
CA GLU J 332 -94.90 -29.49 35.32
C GLU J 332 -95.04 -29.81 33.82
N ARG J 333 -94.82 -28.80 32.98
CA ARG J 333 -94.89 -28.99 31.53
C ARG J 333 -93.60 -28.55 30.83
N GLN J 334 -93.10 -29.38 29.93
CA GLN J 334 -91.88 -29.08 29.20
C GLN J 334 -92.12 -28.12 28.04
N LEU J 335 -91.45 -26.97 28.08
CA LEU J 335 -91.65 -25.94 27.07
C LEU J 335 -90.90 -26.16 25.75
N THR J 336 -89.71 -26.74 25.83
CA THR J 336 -88.88 -26.90 24.64
C THR J 336 -88.17 -28.24 24.63
N ASP J 337 -88.18 -28.92 23.48
CA ASP J 337 -87.28 -30.03 23.31
C ASP J 337 -86.30 -29.61 22.23
N TYR J 338 -85.08 -29.27 22.62
CA TYR J 338 -84.04 -28.97 21.64
C TYR J 338 -83.28 -30.20 21.14
N ASN J 339 -82.92 -31.08 22.07
CA ASN J 339 -82.03 -32.20 21.79
C ASN J 339 -82.77 -33.50 21.51
N GLY J 340 -84.10 -33.47 21.62
CA GLY J 340 -84.92 -34.65 21.46
C GLY J 340 -84.57 -35.35 20.17
N LEU J 341 -84.51 -34.58 19.10
CA LEU J 341 -84.12 -35.10 17.80
C LEU J 341 -82.73 -35.73 17.86
N ILE J 342 -81.77 -34.98 18.41
CA ILE J 342 -80.40 -35.48 18.50
C ILE J 342 -80.31 -36.72 19.39
N PHE J 343 -80.87 -36.62 20.59
CA PHE J 343 -80.80 -37.71 21.56
C PHE J 343 -81.61 -38.93 21.13
N LYS J 344 -82.41 -38.77 20.10
CA LYS J 344 -83.12 -39.91 19.51
C LYS J 344 -82.12 -40.88 18.89
N LYS J 345 -81.07 -40.33 18.28
CA LYS J 345 -80.02 -41.15 17.68
C LYS J 345 -78.81 -41.36 18.59
N LEU J 346 -78.83 -40.77 19.78
CA LEU J 346 -77.70 -40.88 20.71
C LEU J 346 -78.05 -41.66 21.98
N LYS J 347 -77.41 -42.81 22.15
CA LYS J 347 -77.68 -43.68 23.29
C LYS J 347 -77.20 -43.05 24.60
N THR J 348 -78.07 -43.05 25.60
CA THR J 348 -77.72 -42.48 26.91
C THR J 348 -77.79 -43.53 28.01
N PHE J 349 -77.02 -43.31 29.08
CA PHE J 349 -76.99 -44.25 30.21
C PHE J 349 -77.48 -43.57 31.50
N GLU J 350 -78.47 -44.17 32.16
CA GLU J 350 -78.98 -43.66 33.42
C GLU J 350 -78.24 -44.29 34.61
N PRO J 351 -77.76 -43.45 35.54
CA PRO J 351 -77.02 -43.91 36.72
C PRO J 351 -77.92 -44.66 37.71
N ARG J 352 -77.41 -45.74 38.29
CA ARG J 352 -78.16 -46.51 39.29
C ARG J 352 -77.72 -46.14 40.69
N HIS J 353 -78.64 -45.58 41.46
CA HIS J 353 -78.36 -45.19 42.84
C HIS J 353 -78.17 -46.39 43.75
N PHE J 354 -77.04 -46.42 44.46
CA PHE J 354 -76.80 -47.44 45.49
C PHE J 354 -76.23 -46.83 46.77
N ARG J 355 -76.88 -47.12 47.90
CA ARG J 355 -76.40 -46.67 49.21
C ARG J 355 -75.32 -47.62 49.72
N PHE J 356 -74.34 -47.07 50.44
CA PHE J 356 -73.26 -47.88 51.00
C PHE J 356 -72.89 -47.39 52.40
N LYS J 357 -72.23 -48.25 53.17
CA LYS J 357 -71.82 -47.88 54.52
C LYS J 357 -70.33 -47.57 54.58
N SER J 358 -69.99 -46.38 55.06
CA SER J 358 -68.59 -46.01 55.28
C SER J 358 -68.37 -45.45 56.68
N ILE J 359 -67.58 -46.16 57.49
CA ILE J 359 -67.34 -45.77 58.87
C ILE J 359 -68.64 -45.66 59.66
N ASP J 360 -68.90 -44.47 60.20
CA ASP J 360 -70.05 -44.26 61.07
C ASP J 360 -71.30 -43.80 60.31
N LEU J 361 -71.22 -43.70 58.99
CA LEU J 361 -72.35 -43.22 58.20
C LEU J 361 -72.56 -44.04 56.93
N GLU J 362 -73.72 -43.85 56.30
CA GLU J 362 -73.97 -44.44 55.00
C GLU J 362 -74.16 -43.30 54.00
N LEU J 363 -73.42 -43.35 52.90
CA LEU J 363 -73.47 -42.27 51.92
C LEU J 363 -74.09 -42.69 50.60
N ASP J 364 -74.71 -41.74 49.92
CA ASP J 364 -75.28 -41.98 48.60
C ASP J 364 -74.19 -42.32 47.58
N GLY J 365 -74.55 -43.11 46.56
CA GLY J 365 -73.61 -43.50 45.53
C GLY J 365 -74.28 -43.80 44.20
N TRP J 366 -73.52 -43.74 43.12
CA TRP J 366 -74.03 -44.00 41.77
C TRP J 366 -73.05 -44.81 40.95
N TYR J 367 -73.50 -45.29 39.80
CA TYR J 367 -72.63 -45.98 38.86
C TYR J 367 -73.39 -46.34 37.60
N ILE J 368 -72.64 -46.68 36.56
CA ILE J 368 -73.22 -46.93 35.26
C ILE J 368 -72.63 -48.20 34.67
N LYS J 369 -73.49 -49.03 34.07
CA LYS J 369 -73.05 -50.26 33.47
C LYS J 369 -73.13 -50.16 31.94
N PRO J 370 -71.98 -50.33 31.27
CA PRO J 370 -71.93 -50.28 29.81
C PRO J 370 -72.52 -51.55 29.20
N GLU J 371 -72.42 -51.72 27.89
CA GLU J 371 -72.85 -52.96 27.26
C GLU J 371 -71.66 -53.89 27.18
N ILE J 372 -71.72 -54.98 27.95
CA ILE J 372 -70.62 -55.93 28.01
C ILE J 372 -71.05 -57.31 27.49
N LYS J 373 -70.10 -58.05 26.93
CA LYS J 373 -70.39 -59.37 26.36
C LYS J 373 -70.57 -60.45 27.43
N GLU J 374 -70.21 -60.12 28.66
CA GLU J 374 -70.31 -61.05 29.79
C GLU J 374 -69.31 -62.21 29.68
N GLY J 375 -68.69 -62.35 28.51
CA GLY J 375 -67.64 -63.33 28.32
C GLY J 375 -66.36 -62.80 28.95
N GLU J 376 -66.40 -61.51 29.31
CA GLU J 376 -65.29 -60.82 29.94
C GLU J 376 -65.80 -59.78 30.92
N LYS J 377 -64.91 -58.94 31.43
CA LYS J 377 -65.29 -57.89 32.36
C LYS J 377 -65.09 -56.52 31.71
N ALA J 378 -65.41 -55.46 32.44
CA ALA J 378 -65.22 -54.10 31.95
C ALA J 378 -64.36 -53.29 32.92
N PRO J 379 -63.51 -52.40 32.39
CA PRO J 379 -62.66 -51.55 33.22
C PRO J 379 -63.49 -50.55 33.99
N VAL J 380 -62.97 -50.03 35.10
CA VAL J 380 -63.75 -49.13 35.94
C VAL J 380 -63.09 -47.76 36.08
N ILE J 381 -63.90 -46.70 36.06
CA ILE J 381 -63.42 -45.34 36.25
C ILE J 381 -64.17 -44.64 37.38
N VAL J 382 -63.40 -44.18 38.37
CA VAL J 382 -63.98 -43.52 39.54
C VAL J 382 -63.87 -42.00 39.43
N PHE J 383 -65.01 -41.33 39.49
CA PHE J 383 -65.05 -39.87 39.41
C PHE J 383 -65.19 -39.25 40.80
N VAL J 384 -64.32 -38.28 41.08
CA VAL J 384 -64.33 -37.57 42.35
C VAL J 384 -64.62 -36.11 42.11
N HIS J 385 -65.73 -35.63 42.64
CA HIS J 385 -66.18 -34.27 42.36
C HIS J 385 -65.29 -33.24 43.03
N GLY J 386 -65.33 -32.01 42.49
CA GLY J 386 -64.60 -30.90 43.08
C GLY J 386 -65.19 -30.65 44.45
N GLY J 387 -64.60 -29.73 45.21
CA GLY J 387 -65.01 -29.60 46.59
C GLY J 387 -64.19 -28.72 47.50
N PRO J 388 -64.22 -29.01 48.80
CA PRO J 388 -64.90 -30.22 49.29
C PRO J 388 -66.43 -30.17 49.18
N LYS J 389 -67.01 -28.98 49.11
CA LYS J 389 -68.45 -28.86 49.27
C LYS J 389 -69.24 -29.14 48.00
N GLY J 390 -68.54 -29.49 46.92
CA GLY J 390 -69.20 -29.89 45.69
C GLY J 390 -70.05 -31.14 45.89
N MET J 391 -70.93 -31.42 44.93
CA MET J 391 -71.81 -32.58 45.03
C MET J 391 -72.06 -33.26 43.68
N TYR J 392 -71.97 -34.59 43.66
CA TYR J 392 -72.37 -35.35 42.48
C TYR J 392 -73.86 -35.67 42.58
N GLY J 393 -74.39 -36.34 41.57
CA GLY J 393 -75.83 -36.50 41.48
C GLY J 393 -76.27 -36.69 40.05
N TYR J 394 -77.51 -36.32 39.75
CA TYR J 394 -77.99 -36.44 38.38
C TYR J 394 -77.96 -35.07 37.71
N TYR J 395 -76.97 -34.90 36.83
CA TYR J 395 -76.82 -33.71 36.00
C TYR J 395 -75.93 -34.17 34.86
N PHE J 396 -75.87 -33.43 33.77
CA PHE J 396 -75.17 -33.97 32.62
C PHE J 396 -73.67 -33.81 32.85
N LYS J 397 -72.98 -34.95 32.93
CA LYS J 397 -71.52 -34.94 33.00
C LYS J 397 -71.03 -35.62 31.75
N TYR J 398 -70.48 -34.82 30.84
CA TYR J 398 -70.21 -35.30 29.50
C TYR J 398 -69.26 -36.48 29.51
N GLU J 399 -68.17 -36.34 30.26
CA GLU J 399 -67.12 -37.36 30.27
C GLU J 399 -67.69 -38.73 30.65
N MET J 400 -68.69 -38.71 31.55
CA MET J 400 -69.29 -39.96 32.03
C MET J 400 -70.05 -40.73 30.96
N GLN J 401 -70.98 -40.05 30.29
CA GLN J 401 -71.72 -40.64 29.19
C GLN J 401 -70.77 -41.13 28.09
N LEU J 402 -69.73 -40.36 27.81
CA LEU J 402 -68.77 -40.72 26.77
C LEU J 402 -67.98 -41.98 27.12
N MET J 403 -67.38 -41.99 28.32
CA MET J 403 -66.55 -43.12 28.75
C MET J 403 -67.36 -44.39 28.91
N ALA J 404 -68.62 -44.23 29.32
CA ALA J 404 -69.52 -45.37 29.42
C ALA J 404 -69.74 -45.98 28.04
N SER J 405 -69.90 -45.13 27.03
CA SER J 405 -70.17 -45.56 25.66
C SER J 405 -68.96 -46.25 25.04
N LYS J 406 -67.79 -46.02 25.63
CA LYS J 406 -66.55 -46.68 25.22
C LYS J 406 -66.41 -47.97 26.02
N GLY J 407 -67.44 -48.28 26.79
CA GLY J 407 -67.51 -49.48 27.60
C GLY J 407 -66.79 -49.48 28.94
N TYR J 408 -66.90 -48.37 29.66
CA TYR J 408 -66.29 -48.24 30.99
C TYR J 408 -67.34 -48.20 32.09
N TYR J 409 -67.10 -48.96 33.16
CA TYR J 409 -67.90 -48.83 34.38
C TYR J 409 -67.63 -47.44 34.95
N ILE J 410 -68.69 -46.75 35.37
CA ILE J 410 -68.55 -45.40 35.89
C ILE J 410 -69.07 -45.32 37.33
N VAL J 411 -68.18 -45.07 38.29
CA VAL J 411 -68.60 -45.01 39.69
C VAL J 411 -68.18 -43.73 40.40
N TYR J 412 -69.15 -43.11 41.09
CA TYR J 412 -68.90 -41.87 41.83
C TYR J 412 -69.79 -41.78 43.06
N VAL J 413 -69.26 -41.21 44.13
CA VAL J 413 -69.96 -41.09 45.42
C VAL J 413 -69.86 -39.68 45.98
N ASN J 414 -70.62 -39.41 47.04
CA ASN J 414 -70.54 -38.14 47.74
C ASN J 414 -70.09 -38.35 49.18
N PRO J 415 -68.76 -38.39 49.39
CA PRO J 415 -68.09 -38.58 50.68
C PRO J 415 -68.34 -37.40 51.60
N ARG J 416 -68.09 -37.55 52.88
CA ARG J 416 -68.39 -36.48 53.84
C ARG J 416 -67.73 -35.16 53.43
N GLY J 417 -68.46 -34.07 53.66
CA GLY J 417 -68.07 -32.76 53.19
C GLY J 417 -68.91 -32.29 52.02
N SER J 418 -69.58 -33.24 51.37
CA SER J 418 -70.37 -32.94 50.17
C SER J 418 -71.60 -32.10 50.46
N ASN J 419 -72.11 -31.44 49.43
CA ASN J 419 -73.33 -30.67 49.56
C ASN J 419 -74.54 -31.59 49.43
N GLY J 420 -75.74 -31.01 49.56
CA GLY J 420 -76.97 -31.79 49.49
C GLY J 420 -77.13 -32.74 50.65
N TYR J 421 -76.74 -32.27 51.84
CA TYR J 421 -76.86 -33.08 53.04
C TYR J 421 -76.91 -32.16 54.27
N SER J 422 -76.81 -32.74 55.45
CA SER J 422 -76.81 -31.96 56.68
C SER J 422 -75.51 -31.18 56.82
N GLU J 423 -75.58 -30.05 57.51
CA GLU J 423 -74.41 -29.23 57.78
C GLU J 423 -73.25 -30.04 58.34
N ASP J 424 -73.46 -30.66 59.50
CA ASP J 424 -72.45 -31.47 60.17
C ASP J 424 -71.74 -32.40 59.18
N PHE J 425 -72.49 -33.28 58.53
CA PHE J 425 -71.94 -34.22 57.55
C PHE J 425 -71.01 -33.51 56.56
N ALA J 426 -71.32 -32.26 56.26
CA ALA J 426 -70.46 -31.45 55.39
C ALA J 426 -69.22 -30.91 56.12
N LEU J 427 -69.39 -30.45 57.35
CA LEU J 427 -68.30 -29.84 58.11
C LEU J 427 -67.28 -30.87 58.57
N ARG J 428 -67.64 -32.14 58.50
CA ARG J 428 -66.79 -33.24 58.96
C ARG J 428 -65.43 -33.26 58.28
N VAL J 429 -65.34 -32.68 57.10
CA VAL J 429 -64.12 -32.75 56.30
C VAL J 429 -63.03 -31.76 56.71
N LEU J 430 -63.42 -30.70 57.42
CA LEU J 430 -62.47 -29.65 57.76
C LEU J 430 -61.25 -30.23 58.48
N GLU J 431 -60.07 -29.89 57.98
CA GLU J 431 -58.80 -30.36 58.54
C GLU J 431 -58.61 -31.87 58.36
N ARG J 432 -59.67 -32.52 57.88
CA ARG J 432 -59.68 -33.96 57.69
C ARG J 432 -59.38 -34.42 56.26
N THR J 433 -59.07 -33.47 55.38
CA THR J 433 -58.91 -33.78 53.96
C THR J 433 -57.92 -34.92 53.73
N GLY J 434 -58.33 -35.90 52.94
CA GLY J 434 -57.48 -37.03 52.60
C GLY J 434 -57.61 -38.17 53.60
N LEU J 435 -58.36 -37.95 54.66
CA LEU J 435 -58.48 -38.94 55.73
C LEU J 435 -59.78 -39.74 55.63
N GLU J 436 -60.90 -39.10 55.96
CA GLU J 436 -62.19 -39.77 55.96
C GLU J 436 -62.78 -39.93 54.57
N ASP J 437 -62.71 -38.87 53.77
CA ASP J 437 -63.26 -38.90 52.42
C ASP J 437 -62.67 -40.02 51.57
N PHE J 438 -61.35 -40.17 51.62
CA PHE J 438 -60.68 -41.26 50.91
C PHE J 438 -61.27 -42.58 51.39
N GLN J 439 -61.38 -42.74 52.71
CA GLN J 439 -62.02 -43.92 53.28
C GLN J 439 -63.40 -44.11 52.64
N ASP J 440 -64.23 -43.06 52.69
CA ASP J 440 -65.54 -43.09 52.06
C ASP J 440 -65.45 -43.61 50.63
N ILE J 441 -64.75 -42.88 49.77
CA ILE J 441 -64.61 -43.25 48.37
C ILE J 441 -64.19 -44.71 48.21
N LEU J 442 -63.24 -45.16 49.03
CA LEU J 442 -62.76 -46.54 48.97
C LEU J 442 -63.86 -47.55 49.28
N ASN J 443 -64.69 -47.23 50.28
CA ASN J 443 -65.78 -48.11 50.66
C ASN J 443 -66.84 -48.21 49.57
N GLY J 444 -67.19 -47.07 48.97
CA GLY J 444 -68.13 -47.03 47.88
C GLY J 444 -67.69 -47.90 46.73
N ILE J 445 -66.38 -47.96 46.51
CA ILE J 445 -65.79 -48.83 45.50
C ILE J 445 -65.96 -50.30 45.91
N GLU J 446 -65.83 -50.57 47.20
CA GLU J 446 -66.03 -51.91 47.73
C GLU J 446 -67.45 -52.41 47.41
N GLU J 447 -68.44 -51.64 47.84
CA GLU J 447 -69.85 -51.91 47.52
C GLU J 447 -70.08 -52.15 46.04
N PHE J 448 -69.80 -51.14 45.23
CA PHE J 448 -69.95 -51.24 43.79
C PHE J 448 -69.33 -52.54 43.26
N LEU J 449 -68.12 -52.86 43.70
CA LEU J 449 -67.45 -54.07 43.26
C LEU J 449 -68.24 -55.33 43.62
N ARG J 450 -68.97 -55.28 44.72
CA ARG J 450 -69.80 -56.39 45.15
C ARG J 450 -71.06 -56.51 44.29
N LEU J 451 -71.74 -55.38 44.09
CA LEU J 451 -72.98 -55.36 43.32
C LEU J 451 -72.77 -55.81 41.88
N GLU J 452 -71.58 -55.54 41.34
CA GLU J 452 -71.29 -55.82 39.95
C GLU J 452 -70.07 -56.71 39.78
N PRO J 453 -70.30 -58.03 39.73
CA PRO J 453 -69.24 -59.03 39.54
C PRO J 453 -68.52 -58.85 38.20
N GLN J 454 -69.14 -58.14 37.27
CA GLN J 454 -68.54 -57.92 35.95
C GLN J 454 -67.53 -56.79 35.94
N ALA J 455 -67.58 -55.93 36.95
CA ALA J 455 -66.59 -54.87 37.10
C ALA J 455 -65.24 -55.52 37.36
N ASP J 456 -64.22 -55.10 36.60
CA ASP J 456 -62.91 -55.72 36.69
C ASP J 456 -62.09 -55.04 37.78
N ARG J 457 -61.74 -55.79 38.82
CA ARG J 457 -60.98 -55.24 39.93
C ARG J 457 -59.52 -55.03 39.54
N GLU J 458 -59.11 -55.74 38.50
CA GLU J 458 -57.74 -55.67 38.00
C GLU J 458 -57.50 -54.38 37.21
N ARG J 459 -58.55 -53.88 36.56
CA ARG J 459 -58.47 -52.55 35.93
C ARG J 459 -59.46 -51.57 36.56
N ILE J 460 -58.93 -50.62 37.32
CA ILE J 460 -59.73 -49.57 37.92
C ILE J 460 -58.91 -48.29 37.91
N GLY J 461 -59.57 -47.16 37.71
CA GLY J 461 -58.86 -45.89 37.63
C GLY J 461 -59.70 -44.76 38.17
N ILE J 462 -59.05 -43.64 38.46
CA ILE J 462 -59.72 -42.53 39.11
C ILE J 462 -59.32 -41.22 38.46
N THR J 463 -60.28 -40.29 38.39
CA THR J 463 -60.01 -38.97 37.84
C THR J 463 -60.85 -37.93 38.58
N GLY J 464 -60.73 -36.68 38.17
CA GLY J 464 -61.47 -35.60 38.80
C GLY J 464 -60.83 -34.26 38.56
N ILE J 465 -61.53 -33.21 38.99
CA ILE J 465 -61.05 -31.85 38.82
C ILE J 465 -61.05 -31.15 40.18
N ALA J 466 -60.22 -30.12 40.30
CA ALA J 466 -60.10 -29.39 41.55
C ALA J 466 -59.77 -30.32 42.71
N TYR J 467 -60.60 -30.30 43.75
CA TYR J 467 -60.41 -31.17 44.90
C TYR J 467 -60.44 -32.62 44.44
N GLY J 468 -61.08 -32.86 43.30
CA GLY J 468 -61.15 -34.18 42.69
C GLY J 468 -59.83 -34.56 42.06
N GLY J 469 -59.13 -33.57 41.52
CA GLY J 469 -57.78 -33.76 41.05
C GLY J 469 -56.88 -34.08 42.22
N TYR J 470 -56.98 -33.28 43.27
CA TYR J 470 -56.22 -33.55 44.50
C TYR J 470 -56.49 -34.95 45.01
N MET J 471 -57.76 -35.32 45.12
CA MET J 471 -58.14 -36.64 45.60
C MET J 471 -57.51 -37.74 44.75
N THR J 472 -57.35 -37.47 43.45
CA THR J 472 -56.69 -38.40 42.56
C THR J 472 -55.23 -38.57 42.97
N ASN J 473 -54.51 -37.44 43.10
CA ASN J 473 -53.11 -37.48 43.54
C ASN J 473 -52.99 -38.22 44.85
N TRP J 474 -53.92 -37.94 45.76
CA TRP J 474 -53.94 -38.56 47.07
C TRP J 474 -54.13 -40.07 46.93
N ALA J 475 -55.02 -40.47 46.03
CA ALA J 475 -55.31 -41.88 45.84
C ALA J 475 -54.10 -42.66 45.32
N LEU J 476 -53.34 -42.06 44.40
CA LEU J 476 -52.20 -42.74 43.79
C LEU J 476 -51.01 -42.89 44.72
N THR J 477 -50.87 -41.99 45.69
CA THR J 477 -49.83 -42.10 46.71
C THR J 477 -50.20 -43.10 47.81
N GLN J 478 -51.46 -43.07 48.23
CA GLN J 478 -51.91 -43.88 49.36
C GLN J 478 -52.22 -45.34 49.04
N SER J 479 -52.91 -45.58 47.93
CA SER J 479 -53.39 -46.93 47.61
C SER J 479 -52.74 -47.52 46.37
N ASP J 480 -52.54 -48.83 46.37
CA ASP J 480 -52.00 -49.54 45.22
C ASP J 480 -53.10 -50.07 44.33
N LEU J 481 -54.35 -49.76 44.70
CA LEU J 481 -55.54 -50.26 43.98
C LEU J 481 -55.67 -49.78 42.52
N PHE J 482 -55.48 -48.48 42.29
CA PHE J 482 -55.73 -47.90 40.97
C PHE J 482 -54.61 -48.13 39.96
N LYS J 483 -54.97 -48.56 38.76
CA LYS J 483 -53.99 -48.79 37.70
C LYS J 483 -53.72 -47.55 36.83
N ALA J 484 -54.55 -46.52 36.98
CA ALA J 484 -54.35 -45.29 36.25
C ALA J 484 -55.07 -44.13 36.92
N GLY J 485 -54.67 -42.91 36.58
CA GLY J 485 -55.37 -41.72 37.05
C GLY J 485 -55.20 -40.52 36.14
N ILE J 486 -56.16 -39.61 36.19
CA ILE J 486 -56.04 -38.33 35.51
C ILE J 486 -56.46 -37.18 36.42
N SER J 487 -55.51 -36.32 36.75
CA SER J 487 -55.75 -35.23 37.68
C SER J 487 -55.80 -33.90 36.95
N GLU J 488 -56.79 -33.08 37.26
CA GLU J 488 -56.94 -31.79 36.61
C GLU J 488 -57.05 -30.63 37.59
N ASN J 489 -56.19 -29.64 37.41
CA ASN J 489 -56.26 -28.42 38.20
C ASN J 489 -56.38 -28.76 39.67
N GLY J 490 -55.64 -29.76 40.10
CA GLY J 490 -55.71 -30.23 41.46
C GLY J 490 -54.79 -29.48 42.40
N ILE J 491 -54.52 -30.10 43.54
CA ILE J 491 -53.62 -29.54 44.54
C ILE J 491 -52.61 -30.60 44.94
N SER J 492 -51.33 -30.35 44.66
CA SER J 492 -50.27 -31.21 45.21
C SER J 492 -49.70 -30.75 46.56
N TYR J 493 -49.94 -29.49 46.91
CA TYR J 493 -49.43 -28.92 48.16
C TYR J 493 -50.41 -27.92 48.75
N TRP J 494 -50.74 -28.03 50.03
CA TRP J 494 -51.71 -27.12 50.64
C TRP J 494 -51.14 -25.75 50.99
N LEU J 495 -49.85 -25.71 51.29
CA LEU J 495 -49.20 -24.47 51.66
C LEU J 495 -49.30 -23.45 50.53
N THR J 496 -48.85 -23.85 49.34
CA THR J 496 -48.91 -23.01 48.15
C THR J 496 -50.34 -22.68 47.74
N SER J 497 -51.28 -23.55 48.08
CA SER J 497 -52.69 -23.25 47.82
C SER J 497 -53.10 -22.06 48.69
N TYR J 498 -52.62 -22.05 49.92
CA TYR J 498 -52.92 -20.99 50.86
C TYR J 498 -52.29 -19.65 50.46
N ALA J 499 -51.00 -19.69 50.14
CA ALA J 499 -50.25 -18.48 49.76
C ALA J 499 -50.48 -18.01 48.33
N PHE J 500 -50.41 -18.92 47.39
CA PHE J 500 -50.52 -18.59 45.96
C PHE J 500 -51.95 -18.40 45.42
N SER J 501 -52.86 -19.27 45.83
CA SER J 501 -54.21 -19.33 45.24
C SER J 501 -55.09 -18.13 45.62
N ASP J 502 -56.04 -17.83 44.74
CA ASP J 502 -56.91 -16.67 44.88
C ASP J 502 -57.75 -16.63 46.17
N ILE J 503 -58.34 -17.77 46.53
CA ILE J 503 -59.11 -17.84 47.77
C ILE J 503 -58.30 -18.43 48.94
N GLY J 504 -57.04 -18.72 48.70
CA GLY J 504 -56.21 -19.44 49.66
C GLY J 504 -56.16 -18.87 51.06
N LEU J 505 -56.10 -17.54 51.17
CA LEU J 505 -55.86 -16.89 52.45
C LEU J 505 -56.85 -17.26 53.54
N TRP J 506 -58.10 -17.48 53.15
CA TRP J 506 -59.14 -17.93 54.08
C TRP J 506 -59.42 -19.42 53.92
N PHE J 507 -59.87 -19.80 52.73
CA PHE J 507 -60.34 -21.16 52.45
C PHE J 507 -59.40 -22.23 53.00
N ASP J 508 -58.09 -22.01 52.91
CA ASP J 508 -57.12 -22.96 53.44
C ASP J 508 -57.09 -23.02 54.96
N LYS J 509 -57.22 -21.87 55.61
CA LYS J 509 -57.21 -21.83 57.07
C LYS J 509 -58.38 -22.60 57.67
N GLU J 510 -59.37 -22.91 56.82
CA GLU J 510 -60.58 -23.62 57.24
C GLU J 510 -60.52 -25.11 56.90
N VAL J 511 -60.42 -25.41 55.62
CA VAL J 511 -60.37 -26.80 55.15
C VAL J 511 -59.12 -27.57 55.58
N ILE J 512 -58.06 -26.84 55.93
CA ILE J 512 -56.80 -27.48 56.36
C ILE J 512 -56.49 -27.20 57.84
N GLY J 513 -56.29 -25.93 58.16
CA GLY J 513 -56.02 -25.51 59.53
C GLY J 513 -55.51 -24.08 59.54
N ASP J 514 -55.36 -23.49 60.72
CA ASP J 514 -54.76 -22.16 60.79
C ASP J 514 -53.26 -22.26 61.13
N ASN J 515 -52.58 -21.12 61.17
CA ASN J 515 -51.13 -21.07 61.31
C ASN J 515 -50.44 -22.07 60.38
N PRO J 516 -50.53 -21.82 59.06
CA PRO J 516 -50.01 -22.71 58.01
C PRO J 516 -48.49 -22.82 58.00
N LEU J 517 -47.81 -21.72 58.30
CA LEU J 517 -46.35 -21.72 58.37
C LEU J 517 -45.84 -22.64 59.48
N GLU J 518 -46.73 -22.95 60.41
CA GLU J 518 -46.48 -23.88 61.50
C GLU J 518 -47.11 -25.22 61.17
N ASN J 519 -48.44 -25.18 61.00
CA ASN J 519 -49.28 -26.36 61.01
C ASN J 519 -48.71 -27.45 60.10
N GLU J 520 -48.55 -28.65 60.67
CA GLU J 520 -47.88 -29.75 60.00
C GLU J 520 -48.85 -30.55 59.16
N ASN J 521 -50.13 -30.24 59.31
CA ASN J 521 -51.20 -30.87 58.55
C ASN J 521 -51.06 -30.50 57.07
N TYR J 522 -50.60 -29.29 56.81
CA TYR J 522 -50.36 -28.84 55.44
C TYR J 522 -49.39 -29.77 54.71
N ARG J 523 -48.35 -30.22 55.41
CA ARG J 523 -47.42 -31.17 54.81
C ARG J 523 -47.94 -32.62 54.83
N LYS J 524 -48.54 -33.02 55.96
CA LYS J 524 -48.97 -34.41 56.14
C LYS J 524 -50.16 -34.78 55.27
N LEU J 525 -50.93 -33.77 54.90
CA LEU J 525 -52.13 -33.95 54.10
C LEU J 525 -51.93 -33.75 52.60
N SER J 526 -50.69 -33.57 52.16
CA SER J 526 -50.46 -33.29 50.75
C SER J 526 -49.63 -34.37 50.06
N PRO J 527 -50.01 -34.69 48.81
CA PRO J 527 -49.46 -35.80 48.04
C PRO J 527 -48.03 -35.58 47.59
N LEU J 528 -47.63 -34.32 47.42
CA LEU J 528 -46.30 -34.01 46.92
C LEU J 528 -45.23 -34.75 47.71
N PHE J 529 -45.44 -34.88 49.01
CA PHE J 529 -44.45 -35.57 49.86
C PHE J 529 -44.53 -37.08 49.75
N TYR J 530 -45.71 -37.60 49.43
CA TYR J 530 -45.94 -39.03 49.32
C TYR J 530 -45.64 -39.53 47.91
N ALA J 531 -45.10 -38.62 47.10
CA ALA J 531 -44.83 -38.88 45.68
C ALA J 531 -44.05 -40.17 45.44
N LYS J 532 -43.22 -40.54 46.41
CA LYS J 532 -42.40 -41.75 46.26
C LYS J 532 -43.25 -43.01 46.11
N ASN J 533 -44.52 -42.92 46.48
CA ASN J 533 -45.40 -44.09 46.56
C ASN J 533 -46.17 -44.46 45.28
N VAL J 534 -46.11 -43.61 44.27
CA VAL J 534 -47.00 -43.78 43.12
C VAL J 534 -46.50 -44.87 42.17
N LYS J 535 -47.29 -45.92 42.00
CA LYS J 535 -47.00 -46.96 41.01
C LYS J 535 -47.80 -46.85 39.70
N ALA J 536 -48.73 -45.91 39.65
CA ALA J 536 -49.70 -45.84 38.55
C ALA J 536 -49.42 -44.69 37.59
N PRO J 537 -49.33 -45.00 36.29
CA PRO J 537 -49.14 -43.93 35.30
C PRO J 537 -50.20 -42.84 35.46
N LEU J 538 -49.75 -41.59 35.49
CA LEU J 538 -50.65 -40.48 35.79
C LEU J 538 -50.60 -39.39 34.72
N LEU J 539 -51.78 -38.84 34.43
CA LEU J 539 -51.89 -37.73 33.50
C LEU J 539 -52.32 -36.46 34.21
N LEU J 540 -51.49 -35.41 34.11
CA LEU J 540 -51.79 -34.14 34.74
C LEU J 540 -52.25 -33.11 33.72
N ILE J 541 -53.44 -32.58 33.91
CA ILE J 541 -54.00 -31.56 33.02
C ILE J 541 -54.17 -30.25 33.76
N HIS J 542 -53.88 -29.13 33.09
CA HIS J 542 -53.97 -27.83 33.72
C HIS J 542 -54.11 -26.69 32.70
N SER J 543 -54.56 -25.52 33.16
CA SER J 543 -54.63 -24.34 32.29
C SER J 543 -53.96 -23.13 32.94
N LEU J 544 -53.30 -22.31 32.11
CA LEU J 544 -52.49 -21.20 32.60
C LEU J 544 -53.31 -20.07 33.22
N GLU J 545 -54.59 -20.02 32.90
CA GLU J 545 -55.46 -18.97 33.41
C GLU J 545 -56.22 -19.35 34.69
N ASP J 546 -55.89 -20.51 35.25
CA ASP J 546 -56.61 -20.98 36.43
C ASP J 546 -55.93 -20.44 37.68
N TYR J 547 -56.64 -19.54 38.34
CA TYR J 547 -56.15 -18.93 39.57
C TYR J 547 -56.75 -19.56 40.81
N ARG J 548 -57.66 -20.51 40.61
CA ARG J 548 -58.25 -21.22 41.72
C ARG J 548 -57.25 -22.23 42.27
N CYS J 549 -56.67 -23.01 41.37
CA CYS J 549 -55.61 -23.95 41.70
C CYS J 549 -54.45 -23.68 40.76
N PRO J 550 -53.53 -22.81 41.18
CA PRO J 550 -52.46 -22.30 40.31
C PRO J 550 -51.59 -23.41 39.70
N LEU J 551 -50.91 -23.09 38.62
CA LEU J 551 -50.15 -24.07 37.83
C LEU J 551 -49.18 -24.91 38.65
N ASP J 552 -48.63 -24.33 39.72
CA ASP J 552 -47.63 -25.01 40.54
C ASP J 552 -48.12 -26.38 41.01
N GLN J 553 -49.40 -26.45 41.33
CA GLN J 553 -49.99 -27.66 41.87
C GLN J 553 -49.66 -28.89 41.02
N SER J 554 -49.92 -28.78 39.73
CA SER J 554 -49.65 -29.87 38.78
C SER J 554 -48.19 -29.94 38.38
N LEU J 555 -47.61 -28.77 38.11
CA LEU J 555 -46.24 -28.69 37.62
C LEU J 555 -45.27 -29.27 38.63
N MET J 556 -45.29 -28.74 39.85
CA MET J 556 -44.40 -29.22 40.88
C MET J 556 -44.50 -30.73 41.03
N PHE J 557 -45.73 -31.23 41.11
CA PHE J 557 -45.97 -32.66 41.26
C PHE J 557 -45.39 -33.45 40.09
N TYR J 558 -45.65 -32.97 38.87
CA TYR J 558 -45.10 -33.62 37.70
C TYR J 558 -43.57 -33.68 37.77
N HIS J 559 -42.94 -32.54 38.06
CA HIS J 559 -41.48 -32.46 38.15
C HIS J 559 -40.91 -33.44 39.15
N VAL J 560 -41.43 -33.38 40.37
CA VAL J 560 -41.02 -34.28 41.43
C VAL J 560 -41.20 -35.73 40.99
N LEU J 561 -42.40 -36.08 40.53
CA LEU J 561 -42.69 -37.43 40.06
C LEU J 561 -41.71 -37.85 38.97
N LYS J 562 -41.27 -36.91 38.15
CA LYS J 562 -40.32 -37.22 37.08
C LYS J 562 -38.93 -37.38 37.66
N ASP J 563 -38.64 -36.62 38.72
CA ASP J 563 -37.35 -36.70 39.39
C ASP J 563 -37.22 -38.04 40.09
N LEU J 564 -38.37 -38.65 40.39
CA LEU J 564 -38.42 -39.93 41.07
C LEU J 564 -38.54 -41.10 40.09
N GLY J 565 -38.52 -40.79 38.80
CA GLY J 565 -38.54 -41.81 37.77
C GLY J 565 -39.89 -42.45 37.50
N LYS J 566 -40.96 -41.81 37.98
CA LYS J 566 -42.32 -42.30 37.77
C LYS J 566 -42.79 -42.05 36.33
N GLU J 567 -43.82 -42.77 35.89
CA GLU J 567 -44.39 -42.49 34.58
C GLU J 567 -45.55 -41.51 34.71
N VAL J 568 -45.33 -40.30 34.20
CA VAL J 568 -46.32 -39.25 34.33
C VAL J 568 -46.26 -38.31 33.15
N TYR J 569 -47.40 -37.69 32.85
CA TYR J 569 -47.52 -36.80 31.72
C TYR J 569 -48.31 -35.56 32.14
N ILE J 570 -47.91 -34.40 31.61
CA ILE J 570 -48.59 -33.15 31.91
C ILE J 570 -49.01 -32.43 30.62
N ALA J 571 -50.28 -32.03 30.56
CA ALA J 571 -50.78 -31.24 29.43
C ALA J 571 -51.24 -29.88 29.93
N ILE J 572 -50.55 -28.83 29.51
CA ILE J 572 -50.88 -27.49 29.97
C ILE J 572 -51.56 -26.69 28.88
N PHE J 573 -52.84 -26.38 29.07
CA PHE J 573 -53.57 -25.61 28.08
C PHE J 573 -53.28 -24.13 28.20
N LYS J 574 -52.77 -23.55 27.12
CA LYS J 574 -52.27 -22.18 27.10
C LYS J 574 -53.31 -21.15 27.54
N LYS J 575 -54.59 -21.48 27.38
CA LYS J 575 -55.67 -20.56 27.76
C LYS J 575 -56.72 -21.28 28.60
N GLY J 576 -57.58 -20.50 29.25
CA GLY J 576 -58.67 -21.06 30.04
C GLY J 576 -58.44 -21.09 31.54
N ALA J 577 -59.54 -20.94 32.28
CA ALA J 577 -59.52 -20.87 33.74
C ALA J 577 -59.74 -22.24 34.39
N HIS J 578 -59.94 -22.23 35.70
CA HIS J 578 -60.16 -23.44 36.48
C HIS J 578 -61.23 -24.34 35.83
N GLY J 579 -62.28 -23.73 35.31
CA GLY J 579 -63.38 -24.46 34.71
C GLY J 579 -63.21 -24.70 33.22
N HIS J 580 -61.97 -24.63 32.73
CA HIS J 580 -61.69 -24.68 31.31
C HIS J 580 -62.27 -25.90 30.57
N SER J 581 -62.50 -26.99 31.30
CA SER J 581 -63.04 -28.20 30.70
C SER J 581 -64.38 -27.91 30.02
N ILE J 582 -65.33 -27.40 30.79
CA ILE J 582 -66.62 -26.97 30.26
C ILE J 582 -66.59 -25.58 29.63
N ARG J 583 -65.78 -24.69 30.19
CA ARG J 583 -65.80 -23.27 29.81
C ARG J 583 -64.83 -22.89 28.69
N GLY J 584 -63.97 -23.82 28.29
CA GLY J 584 -62.94 -23.52 27.30
C GLY J 584 -63.50 -23.41 25.90
N SER J 585 -62.72 -22.82 24.99
CA SER J 585 -63.14 -22.72 23.60
C SER J 585 -63.42 -24.11 23.08
N PRO J 586 -64.29 -24.22 22.07
CA PRO J 586 -64.74 -25.52 21.56
C PRO J 586 -63.58 -26.44 21.18
N ARG J 587 -62.61 -25.89 20.45
CA ARG J 587 -61.49 -26.70 19.96
C ARG J 587 -60.63 -27.12 21.13
N HIS J 588 -60.51 -26.20 22.09
CA HIS J 588 -59.78 -26.46 23.32
C HIS J 588 -60.41 -27.66 24.02
N ARG J 589 -61.69 -27.53 24.33
CA ARG J 589 -62.42 -28.59 25.05
C ARG J 589 -62.33 -29.91 24.30
N MET J 590 -62.54 -29.86 22.99
CA MET J 590 -62.45 -31.06 22.14
C MET J 590 -61.15 -31.78 22.38
N LYS J 591 -60.05 -31.03 22.29
CA LYS J 591 -58.73 -31.59 22.48
C LYS J 591 -58.59 -32.18 23.87
N ARG J 592 -59.17 -31.52 24.87
CA ARG J 592 -59.16 -32.07 26.21
C ARG J 592 -59.85 -33.42 26.22
N TYR J 593 -61.05 -33.48 25.67
CA TYR J 593 -61.86 -34.69 25.66
C TYR J 593 -61.16 -35.89 25.01
N LYS J 594 -60.60 -35.65 23.83
CA LYS J 594 -59.87 -36.68 23.10
C LYS J 594 -58.72 -37.21 23.97
N LEU J 595 -57.99 -36.29 24.60
CA LEU J 595 -56.86 -36.63 25.46
C LEU J 595 -57.32 -37.45 26.67
N PHE J 596 -58.48 -37.10 27.22
CA PHE J 596 -59.04 -37.78 28.36
C PHE J 596 -59.32 -39.25 28.05
N MET J 597 -60.14 -39.48 27.04
CA MET J 597 -60.53 -40.84 26.69
C MET J 597 -59.37 -41.67 26.10
N GLU J 598 -58.50 -41.02 25.35
CA GLU J 598 -57.37 -41.71 24.73
C GLU J 598 -56.38 -42.24 25.76
N PHE J 599 -56.17 -41.48 26.84
CA PHE J 599 -55.24 -41.88 27.89
C PHE J 599 -55.83 -43.02 28.73
N PHE J 600 -57.13 -42.96 28.98
CA PHE J 600 -57.81 -44.02 29.70
C PHE J 600 -57.83 -45.31 28.90
N GLU J 601 -57.96 -45.17 27.58
CA GLU J 601 -57.99 -46.32 26.68
C GLU J 601 -56.66 -47.04 26.68
N ARG J 602 -55.58 -46.27 26.57
CA ARG J 602 -54.23 -46.81 26.48
C ARG J 602 -53.55 -47.21 27.80
N LYS J 603 -53.77 -46.44 28.86
CA LYS J 603 -53.13 -46.76 30.14
C LYS J 603 -54.01 -47.55 31.11
N LEU J 604 -55.25 -47.83 30.72
CA LEU J 604 -56.19 -48.47 31.63
C LEU J 604 -56.84 -49.72 31.04
N LYS J 605 -57.64 -49.54 29.99
CA LYS J 605 -58.36 -50.66 29.39
C LYS J 605 -57.38 -51.76 29.00
N LYS J 606 -56.42 -51.40 28.15
CA LYS J 606 -55.30 -52.27 27.84
C LYS J 606 -54.03 -51.42 27.90
N TYR J 607 -53.13 -51.73 28.83
CA TYR J 607 -51.94 -50.90 28.99
C TYR J 607 -51.01 -51.01 27.79
N GLU J 608 -50.52 -49.85 27.35
CA GLU J 608 -49.48 -49.79 26.32
C GLU J 608 -48.41 -48.80 26.77
N GLU J 609 -47.18 -49.03 26.35
CA GLU J 609 -46.05 -48.19 26.76
C GLU J 609 -46.08 -46.80 26.13
N GLY J 610 -45.86 -45.79 26.96
CA GLY J 610 -45.67 -44.43 26.47
C GLY J 610 -46.93 -43.77 25.98
N PHE J 611 -46.86 -42.47 25.79
CA PHE J 611 -47.96 -41.70 25.24
C PHE J 611 -47.44 -40.77 24.16
N ASP J 612 -47.88 -40.98 22.92
CA ASP J 612 -47.50 -40.07 21.84
C ASP J 612 -48.69 -39.16 21.54
N VAL J 613 -48.57 -37.89 21.91
CA VAL J 613 -49.71 -36.97 21.79
C VAL J 613 -49.96 -36.55 20.34
N GLU J 614 -48.88 -36.37 19.57
CA GLU J 614 -49.02 -36.03 18.15
C GLU J 614 -49.84 -37.08 17.38
N LYS J 615 -49.30 -38.30 17.29
CA LYS J 615 -49.93 -39.38 16.52
C LYS J 615 -51.36 -39.69 16.96
N ILE J 616 -51.63 -39.55 18.25
CA ILE J 616 -52.95 -39.87 18.81
C ILE J 616 -54.07 -38.92 18.40
N LEU J 617 -53.77 -37.63 18.27
CA LEU J 617 -54.79 -36.65 17.94
C LEU J 617 -54.93 -36.47 16.42
N LYS J 618 -54.21 -37.29 15.67
CA LYS J 618 -54.19 -37.29 14.20
C LYS J 618 -52.95 -36.57 13.66
N ILE K 4 -75.11 16.64 39.15
CA ILE K 4 -74.00 16.82 38.23
C ILE K 4 -73.38 18.21 38.39
N GLU K 5 -72.46 18.56 37.50
CA GLU K 5 -71.82 19.88 37.53
C GLU K 5 -71.61 20.41 36.11
N TRP K 6 -71.71 21.73 35.96
CA TRP K 6 -71.56 22.37 34.65
C TRP K 6 -70.09 22.49 34.24
N ASP K 7 -69.79 22.06 33.02
CA ASP K 7 -68.43 22.14 32.47
C ASP K 7 -68.47 22.18 30.95
N GLU K 8 -67.30 22.02 30.33
CA GLU K 8 -67.22 22.00 28.87
C GLU K 8 -67.78 20.71 28.26
N LYS K 9 -67.94 19.67 29.08
CA LYS K 9 -68.46 18.39 28.57
C LYS K 9 -69.96 18.16 28.78
N THR K 10 -70.65 19.06 29.45
CA THR K 10 -72.03 18.78 29.89
C THR K 10 -73.05 18.64 28.75
N PHE K 11 -72.85 19.36 27.65
CA PHE K 11 -73.79 19.34 26.53
C PHE K 11 -73.90 17.96 25.90
N THR K 12 -72.90 17.12 26.11
CA THR K 12 -72.90 15.77 25.58
C THR K 12 -73.92 14.92 26.33
N LYS K 13 -74.38 15.43 27.48
CA LYS K 13 -75.29 14.68 28.33
C LYS K 13 -76.75 14.95 27.94
N PHE K 14 -76.95 15.72 26.88
CA PHE K 14 -78.28 16.09 26.41
C PHE K 14 -78.75 15.29 25.21
N ALA K 15 -80.06 15.04 25.15
CA ALA K 15 -80.68 14.43 23.98
C ALA K 15 -81.34 15.51 23.11
N TYR K 16 -80.89 15.60 21.86
CA TYR K 16 -81.37 16.63 20.94
C TYR K 16 -82.40 16.06 19.97
N LEU K 17 -83.65 16.48 20.13
CA LEU K 17 -84.75 15.99 19.32
C LEU K 17 -85.02 16.90 18.13
N SER K 18 -85.12 16.30 16.95
CA SER K 18 -85.33 17.08 15.72
C SER K 18 -86.29 16.45 14.73
N ASP K 19 -86.69 17.26 13.74
CA ASP K 19 -87.49 16.80 12.61
C ASP K 19 -88.70 15.96 13.03
N PRO K 20 -89.68 16.59 13.66
CA PRO K 20 -90.91 15.88 14.01
C PRO K 20 -91.76 15.59 12.76
N ARG K 21 -92.39 14.43 12.73
CA ARG K 21 -93.30 14.05 11.66
C ARG K 21 -94.44 13.23 12.24
N THR K 22 -95.65 13.43 11.73
CA THR K 22 -96.80 12.66 12.20
C THR K 22 -97.78 12.29 11.08
N ARG K 23 -98.20 11.03 11.09
CA ARG K 23 -99.25 10.56 10.20
C ARG K 23 -100.16 9.65 11.02
N LYS K 24 -101.47 9.94 10.97
CA LYS K 24 -102.44 9.16 11.73
C LYS K 24 -102.16 9.18 13.23
N ASN K 25 -102.03 7.98 13.80
CA ASN K 25 -101.81 7.81 15.23
C ASN K 25 -100.33 7.66 15.59
N LEU K 26 -99.46 7.81 14.59
CA LEU K 26 -98.03 7.65 14.78
C LEU K 26 -97.26 8.97 14.72
N VAL K 27 -96.19 9.07 15.50
CA VAL K 27 -95.28 10.21 15.44
C VAL K 27 -93.84 9.73 15.30
N ALA K 28 -93.05 10.44 14.50
CA ALA K 28 -91.66 10.05 14.27
C ALA K 28 -90.72 11.26 14.29
N TYR K 29 -89.53 11.05 14.86
CA TYR K 29 -88.54 12.11 14.96
C TYR K 29 -87.13 11.55 15.11
N VAL K 30 -86.16 12.44 15.25
CA VAL K 30 -84.77 12.02 15.37
C VAL K 30 -84.21 12.27 16.77
N LEU K 31 -83.64 11.21 17.34
CA LEU K 31 -82.91 11.31 18.60
C LEU K 31 -81.42 11.40 18.31
N THR K 32 -80.83 12.55 18.61
CA THR K 32 -79.41 12.78 18.37
C THR K 32 -78.64 12.88 19.69
N LYS K 33 -77.49 12.20 19.73
CA LYS K 33 -76.61 12.22 20.89
C LYS K 33 -75.19 12.55 20.46
N ALA K 34 -74.55 13.49 21.16
CA ALA K 34 -73.19 13.87 20.84
C ALA K 34 -72.24 12.94 21.59
N ASN K 35 -71.45 12.18 20.83
CA ASN K 35 -70.54 11.23 21.44
C ASN K 35 -69.12 11.77 21.51
N LEU K 36 -68.65 12.02 22.73
CA LEU K 36 -67.36 12.64 22.94
C LEU K 36 -66.20 11.66 22.70
N GLU K 37 -66.42 10.39 23.05
CA GLU K 37 -65.40 9.35 22.90
C GLU K 37 -65.11 9.04 21.43
N SER K 38 -66.16 8.83 20.66
CA SER K 38 -66.02 8.55 19.23
C SER K 38 -65.95 9.84 18.41
N ASN K 39 -66.35 10.95 19.03
CA ASN K 39 -66.36 12.24 18.36
C ASN K 39 -67.27 12.26 17.13
N LYS K 40 -68.45 11.66 17.29
CA LYS K 40 -69.44 11.61 16.22
C LYS K 40 -70.83 11.93 16.77
N TYR K 41 -71.79 12.17 15.87
CA TYR K 41 -73.17 12.35 16.31
C TYR K 41 -73.99 11.08 16.08
N GLU K 42 -74.68 10.64 17.13
CA GLU K 42 -75.49 9.42 17.04
C GLU K 42 -76.94 9.73 16.71
N ASN K 43 -77.37 9.34 15.52
CA ASN K 43 -78.74 9.62 15.09
C ASN K 43 -79.62 8.38 15.13
N THR K 44 -80.72 8.48 15.86
CA THR K 44 -81.62 7.35 16.01
C THR K 44 -83.06 7.76 15.71
N ILE K 45 -83.68 7.13 14.72
CA ILE K 45 -85.07 7.40 14.39
C ILE K 45 -86.01 6.71 15.37
N VAL K 46 -86.86 7.52 16.00
CA VAL K 46 -87.82 6.99 16.96
C VAL K 46 -89.24 7.18 16.46
N ILE K 47 -89.99 6.09 16.45
CA ILE K 47 -91.40 6.14 16.10
C ILE K 47 -92.20 5.74 17.34
N GLU K 48 -92.98 6.67 17.87
CA GLU K 48 -93.80 6.42 19.05
C GLU K 48 -95.27 6.63 18.74
N ASN K 49 -96.07 5.56 18.84
CA ASN K 49 -97.51 5.67 18.60
C ASN K 49 -98.16 6.66 19.56
N LEU K 50 -98.89 7.62 19.00
CA LEU K 50 -99.55 8.63 19.82
C LEU K 50 -100.57 7.96 20.73
N GLU K 51 -100.83 6.69 20.47
CA GLU K 51 -101.85 5.96 21.23
C GLU K 51 -101.34 5.46 22.58
N ASP K 52 -100.48 4.45 22.57
CA ASP K 52 -99.98 3.86 23.82
C ASP K 52 -98.63 4.43 24.24
N GLY K 53 -98.08 5.31 23.40
CA GLY K 53 -96.74 5.81 23.62
C GLY K 53 -95.70 4.75 23.30
N SER K 54 -96.12 3.69 22.63
CA SER K 54 -95.22 2.59 22.27
C SER K 54 -94.02 3.10 21.48
N ARG K 55 -92.85 2.51 21.71
CA ARG K 55 -91.63 3.00 21.07
C ARG K 55 -90.98 1.99 20.12
N LYS K 56 -90.65 2.46 18.93
CA LYS K 56 -89.92 1.66 17.95
C LYS K 56 -88.74 2.48 17.42
N PHE K 57 -87.65 1.81 17.05
CA PHE K 57 -86.42 2.50 16.68
C PHE K 57 -85.84 2.06 15.35
N ILE K 58 -85.44 3.04 14.54
CA ILE K 58 -84.65 2.78 13.34
C ILE K 58 -83.27 3.38 13.59
N GLU K 59 -82.27 2.52 13.79
CA GLU K 59 -80.98 2.97 14.26
C GLU K 59 -80.10 3.56 13.16
N ASP K 60 -79.32 4.59 13.51
CA ASP K 60 -78.37 5.19 12.59
C ASP K 60 -79.00 5.78 11.32
N ALA K 61 -80.04 6.58 11.50
CA ALA K 61 -80.76 7.12 10.36
C ALA K 61 -81.41 8.46 10.70
N SER K 62 -81.71 9.26 9.68
CA SER K 62 -82.39 10.54 9.89
C SER K 62 -83.31 10.85 8.71
N MET K 63 -83.94 12.01 8.74
CA MET K 63 -84.93 12.37 7.72
C MET K 63 -86.03 11.33 7.62
N PRO K 64 -86.68 11.01 8.74
CA PRO K 64 -87.78 10.04 8.67
C PRO K 64 -88.96 10.60 7.89
N ARG K 65 -89.50 9.83 6.95
CA ARG K 65 -90.63 10.29 6.15
C ARG K 65 -91.75 9.26 6.14
N ILE K 66 -92.90 9.62 6.71
CA ILE K 66 -94.03 8.71 6.76
C ILE K 66 -94.86 8.85 5.50
N SER K 67 -95.09 7.75 4.80
CA SER K 67 -95.95 7.74 3.64
C SER K 67 -97.35 8.21 4.02
N PRO K 68 -98.02 8.91 3.10
CA PRO K 68 -99.36 9.48 3.35
C PRO K 68 -100.33 8.46 3.95
N ASP K 69 -100.32 7.23 3.42
CA ASP K 69 -101.19 6.19 3.94
C ASP K 69 -100.84 5.78 5.37
N GLY K 70 -99.62 6.09 5.80
CA GLY K 70 -99.15 5.73 7.12
C GLY K 70 -98.72 4.28 7.23
N LYS K 71 -98.62 3.62 6.08
CA LYS K 71 -98.20 2.22 6.02
C LYS K 71 -96.68 2.02 6.04
N LYS K 72 -95.92 3.05 5.69
CA LYS K 72 -94.47 2.89 5.59
C LYS K 72 -93.66 4.16 5.77
N ILE K 73 -92.38 3.99 6.05
CA ILE K 73 -91.49 5.11 6.36
C ILE K 73 -90.18 5.01 5.59
N ALA K 74 -89.80 6.11 4.95
CA ALA K 74 -88.53 6.20 4.25
C ALA K 74 -87.54 6.99 5.09
N PHE K 75 -86.26 6.62 5.01
CA PHE K 75 -85.23 7.27 5.80
C PHE K 75 -83.87 7.18 5.12
N MET K 76 -82.94 8.02 5.57
CA MET K 76 -81.60 8.05 5.01
C MET K 76 -80.55 7.49 5.95
N ARG K 77 -79.54 6.83 5.38
CA ARG K 77 -78.33 6.45 6.10
C ARG K 77 -77.14 7.17 5.48
N PHE K 78 -76.11 7.44 6.29
CA PHE K 78 -74.94 8.16 5.79
C PHE K 78 -73.63 7.42 6.09
N ASN K 79 -72.50 8.00 5.66
CA ASN K 79 -71.17 7.43 5.92
C ASN K 79 -70.03 8.32 5.45
N THR K 84 -71.18 7.01 1.19
CA THR K 84 -72.07 8.17 1.13
C THR K 84 -73.49 7.84 1.57
N ALA K 85 -74.47 8.56 1.03
CA ALA K 85 -75.87 8.45 1.45
C ALA K 85 -76.69 7.40 0.69
N GLN K 86 -77.61 6.74 1.40
CA GLN K 86 -78.48 5.74 0.80
C GLN K 86 -79.92 5.83 1.33
N ILE K 87 -80.88 5.82 0.41
CA ILE K 87 -82.29 5.91 0.78
C ILE K 87 -82.91 4.54 1.03
N TRP K 88 -83.58 4.42 2.17
CA TRP K 88 -84.23 3.17 2.57
C TRP K 88 -85.73 3.39 2.69
N VAL K 89 -86.48 2.28 2.64
CA VAL K 89 -87.90 2.30 2.92
C VAL K 89 -88.26 1.13 3.86
N ALA K 90 -88.98 1.42 4.92
CA ALA K 90 -89.38 0.38 5.86
C ALA K 90 -90.88 0.27 5.98
N ASP K 91 -91.37 -0.93 6.27
CA ASP K 91 -92.79 -1.14 6.53
C ASP K 91 -93.06 -0.85 8.00
N LEU K 92 -93.92 0.12 8.26
CA LEU K 92 -94.11 0.64 9.61
C LEU K 92 -94.58 -0.40 10.63
N LYS K 93 -95.21 -1.48 10.16
CA LYS K 93 -95.68 -2.48 11.09
C LYS K 93 -94.54 -3.24 11.78
N THR K 94 -93.69 -3.91 11.00
CA THR K 94 -92.55 -4.66 11.54
C THR K 94 -91.19 -3.94 11.46
N LEU K 95 -91.17 -2.75 10.88
CA LEU K 95 -89.93 -2.01 10.68
C LEU K 95 -88.87 -2.79 9.89
N SER K 96 -89.30 -3.71 9.04
CA SER K 96 -88.40 -4.33 8.08
C SER K 96 -88.13 -3.30 7.00
N ALA K 97 -86.90 -3.24 6.52
CA ALA K 97 -86.54 -2.19 5.57
C ALA K 97 -85.72 -2.69 4.40
N LYS K 98 -85.90 -2.06 3.24
CA LYS K 98 -85.12 -2.37 2.06
C LYS K 98 -84.39 -1.14 1.53
N LYS K 99 -83.17 -1.35 1.05
CA LYS K 99 -82.39 -0.28 0.46
C LYS K 99 -82.96 0.03 -0.94
N VAL K 100 -83.32 1.29 -1.14
CA VAL K 100 -84.01 1.76 -2.35
C VAL K 100 -83.08 2.38 -3.39
N LEU K 101 -82.42 3.47 -3.01
CA LEU K 101 -81.46 4.14 -3.87
C LEU K 101 -80.16 4.50 -3.13
N GLU K 102 -79.03 4.35 -3.81
CA GLU K 102 -77.75 4.84 -3.30
C GLU K 102 -77.51 6.23 -3.88
N ALA K 103 -77.56 7.24 -3.03
CA ALA K 103 -77.63 8.61 -3.50
C ALA K 103 -76.66 9.55 -2.80
N LYS K 104 -75.83 10.22 -3.58
CA LYS K 104 -74.92 11.24 -3.07
C LYS K 104 -75.47 12.61 -3.42
N ASN K 105 -75.26 13.58 -2.54
CA ASN K 105 -75.72 14.95 -2.77
C ASN K 105 -77.24 15.10 -2.80
N ILE K 106 -77.93 14.39 -1.91
CA ILE K 106 -79.38 14.51 -1.79
C ILE K 106 -79.78 15.34 -0.58
N ARG K 107 -80.30 16.53 -0.82
CA ARG K 107 -80.72 17.42 0.25
C ARG K 107 -82.12 17.17 0.86
N SER K 108 -83.08 16.71 0.04
CA SER K 108 -84.44 16.49 0.55
C SER K 108 -85.21 15.36 -0.14
N ILE K 109 -86.03 14.65 0.65
CA ILE K 109 -86.97 13.67 0.10
C ILE K 109 -88.40 13.94 0.58
N GLU K 110 -89.36 13.74 -0.32
CA GLU K 110 -90.76 13.98 -0.01
C GLU K 110 -91.65 12.92 -0.68
N TRP K 111 -92.61 12.39 0.07
CA TRP K 111 -93.57 11.42 -0.46
C TRP K 111 -94.59 12.05 -1.40
N ASN K 112 -94.91 11.35 -2.48
CA ASN K 112 -96.05 11.69 -3.32
C ASN K 112 -97.34 11.28 -2.61
N GLN K 113 -98.46 11.87 -3.01
CA GLN K 113 -99.76 11.53 -2.43
C GLN K 113 -100.05 10.03 -2.56
N ASP K 114 -99.41 9.38 -3.53
CA ASP K 114 -99.70 7.97 -3.83
C ASP K 114 -98.95 6.98 -2.93
N SER K 115 -98.15 7.51 -2.01
CA SER K 115 -97.40 6.69 -1.05
C SER K 115 -96.46 5.71 -1.76
N ARG K 116 -96.04 6.08 -2.97
CA ARG K 116 -95.16 5.24 -3.77
C ARG K 116 -93.95 6.01 -4.28
N ARG K 117 -94.20 7.03 -5.10
CA ARG K 117 -93.13 7.86 -5.63
C ARG K 117 -92.48 8.72 -4.55
N LEU K 118 -91.22 9.08 -4.79
CA LEU K 118 -90.49 9.99 -3.91
C LEU K 118 -89.90 11.15 -4.71
N LEU K 119 -89.83 12.32 -4.09
CA LEU K 119 -89.22 13.49 -4.72
C LEU K 119 -87.89 13.81 -4.08
N ALA K 120 -86.82 13.64 -4.83
CA ALA K 120 -85.48 13.91 -4.31
C ALA K 120 -84.94 15.20 -4.90
N VAL K 121 -84.47 16.10 -4.04
CA VAL K 121 -83.83 17.32 -4.49
C VAL K 121 -82.35 17.29 -4.11
N GLY K 122 -81.50 17.77 -5.00
CA GLY K 122 -80.06 17.66 -4.81
C GLY K 122 -79.27 18.58 -5.71
N PHE K 123 -77.96 18.35 -5.77
CA PHE K 123 -77.07 19.18 -6.57
C PHE K 123 -76.11 18.33 -7.39
N LYS K 124 -75.57 18.89 -8.45
CA LYS K 124 -74.52 18.24 -9.22
C LYS K 124 -73.41 19.26 -9.47
N ARG K 125 -72.17 18.83 -9.31
CA ARG K 125 -71.05 19.74 -9.49
C ARG K 125 -70.01 19.18 -10.47
N ARG K 126 -68.98 19.97 -10.76
CA ARG K 126 -67.99 19.56 -11.75
C ARG K 126 -67.10 18.44 -11.20
N GLU K 127 -66.96 18.39 -9.88
CA GLU K 127 -66.36 17.26 -9.18
C GLU K 127 -64.93 16.93 -9.65
N ASP K 128 -64.18 17.92 -10.11
CA ASP K 128 -62.78 17.69 -10.43
C ASP K 128 -62.01 17.48 -9.14
N GLU K 129 -61.00 16.64 -9.20
CA GLU K 129 -60.26 16.30 -7.99
C GLU K 129 -59.28 17.40 -7.62
N ASP K 130 -58.63 17.97 -8.63
CA ASP K 130 -57.61 18.98 -8.42
C ASP K 130 -58.13 20.39 -8.13
N PHE K 131 -59.15 20.82 -8.87
CA PHE K 131 -59.56 22.21 -8.78
C PHE K 131 -61.05 22.48 -8.96
N ILE K 132 -61.44 23.68 -8.56
CA ILE K 132 -62.80 24.15 -8.68
C ILE K 132 -62.85 25.21 -9.75
N PHE K 133 -63.89 25.19 -10.57
CA PHE K 133 -64.09 26.20 -11.61
C PHE K 133 -65.46 26.84 -11.42
N GLU K 134 -65.50 28.17 -11.41
CA GLU K 134 -66.75 28.88 -11.19
C GLU K 134 -66.99 29.97 -12.22
N ASP K 135 -68.03 29.80 -13.03
CA ASP K 135 -68.50 30.84 -13.95
C ASP K 135 -69.69 31.68 -13.47
N ASP K 136 -70.21 31.37 -12.28
CA ASP K 136 -71.36 32.09 -11.74
C ASP K 136 -71.05 32.61 -10.35
N VAL K 137 -72.04 33.19 -9.67
CA VAL K 137 -71.84 33.63 -8.29
C VAL K 137 -72.93 33.09 -7.37
N PRO K 138 -72.64 33.03 -6.06
CA PRO K 138 -71.30 33.27 -5.52
C PRO K 138 -70.40 32.09 -5.80
N ALA K 139 -69.14 32.15 -5.36
CA ALA K 139 -68.21 31.04 -5.59
C ALA K 139 -68.39 29.96 -4.55
N TRP K 140 -69.03 30.31 -3.44
CA TRP K 140 -69.31 29.36 -2.38
C TRP K 140 -70.47 29.82 -1.51
N PHE K 141 -70.85 28.98 -0.56
CA PHE K 141 -71.93 29.28 0.37
C PHE K 141 -71.66 28.59 1.69
N ASP K 142 -72.03 29.22 2.80
CA ASP K 142 -71.77 28.61 4.10
C ASP K 142 -72.40 27.23 4.28
N ASN K 143 -71.57 26.31 4.76
CA ASN K 143 -71.94 24.96 5.09
C ASN K 143 -72.46 24.19 3.88
N MET K 144 -72.24 24.74 2.69
CA MET K 144 -72.33 23.99 1.43
C MET K 144 -71.00 23.63 0.75
N GLY K 145 -69.89 24.12 1.31
CA GLY K 145 -68.61 24.06 0.61
C GLY K 145 -68.58 24.97 -0.61
N PHE K 146 -67.70 24.65 -1.57
CA PHE K 146 -67.64 25.38 -2.85
C PHE K 146 -68.75 24.95 -3.81
N PHE K 147 -69.18 25.86 -4.67
CA PHE K 147 -70.26 25.55 -5.60
C PHE K 147 -69.78 24.69 -6.77
N ASP K 148 -68.65 25.06 -7.34
CA ASP K 148 -68.03 24.28 -8.41
C ASP K 148 -68.99 24.13 -9.61
N GLY K 149 -69.63 25.23 -9.98
CA GLY K 149 -70.55 25.24 -11.10
C GLY K 149 -71.86 24.51 -10.81
N GLU K 150 -72.29 24.53 -9.55
CA GLU K 150 -73.44 23.76 -9.12
C GLU K 150 -74.73 24.08 -9.87
N LYS K 151 -75.54 23.05 -10.08
CA LYS K 151 -76.92 23.20 -10.52
C LYS K 151 -77.81 22.29 -9.69
N THR K 152 -79.04 22.73 -9.43
CA THR K 152 -79.98 21.90 -8.71
C THR K 152 -80.49 20.79 -9.62
N THR K 153 -80.87 19.67 -9.03
CA THR K 153 -81.36 18.53 -9.79
C THR K 153 -82.53 17.88 -9.07
N PHE K 154 -83.51 17.43 -9.85
CA PHE K 154 -84.70 16.81 -9.28
C PHE K 154 -84.93 15.42 -9.86
N TRP K 155 -85.20 14.45 -8.99
CA TRP K 155 -85.46 13.08 -9.43
C TRP K 155 -86.73 12.54 -8.81
N VAL K 156 -87.53 11.86 -9.63
CA VAL K 156 -88.69 11.16 -9.12
C VAL K 156 -88.37 9.67 -9.01
N ILE K 157 -88.50 9.14 -7.81
CA ILE K 157 -88.05 7.78 -7.53
C ILE K 157 -89.18 6.85 -7.11
N ASP K 158 -89.44 5.86 -7.96
CA ASP K 158 -90.38 4.79 -7.63
C ASP K 158 -89.73 3.91 -6.57
N THR K 159 -90.42 3.74 -5.43
CA THR K 159 -89.86 2.99 -4.32
C THR K 159 -90.18 1.49 -4.39
N GLU K 160 -91.07 1.13 -5.30
CA GLU K 160 -91.36 -0.29 -5.56
C GLU K 160 -90.23 -0.87 -6.39
N GLY K 161 -90.08 -0.36 -7.61
CA GLY K 161 -89.02 -0.80 -8.50
C GLY K 161 -87.64 -0.26 -8.15
N GLU K 162 -87.60 0.77 -7.31
CA GLU K 162 -86.33 1.40 -6.93
C GLU K 162 -85.62 1.94 -8.18
N GLU K 163 -86.20 2.95 -8.82
CA GLU K 163 -85.61 3.54 -10.02
C GLU K 163 -85.96 5.02 -10.13
N VAL K 164 -85.14 5.77 -10.85
CA VAL K 164 -85.43 7.18 -11.09
C VAL K 164 -86.18 7.27 -12.41
N ILE K 165 -87.46 7.58 -12.33
CA ILE K 165 -88.30 7.64 -13.51
C ILE K 165 -88.24 8.99 -14.23
N GLU K 166 -87.87 10.03 -13.49
CA GLU K 166 -87.74 11.35 -14.09
C GLU K 166 -86.60 12.14 -13.45
N GLN K 167 -85.81 12.81 -14.29
CA GLN K 167 -84.71 13.64 -13.83
C GLN K 167 -84.62 14.92 -14.65
N PHE K 168 -84.54 16.06 -13.97
CA PHE K 168 -84.32 17.33 -14.66
C PHE K 168 -83.56 18.30 -13.78
N GLU K 169 -82.73 19.13 -14.41
CA GLU K 169 -81.88 20.04 -13.65
C GLU K 169 -82.28 21.51 -13.86
N LYS K 170 -82.07 22.29 -12.82
CA LYS K 170 -82.36 23.72 -12.85
C LYS K 170 -81.12 24.49 -12.40
N PRO K 171 -81.18 25.83 -12.44
CA PRO K 171 -80.05 26.61 -11.94
C PRO K 171 -79.81 26.40 -10.45
N ARG K 172 -78.82 27.10 -9.93
CA ARG K 172 -78.35 26.94 -8.55
C ARG K 172 -79.38 27.42 -7.52
N PHE K 173 -79.44 26.74 -6.39
CA PHE K 173 -80.32 27.11 -5.27
C PHE K 173 -81.82 26.99 -5.58
N SER K 174 -82.18 26.11 -6.51
CA SER K 174 -83.59 25.85 -6.80
C SER K 174 -84.18 24.89 -5.76
N SER K 175 -85.48 25.00 -5.53
CA SER K 175 -86.19 24.09 -4.63
C SER K 175 -87.48 23.58 -5.28
N GLY K 176 -88.00 22.48 -4.77
CA GLY K 176 -89.22 21.91 -5.33
C GLY K 176 -90.05 21.10 -4.35
N ILE K 177 -91.35 20.96 -4.65
CA ILE K 177 -92.29 20.29 -3.77
C ILE K 177 -93.44 19.63 -4.53
N TRP K 178 -94.02 18.60 -3.92
CA TRP K 178 -95.14 17.86 -4.51
C TRP K 178 -96.43 18.66 -4.52
N HIS K 179 -97.02 18.79 -5.70
CA HIS K 179 -98.37 19.30 -5.81
C HIS K 179 -99.17 18.33 -6.66
N GLY K 180 -100.14 17.64 -6.05
CA GLY K 180 -100.86 16.61 -6.77
C GLY K 180 -99.85 15.65 -7.39
N ASP K 181 -99.98 15.44 -8.70
CA ASP K 181 -99.03 14.67 -9.48
C ASP K 181 -97.97 15.55 -10.15
N SER K 182 -98.00 16.84 -9.84
CA SER K 182 -97.15 17.81 -10.52
C SER K 182 -96.15 18.43 -9.53
N ILE K 183 -95.06 18.97 -10.04
CA ILE K 183 -94.01 19.51 -9.18
C ILE K 183 -93.89 21.04 -9.25
N VAL K 184 -93.83 21.68 -8.09
CA VAL K 184 -93.67 23.14 -8.02
C VAL K 184 -92.21 23.54 -7.86
N VAL K 185 -91.68 24.24 -8.87
CA VAL K 185 -90.26 24.57 -8.96
C VAL K 185 -89.99 26.06 -8.74
N SER K 186 -89.34 26.39 -7.62
CA SER K 186 -88.93 27.76 -7.33
C SER K 186 -87.47 27.96 -7.73
N VAL K 187 -87.23 28.92 -8.62
CA VAL K 187 -85.90 29.17 -9.15
C VAL K 187 -85.53 30.63 -8.92
N PRO K 188 -84.26 30.91 -8.57
CA PRO K 188 -83.85 32.30 -8.38
C PRO K 188 -83.96 33.10 -9.69
N HIS K 189 -84.50 34.31 -9.61
CA HIS K 189 -84.61 35.15 -10.80
C HIS K 189 -83.26 35.75 -11.12
N ARG K 190 -82.90 35.75 -12.40
CA ARG K 190 -81.59 36.19 -12.82
C ARG K 190 -81.64 37.46 -13.67
N ASP K 191 -81.04 38.54 -13.16
CA ASP K 191 -80.91 39.77 -13.93
C ASP K 191 -79.49 39.91 -14.48
N VAL K 192 -78.56 40.28 -13.59
CA VAL K 192 -77.14 40.31 -13.92
C VAL K 192 -76.56 39.05 -13.32
N ILE K 193 -76.67 38.98 -12.00
CA ILE K 193 -76.40 37.77 -11.24
C ILE K 193 -77.75 37.36 -10.66
N PRO K 194 -77.93 36.06 -10.40
CA PRO K 194 -79.20 35.64 -9.79
C PRO K 194 -79.45 36.39 -8.49
N ARG K 195 -80.66 36.88 -8.26
CA ARG K 195 -80.95 37.60 -7.04
C ARG K 195 -81.48 36.60 -6.03
N TYR K 196 -80.69 36.33 -4.99
CA TYR K 196 -81.03 35.30 -4.01
C TYR K 196 -81.84 35.92 -2.89
N PHE K 197 -82.90 35.22 -2.48
CA PHE K 197 -83.75 35.70 -1.39
C PHE K 197 -84.49 36.96 -1.80
N LYS K 198 -84.20 37.45 -3.00
CA LYS K 198 -84.85 38.64 -3.52
C LYS K 198 -86.05 38.28 -4.39
N TYR K 199 -85.77 37.74 -5.57
CA TYR K 199 -86.82 37.39 -6.52
C TYR K 199 -86.76 35.91 -6.89
N TRP K 200 -87.72 35.47 -7.69
CA TRP K 200 -87.77 34.09 -8.17
C TRP K 200 -88.60 33.96 -9.43
N ASP K 201 -88.65 32.75 -9.97
CA ASP K 201 -89.59 32.39 -11.02
C ASP K 201 -90.16 31.03 -10.65
N ILE K 202 -91.45 30.96 -10.41
CA ILE K 202 -92.04 29.71 -9.99
C ILE K 202 -92.70 29.00 -11.16
N TYR K 203 -92.35 27.73 -11.34
CA TYR K 203 -92.86 26.97 -12.47
C TYR K 203 -93.69 25.78 -12.00
N LEU K 204 -94.58 25.32 -12.88
CA LEU K 204 -95.32 24.09 -12.64
C LEU K 204 -94.81 23.03 -13.60
N TRP K 205 -94.31 21.92 -13.06
CA TRP K 205 -93.66 20.90 -13.86
C TRP K 205 -94.47 19.62 -13.89
N LYS K 206 -94.76 19.12 -15.08
CA LYS K 206 -95.39 17.81 -15.23
C LYS K 206 -94.84 17.07 -16.44
N ASP K 207 -94.41 15.83 -16.23
CA ASP K 207 -94.04 14.92 -17.31
C ASP K 207 -93.14 15.55 -18.39
N GLY K 208 -92.13 16.29 -17.97
CA GLY K 208 -91.19 16.89 -18.91
C GLY K 208 -91.57 18.28 -19.40
N GLU K 209 -92.79 18.71 -19.07
CA GLU K 209 -93.29 20.01 -19.50
C GLU K 209 -93.61 20.92 -18.31
N GLU K 210 -93.40 22.23 -18.48
CA GLU K 210 -93.63 23.20 -17.40
C GLU K 210 -94.32 24.49 -17.88
N GLU K 211 -95.20 25.02 -17.03
CA GLU K 211 -95.84 26.31 -17.28
C GLU K 211 -95.42 27.27 -16.18
N LYS K 212 -95.27 28.55 -16.51
CA LYS K 212 -94.77 29.53 -15.56
C LYS K 212 -95.89 30.15 -14.73
N LEU K 213 -95.84 29.92 -13.41
CA LEU K 213 -96.84 30.47 -12.49
C LEU K 213 -96.55 31.93 -12.12
N PHE K 214 -95.29 32.24 -11.87
CA PHE K 214 -94.91 33.57 -11.41
C PHE K 214 -93.58 34.03 -11.99
N GLU K 215 -93.45 35.33 -12.13
CA GLU K 215 -92.22 35.92 -12.63
C GLU K 215 -91.80 37.03 -11.68
N LYS K 216 -90.51 37.05 -11.36
CA LYS K 216 -89.94 38.09 -10.53
C LYS K 216 -90.81 38.36 -9.29
N VAL K 217 -90.90 37.37 -8.42
CA VAL K 217 -91.73 37.46 -7.22
C VAL K 217 -90.89 37.25 -5.96
N SER K 218 -91.31 37.86 -4.86
CA SER K 218 -90.52 37.86 -3.62
C SER K 218 -90.83 36.71 -2.65
N PHE K 219 -91.66 35.77 -3.09
CA PHE K 219 -91.91 34.57 -2.30
C PHE K 219 -91.68 33.28 -3.09
N TYR K 220 -91.60 32.16 -2.39
CA TYR K 220 -91.45 30.84 -3.01
C TYR K 220 -92.39 29.82 -2.34
N ALA K 221 -92.56 28.66 -2.96
CA ALA K 221 -93.53 27.69 -2.47
C ALA K 221 -92.91 26.73 -1.45
N ILE K 222 -93.37 26.80 -0.20
CA ILE K 222 -92.89 25.89 0.82
C ILE K 222 -93.78 24.67 1.12
N ASP K 223 -94.96 24.59 0.52
CA ASP K 223 -95.81 23.43 0.73
C ASP K 223 -97.03 23.38 -0.18
N SER K 224 -97.80 22.28 -0.07
CA SER K 224 -99.04 22.11 -0.81
C SER K 224 -100.00 21.16 -0.08
N ASP K 225 -101.31 21.43 -0.20
CA ASP K 225 -102.32 20.43 0.14
C ASP K 225 -102.78 19.72 -1.13
N GLY K 226 -102.21 20.17 -2.25
CA GLY K 226 -102.47 19.61 -3.57
C GLY K 226 -103.57 20.26 -4.36
N GLU K 227 -104.52 20.90 -3.67
CA GLU K 227 -105.42 21.87 -4.30
C GLU K 227 -104.80 23.28 -4.36
N ARG K 228 -104.16 23.67 -3.26
CA ARG K 228 -103.58 25.01 -3.10
C ARG K 228 -102.10 24.92 -2.79
N ILE K 229 -101.31 25.87 -3.31
CA ILE K 229 -99.88 25.87 -3.08
C ILE K 229 -99.46 27.03 -2.16
N LEU K 230 -98.96 26.67 -0.98
CA LEU K 230 -98.60 27.65 0.05
C LEU K 230 -97.28 28.36 -0.26
N LEU K 231 -97.30 29.69 -0.21
CA LEU K 231 -96.10 30.47 -0.55
C LEU K 231 -95.55 31.21 0.67
N TYR K 232 -94.23 31.42 0.68
CA TYR K 232 -93.55 32.04 1.81
C TYR K 232 -92.68 33.21 1.35
N GLY K 233 -93.07 34.41 1.76
CA GLY K 233 -92.40 35.63 1.32
C GLY K 233 -93.38 36.78 1.33
N LYS K 234 -93.08 37.79 0.51
CA LYS K 234 -94.05 38.82 0.15
C LYS K 234 -94.16 38.79 -1.37
N PRO K 235 -95.25 39.34 -1.94
CA PRO K 235 -95.40 39.34 -3.40
C PRO K 235 -94.31 40.16 -4.06
N GLU K 236 -93.99 41.28 -3.42
CA GLU K 236 -92.87 42.12 -3.83
C GLU K 236 -92.12 42.52 -2.57
N LYS K 237 -90.81 42.70 -2.70
CA LYS K 237 -90.00 43.11 -1.58
C LYS K 237 -89.02 44.20 -1.98
N LYS K 238 -89.05 45.31 -1.27
CA LYS K 238 -88.05 46.36 -1.45
C LYS K 238 -86.79 45.97 -0.69
N TYR K 239 -86.98 45.45 0.51
CA TYR K 239 -85.89 45.07 1.39
C TYR K 239 -86.00 43.59 1.77
N VAL K 240 -84.92 42.84 1.60
CA VAL K 240 -84.91 41.44 1.99
C VAL K 240 -85.12 41.33 3.50
N SER K 241 -84.87 42.44 4.20
CA SER K 241 -85.05 42.50 5.64
C SER K 241 -86.52 42.46 6.05
N GLU K 242 -87.40 42.73 5.09
CA GLU K 242 -88.84 42.76 5.34
C GLU K 242 -89.34 41.42 5.87
N HIS K 243 -90.37 41.47 6.71
CA HIS K 243 -90.97 40.27 7.28
C HIS K 243 -91.51 39.33 6.21
N ASP K 244 -91.37 38.03 6.46
CA ASP K 244 -91.89 37.02 5.56
C ASP K 244 -93.30 36.62 5.97
N LYS K 245 -94.22 36.60 5.00
CA LYS K 245 -95.58 36.21 5.29
C LYS K 245 -95.92 34.89 4.59
N ILE K 246 -97.13 34.39 4.79
CA ILE K 246 -97.59 33.17 4.14
C ILE K 246 -98.86 33.38 3.33
N TYR K 247 -98.87 32.92 2.08
CA TYR K 247 -100.00 33.11 1.18
C TYR K 247 -100.60 31.79 0.72
N ILE K 248 -101.90 31.80 0.43
CA ILE K 248 -102.57 30.61 -0.09
C ILE K 248 -103.01 30.87 -1.53
N TYR K 249 -102.44 30.12 -2.46
CA TYR K 249 -102.76 30.33 -3.87
C TYR K 249 -103.52 29.17 -4.48
N ASP K 250 -104.81 29.38 -4.72
CA ASP K 250 -105.52 28.60 -5.73
C ASP K 250 -105.98 29.56 -6.82
N GLY K 251 -105.29 29.52 -7.96
CA GLY K 251 -105.68 30.26 -9.15
C GLY K 251 -105.51 31.75 -8.92
N GLU K 252 -105.29 32.10 -7.67
CA GLU K 252 -105.15 33.49 -7.25
C GLU K 252 -104.37 33.50 -5.96
N VAL K 253 -103.73 34.62 -5.63
CA VAL K 253 -102.98 34.71 -4.40
C VAL K 253 -103.81 35.37 -3.28
N LYS K 254 -104.15 34.57 -2.28
CA LYS K 254 -104.96 35.04 -1.17
C LYS K 254 -104.12 35.17 0.09
N GLY K 255 -104.29 36.26 0.82
CA GLY K 255 -103.52 36.47 2.02
C GLY K 255 -104.12 35.80 3.24
N ILE K 256 -103.26 35.51 4.21
CA ILE K 256 -103.68 34.95 5.48
C ILE K 256 -103.27 35.91 6.60
N LEU K 257 -101.96 36.10 6.72
CA LEU K 257 -101.33 36.89 7.77
C LEU K 257 -101.14 38.38 7.43
N ASP K 258 -101.69 38.82 6.31
CA ASP K 258 -101.50 40.20 5.84
C ASP K 258 -101.99 41.23 6.88
N ASP K 259 -102.71 40.77 7.90
CA ASP K 259 -103.10 41.62 9.01
C ASP K 259 -101.97 41.77 10.04
N ILE K 260 -101.64 40.67 10.72
CA ILE K 260 -100.60 40.66 11.76
C ILE K 260 -99.22 41.04 11.23
N ASP K 261 -98.47 41.84 12.00
CA ASP K 261 -97.11 42.13 11.61
C ASP K 261 -96.17 41.39 12.58
N ARG K 262 -95.60 40.28 12.12
CA ARG K 262 -94.54 39.54 12.77
C ARG K 262 -93.94 38.65 11.67
N GLU K 263 -92.72 38.15 11.83
CA GLU K 263 -92.15 37.25 10.82
C GLU K 263 -92.66 35.82 10.99
N VAL K 264 -92.80 35.10 9.90
CA VAL K 264 -93.21 33.70 9.95
C VAL K 264 -92.00 32.78 9.93
N ALA K 265 -91.90 31.91 10.94
CA ALA K 265 -90.77 30.99 11.06
C ALA K 265 -90.97 29.73 10.21
N GLN K 266 -91.96 28.94 10.55
CA GLN K 266 -92.22 27.68 9.87
C GLN K 266 -93.69 27.53 9.53
N ALA K 267 -94.00 27.08 8.31
CA ALA K 267 -95.37 26.95 7.87
C ALA K 267 -95.62 25.69 7.05
N LYS K 268 -96.71 25.00 7.37
CA LYS K 268 -97.16 23.84 6.61
CA LYS K 268 -97.16 23.84 6.61
C LYS K 268 -98.64 23.95 6.30
N ILE K 269 -99.06 23.38 5.16
CA ILE K 269 -100.46 23.47 4.76
C ILE K 269 -101.12 22.09 4.67
N ARG K 270 -102.10 21.86 5.54
CA ARG K 270 -102.85 20.60 5.51
C ARG K 270 -104.35 20.80 5.17
N ASN K 271 -104.74 20.35 3.98
CA ASN K 271 -106.14 20.32 3.56
C ASN K 271 -106.95 21.61 3.77
N GLY K 272 -106.35 22.75 3.48
CA GLY K 272 -107.03 24.03 3.64
C GLY K 272 -106.68 24.73 4.93
N LYS K 273 -106.20 23.97 5.91
CA LYS K 273 -105.69 24.54 7.16
C LYS K 273 -104.20 24.86 7.06
N VAL K 274 -103.79 25.99 7.62
CA VAL K 274 -102.40 26.40 7.60
C VAL K 274 -101.83 26.57 9.00
N TYR K 275 -100.91 25.69 9.37
CA TYR K 275 -100.20 25.83 10.66
C TYR K 275 -98.94 26.65 10.46
N PHE K 276 -98.78 27.70 11.25
CA PHE K 276 -97.62 28.59 11.11
C PHE K 276 -97.01 28.96 12.46
N THR K 277 -95.72 29.32 12.44
CA THR K 277 -95.07 29.93 13.59
C THR K 277 -94.55 31.31 13.23
N LEU K 278 -94.40 32.17 14.24
CA LEU K 278 -93.86 33.50 14.03
C LEU K 278 -92.99 33.89 15.21
N PHE K 279 -92.09 34.84 14.99
CA PHE K 279 -91.31 35.36 16.10
C PHE K 279 -92.12 36.48 16.74
N GLU K 280 -92.50 36.28 17.99
CA GLU K 280 -93.16 37.32 18.78
C GLU K 280 -92.36 37.62 20.04
N GLU K 281 -91.76 38.81 20.09
CA GLU K 281 -91.06 39.30 21.27
C GLU K 281 -90.17 38.24 21.97
N GLY K 282 -89.15 37.78 21.26
CA GLY K 282 -88.19 36.83 21.81
C GLY K 282 -88.68 35.38 21.81
N SER K 283 -89.98 35.18 21.58
CA SER K 283 -90.56 33.85 21.62
C SER K 283 -90.88 33.37 20.21
N VAL K 284 -90.76 32.06 19.99
CA VAL K 284 -91.25 31.50 18.74
C VAL K 284 -92.46 30.64 19.06
N ASN K 285 -93.64 31.12 18.67
CA ASN K 285 -94.89 30.41 18.92
C ASN K 285 -95.55 29.98 17.63
N LEU K 286 -96.67 29.27 17.75
CA LEU K 286 -97.37 28.75 16.59
C LEU K 286 -98.87 29.00 16.67
N TYR K 287 -99.46 29.35 15.54
CA TYR K 287 -100.89 29.60 15.47
C TYR K 287 -101.49 28.95 14.22
N LEU K 288 -102.59 28.22 14.41
CA LEU K 288 -103.28 27.54 13.31
C LEU K 288 -104.34 28.43 12.69
N TRP K 289 -104.29 28.55 11.36
CA TRP K 289 -105.24 29.38 10.63
C TRP K 289 -106.29 28.50 9.97
N ASP K 290 -107.51 28.49 10.50
CA ASP K 290 -108.64 28.06 9.71
C ASP K 290 -109.58 29.25 9.53
N GLY K 291 -109.54 29.84 8.36
CA GLY K 291 -110.42 30.93 8.00
C GLY K 291 -110.10 32.14 8.85
N GLU K 292 -109.28 31.90 9.88
CA GLU K 292 -108.97 32.88 10.92
C GLU K 292 -107.70 32.47 11.64
N VAL K 293 -107.07 33.41 12.35
CA VAL K 293 -105.92 33.09 13.17
C VAL K 293 -106.34 32.65 14.57
N ARG K 294 -105.88 31.48 14.98
CA ARG K 294 -106.19 30.94 16.30
C ARG K 294 -104.94 30.37 16.95
N GLU K 295 -104.60 30.87 18.15
CA GLU K 295 -103.36 30.48 18.82
C GLU K 295 -103.37 29.02 19.26
N ILE K 296 -102.23 28.35 19.09
CA ILE K 296 -102.07 26.96 19.51
C ILE K 296 -101.09 26.87 20.68
N ALA K 297 -99.83 27.18 20.41
CA ALA K 297 -98.81 27.14 21.45
C ALA K 297 -98.11 28.50 21.61
N LYS K 298 -98.31 29.12 22.76
CA LYS K 298 -97.71 30.43 23.06
C LYS K 298 -97.28 30.50 24.51
N GLY K 299 -96.23 31.27 24.78
CA GLY K 299 -95.68 31.40 26.11
C GLY K 299 -94.20 31.75 26.05
N LYS K 300 -93.46 31.46 27.11
CA LYS K 300 -92.03 31.67 27.03
C LYS K 300 -91.42 30.34 26.61
N HIS K 301 -90.97 30.30 25.35
CA HIS K 301 -90.45 29.09 24.74
C HIS K 301 -90.15 29.29 23.25
N TRP K 302 -89.55 28.28 22.64
CA TRP K 302 -89.36 28.23 21.19
C TRP K 302 -89.95 26.94 20.62
N ILE K 303 -90.78 27.05 19.58
CA ILE K 303 -91.25 25.88 18.88
C ILE K 303 -90.31 25.65 17.70
N MET K 304 -89.51 24.59 17.79
CA MET K 304 -88.46 24.35 16.79
C MET K 304 -89.00 23.63 15.56
N GLY K 305 -90.16 23.01 15.71
CA GLY K 305 -90.78 22.30 14.60
C GLY K 305 -92.14 21.72 14.97
N PHE K 306 -92.94 21.42 13.95
CA PHE K 306 -94.25 20.83 14.15
C PHE K 306 -94.68 20.03 12.92
N ASP K 307 -95.55 19.04 13.13
CA ASP K 307 -96.19 18.34 12.01
C ASP K 307 -97.58 17.85 12.42
N ALA K 308 -98.53 17.90 11.50
CA ALA K 308 -99.91 17.49 11.77
C ALA K 308 -100.55 16.73 10.62
N ASP K 309 -101.09 15.55 10.89
CA ASP K 309 -101.96 14.90 9.92
C ASP K 309 -103.32 14.59 10.54
N GLU K 310 -103.38 13.54 11.36
CA GLU K 310 -104.59 13.23 12.13
C GLU K 310 -104.51 13.85 13.53
N ARG K 311 -103.32 14.34 13.86
CA ARG K 311 -103.09 14.95 15.16
C ARG K 311 -102.10 16.11 14.95
N LEU K 312 -101.74 16.80 16.02
CA LEU K 312 -100.78 17.90 15.92
C LEU K 312 -99.69 17.79 16.97
N ILE K 313 -98.46 17.66 16.51
CA ILE K 313 -97.32 17.50 17.42
C ILE K 313 -96.29 18.58 17.19
N TYR K 314 -95.63 19.00 18.28
CA TYR K 314 -94.64 20.07 18.20
C TYR K 314 -93.45 19.85 19.15
N LEU K 315 -92.32 20.45 18.80
CA LEU K 315 -91.12 20.45 19.63
C LEU K 315 -91.00 21.76 20.41
N LYS K 316 -91.12 21.67 21.73
CA LYS K 316 -91.03 22.87 22.55
C LYS K 316 -89.69 22.98 23.29
N GLU K 317 -89.01 24.10 23.07
CA GLU K 317 -87.74 24.36 23.73
C GLU K 317 -87.84 25.62 24.60
N THR K 318 -87.27 25.57 25.80
CA THR K 318 -87.28 26.71 26.69
C THR K 318 -85.84 27.18 26.97
N ALA K 319 -85.69 28.19 27.81
CA ALA K 319 -84.37 28.75 28.11
C ALA K 319 -83.58 27.80 28.99
N THR K 320 -84.29 27.12 29.89
CA THR K 320 -83.67 26.18 30.81
C THR K 320 -83.74 24.71 30.38
N ARG K 321 -84.37 24.43 29.25
CA ARG K 321 -84.50 23.04 28.79
C ARG K 321 -84.36 22.86 27.28
N PRO K 322 -83.73 21.75 26.87
CA PRO K 322 -83.62 21.37 25.45
C PRO K 322 -84.98 20.98 24.91
N ALA K 323 -85.16 21.09 23.60
CA ALA K 323 -86.44 20.81 22.97
C ALA K 323 -86.97 19.43 23.37
N GLU K 324 -88.26 19.39 23.71
CA GLU K 324 -88.94 18.12 23.96
C GLU K 324 -90.14 18.00 23.01
N LEU K 325 -90.84 16.88 23.10
CA LEU K 325 -92.01 16.67 22.25
C LEU K 325 -93.31 16.83 23.04
N TYR K 326 -94.27 17.51 22.43
CA TYR K 326 -95.60 17.66 23.00
C TYR K 326 -96.66 17.42 21.95
N LEU K 327 -97.70 16.67 22.31
CA LEU K 327 -98.87 16.50 21.46
C LEU K 327 -99.98 17.38 22.02
N TRP K 328 -100.43 18.34 21.23
CA TRP K 328 -101.51 19.21 21.67
C TRP K 328 -102.84 18.69 21.16
N ASP K 329 -103.70 18.18 22.04
CA ASP K 329 -105.10 18.09 21.66
C ASP K 329 -105.82 19.10 22.53
N GLY K 330 -106.13 20.23 21.91
CA GLY K 330 -106.92 21.30 22.50
C GLY K 330 -106.07 22.07 23.50
N GLU K 331 -105.03 21.37 23.99
CA GLU K 331 -104.12 21.89 25.01
C GLU K 331 -102.79 21.13 24.93
N GLU K 332 -101.69 21.73 25.39
CA GLU K 332 -100.40 21.08 25.32
C GLU K 332 -100.28 19.91 26.31
N ARG K 333 -99.94 18.73 25.78
CA ARG K 333 -99.73 17.55 26.60
C ARG K 333 -98.29 17.09 26.50
N GLN K 334 -97.80 16.45 27.55
CA GLN K 334 -96.40 16.01 27.62
C GLN K 334 -96.17 14.71 26.85
N LEU K 335 -95.20 14.72 25.95
CA LEU K 335 -94.89 13.52 25.18
C LEU K 335 -93.58 12.86 25.65
N THR K 336 -92.47 13.56 25.46
CA THR K 336 -91.16 13.00 25.82
C THR K 336 -90.49 13.75 26.96
N ASP K 337 -90.03 12.99 27.93
CA ASP K 337 -89.30 13.51 29.09
C ASP K 337 -87.77 13.47 29.03
N TYR K 338 -87.19 13.13 27.89
CA TYR K 338 -85.85 12.53 27.83
C TYR K 338 -84.82 13.18 28.76
N ASN K 339 -84.81 14.50 28.85
CA ASN K 339 -83.81 15.20 29.63
C ASN K 339 -84.20 15.45 31.09
N GLY K 340 -85.37 14.94 31.48
CA GLY K 340 -85.89 15.14 32.82
C GLY K 340 -85.00 14.57 33.90
N LEU K 341 -84.66 13.29 33.80
CA LEU K 341 -83.83 12.62 34.80
C LEU K 341 -82.49 13.31 35.02
N ILE K 342 -81.97 13.93 33.96
CA ILE K 342 -80.71 14.66 34.06
C ILE K 342 -80.90 16.00 34.77
N PHE K 343 -81.92 16.74 34.37
CA PHE K 343 -82.14 18.09 34.91
C PHE K 343 -82.63 18.12 36.36
N LYS K 344 -83.00 16.96 36.90
CA LYS K 344 -83.33 16.86 38.32
C LYS K 344 -82.03 16.95 39.13
N LYS K 345 -80.93 16.55 38.50
CA LYS K 345 -79.61 16.58 39.12
C LYS K 345 -78.79 17.83 38.75
N LEU K 346 -79.38 18.71 37.96
CA LEU K 346 -78.65 19.89 37.51
C LEU K 346 -79.48 21.17 37.61
N LYS K 347 -79.00 22.12 38.42
CA LYS K 347 -79.70 23.38 38.62
C LYS K 347 -79.67 24.24 37.35
N THR K 348 -80.83 24.73 36.94
CA THR K 348 -80.90 25.63 35.80
C THR K 348 -81.09 27.06 36.26
N PHE K 349 -81.08 28.00 35.31
CA PHE K 349 -81.20 29.42 35.65
C PHE K 349 -82.22 30.07 34.73
N GLU K 350 -83.32 30.54 35.30
CA GLU K 350 -84.35 31.19 34.50
C GLU K 350 -84.04 32.66 34.33
N PRO K 351 -84.08 33.15 33.09
CA PRO K 351 -83.78 34.55 32.77
C PRO K 351 -84.82 35.49 33.35
N ARG K 352 -84.46 36.75 33.56
CA ARG K 352 -85.40 37.75 34.07
C ARG K 352 -85.67 38.81 33.01
N HIS K 353 -86.94 39.02 32.70
CA HIS K 353 -87.32 39.99 31.68
C HIS K 353 -87.44 41.39 32.26
N PHE K 354 -86.83 42.37 31.61
CA PHE K 354 -87.00 43.77 31.99
C PHE K 354 -87.03 44.69 30.78
N ARG K 355 -87.98 45.60 30.78
CA ARG K 355 -88.09 46.60 29.73
C ARG K 355 -87.11 47.74 30.00
N PHE K 356 -86.69 48.41 28.94
CA PHE K 356 -85.84 49.60 29.07
C PHE K 356 -86.04 50.57 27.91
N LYS K 357 -85.85 51.86 28.19
CA LYS K 357 -86.01 52.90 27.16
C LYS K 357 -84.66 53.29 26.55
N SER K 358 -84.55 53.10 25.23
CA SER K 358 -83.35 53.51 24.51
C SER K 358 -83.75 54.47 23.40
N ILE K 359 -83.28 55.70 23.48
CA ILE K 359 -83.65 56.73 22.51
C ILE K 359 -85.17 56.85 22.38
N ASP K 360 -85.68 56.62 21.17
CA ASP K 360 -87.11 56.85 20.88
C ASP K 360 -87.98 55.60 21.03
N LEU K 361 -87.39 54.50 21.48
CA LEU K 361 -88.12 53.24 21.58
C LEU K 361 -88.00 52.60 22.96
N GLU K 362 -88.85 51.61 23.22
CA GLU K 362 -88.77 50.81 24.43
C GLU K 362 -88.44 49.36 24.06
N LEU K 363 -87.38 48.83 24.64
CA LEU K 363 -86.85 47.52 24.21
C LEU K 363 -86.90 46.45 25.29
N ASP K 364 -86.93 45.19 24.87
CA ASP K 364 -86.93 44.05 25.78
C ASP K 364 -85.51 43.61 26.11
N GLY K 365 -85.28 43.17 27.34
CA GLY K 365 -83.97 42.66 27.73
C GLY K 365 -84.04 41.67 28.87
N TRP K 366 -83.02 40.81 28.95
CA TRP K 366 -83.01 39.72 29.91
C TRP K 366 -81.66 39.63 30.61
N TYR K 367 -81.68 39.10 31.83
CA TYR K 367 -80.45 38.80 32.55
C TYR K 367 -80.63 37.57 33.43
N ILE K 368 -79.60 36.75 33.53
CA ILE K 368 -79.63 35.61 34.45
C ILE K 368 -78.73 35.92 35.65
N LYS K 369 -79.33 35.88 36.84
CA LYS K 369 -78.59 36.21 38.06
C LYS K 369 -77.89 34.98 38.63
N PRO K 370 -76.58 35.11 38.92
CA PRO K 370 -75.74 34.06 39.50
C PRO K 370 -76.03 33.81 40.97
N GLU K 371 -75.21 32.98 41.61
CA GLU K 371 -75.41 32.62 43.01
C GLU K 371 -74.83 33.68 43.97
N ILE K 372 -74.20 34.70 43.40
CA ILE K 372 -73.57 35.78 44.18
C ILE K 372 -72.61 35.24 45.25
N LYS K 373 -72.66 35.85 46.43
CA LYS K 373 -71.81 35.48 47.58
C LYS K 373 -71.22 36.72 48.24
N GLY K 375 -70.38 38.66 51.19
CA GLY K 375 -71.31 39.29 50.28
C GLY K 375 -70.64 40.24 49.31
N GLU K 376 -69.94 39.70 48.33
CA GLU K 376 -69.25 40.52 47.33
C GLU K 376 -70.12 40.79 46.09
N LYS K 377 -69.51 41.36 45.07
CA LYS K 377 -70.17 41.60 43.79
C LYS K 377 -69.81 40.52 42.77
N ALA K 378 -70.36 40.60 41.55
CA ALA K 378 -70.12 39.56 40.53
C ALA K 378 -69.94 40.13 39.13
N PRO K 379 -69.07 39.48 38.32
CA PRO K 379 -68.77 39.94 36.96
C PRO K 379 -69.94 39.78 36.00
N VAL K 380 -69.90 40.48 34.86
CA VAL K 380 -71.01 40.47 33.90
C VAL K 380 -70.56 40.02 32.50
N ILE K 381 -71.40 39.23 31.84
CA ILE K 381 -71.17 38.88 30.43
C ILE K 381 -72.30 39.35 29.52
N VAL K 382 -71.96 40.14 28.52
CA VAL K 382 -72.94 40.62 27.54
C VAL K 382 -72.91 39.76 26.27
N PHE K 383 -74.05 39.13 25.98
CA PHE K 383 -74.21 38.34 24.77
C PHE K 383 -74.96 39.12 23.71
N VAL K 384 -74.37 39.25 22.54
CA VAL K 384 -75.01 39.93 21.42
C VAL K 384 -75.34 38.90 20.34
N HIS K 385 -76.63 38.74 20.06
CA HIS K 385 -77.06 37.72 19.11
C HIS K 385 -76.70 38.04 17.66
N GLY K 386 -76.66 37.00 16.83
CA GLY K 386 -76.39 37.16 15.41
C GLY K 386 -77.51 37.96 14.79
N GLY K 387 -77.39 38.30 13.52
CA GLY K 387 -78.26 39.31 12.95
C GLY K 387 -77.94 39.79 11.56
N PRO K 388 -78.34 41.04 11.26
CA PRO K 388 -78.90 41.90 12.29
C PRO K 388 -80.28 41.45 12.75
N LYS K 389 -80.95 40.64 11.94
CA LYS K 389 -82.35 40.28 12.19
C LYS K 389 -82.54 39.06 13.09
N GLY K 390 -81.45 38.52 13.63
CA GLY K 390 -81.55 37.43 14.59
C GLY K 390 -82.32 37.90 15.82
N MET K 391 -82.69 36.96 16.68
CA MET K 391 -83.44 37.31 17.87
C MET K 391 -83.06 36.49 19.10
N TYR K 392 -82.88 37.17 20.24
CA TYR K 392 -82.67 36.49 21.50
C TYR K 392 -84.02 36.23 22.16
N GLY K 393 -84.04 35.56 23.31
CA GLY K 393 -85.30 35.05 23.80
C GLY K 393 -85.20 33.84 24.71
N TYR K 394 -86.26 33.05 24.72
CA TYR K 394 -86.42 31.92 25.62
C TYR K 394 -85.82 30.60 25.11
N TYR K 395 -85.13 30.64 23.98
CA TYR K 395 -84.44 29.44 23.47
C TYR K 395 -83.20 29.07 24.29
N PHE K 396 -82.79 27.81 24.19
CA PHE K 396 -81.70 27.26 24.99
C PHE K 396 -80.32 27.65 24.49
N LYS K 397 -79.53 28.27 25.36
CA LYS K 397 -78.19 28.70 25.00
C LYS K 397 -77.18 28.16 26.01
N TYR K 398 -76.30 27.29 25.53
CA TYR K 398 -75.37 26.57 26.40
C TYR K 398 -74.46 27.49 27.20
N GLU K 399 -73.78 28.39 26.49
CA GLU K 399 -72.85 29.33 27.10
C GLU K 399 -73.46 30.03 28.31
N MET K 400 -74.66 30.57 28.13
CA MET K 400 -75.33 31.35 29.17
C MET K 400 -75.54 30.58 30.47
N GLN K 401 -76.15 29.40 30.38
CA GLN K 401 -76.35 28.58 31.57
C GLN K 401 -75.03 28.22 32.22
N LEU K 402 -74.02 27.95 31.40
CA LEU K 402 -72.69 27.58 31.89
C LEU K 402 -72.02 28.68 32.71
N MET K 403 -71.89 29.85 32.09
CA MET K 403 -71.20 30.97 32.72
C MET K 403 -72.00 31.47 33.93
N ALA K 404 -73.31 31.31 33.86
CA ALA K 404 -74.17 31.65 35.00
C ALA K 404 -73.88 30.72 36.17
N SER K 405 -73.52 29.48 35.88
CA SER K 405 -73.12 28.53 36.92
C SER K 405 -71.70 28.80 37.39
N LYS K 406 -70.97 29.61 36.61
CA LYS K 406 -69.60 29.97 36.93
C LYS K 406 -69.57 31.27 37.73
N GLY K 407 -70.76 31.81 38.02
CA GLY K 407 -70.88 33.03 38.78
C GLY K 407 -70.86 34.33 37.98
N TYR K 408 -71.26 34.27 36.72
CA TYR K 408 -71.30 35.46 35.88
C TYR K 408 -72.72 35.95 35.66
N TYR K 409 -72.96 37.23 35.87
CA TYR K 409 -74.23 37.83 35.48
C TYR K 409 -74.30 37.76 33.97
N ILE K 410 -75.40 37.20 33.46
CA ILE K 410 -75.62 37.14 32.03
C ILE K 410 -76.61 38.23 31.65
N VAL K 411 -76.32 38.96 30.58
CA VAL K 411 -77.24 39.98 30.12
C VAL K 411 -77.27 40.07 28.59
N TYR K 412 -78.48 40.15 28.02
CA TYR K 412 -78.67 40.26 26.57
C TYR K 412 -79.99 40.99 26.24
N VAL K 413 -80.09 41.50 25.03
CA VAL K 413 -81.22 42.34 24.62
C VAL K 413 -81.51 42.21 23.13
N ASN K 414 -82.69 42.68 22.70
CA ASN K 414 -83.09 42.62 21.29
C ASN K 414 -83.27 44.02 20.71
N PRO K 415 -82.14 44.66 20.36
CA PRO K 415 -82.02 46.01 19.82
C PRO K 415 -82.64 46.13 18.45
N ARG K 416 -82.86 47.35 17.98
CA ARG K 416 -83.43 47.57 16.67
C ARG K 416 -82.65 46.80 15.61
N GLY K 417 -83.40 46.19 14.69
CA GLY K 417 -82.85 45.24 13.74
C GLY K 417 -83.26 43.82 14.10
N SER K 418 -83.68 43.61 15.34
CA SER K 418 -84.03 42.28 15.83
C SER K 418 -85.36 41.76 15.29
N ASN K 419 -85.42 40.46 15.03
CA ASN K 419 -86.66 39.81 14.66
C ASN K 419 -87.56 39.65 15.88
N GLY K 420 -88.85 39.46 15.63
CA GLY K 420 -89.81 39.28 16.71
C GLY K 420 -90.61 40.52 17.00
N TYR K 421 -90.45 41.54 16.15
CA TYR K 421 -91.13 42.81 16.34
C TYR K 421 -91.58 43.40 15.00
N SER K 422 -92.09 44.63 15.04
CA SER K 422 -92.63 45.26 13.84
C SER K 422 -91.59 45.31 12.73
N GLU K 423 -92.06 45.22 11.48
CA GLU K 423 -91.17 45.26 10.32
C GLU K 423 -90.28 46.51 10.32
N ASP K 424 -90.82 47.63 10.80
CA ASP K 424 -90.05 48.88 10.86
C ASP K 424 -88.94 48.81 11.91
N PHE K 425 -89.22 48.09 13.00
CA PHE K 425 -88.24 47.89 14.07
C PHE K 425 -86.97 47.28 13.51
N ALA K 426 -87.11 46.06 13.00
CA ALA K 426 -85.99 45.34 12.43
C ALA K 426 -85.38 46.04 11.22
N LEU K 427 -86.19 46.80 10.47
CA LEU K 427 -85.70 47.48 9.27
C LEU K 427 -85.02 48.81 9.59
N ARG K 428 -85.00 49.17 10.88
CA ARG K 428 -84.44 50.44 11.32
C ARG K 428 -82.90 50.41 11.35
N VAL K 429 -82.33 49.21 11.43
CA VAL K 429 -80.88 49.05 11.52
C VAL K 429 -80.17 49.23 10.17
N LEU K 430 -80.93 49.20 9.07
CA LEU K 430 -80.33 49.27 7.74
C LEU K 430 -79.48 50.54 7.57
N GLU K 431 -78.23 50.35 7.16
CA GLU K 431 -77.27 51.44 6.96
C GLU K 431 -76.83 52.04 8.30
N ARG K 432 -77.53 51.67 9.36
CA ARG K 432 -77.29 52.19 10.71
C ARG K 432 -76.38 51.31 11.58
N THR K 433 -75.82 50.26 10.99
CA THR K 433 -75.13 49.24 11.78
C THR K 433 -74.10 49.84 12.73
N GLY K 434 -74.22 49.44 14.00
CA GLY K 434 -73.30 49.89 15.03
C GLY K 434 -73.69 51.19 15.71
N LEU K 435 -74.66 51.90 15.14
CA LEU K 435 -74.97 53.24 15.67
C LEU K 435 -76.06 53.22 16.74
N GLU K 436 -77.32 53.04 16.34
CA GLU K 436 -78.40 53.07 17.31
C GLU K 436 -78.54 51.75 18.05
N ASP K 437 -78.28 50.65 17.34
CA ASP K 437 -78.33 49.32 17.93
C ASP K 437 -77.30 49.17 19.03
N PHE K 438 -76.11 49.71 18.80
CA PHE K 438 -75.08 49.74 19.81
C PHE K 438 -75.62 50.49 21.03
N GLN K 439 -76.12 51.69 20.79
CA GLN K 439 -76.72 52.49 21.86
C GLN K 439 -77.74 51.65 22.62
N ASP K 440 -78.62 50.96 21.89
CA ASP K 440 -79.63 50.10 22.50
C ASP K 440 -78.98 49.16 23.50
N ILE K 441 -77.90 48.51 23.08
CA ILE K 441 -77.17 47.60 23.95
C ILE K 441 -76.64 48.32 25.19
N LEU K 442 -76.00 49.47 24.98
CA LEU K 442 -75.43 50.26 26.07
C LEU K 442 -76.50 50.62 27.11
N ASN K 443 -77.62 51.12 26.61
CA ASN K 443 -78.72 51.55 27.47
C ASN K 443 -79.30 50.41 28.31
N GLY K 444 -79.65 49.32 27.64
CA GLY K 444 -80.15 48.14 28.34
C GLY K 444 -79.16 47.66 29.38
N ILE K 445 -77.89 48.02 29.17
CA ILE K 445 -76.83 47.64 30.09
C ILE K 445 -76.93 48.51 31.35
N GLU K 446 -76.76 49.83 31.19
CA GLU K 446 -76.85 50.76 32.32
C GLU K 446 -78.16 50.60 33.09
N GLU K 447 -79.24 50.34 32.37
CA GLU K 447 -80.55 50.06 32.97
C GLU K 447 -80.51 48.76 33.78
N PHE K 448 -79.76 47.79 33.28
CA PHE K 448 -79.56 46.51 33.97
C PHE K 448 -78.73 46.68 35.24
N LEU K 449 -77.66 47.46 35.13
CA LEU K 449 -76.79 47.73 36.26
C LEU K 449 -77.58 48.28 37.43
N ARG K 450 -78.45 49.25 37.14
CA ARG K 450 -79.37 49.78 38.15
C ARG K 450 -80.15 48.66 38.80
N LEU K 451 -80.97 47.97 38.00
CA LEU K 451 -81.86 46.92 38.50
C LEU K 451 -81.15 45.92 39.40
N GLU K 452 -79.98 45.43 38.98
CA GLU K 452 -79.16 44.61 39.86
C GLU K 452 -77.90 45.37 40.25
N PRO K 453 -77.87 45.89 41.49
CA PRO K 453 -76.71 46.60 42.03
C PRO K 453 -75.54 45.67 42.27
N GLN K 454 -75.84 44.44 42.68
CA GLN K 454 -74.79 43.48 43.01
C GLN K 454 -73.90 43.19 41.81
N ALA K 455 -74.36 43.57 40.62
CA ALA K 455 -73.56 43.41 39.42
C ALA K 455 -72.39 44.39 39.48
N ASP K 456 -71.19 43.86 39.36
CA ASP K 456 -69.98 44.69 39.49
C ASP K 456 -69.75 45.41 38.18
N ARG K 457 -69.78 46.74 38.23
CA ARG K 457 -69.65 47.52 37.02
C ARG K 457 -68.21 47.55 36.54
N GLU K 458 -67.29 47.16 37.41
CA GLU K 458 -65.87 47.13 37.10
C GLU K 458 -65.52 45.98 36.15
N ARG K 459 -66.08 44.80 36.42
CA ARG K 459 -65.88 43.69 35.52
C ARG K 459 -67.11 43.46 34.67
N ILE K 460 -67.03 43.85 33.39
CA ILE K 460 -68.08 43.56 32.42
C ILE K 460 -67.49 43.14 31.08
N GLY K 461 -67.84 41.93 30.64
CA GLY K 461 -67.38 41.43 29.35
C GLY K 461 -68.43 41.48 28.27
N ILE K 462 -68.01 41.29 27.03
CA ILE K 462 -68.93 41.24 25.90
C ILE K 462 -68.51 40.19 24.87
N THR K 463 -69.46 39.35 24.45
CA THR K 463 -69.18 38.27 23.52
C THR K 463 -70.25 38.18 22.44
N GLY K 464 -69.95 37.50 21.35
CA GLY K 464 -70.93 37.30 20.30
C GLY K 464 -70.48 36.43 19.14
N ILE K 465 -71.44 35.97 18.36
CA ILE K 465 -71.13 35.22 17.16
C ILE K 465 -71.68 35.96 15.94
N ALA K 466 -70.96 35.89 14.82
CA ALA K 466 -71.39 36.58 13.62
C ALA K 466 -71.58 38.06 13.95
N TYR K 467 -72.81 38.56 13.80
CA TYR K 467 -73.08 39.96 14.10
C TYR K 467 -72.77 40.27 15.56
N GLY K 468 -72.93 39.26 16.42
CA GLY K 468 -72.53 39.38 17.81
C GLY K 468 -71.03 39.61 17.91
N GLY K 469 -70.30 39.03 16.97
CA GLY K 469 -68.87 39.25 16.87
C GLY K 469 -68.55 40.66 16.42
N TYR K 470 -69.15 41.09 15.31
CA TYR K 470 -68.97 42.44 14.82
C TYR K 470 -69.25 43.46 15.92
N MET K 471 -70.34 43.24 16.65
CA MET K 471 -70.76 44.13 17.73
C MET K 471 -69.73 44.17 18.85
N THR K 472 -69.14 43.02 19.16
CA THR K 472 -68.11 42.96 20.19
C THR K 472 -66.87 43.73 19.73
N ASN K 473 -66.47 43.50 18.48
CA ASN K 473 -65.35 44.24 17.88
C ASN K 473 -65.59 45.73 18.01
N TRP K 474 -66.76 46.14 17.51
CA TRP K 474 -67.19 47.53 17.55
C TRP K 474 -67.26 48.05 18.97
N ALA K 475 -67.68 47.18 19.89
CA ALA K 475 -67.80 47.54 21.30
C ALA K 475 -66.45 47.98 21.88
N LEU K 476 -65.43 47.14 21.70
CA LEU K 476 -64.13 47.41 22.27
C LEU K 476 -63.45 48.62 21.60
N THR K 477 -63.86 48.92 20.37
CA THR K 477 -63.35 50.10 19.68
C THR K 477 -64.03 51.40 20.09
N GLN K 478 -65.34 51.36 20.30
CA GLN K 478 -66.09 52.58 20.61
C GLN K 478 -66.35 52.86 22.09
N SER K 479 -65.90 51.96 22.97
CA SER K 479 -66.20 52.11 24.39
C SER K 479 -65.10 51.61 25.31
N ASP K 480 -64.96 52.28 26.45
CA ASP K 480 -63.98 51.88 27.48
C ASP K 480 -64.61 51.02 28.57
N LEU K 481 -65.90 50.72 28.43
CA LEU K 481 -66.67 50.05 29.47
C LEU K 481 -66.39 48.54 29.64
N PHE K 482 -65.93 47.89 28.57
CA PHE K 482 -65.74 46.44 28.63
C PHE K 482 -64.32 46.01 28.95
N LYS K 483 -64.18 45.22 30.00
CA LYS K 483 -62.88 44.76 30.49
C LYS K 483 -62.34 43.56 29.69
N ALA K 484 -63.22 42.87 29.00
CA ALA K 484 -62.84 41.71 28.20
C ALA K 484 -63.87 41.46 27.12
N GLY K 485 -63.51 40.68 26.11
CA GLY K 485 -64.45 40.34 25.05
C GLY K 485 -64.05 39.10 24.28
N ILE K 486 -65.04 38.47 23.66
CA ILE K 486 -64.81 37.32 22.80
C ILE K 486 -65.59 37.47 21.49
N SER K 487 -64.87 37.55 20.38
CA SER K 487 -65.49 37.71 19.06
C SER K 487 -65.37 36.44 18.24
N GLU K 488 -66.50 35.93 17.76
CA GLU K 488 -66.48 34.69 17.00
C GLU K 488 -67.08 34.86 15.60
N ASN K 489 -66.28 34.58 14.59
CA ASN K 489 -66.75 34.60 13.21
C ASN K 489 -67.41 35.93 12.87
N GLY K 490 -66.93 37.02 13.46
CA GLY K 490 -67.52 38.33 13.27
C GLY K 490 -67.04 39.06 12.03
N ILE K 491 -67.34 40.35 11.94
CA ILE K 491 -66.93 41.18 10.81
C ILE K 491 -66.14 42.40 11.29
N SER K 492 -64.86 42.46 10.95
CA SER K 492 -64.08 43.67 11.21
C SER K 492 -64.11 44.65 10.03
N TYR K 493 -64.52 44.17 8.86
CA TYR K 493 -64.56 45.03 7.69
C TYR K 493 -65.75 44.68 6.82
N TRP K 494 -66.53 45.69 6.43
CA TRP K 494 -67.70 45.42 5.61
C TRP K 494 -67.37 45.22 4.14
N LEU K 495 -66.36 45.92 3.64
CA LEU K 495 -66.05 45.82 2.22
C LEU K 495 -65.72 44.38 1.83
N THR K 496 -64.85 43.75 2.62
CA THR K 496 -64.46 42.36 2.37
C THR K 496 -65.62 41.39 2.63
N SER K 497 -66.56 41.81 3.47
CA SER K 497 -67.76 41.00 3.71
C SER K 497 -68.64 41.01 2.48
N TYR K 498 -68.64 42.13 1.78
CA TYR K 498 -69.43 42.29 0.57
C TYR K 498 -68.85 41.45 -0.57
N ALA K 499 -67.55 41.60 -0.81
CA ALA K 499 -66.89 40.93 -1.93
C ALA K 499 -66.57 39.46 -1.64
N PHE K 500 -66.08 39.20 -0.45
CA PHE K 500 -65.61 37.86 -0.10
C PHE K 500 -66.70 36.84 0.29
N SER K 501 -67.63 37.23 1.16
CA SER K 501 -68.60 36.27 1.71
C SER K 501 -69.66 35.80 0.72
N ASP K 502 -70.30 34.69 1.06
CA ASP K 502 -71.33 34.08 0.21
C ASP K 502 -72.49 35.02 -0.16
N ILE K 503 -73.15 35.56 0.86
CA ILE K 503 -74.33 36.40 0.66
C ILE K 503 -73.92 37.85 0.51
N GLY K 504 -72.61 38.09 0.52
CA GLY K 504 -72.09 39.45 0.54
C GLY K 504 -72.65 40.38 -0.51
N LEU K 505 -72.65 39.94 -1.77
CA LEU K 505 -73.01 40.82 -2.86
C LEU K 505 -74.35 41.53 -2.66
N TRP K 506 -75.41 40.77 -2.40
CA TRP K 506 -76.71 41.39 -2.12
C TRP K 506 -76.98 41.78 -0.67
N PHE K 507 -76.24 41.21 0.27
CA PHE K 507 -76.50 41.47 1.68
C PHE K 507 -75.89 42.77 2.17
N ASP K 508 -74.70 43.08 1.67
CA ASP K 508 -73.98 44.25 2.13
C ASP K 508 -74.44 45.52 1.43
N LYS K 509 -75.21 45.35 0.36
CA LYS K 509 -75.81 46.48 -0.31
C LYS K 509 -77.01 46.97 0.50
N GLU K 510 -77.80 46.03 1.00
CA GLU K 510 -78.99 46.38 1.75
C GLU K 510 -78.68 46.82 3.18
N VAL K 511 -77.84 46.05 3.88
CA VAL K 511 -77.55 46.31 5.30
C VAL K 511 -76.49 47.39 5.55
N ILE K 512 -75.58 47.57 4.60
CA ILE K 512 -74.50 48.56 4.74
C ILE K 512 -74.69 49.77 3.83
N GLY K 513 -74.63 49.55 2.52
CA GLY K 513 -74.96 50.59 1.55
C GLY K 513 -74.69 50.21 0.11
N ASP K 514 -75.32 50.95 -0.81
CA ASP K 514 -75.10 50.76 -2.23
C ASP K 514 -73.76 51.34 -2.68
N ASN K 515 -73.26 50.88 -3.82
CA ASN K 515 -72.01 51.39 -4.37
C ASN K 515 -70.86 51.19 -3.40
N PRO K 516 -70.53 49.93 -3.13
CA PRO K 516 -69.58 49.57 -2.06
C PRO K 516 -68.18 50.16 -2.23
N LEU K 517 -67.63 50.07 -3.44
CA LEU K 517 -66.28 50.57 -3.70
C LEU K 517 -66.20 52.10 -3.59
N GLU K 518 -67.37 52.73 -3.55
CA GLU K 518 -67.51 54.17 -3.50
C GLU K 518 -67.89 54.62 -2.10
N ASN K 519 -69.04 54.14 -1.64
CA ASN K 519 -69.64 54.53 -0.36
C ASN K 519 -68.63 54.44 0.78
N GLU K 520 -68.53 55.51 1.56
CA GLU K 520 -67.55 55.60 2.63
C GLU K 520 -68.07 55.01 3.94
N ASN K 521 -69.30 54.51 3.91
CA ASN K 521 -69.92 53.94 5.10
C ASN K 521 -69.26 52.61 5.50
N TYR K 522 -68.75 51.89 4.50
CA TYR K 522 -68.09 50.60 4.73
C TYR K 522 -66.88 50.75 5.64
N ARG K 523 -66.10 51.81 5.44
CA ARG K 523 -64.98 52.12 6.33
C ARG K 523 -65.49 52.61 7.67
N LYS K 524 -66.39 53.59 7.64
CA LYS K 524 -66.87 54.26 8.85
C LYS K 524 -67.44 53.30 9.90
N LEU K 525 -68.16 52.28 9.45
CA LEU K 525 -68.79 51.31 10.35
C LEU K 525 -67.95 50.05 10.59
N SER K 526 -66.74 50.02 10.03
CA SER K 526 -65.85 48.88 10.17
C SER K 526 -64.94 49.01 11.40
N PRO K 527 -65.14 48.14 12.40
CA PRO K 527 -64.32 48.12 13.62
C PRO K 527 -62.82 48.13 13.34
N LEU K 528 -62.42 47.51 12.23
CA LEU K 528 -61.00 47.38 11.87
C LEU K 528 -60.24 48.71 11.91
N PHE K 529 -60.83 49.76 11.35
CA PHE K 529 -60.17 51.06 11.28
C PHE K 529 -60.05 51.74 12.65
N TYR K 530 -60.86 51.28 13.59
CA TYR K 530 -60.86 51.81 14.96
C TYR K 530 -59.96 51.04 15.92
N ALA K 531 -59.20 50.09 15.40
CA ALA K 531 -58.38 49.19 16.21
C ALA K 531 -57.54 49.86 17.29
N LYS K 532 -56.96 51.03 16.97
CA LYS K 532 -56.12 51.74 17.94
C LYS K 532 -56.85 52.01 19.26
N ASN K 533 -58.17 52.14 19.21
CA ASN K 533 -58.97 52.41 20.41
C ASN K 533 -59.06 51.21 21.35
N VAL K 534 -58.61 50.07 20.88
CA VAL K 534 -58.69 48.85 21.67
C VAL K 534 -57.89 49.00 22.95
N LYS K 535 -58.48 48.57 24.06
CA LYS K 535 -57.79 48.56 25.33
C LYS K 535 -57.86 47.16 25.94
N ALA K 536 -59.08 46.73 26.27
CA ALA K 536 -59.31 45.45 26.90
C ALA K 536 -58.81 44.26 26.08
N PRO K 537 -58.39 43.19 26.76
CA PRO K 537 -57.98 41.95 26.10
C PRO K 537 -59.11 41.33 25.27
N LEU K 538 -58.77 40.75 24.12
CA LEU K 538 -59.76 40.19 23.19
C LEU K 538 -59.32 38.85 22.60
N LEU K 539 -60.20 37.86 22.69
CA LEU K 539 -59.96 36.56 22.06
C LEU K 539 -60.83 36.38 20.82
N LEU K 540 -60.19 36.12 19.68
CA LEU K 540 -60.89 35.93 18.41
C LEU K 540 -61.00 34.46 18.06
N ILE K 541 -62.20 34.04 17.68
CA ILE K 541 -62.44 32.66 17.30
C ILE K 541 -62.93 32.58 15.86
N HIS K 542 -62.35 31.68 15.08
CA HIS K 542 -62.77 31.54 13.69
C HIS K 542 -62.62 30.12 13.18
N SER K 543 -63.45 29.75 12.20
CA SER K 543 -63.42 28.42 11.61
C SER K 543 -63.23 28.48 10.09
N LEU K 544 -62.26 27.71 9.61
CA LEU K 544 -61.80 27.79 8.22
C LEU K 544 -62.87 27.56 7.15
N GLU K 545 -63.90 26.78 7.49
CA GLU K 545 -64.94 26.41 6.54
C GLU K 545 -66.16 27.34 6.55
N ASP K 546 -66.09 28.42 7.32
CA ASP K 546 -67.24 29.30 7.46
C ASP K 546 -67.17 30.39 6.40
N TYR K 547 -68.07 30.32 5.42
CA TYR K 547 -68.08 31.27 4.32
C TYR K 547 -69.08 32.41 4.51
N ARG K 548 -69.84 32.35 5.60
CA ARG K 548 -70.76 33.43 5.90
C ARG K 548 -69.96 34.63 6.34
N CYS K 549 -69.04 34.39 7.27
CA CYS K 549 -68.07 35.37 7.71
C CYS K 549 -66.67 34.74 7.57
N PRO K 550 -66.04 34.94 6.41
CA PRO K 550 -64.75 34.34 6.07
C PRO K 550 -63.63 34.74 7.04
N LEU K 551 -62.56 33.95 7.05
CA LEU K 551 -61.45 34.09 7.99
C LEU K 551 -60.88 35.50 8.11
N ASP K 552 -60.79 36.21 6.99
CA ASP K 552 -60.18 37.53 6.96
C ASP K 552 -60.72 38.48 8.02
N GLN K 553 -62.02 38.38 8.30
CA GLN K 553 -62.66 39.24 9.28
C GLN K 553 -61.96 39.18 10.63
N SER K 554 -61.72 37.96 11.11
CA SER K 554 -61.02 37.74 12.37
C SER K 554 -59.51 37.92 12.25
N LEU K 555 -58.93 37.37 11.20
CA LEU K 555 -57.48 37.38 11.05
C LEU K 555 -56.92 38.78 10.81
N MET K 556 -57.44 39.47 9.80
CA MET K 556 -56.99 40.84 9.52
C MET K 556 -57.06 41.70 10.78
N PHE K 557 -58.14 41.52 11.54
CA PHE K 557 -58.35 42.25 12.79
C PHE K 557 -57.28 41.88 13.81
N TYR K 558 -57.09 40.58 14.00
CA TYR K 558 -56.05 40.09 14.89
C TYR K 558 -54.69 40.67 14.49
N HIS K 559 -54.30 40.48 13.22
CA HIS K 559 -53.03 41.00 12.72
C HIS K 559 -52.83 42.46 13.05
N VAL K 560 -53.87 43.25 12.82
CA VAL K 560 -53.78 44.69 13.04
C VAL K 560 -53.63 45.01 14.52
N LEU K 561 -54.48 44.41 15.36
CA LEU K 561 -54.40 44.62 16.80
C LEU K 561 -53.04 44.23 17.36
N LYS K 562 -52.36 43.29 16.69
CA LYS K 562 -51.01 42.90 17.09
C LYS K 562 -49.98 43.94 16.64
N ASP K 563 -50.26 44.61 15.53
CA ASP K 563 -49.36 45.60 14.98
C ASP K 563 -49.37 46.87 15.84
N LEU K 564 -50.47 47.09 16.54
CA LEU K 564 -50.60 48.24 17.42
C LEU K 564 -50.24 47.93 18.88
N GLY K 565 -49.82 46.69 19.12
CA GLY K 565 -49.36 46.27 20.43
C GLY K 565 -50.47 45.96 21.43
N LYS K 566 -51.57 45.42 20.93
CA LYS K 566 -52.73 45.13 21.76
C LYS K 566 -52.68 43.68 22.25
N GLU K 567 -53.19 43.43 23.45
CA GLU K 567 -53.28 42.05 23.90
C GLU K 567 -54.49 41.42 23.21
N VAL K 568 -54.22 40.41 22.37
CA VAL K 568 -55.24 39.73 21.60
C VAL K 568 -54.79 38.31 21.26
N TYR K 569 -55.74 37.37 21.19
CA TYR K 569 -55.44 35.98 20.86
C TYR K 569 -56.44 35.47 19.85
N ILE K 570 -56.01 34.65 18.91
CA ILE K 570 -56.94 34.09 17.93
C ILE K 570 -56.94 32.56 17.90
N ALA K 571 -58.12 31.99 18.05
CA ALA K 571 -58.28 30.55 17.99
C ALA K 571 -58.93 30.19 16.68
N ILE K 572 -58.15 29.58 15.79
CA ILE K 572 -58.66 29.25 14.47
C ILE K 572 -58.95 27.76 14.41
N PHE K 573 -60.21 27.43 14.14
CA PHE K 573 -60.62 26.03 14.07
C PHE K 573 -60.51 25.48 12.65
N LYS K 574 -59.77 24.38 12.53
CA LYS K 574 -59.48 23.78 11.24
C LYS K 574 -60.77 23.36 10.53
N LYS K 575 -61.61 22.62 11.23
CA LYS K 575 -62.88 22.19 10.66
C LYS K 575 -64.07 22.83 11.36
N GLY K 576 -64.78 23.70 10.64
CA GLY K 576 -66.07 24.17 11.08
C GLY K 576 -66.72 25.20 10.17
N ALA K 577 -68.04 25.31 10.28
CA ALA K 577 -68.81 26.25 9.49
C ALA K 577 -69.17 27.44 10.36
N HIS K 578 -69.96 28.37 9.80
CA HIS K 578 -70.38 29.55 10.52
C HIS K 578 -71.06 29.21 11.85
N GLY K 579 -71.72 28.05 11.89
CA GLY K 579 -72.41 27.62 13.10
C GLY K 579 -71.65 26.59 13.91
N HIS K 580 -70.34 26.54 13.70
CA HIS K 580 -69.49 25.48 14.28
C HIS K 580 -69.61 25.33 15.80
N SER K 581 -69.91 26.42 16.50
CA SER K 581 -70.10 26.34 17.95
C SER K 581 -71.11 25.25 18.30
N ILE K 582 -72.29 25.30 17.71
CA ILE K 582 -73.27 24.23 17.85
C ILE K 582 -73.06 23.02 16.92
N ARG K 583 -72.65 23.28 15.67
CA ARG K 583 -72.64 22.23 14.65
C ARG K 583 -71.30 21.50 14.40
N GLY K 584 -70.24 21.88 15.10
CA GLY K 584 -68.96 21.22 14.95
C GLY K 584 -68.91 19.90 15.70
N SER K 585 -67.85 19.12 15.51
CA SER K 585 -67.73 17.83 16.18
C SER K 585 -67.79 17.99 17.70
N PRO K 586 -68.20 16.93 18.41
CA PRO K 586 -68.29 16.96 19.88
C PRO K 586 -66.99 17.40 20.56
N ARG K 587 -65.84 16.96 20.06
CA ARG K 587 -64.56 17.38 20.60
C ARG K 587 -64.30 18.85 20.30
N HIS K 588 -64.44 19.20 19.03
CA HIS K 588 -64.31 20.58 18.59
C HIS K 588 -65.17 21.50 19.47
N ARG K 589 -66.41 21.08 19.73
CA ARG K 589 -67.33 21.90 20.52
C ARG K 589 -66.92 21.95 21.99
N MET K 590 -66.41 20.85 22.51
CA MET K 590 -65.93 20.80 23.88
C MET K 590 -64.75 21.74 24.11
N LYS K 591 -63.72 21.59 23.30
CA LYS K 591 -62.56 22.45 23.41
C LYS K 591 -62.98 23.92 23.33
N ARG K 592 -63.84 24.25 22.36
CA ARG K 592 -64.29 25.63 22.23
C ARG K 592 -64.96 26.13 23.52
N TYR K 593 -65.85 25.33 24.08
CA TYR K 593 -66.49 25.67 25.34
C TYR K 593 -65.46 25.90 26.44
N LYS K 594 -64.51 24.99 26.57
CA LYS K 594 -63.45 25.12 27.56
C LYS K 594 -62.69 26.43 27.37
N LEU K 595 -62.33 26.72 26.13
CA LEU K 595 -61.60 27.93 25.79
C LEU K 595 -62.38 29.17 26.21
N PHE K 596 -63.61 29.26 25.71
CA PHE K 596 -64.53 30.35 26.01
C PHE K 596 -64.61 30.57 27.52
N MET K 597 -64.83 29.48 28.24
CA MET K 597 -64.95 29.51 29.69
C MET K 597 -63.74 30.13 30.35
N GLU K 598 -62.56 29.61 30.02
CA GLU K 598 -61.33 30.02 30.69
C GLU K 598 -60.85 31.43 30.34
N PHE K 599 -61.20 31.91 29.16
CA PHE K 599 -60.74 33.24 28.76
C PHE K 599 -61.45 34.27 29.60
N PHE K 600 -62.71 34.00 29.93
CA PHE K 600 -63.48 34.87 30.80
C PHE K 600 -63.04 34.72 32.25
N GLU K 601 -62.69 33.50 32.63
CA GLU K 601 -62.21 33.26 33.99
C GLU K 601 -60.92 34.06 34.19
N ARG K 602 -59.97 33.87 33.28
CA ARG K 602 -58.67 34.51 33.38
C ARG K 602 -58.57 35.96 32.88
N LYS K 603 -59.42 36.35 31.93
CA LYS K 603 -59.40 37.75 31.49
C LYS K 603 -60.47 38.65 32.11
N LEU K 604 -61.38 38.09 32.91
CA LEU K 604 -62.50 38.86 33.44
C LEU K 604 -62.71 38.76 34.95
N LYS K 605 -63.11 37.57 35.42
CA LYS K 605 -63.33 37.35 36.83
C LYS K 605 -62.11 37.84 37.63
N LYS K 606 -60.99 37.15 37.47
CA LYS K 606 -59.72 37.66 38.00
C LYS K 606 -58.69 37.68 36.88
N TYR K 607 -58.26 38.88 36.50
CA TYR K 607 -57.29 39.04 35.39
C TYR K 607 -55.92 38.43 35.71
N GLU K 608 -55.33 37.80 34.71
CA GLU K 608 -53.96 37.30 34.80
C GLU K 608 -53.24 37.48 33.47
N GLU K 609 -51.95 37.79 33.54
CA GLU K 609 -51.15 38.06 32.36
C GLU K 609 -51.10 36.89 31.39
N GLY K 610 -51.35 37.16 30.12
CA GLY K 610 -51.14 36.18 29.08
C GLY K 610 -52.16 35.05 29.09
N PHE K 611 -52.12 34.22 28.06
CA PHE K 611 -52.96 33.03 28.00
C PHE K 611 -52.14 31.85 27.52
N ASP K 612 -52.03 30.82 28.36
CA ASP K 612 -51.29 29.62 27.98
C ASP K 612 -52.26 28.52 27.63
N VAL K 613 -52.35 28.19 26.34
CA VAL K 613 -53.34 27.23 25.88
C VAL K 613 -53.01 25.81 26.33
N GLU K 614 -51.78 25.37 26.10
CA GLU K 614 -51.39 24.00 26.41
C GLU K 614 -51.52 23.65 27.90
N LYS K 615 -51.34 24.64 28.77
CA LYS K 615 -51.48 24.43 30.20
C LYS K 615 -52.96 24.35 30.59
N ILE K 616 -53.66 25.44 30.36
CA ILE K 616 -55.09 25.54 30.66
C ILE K 616 -55.87 24.32 30.18
N LEU K 617 -55.91 24.13 28.87
CA LEU K 617 -56.68 23.04 28.26
C LEU K 617 -56.42 21.68 28.91
N LYS K 618 -55.16 21.42 29.27
CA LYS K 618 -54.76 20.12 29.83
C LYS K 618 -55.84 19.49 30.72
N ILE L 4 -87.84 7.48 -20.57
CA ILE L 4 -86.54 6.85 -20.75
C ILE L 4 -86.21 6.69 -22.23
N GLU L 5 -85.49 5.62 -22.57
CA GLU L 5 -85.13 5.32 -23.95
C GLU L 5 -84.35 4.01 -24.03
N TRP L 6 -84.29 3.42 -25.22
CA TRP L 6 -83.67 2.10 -25.39
C TRP L 6 -82.18 2.20 -25.74
N ASP L 7 -81.35 1.67 -24.85
CA ASP L 7 -79.90 1.59 -25.04
C ASP L 7 -79.37 0.31 -24.42
N GLU L 8 -78.05 0.21 -24.28
CA GLU L 8 -77.44 -0.99 -23.71
C GLU L 8 -77.68 -1.13 -22.20
N LYS L 9 -78.03 -0.04 -21.54
CA LYS L 9 -78.29 -0.09 -20.11
C LYS L 9 -79.75 -0.29 -19.71
N THR L 10 -80.67 -0.16 -20.67
CA THR L 10 -82.08 -0.07 -20.33
C THR L 10 -82.54 -1.22 -19.43
N PHE L 11 -82.01 -2.41 -19.66
CA PHE L 11 -82.41 -3.58 -18.91
C PHE L 11 -82.19 -3.39 -17.39
N THR L 12 -81.23 -2.55 -17.04
CA THR L 12 -80.91 -2.29 -15.63
C THR L 12 -81.99 -1.48 -14.92
N LYS L 13 -82.99 -1.04 -15.66
CA LYS L 13 -84.08 -0.25 -15.07
C LYS L 13 -85.31 -1.08 -14.71
N PHE L 14 -85.27 -2.38 -15.01
CA PHE L 14 -86.43 -3.25 -14.77
C PHE L 14 -86.30 -4.03 -13.47
N ALA L 15 -87.41 -4.25 -12.78
CA ALA L 15 -87.42 -5.12 -11.61
C ALA L 15 -87.69 -6.57 -12.02
N TYR L 16 -86.91 -7.49 -11.51
CA TYR L 16 -87.02 -8.90 -11.91
C TYR L 16 -87.49 -9.79 -10.76
N LEU L 17 -88.71 -10.30 -10.87
CA LEU L 17 -89.31 -11.10 -9.81
C LEU L 17 -89.10 -12.59 -10.06
N SER L 18 -88.90 -13.36 -9.00
CA SER L 18 -88.69 -14.80 -9.13
C SER L 18 -89.05 -15.63 -7.90
N ASP L 19 -88.92 -16.95 -8.05
CA ASP L 19 -89.21 -17.92 -6.99
C ASP L 19 -90.44 -17.58 -6.14
N PRO L 20 -91.63 -17.60 -6.73
CA PRO L 20 -92.87 -17.34 -6.00
C PRO L 20 -93.24 -18.47 -5.04
N ARG L 21 -93.60 -18.11 -3.80
CA ARG L 21 -93.95 -19.09 -2.77
C ARG L 21 -95.14 -18.59 -1.98
N THR L 22 -95.99 -19.49 -1.52
CA THR L 22 -97.19 -19.09 -0.78
C THR L 22 -97.67 -20.10 0.26
N ARG L 23 -98.17 -19.57 1.38
CA ARG L 23 -98.86 -20.36 2.39
C ARG L 23 -99.89 -19.46 3.07
N LYS L 24 -101.04 -20.03 3.42
CA LYS L 24 -102.10 -19.29 4.08
C LYS L 24 -102.46 -18.02 3.30
N ASN L 25 -102.46 -16.88 4.00
CA ASN L 25 -102.80 -15.60 3.39
C ASN L 25 -101.57 -14.85 2.86
N LEU L 26 -100.40 -15.49 2.93
CA LEU L 26 -99.14 -14.82 2.62
C LEU L 26 -98.49 -15.27 1.31
N VAL L 27 -97.91 -14.32 0.59
CA VAL L 27 -97.15 -14.59 -0.63
C VAL L 27 -95.72 -14.07 -0.44
N ALA L 28 -94.73 -14.86 -0.87
CA ALA L 28 -93.34 -14.46 -0.73
C ALA L 28 -92.56 -14.76 -2.01
N TYR L 29 -91.94 -13.72 -2.59
CA TYR L 29 -91.14 -13.88 -3.80
C TYR L 29 -89.79 -13.17 -3.67
N VAL L 30 -89.01 -13.16 -4.76
CA VAL L 30 -87.73 -12.48 -4.75
C VAL L 30 -87.72 -11.29 -5.72
N LEU L 31 -87.44 -10.10 -5.19
CA LEU L 31 -87.21 -8.92 -6.01
C LEU L 31 -85.74 -8.80 -6.34
N THR L 32 -85.42 -8.52 -7.61
CA THR L 32 -84.03 -8.45 -8.04
C THR L 32 -83.77 -7.25 -8.93
N LYS L 33 -82.61 -6.63 -8.73
CA LYS L 33 -82.24 -5.44 -9.51
C LYS L 33 -80.81 -5.58 -10.02
N ALA L 34 -80.59 -5.13 -11.25
CA ALA L 34 -79.23 -5.12 -11.78
C ALA L 34 -78.64 -3.75 -11.50
N ASN L 35 -77.65 -3.71 -10.60
CA ASN L 35 -77.01 -2.46 -10.26
C ASN L 35 -75.75 -2.31 -11.11
N LEU L 36 -75.79 -1.38 -12.04
CA LEU L 36 -74.67 -1.22 -12.96
C LEU L 36 -73.45 -0.62 -12.26
N GLU L 37 -73.68 0.29 -11.33
CA GLU L 37 -72.59 1.03 -10.69
C GLU L 37 -71.74 0.14 -9.78
N SER L 38 -72.38 -0.77 -9.05
CA SER L 38 -71.66 -1.71 -8.20
C SER L 38 -71.36 -3.01 -8.95
N ASN L 39 -71.93 -3.12 -10.14
CA ASN L 39 -71.76 -4.32 -10.94
C ASN L 39 -72.14 -5.59 -10.18
N LYS L 40 -73.27 -5.56 -9.49
CA LYS L 40 -73.76 -6.73 -8.77
C LYS L 40 -75.27 -6.85 -8.91
N TYR L 41 -75.78 -8.03 -8.58
CA TYR L 41 -77.21 -8.25 -8.54
C TYR L 41 -77.68 -8.14 -7.09
N GLU L 42 -78.77 -7.42 -6.86
CA GLU L 42 -79.30 -7.23 -5.52
C GLU L 42 -80.59 -8.05 -5.35
N ASN L 43 -80.65 -8.84 -4.28
CA ASN L 43 -81.83 -9.65 -4.00
C ASN L 43 -82.54 -9.21 -2.72
N THR L 44 -83.79 -8.79 -2.86
CA THR L 44 -84.61 -8.44 -1.71
C THR L 44 -85.83 -9.36 -1.66
N ILE L 45 -85.94 -10.17 -0.61
CA ILE L 45 -87.12 -11.01 -0.45
C ILE L 45 -88.29 -10.15 0.02
N VAL L 46 -89.39 -10.19 -0.74
CA VAL L 46 -90.58 -9.43 -0.41
C VAL L 46 -91.70 -10.37 0.04
N ILE L 47 -92.36 -10.01 1.14
CA ILE L 47 -93.46 -10.81 1.66
C ILE L 47 -94.73 -9.96 1.73
N GLU L 48 -95.74 -10.31 0.96
CA GLU L 48 -96.99 -9.56 0.93
C GLU L 48 -98.13 -10.32 1.59
N ASN L 49 -99.07 -9.59 2.19
CA ASN L 49 -100.28 -10.21 2.71
C ASN L 49 -101.41 -10.07 1.69
N LEU L 50 -101.94 -11.22 1.27
CA LEU L 50 -103.04 -11.24 0.32
C LEU L 50 -104.21 -10.47 0.92
N GLU L 51 -105.06 -9.91 0.06
CA GLU L 51 -106.04 -8.90 0.47
C GLU L 51 -105.38 -7.52 0.43
N ASP L 52 -104.10 -7.50 0.05
CA ASP L 52 -103.28 -6.29 0.01
C ASP L 52 -103.03 -5.69 1.39
N GLY L 53 -102.73 -6.57 2.35
CA GLY L 53 -102.47 -6.15 3.71
C GLY L 53 -101.27 -5.22 3.79
N SER L 54 -100.13 -5.66 3.28
CA SER L 54 -98.88 -4.90 3.41
C SER L 54 -97.71 -5.58 2.72
N ARG L 55 -96.56 -4.93 2.77
CA ARG L 55 -95.31 -5.48 2.26
C ARG L 55 -94.20 -5.49 3.31
N LYS L 56 -93.55 -6.64 3.47
CA LYS L 56 -92.42 -6.77 4.38
C LYS L 56 -91.16 -7.20 3.61
N PHE L 57 -90.00 -6.96 4.19
CA PHE L 57 -88.75 -7.19 3.46
C PHE L 57 -87.69 -7.94 4.25
N ILE L 58 -87.02 -8.88 3.59
CA ILE L 58 -85.77 -9.41 4.09
C ILE L 58 -84.69 -9.02 3.10
N GLU L 59 -83.87 -8.05 3.48
CA GLU L 59 -82.93 -7.45 2.53
C GLU L 59 -81.70 -8.34 2.30
N ASP L 60 -81.24 -8.38 1.05
CA ASP L 60 -80.12 -9.22 0.64
C ASP L 60 -80.32 -10.68 1.03
N ALA L 61 -81.36 -11.28 0.46
CA ALA L 61 -81.71 -12.67 0.73
C ALA L 61 -82.38 -13.26 -0.49
N SER L 62 -82.49 -14.58 -0.51
CA SER L 62 -83.20 -15.29 -1.57
C SER L 62 -83.67 -16.65 -1.07
N MET L 63 -84.16 -17.47 -2.00
CA MET L 63 -84.71 -18.78 -1.67
C MET L 63 -85.63 -18.75 -0.45
N PRO L 64 -86.66 -17.90 -0.49
CA PRO L 64 -87.61 -17.87 0.61
C PRO L 64 -88.39 -19.19 0.66
N ARG L 65 -88.50 -19.75 1.85
CA ARG L 65 -89.28 -20.96 2.06
C ARG L 65 -90.14 -20.74 3.30
N ILE L 66 -91.46 -20.71 3.12
CA ILE L 66 -92.38 -20.53 4.25
C ILE L 66 -92.69 -21.88 4.88
N SER L 67 -92.57 -21.96 6.21
CA SER L 67 -92.87 -23.20 6.91
C SER L 67 -94.34 -23.57 6.76
N PRO L 68 -94.65 -24.87 6.76
CA PRO L 68 -96.03 -25.34 6.58
C PRO L 68 -97.02 -24.62 7.49
N ASP L 69 -96.64 -24.43 8.76
CA ASP L 69 -97.52 -23.79 9.74
C ASP L 69 -97.67 -22.29 9.50
N GLY L 70 -96.91 -21.75 8.57
CA GLY L 70 -97.01 -20.34 8.21
C GLY L 70 -96.42 -19.43 9.28
N LYS L 71 -95.96 -20.03 10.36
CA LYS L 71 -95.39 -19.26 11.47
C LYS L 71 -94.03 -18.63 11.11
N LYS L 72 -93.11 -19.44 10.58
CA LYS L 72 -91.76 -18.95 10.30
C LYS L 72 -91.44 -18.94 8.80
N ILE L 73 -90.26 -18.45 8.46
CA ILE L 73 -89.75 -18.46 7.08
C ILE L 73 -88.24 -18.68 7.06
N ALA L 74 -87.78 -19.52 6.14
CA ALA L 74 -86.35 -19.82 6.00
C ALA L 74 -85.81 -19.25 4.69
N PHE L 75 -84.56 -18.78 4.72
CA PHE L 75 -83.92 -18.24 3.52
C PHE L 75 -82.40 -18.41 3.56
N MET L 76 -81.72 -17.79 2.60
CA MET L 76 -80.25 -17.89 2.50
C MET L 76 -79.58 -16.57 2.10
N ARG L 77 -78.39 -16.33 2.66
CA ARG L 77 -77.55 -15.20 2.25
C ARG L 77 -76.20 -15.73 1.78
N PHE L 78 -75.65 -15.08 0.76
CA PHE L 78 -74.39 -15.50 0.17
C PHE L 78 -73.32 -14.42 0.32
N ASN L 79 -72.11 -14.72 -0.14
CA ASN L 79 -70.98 -13.79 -0.01
C ASN L 79 -69.96 -13.94 -1.14
N THR L 84 -69.25 -18.21 0.95
CA THR L 84 -69.76 -18.29 2.32
C THR L 84 -71.28 -18.12 2.36
N ALA L 85 -72.01 -19.22 2.25
CA ALA L 85 -73.47 -19.19 2.24
C ALA L 85 -74.04 -19.68 3.57
N GLN L 86 -75.07 -19.00 4.06
CA GLN L 86 -75.65 -19.37 5.35
C GLN L 86 -77.16 -19.44 5.29
N ILE L 87 -77.73 -20.37 6.07
CA ILE L 87 -79.17 -20.56 6.14
C ILE L 87 -79.77 -19.84 7.33
N TRP L 88 -80.65 -18.89 7.07
CA TRP L 88 -81.33 -18.15 8.12
C TRP L 88 -82.77 -18.57 8.26
N VAL L 89 -83.26 -18.56 9.50
CA VAL L 89 -84.68 -18.76 9.75
C VAL L 89 -85.22 -17.58 10.53
N ALA L 90 -86.12 -16.83 9.91
CA ALA L 90 -86.76 -15.69 10.57
C ALA L 90 -88.20 -16.06 10.87
N ASP L 91 -88.77 -15.44 11.91
CA ASP L 91 -90.19 -15.62 12.21
C ASP L 91 -91.04 -14.60 11.44
N LEU L 92 -92.04 -15.11 10.73
CA LEU L 92 -92.85 -14.29 9.82
C LEU L 92 -93.53 -13.12 10.56
N LYS L 93 -93.85 -13.33 11.83
CA LYS L 93 -94.52 -12.31 12.62
C LYS L 93 -93.73 -11.00 12.68
N THR L 94 -92.63 -11.02 13.44
CA THR L 94 -91.79 -9.84 13.65
C THR L 94 -90.60 -9.77 12.70
N LEU L 95 -90.40 -10.84 11.94
CA LEU L 95 -89.26 -10.96 11.03
C LEU L 95 -87.89 -10.89 11.73
N SER L 96 -87.85 -11.22 13.01
CA SER L 96 -86.56 -11.38 13.66
C SER L 96 -85.98 -12.71 13.18
N ALA L 97 -84.68 -12.72 12.90
CA ALA L 97 -84.05 -13.93 12.35
C ALA L 97 -82.78 -14.33 13.08
N LYS L 98 -82.49 -15.63 13.06
CA LYS L 98 -81.23 -16.15 13.60
C LYS L 98 -80.54 -16.96 12.51
N LYS L 99 -79.20 -17.02 12.56
CA LYS L 99 -78.45 -17.80 11.59
C LYS L 99 -78.46 -19.27 11.99
N VAL L 100 -79.06 -20.09 11.14
CA VAL L 100 -79.20 -21.52 11.41
C VAL L 100 -77.96 -22.34 11.10
N LEU L 101 -77.39 -22.14 9.91
CA LEU L 101 -76.28 -22.96 9.49
C LEU L 101 -75.37 -22.26 8.48
N GLU L 102 -74.08 -22.57 8.56
CA GLU L 102 -73.12 -22.07 7.60
C GLU L 102 -72.97 -23.16 6.54
N ALA L 103 -73.45 -22.90 5.33
CA ALA L 103 -73.53 -23.94 4.32
C ALA L 103 -72.93 -23.56 2.97
N LYS L 104 -71.88 -24.26 2.59
CA LYS L 104 -71.28 -24.09 1.28
C LYS L 104 -71.82 -25.16 0.33
N ASN L 105 -72.01 -24.77 -0.93
CA ASN L 105 -72.48 -25.71 -1.94
C ASN L 105 -73.86 -26.28 -1.67
N ILE L 106 -74.78 -25.43 -1.25
CA ILE L 106 -76.14 -25.87 -0.98
C ILE L 106 -77.06 -25.45 -2.12
N ARG L 107 -77.54 -26.42 -2.88
CA ARG L 107 -78.41 -26.13 -4.03
C ARG L 107 -79.90 -25.97 -3.71
N SER L 108 -80.36 -26.53 -2.59
CA SER L 108 -81.79 -26.51 -2.27
C SER L 108 -82.11 -26.59 -0.78
N ILE L 109 -83.19 -25.92 -0.37
CA ILE L 109 -83.72 -26.08 0.99
C ILE L 109 -85.24 -26.25 0.98
N GLU L 110 -85.70 -27.32 1.62
CA GLU L 110 -87.13 -27.65 1.65
C GLU L 110 -87.58 -27.91 3.09
N TRP L 111 -88.73 -27.37 3.46
CA TRP L 111 -89.31 -27.58 4.77
C TRP L 111 -89.85 -29.00 4.93
N ASN L 112 -90.01 -29.44 6.17
CA ASN L 112 -90.66 -30.70 6.46
C ASN L 112 -92.02 -30.39 7.08
N GLN L 113 -92.99 -31.28 6.92
CA GLN L 113 -94.33 -31.05 7.44
C GLN L 113 -94.32 -30.59 8.89
N ASP L 114 -93.34 -31.06 9.66
CA ASP L 114 -93.20 -30.70 11.07
C ASP L 114 -92.92 -29.21 11.31
N SER L 115 -92.62 -28.49 10.24
CA SER L 115 -92.28 -27.07 10.31
C SER L 115 -91.06 -26.84 11.18
N ARG L 116 -90.24 -27.88 11.32
CA ARG L 116 -89.05 -27.84 12.14
C ARG L 116 -87.79 -28.22 11.34
N ARG L 117 -87.74 -29.45 10.84
CA ARG L 117 -86.59 -29.88 10.05
C ARG L 117 -86.56 -29.28 8.65
N LEU L 118 -85.37 -29.24 8.07
CA LEU L 118 -85.18 -28.78 6.70
C LEU L 118 -84.41 -29.82 5.92
N LEU L 119 -84.62 -29.85 4.61
CA LEU L 119 -83.88 -30.76 3.75
C LEU L 119 -83.06 -29.97 2.75
N ALA L 120 -81.73 -30.08 2.90
CA ALA L 120 -80.81 -29.34 2.06
C ALA L 120 -80.08 -30.31 1.15
N VAL L 121 -80.17 -30.05 -0.15
CA VAL L 121 -79.41 -30.81 -1.13
C VAL L 121 -78.19 -29.99 -1.52
N GLY L 122 -77.06 -30.65 -1.70
CA GLY L 122 -75.82 -29.97 -2.00
C GLY L 122 -74.85 -30.90 -2.69
N PHE L 123 -73.60 -30.46 -2.85
CA PHE L 123 -72.58 -31.31 -3.45
C PHE L 123 -71.25 -31.18 -2.72
N LYS L 124 -70.40 -32.19 -2.92
CA LYS L 124 -69.02 -32.14 -2.43
C LYS L 124 -68.03 -32.55 -3.53
N ARG L 125 -66.89 -31.88 -3.57
CA ARG L 125 -65.85 -32.16 -4.57
C ARG L 125 -64.48 -32.34 -3.93
N ARG L 126 -63.54 -32.89 -4.70
CA ARG L 126 -62.18 -33.13 -4.22
C ARG L 126 -61.48 -31.81 -3.86
N GLU L 127 -61.88 -30.73 -4.52
CA GLU L 127 -61.44 -29.37 -4.19
C GLU L 127 -59.95 -29.19 -3.95
N ASP L 128 -59.12 -29.86 -4.74
CA ASP L 128 -57.69 -29.60 -4.65
C ASP L 128 -57.40 -28.26 -5.31
N GLU L 129 -56.59 -27.45 -4.66
CA GLU L 129 -56.30 -26.10 -5.12
C GLU L 129 -55.75 -26.04 -6.54
N ASP L 130 -54.74 -26.87 -6.82
CA ASP L 130 -54.04 -26.81 -8.10
C ASP L 130 -54.64 -27.59 -9.28
N PHE L 131 -55.29 -28.71 -9.02
CA PHE L 131 -55.78 -29.51 -10.14
C PHE L 131 -57.12 -30.19 -9.91
N ILE L 132 -57.82 -30.39 -11.01
CA ILE L 132 -59.08 -31.11 -11.02
C ILE L 132 -58.84 -32.54 -11.48
N PHE L 133 -59.56 -33.47 -10.88
CA PHE L 133 -59.38 -34.87 -11.21
C PHE L 133 -60.74 -35.50 -11.44
N GLU L 134 -60.85 -36.29 -12.50
CA GLU L 134 -62.14 -36.88 -12.82
C GLU L 134 -62.03 -38.33 -13.24
N ASP L 135 -62.76 -39.19 -12.55
CA ASP L 135 -62.92 -40.59 -12.95
C ASP L 135 -64.24 -40.94 -13.66
N ASP L 136 -65.14 -39.96 -13.77
CA ASP L 136 -66.49 -40.21 -14.26
C ASP L 136 -66.81 -39.23 -15.39
N VAL L 137 -68.06 -39.24 -15.86
CA VAL L 137 -68.47 -38.33 -16.92
C VAL L 137 -69.78 -37.61 -16.57
N PRO L 138 -69.93 -36.36 -17.04
CA PRO L 138 -68.91 -35.63 -17.81
C PRO L 138 -67.93 -34.92 -16.89
N ALA L 139 -66.91 -34.28 -17.47
CA ALA L 139 -65.88 -33.63 -16.67
C ALA L 139 -66.35 -32.28 -16.12
N TRP L 140 -67.31 -31.67 -16.82
CA TRP L 140 -67.85 -30.38 -16.42
C TRP L 140 -69.30 -30.23 -16.85
N PHE L 141 -70.01 -29.31 -16.22
CA PHE L 141 -71.38 -29.00 -16.62
C PHE L 141 -71.57 -27.48 -16.61
N ASP L 142 -72.37 -26.99 -17.56
CA ASP L 142 -72.56 -25.57 -17.72
C ASP L 142 -73.21 -24.95 -16.49
N ASN L 143 -72.61 -23.86 -16.02
CA ASN L 143 -73.07 -23.14 -14.85
C ASN L 143 -73.03 -24.04 -13.62
N MET L 144 -72.35 -25.18 -13.73
CA MET L 144 -71.97 -25.98 -12.57
C MET L 144 -70.48 -25.96 -12.23
N GLY L 145 -69.66 -25.37 -13.10
CA GLY L 145 -68.22 -25.51 -12.99
C GLY L 145 -67.74 -26.93 -13.31
N PHE L 146 -66.46 -27.20 -13.05
CA PHE L 146 -65.91 -28.55 -13.20
C PHE L 146 -66.45 -29.47 -12.11
N PHE L 147 -66.79 -30.69 -12.50
CA PHE L 147 -67.34 -31.67 -11.55
C PHE L 147 -66.33 -32.11 -10.48
N ASP L 148 -65.12 -32.48 -10.90
CA ASP L 148 -64.06 -32.79 -9.94
C ASP L 148 -64.50 -33.90 -8.99
N GLY L 149 -65.06 -34.96 -9.54
CA GLY L 149 -65.54 -36.07 -8.74
C GLY L 149 -66.64 -35.67 -7.78
N GLU L 150 -67.52 -34.78 -8.21
CA GLU L 150 -68.63 -34.35 -7.37
C GLU L 150 -69.54 -35.50 -6.99
N LYS L 151 -70.08 -35.44 -5.77
CA LYS L 151 -71.13 -36.34 -5.34
C LYS L 151 -72.25 -35.52 -4.70
N THR L 152 -73.51 -35.91 -4.95
CA THR L 152 -74.65 -35.23 -4.34
C THR L 152 -74.70 -35.55 -2.84
N THR L 153 -75.15 -34.59 -2.03
CA THR L 153 -75.17 -34.75 -0.58
C THR L 153 -76.50 -34.29 0.01
N PHE L 154 -77.03 -35.07 0.95
CA PHE L 154 -78.33 -34.77 1.57
C PHE L 154 -78.22 -34.59 3.08
N TRP L 155 -78.55 -33.40 3.57
CA TRP L 155 -78.49 -33.12 4.99
C TRP L 155 -79.88 -32.80 5.53
N VAL L 156 -80.20 -33.36 6.69
CA VAL L 156 -81.43 -33.01 7.38
C VAL L 156 -81.10 -32.09 8.54
N ILE L 157 -81.51 -30.83 8.43
CA ILE L 157 -81.15 -29.85 9.45
C ILE L 157 -82.29 -29.56 10.41
N ASP L 158 -82.01 -29.63 11.71
CA ASP L 158 -82.95 -29.21 12.72
C ASP L 158 -82.78 -27.72 12.90
N THR L 159 -83.82 -26.95 12.62
CA THR L 159 -83.70 -25.50 12.65
C THR L 159 -83.83 -24.96 14.07
N GLU L 160 -84.37 -25.76 14.97
CA GLU L 160 -84.44 -25.39 16.36
C GLU L 160 -83.05 -25.48 16.97
N GLY L 161 -82.50 -26.70 16.98
CA GLY L 161 -81.16 -26.92 17.52
C GLY L 161 -80.01 -26.44 16.65
N GLU L 162 -80.30 -26.20 15.37
CA GLU L 162 -79.27 -25.76 14.43
C GLU L 162 -78.18 -26.81 14.29
N GLU L 163 -78.58 -28.06 14.08
CA GLU L 163 -77.65 -29.17 13.88
C GLU L 163 -78.11 -30.10 12.77
N VAL L 164 -77.16 -30.86 12.22
CA VAL L 164 -77.49 -31.83 11.17
C VAL L 164 -77.69 -33.20 11.79
N ILE L 165 -78.96 -33.64 11.82
CA ILE L 165 -79.32 -34.92 12.40
C ILE L 165 -79.18 -36.11 11.45
N GLU L 166 -79.17 -35.83 10.15
CA GLU L 166 -79.06 -36.89 9.15
C GLU L 166 -78.22 -36.46 7.96
N GLN L 167 -77.32 -37.33 7.53
CA GLN L 167 -76.50 -37.06 6.36
C GLN L 167 -76.26 -38.31 5.52
N PHE L 168 -76.35 -38.16 4.20
CA PHE L 168 -75.91 -39.19 3.27
C PHE L 168 -75.61 -38.59 1.90
N GLU L 169 -74.90 -39.35 1.07
CA GLU L 169 -74.61 -38.88 -0.29
C GLU L 169 -74.92 -39.91 -1.37
N LYS L 170 -75.60 -39.47 -2.41
CA LYS L 170 -75.83 -40.29 -3.60
C LYS L 170 -74.83 -39.84 -4.65
N PRO L 171 -74.82 -40.49 -5.82
CA PRO L 171 -73.89 -40.10 -6.89
C PRO L 171 -74.21 -38.73 -7.47
N ARG L 172 -73.48 -38.35 -8.52
CA ARG L 172 -73.61 -37.04 -9.14
C ARG L 172 -74.97 -36.81 -9.78
N PHE L 173 -75.51 -35.60 -9.60
CA PHE L 173 -76.76 -35.19 -10.25
C PHE L 173 -78.04 -35.68 -9.56
N SER L 174 -77.89 -36.42 -8.46
CA SER L 174 -79.06 -36.89 -7.71
C SER L 174 -79.81 -35.74 -7.03
N SER L 175 -81.07 -36.00 -6.70
CA SER L 175 -81.93 -35.00 -6.08
C SER L 175 -82.84 -35.69 -5.07
N GLY L 176 -83.48 -34.90 -4.21
CA GLY L 176 -84.35 -35.47 -3.21
C GLY L 176 -85.46 -34.54 -2.75
N ILE L 177 -86.55 -35.14 -2.25
CA ILE L 177 -87.70 -34.38 -1.74
C ILE L 177 -88.31 -35.05 -0.52
N TRP L 178 -88.99 -34.25 0.30
CA TRP L 178 -89.69 -34.78 1.46
C TRP L 178 -90.95 -35.51 1.02
N HIS L 179 -91.08 -36.79 1.40
CA HIS L 179 -92.35 -37.50 1.37
C HIS L 179 -92.64 -37.93 2.80
N GLY L 180 -93.58 -37.26 3.46
CA GLY L 180 -93.78 -37.49 4.87
C GLY L 180 -92.46 -37.39 5.62
N ASP L 181 -92.18 -38.42 6.42
CA ASP L 181 -90.93 -38.55 7.17
C ASP L 181 -89.84 -39.28 6.39
N SER L 182 -90.10 -39.48 5.10
CA SER L 182 -89.17 -40.18 4.24
C SER L 182 -88.67 -39.25 3.14
N ILE L 183 -87.60 -39.65 2.47
CA ILE L 183 -87.06 -38.82 1.39
C ILE L 183 -87.09 -39.56 0.05
N VAL L 184 -87.72 -38.95 -0.95
CA VAL L 184 -87.72 -39.55 -2.28
C VAL L 184 -86.47 -39.13 -3.02
N VAL L 185 -85.62 -40.10 -3.34
CA VAL L 185 -84.34 -39.82 -3.98
C VAL L 185 -84.31 -40.25 -5.43
N SER L 186 -83.91 -39.33 -6.30
CA SER L 186 -83.81 -39.64 -7.71
C SER L 186 -82.35 -39.73 -8.15
N VAL L 187 -81.92 -40.95 -8.47
CA VAL L 187 -80.55 -41.22 -8.89
C VAL L 187 -80.51 -41.59 -10.37
N PRO L 188 -79.69 -40.86 -11.14
CA PRO L 188 -79.48 -41.18 -12.55
C PRO L 188 -79.04 -42.64 -12.73
N HIS L 189 -79.70 -43.38 -13.63
CA HIS L 189 -79.33 -44.78 -13.87
C HIS L 189 -77.98 -44.85 -14.59
N ARG L 190 -77.27 -45.94 -14.41
CA ARG L 190 -75.93 -46.09 -15.00
C ARG L 190 -75.71 -47.47 -15.63
N ASP L 191 -75.33 -47.49 -16.91
CA ASP L 191 -74.96 -48.76 -17.53
C ASP L 191 -73.48 -48.79 -17.88
N VAL L 192 -73.10 -48.17 -19.00
CA VAL L 192 -71.70 -47.94 -19.31
C VAL L 192 -71.26 -46.65 -18.63
N ILE L 193 -72.13 -45.66 -18.75
CA ILE L 193 -71.94 -44.37 -18.13
C ILE L 193 -73.30 -43.95 -17.62
N PRO L 194 -73.35 -42.99 -16.70
CA PRO L 194 -74.67 -42.58 -16.24
C PRO L 194 -75.52 -42.09 -17.41
N ARG L 195 -76.81 -42.37 -17.40
CA ARG L 195 -77.70 -41.88 -18.44
C ARG L 195 -78.45 -40.69 -17.88
N TYR L 196 -78.05 -39.50 -18.31
CA TYR L 196 -78.59 -38.28 -17.76
C TYR L 196 -79.81 -37.85 -18.55
N PHE L 197 -80.91 -37.57 -17.86
CA PHE L 197 -82.13 -37.09 -18.53
C PHE L 197 -82.87 -38.22 -19.28
N LYS L 198 -82.29 -39.43 -19.25
CA LYS L 198 -82.87 -40.60 -19.89
C LYS L 198 -83.47 -41.59 -18.87
N TYR L 199 -82.62 -42.12 -17.99
CA TYR L 199 -83.07 -43.10 -17.00
C TYR L 199 -82.71 -42.74 -15.55
N TRP L 200 -83.64 -43.04 -14.64
CA TRP L 200 -83.45 -42.82 -13.20
C TRP L 200 -83.85 -44.05 -12.39
N ASP L 201 -83.13 -44.30 -11.31
CA ASP L 201 -83.59 -45.19 -10.26
C ASP L 201 -84.14 -44.30 -9.16
N ILE L 202 -85.23 -44.71 -8.52
CA ILE L 202 -85.82 -43.91 -7.44
C ILE L 202 -85.88 -44.70 -6.13
N TYR L 203 -85.56 -44.03 -5.04
CA TYR L 203 -85.51 -44.69 -3.75
C TYR L 203 -86.34 -43.95 -2.71
N LEU L 204 -86.85 -44.69 -1.74
CA LEU L 204 -87.50 -44.10 -0.59
C LEU L 204 -86.56 -44.26 0.59
N TRP L 205 -86.24 -43.15 1.26
CA TRP L 205 -85.17 -43.14 2.26
C TRP L 205 -85.65 -42.75 3.65
N LYS L 206 -85.45 -43.64 4.61
CA LYS L 206 -85.77 -43.35 6.01
C LYS L 206 -84.71 -43.91 6.97
N ASP L 207 -84.19 -43.04 7.83
CA ASP L 207 -83.26 -43.45 8.89
C ASP L 207 -82.15 -44.38 8.41
N GLY L 208 -81.52 -44.05 7.29
CA GLY L 208 -80.42 -44.81 6.77
C GLY L 208 -80.81 -46.01 5.92
N GLU L 209 -82.06 -46.44 6.06
CA GLU L 209 -82.55 -47.56 5.26
C GLU L 209 -83.39 -47.05 4.09
N GLU L 210 -83.07 -47.51 2.89
CA GLU L 210 -83.81 -47.11 1.70
C GLU L 210 -84.40 -48.29 0.94
N GLU L 211 -85.69 -48.20 0.62
CA GLU L 211 -86.34 -49.18 -0.25
C GLU L 211 -86.40 -48.64 -1.67
N LYS L 212 -86.19 -49.51 -2.64
CA LYS L 212 -86.20 -49.10 -4.04
C LYS L 212 -87.63 -49.00 -4.55
N LEU L 213 -87.93 -47.90 -5.25
CA LEU L 213 -89.25 -47.71 -5.85
C LEU L 213 -89.24 -48.06 -7.32
N PHE L 214 -88.45 -47.33 -8.10
CA PHE L 214 -88.35 -47.59 -9.52
C PHE L 214 -86.94 -47.94 -9.95
N GLU L 215 -86.83 -48.69 -11.03
CA GLU L 215 -85.53 -48.99 -11.63
C GLU L 215 -85.51 -48.65 -13.11
N LYS L 216 -84.53 -47.84 -13.50
CA LYS L 216 -84.34 -47.44 -14.89
C LYS L 216 -85.62 -46.91 -15.53
N VAL L 217 -86.24 -45.91 -14.90
CA VAL L 217 -87.41 -45.28 -15.49
C VAL L 217 -87.01 -44.01 -16.23
N SER L 218 -87.96 -43.41 -16.95
CA SER L 218 -87.71 -42.17 -17.68
C SER L 218 -88.23 -40.92 -16.96
N PHE L 219 -88.71 -41.10 -15.73
CA PHE L 219 -89.14 -39.97 -14.92
C PHE L 219 -88.49 -39.94 -13.53
N TYR L 220 -88.60 -38.79 -12.87
CA TYR L 220 -88.09 -38.63 -11.49
C TYR L 220 -89.11 -37.84 -10.66
N ALA L 221 -88.93 -37.83 -9.35
CA ALA L 221 -89.90 -37.18 -8.46
C ALA L 221 -89.69 -35.65 -8.40
N ILE L 222 -90.70 -34.89 -8.81
CA ILE L 222 -90.63 -33.44 -8.69
C ILE L 222 -91.39 -32.82 -7.53
N ASP L 223 -92.13 -33.63 -6.77
CA ASP L 223 -92.92 -33.07 -5.66
C ASP L 223 -93.76 -34.12 -4.95
N SER L 224 -94.21 -33.79 -3.73
CA SER L 224 -95.05 -34.69 -2.95
C SER L 224 -96.06 -33.94 -2.05
N ASP L 225 -97.28 -34.48 -1.98
CA ASP L 225 -98.31 -33.95 -1.07
C ASP L 225 -98.37 -34.80 0.20
N GLY L 226 -97.46 -35.76 0.29
CA GLY L 226 -97.32 -36.63 1.44
C GLY L 226 -98.10 -37.94 1.32
N GLU L 227 -99.19 -37.92 0.54
CA GLU L 227 -99.85 -39.16 0.14
C GLU L 227 -99.24 -39.76 -1.13
N ARG L 228 -98.97 -38.89 -2.10
CA ARG L 228 -98.58 -39.28 -3.44
C ARG L 228 -97.30 -38.58 -3.89
N ILE L 229 -96.67 -39.11 -4.93
CA ILE L 229 -95.45 -38.52 -5.47
C ILE L 229 -95.63 -38.14 -6.93
N LEU L 230 -95.54 -36.84 -7.22
CA LEU L 230 -95.69 -36.37 -8.59
C LEU L 230 -94.42 -36.68 -9.39
N LEU L 231 -94.58 -37.47 -10.45
CA LEU L 231 -93.45 -37.86 -11.27
C LEU L 231 -93.43 -37.09 -12.59
N TYR L 232 -92.25 -36.70 -13.02
CA TYR L 232 -92.11 -35.86 -14.20
C TYR L 232 -91.19 -36.51 -15.23
N GLY L 233 -91.78 -36.90 -16.35
CA GLY L 233 -91.05 -37.66 -17.37
C GLY L 233 -92.02 -38.58 -18.08
N LYS L 234 -91.50 -39.67 -18.62
CA LYS L 234 -92.33 -40.80 -19.03
C LYS L 234 -91.76 -42.07 -18.41
N PRO L 235 -92.59 -43.12 -18.25
CA PRO L 235 -92.07 -44.36 -17.69
C PRO L 235 -91.00 -44.98 -18.58
N GLU L 236 -91.09 -44.71 -19.87
CA GLU L 236 -90.05 -45.11 -20.82
C GLU L 236 -89.96 -44.09 -21.95
N LYS L 237 -88.75 -43.76 -22.37
CA LYS L 237 -88.56 -42.82 -23.46
C LYS L 237 -87.53 -43.31 -24.46
N LYS L 238 -87.96 -43.43 -25.71
CA LYS L 238 -87.04 -43.76 -26.79
C LYS L 238 -86.05 -42.62 -26.97
N TYR L 239 -86.59 -41.40 -27.05
CA TYR L 239 -85.77 -40.21 -27.18
C TYR L 239 -85.99 -39.28 -25.99
N VAL L 240 -84.92 -38.66 -25.52
CA VAL L 240 -85.09 -37.68 -24.45
C VAL L 240 -85.92 -36.51 -24.96
N SER L 241 -85.82 -36.25 -26.26
CA SER L 241 -86.52 -35.11 -26.87
C SER L 241 -88.05 -35.23 -26.76
N GLU L 242 -88.54 -36.41 -26.36
CA GLU L 242 -89.97 -36.63 -26.22
C GLU L 242 -90.59 -35.71 -25.20
N HIS L 243 -91.86 -35.37 -25.39
CA HIS L 243 -92.57 -34.54 -24.44
C HIS L 243 -92.54 -35.18 -23.06
N ASP L 244 -92.15 -34.39 -22.06
CA ASP L 244 -92.19 -34.83 -20.69
C ASP L 244 -93.59 -34.61 -20.17
N LYS L 245 -94.12 -35.58 -19.44
CA LYS L 245 -95.44 -35.45 -18.84
C LYS L 245 -95.33 -35.58 -17.31
N ILE L 246 -96.46 -35.54 -16.61
CA ILE L 246 -96.47 -35.77 -15.17
C ILE L 246 -97.30 -36.99 -14.78
N TYR L 247 -97.26 -37.35 -13.49
CA TYR L 247 -97.98 -38.52 -13.00
C TYR L 247 -98.22 -38.42 -11.49
N ILE L 248 -98.95 -39.38 -10.96
CA ILE L 248 -99.26 -39.41 -9.53
C ILE L 248 -99.09 -40.83 -9.03
N TYR L 249 -98.18 -41.03 -8.08
CA TYR L 249 -97.89 -42.38 -7.61
C TYR L 249 -98.30 -42.60 -6.16
N ASP L 250 -99.38 -43.34 -5.97
CA ASP L 250 -99.81 -43.81 -4.66
C ASP L 250 -99.37 -45.25 -4.41
N GLY L 251 -98.55 -45.77 -5.31
CA GLY L 251 -98.27 -47.19 -5.39
C GLY L 251 -98.85 -47.74 -6.68
N GLU L 252 -99.63 -46.90 -7.35
CA GLU L 252 -100.03 -47.13 -8.72
C GLU L 252 -99.81 -45.83 -9.48
N VAL L 253 -99.05 -45.88 -10.56
CA VAL L 253 -98.73 -44.67 -11.30
C VAL L 253 -99.90 -44.26 -12.17
N LYS L 254 -100.47 -43.09 -11.92
CA LYS L 254 -101.62 -42.62 -12.69
C LYS L 254 -101.29 -41.35 -13.47
N GLY L 255 -101.14 -41.49 -14.80
CA GLY L 255 -100.92 -40.34 -15.66
C GLY L 255 -102.19 -39.54 -15.82
N ILE L 256 -102.12 -38.24 -15.53
CA ILE L 256 -103.30 -37.39 -15.69
C ILE L 256 -103.33 -36.66 -17.03
N LEU L 257 -102.22 -36.68 -17.76
CA LEU L 257 -102.09 -35.98 -19.04
C LEU L 257 -102.25 -36.80 -20.31
N ASP L 258 -102.61 -38.08 -20.16
CA ASP L 258 -102.55 -39.04 -21.26
C ASP L 258 -103.17 -38.59 -22.59
N ASP L 259 -104.24 -37.81 -22.55
CA ASP L 259 -104.95 -37.44 -23.77
C ASP L 259 -104.47 -36.14 -24.42
N ILE L 260 -103.47 -35.50 -23.81
CA ILE L 260 -102.91 -34.25 -24.35
C ILE L 260 -101.46 -34.45 -24.82
N ASP L 261 -101.16 -34.07 -26.05
CA ASP L 261 -99.77 -34.15 -26.51
C ASP L 261 -99.14 -32.76 -26.47
N ARG L 262 -98.39 -32.52 -25.40
CA ARG L 262 -97.70 -31.26 -25.15
C ARG L 262 -96.65 -31.56 -24.09
N GLU L 263 -95.69 -30.67 -23.91
CA GLU L 263 -94.73 -30.85 -22.84
C GLU L 263 -95.07 -30.01 -21.61
N VAL L 264 -94.98 -30.64 -20.44
CA VAL L 264 -95.20 -29.95 -19.18
C VAL L 264 -93.95 -29.16 -18.80
N ALA L 265 -94.11 -27.84 -18.63
CA ALA L 265 -92.98 -26.99 -18.28
C ALA L 265 -92.67 -27.05 -16.79
N GLN L 266 -93.70 -26.93 -15.96
CA GLN L 266 -93.56 -26.94 -14.50
C GLN L 266 -94.80 -27.54 -13.86
N ALA L 267 -94.63 -28.26 -12.76
CA ALA L 267 -95.77 -28.86 -12.07
C ALA L 267 -95.56 -29.00 -10.56
N LYS L 268 -96.62 -28.78 -9.79
CA LYS L 268 -96.54 -28.89 -8.33
C LYS L 268 -97.78 -29.59 -7.79
N ILE L 269 -97.60 -30.53 -6.86
CA ILE L 269 -98.75 -31.27 -6.31
C ILE L 269 -99.15 -30.83 -4.90
N ARG L 270 -100.43 -30.47 -4.72
CA ARG L 270 -100.93 -30.03 -3.42
C ARG L 270 -102.29 -30.64 -3.05
N ASN L 271 -102.31 -31.40 -1.96
CA ASN L 271 -103.54 -31.98 -1.42
C ASN L 271 -104.38 -32.75 -2.44
N GLY L 272 -103.71 -33.51 -3.30
CA GLY L 272 -104.38 -34.33 -4.29
C GLY L 272 -104.58 -33.63 -5.61
N LYS L 273 -104.63 -32.30 -5.59
CA LYS L 273 -104.69 -31.50 -6.81
C LYS L 273 -103.31 -31.30 -7.43
N VAL L 274 -103.27 -31.11 -8.74
CA VAL L 274 -102.01 -30.91 -9.44
C VAL L 274 -102.06 -29.66 -10.32
N TYR L 275 -101.20 -28.70 -10.01
CA TYR L 275 -101.09 -27.49 -10.81
C TYR L 275 -99.91 -27.63 -11.77
N PHE L 276 -100.03 -27.11 -12.98
CA PHE L 276 -98.95 -27.22 -13.95
C PHE L 276 -99.05 -26.22 -15.11
N THR L 277 -98.11 -26.31 -16.03
CA THR L 277 -98.06 -25.42 -17.19
C THR L 277 -97.57 -26.19 -18.41
N LEU L 278 -97.93 -25.73 -19.60
CA LEU L 278 -97.57 -26.42 -20.83
C LEU L 278 -96.95 -25.49 -21.86
N PHE L 279 -96.14 -26.06 -22.76
CA PHE L 279 -95.60 -25.31 -23.88
C PHE L 279 -96.61 -25.45 -24.99
N GLU L 280 -97.30 -24.35 -25.32
CA GLU L 280 -98.34 -24.37 -26.35
C GLU L 280 -98.20 -23.21 -27.33
N GLU L 281 -97.88 -23.52 -28.57
CA GLU L 281 -97.85 -22.52 -29.64
C GLU L 281 -97.26 -21.20 -29.13
N GLY L 282 -95.99 -21.22 -28.76
CA GLY L 282 -95.29 -20.02 -28.32
C GLY L 282 -95.77 -19.45 -27.00
N SER L 283 -96.67 -20.17 -26.33
CA SER L 283 -97.17 -19.75 -25.04
C SER L 283 -96.87 -20.79 -23.97
N VAL L 284 -96.80 -20.36 -22.74
CA VAL L 284 -96.76 -21.28 -21.62
C VAL L 284 -97.93 -20.93 -20.72
N ASN L 285 -98.82 -21.90 -20.51
CA ASN L 285 -100.08 -21.64 -19.83
C ASN L 285 -100.28 -22.49 -18.57
N LEU L 286 -101.03 -21.94 -17.62
CA LEU L 286 -101.24 -22.59 -16.33
C LEU L 286 -102.56 -23.34 -16.27
N TYR L 287 -102.51 -24.56 -15.73
CA TYR L 287 -103.70 -25.40 -15.62
C TYR L 287 -103.81 -25.99 -14.21
N LEU L 288 -104.99 -26.47 -13.87
CA LEU L 288 -105.22 -27.13 -12.60
C LEU L 288 -105.79 -28.52 -12.85
N TRP L 289 -105.53 -29.45 -11.93
CA TRP L 289 -106.16 -30.77 -12.04
C TRP L 289 -106.87 -31.19 -10.73
N ASP L 290 -108.20 -31.19 -10.80
CA ASP L 290 -109.07 -31.66 -9.72
C ASP L 290 -109.55 -33.10 -9.95
N GLY L 291 -108.99 -33.75 -10.96
CA GLY L 291 -109.53 -35.00 -11.49
C GLY L 291 -110.04 -34.83 -12.91
N GLU L 292 -110.11 -33.57 -13.35
CA GLU L 292 -110.28 -33.23 -14.75
C GLU L 292 -109.37 -32.02 -15.01
N VAL L 293 -109.01 -31.79 -16.27
CA VAL L 293 -108.10 -30.69 -16.58
C VAL L 293 -108.86 -29.37 -16.76
N ARG L 294 -108.58 -28.40 -15.89
CA ARG L 294 -109.23 -27.10 -15.96
C ARG L 294 -108.27 -26.06 -16.54
N GLU L 295 -108.77 -24.84 -16.74
CA GLU L 295 -107.97 -23.79 -17.35
C GLU L 295 -107.86 -22.60 -16.41
N ILE L 296 -106.64 -22.25 -16.02
CA ILE L 296 -106.42 -21.14 -15.10
C ILE L 296 -105.98 -19.88 -15.85
N ALA L 297 -104.73 -19.86 -16.30
CA ALA L 297 -104.21 -18.72 -17.02
C ALA L 297 -103.74 -19.10 -18.42
N LYS L 298 -104.47 -18.62 -19.41
CA LYS L 298 -104.11 -18.85 -20.82
C LYS L 298 -104.16 -17.53 -21.59
N GLY L 299 -103.38 -17.44 -22.66
CA GLY L 299 -103.28 -16.23 -23.44
C GLY L 299 -101.91 -16.13 -24.07
N LYS L 300 -101.56 -14.96 -24.59
CA LYS L 300 -100.23 -14.84 -25.15
C LYS L 300 -99.35 -14.37 -24.01
N HIS L 301 -98.59 -15.33 -23.47
CA HIS L 301 -97.75 -15.07 -22.33
C HIS L 301 -96.90 -16.28 -21.97
N TRP L 302 -96.14 -16.15 -20.90
CA TRP L 302 -95.41 -17.25 -20.30
C TRP L 302 -95.64 -17.21 -18.79
N ILE L 303 -96.00 -18.34 -18.20
CA ILE L 303 -96.06 -18.40 -16.75
C ILE L 303 -94.70 -18.93 -16.31
N MET L 304 -93.90 -18.04 -15.72
CA MET L 304 -92.51 -18.36 -15.37
C MET L 304 -92.40 -19.15 -14.07
N GLY L 305 -93.37 -18.98 -13.17
CA GLY L 305 -93.37 -19.72 -11.92
C GLY L 305 -94.69 -19.60 -11.18
N PHE L 306 -94.95 -20.54 -10.27
CA PHE L 306 -96.19 -20.52 -9.50
C PHE L 306 -96.08 -21.31 -8.18
N ASP L 307 -97.02 -21.08 -7.27
CA ASP L 307 -97.13 -21.89 -6.07
C ASP L 307 -98.56 -21.83 -5.54
N ALA L 308 -98.99 -22.88 -4.86
CA ALA L 308 -100.33 -22.92 -4.27
C ALA L 308 -100.42 -23.65 -2.94
N ASP L 309 -101.04 -23.02 -1.94
CA ASP L 309 -101.41 -23.73 -0.72
C ASP L 309 -102.91 -23.57 -0.46
N GLU L 310 -103.28 -22.42 0.11
CA GLU L 310 -104.68 -22.02 0.21
C GLU L 310 -105.02 -21.01 -0.86
N ARG L 311 -104.01 -20.61 -1.62
CA ARG L 311 -104.20 -19.64 -2.69
C ARG L 311 -103.26 -20.00 -3.84
N LEU L 312 -103.60 -19.55 -5.05
CA LEU L 312 -102.80 -19.87 -6.21
C LEU L 312 -102.17 -18.61 -6.80
N ILE L 313 -100.85 -18.51 -6.70
CA ILE L 313 -100.14 -17.36 -7.28
C ILE L 313 -99.12 -17.78 -8.33
N TYR L 314 -98.89 -16.91 -9.31
CA TYR L 314 -97.95 -17.18 -10.40
C TYR L 314 -97.38 -15.90 -11.00
N LEU L 315 -96.20 -16.04 -11.62
CA LEU L 315 -95.60 -14.94 -12.35
C LEU L 315 -96.00 -15.03 -13.80
N LYS L 316 -96.46 -13.93 -14.38
CA LYS L 316 -96.82 -13.91 -15.79
C LYS L 316 -95.98 -12.92 -16.60
N GLU L 317 -95.29 -13.44 -17.60
CA GLU L 317 -94.46 -12.64 -18.49
C GLU L 317 -95.12 -12.51 -19.87
N THR L 318 -95.11 -11.29 -20.42
CA THR L 318 -95.63 -11.05 -21.76
C THR L 318 -94.48 -10.62 -22.65
N ALA L 319 -94.80 -10.27 -23.89
CA ALA L 319 -93.78 -9.92 -24.87
C ALA L 319 -93.25 -8.51 -24.67
N THR L 320 -94.14 -7.62 -24.26
CA THR L 320 -93.78 -6.23 -24.00
C THR L 320 -93.55 -5.95 -22.51
N ARG L 321 -93.73 -6.96 -21.66
CA ARG L 321 -93.52 -6.77 -20.23
C ARG L 321 -92.78 -7.93 -19.56
N PRO L 322 -91.84 -7.61 -18.64
CA PRO L 322 -91.22 -8.59 -17.75
C PRO L 322 -92.20 -9.03 -16.67
N ALA L 323 -91.96 -10.22 -16.11
CA ALA L 323 -92.93 -10.89 -15.25
C ALA L 323 -93.46 -10.05 -14.09
N GLU L 324 -94.74 -10.24 -13.78
CA GLU L 324 -95.40 -9.63 -12.63
C GLU L 324 -96.21 -10.68 -11.89
N LEU L 325 -96.58 -10.39 -10.65
CA LEU L 325 -97.31 -11.35 -9.82
C LEU L 325 -98.81 -11.32 -10.09
N TYR L 326 -99.44 -12.48 -10.09
CA TYR L 326 -100.87 -12.58 -10.29
C TYR L 326 -101.50 -13.58 -9.32
N LEU L 327 -102.70 -13.26 -8.84
CA LEU L 327 -103.46 -14.17 -7.98
C LEU L 327 -104.70 -14.68 -8.71
N TRP L 328 -105.06 -15.93 -8.48
CA TRP L 328 -106.27 -16.49 -9.08
C TRP L 328 -107.29 -16.96 -8.05
N ASP L 329 -108.39 -16.20 -7.94
CA ASP L 329 -109.52 -16.52 -7.08
C ASP L 329 -110.68 -17.17 -7.86
N GLY L 330 -110.42 -17.46 -9.13
CA GLY L 330 -111.45 -17.81 -10.08
C GLY L 330 -111.59 -16.69 -11.10
N GLU L 331 -111.00 -15.55 -10.77
CA GLU L 331 -110.76 -14.47 -11.71
C GLU L 331 -109.32 -14.03 -11.53
N GLU L 332 -108.63 -13.74 -12.63
CA GLU L 332 -107.23 -13.36 -12.56
C GLU L 332 -107.07 -11.92 -12.08
N ARG L 333 -106.33 -11.73 -11.00
CA ARG L 333 -106.10 -10.42 -10.42
C ARG L 333 -104.59 -10.14 -10.38
N GLN L 334 -104.19 -8.96 -10.84
CA GLN L 334 -102.77 -8.60 -10.90
C GLN L 334 -102.33 -8.06 -9.54
N LEU L 335 -101.39 -8.74 -8.90
CA LEU L 335 -100.95 -8.35 -7.56
C LEU L 335 -99.93 -7.21 -7.51
N THR L 336 -99.08 -7.12 -8.53
CA THR L 336 -97.99 -6.15 -8.51
C THR L 336 -97.80 -5.48 -9.86
N ASP L 337 -97.63 -4.16 -9.85
CA ASP L 337 -97.11 -3.51 -11.03
C ASP L 337 -95.83 -2.79 -10.63
N TYR L 338 -94.69 -3.41 -10.90
CA TYR L 338 -93.40 -2.81 -10.57
C TYR L 338 -92.89 -1.88 -11.65
N ASN L 339 -93.00 -2.35 -12.89
CA ASN L 339 -92.42 -1.66 -14.02
C ASN L 339 -93.40 -0.76 -14.78
N GLY L 340 -94.65 -0.71 -14.29
CA GLY L 340 -95.69 0.09 -14.90
C GLY L 340 -95.34 1.55 -15.10
N LEU L 341 -94.72 2.16 -14.09
CA LEU L 341 -94.33 3.55 -14.16
C LEU L 341 -93.23 3.74 -15.20
N ILE L 342 -92.31 2.79 -15.25
CA ILE L 342 -91.23 2.84 -16.24
C ILE L 342 -91.78 2.72 -17.66
N PHE L 343 -92.58 1.68 -17.91
CA PHE L 343 -93.09 1.41 -19.25
C PHE L 343 -94.10 2.44 -19.74
N LYS L 344 -94.82 3.08 -18.82
CA LYS L 344 -95.66 4.21 -19.19
C LYS L 344 -94.81 5.23 -19.95
N LYS L 345 -93.53 5.33 -19.60
CA LYS L 345 -92.62 6.21 -20.30
C LYS L 345 -91.77 5.51 -21.38
N LEU L 346 -91.93 4.20 -21.52
CA LEU L 346 -91.10 3.41 -22.43
C LEU L 346 -91.90 2.73 -23.54
N LYS L 347 -91.53 2.97 -24.79
CA LYS L 347 -92.28 2.43 -25.94
C LYS L 347 -91.97 0.96 -26.19
N THR L 348 -93.00 0.11 -26.10
CA THR L 348 -92.82 -1.31 -26.42
C THR L 348 -93.24 -1.61 -27.86
N PHE L 349 -93.04 -2.85 -28.28
CA PHE L 349 -93.40 -3.24 -29.64
C PHE L 349 -94.11 -4.60 -29.66
N GLU L 350 -95.36 -4.62 -30.10
CA GLU L 350 -96.11 -5.87 -30.17
C GLU L 350 -95.79 -6.60 -31.48
N PRO L 351 -95.30 -7.85 -31.35
CA PRO L 351 -95.06 -8.72 -32.51
C PRO L 351 -96.36 -9.18 -33.15
N ARG L 352 -96.43 -9.12 -34.49
CA ARG L 352 -97.62 -9.57 -35.21
C ARG L 352 -97.46 -11.03 -35.62
N HIS L 353 -98.34 -11.89 -35.14
CA HIS L 353 -98.29 -13.32 -35.46
C HIS L 353 -98.74 -13.59 -36.89
N PHE L 354 -98.09 -14.56 -37.53
CA PHE L 354 -98.49 -14.97 -38.86
C PHE L 354 -98.29 -16.46 -39.07
N ARG L 355 -99.21 -17.07 -39.83
CA ARG L 355 -99.06 -18.43 -40.25
C ARG L 355 -98.36 -18.41 -41.60
N PHE L 356 -97.46 -19.37 -41.82
CA PHE L 356 -96.81 -19.53 -43.12
C PHE L 356 -96.73 -21.00 -43.57
N LYS L 357 -96.74 -21.23 -44.87
CA LYS L 357 -96.55 -22.58 -45.40
C LYS L 357 -95.07 -22.86 -45.63
N SER L 358 -94.59 -23.98 -45.08
CA SER L 358 -93.26 -24.46 -45.38
C SER L 358 -93.28 -25.96 -45.70
N ILE L 359 -92.94 -26.31 -46.93
CA ILE L 359 -92.94 -27.71 -47.33
C ILE L 359 -94.29 -28.38 -47.02
N ASP L 360 -94.29 -29.33 -46.10
CA ASP L 360 -95.49 -30.12 -45.80
C ASP L 360 -96.32 -29.59 -44.63
N LEU L 361 -95.88 -28.51 -43.99
CA LEU L 361 -96.48 -28.08 -42.73
C LEU L 361 -96.89 -26.61 -42.71
N GLU L 362 -97.70 -26.26 -41.69
CA GLU L 362 -98.07 -24.88 -41.44
C GLU L 362 -97.54 -24.47 -40.07
N LEU L 363 -96.72 -23.42 -40.04
CA LEU L 363 -95.96 -23.05 -38.84
C LEU L 363 -96.32 -21.66 -38.32
N ASP L 364 -96.04 -21.44 -37.04
CA ASP L 364 -96.24 -20.12 -36.44
C ASP L 364 -95.10 -19.19 -36.80
N GLY L 365 -95.37 -17.89 -36.86
CA GLY L 365 -94.34 -16.90 -37.08
C GLY L 365 -94.72 -15.56 -36.48
N TRP L 366 -93.71 -14.75 -36.15
CA TRP L 366 -93.94 -13.43 -35.59
C TRP L 366 -92.92 -12.42 -36.11
N TYR L 367 -93.37 -11.18 -36.31
CA TYR L 367 -92.48 -10.11 -36.69
C TYR L 367 -92.89 -8.78 -36.07
N ILE L 368 -91.90 -8.02 -35.61
CA ILE L 368 -92.15 -6.70 -35.08
C ILE L 368 -91.88 -5.66 -36.16
N LYS L 369 -92.87 -4.81 -36.42
CA LYS L 369 -92.70 -3.73 -37.38
C LYS L 369 -92.31 -2.43 -36.66
N PRO L 370 -91.17 -1.85 -37.05
CA PRO L 370 -90.65 -0.58 -36.51
C PRO L 370 -91.44 0.65 -36.97
N GLU L 371 -90.85 1.81 -36.71
CA GLU L 371 -91.44 3.13 -36.94
C GLU L 371 -91.20 3.66 -38.36
N ILE L 372 -90.91 2.76 -39.30
CA ILE L 372 -90.25 3.09 -40.55
C ILE L 372 -90.71 4.40 -41.17
N LYS L 373 -89.73 5.20 -41.58
CA LYS L 373 -89.97 6.48 -42.23
C LYS L 373 -90.87 6.30 -43.44
N GLU L 374 -91.89 7.14 -43.55
CA GLU L 374 -92.82 7.07 -44.66
C GLU L 374 -92.04 7.17 -45.98
N GLY L 375 -92.24 6.19 -46.86
CA GLY L 375 -91.55 6.16 -48.13
C GLY L 375 -90.12 5.64 -48.08
N GLU L 376 -89.77 4.99 -46.98
CA GLU L 376 -88.43 4.42 -46.82
C GLU L 376 -88.50 3.00 -46.26
N LYS L 377 -87.63 2.12 -46.76
CA LYS L 377 -87.53 0.76 -46.25
C LYS L 377 -86.64 0.63 -44.99
N ALA L 378 -86.89 -0.40 -44.19
CA ALA L 378 -86.05 -0.66 -43.01
C ALA L 378 -85.35 -2.03 -43.09
N PRO L 379 -84.15 -2.13 -42.52
CA PRO L 379 -83.37 -3.37 -42.48
C PRO L 379 -84.02 -4.44 -41.60
N VAL L 380 -83.64 -5.69 -41.79
CA VAL L 380 -84.28 -6.79 -41.05
C VAL L 380 -83.33 -7.67 -40.25
N ILE L 381 -83.77 -8.09 -39.07
CA ILE L 381 -83.01 -9.03 -38.27
C ILE L 381 -83.80 -10.31 -37.99
N VAL L 382 -83.23 -11.44 -38.41
CA VAL L 382 -83.85 -12.74 -38.13
C VAL L 382 -83.28 -13.34 -36.85
N PHE L 383 -84.16 -13.64 -35.90
CA PHE L 383 -83.78 -14.24 -34.64
C PHE L 383 -84.10 -15.73 -34.65
N VAL L 384 -83.10 -16.54 -34.34
CA VAL L 384 -83.30 -17.98 -34.23
C VAL L 384 -83.14 -18.43 -32.78
N HIS L 385 -84.15 -19.07 -32.22
CA HIS L 385 -84.13 -19.49 -30.83
C HIS L 385 -83.23 -20.71 -30.61
N GLY L 386 -82.66 -20.79 -29.41
CA GLY L 386 -81.85 -21.93 -29.00
C GLY L 386 -82.72 -23.17 -29.00
N GLY L 387 -82.12 -24.33 -28.86
CA GLY L 387 -82.84 -25.53 -29.25
C GLY L 387 -82.07 -26.82 -29.30
N PRO L 388 -82.48 -27.70 -30.21
CA PRO L 388 -83.55 -27.30 -31.14
C PRO L 388 -84.93 -27.17 -30.48
N LYS L 389 -85.12 -27.83 -29.35
CA LYS L 389 -86.44 -27.91 -28.72
C LYS L 389 -86.84 -26.70 -27.87
N GLY L 390 -86.05 -25.64 -27.93
CA GLY L 390 -86.49 -24.35 -27.42
C GLY L 390 -87.70 -23.86 -28.20
N MET L 391 -88.34 -22.80 -27.71
CA MET L 391 -89.55 -22.25 -28.33
C MET L 391 -89.60 -20.72 -28.25
N TYR L 392 -89.87 -20.06 -29.37
CA TYR L 392 -90.10 -18.62 -29.37
C TYR L 392 -91.55 -18.36 -29.03
N GLY L 393 -91.95 -17.10 -28.91
CA GLY L 393 -93.23 -16.85 -28.31
C GLY L 393 -93.54 -15.47 -27.79
N TYR L 394 -94.37 -15.47 -26.75
CA TYR L 394 -94.80 -14.27 -26.04
C TYR L 394 -94.05 -13.86 -24.76
N TYR L 395 -92.93 -14.51 -24.42
CA TYR L 395 -92.10 -14.01 -23.30
C TYR L 395 -91.28 -12.76 -23.69
N PHE L 396 -90.44 -12.27 -22.78
CA PHE L 396 -89.76 -10.99 -23.01
C PHE L 396 -88.33 -11.11 -23.54
N LYS L 397 -88.13 -10.73 -24.81
CA LYS L 397 -86.79 -10.69 -25.39
C LYS L 397 -86.28 -9.25 -25.49
N TYR L 398 -85.27 -8.94 -24.70
CA TYR L 398 -84.74 -7.60 -24.61
C TYR L 398 -84.23 -7.05 -25.96
N GLU L 399 -83.43 -7.84 -26.67
CA GLU L 399 -82.83 -7.39 -27.94
C GLU L 399 -83.88 -6.99 -28.99
N MET L 400 -84.97 -7.74 -29.04
CA MET L 400 -86.04 -7.48 -30.00
C MET L 400 -86.68 -6.11 -29.77
N GLN L 401 -87.01 -5.82 -28.52
CA GLN L 401 -87.54 -4.52 -28.18
C GLN L 401 -86.52 -3.43 -28.50
N LEU L 402 -85.28 -3.63 -28.05
CA LEU L 402 -84.19 -2.70 -28.26
C LEU L 402 -83.95 -2.37 -29.73
N MET L 403 -83.69 -3.40 -30.53
CA MET L 403 -83.39 -3.20 -31.94
C MET L 403 -84.59 -2.63 -32.71
N ALA L 404 -85.80 -2.99 -32.28
CA ALA L 404 -87.01 -2.52 -32.95
C ALA L 404 -87.18 -1.01 -32.79
N SER L 405 -86.78 -0.51 -31.63
CA SER L 405 -86.80 0.94 -31.38
C SER L 405 -85.67 1.60 -32.15
N LYS L 406 -84.69 0.79 -32.54
CA LYS L 406 -83.54 1.29 -33.31
C LYS L 406 -83.84 1.29 -34.81
N GLY L 407 -85.08 0.92 -35.19
CA GLY L 407 -85.52 0.99 -36.57
C GLY L 407 -85.42 -0.31 -37.35
N TYR L 408 -85.31 -1.43 -36.65
CA TYR L 408 -85.13 -2.73 -37.29
C TYR L 408 -86.40 -3.56 -37.31
N TYR L 409 -86.66 -4.19 -38.45
CA TYR L 409 -87.69 -5.21 -38.54
C TYR L 409 -87.19 -6.44 -37.77
N ILE L 410 -88.00 -6.93 -36.83
CA ILE L 410 -87.67 -8.16 -36.15
C ILE L 410 -88.56 -9.29 -36.65
N VAL L 411 -87.97 -10.46 -36.84
CA VAL L 411 -88.74 -11.61 -37.28
C VAL L 411 -88.15 -12.89 -36.69
N TYR L 412 -89.04 -13.81 -36.33
CA TYR L 412 -88.63 -15.10 -35.81
C TYR L 412 -89.77 -16.10 -35.94
N VAL L 413 -89.46 -17.38 -35.93
CA VAL L 413 -90.49 -18.41 -36.06
C VAL L 413 -90.16 -19.61 -35.19
N ASN L 414 -91.01 -20.64 -35.28
CA ASN L 414 -90.78 -21.89 -34.56
C ASN L 414 -90.63 -23.05 -35.53
N PRO L 415 -89.42 -23.23 -36.08
CA PRO L 415 -89.16 -24.31 -37.04
C PRO L 415 -89.42 -25.67 -36.42
N ARG L 416 -89.61 -26.69 -37.25
CA ARG L 416 -89.87 -28.03 -36.75
C ARG L 416 -88.77 -28.47 -35.79
N GLY L 417 -89.17 -29.10 -34.70
CA GLY L 417 -88.28 -29.43 -33.60
C GLY L 417 -88.56 -28.54 -32.40
N SER L 418 -89.31 -27.47 -32.62
CA SER L 418 -89.66 -26.54 -31.55
C SER L 418 -90.60 -27.17 -30.54
N ASN L 419 -90.48 -26.74 -29.29
CA ASN L 419 -91.40 -27.17 -28.24
C ASN L 419 -92.73 -26.46 -28.39
N GLY L 420 -93.77 -27.02 -27.80
CA GLY L 420 -95.07 -26.36 -27.78
C GLY L 420 -95.99 -26.82 -28.88
N TYR L 421 -95.57 -27.84 -29.60
CA TYR L 421 -96.38 -28.45 -30.64
C TYR L 421 -96.38 -29.96 -30.44
N SER L 422 -97.00 -30.69 -31.35
CA SER L 422 -97.12 -32.13 -31.15
C SER L 422 -95.73 -32.72 -30.95
N GLU L 423 -95.66 -33.76 -30.14
CA GLU L 423 -94.39 -34.41 -29.87
C GLU L 423 -93.70 -34.79 -31.18
N ASP L 424 -94.50 -35.17 -32.18
CA ASP L 424 -93.99 -35.53 -33.51
C ASP L 424 -93.33 -34.34 -34.21
N PHE L 425 -93.88 -33.15 -34.01
CA PHE L 425 -93.34 -31.93 -34.61
C PHE L 425 -91.96 -31.63 -34.05
N ALA L 426 -91.74 -32.05 -32.81
CA ALA L 426 -90.46 -31.84 -32.14
C ALA L 426 -89.42 -32.87 -32.61
N LEU L 427 -89.86 -34.09 -32.85
CA LEU L 427 -88.93 -35.19 -33.13
C LEU L 427 -88.44 -35.23 -34.58
N ARG L 428 -89.16 -34.52 -35.47
CA ARG L 428 -88.81 -34.46 -36.88
C ARG L 428 -87.33 -34.10 -37.09
N VAL L 429 -86.86 -33.15 -36.29
CA VAL L 429 -85.55 -32.53 -36.47
C VAL L 429 -84.39 -33.48 -36.21
N LEU L 430 -84.67 -34.59 -35.53
CA LEU L 430 -83.61 -35.51 -35.15
C LEU L 430 -82.83 -35.97 -36.37
N GLU L 431 -81.53 -35.78 -36.33
CA GLU L 431 -80.61 -36.11 -37.43
C GLU L 431 -80.81 -35.21 -38.65
N ARG L 432 -81.85 -34.40 -38.65
CA ARG L 432 -82.16 -33.51 -39.78
C ARG L 432 -81.63 -32.08 -39.60
N THR L 433 -80.87 -31.83 -38.53
CA THR L 433 -80.46 -30.47 -38.18
C THR L 433 -79.84 -29.72 -39.35
N GLY L 434 -80.38 -28.54 -39.64
CA GLY L 434 -79.86 -27.70 -40.70
C GLY L 434 -80.45 -28.00 -42.07
N LEU L 435 -81.40 -28.94 -42.14
CA LEU L 435 -82.04 -29.24 -43.42
C LEU L 435 -83.44 -28.63 -43.51
N GLU L 436 -84.42 -29.29 -42.88
CA GLU L 436 -85.81 -28.88 -43.01
C GLU L 436 -86.15 -27.71 -42.11
N ASP L 437 -85.59 -27.70 -40.90
CA ASP L 437 -85.87 -26.62 -39.98
C ASP L 437 -85.35 -25.31 -40.55
N PHE L 438 -84.17 -25.36 -41.17
CA PHE L 438 -83.61 -24.20 -41.86
C PHE L 438 -84.56 -23.76 -42.96
N GLN L 439 -84.99 -24.72 -43.78
CA GLN L 439 -85.96 -24.43 -44.82
C GLN L 439 -87.21 -23.81 -44.21
N ASP L 440 -87.55 -24.20 -42.98
CA ASP L 440 -88.68 -23.61 -42.28
C ASP L 440 -88.46 -22.12 -42.01
N ILE L 441 -87.24 -21.78 -41.65
CA ILE L 441 -86.88 -20.39 -41.41
C ILE L 441 -86.90 -19.57 -42.71
N LEU L 442 -86.30 -20.09 -43.77
CA LEU L 442 -86.30 -19.40 -45.05
C LEU L 442 -87.72 -19.10 -45.52
N ASN L 443 -88.63 -20.05 -45.31
CA ASN L 443 -90.03 -19.90 -45.73
C ASN L 443 -90.80 -18.91 -44.88
N GLY L 444 -90.56 -18.94 -43.57
CA GLY L 444 -91.11 -17.94 -42.67
C GLY L 444 -90.65 -16.55 -43.09
N ILE L 445 -89.39 -16.46 -43.49
CA ILE L 445 -88.77 -15.21 -43.91
C ILE L 445 -89.39 -14.64 -45.20
N GLU L 446 -89.63 -15.53 -46.17
CA GLU L 446 -90.26 -15.16 -47.44
C GLU L 446 -91.68 -14.65 -47.24
N GLU L 447 -92.48 -15.41 -46.49
CA GLU L 447 -93.86 -15.00 -46.21
C GLU L 447 -93.87 -13.66 -45.50
N PHE L 448 -92.94 -13.49 -44.55
CA PHE L 448 -92.81 -12.22 -43.88
C PHE L 448 -92.56 -11.11 -44.90
N LEU L 449 -91.60 -11.33 -45.79
CA LEU L 449 -91.27 -10.32 -46.79
C LEU L 449 -92.46 -9.96 -47.65
N ARG L 450 -93.34 -10.93 -47.88
CA ARG L 450 -94.53 -10.71 -48.69
C ARG L 450 -95.59 -9.92 -47.91
N LEU L 451 -95.58 -10.07 -46.59
CA LEU L 451 -96.55 -9.39 -45.74
C LEU L 451 -96.14 -7.94 -45.51
N GLU L 452 -94.84 -7.68 -45.63
CA GLU L 452 -94.30 -6.37 -45.32
C GLU L 452 -93.34 -5.89 -46.40
N PRO L 453 -93.88 -5.21 -47.42
CA PRO L 453 -93.08 -4.69 -48.53
C PRO L 453 -92.09 -3.59 -48.12
N GLN L 454 -92.26 -3.01 -46.94
CA GLN L 454 -91.32 -2.00 -46.44
C GLN L 454 -90.07 -2.61 -45.81
N ALA L 455 -90.11 -3.92 -45.55
CA ALA L 455 -88.91 -4.62 -45.10
C ALA L 455 -87.93 -4.72 -46.25
N ASP L 456 -86.71 -4.24 -46.03
CA ASP L 456 -85.72 -4.21 -47.09
C ASP L 456 -85.14 -5.59 -47.35
N ARG L 457 -85.30 -6.06 -48.59
CA ARG L 457 -84.92 -7.42 -48.96
C ARG L 457 -83.42 -7.51 -49.14
N GLU L 458 -82.80 -6.36 -49.34
CA GLU L 458 -81.35 -6.29 -49.54
C GLU L 458 -80.55 -6.10 -48.24
N ARG L 459 -81.23 -5.71 -47.16
CA ARG L 459 -80.58 -5.74 -45.84
C ARG L 459 -81.29 -6.73 -44.90
N ILE L 460 -80.73 -7.92 -44.77
CA ILE L 460 -81.32 -8.95 -43.92
C ILE L 460 -80.21 -9.62 -43.10
N GLY L 461 -80.29 -9.49 -41.79
CA GLY L 461 -79.33 -10.12 -40.92
C GLY L 461 -79.96 -11.32 -40.26
N ILE L 462 -79.14 -12.09 -39.54
CA ILE L 462 -79.65 -13.20 -38.76
C ILE L 462 -78.76 -13.40 -37.55
N THR L 463 -79.35 -13.75 -36.41
CA THR L 463 -78.60 -13.94 -35.19
C THR L 463 -79.29 -14.96 -34.32
N GLY L 464 -78.49 -15.67 -33.52
CA GLY L 464 -79.01 -16.65 -32.60
C GLY L 464 -77.97 -17.09 -31.59
N ILE L 465 -78.46 -17.60 -30.45
CA ILE L 465 -77.58 -18.10 -29.41
C ILE L 465 -77.78 -19.60 -29.33
N ALA L 466 -76.73 -20.32 -28.91
CA ALA L 466 -76.80 -21.77 -28.85
C ALA L 466 -77.21 -22.30 -30.23
N TYR L 467 -78.21 -23.17 -30.27
CA TYR L 467 -78.64 -23.70 -31.56
C TYR L 467 -78.95 -22.59 -32.54
N GLY L 468 -79.39 -21.44 -32.03
CA GLY L 468 -79.61 -20.27 -32.86
C GLY L 468 -78.31 -19.85 -33.51
N GLY L 469 -77.21 -20.00 -32.77
CA GLY L 469 -75.89 -19.67 -33.26
C GLY L 469 -75.44 -20.66 -34.31
N TYR L 470 -75.82 -21.91 -34.12
CA TYR L 470 -75.54 -22.93 -35.11
C TYR L 470 -76.29 -22.60 -36.39
N MET L 471 -77.55 -22.22 -36.24
CA MET L 471 -78.38 -21.90 -37.39
C MET L 471 -77.83 -20.69 -38.14
N THR L 472 -77.25 -19.76 -37.39
CA THR L 472 -76.69 -18.57 -37.99
C THR L 472 -75.44 -18.88 -38.82
N ASN L 473 -74.48 -19.58 -38.22
CA ASN L 473 -73.32 -20.07 -38.97
C ASN L 473 -73.81 -20.78 -40.23
N TRP L 474 -74.70 -21.75 -40.04
CA TRP L 474 -75.22 -22.56 -41.13
C TRP L 474 -75.79 -21.70 -42.24
N ALA L 475 -76.62 -20.73 -41.86
CA ALA L 475 -77.25 -19.85 -42.84
C ALA L 475 -76.24 -19.16 -43.74
N LEU L 476 -75.25 -18.50 -43.15
CA LEU L 476 -74.25 -17.77 -43.94
C LEU L 476 -73.43 -18.67 -44.85
N THR L 477 -73.37 -19.98 -44.54
CA THR L 477 -72.75 -20.98 -45.41
C THR L 477 -73.66 -21.58 -46.50
N GLN L 478 -74.96 -21.66 -46.22
CA GLN L 478 -75.90 -22.28 -47.14
C GLN L 478 -76.70 -21.31 -48.02
N SER L 479 -76.53 -20.01 -47.79
CA SER L 479 -77.38 -19.03 -48.44
C SER L 479 -76.72 -17.66 -48.60
N ASP L 480 -77.09 -16.98 -49.67
CA ASP L 480 -76.61 -15.63 -49.97
C ASP L 480 -77.60 -14.56 -49.51
N LEU L 481 -78.69 -14.99 -48.90
CA LEU L 481 -79.79 -14.10 -48.54
C LEU L 481 -79.46 -13.10 -47.43
N PHE L 482 -78.34 -13.33 -46.73
CA PHE L 482 -78.01 -12.48 -45.59
C PHE L 482 -76.82 -11.57 -45.83
N LYS L 483 -76.94 -10.34 -45.34
CA LYS L 483 -75.90 -9.32 -45.48
C LYS L 483 -75.01 -9.19 -44.23
N ALA L 484 -75.35 -9.92 -43.17
CA ALA L 484 -74.57 -9.90 -41.92
C ALA L 484 -75.14 -10.87 -40.90
N GLY L 485 -74.32 -11.24 -39.93
CA GLY L 485 -74.77 -12.16 -38.90
C GLY L 485 -74.07 -11.99 -37.55
N ILE L 486 -74.75 -12.44 -36.49
CA ILE L 486 -74.17 -12.52 -35.16
C ILE L 486 -74.44 -13.88 -34.52
N SER L 487 -73.38 -14.64 -34.27
CA SER L 487 -73.50 -16.01 -33.78
C SER L 487 -72.93 -16.18 -32.37
N GLU L 488 -73.78 -16.55 -31.42
CA GLU L 488 -73.36 -16.59 -30.01
C GLU L 488 -73.45 -17.97 -29.39
N ASN L 489 -72.33 -18.42 -28.83
CA ASN L 489 -72.28 -19.69 -28.11
C ASN L 489 -72.95 -20.81 -28.91
N GLY L 490 -72.53 -20.97 -30.16
CA GLY L 490 -73.16 -21.92 -31.06
C GLY L 490 -72.36 -23.17 -31.34
N ILE L 491 -72.66 -23.81 -32.47
CA ILE L 491 -71.90 -24.98 -32.88
C ILE L 491 -71.51 -24.87 -34.34
N SER L 492 -70.21 -24.81 -34.62
CA SER L 492 -69.74 -24.97 -36.00
C SER L 492 -69.31 -26.41 -36.36
N TYR L 493 -69.10 -27.24 -35.33
CA TYR L 493 -68.71 -28.64 -35.54
C TYR L 493 -69.40 -29.55 -34.53
N TRP L 494 -70.15 -30.53 -35.03
CA TRP L 494 -70.95 -31.38 -34.16
C TRP L 494 -70.10 -32.42 -33.46
N LEU L 495 -69.08 -32.91 -34.15
CA LEU L 495 -68.23 -33.93 -33.57
C LEU L 495 -67.59 -33.46 -32.26
N THR L 496 -67.07 -32.23 -32.24
CA THR L 496 -66.47 -31.69 -31.02
C THR L 496 -67.52 -31.34 -29.98
N SER L 497 -68.74 -31.05 -30.42
CA SER L 497 -69.81 -30.81 -29.46
C SER L 497 -70.14 -32.10 -28.74
N TYR L 498 -70.03 -33.21 -29.46
CA TYR L 498 -70.32 -34.52 -28.89
C TYR L 498 -69.31 -34.95 -27.83
N ALA L 499 -68.02 -34.80 -28.14
CA ALA L 499 -66.97 -35.22 -27.22
C ALA L 499 -66.67 -34.20 -26.12
N PHE L 500 -66.63 -32.92 -26.51
CA PHE L 500 -66.18 -31.84 -25.62
C PHE L 500 -67.24 -31.33 -24.64
N SER L 501 -68.47 -31.19 -25.11
CA SER L 501 -69.53 -30.54 -24.33
C SER L 501 -70.00 -31.36 -23.14
N ASP L 502 -70.66 -30.69 -22.21
CA ASP L 502 -71.22 -31.37 -21.05
C ASP L 502 -72.17 -32.51 -21.42
N ILE L 503 -73.19 -32.21 -22.21
CA ILE L 503 -74.23 -33.20 -22.52
C ILE L 503 -73.96 -34.01 -23.79
N GLY L 504 -72.87 -33.69 -24.49
CA GLY L 504 -72.57 -34.27 -25.79
C GLY L 504 -72.66 -35.78 -25.94
N LEU L 505 -72.25 -36.52 -24.90
CA LEU L 505 -72.19 -37.98 -24.98
C LEU L 505 -73.52 -38.65 -25.26
N TRP L 506 -74.60 -37.99 -24.86
CA TRP L 506 -75.94 -38.49 -25.13
C TRP L 506 -76.64 -37.64 -26.17
N PHE L 507 -76.74 -36.34 -25.90
CA PHE L 507 -77.46 -35.42 -26.76
C PHE L 507 -77.11 -35.56 -28.25
N ASP L 508 -75.83 -35.50 -28.59
CA ASP L 508 -75.43 -35.58 -30.00
C ASP L 508 -75.85 -36.88 -30.68
N LYS L 509 -75.82 -38.00 -29.95
CA LYS L 509 -76.19 -39.27 -30.56
C LYS L 509 -77.67 -39.27 -30.93
N GLU L 510 -78.48 -38.61 -30.11
CA GLU L 510 -79.91 -38.53 -30.39
C GLU L 510 -80.29 -37.45 -31.41
N VAL L 511 -79.73 -36.26 -31.28
CA VAL L 511 -80.03 -35.17 -32.20
C VAL L 511 -79.24 -35.19 -33.51
N ILE L 512 -77.99 -35.64 -33.47
CA ILE L 512 -77.19 -35.68 -34.69
C ILE L 512 -77.13 -37.09 -35.30
N GLY L 513 -76.59 -38.06 -34.57
CA GLY L 513 -76.58 -39.43 -35.03
C GLY L 513 -75.79 -40.38 -34.16
N ASP L 514 -76.04 -41.67 -34.33
CA ASP L 514 -75.28 -42.72 -33.66
C ASP L 514 -73.91 -42.90 -34.30
N ASN L 515 -72.99 -43.50 -33.55
CA ASN L 515 -71.65 -43.79 -34.05
C ASN L 515 -70.92 -42.55 -34.55
N PRO L 516 -70.76 -41.55 -33.67
CA PRO L 516 -70.27 -40.22 -34.06
C PRO L 516 -68.92 -40.29 -34.76
N LEU L 517 -68.15 -41.34 -34.46
CA LEU L 517 -66.83 -41.49 -35.07
C LEU L 517 -66.89 -41.83 -36.56
N GLU L 518 -67.66 -42.86 -36.92
CA GLU L 518 -67.84 -43.19 -38.34
C GLU L 518 -68.97 -42.42 -39.06
N ASN L 519 -69.93 -41.91 -38.30
CA ASN L 519 -71.12 -41.29 -38.89
C ASN L 519 -70.77 -40.08 -39.76
N GLU L 520 -71.19 -40.12 -41.02
CA GLU L 520 -70.80 -39.10 -41.99
C GLU L 520 -71.68 -37.87 -41.90
N ASN L 521 -72.67 -37.91 -41.01
CA ASN L 521 -73.61 -36.81 -40.83
C ASN L 521 -72.97 -35.67 -40.05
N TYR L 522 -72.05 -36.03 -39.17
CA TYR L 522 -71.38 -35.07 -38.30
C TYR L 522 -70.54 -34.05 -39.05
N ARG L 523 -69.95 -34.45 -40.17
CA ARG L 523 -69.26 -33.50 -41.06
C ARG L 523 -70.27 -32.76 -41.95
N LYS L 524 -71.31 -33.47 -42.37
CA LYS L 524 -72.30 -32.97 -43.32
C LYS L 524 -73.16 -31.81 -42.78
N LEU L 525 -73.56 -31.93 -41.52
CA LEU L 525 -74.42 -30.92 -40.90
C LEU L 525 -73.65 -29.85 -40.13
N SER L 526 -72.32 -29.87 -40.26
CA SER L 526 -71.50 -28.89 -39.54
C SER L 526 -71.09 -27.69 -40.39
N PRO L 527 -71.39 -26.48 -39.92
CA PRO L 527 -71.04 -25.25 -40.64
C PRO L 527 -69.57 -25.16 -41.00
N LEU L 528 -68.71 -25.73 -40.18
CA LEU L 528 -67.27 -25.51 -40.34
C LEU L 528 -66.72 -25.88 -41.72
N PHE L 529 -67.20 -26.97 -42.30
CA PHE L 529 -66.65 -27.45 -43.57
C PHE L 529 -67.10 -26.60 -44.75
N TYR L 530 -68.15 -25.83 -44.54
CA TYR L 530 -68.71 -24.96 -45.56
C TYR L 530 -68.16 -23.55 -45.47
N ALA L 531 -67.18 -23.34 -44.61
CA ALA L 531 -66.67 -21.99 -44.34
C ALA L 531 -66.27 -21.21 -45.59
N LYS L 532 -65.80 -21.90 -46.62
CA LYS L 532 -65.44 -21.21 -47.87
C LYS L 532 -66.62 -20.44 -48.48
N ASN L 533 -67.85 -20.87 -48.19
CA ASN L 533 -69.05 -20.28 -48.77
C ASN L 533 -69.44 -18.91 -48.22
N VAL L 534 -69.02 -18.62 -47.00
CA VAL L 534 -69.49 -17.43 -46.30
C VAL L 534 -69.13 -16.16 -47.07
N LYS L 535 -70.14 -15.38 -47.46
CA LYS L 535 -69.93 -14.12 -48.16
C LYS L 535 -70.16 -12.85 -47.32
N ALA L 536 -70.59 -13.01 -46.08
CA ALA L 536 -71.08 -11.86 -45.30
C ALA L 536 -70.33 -11.70 -43.98
N PRO L 537 -70.08 -10.44 -43.58
CA PRO L 537 -69.39 -10.17 -42.32
C PRO L 537 -70.16 -10.75 -41.13
N LEU L 538 -69.44 -11.49 -40.29
CA LEU L 538 -70.05 -12.19 -39.18
C LEU L 538 -69.33 -11.87 -37.88
N LEU L 539 -70.11 -11.60 -36.83
CA LEU L 539 -69.56 -11.39 -35.50
C LEU L 539 -69.84 -12.60 -34.65
N LEU L 540 -68.79 -13.17 -34.08
CA LEU L 540 -68.92 -14.30 -33.19
C LEU L 540 -68.81 -13.84 -31.74
N ILE L 541 -69.65 -14.42 -30.88
CA ILE L 541 -69.70 -14.07 -29.47
C ILE L 541 -69.68 -15.33 -28.60
N HIS L 542 -68.71 -15.42 -27.69
CA HIS L 542 -68.60 -16.60 -26.83
C HIS L 542 -68.19 -16.21 -25.40
N SER L 543 -68.38 -17.14 -24.47
CA SER L 543 -68.04 -16.90 -23.05
C SER L 543 -67.29 -18.08 -22.45
N LEU L 544 -66.26 -17.78 -21.64
CA LEU L 544 -65.28 -18.78 -21.22
C LEU L 544 -65.80 -19.83 -20.23
N GLU L 545 -66.94 -19.56 -19.61
CA GLU L 545 -67.51 -20.53 -18.66
C GLU L 545 -68.61 -21.43 -19.24
N ASP L 546 -68.87 -21.32 -20.54
CA ASP L 546 -69.97 -22.06 -21.17
C ASP L 546 -69.50 -23.44 -21.58
N TYR L 547 -70.02 -24.45 -20.90
CA TYR L 547 -69.65 -25.84 -21.18
C TYR L 547 -70.68 -26.59 -22.04
N ARG L 548 -71.80 -25.92 -22.30
CA ARG L 548 -72.85 -26.48 -23.13
C ARG L 548 -72.37 -26.42 -24.57
N CYS L 549 -71.84 -25.27 -24.95
CA CYS L 549 -71.20 -25.10 -26.24
C CYS L 549 -69.81 -24.52 -26.01
N PRO L 550 -68.79 -25.39 -25.88
CA PRO L 550 -67.44 -24.96 -25.50
C PRO L 550 -66.83 -23.96 -26.49
N LEU L 551 -65.82 -23.23 -26.03
CA LEU L 551 -65.21 -22.13 -26.78
C LEU L 551 -64.76 -22.48 -28.21
N ASP L 552 -64.44 -23.75 -28.45
CA ASP L 552 -63.96 -24.20 -29.76
C ASP L 552 -64.99 -23.98 -30.88
N GLN L 553 -66.27 -24.05 -30.53
CA GLN L 553 -67.33 -23.91 -31.52
C GLN L 553 -67.25 -22.57 -32.23
N SER L 554 -67.01 -21.49 -31.48
CA SER L 554 -66.85 -20.17 -32.07
C SER L 554 -65.44 -19.95 -32.63
N LEU L 555 -64.43 -20.40 -31.90
CA LEU L 555 -63.05 -20.07 -32.25
C LEU L 555 -62.56 -20.80 -33.51
N MET L 556 -62.78 -22.11 -33.56
CA MET L 556 -62.43 -22.87 -34.75
C MET L 556 -63.05 -22.24 -36.01
N PHE L 557 -64.30 -21.80 -35.87
CA PHE L 557 -64.99 -21.15 -36.97
C PHE L 557 -64.35 -19.80 -37.29
N TYR L 558 -63.93 -19.08 -36.25
CA TYR L 558 -63.28 -17.79 -36.42
C TYR L 558 -61.92 -17.92 -37.10
N HIS L 559 -61.12 -18.86 -36.63
CA HIS L 559 -59.80 -19.12 -37.21
C HIS L 559 -59.92 -19.50 -38.69
N VAL L 560 -60.73 -20.51 -38.97
CA VAL L 560 -60.85 -21.02 -40.34
C VAL L 560 -61.39 -19.94 -41.27
N LEU L 561 -62.38 -19.19 -40.79
CA LEU L 561 -62.91 -18.08 -41.56
C LEU L 561 -61.80 -17.08 -41.94
N LYS L 562 -60.97 -16.72 -40.96
CA LYS L 562 -59.88 -15.79 -41.20
C LYS L 562 -58.85 -16.40 -42.14
N ASP L 563 -58.64 -17.71 -42.01
CA ASP L 563 -57.67 -18.41 -42.85
C ASP L 563 -58.08 -18.34 -44.31
N LEU L 564 -59.38 -18.22 -44.55
CA LEU L 564 -59.93 -18.14 -45.90
C LEU L 564 -60.10 -16.69 -46.39
N GLY L 565 -59.65 -15.74 -45.58
CA GLY L 565 -59.72 -14.34 -45.96
C GLY L 565 -61.12 -13.76 -45.85
N LYS L 566 -61.97 -14.40 -45.06
CA LYS L 566 -63.30 -13.88 -44.76
C LYS L 566 -63.22 -12.72 -43.76
N GLU L 567 -64.26 -11.90 -43.71
CA GLU L 567 -64.35 -10.84 -42.69
C GLU L 567 -65.15 -11.37 -41.51
N VAL L 568 -64.46 -11.60 -40.39
CA VAL L 568 -65.12 -12.12 -39.20
C VAL L 568 -64.48 -11.53 -37.94
N TYR L 569 -65.27 -11.46 -36.88
CA TYR L 569 -64.83 -10.86 -35.63
C TYR L 569 -65.29 -11.72 -34.48
N ILE L 570 -64.39 -12.01 -33.56
CA ILE L 570 -64.76 -12.80 -32.38
C ILE L 570 -64.65 -11.97 -31.11
N ALA L 571 -65.63 -12.11 -30.23
CA ALA L 571 -65.61 -11.43 -28.94
C ALA L 571 -65.81 -12.45 -27.82
N ILE L 572 -64.76 -12.65 -27.03
CA ILE L 572 -64.75 -13.69 -26.02
C ILE L 572 -64.83 -13.08 -24.63
N PHE L 573 -65.97 -13.31 -23.98
CA PHE L 573 -66.18 -12.78 -22.63
C PHE L 573 -65.47 -13.61 -21.57
N LYS L 574 -64.66 -12.94 -20.77
CA LYS L 574 -63.75 -13.59 -19.83
C LYS L 574 -64.47 -14.41 -18.76
N LYS L 575 -65.68 -13.99 -18.37
CA LYS L 575 -66.46 -14.73 -17.38
C LYS L 575 -67.85 -15.05 -17.93
N GLY L 576 -68.55 -15.95 -17.27
CA GLY L 576 -69.93 -16.31 -17.62
C GLY L 576 -70.14 -17.62 -18.34
N ALA L 577 -71.31 -18.22 -18.09
CA ALA L 577 -71.68 -19.52 -18.66
C ALA L 577 -72.46 -19.38 -19.96
N HIS L 578 -73.04 -20.50 -20.40
CA HIS L 578 -73.77 -20.57 -21.68
C HIS L 578 -74.78 -19.44 -21.85
N GLY L 579 -75.49 -19.13 -20.76
CA GLY L 579 -76.55 -18.14 -20.77
C GLY L 579 -76.11 -16.76 -20.31
N HIS L 580 -74.82 -16.48 -20.47
CA HIS L 580 -74.25 -15.23 -19.98
C HIS L 580 -74.97 -13.98 -20.44
N SER L 581 -75.67 -14.05 -21.56
CA SER L 581 -76.37 -12.88 -22.09
C SER L 581 -77.41 -12.32 -21.11
N ILE L 582 -78.19 -13.21 -20.50
CA ILE L 582 -79.12 -12.83 -19.44
C ILE L 582 -78.49 -12.85 -18.03
N ARG L 583 -77.61 -13.82 -17.79
CA ARG L 583 -77.10 -14.12 -16.44
C ARG L 583 -75.71 -13.52 -16.08
N GLY L 584 -75.08 -12.84 -17.03
CA GLY L 584 -73.76 -12.28 -16.80
C GLY L 584 -73.83 -11.07 -15.89
N SER L 585 -72.68 -10.54 -15.49
CA SER L 585 -72.70 -9.36 -14.62
C SER L 585 -73.32 -8.19 -15.37
N PRO L 586 -73.92 -7.24 -14.63
CA PRO L 586 -74.55 -6.10 -15.30
C PRO L 586 -73.61 -5.40 -16.27
N ARG L 587 -72.36 -5.18 -15.89
CA ARG L 587 -71.43 -4.48 -16.77
C ARG L 587 -71.07 -5.39 -17.94
N HIS L 588 -71.02 -6.69 -17.66
CA HIS L 588 -70.84 -7.68 -18.71
C HIS L 588 -71.98 -7.56 -19.72
N ARG L 589 -73.22 -7.71 -19.24
CA ARG L 589 -74.39 -7.71 -20.11
C ARG L 589 -74.59 -6.43 -20.91
N MET L 590 -74.33 -5.29 -20.26
CA MET L 590 -74.45 -4.01 -20.95
C MET L 590 -73.55 -3.99 -22.17
N LYS L 591 -72.25 -4.20 -21.97
CA LYS L 591 -71.29 -4.14 -23.06
C LYS L 591 -71.71 -5.05 -24.21
N ARG L 592 -72.21 -6.24 -23.89
CA ARG L 592 -72.67 -7.16 -24.92
C ARG L 592 -73.78 -6.52 -25.76
N TYR L 593 -74.78 -5.96 -25.09
CA TYR L 593 -75.85 -5.24 -25.77
C TYR L 593 -75.29 -4.14 -26.66
N LYS L 594 -74.34 -3.38 -26.15
CA LYS L 594 -73.74 -2.29 -26.94
C LYS L 594 -73.07 -2.86 -28.20
N LEU L 595 -72.31 -3.93 -28.03
CA LEU L 595 -71.65 -4.60 -29.16
C LEU L 595 -72.68 -5.09 -30.19
N PHE L 596 -73.69 -5.79 -29.68
CA PHE L 596 -74.76 -6.35 -30.51
C PHE L 596 -75.38 -5.29 -31.40
N MET L 597 -75.84 -4.20 -30.78
CA MET L 597 -76.44 -3.12 -31.55
C MET L 597 -75.46 -2.65 -32.61
N GLU L 598 -74.31 -2.18 -32.17
CA GLU L 598 -73.36 -1.55 -33.07
C GLU L 598 -73.01 -2.39 -34.29
N PHE L 599 -72.76 -3.68 -34.07
CA PHE L 599 -72.38 -4.55 -35.18
C PHE L 599 -73.46 -4.60 -36.27
N PHE L 600 -74.73 -4.59 -35.88
CA PHE L 600 -75.81 -4.58 -36.85
C PHE L 600 -75.94 -3.19 -37.46
N GLU L 601 -75.77 -2.16 -36.62
CA GLU L 601 -75.79 -0.79 -37.11
C GLU L 601 -74.80 -0.60 -38.26
N ARG L 602 -73.54 -0.97 -38.03
CA ARG L 602 -72.47 -0.77 -39.02
C ARG L 602 -72.25 -1.89 -40.05
N LYS L 603 -72.73 -3.09 -39.78
CA LYS L 603 -72.64 -4.16 -40.79
C LYS L 603 -73.93 -4.45 -41.59
N LEU L 604 -75.06 -3.93 -41.11
CA LEU L 604 -76.38 -4.30 -41.64
C LEU L 604 -77.18 -3.09 -42.09
N LYS L 605 -77.51 -2.22 -41.14
CA LYS L 605 -78.27 -1.03 -41.46
C LYS L 605 -77.53 -0.24 -42.53
N LYS L 606 -76.27 0.07 -42.26
CA LYS L 606 -75.37 0.57 -43.29
C LYS L 606 -73.99 -0.04 -43.10
N TYR L 607 -73.49 -0.75 -44.11
CA TYR L 607 -72.19 -1.40 -43.97
C TYR L 607 -71.04 -0.42 -44.11
N GLU L 608 -70.04 -0.59 -43.24
CA GLU L 608 -68.83 0.21 -43.28
C GLU L 608 -67.59 -0.65 -42.99
N GLU L 609 -66.48 -0.29 -43.62
CA GLU L 609 -65.24 -1.03 -43.48
C GLU L 609 -64.81 -1.15 -42.02
N GLY L 610 -64.49 -2.37 -41.60
CA GLY L 610 -63.88 -2.59 -40.30
C GLY L 610 -64.82 -2.37 -39.14
N PHE L 611 -64.40 -2.84 -37.98
CA PHE L 611 -65.12 -2.60 -36.74
C PHE L 611 -64.11 -2.29 -35.63
N ASP L 612 -64.21 -1.09 -35.05
CA ASP L 612 -63.26 -0.66 -34.02
C ASP L 612 -63.94 -0.63 -32.65
N VAL L 613 -63.61 -1.60 -31.80
CA VAL L 613 -64.31 -1.75 -30.54
C VAL L 613 -63.83 -0.74 -29.51
N GLU L 614 -62.57 -0.32 -29.63
CA GLU L 614 -62.02 0.67 -28.71
C GLU L 614 -62.80 1.99 -28.80
N LYS L 615 -63.05 2.45 -30.03
CA LYS L 615 -63.81 3.67 -30.24
C LYS L 615 -65.32 3.48 -30.08
N ILE L 616 -65.85 2.43 -30.70
CA ILE L 616 -67.30 2.18 -30.73
C ILE L 616 -67.92 1.88 -29.36
N LEU L 617 -67.15 1.29 -28.45
CA LEU L 617 -67.65 1.00 -27.11
C LEU L 617 -67.61 2.21 -26.17
N LYS L 618 -66.74 3.16 -26.49
CA LYS L 618 -66.54 4.38 -25.69
C LYS L 618 -67.31 4.43 -24.38
O1 HEZ M . 69.77 10.72 37.54
C1 HEZ M . 68.44 10.60 38.05
C2 HEZ M . 68.08 11.86 38.84
C3 HEZ M . 67.11 12.72 38.05
C4 HEZ M . 65.89 13.13 38.87
C5 HEZ M . 64.62 12.52 38.27
C6 HEZ M . 63.37 13.34 38.60
O6 HEZ M . 63.29 14.48 37.75
O1 HEZ N . 77.96 4.63 29.53
C1 HEZ N . 77.46 5.67 30.39
C2 HEZ N . 75.98 5.41 30.70
C3 HEZ N . 75.22 6.74 30.77
C4 HEZ N . 73.71 6.53 30.86
C5 HEZ N . 72.97 7.86 31.01
C6 HEZ N . 71.47 7.67 31.22
O6 HEZ N . 71.21 7.20 32.54
O1 HEZ O . 70.92 -5.74 35.57
C1 HEZ O . 72.34 -5.95 35.63
C2 HEZ O . 73.03 -4.72 36.21
C3 HEZ O . 73.11 -3.61 35.19
C4 HEZ O . 73.15 -2.23 35.85
C5 HEZ O . 71.75 -1.63 35.95
C6 HEZ O . 71.73 -0.37 36.83
O6 HEZ O . 72.10 0.78 36.06
MG MG P . 51.52 -17.98 11.08
MG MG Q . 66.74 -0.02 43.32
O1 HEZ R . 91.61 -12.18 -29.70
C1 HEZ R . 92.02 -11.10 -28.87
C2 HEZ R . 92.67 -10.02 -29.72
C3 HEZ R . 92.85 -8.77 -28.87
C4 HEZ R . 93.41 -7.61 -29.68
C5 HEZ R . 93.47 -6.37 -28.82
C6 HEZ R . 94.21 -5.24 -29.51
O6 HEZ R . 93.78 -4.00 -28.92
O1 HEZ S . 83.71 0.72 -27.58
C1 HEZ S . 84.15 2.07 -27.34
C2 HEZ S . 82.98 3.05 -27.31
C3 HEZ S . 83.44 4.42 -27.81
C4 HEZ S . 82.33 5.46 -27.84
C5 HEZ S . 82.58 6.55 -28.87
C6 HEZ S . 81.68 7.77 -28.57
O6 HEZ S . 82.27 8.99 -29.07
MG MG T . 75.73 -7.90 10.45
O1 HEZ U . 23.93 -29.40 -4.79
C1 HEZ U . 24.54 -29.29 -6.08
C2 HEZ U . 23.49 -28.95 -7.12
C3 HEZ U . 24.13 -28.93 -8.49
C4 HEZ U . 23.16 -28.47 -9.57
C5 HEZ U . 23.86 -28.53 -10.91
C6 HEZ U . 23.02 -27.94 -12.03
O6 HEZ U . 23.37 -26.57 -12.25
MG MG V . 66.61 -21.40 -10.55
MG MG W . 30.86 -40.17 -7.58
O1 HEZ X . 48.25 35.11 25.60
C1 HEZ X . 47.94 35.41 26.97
C2 HEZ X . 49.22 35.82 27.69
C3 HEZ X . 50.19 34.65 27.90
C4 HEZ X . 51.47 35.13 28.58
C5 HEZ X . 52.45 33.96 28.69
C6 HEZ X . 53.89 34.42 28.88
O6 HEZ X . 54.74 33.27 28.91
O1 HEZ Y . 61.36 16.96 27.46
C1 HEZ Y . 59.94 17.17 27.46
C2 HEZ Y . 59.44 17.79 26.14
C3 HEZ Y . 58.77 19.13 26.42
C4 HEZ Y . 58.12 19.78 25.19
C5 HEZ Y . 57.49 21.13 25.52
C6 HEZ Y . 56.61 21.63 24.37
O6 HEZ Y . 55.52 22.45 24.84
O1 HEZ Z . 46.94 53.77 36.50
C1 HEZ Z . 47.90 52.71 36.52
C2 HEZ Z . 49.19 53.17 35.84
C3 HEZ Z . 50.32 52.20 36.15
C4 HEZ Z . 51.65 52.66 35.55
C5 HEZ Z . 52.79 51.82 36.11
C6 HEZ Z . 52.53 50.33 35.93
O6 HEZ Z . 53.22 49.57 36.93
O1 HEZ AA . 39.42 28.29 10.18
C1 HEZ AA . 39.81 29.66 9.98
C2 HEZ AA . 41.01 29.74 9.02
C3 HEZ AA . 42.31 29.42 9.72
C4 HEZ AA . 43.39 28.96 8.75
C5 HEZ AA . 44.66 28.58 9.51
C6 HEZ AA . 45.66 27.83 8.62
O6 HEZ AA . 46.70 27.27 9.45
O1 HEZ BA . 32.03 23.49 43.86
C1 HEZ BA . 32.37 22.38 43.03
C2 HEZ BA . 31.24 21.36 43.01
C3 HEZ BA . 31.58 20.11 42.20
C4 HEZ BA . 30.32 19.45 41.66
C5 HEZ BA . 30.51 17.96 41.44
C6 HEZ BA . 30.88 17.25 42.75
O6 HEZ BA . 31.59 16.04 42.50
O1 HEZ CA . 50.48 47.62 10.57
C1 HEZ CA . 50.87 46.46 11.32
C2 HEZ CA . 51.68 46.86 12.56
C3 HEZ CA . 52.16 45.64 13.35
C4 HEZ CA . 51.02 44.97 14.12
C5 HEZ CA . 51.44 43.66 14.81
C6 HEZ CA . 51.06 43.68 16.29
O6 HEZ CA . 51.20 42.38 16.89
O1 HEZ DA . 40.94 32.52 19.63
C1 HEZ DA . 42.05 32.47 20.54
C2 HEZ DA . 43.14 31.57 20.00
C3 HEZ DA . 44.33 31.58 20.94
C4 HEZ DA . 45.01 32.94 20.93
C5 HEZ DA . 45.83 33.16 22.18
C6 HEZ DA . 45.37 34.42 22.93
O6 HEZ DA . 46.32 34.74 23.95
O1 HEZ EA . 53.62 43.16 22.84
C1 HEZ EA . 53.02 43.63 24.06
C2 HEZ EA . 52.38 42.47 24.84
C3 HEZ EA . 51.48 42.99 25.97
C4 HEZ EA . 50.65 41.88 26.62
C5 HEZ EA . 49.75 42.39 27.73
C6 HEZ EA . 50.54 43.00 28.89
O6 HEZ EA . 49.70 43.76 29.77
MG MG FA . 51.06 46.47 21.08
MG MG GA . 61.28 29.84 -14.80
CL CL HA . 32.23 32.80 -6.74
O1 HEZ IA . 84.96 22.48 -35.75
C1 HEZ IA . 84.51 21.13 -35.96
C2 HEZ IA . 85.58 20.34 -36.71
C3 HEZ IA . 85.14 18.88 -36.88
C4 HEZ IA . 85.90 18.26 -38.04
C5 HEZ IA . 85.18 17.01 -38.55
C6 HEZ IA . 85.31 15.86 -37.56
O6 HEZ IA . 85.01 14.64 -38.25
O1 HEZ JA . 70.72 48.08 -23.15
C1 HEZ JA . 72.14 47.98 -23.11
C2 HEZ JA . 72.54 46.52 -23.13
C3 HEZ JA . 72.25 45.92 -24.51
C4 HEZ JA . 71.98 44.43 -24.40
C5 HEZ JA . 72.05 43.82 -25.78
C6 HEZ JA . 71.60 42.38 -25.76
O6 HEZ JA . 71.68 41.88 -27.09
O1 HEZ KA . 72.30 27.93 -21.12
C1 HEZ KA . 72.17 28.34 -22.50
C2 HEZ KA . 71.01 27.65 -23.22
C3 HEZ KA . 71.21 26.13 -23.35
C4 HEZ KA . 69.89 25.38 -23.51
C5 HEZ KA . 70.07 23.87 -23.52
C6 HEZ KA . 68.90 23.14 -24.19
O6 HEZ KA . 69.09 21.72 -24.19
MG MG LA . 76.74 27.42 -44.79
MG MG MA . 42.73 16.00 -27.06
MG MG NA . 68.07 29.25 -9.86
O1 HEZ OA . 16.45 -3.84 -26.99
C1 HEZ OA . 15.34 -3.91 -26.08
C2 HEZ OA . 15.19 -5.31 -25.49
C3 HEZ OA . 15.10 -5.23 -23.97
C4 HEZ OA . 14.44 -6.44 -23.34
C5 HEZ OA . 13.95 -6.09 -21.95
C6 HEZ OA . 14.00 -7.29 -21.01
O6 HEZ OA . 15.32 -7.87 -21.01
O1 HEZ PA . 27.15 -15.31 -12.04
C1 HEZ PA . 27.18 -14.83 -13.39
C2 HEZ PA . 26.40 -13.52 -13.51
C3 HEZ PA . 26.55 -12.93 -14.91
C4 HEZ PA . 25.90 -11.54 -15.00
C5 HEZ PA . 26.05 -10.97 -16.40
C6 HEZ PA . 24.89 -10.03 -16.73
O6 HEZ PA . 24.96 -9.64 -18.10
O1 HEZ QA . 13.77 16.17 -22.99
C1 HEZ QA . 14.10 15.40 -21.83
C2 HEZ QA . 13.27 14.11 -21.81
C3 HEZ QA . 13.95 12.98 -22.57
C4 HEZ QA . 13.55 11.63 -22.01
C5 HEZ QA . 14.13 10.50 -22.83
C6 HEZ QA . 13.54 9.15 -22.39
O6 HEZ QA . 13.51 8.25 -23.49
MG MG RA . 9.07 6.27 -23.88
MG MG SA . 37.48 24.86 -2.93
MG MG TA . 44.40 8.91 -31.39
CL CL UA . 40.16 24.11 -32.48
O1 HEZ VA . -29.95 -15.86 41.77
C1 HEZ VA . -29.89 -16.54 40.51
C2 HEZ VA . -30.15 -18.02 40.75
C3 HEZ VA . -31.43 -18.22 41.56
C4 HEZ VA . -31.72 -19.70 41.75
C5 HEZ VA . -33.19 -19.96 42.01
C6 HEZ VA . -33.58 -21.40 41.71
O6 HEZ VA . -35.01 -21.49 41.68
MG MG WA . -32.77 -17.35 -2.21
MG MG XA . -20.10 -21.49 35.47
O1 HEZ YA . -44.57 38.91 -6.27
C1 HEZ YA . -45.24 38.71 -5.02
C2 HEZ YA . -45.58 40.06 -4.39
C3 HEZ YA . -46.86 39.91 -3.60
C4 HEZ YA . -46.86 40.76 -2.34
C5 HEZ YA . -48.01 40.33 -1.46
C6 HEZ YA . -47.88 40.90 -0.06
O6 HEZ YA . -49.04 40.52 0.69
MG MG ZA . -32.80 40.74 -1.27
MG MG AB . -30.65 3.31 13.96
O1 HEZ BB . -45.06 -30.96 -29.45
C1 HEZ BB . -45.80 -30.97 -30.68
C2 HEZ BB . -47.11 -30.20 -30.52
C3 HEZ BB . -47.94 -30.27 -31.79
C4 HEZ BB . -48.30 -28.87 -32.29
C5 HEZ BB . -49.65 -28.84 -33.01
C6 HEZ BB . -50.78 -28.53 -32.02
O6 HEZ BB . -51.78 -27.72 -32.65
O1 HEZ CB . -52.49 -55.29 -23.30
C1 HEZ CB . -53.60 -55.08 -22.43
C2 HEZ CB . -53.07 -54.61 -21.08
C3 HEZ CB . -54.21 -54.18 -20.15
C4 HEZ CB . -53.88 -54.55 -18.70
C5 HEZ CB . -55.01 -54.13 -17.79
C6 HEZ CB . -55.13 -55.02 -16.57
O6 HEZ CB . -56.36 -54.72 -15.92
MG MG DB . -37.17 7.10 -11.05
MG MG EB . -36.08 -23.96 -36.17
O1 HEZ FB . -75.31 36.86 12.24
C1 HEZ FB . -75.11 36.71 10.83
C2 HEZ FB . -74.28 37.89 10.28
C3 HEZ FB . -73.96 37.64 8.81
C4 HEZ FB . -73.23 38.82 8.14
C5 HEZ FB . -72.95 38.47 6.69
C6 HEZ FB . -72.08 39.52 6.00
O6 HEZ FB . -71.50 38.97 4.82
O1 HEZ GB . -79.21 -24.77 -28.35
C1 HEZ GB . -78.45 -25.70 -27.58
C2 HEZ GB . -77.22 -26.18 -28.35
C3 HEZ GB . -77.04 -27.70 -28.20
C4 HEZ GB . -75.58 -28.08 -28.11
C5 HEZ GB . -75.42 -29.52 -27.62
C6 HEZ GB . -74.06 -29.78 -26.96
O6 HEZ GB . -73.01 -29.41 -27.87
MG MG HB . -87.85 -31.26 -22.26
MG MG IB . -77.44 -19.39 15.71
#